data_1QO6
#
_entry.id   1QO6
#
_cell.length_a   1.000
_cell.length_b   1.000
_cell.length_c   1.000
_cell.angle_alpha   90.00
_cell.angle_beta   90.00
_cell.angle_gamma   90.00
#
_symmetry.space_group_name_H-M   'P 1'
#
_entity_poly.entity_id   1
_entity_poly.type   'polypeptide(L)'
_entity_poly.pdbx_seq_one_letter_code
;YGHCVTDSGVVYSVGMQWLKTQGNKQMLCTCLGNGVSCQETAVTQTYGGNSNGEPCVLPFTYNGRTFYSCTTEGRQDGHL
WCSTTSNYEQDQKYSFCTDHT
;
_entity_poly.pdbx_strand_id   A
#
# COMPACT_ATOMS: atom_id res chain seq x y z
N TYR A 1 -3.52 5.37 24.35
CA TYR A 1 -2.19 5.71 24.93
C TYR A 1 -1.07 5.06 24.14
N GLY A 2 -1.10 5.23 22.82
CA GLY A 2 -0.07 4.67 21.97
C GLY A 2 -0.58 3.51 21.14
N HIS A 3 -0.75 2.36 21.77
CA HIS A 3 -1.24 1.17 21.07
C HIS A 3 -2.52 1.47 20.31
N CYS A 4 -2.68 0.83 19.16
CA CYS A 4 -3.87 1.03 18.33
C CYS A 4 -4.71 -0.24 18.25
N VAL A 5 -5.98 -0.14 18.64
CA VAL A 5 -6.89 -1.28 18.61
C VAL A 5 -8.15 -0.94 17.81
N THR A 6 -8.60 -1.89 17.00
CA THR A 6 -9.79 -1.69 16.18
C THR A 6 -11.03 -2.26 16.87
N ASP A 7 -10.91 -2.58 18.15
CA ASP A 7 -12.03 -3.13 18.91
C ASP A 7 -12.38 -4.53 18.42
N SER A 8 -11.55 -5.07 17.53
CA SER A 8 -11.78 -6.41 16.99
C SER A 8 -10.81 -7.42 17.61
N GLY A 9 -9.89 -6.93 18.43
CA GLY A 9 -8.93 -7.81 19.06
C GLY A 9 -7.50 -7.50 18.65
N VAL A 10 -7.34 -6.95 17.45
CA VAL A 10 -6.02 -6.62 16.93
C VAL A 10 -5.43 -5.43 17.68
N VAL A 11 -4.53 -5.71 18.61
CA VAL A 11 -3.89 -4.67 19.39
C VAL A 11 -2.65 -4.13 18.70
N TYR A 12 -2.85 -3.27 17.71
CA TYR A 12 -1.74 -2.67 16.96
C TYR A 12 -0.90 -1.79 17.87
N SER A 13 0.04 -1.08 17.27
CA SER A 13 0.92 -0.17 18.01
C SER A 13 1.13 1.11 17.23
N VAL A 14 1.24 2.22 17.96
CA VAL A 14 1.44 3.53 17.33
C VAL A 14 2.47 3.46 16.22
N GLY A 15 2.02 3.13 15.01
CA GLY A 15 2.92 3.05 13.87
C GLY A 15 3.01 1.65 13.29
N MET A 16 1.89 0.93 13.31
CA MET A 16 1.86 -0.42 12.77
C MET A 16 0.95 -0.51 11.55
N GLN A 17 1.17 0.39 10.59
CA GLN A 17 0.37 0.42 9.37
C GLN A 17 -0.12 -0.96 8.97
N TRP A 18 -1.42 -1.09 8.73
CA TRP A 18 -2.00 -2.37 8.35
C TRP A 18 -3.07 -2.16 7.27
N LEU A 19 -3.75 -3.25 6.92
CA LEU A 19 -4.80 -3.18 5.91
C LEU A 19 -6.08 -3.84 6.41
N LYS A 20 -7.19 -3.13 6.26
CA LYS A 20 -8.48 -3.64 6.69
C LYS A 20 -9.45 -3.79 5.52
N THR A 21 -10.37 -4.74 5.63
CA THR A 21 -11.35 -4.98 4.59
C THR A 21 -12.76 -4.66 5.07
N GLN A 22 -13.70 -4.59 4.13
CA GLN A 22 -15.09 -4.30 4.46
C GLN A 22 -16.01 -5.39 3.93
N GLY A 23 -15.48 -6.60 3.83
CA GLY A 23 -16.28 -7.72 3.34
C GLY A 23 -16.66 -7.57 1.88
N ASN A 24 -15.92 -6.74 1.16
CA ASN A 24 -16.19 -6.52 -0.25
C ASN A 24 -15.22 -5.51 -0.85
N LYS A 25 -14.84 -4.51 -0.05
CA LYS A 25 -13.91 -3.48 -0.50
C LYS A 25 -12.61 -3.53 0.29
N GLN A 26 -11.56 -2.93 -0.28
CA GLN A 26 -10.26 -2.89 0.37
C GLN A 26 -10.04 -1.54 1.04
N MET A 27 -9.22 -1.54 2.10
CA MET A 27 -8.94 -0.30 2.83
C MET A 27 -7.73 -0.46 3.74
N LEU A 28 -6.75 0.43 3.58
CA LEU A 28 -5.55 0.40 4.39
C LEU A 28 -5.73 1.23 5.65
N CYS A 29 -5.65 0.58 6.82
CA CYS A 29 -5.83 1.28 8.09
C CYS A 29 -4.51 1.45 8.81
N THR A 30 -4.31 2.63 9.39
CA THR A 30 -3.09 2.93 10.13
C THR A 30 -3.39 3.73 11.39
N CYS A 31 -2.52 3.60 12.39
CA CYS A 31 -2.68 4.31 13.65
C CYS A 31 -1.55 5.32 13.84
N LEU A 32 -1.86 6.58 13.62
CA LEU A 32 -0.88 7.66 13.75
C LEU A 32 -0.67 8.02 15.22
N GLY A 33 -1.36 9.08 15.66
CA GLY A 33 -1.22 9.52 17.04
C GLY A 33 -2.53 9.99 17.64
N ASN A 34 -3.31 10.72 16.85
CA ASN A 34 -4.60 11.23 17.30
C ASN A 34 -5.62 10.09 17.39
N GLY A 35 -5.37 9.04 16.63
CA GLY A 35 -6.27 7.89 16.64
C GLY A 35 -5.86 6.84 15.61
N VAL A 36 -6.79 6.50 14.72
CA VAL A 36 -6.53 5.51 13.69
C VAL A 36 -7.28 5.85 12.41
N SER A 37 -6.51 6.11 11.34
CA SER A 37 -7.09 6.45 10.05
C SER A 37 -6.85 5.33 9.04
N CYS A 38 -7.37 5.50 7.83
CA CYS A 38 -7.20 4.51 6.78
C CYS A 38 -7.33 5.14 5.40
N GLN A 39 -7.01 4.36 4.37
CA GLN A 39 -7.09 4.84 3.00
C GLN A 39 -8.05 3.99 2.17
N GLU A 40 -9.23 4.52 1.90
CA GLU A 40 -10.23 3.81 1.13
C GLU A 40 -9.66 3.31 -0.20
N THR A 41 -9.92 2.05 -0.50
CA THR A 41 -9.45 1.43 -1.73
C THR A 41 -7.96 1.13 -1.66
N ALA A 42 -7.16 2.14 -1.33
CA ALA A 42 -5.71 1.97 -1.22
C ALA A 42 -5.09 1.81 -2.60
N VAL A 43 -5.47 0.74 -3.29
CA VAL A 43 -4.95 0.47 -4.62
C VAL A 43 -5.42 1.51 -5.63
N THR A 44 -5.02 1.34 -6.89
CA THR A 44 -5.41 2.26 -7.95
C THR A 44 -5.33 1.60 -9.32
N GLN A 45 -5.99 2.19 -10.30
CA GLN A 45 -6.00 1.66 -11.66
C GLN A 45 -4.58 1.54 -12.20
N THR A 46 -4.31 0.44 -12.91
CA THR A 46 -3.00 0.22 -13.48
C THR A 46 -3.06 0.16 -15.00
N TYR A 47 -2.21 0.95 -15.65
CA TYR A 47 -2.16 1.00 -17.11
C TYR A 47 -0.75 0.78 -17.62
N GLY A 48 -0.63 0.17 -18.80
CA GLY A 48 0.67 -0.08 -19.39
C GLY A 48 1.71 -0.46 -18.36
N GLY A 49 2.89 0.13 -18.46
CA GLY A 49 3.96 -0.18 -17.52
C GLY A 49 4.75 -1.40 -17.93
N ASN A 50 4.75 -2.42 -17.07
CA ASN A 50 5.47 -3.65 -17.35
C ASN A 50 4.52 -4.84 -17.39
N SER A 51 3.29 -4.62 -16.93
CA SER A 51 2.27 -5.67 -16.92
C SER A 51 1.02 -5.24 -17.67
N ASN A 52 1.12 -4.14 -18.41
CA ASN A 52 0.00 -3.63 -19.18
C ASN A 52 -1.25 -3.53 -18.31
N GLY A 53 -1.06 -3.25 -17.03
CA GLY A 53 -2.18 -3.14 -16.12
C GLY A 53 -2.71 -4.48 -15.67
N GLU A 54 -2.68 -4.72 -14.35
CA GLU A 54 -3.15 -5.98 -13.80
C GLU A 54 -3.27 -5.88 -12.28
N PRO A 55 -3.94 -6.86 -11.65
CA PRO A 55 -4.12 -6.89 -10.19
C PRO A 55 -2.79 -6.96 -9.44
N CYS A 56 -2.32 -5.81 -8.97
CA CYS A 56 -1.06 -5.75 -8.24
C CYS A 56 -1.02 -6.81 -7.14
N VAL A 57 0.14 -6.96 -6.51
CA VAL A 57 0.31 -7.94 -5.44
C VAL A 57 0.87 -7.30 -4.18
N LEU A 58 0.10 -6.40 -3.58
CA LEU A 58 0.53 -5.72 -2.37
C LEU A 58 -0.29 -6.19 -1.17
N PRO A 59 0.16 -5.82 0.05
CA PRO A 59 1.37 -5.02 0.24
C PRO A 59 2.64 -5.80 -0.09
N PHE A 60 3.48 -5.22 -0.94
CA PHE A 60 4.74 -5.85 -1.33
C PHE A 60 5.91 -5.18 -0.64
N THR A 61 7.11 -5.62 -0.97
CA THR A 61 8.33 -5.06 -0.37
C THR A 61 9.27 -4.54 -1.45
N TYR A 62 9.62 -3.26 -1.36
CA TYR A 62 10.53 -2.64 -2.31
C TYR A 62 11.50 -1.70 -1.61
N ASN A 63 12.79 -1.86 -1.91
CA ASN A 63 13.81 -1.02 -1.30
C ASN A 63 14.01 -1.38 0.17
N GLY A 64 13.29 -2.41 0.62
CA GLY A 64 13.40 -2.82 2.01
C GLY A 64 12.16 -2.50 2.81
N ARG A 65 11.30 -1.66 2.25
CA ARG A 65 10.07 -1.26 2.93
C ARG A 65 8.86 -2.00 2.34
N THR A 66 7.66 -1.53 2.67
CA THR A 66 6.45 -2.17 2.17
C THR A 66 5.48 -1.14 1.61
N PHE A 67 4.64 -1.57 0.68
CA PHE A 67 3.65 -0.69 0.05
C PHE A 67 2.36 -1.44 -0.23
N TYR A 68 1.27 -0.99 0.39
CA TYR A 68 -0.03 -1.61 0.21
C TYR A 68 -0.70 -1.13 -1.08
N SER A 69 0.01 -0.33 -1.85
CA SER A 69 -0.53 0.21 -3.10
C SER A 69 0.57 0.83 -3.96
N CYS A 70 0.17 1.46 -5.06
CA CYS A 70 1.12 2.08 -5.97
C CYS A 70 2.11 2.95 -5.20
N THR A 71 3.12 3.46 -5.91
CA THR A 71 4.13 4.30 -5.29
C THR A 71 5.17 4.74 -6.32
N THR A 72 5.85 5.84 -6.02
CA THR A 72 6.88 6.37 -6.92
C THR A 72 8.24 6.41 -6.23
N GLU A 73 8.54 5.36 -5.47
CA GLU A 73 9.82 5.27 -4.75
C GLU A 73 10.85 4.50 -5.57
N GLY A 74 10.51 4.19 -6.81
CA GLY A 74 11.42 3.45 -7.67
C GLY A 74 11.88 4.26 -8.86
N ARG A 75 11.41 5.50 -8.96
CA ARG A 75 11.78 6.37 -10.06
C ARG A 75 11.97 7.81 -9.58
N GLN A 76 12.47 8.66 -10.48
CA GLN A 76 12.70 10.06 -10.15
C GLN A 76 11.82 10.98 -11.01
N ASP A 77 10.77 10.40 -11.59
CA ASP A 77 9.86 11.16 -12.43
C ASP A 77 8.60 11.53 -11.66
N GLY A 78 7.96 10.53 -11.08
CA GLY A 78 6.74 10.77 -10.31
C GLY A 78 5.58 9.93 -10.81
N HIS A 79 5.89 8.88 -11.56
CA HIS A 79 4.85 7.99 -12.09
C HIS A 79 4.55 6.87 -11.10
N LEU A 80 3.32 6.82 -10.62
CA LEU A 80 2.90 5.79 -9.67
C LEU A 80 2.94 4.42 -10.33
N TRP A 81 3.48 3.44 -9.60
CA TRP A 81 3.57 2.08 -10.10
C TRP A 81 3.36 1.06 -8.99
N CYS A 82 2.93 -0.14 -9.37
CA CYS A 82 2.69 -1.21 -8.40
C CYS A 82 3.35 -2.51 -8.86
N SER A 83 3.25 -3.54 -8.02
CA SER A 83 3.83 -4.84 -8.34
C SER A 83 2.74 -5.87 -8.61
N THR A 84 3.03 -6.83 -9.47
CA THR A 84 2.07 -7.88 -9.80
C THR A 84 2.58 -9.24 -9.40
N THR A 85 3.84 -9.31 -8.95
CA THR A 85 4.45 -10.55 -8.52
C THR A 85 5.03 -10.43 -7.12
N SER A 86 4.58 -11.28 -6.21
CA SER A 86 5.05 -11.25 -4.84
C SER A 86 6.56 -11.01 -4.80
N ASN A 87 7.25 -11.45 -5.84
CA ASN A 87 8.69 -11.28 -5.95
C ASN A 87 9.06 -10.29 -7.04
N TYR A 88 8.94 -9.00 -6.74
CA TYR A 88 9.26 -7.97 -7.71
C TYR A 88 10.78 -7.80 -7.82
N GLU A 89 11.48 -8.17 -6.76
CA GLU A 89 12.94 -8.07 -6.75
C GLU A 89 13.58 -9.20 -7.55
N GLN A 90 12.74 -10.11 -8.04
CA GLN A 90 13.22 -11.24 -8.83
C GLN A 90 12.61 -11.22 -10.22
N ASP A 91 11.35 -10.83 -10.30
CA ASP A 91 10.65 -10.77 -11.58
C ASP A 91 10.68 -9.36 -12.16
N GLN A 92 10.45 -8.37 -11.29
CA GLN A 92 10.45 -6.98 -11.71
C GLN A 92 9.14 -6.59 -12.39
N LYS A 93 8.18 -7.52 -12.37
CA LYS A 93 6.88 -7.28 -12.98
C LYS A 93 6.11 -6.22 -12.20
N TYR A 94 5.99 -5.03 -12.80
CA TYR A 94 5.29 -3.93 -12.16
C TYR A 94 4.35 -3.23 -13.13
N SER A 95 3.45 -2.41 -12.59
CA SER A 95 2.51 -1.66 -13.41
C SER A 95 2.45 -0.21 -12.94
N PHE A 96 1.89 0.65 -13.78
CA PHE A 96 1.78 2.08 -13.45
C PHE A 96 0.42 2.38 -12.81
N CYS A 97 0.20 3.64 -12.48
CA CYS A 97 -1.06 4.06 -11.86
C CYS A 97 -1.34 5.54 -12.16
N THR A 98 -2.61 5.87 -12.28
CA THR A 98 -3.02 7.25 -12.56
C THR A 98 -3.34 7.99 -11.27
N ASP A 99 -4.49 7.67 -10.68
CA ASP A 99 -4.91 8.31 -9.45
C ASP A 99 -5.54 9.67 -9.73
N HIS A 100 -4.77 10.55 -10.35
CA HIS A 100 -5.26 11.88 -10.69
C HIS A 100 -5.21 12.12 -12.19
N THR A 101 -4.02 12.32 -12.71
CA THR A 101 -3.82 12.56 -14.13
C THR A 101 -2.42 12.15 -14.58
N TYR A 1 -8.44 6.26 24.67
CA TYR A 1 -7.78 7.54 25.06
C TYR A 1 -6.64 7.87 24.11
N GLY A 2 -6.14 6.86 23.40
CA GLY A 2 -5.04 7.07 22.48
C GLY A 2 -5.00 6.03 21.38
N HIS A 3 -4.75 4.78 21.75
CA HIS A 3 -4.68 3.68 20.80
C HIS A 3 -5.74 3.84 19.71
N CYS A 4 -5.50 3.21 18.57
CA CYS A 4 -6.44 3.28 17.45
C CYS A 4 -7.26 2.00 17.33
N VAL A 5 -8.55 2.14 17.07
CA VAL A 5 -9.43 0.99 16.93
C VAL A 5 -10.29 1.11 15.68
N THR A 6 -10.20 0.12 14.80
CA THR A 6 -10.98 0.12 13.56
C THR A 6 -12.36 0.71 13.78
N ASP A 7 -12.96 0.39 14.93
CA ASP A 7 -14.29 0.88 15.26
C ASP A 7 -14.72 0.40 16.64
N SER A 8 -14.45 -0.88 16.92
CA SER A 8 -14.81 -1.49 18.19
C SER A 8 -14.47 -2.97 18.21
N GLY A 9 -13.20 -3.28 17.94
CA GLY A 9 -12.76 -4.66 17.93
C GLY A 9 -11.25 -4.80 18.04
N VAL A 10 -10.55 -4.19 17.11
CA VAL A 10 -9.08 -4.23 17.09
C VAL A 10 -8.50 -3.10 17.93
N VAL A 11 -7.36 -3.36 18.55
CA VAL A 11 -6.71 -2.36 19.39
C VAL A 11 -5.33 -1.98 18.84
N TYR A 12 -5.31 -0.97 17.97
CA TYR A 12 -4.07 -0.49 17.38
C TYR A 12 -3.43 0.56 18.28
N SER A 13 -2.39 1.22 17.76
CA SER A 13 -1.69 2.26 18.50
C SER A 13 -1.40 3.46 17.60
N VAL A 14 -1.33 4.64 18.20
CA VAL A 14 -1.06 5.86 17.45
C VAL A 14 0.14 5.69 16.53
N GLY A 15 -0.10 5.17 15.33
CA GLY A 15 0.97 4.97 14.37
C GLY A 15 1.17 3.51 13.99
N MET A 16 0.31 2.64 14.51
CA MET A 16 0.41 1.22 14.21
C MET A 16 -0.39 0.89 12.94
N GLN A 17 -0.18 1.68 11.90
CA GLN A 17 -0.89 1.49 10.62
C GLN A 17 -1.20 0.02 10.39
N TRP A 18 -2.28 -0.22 9.66
CA TRP A 18 -2.70 -1.58 9.36
C TRP A 18 -3.50 -1.62 8.07
N LEU A 19 -4.02 -2.80 7.73
CA LEU A 19 -4.81 -2.98 6.52
C LEU A 19 -6.06 -3.81 6.79
N LYS A 20 -7.14 -3.47 6.10
CA LYS A 20 -8.40 -4.18 6.26
C LYS A 20 -9.05 -4.47 4.91
N THR A 21 -10.20 -5.14 4.95
CA THR A 21 -10.93 -5.48 3.73
C THR A 21 -12.43 -5.39 3.95
N GLN A 22 -13.20 -5.66 2.89
CA GLN A 22 -14.66 -5.60 2.97
C GLN A 22 -15.28 -6.95 2.62
N GLY A 23 -14.55 -8.02 2.88
CA GLY A 23 -15.04 -9.35 2.59
C GLY A 23 -15.12 -9.64 1.10
N ASN A 24 -14.26 -8.96 0.34
CA ASN A 24 -14.22 -9.14 -1.10
C ASN A 24 -13.09 -8.33 -1.71
N LYS A 25 -12.85 -7.14 -1.14
CA LYS A 25 -11.79 -6.26 -1.62
C LYS A 25 -10.80 -5.99 -0.50
N GLN A 26 -10.24 -4.78 -0.47
CA GLN A 26 -9.27 -4.41 0.57
C GLN A 26 -9.41 -2.95 0.96
N MET A 27 -8.64 -2.54 1.96
CA MET A 27 -8.66 -1.17 2.44
C MET A 27 -7.61 -0.99 3.54
N LEU A 28 -6.60 -0.16 3.27
CA LEU A 28 -5.54 0.08 4.23
C LEU A 28 -5.95 1.14 5.24
N CYS A 29 -6.05 0.75 6.51
CA CYS A 29 -6.42 1.68 7.56
C CYS A 29 -5.22 2.08 8.41
N THR A 30 -5.15 3.36 8.77
CA THR A 30 -4.06 3.87 9.59
C THR A 30 -4.56 4.87 10.62
N CYS A 31 -3.83 4.99 11.72
CA CYS A 31 -4.18 5.93 12.76
C CYS A 31 -3.09 6.97 12.93
N LEU A 32 -3.39 8.20 12.51
CA LEU A 32 -2.43 9.29 12.59
C LEU A 32 -2.38 9.86 14.01
N GLY A 33 -3.27 10.79 14.30
CA GLY A 33 -3.31 11.40 15.62
C GLY A 33 -4.70 11.86 16.01
N ASN A 34 -5.41 12.46 15.05
CA ASN A 34 -6.76 12.95 15.30
C ASN A 34 -7.79 11.84 15.04
N GLY A 35 -7.38 10.83 14.27
CA GLY A 35 -8.29 9.74 13.97
C GLY A 35 -7.62 8.62 13.18
N VAL A 36 -8.39 7.96 12.33
CA VAL A 36 -7.88 6.88 11.51
C VAL A 36 -8.27 7.06 10.04
N SER A 37 -7.27 7.21 9.19
CA SER A 37 -7.51 7.39 7.75
C SER A 37 -7.06 6.16 6.98
N CYS A 38 -7.95 5.62 6.17
CA CYS A 38 -7.64 4.43 5.38
C CYS A 38 -7.67 4.73 3.88
N GLN A 39 -7.35 3.72 3.09
CA GLN A 39 -7.33 3.84 1.64
C GLN A 39 -8.24 2.80 0.99
N GLU A 40 -9.28 3.26 0.32
CA GLU A 40 -10.23 2.35 -0.33
C GLU A 40 -9.50 1.42 -1.31
N THR A 41 -9.29 0.19 -0.89
CA THR A 41 -8.62 -0.80 -1.73
C THR A 41 -7.13 -0.53 -1.80
N ALA A 42 -6.76 0.68 -2.20
CA ALA A 42 -5.36 1.06 -2.32
C ALA A 42 -4.78 0.57 -3.64
N VAL A 43 -4.76 1.45 -4.64
CA VAL A 43 -4.22 1.09 -5.95
C VAL A 43 -3.47 2.28 -6.56
N THR A 44 -3.34 2.26 -7.88
CA THR A 44 -2.64 3.33 -8.60
C THR A 44 -2.79 3.17 -10.11
N GLN A 45 -2.32 4.17 -10.85
CA GLN A 45 -2.39 4.13 -12.31
C GLN A 45 -1.14 3.47 -12.90
N THR A 46 0.01 3.73 -12.29
CA THR A 46 1.26 3.15 -12.75
C THR A 46 1.53 3.51 -14.22
N TYR A 47 2.77 3.92 -14.50
CA TYR A 47 3.15 4.30 -15.85
C TYR A 47 4.64 4.05 -16.08
N GLY A 48 4.97 3.38 -17.17
CA GLY A 48 6.36 3.10 -17.49
C GLY A 48 7.06 2.33 -16.39
N GLY A 49 8.17 2.89 -15.91
CA GLY A 49 8.94 2.23 -14.86
C GLY A 49 9.89 1.18 -15.40
N ASN A 50 10.33 0.29 -14.54
CA ASN A 50 11.25 -0.77 -14.94
C ASN A 50 10.55 -1.77 -15.85
N SER A 51 9.22 -1.73 -15.85
CA SER A 51 8.41 -2.61 -16.67
C SER A 51 7.66 -1.83 -17.74
N ASN A 52 6.55 -1.23 -17.35
CA ASN A 52 5.74 -0.44 -18.26
C ASN A 52 4.46 0.04 -17.59
N GLY A 53 3.98 -0.75 -16.63
CA GLY A 53 2.77 -0.38 -15.91
C GLY A 53 1.83 -1.56 -15.73
N GLU A 54 2.31 -2.60 -15.06
CA GLU A 54 1.51 -3.80 -14.82
C GLU A 54 0.93 -3.81 -13.41
N PRO A 55 0.03 -4.75 -13.12
CA PRO A 55 -0.61 -4.87 -11.81
C PRO A 55 0.40 -5.06 -10.69
N CYS A 56 0.61 -4.02 -9.89
CA CYS A 56 1.55 -4.09 -8.78
C CYS A 56 1.33 -5.34 -7.94
N VAL A 57 2.35 -5.73 -7.19
CA VAL A 57 2.27 -6.93 -6.36
C VAL A 57 2.43 -6.57 -4.88
N LEU A 58 1.41 -5.92 -4.31
CA LEU A 58 1.44 -5.53 -2.91
C LEU A 58 0.17 -5.99 -2.20
N PRO A 59 0.10 -5.81 -0.87
CA PRO A 59 1.19 -5.21 -0.09
C PRO A 59 2.44 -6.09 -0.06
N PHE A 60 3.58 -5.50 -0.43
CA PHE A 60 4.84 -6.22 -0.44
C PHE A 60 5.74 -5.76 0.70
N THR A 61 6.97 -6.26 0.73
CA THR A 61 7.92 -5.91 1.77
C THR A 61 9.23 -5.41 1.16
N TYR A 62 9.61 -4.19 1.49
CA TYR A 62 10.84 -3.61 0.97
C TYR A 62 11.55 -2.80 2.06
N ASN A 63 12.87 -2.96 2.15
CA ASN A 63 13.66 -2.25 3.14
C ASN A 63 13.33 -2.74 4.55
N GLY A 64 12.53 -3.80 4.63
CA GLY A 64 12.15 -4.35 5.92
C GLY A 64 10.74 -3.96 6.33
N ARG A 65 10.15 -3.01 5.61
CA ARG A 65 8.80 -2.56 5.91
C ARG A 65 7.80 -3.13 4.91
N THR A 66 6.59 -2.56 4.89
CA THR A 66 5.55 -3.02 3.99
C THR A 66 4.79 -1.86 3.37
N PHE A 67 4.40 -2.01 2.10
CA PHE A 67 3.67 -0.97 1.40
C PHE A 67 2.49 -1.56 0.64
N TYR A 68 1.31 -0.95 0.81
CA TYR A 68 0.12 -1.42 0.14
C TYR A 68 -0.17 -0.57 -1.10
N SER A 69 0.88 0.03 -1.65
CA SER A 69 0.75 0.88 -2.82
C SER A 69 2.10 1.43 -3.25
N CYS A 70 2.09 2.48 -4.05
CA CYS A 70 3.30 3.11 -4.53
C CYS A 70 4.13 3.64 -3.37
N THR A 71 5.41 3.92 -3.62
CA THR A 71 6.30 4.44 -2.60
C THR A 71 7.62 4.92 -3.19
N THR A 72 8.24 5.89 -2.52
CA THR A 72 9.51 6.44 -2.97
C THR A 72 10.61 6.18 -1.94
N GLU A 73 10.98 4.92 -1.79
CA GLU A 73 12.01 4.53 -0.83
C GLU A 73 13.13 3.77 -1.51
N GLY A 74 13.12 3.74 -2.84
CA GLY A 74 14.14 3.04 -3.58
C GLY A 74 14.89 3.94 -4.55
N ARG A 75 14.55 5.22 -4.56
CA ARG A 75 15.19 6.18 -5.45
C ARG A 75 15.62 7.43 -4.68
N GLN A 76 16.26 8.36 -5.40
CA GLN A 76 16.72 9.60 -4.80
C GLN A 76 16.06 10.81 -5.46
N ASP A 77 15.16 10.55 -6.40
CA ASP A 77 14.47 11.62 -7.11
C ASP A 77 13.15 11.97 -6.40
N GLY A 78 12.31 10.97 -6.21
CA GLY A 78 11.04 11.19 -5.55
C GLY A 78 9.86 10.73 -6.39
N HIS A 79 10.10 9.78 -7.28
CA HIS A 79 9.06 9.24 -8.15
C HIS A 79 8.44 7.99 -7.54
N LEU A 80 7.13 8.05 -7.28
CA LEU A 80 6.42 6.91 -6.71
C LEU A 80 6.56 5.69 -7.61
N TRP A 81 6.66 4.52 -6.99
CA TRP A 81 6.80 3.28 -7.74
C TRP A 81 6.18 2.10 -6.99
N CYS A 82 6.06 0.97 -7.68
CA CYS A 82 5.50 -0.23 -7.08
C CYS A 82 6.17 -1.48 -7.65
N SER A 83 5.91 -2.62 -7.03
CA SER A 83 6.51 -3.88 -7.48
C SER A 83 5.55 -4.67 -8.35
N THR A 84 6.09 -5.35 -9.35
CA THR A 84 5.29 -6.16 -10.26
C THR A 84 5.35 -7.63 -9.86
N THR A 85 6.42 -7.99 -9.14
CA THR A 85 6.61 -9.35 -8.68
C THR A 85 6.89 -9.38 -7.18
N SER A 86 6.21 -10.27 -6.47
CA SER A 86 6.39 -10.39 -5.02
C SER A 86 7.87 -10.30 -4.65
N ASN A 87 8.68 -11.07 -5.36
CA ASN A 87 10.12 -11.09 -5.11
C ASN A 87 10.84 -10.01 -5.92
N TYR A 88 10.67 -8.76 -5.50
CA TYR A 88 11.31 -7.64 -6.19
C TYR A 88 12.81 -7.62 -5.92
N GLU A 89 13.20 -8.24 -4.82
CA GLU A 89 14.61 -8.28 -4.44
C GLU A 89 15.42 -9.07 -5.47
N GLN A 90 14.74 -9.92 -6.22
CA GLN A 90 15.40 -10.74 -7.24
C GLN A 90 14.89 -10.38 -8.63
N ASP A 91 13.62 -10.03 -8.73
CA ASP A 91 13.02 -9.67 -10.01
C ASP A 91 13.49 -8.29 -10.46
N GLN A 92 13.29 -7.30 -9.59
CA GLN A 92 13.68 -5.92 -9.89
C GLN A 92 12.70 -5.27 -10.85
N LYS A 93 11.56 -5.91 -11.07
CA LYS A 93 10.54 -5.39 -11.96
C LYS A 93 9.57 -4.48 -11.20
N TYR A 94 9.81 -3.18 -11.28
CA TYR A 94 8.98 -2.20 -10.59
C TYR A 94 8.35 -1.22 -11.58
N SER A 95 7.29 -0.55 -11.13
CA SER A 95 6.60 0.42 -11.96
C SER A 95 6.46 1.75 -11.23
N PHE A 96 6.29 2.83 -11.98
CA PHE A 96 6.15 4.16 -11.39
C PHE A 96 4.71 4.43 -10.99
N CYS A 97 4.43 5.65 -10.56
CA CYS A 97 3.09 6.05 -10.14
C CYS A 97 2.88 7.55 -10.33
N THR A 98 1.66 7.93 -10.70
CA THR A 98 1.34 9.33 -10.91
C THR A 98 0.72 9.94 -9.65
N ASP A 99 0.72 9.19 -8.57
CA ASP A 99 0.17 9.65 -7.31
C ASP A 99 -1.35 9.58 -7.31
N HIS A 100 -1.96 10.22 -8.30
CA HIS A 100 -3.42 10.23 -8.43
C HIS A 100 -3.84 9.79 -9.83
N THR A 101 -5.15 9.63 -10.02
CA THR A 101 -5.68 9.21 -11.31
C THR A 101 -5.37 10.24 -12.39
N TYR A 1 -2.35 6.15 24.59
CA TYR A 1 -1.83 6.86 23.40
C TYR A 1 -0.61 6.15 22.82
N GLY A 2 -0.82 4.93 22.34
CA GLY A 2 0.27 4.17 21.77
C GLY A 2 -0.21 3.03 20.91
N HIS A 3 -0.37 1.85 21.50
CA HIS A 3 -0.85 0.67 20.77
C HIS A 3 -2.18 0.96 20.10
N CYS A 4 -2.40 0.36 18.95
CA CYS A 4 -3.63 0.55 18.20
C CYS A 4 -4.43 -0.75 18.11
N VAL A 5 -5.73 -0.62 17.85
CA VAL A 5 -6.62 -1.78 17.74
C VAL A 5 -7.75 -1.50 16.76
N THR A 6 -8.74 -2.38 16.74
CA THR A 6 -9.88 -2.22 15.85
C THR A 6 -11.10 -2.98 16.36
N ASP A 7 -10.88 -4.21 16.82
CA ASP A 7 -11.96 -5.04 17.34
C ASP A 7 -11.50 -5.84 18.54
N SER A 8 -10.34 -5.49 19.07
CA SER A 8 -9.77 -6.18 20.22
C SER A 8 -9.14 -7.51 19.80
N GLY A 9 -8.95 -7.67 18.49
CA GLY A 9 -8.37 -8.89 17.97
C GLY A 9 -6.97 -8.67 17.42
N VAL A 10 -6.75 -7.51 16.82
CA VAL A 10 -5.44 -7.18 16.26
C VAL A 10 -4.86 -5.96 16.96
N VAL A 11 -4.20 -6.20 18.10
CA VAL A 11 -3.59 -5.13 18.87
C VAL A 11 -2.38 -4.56 18.15
N TYR A 12 -2.63 -3.64 17.21
CA TYR A 12 -1.57 -3.02 16.45
C TYR A 12 -0.68 -2.17 17.37
N SER A 13 0.22 -1.40 16.77
CA SER A 13 1.12 -0.54 17.55
C SER A 13 1.25 0.83 16.89
N VAL A 14 1.48 1.84 17.73
CA VAL A 14 1.64 3.21 17.24
C VAL A 14 2.57 3.26 16.03
N GLY A 15 2.00 3.08 14.85
CA GLY A 15 2.79 3.11 13.62
C GLY A 15 2.90 1.74 12.98
N MET A 16 1.91 0.89 13.22
CA MET A 16 1.89 -0.45 12.66
C MET A 16 0.92 -0.53 11.48
N GLN A 17 1.05 0.40 10.54
CA GLN A 17 0.19 0.44 9.36
C GLN A 17 -0.22 -0.96 8.95
N TRP A 18 -1.51 -1.16 8.75
CA TRP A 18 -2.03 -2.46 8.35
C TRP A 18 -3.09 -2.33 7.26
N LEU A 19 -3.73 -3.44 6.93
CA LEU A 19 -4.76 -3.47 5.91
C LEU A 19 -6.04 -4.08 6.46
N LYS A 20 -7.16 -3.39 6.24
CA LYS A 20 -8.45 -3.88 6.71
C LYS A 20 -9.42 -4.07 5.55
N THR A 21 -10.21 -5.15 5.63
CA THR A 21 -11.17 -5.47 4.58
C THR A 21 -12.60 -5.48 5.13
N GLN A 22 -12.73 -5.33 6.44
CA GLN A 22 -14.03 -5.33 7.09
C GLN A 22 -14.73 -3.99 6.90
N GLY A 23 -15.47 -3.87 5.80
CA GLY A 23 -16.19 -2.64 5.51
C GLY A 23 -16.91 -2.71 4.17
N ASN A 24 -16.27 -3.33 3.19
CA ASN A 24 -16.87 -3.47 1.86
C ASN A 24 -15.93 -4.21 0.93
N LYS A 25 -14.72 -3.68 0.75
CA LYS A 25 -13.73 -4.29 -0.13
C LYS A 25 -12.36 -4.32 0.54
N GLN A 26 -11.55 -3.29 0.29
CA GLN A 26 -10.22 -3.20 0.87
C GLN A 26 -9.96 -1.78 1.38
N MET A 27 -9.60 -1.68 2.65
CA MET A 27 -9.33 -0.38 3.26
C MET A 27 -7.95 -0.36 3.93
N LEU A 28 -7.30 0.79 3.90
CA LEU A 28 -5.99 0.95 4.52
C LEU A 28 -6.12 1.63 5.87
N CYS A 29 -5.65 0.97 6.92
CA CYS A 29 -5.74 1.53 8.26
C CYS A 29 -4.36 1.86 8.83
N THR A 30 -4.28 3.00 9.50
CA THR A 30 -3.03 3.45 10.10
C THR A 30 -3.27 4.13 11.44
N CYS A 31 -2.57 3.67 12.47
CA CYS A 31 -2.71 4.25 13.79
C CYS A 31 -1.61 5.27 14.06
N LEU A 32 -1.97 6.55 14.00
CA LEU A 32 -1.01 7.63 14.21
C LEU A 32 -0.75 7.84 15.70
N GLY A 33 -1.49 8.77 16.32
CA GLY A 33 -1.31 9.05 17.73
C GLY A 33 -2.62 9.36 18.44
N ASN A 34 -3.46 10.15 17.80
CA ASN A 34 -4.76 10.50 18.38
C ASN A 34 -5.72 9.33 18.31
N GLY A 35 -5.47 8.44 17.35
CA GLY A 35 -6.33 7.28 17.19
C GLY A 35 -5.87 6.38 16.05
N VAL A 36 -6.77 6.11 15.11
CA VAL A 36 -6.45 5.27 13.96
C VAL A 36 -7.20 5.74 12.72
N SER A 37 -6.44 6.22 11.73
CA SER A 37 -7.02 6.70 10.49
C SER A 37 -6.86 5.65 9.38
N CYS A 38 -7.85 5.56 8.51
CA CYS A 38 -7.80 4.59 7.42
C CYS A 38 -8.28 5.21 6.11
N GLN A 39 -7.92 4.59 5.00
CA GLN A 39 -8.31 5.08 3.68
C GLN A 39 -9.07 4.01 2.90
N GLU A 40 -10.31 4.32 2.53
CA GLU A 40 -11.15 3.39 1.78
C GLU A 40 -10.58 3.17 0.38
N THR A 41 -10.51 1.90 -0.01
CA THR A 41 -9.99 1.54 -1.33
C THR A 41 -8.47 1.62 -1.36
N ALA A 42 -7.93 2.76 -0.97
CA ALA A 42 -6.49 2.97 -0.95
C ALA A 42 -5.92 2.87 -2.37
N VAL A 43 -5.94 1.67 -2.92
CA VAL A 43 -5.41 1.43 -4.27
C VAL A 43 -6.21 2.21 -5.31
N THR A 44 -5.77 2.15 -6.55
CA THR A 44 -6.44 2.85 -7.65
C THR A 44 -6.43 2.02 -8.92
N GLN A 45 -6.68 2.68 -10.05
CA GLN A 45 -6.71 2.00 -11.34
C GLN A 45 -5.30 1.57 -11.75
N THR A 46 -5.23 0.55 -12.60
CA THR A 46 -3.95 0.03 -13.07
C THR A 46 -3.92 -0.05 -14.59
N TYR A 47 -2.88 0.53 -15.19
CA TYR A 47 -2.75 0.52 -16.65
C TYR A 47 -1.29 0.39 -17.06
N GLY A 48 -1.06 0.18 -18.35
CA GLY A 48 0.29 0.04 -18.86
C GLY A 48 1.12 -0.96 -18.09
N GLY A 49 2.41 -0.69 -17.97
CA GLY A 49 3.30 -1.59 -17.25
C GLY A 49 3.50 -2.90 -17.97
N ASN A 50 4.01 -3.90 -17.25
CA ASN A 50 4.24 -5.21 -17.84
C ASN A 50 3.07 -6.14 -17.59
N SER A 51 1.97 -5.58 -17.10
CA SER A 51 0.77 -6.37 -16.81
C SER A 51 -0.47 -5.75 -17.46
N ASN A 52 -0.29 -4.62 -18.15
CA ASN A 52 -1.39 -3.94 -18.82
C ASN A 52 -2.34 -3.30 -17.80
N GLY A 53 -2.84 -4.11 -16.89
CA GLY A 53 -3.76 -3.62 -15.88
C GLY A 53 -4.34 -4.73 -15.02
N GLU A 54 -3.49 -5.68 -14.63
CA GLU A 54 -3.94 -6.79 -13.81
C GLU A 54 -4.01 -6.41 -12.34
N PRO A 55 -4.67 -7.22 -11.51
CA PRO A 55 -4.81 -6.97 -10.07
C PRO A 55 -3.47 -7.02 -9.35
N CYS A 56 -3.09 -5.89 -8.75
CA CYS A 56 -1.83 -5.81 -8.02
C CYS A 56 -1.71 -6.95 -7.01
N VAL A 57 -0.59 -6.99 -6.30
CA VAL A 57 -0.34 -8.04 -5.31
C VAL A 57 0.42 -7.50 -4.11
N LEU A 58 -0.18 -6.54 -3.41
CA LEU A 58 0.45 -5.95 -2.23
C LEU A 58 -0.22 -6.44 -0.95
N PRO A 59 0.40 -6.21 0.21
CA PRO A 59 1.69 -5.50 0.30
C PRO A 59 2.84 -6.27 -0.34
N PHE A 60 3.55 -5.62 -1.25
CA PHE A 60 4.69 -6.25 -1.92
C PHE A 60 5.99 -5.63 -1.43
N THR A 61 7.11 -6.15 -1.90
CA THR A 61 8.41 -5.65 -1.48
C THR A 61 9.24 -5.20 -2.68
N TYR A 62 9.71 -3.97 -2.64
CA TYR A 62 10.52 -3.42 -3.72
C TYR A 62 11.63 -2.54 -3.17
N ASN A 63 12.85 -2.79 -3.63
CA ASN A 63 14.01 -2.02 -3.19
C ASN A 63 14.31 -2.27 -1.71
N GLY A 64 13.60 -3.25 -1.14
CA GLY A 64 13.81 -3.58 0.27
C GLY A 64 12.70 -3.07 1.16
N ARG A 65 11.78 -2.30 0.59
CA ARG A 65 10.66 -1.76 1.35
C ARG A 65 9.36 -2.48 1.02
N THR A 66 8.24 -1.89 1.42
CA THR A 66 6.93 -2.48 1.16
C THR A 66 5.89 -1.41 0.82
N PHE A 67 4.93 -1.77 -0.02
CA PHE A 67 3.89 -0.84 -0.43
C PHE A 67 2.52 -1.50 -0.43
N TYR A 68 1.51 -0.76 0.01
CA TYR A 68 0.14 -1.28 0.06
C TYR A 68 -0.61 -0.95 -1.22
N SER A 69 0.13 -0.56 -2.25
CA SER A 69 -0.48 -0.23 -3.54
C SER A 69 0.57 0.30 -4.51
N CYS A 70 0.11 0.98 -5.56
CA CYS A 70 1.00 1.54 -6.57
C CYS A 70 2.00 2.50 -5.92
N THR A 71 3.12 2.72 -6.60
CA THR A 71 4.16 3.61 -6.08
C THR A 71 5.04 4.12 -7.21
N THR A 72 6.02 4.95 -6.85
CA THR A 72 6.94 5.52 -7.81
C THR A 72 8.35 5.59 -7.24
N GLU A 73 9.08 4.47 -7.33
CA GLU A 73 10.44 4.40 -6.81
C GLU A 73 11.34 3.56 -7.73
N GLY A 74 10.83 3.24 -8.91
CA GLY A 74 11.59 2.45 -9.85
C GLY A 74 11.55 3.01 -11.26
N ARG A 75 11.11 4.26 -11.38
CA ARG A 75 11.02 4.92 -12.67
C ARG A 75 11.70 6.29 -12.63
N GLN A 76 11.83 6.92 -13.80
CA GLN A 76 12.45 8.23 -13.89
C GLN A 76 11.50 9.28 -14.45
N ASP A 77 10.20 8.95 -14.43
CA ASP A 77 9.18 9.86 -14.94
C ASP A 77 8.31 10.39 -13.80
N GLY A 78 7.44 9.52 -13.29
CA GLY A 78 6.57 9.91 -12.21
C GLY A 78 5.20 9.26 -12.30
N HIS A 79 5.19 8.00 -12.73
CA HIS A 79 3.95 7.25 -12.86
C HIS A 79 3.87 6.12 -11.84
N LEU A 80 2.83 6.14 -11.01
CA LEU A 80 2.65 5.12 -9.99
C LEU A 80 2.56 3.74 -10.63
N TRP A 81 3.15 2.75 -9.97
CA TRP A 81 3.15 1.39 -10.48
C TRP A 81 3.05 0.38 -9.34
N CYS A 82 2.25 -0.66 -9.55
CA CYS A 82 2.08 -1.71 -8.54
C CYS A 82 2.59 -3.05 -9.05
N SER A 83 2.68 -4.03 -8.16
CA SER A 83 3.15 -5.36 -8.54
C SER A 83 1.97 -6.31 -8.71
N THR A 84 2.09 -7.23 -9.67
CA THR A 84 1.03 -8.19 -9.93
C THR A 84 1.46 -9.61 -9.52
N THR A 85 2.74 -9.77 -9.22
CA THR A 85 3.28 -11.06 -8.82
C THR A 85 4.04 -10.96 -7.50
N SER A 86 3.76 -11.89 -6.58
CA SER A 86 4.43 -11.90 -5.29
C SER A 86 5.93 -11.74 -5.45
N ASN A 87 6.44 -12.20 -6.60
CA ASN A 87 7.86 -12.11 -6.90
C ASN A 87 8.10 -11.26 -8.14
N TYR A 88 8.00 -9.94 -7.97
CA TYR A 88 8.20 -9.02 -9.07
C TYR A 88 9.68 -8.93 -9.44
N GLU A 89 10.53 -9.46 -8.56
CA GLU A 89 11.97 -9.44 -8.78
C GLU A 89 12.37 -10.53 -9.78
N GLN A 90 11.45 -11.43 -10.08
CA GLN A 90 11.71 -12.51 -11.02
C GLN A 90 10.68 -12.53 -12.14
N ASP A 91 9.46 -12.09 -11.85
CA ASP A 91 8.40 -12.07 -12.83
C ASP A 91 8.51 -10.82 -13.72
N GLN A 92 8.56 -9.66 -13.09
CA GLN A 92 8.67 -8.40 -13.82
C GLN A 92 7.30 -7.97 -14.37
N LYS A 93 6.24 -8.55 -13.83
CA LYS A 93 4.88 -8.23 -14.26
C LYS A 93 4.26 -7.18 -13.35
N TYR A 94 4.39 -5.91 -13.74
CA TYR A 94 3.85 -4.81 -12.96
C TYR A 94 2.89 -3.96 -13.79
N SER A 95 2.37 -2.91 -13.17
CA SER A 95 1.43 -2.01 -13.84
C SER A 95 1.63 -0.58 -13.35
N PHE A 96 0.82 0.34 -13.85
CA PHE A 96 0.91 1.74 -13.45
C PHE A 96 -0.29 2.16 -12.60
N CYS A 97 -0.36 3.45 -12.29
CA CYS A 97 -1.46 3.97 -11.48
C CYS A 97 -1.70 5.43 -11.78
N THR A 98 -2.94 5.76 -12.12
CA THR A 98 -3.31 7.14 -12.43
C THR A 98 -3.01 8.06 -11.26
N ASP A 99 -2.98 7.50 -10.06
CA ASP A 99 -2.71 8.26 -8.85
C ASP A 99 -3.98 8.88 -8.30
N HIS A 100 -4.79 9.45 -9.19
CA HIS A 100 -6.05 10.08 -8.79
C HIS A 100 -7.04 10.11 -9.96
N THR A 101 -6.71 10.86 -10.99
CA THR A 101 -7.56 10.97 -12.16
C THR A 101 -7.15 9.98 -13.24
N TYR A 1 -3.05 9.00 26.05
CA TYR A 1 -2.94 8.32 24.74
C TYR A 1 -4.28 8.31 24.01
N GLY A 2 -4.23 8.35 22.68
CA GLY A 2 -5.45 8.34 21.89
C GLY A 2 -5.58 7.10 21.04
N HIS A 3 -5.88 5.97 21.68
CA HIS A 3 -6.04 4.71 20.96
C HIS A 3 -7.02 4.86 19.80
N CYS A 4 -6.76 4.14 18.71
CA CYS A 4 -7.63 4.20 17.54
C CYS A 4 -8.44 2.91 17.41
N VAL A 5 -9.58 2.99 16.73
CA VAL A 5 -10.44 1.83 16.54
C VAL A 5 -11.12 1.89 15.18
N THR A 6 -11.61 0.73 14.73
CA THR A 6 -12.29 0.64 13.44
C THR A 6 -13.76 1.04 13.55
N ASP A 7 -14.40 0.61 14.62
CA ASP A 7 -15.81 0.94 14.85
C ASP A 7 -16.26 0.49 16.23
N SER A 8 -15.75 -0.65 16.68
CA SER A 8 -16.09 -1.20 17.98
C SER A 8 -15.67 -2.66 18.09
N GLY A 9 -14.39 -2.92 17.91
CA GLY A 9 -13.88 -4.28 17.98
C GLY A 9 -12.37 -4.32 18.08
N VAL A 10 -11.70 -3.59 17.20
CA VAL A 10 -10.25 -3.54 17.19
C VAL A 10 -9.74 -2.36 18.01
N VAL A 11 -8.56 -2.52 18.59
CA VAL A 11 -7.97 -1.46 19.41
C VAL A 11 -6.57 -1.09 18.91
N TYR A 12 -6.50 -0.02 18.12
CA TYR A 12 -5.22 0.45 17.59
C TYR A 12 -4.64 1.53 18.49
N SER A 13 -3.58 2.17 18.03
CA SER A 13 -2.92 3.24 18.77
C SER A 13 -2.49 4.37 17.85
N VAL A 14 -2.77 5.60 18.27
CA VAL A 14 -2.41 6.78 17.49
C VAL A 14 -1.13 6.57 16.69
N GLY A 15 -1.27 6.04 15.48
CA GLY A 15 -0.12 5.80 14.64
C GLY A 15 0.30 4.35 14.60
N MET A 16 -0.68 3.45 14.61
CA MET A 16 -0.39 2.03 14.57
C MET A 16 -0.35 1.52 13.13
N GLN A 17 -1.16 2.13 12.28
CA GLN A 17 -1.22 1.76 10.87
C GLN A 17 -1.58 0.28 10.72
N TRP A 18 -2.45 -0.02 9.76
CA TRP A 18 -2.87 -1.40 9.53
C TRP A 18 -3.60 -1.51 8.19
N LEU A 19 -4.10 -2.72 7.91
CA LEU A 19 -4.82 -2.97 6.67
C LEU A 19 -6.15 -3.65 6.97
N LYS A 20 -7.24 -2.90 6.83
CA LYS A 20 -8.57 -3.43 7.10
C LYS A 20 -9.08 -4.28 5.93
N THR A 21 -9.88 -5.29 6.26
CA THR A 21 -10.43 -6.18 5.24
C THR A 21 -11.86 -6.58 5.59
N GLN A 22 -12.52 -7.27 4.66
CA GLN A 22 -13.89 -7.72 4.87
C GLN A 22 -14.09 -9.14 4.38
N GLY A 23 -12.99 -9.79 3.99
CA GLY A 23 -13.06 -11.16 3.50
C GLY A 23 -13.47 -11.22 2.04
N ASN A 24 -13.82 -10.08 1.47
CA ASN A 24 -14.23 -10.01 0.08
C ASN A 24 -13.33 -9.06 -0.71
N LYS A 25 -12.84 -8.02 -0.04
CA LYS A 25 -11.98 -7.04 -0.67
C LYS A 25 -10.78 -6.71 0.22
N GLN A 26 -10.22 -5.52 0.03
CA GLN A 26 -9.07 -5.08 0.81
C GLN A 26 -9.14 -3.58 1.08
N MET A 27 -8.50 -3.14 2.15
CA MET A 27 -8.50 -1.72 2.50
C MET A 27 -7.42 -1.41 3.53
N LEU A 28 -6.59 -0.41 3.23
CA LEU A 28 -5.52 0.00 4.13
C LEU A 28 -6.00 1.10 5.07
N CYS A 29 -6.08 0.79 6.35
CA CYS A 29 -6.55 1.75 7.34
C CYS A 29 -5.40 2.26 8.20
N THR A 30 -5.50 3.51 8.62
CA THR A 30 -4.48 4.13 9.45
C THR A 30 -5.08 5.20 10.36
N CYS A 31 -4.65 5.22 11.61
CA CYS A 31 -5.15 6.20 12.57
C CYS A 31 -4.10 7.27 12.82
N LEU A 32 -4.35 8.46 12.29
CA LEU A 32 -3.41 9.57 12.44
C LEU A 32 -3.56 10.23 13.81
N GLY A 33 -4.33 11.31 13.87
CA GLY A 33 -4.53 12.00 15.13
C GLY A 33 -5.96 12.47 15.31
N ASN A 34 -6.56 12.96 14.25
CA ASN A 34 -7.93 13.46 14.30
C ASN A 34 -8.93 12.29 14.19
N GLY A 35 -8.50 11.22 13.52
CA GLY A 35 -9.37 10.07 13.36
C GLY A 35 -8.64 8.88 12.76
N VAL A 36 -9.31 8.19 11.84
CA VAL A 36 -8.71 7.02 11.18
C VAL A 36 -9.00 7.05 9.69
N SER A 37 -7.95 7.23 8.89
CA SER A 37 -8.09 7.27 7.44
C SER A 37 -7.65 5.94 6.82
N CYS A 38 -8.17 5.63 5.65
CA CYS A 38 -7.82 4.40 4.96
C CYS A 38 -7.85 4.57 3.45
N GLN A 39 -7.56 3.49 2.74
CA GLN A 39 -7.54 3.51 1.28
C GLN A 39 -8.27 2.30 0.71
N GLU A 40 -9.49 2.52 0.23
CA GLU A 40 -10.30 1.45 -0.33
C GLU A 40 -9.50 0.65 -1.35
N THR A 41 -9.10 -0.56 -0.96
CA THR A 41 -8.34 -1.43 -1.84
C THR A 41 -6.87 -1.02 -1.90
N ALA A 42 -6.62 0.27 -2.15
CA ALA A 42 -5.27 0.79 -2.24
C ALA A 42 -4.75 0.72 -3.67
N VAL A 43 -5.66 0.56 -4.61
CA VAL A 43 -5.30 0.48 -6.03
C VAL A 43 -4.48 1.70 -6.46
N THR A 44 -4.39 1.90 -7.76
CA THR A 44 -3.64 3.03 -8.29
C THR A 44 -3.27 2.82 -9.76
N GLN A 45 -2.58 3.78 -10.35
CA GLN A 45 -2.18 3.69 -11.75
C GLN A 45 -0.65 3.65 -11.87
N THR A 46 -0.16 3.16 -13.00
CA THR A 46 1.27 3.08 -13.24
C THR A 46 1.59 3.28 -14.72
N TYR A 47 2.79 3.76 -15.00
CA TYR A 47 3.21 4.00 -16.38
C TYR A 47 4.71 3.74 -16.55
N GLY A 48 5.17 3.81 -17.80
CA GLY A 48 6.57 3.59 -18.09
C GLY A 48 7.20 2.56 -17.18
N GLY A 49 8.47 2.77 -16.83
CA GLY A 49 9.17 1.84 -15.97
C GLY A 49 9.50 0.53 -16.67
N ASN A 50 9.77 -0.51 -15.89
CA ASN A 50 10.10 -1.81 -16.44
C ASN A 50 8.85 -2.55 -16.89
N SER A 51 7.69 -2.05 -16.45
CA SER A 51 6.42 -2.67 -16.80
C SER A 51 5.62 -1.78 -17.74
N ASN A 52 6.08 -0.54 -17.91
CA ASN A 52 5.41 0.41 -18.78
C ASN A 52 4.06 0.82 -18.21
N GLY A 53 3.77 0.38 -16.99
CA GLY A 53 2.52 0.72 -16.36
C GLY A 53 1.62 -0.49 -16.17
N GLU A 54 2.14 -1.52 -15.53
CA GLU A 54 1.37 -2.74 -15.29
C GLU A 54 0.85 -2.77 -13.85
N PRO A 55 -0.04 -3.73 -13.55
CA PRO A 55 -0.62 -3.89 -12.21
C PRO A 55 0.43 -4.24 -11.17
N CYS A 56 0.44 -3.50 -10.07
CA CYS A 56 1.41 -3.74 -9.00
C CYS A 56 1.06 -5.02 -8.24
N VAL A 57 1.89 -5.38 -7.27
CA VAL A 57 1.66 -6.58 -6.48
C VAL A 57 1.84 -6.31 -4.98
N LEU A 58 1.03 -5.41 -4.44
CA LEU A 58 1.12 -5.08 -3.02
C LEU A 58 -0.08 -5.63 -2.26
N PRO A 59 0.01 -5.63 -0.93
CA PRO A 59 1.17 -5.13 -0.21
C PRO A 59 2.39 -6.04 -0.35
N PHE A 60 3.50 -5.47 -0.81
CA PHE A 60 4.73 -6.24 -0.99
C PHE A 60 5.75 -5.85 0.08
N THR A 61 6.94 -6.46 0.01
CA THR A 61 7.99 -6.18 0.97
C THR A 61 9.26 -5.70 0.27
N TYR A 62 9.78 -4.56 0.72
CA TYR A 62 10.98 -4.00 0.12
C TYR A 62 11.93 -3.47 1.21
N ASN A 63 13.17 -3.93 1.17
CA ASN A 63 14.17 -3.51 2.13
C ASN A 63 13.85 -4.04 3.53
N GLY A 64 12.83 -4.88 3.62
CA GLY A 64 12.45 -5.44 4.90
C GLY A 64 11.09 -4.97 5.39
N ARG A 65 10.62 -3.85 4.83
CA ARG A 65 9.32 -3.30 5.22
C ARG A 65 8.26 -3.71 4.22
N THR A 66 7.07 -3.13 4.36
CA THR A 66 5.96 -3.45 3.46
C THR A 66 5.20 -2.20 3.05
N PHE A 67 4.65 -2.23 1.84
CA PHE A 67 3.88 -1.12 1.30
C PHE A 67 2.65 -1.62 0.55
N TYR A 68 1.49 -1.07 0.87
CA TYR A 68 0.24 -1.48 0.22
C TYR A 68 -0.06 -0.59 -0.98
N SER A 69 0.97 -0.10 -1.65
CA SER A 69 0.80 0.76 -2.81
C SER A 69 2.13 1.37 -3.26
N CYS A 70 2.07 2.21 -4.30
CA CYS A 70 3.26 2.86 -4.82
C CYS A 70 4.07 3.51 -3.70
N THR A 71 5.35 3.76 -3.96
CA THR A 71 6.21 4.38 -2.97
C THR A 71 7.50 4.90 -3.60
N THR A 72 8.25 5.69 -2.82
CA THR A 72 9.50 6.26 -3.29
C THR A 72 10.62 6.03 -2.28
N GLU A 73 10.95 4.77 -2.03
CA GLU A 73 12.00 4.43 -1.07
C GLU A 73 13.15 3.69 -1.74
N GLY A 74 13.13 3.67 -3.07
CA GLY A 74 14.18 3.00 -3.81
C GLY A 74 14.87 3.90 -4.82
N ARG A 75 14.61 5.20 -4.73
CA ARG A 75 15.22 6.16 -5.64
C ARG A 75 15.82 7.33 -4.87
N GLN A 76 16.39 8.28 -5.61
CA GLN A 76 16.99 9.46 -5.01
C GLN A 76 16.29 10.73 -5.47
N ASP A 77 15.24 10.57 -6.27
CA ASP A 77 14.47 11.70 -6.78
C ASP A 77 13.14 11.83 -6.05
N GLY A 78 12.19 10.98 -6.44
CA GLY A 78 10.88 11.01 -5.80
C GLY A 78 9.78 10.48 -6.70
N HIS A 79 10.09 9.45 -7.49
CA HIS A 79 9.11 8.85 -8.38
C HIS A 79 8.48 7.62 -7.75
N LEU A 80 7.15 7.62 -7.67
CA LEU A 80 6.42 6.51 -7.09
C LEU A 80 6.58 5.26 -7.94
N TRP A 81 6.74 4.11 -7.29
CA TRP A 81 6.90 2.84 -8.00
C TRP A 81 6.25 1.70 -7.24
N CYS A 82 6.22 0.54 -7.88
CA CYS A 82 5.63 -0.66 -7.29
C CYS A 82 6.16 -1.91 -7.98
N SER A 83 5.94 -3.07 -7.35
CA SER A 83 6.40 -4.34 -7.92
C SER A 83 5.26 -5.06 -8.62
N THR A 84 5.50 -5.47 -9.87
CA THR A 84 4.49 -6.17 -10.65
C THR A 84 4.30 -7.61 -10.18
N THR A 85 5.16 -8.08 -9.29
CA THR A 85 5.06 -9.45 -8.78
C THR A 85 5.61 -9.55 -7.35
N SER A 86 5.33 -10.66 -6.69
CA SER A 86 5.79 -10.88 -5.33
C SER A 86 7.30 -10.73 -5.24
N ASN A 87 8.02 -11.66 -5.86
CA ASN A 87 9.47 -11.63 -5.85
C ASN A 87 10.01 -10.44 -6.63
N TYR A 88 10.11 -9.30 -5.96
CA TYR A 88 10.60 -8.08 -6.60
C TYR A 88 12.13 -8.06 -6.58
N GLU A 89 12.71 -8.58 -5.51
CA GLU A 89 14.16 -8.62 -5.37
C GLU A 89 14.77 -9.66 -6.30
N GLN A 90 13.91 -10.40 -7.00
CA GLN A 90 14.37 -11.42 -7.93
C GLN A 90 14.15 -10.99 -9.37
N ASP A 91 12.93 -10.55 -9.67
CA ASP A 91 12.59 -10.10 -11.02
C ASP A 91 13.05 -8.66 -11.24
N GLN A 92 12.91 -7.84 -10.20
CA GLN A 92 13.33 -6.44 -10.27
C GLN A 92 12.38 -5.62 -11.13
N LYS A 93 11.35 -6.26 -11.67
CA LYS A 93 10.37 -5.58 -12.51
C LYS A 93 9.38 -4.79 -11.65
N TYR A 94 9.43 -3.48 -11.78
CA TYR A 94 8.54 -2.60 -11.01
C TYR A 94 7.73 -1.71 -11.94
N SER A 95 6.83 -0.92 -11.34
CA SER A 95 5.98 -0.01 -12.10
C SER A 95 5.85 1.33 -11.38
N PHE A 96 5.98 2.42 -12.13
CA PHE A 96 5.89 3.77 -11.56
C PHE A 96 4.45 4.10 -11.18
N CYS A 97 4.26 5.28 -10.60
CA CYS A 97 2.93 5.72 -10.19
C CYS A 97 2.67 7.15 -10.66
N THR A 98 1.43 7.42 -11.06
CA THR A 98 1.06 8.75 -11.54
C THR A 98 0.91 9.74 -10.38
N ASP A 99 -0.30 9.84 -9.85
CA ASP A 99 -0.58 10.75 -8.75
C ASP A 99 -0.63 12.19 -9.24
N HIS A 100 0.46 12.63 -9.89
CA HIS A 100 0.54 14.00 -10.41
C HIS A 100 0.90 14.98 -9.30
N THR A 101 0.15 14.95 -8.21
CA THR A 101 0.38 15.83 -7.08
C THR A 101 -0.25 15.29 -5.81
N TYR A 1 -3.77 1.91 26.93
CA TYR A 1 -3.43 3.15 26.18
C TYR A 1 -2.44 2.86 25.06
N GLY A 2 -2.35 3.76 24.09
CA GLY A 2 -1.45 3.58 22.98
C GLY A 2 -1.73 2.32 22.20
N HIS A 3 -2.99 1.87 22.25
CA HIS A 3 -3.40 0.66 21.56
C HIS A 3 -4.55 0.97 20.59
N CYS A 4 -4.40 0.56 19.34
CA CYS A 4 -5.44 0.80 18.34
C CYS A 4 -6.18 -0.49 18.02
N VAL A 5 -7.51 -0.44 18.15
CA VAL A 5 -8.35 -1.60 17.87
C VAL A 5 -9.48 -1.24 16.91
N THR A 6 -9.80 -2.17 16.00
CA THR A 6 -10.85 -1.95 15.02
C THR A 6 -11.83 -3.13 14.99
N ASP A 7 -13.05 -2.89 15.46
CA ASP A 7 -14.07 -3.93 15.48
C ASP A 7 -13.88 -4.86 16.68
N SER A 8 -12.94 -4.53 17.55
CA SER A 8 -12.66 -5.32 18.73
C SER A 8 -12.12 -6.70 18.35
N GLY A 9 -11.71 -6.83 17.09
CA GLY A 9 -11.18 -8.10 16.62
C GLY A 9 -9.66 -8.12 16.59
N VAL A 10 -9.06 -6.94 16.39
CA VAL A 10 -7.61 -6.84 16.34
C VAL A 10 -7.08 -5.89 17.41
N VAL A 11 -5.79 -6.01 17.71
CA VAL A 11 -5.16 -5.16 18.73
C VAL A 11 -3.88 -4.53 18.20
N TYR A 12 -4.03 -3.36 17.59
CA TYR A 12 -2.88 -2.64 17.05
C TYR A 12 -2.23 -1.78 18.12
N SER A 13 -1.27 -0.96 17.72
CA SER A 13 -0.58 -0.08 18.66
C SER A 13 -0.39 1.32 18.07
N VAL A 14 -0.35 2.31 18.95
CA VAL A 14 -0.18 3.69 18.52
C VAL A 14 0.86 3.82 17.41
N GLY A 15 0.40 3.70 16.18
CA GLY A 15 1.29 3.80 15.03
C GLY A 15 1.79 2.45 14.55
N MET A 16 0.88 1.51 14.40
CA MET A 16 1.24 0.17 13.93
C MET A 16 0.86 0.00 12.47
N GLN A 17 -0.11 0.79 12.01
CA GLN A 17 -0.56 0.72 10.62
C GLN A 17 -0.99 -0.70 10.26
N TRP A 18 -1.82 -0.82 9.24
CA TRP A 18 -2.31 -2.13 8.80
C TRP A 18 -3.28 -1.98 7.63
N LEU A 19 -3.75 -3.12 7.13
CA LEU A 19 -4.68 -3.14 6.01
C LEU A 19 -5.92 -3.95 6.34
N LYS A 20 -7.06 -3.51 5.82
CA LYS A 20 -8.33 -4.20 6.07
C LYS A 20 -9.01 -4.57 4.76
N THR A 21 -9.64 -5.73 4.74
CA THR A 21 -10.33 -6.20 3.55
C THR A 21 -11.73 -6.74 3.87
N GLN A 22 -11.91 -7.24 5.09
CA GLN A 22 -13.19 -7.79 5.51
C GLN A 22 -14.16 -6.69 5.90
N GLY A 23 -13.75 -5.44 5.69
CA GLY A 23 -14.61 -4.31 6.03
C GLY A 23 -15.61 -4.02 4.93
N ASN A 24 -15.24 -4.33 3.69
CA ASN A 24 -16.11 -4.08 2.55
C ASN A 24 -15.51 -4.67 1.27
N LYS A 25 -14.42 -4.07 0.81
CA LYS A 25 -13.74 -4.52 -0.39
C LYS A 25 -12.22 -4.39 -0.24
N GLN A 26 -11.77 -3.16 -0.04
CA GLN A 26 -10.35 -2.89 0.13
C GLN A 26 -10.15 -1.54 0.81
N MET A 27 -9.35 -1.53 1.88
CA MET A 27 -9.10 -0.31 2.63
C MET A 27 -7.88 -0.46 3.53
N LEU A 28 -7.06 0.58 3.58
CA LEU A 28 -5.87 0.58 4.42
C LEU A 28 -6.13 1.41 5.68
N CYS A 29 -6.03 0.77 6.85
CA CYS A 29 -6.29 1.45 8.11
C CYS A 29 -4.99 1.76 8.86
N THR A 30 -5.05 2.77 9.72
CA THR A 30 -3.90 3.19 10.51
C THR A 30 -4.33 3.91 11.77
N CYS A 31 -3.54 3.79 12.84
CA CYS A 31 -3.85 4.46 14.09
C CYS A 31 -2.81 5.53 14.39
N LEU A 32 -3.24 6.79 14.28
CA LEU A 32 -2.36 7.92 14.53
C LEU A 32 -2.19 8.18 16.02
N GLY A 33 -3.03 9.04 16.57
CA GLY A 33 -2.95 9.36 17.99
C GLY A 33 -4.31 9.53 18.63
N ASN A 34 -5.22 10.18 17.92
CA ASN A 34 -6.57 10.41 18.42
C ASN A 34 -7.49 9.24 18.08
N GLY A 35 -7.28 8.66 16.90
CA GLY A 35 -8.08 7.53 16.48
C GLY A 35 -7.39 6.69 15.43
N VAL A 36 -8.16 6.17 14.49
CA VAL A 36 -7.61 5.33 13.42
C VAL A 36 -8.05 5.84 12.06
N SER A 37 -7.08 6.25 11.24
CA SER A 37 -7.36 6.74 9.91
C SER A 37 -7.04 5.68 8.86
N CYS A 38 -7.91 5.54 7.87
CA CYS A 38 -7.71 4.54 6.82
C CYS A 38 -7.84 5.17 5.43
N GLN A 39 -7.57 4.38 4.40
CA GLN A 39 -7.66 4.84 3.03
C GLN A 39 -8.61 3.99 2.21
N GLU A 40 -9.75 4.58 1.82
CA GLU A 40 -10.75 3.89 1.03
C GLU A 40 -10.15 3.28 -0.22
N THR A 41 -10.35 1.99 -0.40
CA THR A 41 -9.83 1.29 -1.57
C THR A 41 -8.36 0.94 -1.39
N ALA A 42 -7.54 1.94 -1.11
CA ALA A 42 -6.11 1.73 -0.92
C ALA A 42 -5.42 1.39 -2.24
N VAL A 43 -5.87 0.30 -2.87
CA VAL A 43 -5.30 -0.13 -4.14
C VAL A 43 -5.78 0.75 -5.28
N THR A 44 -5.56 0.28 -6.51
CA THR A 44 -5.98 1.03 -7.69
C THR A 44 -5.99 0.13 -8.93
N GLN A 45 -6.61 0.63 -10.00
CA GLN A 45 -6.70 -0.11 -11.24
C GLN A 45 -5.31 -0.41 -11.80
N THR A 46 -5.26 -0.95 -13.02
CA THR A 46 -4.00 -1.28 -13.67
C THR A 46 -4.14 -1.30 -15.17
N TYR A 47 -3.27 -0.56 -15.86
CA TYR A 47 -3.31 -0.50 -17.31
C TYR A 47 -1.91 -0.62 -17.90
N GLY A 48 -1.76 -1.52 -18.87
CA GLY A 48 -0.47 -1.73 -19.50
C GLY A 48 0.56 -2.31 -18.56
N GLY A 49 1.75 -1.70 -18.54
CA GLY A 49 2.81 -2.19 -17.66
C GLY A 49 3.62 -3.30 -18.30
N ASN A 50 4.53 -3.87 -17.52
CA ASN A 50 5.37 -4.95 -18.02
C ASN A 50 4.53 -6.16 -18.43
N SER A 51 3.32 -6.23 -17.89
CA SER A 51 2.42 -7.34 -18.20
C SER A 51 1.38 -6.91 -19.23
N ASN A 52 0.40 -6.15 -18.78
CA ASN A 52 -0.67 -5.67 -19.66
C ASN A 52 -1.74 -4.94 -18.85
N GLY A 53 -1.92 -5.35 -17.61
CA GLY A 53 -2.91 -4.73 -16.75
C GLY A 53 -3.56 -5.72 -15.80
N GLU A 54 -2.76 -6.62 -15.24
CA GLU A 54 -3.25 -7.61 -14.30
C GLU A 54 -3.37 -7.03 -12.90
N PRO A 55 -4.10 -7.73 -12.02
CA PRO A 55 -4.29 -7.29 -10.63
C PRO A 55 -2.97 -7.05 -9.91
N CYS A 56 -3.04 -6.35 -8.78
CA CYS A 56 -1.85 -6.04 -8.00
C CYS A 56 -1.69 -7.03 -6.85
N VAL A 57 -0.45 -7.24 -6.41
CA VAL A 57 -0.17 -8.16 -5.31
C VAL A 57 0.46 -7.42 -4.12
N LEU A 58 -0.24 -6.42 -3.61
CA LEU A 58 0.24 -5.64 -2.48
C LEU A 58 -0.42 -6.09 -1.17
N PRO A 59 0.23 -5.81 -0.03
CA PRO A 59 1.52 -5.11 0.00
C PRO A 59 2.66 -5.96 -0.55
N PHE A 60 3.57 -5.32 -1.27
CA PHE A 60 4.72 -6.00 -1.85
C PHE A 60 6.01 -5.39 -1.33
N THR A 61 7.14 -5.87 -1.85
CA THR A 61 8.43 -5.35 -1.43
C THR A 61 9.25 -4.86 -2.61
N TYR A 62 9.66 -3.60 -2.55
CA TYR A 62 10.46 -3.01 -3.62
C TYR A 62 11.53 -2.09 -3.05
N ASN A 63 12.75 -2.22 -3.56
CA ASN A 63 13.86 -1.41 -3.08
C ASN A 63 14.17 -1.70 -1.62
N GLY A 64 13.56 -2.77 -1.10
CA GLY A 64 13.78 -3.14 0.30
C GLY A 64 12.67 -2.67 1.20
N ARG A 65 11.72 -1.93 0.64
CA ARG A 65 10.59 -1.41 1.42
C ARG A 65 9.31 -2.17 1.09
N THR A 66 8.17 -1.58 1.46
CA THR A 66 6.88 -2.21 1.20
C THR A 66 5.83 -1.18 0.85
N PHE A 67 4.83 -1.59 0.06
CA PHE A 67 3.76 -0.70 -0.36
C PHE A 67 2.44 -1.45 -0.43
N TYR A 68 1.48 -1.05 0.41
CA TYR A 68 0.17 -1.68 0.44
C TYR A 68 -0.62 -1.35 -0.83
N SER A 69 -0.05 -0.49 -1.67
CA SER A 69 -0.70 -0.09 -2.91
C SER A 69 0.33 0.25 -3.97
N CYS A 70 -0.10 0.94 -5.02
CA CYS A 70 0.79 1.34 -6.10
C CYS A 70 1.79 2.38 -5.61
N THR A 71 2.77 2.69 -6.44
CA THR A 71 3.79 3.67 -6.08
C THR A 71 4.66 4.03 -7.28
N THR A 72 5.43 5.10 -7.14
CA THR A 72 6.31 5.55 -8.22
C THR A 72 7.75 5.68 -7.70
N GLU A 73 8.24 4.62 -7.07
CA GLU A 73 9.60 4.61 -6.53
C GLU A 73 10.57 3.93 -7.49
N GLY A 74 10.10 3.63 -8.70
CA GLY A 74 10.94 2.97 -9.68
C GLY A 74 11.08 3.77 -10.96
N ARG A 75 10.49 4.96 -10.98
CA ARG A 75 10.55 5.82 -12.17
C ARG A 75 10.55 7.29 -11.77
N GLN A 76 11.13 8.12 -12.63
CA GLN A 76 11.19 9.56 -12.38
C GLN A 76 10.18 10.31 -13.25
N ASP A 77 9.20 9.57 -13.76
CA ASP A 77 8.16 10.17 -14.61
C ASP A 77 6.96 10.58 -13.77
N GLY A 78 6.37 9.62 -13.08
CA GLY A 78 5.21 9.90 -12.25
C GLY A 78 4.05 8.96 -12.53
N HIS A 79 4.36 7.71 -12.84
CA HIS A 79 3.33 6.71 -13.12
C HIS A 79 3.29 5.65 -12.04
N LEU A 80 2.16 5.57 -11.35
CA LEU A 80 1.98 4.58 -10.28
C LEU A 80 2.02 3.17 -10.85
N TRP A 81 2.68 2.26 -10.14
CA TRP A 81 2.78 0.88 -10.59
C TRP A 81 2.79 -0.09 -9.41
N CYS A 82 2.23 -1.28 -9.63
CA CYS A 82 2.19 -2.30 -8.60
C CYS A 82 2.88 -3.57 -9.08
N SER A 83 2.66 -4.68 -8.38
CA SER A 83 3.28 -5.95 -8.75
C SER A 83 2.25 -7.07 -8.80
N THR A 84 2.24 -7.81 -9.90
CA THR A 84 1.32 -8.92 -10.08
C THR A 84 1.81 -10.16 -9.34
N THR A 85 3.10 -10.16 -9.04
CA THR A 85 3.72 -11.27 -8.32
C THR A 85 4.61 -10.77 -7.19
N SER A 86 4.43 -11.33 -6.00
CA SER A 86 5.23 -10.93 -4.85
C SER A 86 6.71 -10.82 -5.21
N ASN A 87 7.27 -11.91 -5.72
CA ASN A 87 8.68 -11.93 -6.10
C ASN A 87 8.91 -11.10 -7.35
N TYR A 88 8.60 -9.81 -7.27
CA TYR A 88 8.79 -8.91 -8.41
C TYR A 88 10.28 -8.66 -8.64
N GLU A 89 11.08 -8.92 -7.61
CA GLU A 89 12.51 -8.73 -7.69
C GLU A 89 13.14 -9.70 -8.66
N GLN A 90 12.47 -10.84 -8.87
CA GLN A 90 12.97 -11.86 -9.79
C GLN A 90 11.99 -12.10 -10.94
N ASP A 91 10.72 -11.76 -10.70
CA ASP A 91 9.69 -11.93 -11.71
C ASP A 91 9.67 -10.76 -12.68
N GLN A 92 9.55 -9.55 -12.14
CA GLN A 92 9.53 -8.35 -12.96
C GLN A 92 8.13 -8.07 -13.49
N LYS A 93 7.15 -8.82 -12.99
CA LYS A 93 5.76 -8.66 -13.41
C LYS A 93 5.11 -7.51 -12.66
N TYR A 94 5.00 -6.36 -13.32
CA TYR A 94 4.40 -5.18 -12.69
C TYR A 94 3.41 -4.51 -13.64
N SER A 95 2.51 -3.72 -13.05
CA SER A 95 1.50 -3.00 -13.83
C SER A 95 1.51 -1.52 -13.47
N PHE A 96 0.57 -0.77 -14.01
CA PHE A 96 0.50 0.66 -13.73
C PHE A 96 -0.71 1.00 -12.88
N CYS A 97 -0.89 2.28 -12.57
CA CYS A 97 -2.00 2.73 -11.74
C CYS A 97 -2.50 4.10 -12.20
N THR A 98 -3.82 4.20 -12.41
CA THR A 98 -4.42 5.45 -12.85
C THR A 98 -4.44 6.47 -11.72
N ASP A 99 -5.53 6.48 -10.97
CA ASP A 99 -5.67 7.43 -9.85
C ASP A 99 -6.07 8.81 -10.34
N HIS A 100 -5.16 9.46 -11.07
CA HIS A 100 -5.42 10.80 -11.59
C HIS A 100 -5.48 11.82 -10.47
N THR A 101 -5.37 13.10 -10.83
CA THR A 101 -5.40 14.18 -9.85
C THR A 101 -4.36 13.96 -8.76
N TYR A 1 2.09 6.31 24.00
CA TYR A 1 2.38 5.06 23.25
C TYR A 1 1.17 4.12 23.29
N GLY A 2 0.07 4.55 22.70
CA GLY A 2 -1.13 3.73 22.68
C GLY A 2 -0.99 2.53 21.77
N HIS A 3 -1.95 1.61 21.86
CA HIS A 3 -1.94 0.41 21.03
C HIS A 3 -3.23 0.27 20.24
N CYS A 4 -3.17 -0.38 19.09
CA CYS A 4 -4.34 -0.58 18.26
C CYS A 4 -4.56 -2.06 17.97
N VAL A 5 -5.82 -2.44 17.78
CA VAL A 5 -6.16 -3.83 17.51
C VAL A 5 -7.62 -3.96 17.06
N THR A 6 -7.83 -4.69 15.97
CA THR A 6 -9.17 -4.89 15.44
C THR A 6 -9.89 -6.02 16.17
N ASP A 7 -9.24 -6.57 17.20
CA ASP A 7 -9.83 -7.65 17.97
C ASP A 7 -9.87 -8.95 17.16
N SER A 8 -9.30 -8.91 15.96
CA SER A 8 -9.27 -10.08 15.09
C SER A 8 -7.96 -10.84 15.24
N GLY A 9 -7.11 -10.38 16.15
CA GLY A 9 -5.83 -11.03 16.36
C GLY A 9 -4.65 -10.13 16.02
N VAL A 10 -4.95 -9.00 15.38
CA VAL A 10 -3.91 -8.05 15.00
C VAL A 10 -3.74 -6.97 16.05
N VAL A 11 -2.64 -7.05 16.80
CA VAL A 11 -2.35 -6.08 17.84
C VAL A 11 -1.41 -4.99 17.35
N TYR A 12 -1.96 -4.02 16.64
CA TYR A 12 -1.18 -2.92 16.11
C TYR A 12 -0.73 -1.98 17.23
N SER A 13 -0.04 -0.90 16.85
CA SER A 13 0.44 0.07 17.82
C SER A 13 0.23 1.49 17.32
N VAL A 14 -0.11 2.39 18.24
CA VAL A 14 -0.35 3.80 17.90
C VAL A 14 0.53 4.26 16.75
N GLY A 15 0.05 4.09 15.53
CA GLY A 15 0.81 4.51 14.37
C GLY A 15 1.47 3.36 13.65
N MET A 16 0.68 2.35 13.29
CA MET A 16 1.19 1.17 12.59
C MET A 16 0.32 0.87 11.38
N GLN A 17 0.14 1.87 10.52
CA GLN A 17 -0.67 1.72 9.31
C GLN A 17 -0.62 0.30 8.77
N TRP A 18 -1.78 -0.26 8.45
CA TRP A 18 -1.87 -1.61 7.93
C TRP A 18 -2.98 -1.71 6.89
N LEU A 19 -3.22 -2.92 6.41
CA LEU A 19 -4.26 -3.15 5.40
C LEU A 19 -5.26 -4.20 5.89
N LYS A 20 -6.49 -3.76 6.15
CA LYS A 20 -7.53 -4.67 6.63
C LYS A 20 -8.79 -4.55 5.78
N THR A 21 -9.65 -5.56 5.88
CA THR A 21 -10.90 -5.57 5.13
C THR A 21 -12.10 -5.73 6.06
N GLN A 22 -13.29 -5.76 5.50
CA GLN A 22 -14.51 -5.93 6.28
C GLN A 22 -15.32 -7.13 5.83
N GLY A 23 -15.19 -7.48 4.55
CA GLY A 23 -15.90 -8.61 4.01
C GLY A 23 -15.10 -9.38 2.98
N ASN A 24 -15.07 -8.87 1.76
CA ASN A 24 -14.33 -9.50 0.68
C ASN A 24 -13.49 -8.49 -0.09
N LYS A 25 -13.41 -7.28 0.45
CA LYS A 25 -12.64 -6.21 -0.19
C LYS A 25 -11.36 -5.93 0.60
N GLN A 26 -10.86 -4.70 0.46
CA GLN A 26 -9.65 -4.30 1.17
C GLN A 26 -9.68 -2.80 1.48
N MET A 27 -9.11 -2.44 2.62
CA MET A 27 -9.06 -1.05 3.05
C MET A 27 -7.89 -0.82 3.99
N LEU A 28 -7.20 0.31 3.82
CA LEU A 28 -6.05 0.62 4.66
C LEU A 28 -6.50 1.19 6.00
N CYS A 29 -6.23 0.43 7.06
CA CYS A 29 -6.61 0.85 8.41
C CYS A 29 -5.45 1.54 9.12
N THR A 30 -5.74 2.65 9.80
CA THR A 30 -4.71 3.40 10.52
C THR A 30 -5.19 3.74 11.92
N CYS A 31 -4.38 3.40 12.92
CA CYS A 31 -4.72 3.69 14.30
C CYS A 31 -4.06 4.98 14.76
N LEU A 32 -4.87 6.02 14.94
CA LEU A 32 -4.37 7.32 15.37
C LEU A 32 -4.14 7.34 16.87
N GLY A 33 -5.15 7.76 17.63
CA GLY A 33 -5.02 7.82 19.07
C GLY A 33 -6.26 7.36 19.79
N ASN A 34 -7.41 7.88 19.39
CA ASN A 34 -8.68 7.51 20.01
C ASN A 34 -9.21 6.20 19.44
N GLY A 35 -8.90 5.92 18.19
CA GLY A 35 -9.34 4.68 17.56
C GLY A 35 -8.53 4.34 16.33
N VAL A 36 -9.18 3.73 15.34
CA VAL A 36 -8.51 3.35 14.11
C VAL A 36 -9.37 3.64 12.89
N SER A 37 -8.92 4.57 12.06
CA SER A 37 -9.65 4.95 10.85
C SER A 37 -8.98 4.37 9.62
N CYS A 38 -9.78 3.73 8.76
CA CYS A 38 -9.26 3.13 7.54
C CYS A 38 -9.79 3.83 6.31
N GLN A 39 -9.12 3.61 5.17
CA GLN A 39 -9.53 4.21 3.92
C GLN A 39 -9.38 3.22 2.78
N GLU A 40 -10.15 3.43 1.71
CA GLU A 40 -10.10 2.54 0.55
C GLU A 40 -8.70 2.01 0.32
N THR A 41 -8.56 0.69 0.28
CA THR A 41 -7.26 0.05 0.06
C THR A 41 -6.36 0.93 -0.80
N ALA A 42 -6.97 1.57 -1.78
CA ALA A 42 -6.24 2.45 -2.70
C ALA A 42 -5.58 1.65 -3.81
N VAL A 43 -6.14 1.75 -5.01
CA VAL A 43 -5.61 1.05 -6.16
C VAL A 43 -5.37 2.00 -7.33
N THR A 44 -5.17 1.45 -8.52
CA THR A 44 -4.94 2.25 -9.71
C THR A 44 -5.03 1.41 -10.97
N GLN A 45 -4.99 2.07 -12.12
CA GLN A 45 -5.08 1.39 -13.41
C GLN A 45 -3.82 0.54 -13.65
N THR A 46 -3.74 -0.05 -14.83
CA THR A 46 -2.59 -0.88 -15.19
C THR A 46 -2.43 -0.97 -16.70
N TYR A 47 -1.19 -1.18 -17.14
CA TYR A 47 -0.90 -1.28 -18.57
C TYR A 47 0.55 -1.71 -18.80
N GLY A 48 0.74 -2.62 -19.76
CA GLY A 48 2.07 -3.10 -20.05
C GLY A 48 2.61 -4.03 -18.97
N GLY A 49 3.61 -3.55 -18.23
CA GLY A 49 4.19 -4.35 -17.18
C GLY A 49 4.46 -5.78 -17.61
N ASN A 50 4.25 -6.73 -16.72
CA ASN A 50 4.48 -8.14 -17.01
C ASN A 50 3.17 -8.93 -16.95
N SER A 51 2.15 -8.32 -16.37
CA SER A 51 0.85 -8.97 -16.25
C SER A 51 -0.17 -8.33 -17.20
N ASN A 52 0.31 -7.47 -18.09
CA ASN A 52 -0.55 -6.80 -19.05
C ASN A 52 -1.71 -6.11 -18.36
N GLY A 53 -1.56 -5.87 -17.06
CA GLY A 53 -2.61 -5.20 -16.30
C GLY A 53 -3.55 -6.19 -15.62
N GLU A 54 -3.18 -6.64 -14.43
CA GLU A 54 -3.99 -7.58 -13.69
C GLU A 54 -3.94 -7.29 -12.19
N PRO A 55 -4.88 -7.88 -11.42
CA PRO A 55 -4.95 -7.68 -9.98
C PRO A 55 -3.59 -7.82 -9.30
N CYS A 56 -3.28 -6.87 -8.41
CA CYS A 56 -2.00 -6.90 -7.70
C CYS A 56 -2.09 -7.77 -6.45
N VAL A 57 -0.99 -7.87 -5.73
CA VAL A 57 -0.92 -8.68 -4.52
C VAL A 57 -0.19 -7.95 -3.41
N LEU A 58 -0.75 -6.81 -3.00
CA LEU A 58 -0.15 -6.02 -1.92
C LEU A 58 -0.98 -6.05 -0.66
N PRO A 59 -0.41 -5.60 0.45
CA PRO A 59 0.96 -5.07 0.49
C PRO A 59 1.99 -6.18 0.31
N PHE A 60 3.02 -5.89 -0.48
CA PHE A 60 4.08 -6.86 -0.74
C PHE A 60 5.42 -6.35 -0.21
N THR A 61 6.48 -7.07 -0.52
CA THR A 61 7.81 -6.70 -0.07
C THR A 61 8.80 -6.67 -1.24
N TYR A 62 9.42 -5.52 -1.45
CA TYR A 62 10.39 -5.36 -2.52
C TYR A 62 11.57 -4.51 -2.08
N ASN A 63 12.78 -4.98 -2.36
CA ASN A 63 13.98 -4.26 -1.99
C ASN A 63 14.19 -4.29 -0.47
N GLY A 64 13.34 -5.04 0.21
CA GLY A 64 13.44 -5.14 1.66
C GLY A 64 12.35 -4.37 2.37
N ARG A 65 11.68 -3.48 1.65
CA ARG A 65 10.60 -2.68 2.23
C ARG A 65 9.24 -3.27 1.88
N THR A 66 8.19 -2.52 2.15
CA THR A 66 6.83 -2.97 1.87
C THR A 66 5.98 -1.87 1.24
N PHE A 67 5.06 -2.26 0.36
CA PHE A 67 4.19 -1.30 -0.31
C PHE A 67 2.76 -1.83 -0.39
N TYR A 68 1.82 -1.06 0.17
CA TYR A 68 0.42 -1.45 0.17
C TYR A 68 -0.26 -1.09 -1.16
N SER A 69 0.54 -0.64 -2.11
CA SER A 69 0.02 -0.27 -3.43
C SER A 69 1.15 -0.17 -4.45
N CYS A 70 0.87 0.47 -5.58
CA CYS A 70 1.85 0.64 -6.63
C CYS A 70 3.01 1.50 -6.15
N THR A 71 4.11 1.50 -6.91
CA THR A 71 5.29 2.28 -6.54
C THR A 71 6.27 2.39 -7.71
N THR A 72 7.37 3.07 -7.46
CA THR A 72 8.40 3.27 -8.49
C THR A 72 9.80 3.15 -7.90
N GLU A 73 10.09 2.00 -7.28
CA GLU A 73 11.39 1.76 -6.68
C GLU A 73 12.17 0.69 -7.43
N GLY A 74 11.51 0.06 -8.40
CA GLY A 74 12.16 -0.98 -9.18
C GLY A 74 12.61 -0.48 -10.54
N ARG A 75 12.22 0.74 -10.88
CA ARG A 75 12.60 1.33 -12.16
C ARG A 75 13.37 2.64 -11.96
N GLN A 76 14.05 3.09 -13.00
CA GLN A 76 14.81 4.33 -12.94
C GLN A 76 14.17 5.41 -13.81
N ASP A 77 12.94 5.15 -14.25
CA ASP A 77 12.21 6.10 -15.07
C ASP A 77 11.18 6.86 -14.25
N GLY A 78 10.11 6.17 -13.89
CA GLY A 78 9.07 6.80 -13.10
C GLY A 78 7.68 6.25 -13.41
N HIS A 79 7.60 4.93 -13.56
CA HIS A 79 6.33 4.28 -13.86
C HIS A 79 5.88 3.41 -12.70
N LEU A 80 4.73 3.76 -12.12
CA LEU A 80 4.19 3.01 -11.00
C LEU A 80 3.91 1.56 -11.39
N TRP A 81 4.12 0.65 -10.45
CA TRP A 81 3.89 -0.77 -10.70
C TRP A 81 3.45 -1.48 -9.43
N CYS A 82 2.87 -2.66 -9.61
CA CYS A 82 2.39 -3.47 -8.49
C CYS A 82 2.66 -4.95 -8.74
N SER A 83 2.89 -5.70 -7.68
CA SER A 83 3.16 -7.13 -7.80
C SER A 83 1.86 -7.91 -7.90
N THR A 84 1.86 -8.96 -8.71
CA THR A 84 0.67 -9.78 -8.88
C THR A 84 0.81 -11.10 -8.12
N THR A 85 2.03 -11.43 -7.73
CA THR A 85 2.31 -12.65 -7.00
C THR A 85 2.94 -12.32 -5.64
N SER A 86 2.41 -12.92 -4.58
CA SER A 86 2.92 -12.69 -3.24
C SER A 86 4.44 -12.73 -3.24
N ASN A 87 5.00 -13.74 -3.89
CA ASN A 87 6.44 -13.90 -3.99
C ASN A 87 6.97 -13.26 -5.28
N TYR A 88 7.08 -11.94 -5.26
CA TYR A 88 7.56 -11.20 -6.42
C TYR A 88 9.05 -11.44 -6.61
N GLU A 89 9.73 -11.74 -5.50
CA GLU A 89 11.16 -11.99 -5.55
C GLU A 89 11.46 -13.27 -6.32
N GLN A 90 10.43 -14.09 -6.50
CA GLN A 90 10.55 -15.34 -7.21
C GLN A 90 9.91 -15.25 -8.60
N ASP A 91 8.68 -14.75 -8.63
CA ASP A 91 7.96 -14.59 -9.88
C ASP A 91 8.49 -13.41 -10.67
N GLN A 92 8.60 -12.27 -9.99
CA GLN A 92 9.09 -11.04 -10.63
C GLN A 92 8.08 -10.50 -11.63
N LYS A 93 6.85 -11.00 -11.55
CA LYS A 93 5.79 -10.55 -12.45
C LYS A 93 4.93 -9.48 -11.78
N TYR A 94 5.01 -8.27 -12.28
CA TYR A 94 4.25 -7.16 -11.73
C TYR A 94 3.38 -6.49 -12.78
N SER A 95 2.70 -5.41 -12.39
CA SER A 95 1.83 -4.67 -13.29
C SER A 95 1.97 -3.17 -13.03
N PHE A 96 2.08 -2.39 -14.11
CA PHE A 96 2.24 -0.94 -13.99
C PHE A 96 0.97 -0.30 -13.44
N CYS A 97 1.03 1.01 -13.24
CA CYS A 97 -0.10 1.76 -12.71
C CYS A 97 -0.06 3.21 -13.20
N THR A 98 -0.58 3.42 -14.41
CA THR A 98 -0.60 4.75 -15.00
C THR A 98 -0.79 5.83 -13.94
N ASP A 99 -1.89 5.72 -13.19
CA ASP A 99 -2.20 6.68 -12.14
C ASP A 99 -2.63 8.03 -12.74
N HIS A 100 -1.77 8.60 -13.57
CA HIS A 100 -2.06 9.88 -14.20
C HIS A 100 -0.97 10.25 -15.20
N THR A 101 -1.25 11.25 -16.03
CA THR A 101 -0.30 11.70 -17.04
C THR A 101 -0.06 13.20 -16.95
N TYR A 1 -8.42 2.72 26.69
CA TYR A 1 -7.29 1.77 26.82
C TYR A 1 -6.23 2.02 25.74
N GLY A 2 -6.70 2.27 24.52
CA GLY A 2 -5.78 2.52 23.42
C GLY A 2 -5.91 1.50 22.31
N HIS A 3 -5.48 0.27 22.57
CA HIS A 3 -5.56 -0.80 21.60
C HIS A 3 -6.91 -0.78 20.88
N CYS A 4 -6.88 -1.05 19.57
CA CYS A 4 -8.10 -1.06 18.79
C CYS A 4 -8.49 -2.49 18.38
N VAL A 5 -9.64 -2.61 17.74
CA VAL A 5 -10.13 -3.92 17.30
C VAL A 5 -11.19 -3.75 16.22
N THR A 6 -11.31 -4.76 15.35
CA THR A 6 -12.28 -4.73 14.28
C THR A 6 -13.59 -5.40 14.69
N ASP A 7 -13.66 -5.81 15.96
CA ASP A 7 -14.86 -6.46 16.48
C ASP A 7 -14.85 -7.95 16.16
N SER A 8 -13.91 -8.36 15.30
CA SER A 8 -13.80 -9.76 14.91
C SER A 8 -12.90 -10.52 15.87
N GLY A 9 -11.97 -9.80 16.50
CA GLY A 9 -11.05 -10.43 17.44
C GLY A 9 -9.65 -9.90 17.30
N VAL A 10 -9.31 -9.38 16.12
CA VAL A 10 -7.98 -8.85 15.87
C VAL A 10 -7.76 -7.55 16.64
N VAL A 11 -7.25 -7.67 17.86
CA VAL A 11 -6.99 -6.50 18.70
C VAL A 11 -5.86 -5.65 18.11
N TYR A 12 -6.22 -4.77 17.19
CA TYR A 12 -5.25 -3.90 16.55
C TYR A 12 -4.83 -2.78 17.50
N SER A 13 -3.66 -2.94 18.12
CA SER A 13 -3.15 -1.94 19.05
C SER A 13 -3.24 -0.54 18.46
N VAL A 14 -2.78 0.44 19.21
CA VAL A 14 -2.82 1.83 18.78
C VAL A 14 -1.48 2.24 18.17
N GLY A 15 -1.22 1.77 16.97
CA GLY A 15 0.03 2.10 16.30
C GLY A 15 0.63 0.91 15.57
N MET A 16 -0.23 0.07 15.00
CA MET A 16 0.23 -1.11 14.28
C MET A 16 0.16 -0.88 12.77
N GLN A 17 -0.68 0.07 12.35
CA GLN A 17 -0.83 0.38 10.94
C GLN A 17 -0.89 -0.90 10.10
N TRP A 18 -2.11 -1.30 9.75
CA TRP A 18 -2.31 -2.51 8.97
C TRP A 18 -3.08 -2.21 7.69
N LEU A 19 -3.57 -3.27 7.04
CA LEU A 19 -4.34 -3.13 5.81
C LEU A 19 -5.42 -4.19 5.73
N LYS A 20 -6.62 -3.79 5.32
CA LYS A 20 -7.74 -4.71 5.21
C LYS A 20 -8.12 -4.97 3.76
N THR A 21 -8.98 -5.96 3.54
CA THR A 21 -9.42 -6.32 2.20
C THR A 21 -10.93 -6.53 2.17
N GLN A 22 -11.58 -6.05 1.11
CA GLN A 22 -13.03 -6.18 0.96
C GLN A 22 -13.37 -7.26 -0.06
N GLY A 23 -12.46 -8.21 -0.26
CA GLY A 23 -12.70 -9.28 -1.20
C GLY A 23 -12.31 -8.91 -2.62
N ASN A 24 -13.02 -7.94 -3.17
CA ASN A 24 -12.76 -7.48 -4.54
C ASN A 24 -12.05 -6.13 -4.55
N LYS A 25 -11.76 -5.61 -3.36
CA LYS A 25 -11.09 -4.31 -3.24
C LYS A 25 -10.03 -4.35 -2.15
N GLN A 26 -9.34 -3.22 -1.97
CA GLN A 26 -8.30 -3.12 -0.95
C GLN A 26 -8.38 -1.80 -0.22
N MET A 27 -8.17 -1.83 1.09
CA MET A 27 -8.23 -0.61 1.90
C MET A 27 -7.28 -0.70 3.09
N LEU A 28 -6.62 0.41 3.41
CA LEU A 28 -5.69 0.46 4.53
C LEU A 28 -6.37 0.97 5.79
N CYS A 29 -6.04 0.36 6.92
CA CYS A 29 -6.64 0.76 8.19
C CYS A 29 -5.59 0.92 9.28
N THR A 30 -5.90 1.75 10.26
CA THR A 30 -4.96 1.99 11.37
C THR A 30 -5.68 2.48 12.63
N CYS A 31 -5.00 2.35 13.76
CA CYS A 31 -5.56 2.79 15.04
C CYS A 31 -4.78 4.00 15.56
N LEU A 32 -5.37 5.18 15.40
CA LEU A 32 -4.72 6.41 15.85
C LEU A 32 -4.88 6.61 17.35
N GLY A 33 -5.88 7.39 17.75
CA GLY A 33 -6.10 7.64 19.17
C GLY A 33 -7.56 7.63 19.53
N ASN A 34 -8.38 8.28 18.73
CA ASN A 34 -9.81 8.34 18.98
C ASN A 34 -10.46 7.01 18.63
N GLY A 35 -9.80 6.23 17.79
CA GLY A 35 -10.33 4.94 17.39
C GLY A 35 -9.51 4.30 16.28
N VAL A 36 -10.15 4.05 15.15
CA VAL A 36 -9.48 3.44 14.01
C VAL A 36 -9.99 4.04 12.70
N SER A 37 -9.07 4.52 11.88
CA SER A 37 -9.43 5.11 10.60
C SER A 37 -8.77 4.39 9.43
N CYS A 38 -9.58 3.98 8.46
CA CYS A 38 -9.07 3.28 7.29
C CYS A 38 -9.55 3.95 6.02
N GLN A 39 -8.64 4.11 5.07
CA GLN A 39 -8.97 4.74 3.79
C GLN A 39 -8.55 3.85 2.63
N GLU A 40 -9.20 4.03 1.48
CA GLU A 40 -8.89 3.24 0.30
C GLU A 40 -7.41 2.91 0.23
N THR A 41 -7.09 1.68 -0.13
CA THR A 41 -5.69 1.24 -0.24
C THR A 41 -4.88 2.23 -1.04
N ALA A 42 -5.56 3.01 -1.87
CA ALA A 42 -4.91 4.01 -2.70
C ALA A 42 -5.77 4.37 -3.91
N VAL A 43 -6.61 3.43 -4.33
CA VAL A 43 -7.51 3.64 -5.47
C VAL A 43 -6.77 3.45 -6.80
N THR A 44 -7.37 3.97 -7.87
CA THR A 44 -6.78 3.86 -9.20
C THR A 44 -7.10 2.51 -9.85
N GLN A 45 -6.99 2.45 -11.17
CA GLN A 45 -7.27 1.22 -11.91
C GLN A 45 -5.98 0.54 -12.33
N THR A 46 -6.11 -0.58 -13.02
CA THR A 46 -4.96 -1.34 -13.50
C THR A 46 -5.04 -1.57 -15.00
N TYR A 47 -3.95 -2.04 -15.58
CA TYR A 47 -3.90 -2.30 -17.01
C TYR A 47 -2.51 -2.77 -17.46
N GLY A 48 -2.45 -3.43 -18.60
CA GLY A 48 -1.19 -3.92 -19.11
C GLY A 48 -0.47 -4.81 -18.13
N GLY A 49 0.86 -4.75 -18.14
CA GLY A 49 1.66 -5.56 -17.25
C GLY A 49 1.89 -6.95 -17.78
N ASN A 50 2.17 -7.89 -16.90
CA ASN A 50 2.42 -9.27 -17.30
C ASN A 50 1.11 -10.03 -17.45
N SER A 51 0.04 -9.45 -16.91
CA SER A 51 -1.28 -10.07 -16.99
C SER A 51 -2.13 -9.41 -18.07
N ASN A 52 -2.79 -8.32 -17.70
CA ASN A 52 -3.64 -7.59 -18.64
C ASN A 52 -4.40 -6.47 -17.93
N GLY A 53 -4.70 -6.70 -16.65
CA GLY A 53 -5.41 -5.70 -15.88
C GLY A 53 -6.17 -6.32 -14.71
N GLU A 54 -5.57 -7.32 -14.08
CA GLU A 54 -6.20 -7.99 -12.95
C GLU A 54 -5.90 -7.26 -11.64
N PRO A 55 -6.61 -7.62 -10.56
CA PRO A 55 -6.42 -7.00 -9.25
C PRO A 55 -5.00 -7.14 -8.73
N CYS A 56 -4.65 -6.37 -7.71
CA CYS A 56 -3.32 -6.40 -7.14
C CYS A 56 -3.27 -7.33 -5.93
N VAL A 57 -2.08 -7.51 -5.37
CA VAL A 57 -1.90 -8.37 -4.21
C VAL A 57 -0.93 -7.73 -3.20
N LEU A 58 -1.33 -6.58 -2.67
CA LEU A 58 -0.51 -5.87 -1.69
C LEU A 58 -1.12 -5.96 -0.31
N PRO A 59 -0.37 -5.54 0.73
CA PRO A 59 1.00 -5.03 0.55
C PRO A 59 1.98 -6.13 0.16
N PHE A 60 2.72 -5.88 -0.91
CA PHE A 60 3.71 -6.83 -1.39
C PHE A 60 5.13 -6.36 -1.07
N THR A 61 6.12 -7.06 -1.59
CA THR A 61 7.51 -6.70 -1.35
C THR A 61 8.29 -6.66 -2.66
N TYR A 62 8.91 -5.51 -2.94
CA TYR A 62 9.70 -5.34 -4.16
C TYR A 62 10.91 -4.46 -3.90
N ASN A 63 12.06 -4.89 -4.40
CA ASN A 63 13.30 -4.14 -4.22
C ASN A 63 13.76 -4.20 -2.76
N GLY A 64 13.06 -4.99 -1.95
CA GLY A 64 13.42 -5.12 -0.55
C GLY A 64 12.46 -4.37 0.37
N ARG A 65 11.62 -3.52 -0.22
CA ARG A 65 10.66 -2.75 0.55
C ARG A 65 9.25 -3.32 0.39
N THR A 66 8.25 -2.55 0.84
CA THR A 66 6.87 -2.98 0.76
C THR A 66 5.98 -1.89 0.18
N PHE A 67 4.87 -2.28 -0.43
CA PHE A 67 3.94 -1.31 -1.02
C PHE A 67 2.49 -1.78 -0.84
N TYR A 68 1.70 -0.96 -0.13
CA TYR A 68 0.30 -1.29 0.10
C TYR A 68 -0.56 -0.88 -1.10
N SER A 69 0.11 -0.51 -2.19
CA SER A 69 -0.60 -0.10 -3.41
C SER A 69 0.37 0.05 -4.58
N CYS A 70 -0.12 0.58 -5.69
CA CYS A 70 0.71 0.78 -6.87
C CYS A 70 2.01 1.47 -6.52
N THR A 71 2.92 1.54 -7.49
CA THR A 71 4.22 2.18 -7.27
C THR A 71 5.08 2.12 -8.53
N THR A 72 5.97 3.10 -8.68
CA THR A 72 6.86 3.16 -9.82
C THR A 72 8.32 3.14 -9.38
N GLU A 73 8.70 2.07 -8.68
CA GLU A 73 10.06 1.92 -8.18
C GLU A 73 10.82 0.85 -8.96
N GLY A 74 10.25 0.42 -10.08
CA GLY A 74 10.88 -0.60 -10.89
C GLY A 74 10.30 -0.63 -12.28
N ARG A 75 10.04 0.55 -12.83
CA ARG A 75 9.48 0.67 -14.16
C ARG A 75 10.54 0.98 -15.20
N GLN A 76 10.16 0.89 -16.46
CA GLN A 76 11.08 1.19 -17.55
C GLN A 76 10.66 2.45 -18.29
N ASP A 77 9.65 3.14 -17.75
CA ASP A 77 9.16 4.37 -18.36
C ASP A 77 8.70 5.36 -17.29
N GLY A 78 7.77 4.92 -16.46
CA GLY A 78 7.26 5.77 -15.40
C GLY A 78 5.77 5.61 -15.19
N HIS A 79 5.28 4.39 -15.32
CA HIS A 79 3.87 4.10 -15.14
C HIS A 79 3.64 3.27 -13.88
N LEU A 80 2.75 3.73 -13.01
CA LEU A 80 2.44 3.03 -11.78
C LEU A 80 2.12 1.56 -12.06
N TRP A 81 2.47 0.68 -11.13
CA TRP A 81 2.21 -0.74 -11.30
C TRP A 81 2.04 -1.43 -9.95
N CYS A 82 1.21 -2.47 -9.94
CA CYS A 82 0.95 -3.23 -8.72
C CYS A 82 1.08 -4.73 -8.99
N SER A 83 1.42 -5.48 -7.96
CA SER A 83 1.58 -6.92 -8.10
C SER A 83 0.22 -7.62 -8.05
N THR A 84 0.07 -8.69 -8.83
CA THR A 84 -1.18 -9.43 -8.88
C THR A 84 -1.08 -10.71 -8.05
N THR A 85 0.14 -11.21 -7.89
CA THR A 85 0.37 -12.43 -7.14
C THR A 85 1.38 -12.18 -6.01
N SER A 86 1.12 -12.73 -4.84
CA SER A 86 2.01 -12.57 -3.69
C SER A 86 3.45 -12.81 -4.10
N ASN A 87 3.66 -13.84 -4.91
CA ASN A 87 5.00 -14.19 -5.38
C ASN A 87 5.26 -13.60 -6.77
N TYR A 88 5.41 -12.28 -6.81
CA TYR A 88 5.67 -11.60 -8.08
C TYR A 88 7.11 -11.83 -8.52
N GLU A 89 7.98 -12.04 -7.53
CA GLU A 89 9.39 -12.27 -7.81
C GLU A 89 9.60 -13.66 -8.41
N GLN A 90 8.54 -14.46 -8.42
CA GLN A 90 8.60 -15.81 -8.96
C GLN A 90 7.61 -15.98 -10.12
N ASP A 91 6.40 -15.50 -9.90
CA ASP A 91 5.36 -15.61 -10.92
C ASP A 91 5.56 -14.56 -12.02
N GLN A 92 5.92 -13.35 -11.62
CA GLN A 92 6.14 -12.27 -12.57
C GLN A 92 4.83 -11.69 -13.06
N LYS A 93 3.76 -11.96 -12.31
CA LYS A 93 2.43 -11.47 -12.68
C LYS A 93 2.15 -10.12 -12.02
N TYR A 94 2.16 -9.06 -12.82
CA TYR A 94 1.92 -7.72 -12.32
C TYR A 94 1.03 -6.94 -13.27
N SER A 95 0.61 -5.76 -12.85
CA SER A 95 -0.25 -4.90 -13.66
C SER A 95 0.01 -3.42 -13.38
N PHE A 96 -0.09 -2.60 -14.42
CA PHE A 96 0.15 -1.16 -14.26
C PHE A 96 -0.99 -0.51 -13.51
N CYS A 97 -0.85 0.79 -13.24
CA CYS A 97 -1.87 1.55 -12.51
C CYS A 97 -2.10 2.90 -13.17
N THR A 98 -3.31 3.11 -13.66
CA THR A 98 -3.67 4.36 -14.31
C THR A 98 -3.20 5.57 -13.50
N ASP A 99 -4.09 6.10 -12.67
CA ASP A 99 -3.77 7.26 -11.84
C ASP A 99 -3.76 8.53 -12.67
N HIS A 100 -2.95 8.55 -13.73
CA HIS A 100 -2.86 9.71 -14.59
C HIS A 100 -3.70 9.52 -15.85
N THR A 101 -3.32 10.21 -16.92
CA THR A 101 -4.03 10.12 -18.19
C THR A 101 -4.13 8.67 -18.66
N TYR A 1 -4.12 6.95 23.74
CA TYR A 1 -3.03 7.96 23.81
C TYR A 1 -1.79 7.49 23.07
N GLY A 2 -1.62 6.18 22.99
CA GLY A 2 -0.47 5.62 22.30
C GLY A 2 -0.71 4.22 21.78
N HIS A 3 -1.98 3.91 21.49
CA HIS A 3 -2.35 2.59 20.99
C HIS A 3 -3.58 2.67 20.10
N CYS A 4 -3.65 1.79 19.10
CA CYS A 4 -4.78 1.77 18.18
C CYS A 4 -5.36 0.36 18.09
N VAL A 5 -6.69 0.28 18.20
CA VAL A 5 -7.37 -1.00 18.13
C VAL A 5 -8.52 -0.96 17.12
N THR A 6 -8.79 -2.11 16.50
CA THR A 6 -9.86 -2.20 15.51
C THR A 6 -11.22 -2.22 16.19
N ASP A 7 -11.48 -3.26 16.98
CA ASP A 7 -12.74 -3.39 17.67
C ASP A 7 -12.62 -4.34 18.86
N SER A 8 -12.03 -5.49 18.62
CA SER A 8 -11.84 -6.49 19.67
C SER A 8 -11.04 -7.69 19.15
N GLY A 9 -9.96 -7.40 18.44
CA GLY A 9 -9.13 -8.46 17.89
C GLY A 9 -7.69 -8.02 17.69
N VAL A 10 -7.52 -6.95 16.91
CA VAL A 10 -6.19 -6.42 16.64
C VAL A 10 -5.80 -5.36 17.65
N VAL A 11 -4.49 -5.22 17.88
CA VAL A 11 -3.99 -4.23 18.84
C VAL A 11 -2.85 -3.42 18.24
N TYR A 12 -3.18 -2.47 17.38
CA TYR A 12 -2.19 -1.62 16.75
C TYR A 12 -1.70 -0.57 17.74
N SER A 13 -0.55 0.02 17.45
CA SER A 13 0.01 1.04 18.33
C SER A 13 0.11 2.38 17.62
N VAL A 14 0.14 3.46 18.41
CA VAL A 14 0.23 4.81 17.87
C VAL A 14 1.10 4.86 16.62
N GLY A 15 0.48 4.67 15.46
CA GLY A 15 1.22 4.72 14.21
C GLY A 15 1.84 3.40 13.82
N MET A 16 1.01 2.36 13.71
CA MET A 16 1.49 1.04 13.33
C MET A 16 1.14 0.76 11.87
N GLN A 17 0.09 1.42 11.39
CA GLN A 17 -0.35 1.25 10.01
C GLN A 17 -0.65 -0.21 9.69
N TRP A 18 -1.83 -0.46 9.13
CA TRP A 18 -2.23 -1.82 8.77
C TRP A 18 -3.19 -1.80 7.60
N LEU A 19 -3.68 -2.99 7.22
CA LEU A 19 -4.60 -3.10 6.11
C LEU A 19 -5.87 -3.83 6.54
N LYS A 20 -6.98 -3.50 5.89
CA LYS A 20 -8.27 -4.11 6.22
C LYS A 20 -8.89 -4.74 4.98
N THR A 21 -9.51 -5.91 5.17
CA THR A 21 -10.15 -6.61 4.05
C THR A 21 -11.33 -7.47 4.51
N GLN A 22 -11.26 -7.99 5.74
CA GLN A 22 -12.33 -8.82 6.27
C GLN A 22 -13.51 -7.97 6.75
N GLY A 23 -14.35 -7.56 5.81
CA GLY A 23 -15.51 -6.75 6.12
C GLY A 23 -16.41 -6.53 4.92
N ASN A 24 -15.79 -6.43 3.74
CA ASN A 24 -16.53 -6.22 2.51
C ASN A 24 -15.59 -6.18 1.31
N LYS A 25 -14.69 -5.19 1.31
CA LYS A 25 -13.73 -5.02 0.23
C LYS A 25 -12.34 -4.71 0.77
N GLN A 26 -11.51 -4.08 -0.04
CA GLN A 26 -10.16 -3.72 0.36
C GLN A 26 -10.14 -2.36 1.04
N MET A 27 -9.18 -2.13 1.92
CA MET A 27 -9.07 -0.87 2.63
C MET A 27 -7.77 -0.79 3.44
N LEU A 28 -7.24 0.42 3.57
CA LEU A 28 -6.01 0.64 4.31
C LEU A 28 -6.27 1.52 5.51
N CYS A 29 -5.96 1.01 6.70
CA CYS A 29 -6.18 1.75 7.94
C CYS A 29 -4.87 2.29 8.50
N THR A 30 -4.96 3.32 9.33
CA THR A 30 -3.78 3.92 9.94
C THR A 30 -4.15 4.71 11.18
N CYS A 31 -3.46 4.44 12.29
CA CYS A 31 -3.71 5.14 13.53
C CYS A 31 -2.70 6.26 13.72
N LEU A 32 -3.19 7.49 13.68
CA LEU A 32 -2.33 8.66 13.82
C LEU A 32 -2.00 8.91 15.30
N GLY A 33 -2.85 9.68 15.96
CA GLY A 33 -2.63 9.97 17.36
C GLY A 33 -3.93 10.14 18.13
N ASN A 34 -4.90 10.79 17.50
CA ASN A 34 -6.19 11.03 18.12
C ASN A 34 -7.19 9.93 17.76
N GLY A 35 -6.99 9.31 16.60
CA GLY A 35 -7.87 8.24 16.17
C GLY A 35 -7.24 7.36 15.11
N VAL A 36 -8.09 6.75 14.29
CA VAL A 36 -7.61 5.86 13.22
C VAL A 36 -8.20 6.29 11.87
N SER A 37 -7.32 6.54 10.91
CA SER A 37 -7.73 6.95 9.58
C SER A 37 -7.42 5.86 8.56
N CYS A 38 -8.36 5.57 7.67
CA CYS A 38 -8.17 4.55 6.66
C CYS A 38 -8.60 5.04 5.28
N GLN A 39 -8.03 4.44 4.25
CA GLN A 39 -8.35 4.80 2.87
C GLN A 39 -9.02 3.64 2.14
N GLU A 40 -10.34 3.75 1.98
CA GLU A 40 -11.10 2.70 1.31
C GLU A 40 -10.50 2.38 -0.06
N THR A 41 -10.66 1.13 -0.49
CA THR A 41 -10.13 0.69 -1.77
C THR A 41 -8.67 0.24 -1.65
N ALA A 42 -7.82 1.15 -1.20
CA ALA A 42 -6.40 0.85 -1.04
C ALA A 42 -5.68 0.90 -2.39
N VAL A 43 -6.19 0.16 -3.36
CA VAL A 43 -5.60 0.11 -4.69
C VAL A 43 -6.22 1.17 -5.60
N THR A 44 -5.96 1.07 -6.89
CA THR A 44 -6.49 2.02 -7.86
C THR A 44 -6.37 1.48 -9.28
N GLN A 45 -6.46 2.39 -10.25
CA GLN A 45 -6.37 2.00 -11.66
C GLN A 45 -4.91 1.99 -12.12
N THR A 46 -4.62 1.11 -13.08
CA THR A 46 -3.27 1.00 -13.62
C THR A 46 -3.26 1.23 -15.12
N TYR A 47 -2.28 2.00 -15.59
CA TYR A 47 -2.16 2.31 -17.01
C TYR A 47 -0.71 2.49 -17.41
N GLY A 48 -0.43 2.30 -18.69
CA GLY A 48 0.93 2.45 -19.19
C GLY A 48 1.96 1.86 -18.26
N GLY A 49 3.04 2.61 -18.01
CA GLY A 49 4.08 2.14 -17.13
C GLY A 49 4.97 1.10 -17.79
N ASN A 50 5.03 -0.09 -17.20
CA ASN A 50 5.85 -1.17 -17.75
C ASN A 50 4.99 -2.38 -18.10
N SER A 51 3.84 -2.50 -17.45
CA SER A 51 2.94 -3.62 -17.70
C SER A 51 1.69 -3.16 -18.45
N ASN A 52 1.68 -1.89 -18.84
CA ASN A 52 0.55 -1.34 -19.58
C ASN A 52 -0.74 -1.45 -18.76
N GLY A 53 -0.59 -1.63 -17.45
CA GLY A 53 -1.74 -1.75 -16.58
C GLY A 53 -1.65 -2.96 -15.67
N GLU A 54 -2.44 -3.99 -15.96
CA GLU A 54 -2.45 -5.20 -15.16
C GLU A 54 -2.74 -4.88 -13.69
N PRO A 55 -3.14 -5.90 -12.92
CA PRO A 55 -3.46 -5.74 -11.50
C PRO A 55 -2.21 -5.72 -10.62
N CYS A 56 -2.21 -4.84 -9.62
CA CYS A 56 -1.07 -4.73 -8.72
C CYS A 56 -0.92 -5.99 -7.87
N VAL A 57 0.13 -6.03 -7.06
CA VAL A 57 0.39 -7.18 -6.21
C VAL A 57 0.95 -6.74 -4.86
N LEU A 58 0.17 -5.97 -4.11
CA LEU A 58 0.60 -5.50 -2.81
C LEU A 58 -0.21 -6.17 -1.69
N PRO A 59 0.31 -6.12 -0.44
CA PRO A 59 1.58 -5.48 -0.12
C PRO A 59 2.78 -6.18 -0.76
N PHE A 60 3.74 -5.38 -1.23
CA PHE A 60 4.94 -5.91 -1.85
C PHE A 60 6.18 -5.34 -1.18
N THR A 61 7.35 -5.74 -1.66
CA THR A 61 8.60 -5.26 -1.10
C THR A 61 9.49 -4.65 -2.17
N TYR A 62 9.94 -3.42 -1.93
CA TYR A 62 10.80 -2.73 -2.87
C TYR A 62 11.92 -1.99 -2.15
N ASN A 63 13.16 -2.28 -2.54
CA ASN A 63 14.33 -1.65 -1.93
C ASN A 63 14.49 -2.09 -0.48
N GLY A 64 13.68 -3.06 -0.06
CA GLY A 64 13.77 -3.55 1.31
C GLY A 64 12.57 -3.16 2.15
N ARG A 65 11.77 -2.22 1.66
CA ARG A 65 10.59 -1.78 2.39
C ARG A 65 9.33 -2.46 1.86
N THR A 66 8.17 -1.97 2.28
CA THR A 66 6.90 -2.54 1.85
C THR A 66 5.85 -1.46 1.62
N PHE A 67 4.92 -1.73 0.69
CA PHE A 67 3.86 -0.78 0.37
C PHE A 67 2.53 -1.49 0.17
N TYR A 68 1.46 -0.93 0.73
CA TYR A 68 0.13 -1.51 0.61
C TYR A 68 -0.56 -1.04 -0.66
N SER A 69 0.11 -0.16 -1.41
CA SER A 69 -0.45 0.37 -2.65
C SER A 69 0.63 1.04 -3.48
N CYS A 70 0.23 1.55 -4.65
CA CYS A 70 1.17 2.20 -5.55
C CYS A 70 2.05 3.18 -4.78
N THR A 71 3.09 3.69 -5.44
CA THR A 71 4.02 4.62 -4.82
C THR A 71 4.96 5.22 -5.85
N THR A 72 5.59 6.34 -5.49
CA THR A 72 6.52 7.01 -6.39
C THR A 72 7.92 7.01 -5.81
N GLU A 73 8.25 5.96 -5.07
CA GLU A 73 9.57 5.84 -4.45
C GLU A 73 10.58 5.26 -5.45
N GLY A 74 10.17 5.13 -6.70
CA GLY A 74 11.05 4.60 -7.73
C GLY A 74 11.33 5.61 -8.83
N ARG A 75 10.60 6.72 -8.80
CA ARG A 75 10.77 7.77 -9.81
C ARG A 75 10.80 9.15 -9.17
N GLN A 76 11.14 10.16 -9.96
CA GLN A 76 11.21 11.52 -9.46
C GLN A 76 10.25 12.43 -10.23
N ASP A 77 9.36 11.82 -11.02
CA ASP A 77 8.39 12.56 -11.80
C ASP A 77 7.12 12.83 -10.99
N GLY A 78 6.66 11.81 -10.28
CA GLY A 78 5.47 11.95 -9.46
C GLY A 78 4.33 11.07 -9.93
N HIS A 79 4.67 9.94 -10.54
CA HIS A 79 3.66 9.01 -11.03
C HIS A 79 3.63 7.74 -10.18
N LEU A 80 2.48 7.47 -9.57
CA LEU A 80 2.32 6.29 -8.74
C LEU A 80 2.49 5.01 -9.56
N TRP A 81 3.16 4.02 -8.97
CA TRP A 81 3.38 2.75 -9.65
C TRP A 81 3.35 1.59 -8.66
N CYS A 82 2.67 0.52 -9.05
CA CYS A 82 2.57 -0.66 -8.19
C CYS A 82 3.27 -1.85 -8.84
N SER A 83 3.32 -2.98 -8.12
CA SER A 83 3.97 -4.17 -8.62
C SER A 83 2.93 -5.15 -9.19
N THR A 84 3.27 -5.76 -10.31
CA THR A 84 2.37 -6.72 -10.96
C THR A 84 2.57 -8.13 -10.40
N THR A 85 3.77 -8.39 -9.90
CA THR A 85 4.09 -9.70 -9.32
C THR A 85 4.69 -9.56 -7.93
N SER A 86 4.76 -10.68 -7.22
CA SER A 86 5.31 -10.69 -5.87
C SER A 86 6.79 -10.32 -5.87
N ASN A 87 7.57 -11.04 -6.67
CA ASN A 87 9.00 -10.78 -6.75
C ASN A 87 9.30 -9.72 -7.82
N TYR A 88 9.06 -8.46 -7.48
CA TYR A 88 9.32 -7.37 -8.40
C TYR A 88 10.81 -7.07 -8.48
N GLU A 89 11.56 -7.57 -7.51
CA GLU A 89 13.00 -7.36 -7.45
C GLU A 89 13.73 -8.29 -8.41
N GLN A 90 12.98 -9.22 -9.02
CA GLN A 90 13.56 -10.15 -9.96
C GLN A 90 12.93 -10.01 -11.34
N ASP A 91 11.60 -9.93 -11.36
CA ASP A 91 10.87 -9.78 -12.62
C ASP A 91 11.09 -8.38 -13.20
N GLN A 92 10.77 -7.37 -12.41
CA GLN A 92 10.94 -5.98 -12.85
C GLN A 92 9.78 -5.52 -13.72
N LYS A 93 8.57 -5.89 -13.35
CA LYS A 93 7.38 -5.49 -14.10
C LYS A 93 6.39 -4.75 -13.20
N TYR A 94 6.31 -3.44 -13.40
CA TYR A 94 5.41 -2.61 -12.62
C TYR A 94 4.52 -1.75 -13.52
N SER A 95 3.50 -1.16 -12.92
CA SER A 95 2.57 -0.30 -13.66
C SER A 95 2.42 1.05 -12.96
N PHE A 96 1.61 1.92 -13.54
CA PHE A 96 1.39 3.24 -12.96
C PHE A 96 0.04 3.30 -12.25
N CYS A 97 -0.25 4.43 -11.65
CA CYS A 97 -1.51 4.61 -10.93
C CYS A 97 -1.95 6.07 -10.93
N THR A 98 -3.17 6.32 -11.38
CA THR A 98 -3.70 7.69 -11.42
C THR A 98 -3.99 8.19 -10.01
N ASP A 99 -4.80 7.44 -9.27
CA ASP A 99 -5.16 7.80 -7.91
C ASP A 99 -6.03 9.06 -7.88
N HIS A 100 -5.48 10.16 -8.36
CA HIS A 100 -6.22 11.43 -8.38
C HIS A 100 -6.15 12.12 -7.03
N THR A 101 -6.61 13.36 -6.97
CA THR A 101 -6.61 14.11 -5.72
C THR A 101 -7.93 14.86 -5.54
N TYR A 1 -2.50 9.84 20.98
CA TYR A 1 -1.48 8.92 21.54
C TYR A 1 -2.12 7.81 22.37
N GLY A 2 -2.87 6.94 21.71
CA GLY A 2 -3.54 5.85 22.40
C GLY A 2 -3.59 4.58 21.58
N HIS A 3 -4.00 3.49 22.20
CA HIS A 3 -4.10 2.20 21.53
C HIS A 3 -5.19 2.23 20.45
N CYS A 4 -4.98 1.49 19.38
CA CYS A 4 -5.95 1.43 18.29
C CYS A 4 -6.55 0.03 18.18
N VAL A 5 -7.78 -0.04 17.68
CA VAL A 5 -8.47 -1.31 17.53
C VAL A 5 -9.74 -1.16 16.69
N THR A 6 -9.82 -1.95 15.61
CA THR A 6 -10.99 -1.90 14.73
C THR A 6 -12.29 -1.88 15.53
N ASP A 7 -12.75 -3.06 15.92
CA ASP A 7 -13.98 -3.17 16.69
C ASP A 7 -13.77 -4.03 17.93
N SER A 8 -13.24 -5.23 17.74
CA SER A 8 -12.99 -6.15 18.84
C SER A 8 -12.24 -7.39 18.36
N GLY A 9 -11.41 -7.21 17.33
CA GLY A 9 -10.65 -8.33 16.80
C GLY A 9 -9.15 -8.08 16.83
N VAL A 10 -8.76 -6.86 16.47
CA VAL A 10 -7.35 -6.49 16.45
C VAL A 10 -7.11 -5.25 17.30
N VAL A 11 -6.07 -5.31 18.15
CA VAL A 11 -5.74 -4.20 19.02
C VAL A 11 -4.40 -3.59 18.65
N TYR A 12 -4.43 -2.66 17.69
CA TYR A 12 -3.21 -1.98 17.25
C TYR A 12 -2.74 -0.99 18.30
N SER A 13 -1.65 -0.28 17.99
CA SER A 13 -1.10 0.70 18.91
C SER A 13 -0.83 2.02 18.19
N VAL A 14 -1.05 3.13 18.89
CA VAL A 14 -0.84 4.45 18.33
C VAL A 14 0.33 4.46 17.33
N GLY A 15 0.01 4.21 16.07
CA GLY A 15 1.02 4.19 15.03
C GLY A 15 1.55 2.80 14.75
N MET A 16 0.66 1.93 14.28
CA MET A 16 1.04 0.55 13.97
C MET A 16 0.88 0.28 12.48
N GLN A 17 -0.07 0.98 11.86
CA GLN A 17 -0.33 0.82 10.43
C GLN A 17 -0.70 -0.62 10.10
N TRP A 18 -1.72 -0.78 9.24
CA TRP A 18 -2.18 -2.10 8.83
C TRP A 18 -3.11 -1.99 7.63
N LEU A 19 -3.66 -3.12 7.20
CA LEU A 19 -4.57 -3.14 6.06
C LEU A 19 -5.87 -3.85 6.40
N LYS A 20 -6.97 -3.39 5.81
CA LYS A 20 -8.27 -3.99 6.05
C LYS A 20 -8.94 -4.40 4.75
N THR A 21 -9.66 -5.52 4.79
CA THR A 21 -10.35 -6.03 3.60
C THR A 21 -11.80 -6.38 3.93
N GLN A 22 -12.69 -6.09 2.98
CA GLN A 22 -14.11 -6.36 3.16
C GLN A 22 -14.50 -7.69 2.49
N GLY A 23 -13.51 -8.42 2.01
CA GLY A 23 -13.77 -9.69 1.36
C GLY A 23 -13.90 -9.55 -0.15
N ASN A 24 -14.32 -8.39 -0.61
CA ASN A 24 -14.49 -8.14 -2.03
C ASN A 24 -13.52 -7.06 -2.52
N LYS A 25 -13.25 -6.08 -1.66
CA LYS A 25 -12.34 -4.99 -2.00
C LYS A 25 -11.21 -4.89 -0.98
N GLN A 26 -10.24 -4.02 -1.27
CA GLN A 26 -9.10 -3.83 -0.38
C GLN A 26 -9.12 -2.44 0.23
N MET A 27 -8.40 -2.27 1.34
CA MET A 27 -8.34 -0.99 2.03
C MET A 27 -7.24 -1.00 3.09
N LEU A 28 -6.56 0.13 3.25
CA LEU A 28 -5.49 0.26 4.23
C LEU A 28 -5.94 1.06 5.45
N CYS A 29 -5.84 0.44 6.62
CA CYS A 29 -6.24 1.09 7.87
C CYS A 29 -5.02 1.46 8.71
N THR A 30 -5.09 2.59 9.40
CA THR A 30 -3.99 3.05 10.23
C THR A 30 -4.49 3.87 11.41
N CYS A 31 -3.75 3.82 12.52
CA CYS A 31 -4.11 4.58 13.71
C CYS A 31 -3.05 5.62 14.01
N LEU A 32 -3.37 6.87 13.71
CA LEU A 32 -2.45 7.98 13.94
C LEU A 32 -2.44 8.41 15.40
N GLY A 33 -3.18 9.47 15.72
CA GLY A 33 -3.23 9.95 17.09
C GLY A 33 -4.63 10.34 17.53
N ASN A 34 -5.37 10.97 16.61
CA ASN A 34 -6.73 11.40 16.91
C ASN A 34 -7.67 10.19 16.93
N GLY A 35 -7.31 9.15 16.19
CA GLY A 35 -8.12 7.95 16.14
C GLY A 35 -7.55 6.90 15.21
N VAL A 36 -8.32 6.52 14.19
CA VAL A 36 -7.89 5.52 13.23
C VAL A 36 -8.49 5.80 11.86
N SER A 37 -7.63 6.08 10.88
CA SER A 37 -8.07 6.36 9.52
C SER A 37 -7.60 5.28 8.57
N CYS A 38 -8.28 5.16 7.43
CA CYS A 38 -7.93 4.17 6.43
C CYS A 38 -8.10 4.71 5.02
N GLN A 39 -7.49 4.04 4.05
CA GLN A 39 -7.58 4.46 2.66
C GLN A 39 -8.27 3.39 1.81
N GLU A 40 -9.57 3.53 1.65
CA GLU A 40 -10.35 2.58 0.86
C GLU A 40 -9.70 2.32 -0.49
N THR A 41 -9.77 1.09 -0.96
CA THR A 41 -9.18 0.70 -2.24
C THR A 41 -7.73 0.28 -2.06
N ALA A 42 -6.91 1.20 -1.56
CA ALA A 42 -5.50 0.92 -1.34
C ALA A 42 -4.81 0.44 -2.61
N VAL A 43 -5.46 0.67 -3.75
CA VAL A 43 -4.91 0.27 -5.03
C VAL A 43 -5.04 1.38 -6.07
N THR A 44 -4.70 1.06 -7.31
CA THR A 44 -4.79 2.03 -8.40
C THR A 44 -4.61 1.36 -9.76
N GLN A 45 -4.89 2.11 -10.82
CA GLN A 45 -4.77 1.59 -12.18
C GLN A 45 -3.33 1.20 -12.48
N THR A 46 -3.16 0.33 -13.47
CA THR A 46 -1.82 -0.12 -13.86
C THR A 46 -1.66 -0.10 -15.38
N TYR A 47 -0.41 0.00 -15.83
CA TYR A 47 -0.13 0.04 -17.26
C TYR A 47 1.36 -0.16 -17.53
N GLY A 48 1.69 -0.47 -18.78
CA GLY A 48 3.07 -0.69 -19.15
C GLY A 48 3.89 -1.33 -18.04
N GLY A 49 5.03 -0.71 -17.72
CA GLY A 49 5.88 -1.25 -16.68
C GLY A 49 6.74 -2.40 -17.18
N ASN A 50 6.59 -3.56 -16.53
CA ASN A 50 7.35 -4.74 -16.92
C ASN A 50 6.42 -5.90 -17.24
N SER A 51 5.13 -5.68 -17.08
CA SER A 51 4.13 -6.72 -17.35
C SER A 51 2.90 -6.13 -18.04
N ASN A 52 3.07 -4.95 -18.64
CA ASN A 52 1.99 -4.29 -19.33
C ASN A 52 0.77 -4.13 -18.42
N GLY A 53 1.03 -3.79 -17.15
CA GLY A 53 -0.05 -3.61 -16.20
C GLY A 53 -0.35 -4.88 -15.43
N GLU A 54 -1.62 -5.28 -15.42
CA GLU A 54 -2.04 -6.48 -14.72
C GLU A 54 -2.20 -6.22 -13.23
N PRO A 55 -2.89 -7.12 -12.52
CA PRO A 55 -3.11 -7.00 -11.09
C PRO A 55 -1.80 -6.97 -10.30
N CYS A 56 -1.70 -6.06 -9.34
CA CYS A 56 -0.50 -5.94 -8.53
C CYS A 56 -0.46 -7.01 -7.45
N VAL A 57 0.61 -7.02 -6.66
CA VAL A 57 0.77 -8.01 -5.61
C VAL A 57 1.21 -7.37 -4.30
N LEU A 58 0.36 -6.52 -3.74
CA LEU A 58 0.66 -5.85 -2.48
C LEU A 58 -0.40 -6.15 -1.43
N PRO A 59 -0.15 -5.75 -0.18
CA PRO A 59 1.09 -5.05 0.20
C PRO A 59 2.32 -5.94 0.07
N PHE A 60 3.30 -5.50 -0.70
CA PHE A 60 4.53 -6.27 -0.90
C PHE A 60 5.70 -5.57 -0.19
N THR A 61 6.89 -6.13 -0.36
CA THR A 61 8.09 -5.57 0.25
C THR A 61 9.13 -5.21 -0.80
N TYR A 62 9.52 -3.94 -0.84
CA TYR A 62 10.50 -3.47 -1.80
C TYR A 62 11.44 -2.45 -1.17
N ASN A 63 12.73 -2.59 -1.45
CA ASN A 63 13.74 -1.68 -0.91
C ASN A 63 13.93 -1.91 0.59
N GLY A 64 13.25 -2.93 1.13
CA GLY A 64 13.36 -3.23 2.53
C GLY A 64 12.14 -2.81 3.32
N ARG A 65 11.30 -1.99 2.70
CA ARG A 65 10.07 -1.51 3.34
C ARG A 65 8.85 -2.23 2.78
N THR A 66 7.67 -1.68 3.04
CA THR A 66 6.43 -2.27 2.56
C THR A 66 5.51 -1.22 1.95
N PHE A 67 4.73 -1.63 0.96
CA PHE A 67 3.79 -0.73 0.30
C PHE A 67 2.47 -1.44 0.02
N TYR A 68 1.38 -0.86 0.53
CA TYR A 68 0.06 -1.43 0.34
C TYR A 68 -0.58 -0.90 -0.94
N SER A 69 0.26 -0.42 -1.86
CA SER A 69 -0.22 0.11 -3.13
C SER A 69 0.96 0.53 -4.01
N CYS A 70 0.66 1.14 -5.15
CA CYS A 70 1.70 1.59 -6.07
C CYS A 70 2.67 2.53 -5.36
N THR A 71 3.81 2.80 -5.99
CA THR A 71 4.80 3.68 -5.40
C THR A 71 5.85 4.11 -6.42
N THR A 72 6.79 4.94 -5.97
CA THR A 72 7.86 5.42 -6.84
C THR A 72 9.20 5.40 -6.13
N GLU A 73 9.54 4.25 -5.54
CA GLU A 73 10.80 4.10 -4.82
C GLU A 73 11.79 3.25 -5.62
N GLY A 74 11.44 2.95 -6.87
CA GLY A 74 12.30 2.14 -7.70
C GLY A 74 12.73 2.87 -8.96
N ARG A 75 12.29 4.11 -9.11
CA ARG A 75 12.63 4.91 -10.28
C ARG A 75 13.27 6.23 -9.87
N GLN A 76 13.69 7.02 -10.86
CA GLN A 76 14.32 8.30 -10.60
C GLN A 76 13.54 9.44 -11.27
N ASP A 77 12.42 9.08 -11.90
CA ASP A 77 11.59 10.06 -12.59
C ASP A 77 10.42 10.49 -11.70
N GLY A 78 9.48 9.58 -11.50
CA GLY A 78 8.32 9.87 -10.68
C GLY A 78 7.06 9.18 -11.16
N HIS A 79 7.18 7.92 -11.56
CA HIS A 79 6.04 7.15 -12.02
C HIS A 79 5.68 6.04 -11.04
N LEU A 80 4.41 5.97 -10.68
CA LEU A 80 3.94 4.95 -9.75
C LEU A 80 4.00 3.56 -10.38
N TRP A 81 4.29 2.56 -9.57
CA TRP A 81 4.38 1.19 -10.05
C TRP A 81 3.98 0.19 -8.97
N CYS A 82 3.80 -1.06 -9.38
CA CYS A 82 3.41 -2.13 -8.47
C CYS A 82 3.88 -3.47 -9.01
N SER A 83 4.11 -4.42 -8.12
CA SER A 83 4.57 -5.74 -8.53
C SER A 83 3.40 -6.63 -8.95
N THR A 84 3.57 -7.35 -10.05
CA THR A 84 2.53 -8.23 -10.55
C THR A 84 2.45 -9.50 -9.71
N THR A 85 3.50 -9.77 -8.95
CA THR A 85 3.54 -10.95 -8.09
C THR A 85 4.51 -10.73 -6.92
N SER A 86 4.38 -11.54 -5.88
CA SER A 86 5.23 -11.42 -4.71
C SER A 86 6.69 -11.66 -5.05
N ASN A 87 6.91 -12.42 -6.12
CA ASN A 87 8.25 -12.75 -6.56
C ASN A 87 8.88 -11.60 -7.36
N TYR A 88 8.94 -10.41 -6.77
CA TYR A 88 9.52 -9.27 -7.45
C TYR A 88 11.03 -9.26 -7.25
N GLU A 89 11.49 -9.80 -6.12
CA GLU A 89 12.91 -9.84 -5.81
C GLU A 89 13.61 -10.92 -6.62
N GLN A 90 12.84 -11.82 -7.22
CA GLN A 90 13.39 -12.89 -8.03
C GLN A 90 12.94 -12.76 -9.48
N ASP A 91 11.74 -12.24 -9.67
CA ASP A 91 11.19 -12.06 -11.00
C ASP A 91 11.50 -10.67 -11.53
N GLN A 92 11.29 -9.66 -10.68
CA GLN A 92 11.55 -8.27 -11.07
C GLN A 92 10.55 -7.80 -12.11
N LYS A 93 9.29 -8.22 -11.96
CA LYS A 93 8.24 -7.83 -12.88
C LYS A 93 7.19 -6.97 -12.17
N TYR A 94 7.01 -5.74 -12.68
CA TYR A 94 6.06 -4.82 -12.09
C TYR A 94 5.27 -4.06 -13.15
N SER A 95 4.27 -3.31 -12.69
CA SER A 95 3.44 -2.52 -13.58
C SER A 95 3.39 -1.07 -13.10
N PHE A 96 3.22 -0.14 -14.02
CA PHE A 96 3.19 1.27 -13.68
C PHE A 96 1.83 1.67 -13.10
N CYS A 97 1.71 2.93 -12.71
CA CYS A 97 0.47 3.44 -12.14
C CYS A 97 0.19 4.86 -12.62
N THR A 98 -0.98 5.06 -13.22
CA THR A 98 -1.37 6.36 -13.73
C THR A 98 -1.06 7.45 -12.69
N ASP A 99 -0.58 8.59 -13.17
CA ASP A 99 -0.25 9.72 -12.30
C ASP A 99 -1.21 9.79 -11.12
N HIS A 100 -2.51 9.84 -11.42
CA HIS A 100 -3.53 9.91 -10.38
C HIS A 100 -4.25 8.59 -10.24
N THR A 101 -5.08 8.48 -9.20
CA THR A 101 -5.83 7.25 -8.95
C THR A 101 -6.87 7.02 -10.04
N TYR A 1 -0.63 1.70 26.57
CA TYR A 1 -1.39 2.66 25.71
C TYR A 1 -0.75 2.79 24.34
N GLY A 2 -1.59 2.93 23.31
CA GLY A 2 -1.09 3.07 21.96
C GLY A 2 -1.37 1.85 21.11
N HIS A 3 -1.40 0.68 21.76
CA HIS A 3 -1.66 -0.57 21.06
C HIS A 3 -3.13 -0.69 20.67
N CYS A 4 -3.39 -0.78 19.37
CA CYS A 4 -4.74 -0.89 18.86
C CYS A 4 -5.07 -2.34 18.52
N VAL A 5 -6.30 -2.58 18.07
CA VAL A 5 -6.72 -3.93 17.70
C VAL A 5 -8.12 -3.91 17.09
N THR A 6 -8.31 -4.70 16.03
CA THR A 6 -9.59 -4.77 15.35
C THR A 6 -10.66 -5.39 16.26
N ASP A 7 -10.40 -6.63 16.70
CA ASP A 7 -11.34 -7.34 17.57
C ASP A 7 -11.12 -8.84 17.51
N SER A 8 -10.49 -9.30 16.44
CA SER A 8 -10.21 -10.72 16.26
C SER A 8 -8.98 -11.14 17.05
N GLY A 9 -8.13 -10.17 17.34
CA GLY A 9 -6.92 -10.46 18.09
C GLY A 9 -5.72 -9.67 17.60
N VAL A 10 -5.78 -9.23 16.35
CA VAL A 10 -4.69 -8.46 15.75
C VAL A 10 -4.45 -7.17 16.53
N VAL A 11 -3.61 -7.25 17.55
CA VAL A 11 -3.29 -6.09 18.37
C VAL A 11 -2.31 -5.16 17.67
N TYR A 12 -2.86 -4.24 16.87
CA TYR A 12 -2.03 -3.29 16.13
C TYR A 12 -1.46 -2.25 17.08
N SER A 13 -0.60 -1.38 16.55
CA SER A 13 0.00 -0.33 17.36
C SER A 13 -0.05 1.01 16.65
N VAL A 14 -0.25 2.07 17.42
CA VAL A 14 -0.34 3.42 16.87
C VAL A 14 0.90 3.75 16.04
N GLY A 15 0.87 3.37 14.76
CA GLY A 15 1.98 3.65 13.89
C GLY A 15 2.41 2.44 13.08
N MET A 16 1.68 1.35 13.21
CA MET A 16 1.99 0.12 12.48
C MET A 16 1.50 0.22 11.04
N GLN A 17 0.34 0.82 10.85
CA GLN A 17 -0.24 0.96 9.52
C GLN A 17 -0.32 -0.39 8.81
N TRP A 18 -1.53 -0.86 8.59
CA TRP A 18 -1.74 -2.14 7.93
C TRP A 18 -2.84 -2.04 6.87
N LEU A 19 -3.32 -3.19 6.41
CA LEU A 19 -4.37 -3.23 5.39
C LEU A 19 -5.49 -4.17 5.83
N LYS A 20 -6.63 -3.59 6.16
CA LYS A 20 -7.79 -4.37 6.59
C LYS A 20 -8.53 -4.97 5.40
N THR A 21 -9.06 -6.17 5.58
CA THR A 21 -9.80 -6.85 4.52
C THR A 21 -10.81 -7.84 5.09
N GLN A 22 -12.04 -7.81 4.57
CA GLN A 22 -13.09 -8.70 5.03
C GLN A 22 -13.24 -9.89 4.09
N GLY A 23 -12.97 -9.66 2.81
CA GLY A 23 -13.09 -10.72 1.83
C GLY A 23 -13.79 -10.26 0.56
N ASN A 24 -14.39 -9.09 0.62
CA ASN A 24 -15.11 -8.53 -0.53
C ASN A 24 -14.46 -7.23 -1.01
N LYS A 25 -13.87 -6.50 -0.06
CA LYS A 25 -13.21 -5.23 -0.38
C LYS A 25 -11.94 -5.08 0.42
N GLN A 26 -11.29 -3.92 0.30
CA GLN A 26 -10.06 -3.64 1.02
C GLN A 26 -10.05 -2.21 1.55
N MET A 27 -9.17 -1.95 2.52
CA MET A 27 -9.06 -0.63 3.11
C MET A 27 -7.88 -0.56 4.06
N LEU A 28 -7.00 0.42 3.85
CA LEU A 28 -5.83 0.58 4.71
C LEU A 28 -6.26 1.11 6.07
N CYS A 29 -5.96 0.36 7.12
CA CYS A 29 -6.34 0.75 8.47
C CYS A 29 -5.13 1.16 9.30
N THR A 30 -5.30 2.24 10.05
CA THR A 30 -4.23 2.76 10.89
C THR A 30 -4.67 2.98 12.33
N CYS A 31 -3.70 3.03 13.23
CA CYS A 31 -3.96 3.25 14.65
C CYS A 31 -3.44 4.62 15.07
N LEU A 32 -4.35 5.53 15.37
CA LEU A 32 -3.97 6.89 15.77
C LEU A 32 -3.67 6.96 17.26
N GLY A 33 -4.67 6.64 18.07
CA GLY A 33 -4.50 6.68 19.51
C GLY A 33 -5.80 6.40 20.24
N ASN A 34 -6.84 7.12 19.86
CA ASN A 34 -8.15 6.96 20.47
C ASN A 34 -8.86 5.76 19.88
N GLY A 35 -8.37 5.30 18.73
CA GLY A 35 -8.96 4.15 18.07
C GLY A 35 -8.22 3.78 16.81
N VAL A 36 -8.90 3.10 15.90
CA VAL A 36 -8.30 2.69 14.63
C VAL A 36 -9.19 3.06 13.46
N SER A 37 -8.62 3.77 12.49
CA SER A 37 -9.35 4.20 11.31
C SER A 37 -8.69 3.70 10.03
N CYS A 38 -9.51 3.36 9.04
CA CYS A 38 -9.00 2.87 7.76
C CYS A 38 -9.63 3.63 6.60
N GLN A 39 -8.86 3.83 5.55
CA GLN A 39 -9.33 4.54 4.36
C GLN A 39 -9.29 3.64 3.15
N GLU A 40 -10.06 4.00 2.12
CA GLU A 40 -10.12 3.23 0.90
C GLU A 40 -8.77 2.60 0.58
N THR A 41 -8.75 1.27 0.46
CA THR A 41 -7.52 0.55 0.16
C THR A 41 -6.63 1.37 -0.76
N ALA A 42 -7.26 2.06 -1.69
CA ALA A 42 -6.56 2.89 -2.65
C ALA A 42 -5.83 2.05 -3.70
N VAL A 43 -6.34 2.09 -4.92
CA VAL A 43 -5.75 1.32 -6.02
C VAL A 43 -5.52 2.21 -7.23
N THR A 44 -5.28 1.58 -8.38
CA THR A 44 -5.04 2.32 -9.62
C THR A 44 -5.26 1.43 -10.84
N GLN A 45 -5.02 2.00 -12.02
CA GLN A 45 -5.19 1.26 -13.26
C GLN A 45 -3.86 0.68 -13.75
N THR A 46 -3.81 -0.65 -13.84
CA THR A 46 -2.59 -1.33 -14.29
C THR A 46 -2.61 -1.51 -15.81
N TYR A 47 -1.43 -1.44 -16.41
CA TYR A 47 -1.31 -1.58 -17.87
C TYR A 47 0.04 -2.18 -18.25
N GLY A 48 0.01 -3.19 -19.10
CA GLY A 48 1.24 -3.83 -19.54
C GLY A 48 2.02 -4.44 -18.39
N GLY A 49 3.34 -4.40 -18.50
CA GLY A 49 4.18 -4.96 -17.46
C GLY A 49 4.71 -6.34 -17.82
N ASN A 50 4.86 -7.20 -16.83
CA ASN A 50 5.37 -8.55 -17.05
C ASN A 50 4.23 -9.51 -17.36
N SER A 51 3.00 -9.07 -17.08
CA SER A 51 1.82 -9.89 -17.33
C SER A 51 0.97 -9.31 -18.45
N ASN A 52 0.27 -8.22 -18.15
CA ASN A 52 -0.59 -7.55 -19.11
C ASN A 52 -1.37 -6.42 -18.46
N GLY A 53 -1.69 -6.60 -17.18
CA GLY A 53 -2.43 -5.60 -16.45
C GLY A 53 -3.52 -6.19 -15.59
N GLU A 54 -3.12 -6.91 -14.55
CA GLU A 54 -4.08 -7.55 -13.65
C GLU A 54 -3.91 -7.03 -12.23
N PRO A 55 -4.88 -7.32 -11.34
CA PRO A 55 -4.84 -6.89 -9.94
C PRO A 55 -3.46 -7.11 -9.31
N CYS A 56 -3.16 -6.33 -8.28
CA CYS A 56 -1.88 -6.44 -7.60
C CYS A 56 -1.97 -7.39 -6.40
N VAL A 57 -0.87 -7.52 -5.67
CA VAL A 57 -0.82 -8.40 -4.51
C VAL A 57 -0.09 -7.73 -3.34
N LEU A 58 -0.63 -6.59 -2.90
CA LEU A 58 -0.02 -5.86 -1.78
C LEU A 58 -0.90 -5.97 -0.54
N PRO A 59 -0.36 -5.54 0.61
CA PRO A 59 1.00 -4.99 0.71
C PRO A 59 2.07 -6.06 0.56
N PHE A 60 2.97 -5.87 -0.40
CA PHE A 60 4.05 -6.82 -0.64
C PHE A 60 5.36 -6.25 -0.10
N THR A 61 6.46 -6.95 -0.40
CA THR A 61 7.78 -6.51 0.05
C THR A 61 8.78 -6.51 -1.09
N TYR A 62 9.44 -5.38 -1.28
CA TYR A 62 10.43 -5.24 -2.35
C TYR A 62 11.62 -4.42 -1.87
N ASN A 63 12.82 -4.91 -2.14
CA ASN A 63 14.04 -4.22 -1.74
C ASN A 63 14.16 -4.14 -0.22
N GLY A 64 13.28 -4.84 0.48
CA GLY A 64 13.32 -4.84 1.93
C GLY A 64 12.19 -4.03 2.55
N ARG A 65 11.54 -3.19 1.75
CA ARG A 65 10.45 -2.37 2.25
C ARG A 65 9.11 -3.00 1.90
N THR A 66 8.02 -2.24 2.09
CA THR A 66 6.69 -2.73 1.80
C THR A 66 5.83 -1.66 1.13
N PHE A 67 4.95 -2.09 0.24
CA PHE A 67 4.06 -1.18 -0.47
C PHE A 67 2.65 -1.75 -0.56
N TYR A 68 1.68 -0.99 -0.06
CA TYR A 68 0.29 -1.43 -0.09
C TYR A 68 -0.36 -1.09 -1.42
N SER A 69 0.47 -0.68 -2.39
CA SER A 69 -0.02 -0.33 -3.72
C SER A 69 1.14 -0.21 -4.70
N CYS A 70 0.84 0.30 -5.89
CA CYS A 70 1.86 0.46 -6.92
C CYS A 70 2.94 1.45 -6.48
N THR A 71 4.09 1.38 -7.12
CA THR A 71 5.21 2.26 -6.77
C THR A 71 6.25 2.30 -7.88
N THR A 72 7.34 3.02 -7.65
CA THR A 72 8.41 3.14 -8.62
C THR A 72 9.77 3.09 -7.94
N GLU A 73 9.96 2.09 -7.08
CA GLU A 73 11.21 1.92 -6.35
C GLU A 73 12.16 1.00 -7.10
N GLY A 74 11.83 0.71 -8.35
CA GLY A 74 12.66 -0.17 -9.16
C GLY A 74 12.31 -0.08 -10.63
N ARG A 75 12.04 1.14 -11.08
CA ARG A 75 11.68 1.38 -12.47
C ARG A 75 12.87 1.90 -13.26
N GLN A 76 12.72 1.94 -14.57
CA GLN A 76 13.78 2.43 -15.45
C GLN A 76 13.44 3.82 -15.99
N ASP A 77 12.32 4.37 -15.53
CA ASP A 77 11.89 5.70 -15.96
C ASP A 77 11.14 6.42 -14.84
N GLY A 78 10.03 5.83 -14.43
CA GLY A 78 9.23 6.43 -13.36
C GLY A 78 7.75 6.08 -13.47
N HIS A 79 7.47 4.85 -13.88
CA HIS A 79 6.09 4.40 -14.03
C HIS A 79 5.72 3.43 -12.91
N LEU A 80 4.72 3.80 -12.12
CA LEU A 80 4.26 2.97 -11.02
C LEU A 80 4.04 1.52 -11.46
N TRP A 81 4.27 0.59 -10.55
CA TRP A 81 4.11 -0.84 -10.84
C TRP A 81 3.78 -1.60 -9.56
N CYS A 82 3.11 -2.75 -9.73
CA CYS A 82 2.75 -3.59 -8.59
C CYS A 82 2.88 -5.06 -8.95
N SER A 83 2.96 -5.90 -7.92
CA SER A 83 3.09 -7.34 -8.12
C SER A 83 1.72 -8.01 -8.20
N THR A 84 1.54 -8.87 -9.19
CA THR A 84 0.27 -9.57 -9.37
C THR A 84 0.27 -10.87 -8.57
N THR A 85 1.32 -11.08 -7.77
CA THR A 85 1.42 -12.28 -6.96
C THR A 85 2.42 -12.07 -5.82
N SER A 86 2.05 -12.53 -4.63
CA SER A 86 2.91 -12.38 -3.46
C SER A 86 4.35 -12.71 -3.81
N ASN A 87 4.57 -13.88 -4.42
CA ASN A 87 5.90 -14.31 -4.82
C ASN A 87 6.30 -13.64 -6.13
N TYR A 88 6.60 -12.35 -6.05
CA TYR A 88 7.00 -11.59 -7.24
C TYR A 88 8.45 -11.89 -7.59
N GLU A 89 9.28 -12.06 -6.57
CA GLU A 89 10.69 -12.35 -6.78
C GLU A 89 10.88 -13.79 -7.23
N GLN A 90 9.77 -14.54 -7.31
CA GLN A 90 9.83 -15.94 -7.73
C GLN A 90 9.31 -16.09 -9.16
N ASP A 91 8.10 -15.60 -9.40
CA ASP A 91 7.49 -15.69 -10.73
C ASP A 91 7.98 -14.56 -11.62
N GLN A 92 8.01 -13.34 -11.08
CA GLN A 92 8.46 -12.18 -11.83
C GLN A 92 7.33 -11.61 -12.69
N LYS A 93 6.11 -11.67 -12.17
CA LYS A 93 4.95 -11.16 -12.88
C LYS A 93 4.42 -9.90 -12.21
N TYR A 94 4.85 -8.75 -12.70
CA TYR A 94 4.44 -7.46 -12.15
C TYR A 94 3.58 -6.68 -13.13
N SER A 95 3.06 -5.55 -12.68
CA SER A 95 2.22 -4.70 -13.52
C SER A 95 2.55 -3.22 -13.27
N PHE A 96 2.04 -2.36 -14.15
CA PHE A 96 2.28 -0.92 -14.02
C PHE A 96 1.11 -0.21 -13.34
N CYS A 97 1.18 1.10 -13.29
CA CYS A 97 0.13 1.90 -12.66
C CYS A 97 0.17 3.35 -13.15
N THR A 98 -0.92 3.79 -13.77
CA THR A 98 -1.01 5.15 -14.28
C THR A 98 -0.75 6.17 -13.17
N ASP A 99 -1.78 6.42 -12.36
CA ASP A 99 -1.67 7.37 -11.26
C ASP A 99 -1.91 8.80 -11.75
N HIS A 100 -1.13 9.22 -12.74
CA HIS A 100 -1.25 10.56 -13.30
C HIS A 100 -1.32 10.52 -14.81
N THR A 101 -2.02 11.48 -15.39
CA THR A 101 -2.16 11.56 -16.84
C THR A 101 -0.81 11.81 -17.51
N TYR A 1 -3.53 -0.30 28.58
CA TYR A 1 -3.88 -1.19 27.44
C TYR A 1 -3.63 -0.50 26.10
N GLY A 2 -3.46 -1.29 25.05
CA GLY A 2 -3.23 -0.74 23.73
C GLY A 2 -3.27 -1.78 22.64
N HIS A 3 -4.22 -2.70 22.75
CA HIS A 3 -4.37 -3.77 21.76
C HIS A 3 -5.73 -3.67 21.08
N CYS A 4 -5.74 -3.89 19.76
CA CYS A 4 -6.96 -3.83 18.98
C CYS A 4 -7.32 -5.21 18.44
N VAL A 5 -8.60 -5.41 18.16
CA VAL A 5 -9.07 -6.69 17.64
C VAL A 5 -10.24 -6.49 16.67
N THR A 6 -10.02 -6.80 15.41
CA THR A 6 -11.06 -6.66 14.39
C THR A 6 -12.32 -7.43 14.77
N ASP A 7 -12.15 -8.50 15.55
CA ASP A 7 -13.27 -9.31 16.00
C ASP A 7 -12.79 -10.52 16.79
N SER A 8 -11.90 -11.30 16.20
CA SER A 8 -11.36 -12.48 16.84
C SER A 8 -10.46 -13.27 15.90
N GLY A 9 -9.35 -12.66 15.50
CA GLY A 9 -8.42 -13.32 14.60
C GLY A 9 -7.11 -12.56 14.45
N VAL A 10 -7.22 -11.26 14.23
CA VAL A 10 -6.05 -10.41 14.06
C VAL A 10 -5.92 -9.40 15.20
N VAL A 11 -5.32 -9.83 16.30
CA VAL A 11 -5.13 -8.96 17.46
C VAL A 11 -4.17 -7.83 17.13
N TYR A 12 -4.70 -6.73 16.61
CA TYR A 12 -3.89 -5.58 16.25
C TYR A 12 -3.39 -4.84 17.49
N SER A 13 -2.54 -3.85 17.25
CA SER A 13 -1.98 -3.05 18.35
C SER A 13 -1.79 -1.61 17.91
N VAL A 14 -2.18 -0.68 18.78
CA VAL A 14 -2.07 0.74 18.48
C VAL A 14 -0.73 1.07 17.82
N GLY A 15 -0.68 0.97 16.50
CA GLY A 15 0.53 1.25 15.77
C GLY A 15 0.92 0.13 14.82
N MET A 16 0.11 -0.93 14.80
CA MET A 16 0.37 -2.08 13.93
C MET A 16 0.33 -1.66 12.46
N GLN A 17 -0.49 -0.67 12.15
CA GLN A 17 -0.62 -0.18 10.80
C GLN A 17 -0.66 -1.33 9.80
N TRP A 18 -1.86 -1.69 9.36
CA TRP A 18 -2.03 -2.79 8.41
C TRP A 18 -2.91 -2.37 7.24
N LEU A 19 -3.40 -3.35 6.50
CA LEU A 19 -4.27 -3.09 5.35
C LEU A 19 -5.35 -4.16 5.23
N LYS A 20 -6.60 -3.73 5.20
CA LYS A 20 -7.73 -4.65 5.09
C LYS A 20 -8.39 -4.53 3.72
N THR A 21 -8.78 -5.68 3.16
CA THR A 21 -9.42 -5.71 1.86
C THR A 21 -10.73 -6.51 1.89
N GLN A 22 -10.86 -7.39 2.88
CA GLN A 22 -12.06 -8.20 3.01
C GLN A 22 -13.21 -7.41 3.63
N GLY A 23 -14.09 -6.89 2.77
CA GLY A 23 -15.21 -6.12 3.24
C GLY A 23 -15.86 -5.31 2.14
N ASN A 24 -15.05 -4.85 1.20
CA ASN A 24 -15.55 -4.06 0.06
C ASN A 24 -14.46 -3.87 -0.99
N LYS A 25 -13.42 -3.13 -0.62
CA LYS A 25 -12.32 -2.86 -1.54
C LYS A 25 -10.99 -2.86 -0.79
N GLN A 26 -10.02 -2.11 -1.33
CA GLN A 26 -8.70 -2.01 -0.71
C GLN A 26 -8.67 -0.86 0.29
N MET A 27 -8.80 -1.18 1.56
CA MET A 27 -8.79 -0.17 2.61
C MET A 27 -7.65 -0.40 3.60
N LEU A 28 -6.91 0.66 3.88
CA LEU A 28 -5.79 0.58 4.82
C LEU A 28 -6.27 0.85 6.24
N CYS A 29 -6.00 -0.09 7.15
CA CYS A 29 -6.43 0.06 8.53
C CYS A 29 -5.26 0.40 9.45
N THR A 30 -5.55 1.21 10.47
CA THR A 30 -4.54 1.61 11.45
C THR A 30 -5.10 1.60 12.85
N CYS A 31 -4.23 1.42 13.84
CA CYS A 31 -4.66 1.39 15.23
C CYS A 31 -4.03 2.55 16.00
N LEU A 32 -4.82 3.59 16.24
CA LEU A 32 -4.36 4.77 16.95
C LEU A 32 -4.32 4.55 18.46
N GLY A 33 -5.34 3.88 18.97
CA GLY A 33 -5.41 3.61 20.40
C GLY A 33 -6.83 3.45 20.90
N ASN A 34 -7.63 4.49 20.69
CA ASN A 34 -9.03 4.48 21.11
C ASN A 34 -9.85 3.62 20.15
N GLY A 35 -9.30 3.40 18.97
CA GLY A 35 -9.97 2.60 17.97
C GLY A 35 -9.12 2.40 16.72
N VAL A 36 -9.68 1.75 15.72
CA VAL A 36 -8.97 1.51 14.47
C VAL A 36 -9.48 2.43 13.37
N SER A 37 -8.58 3.24 12.83
CA SER A 37 -8.94 4.17 11.76
C SER A 37 -8.33 3.73 10.43
N CYS A 38 -9.19 3.36 9.49
CA CYS A 38 -8.75 2.93 8.17
C CYS A 38 -9.13 3.93 7.11
N GLN A 39 -8.34 4.01 6.06
CA GLN A 39 -8.59 4.95 4.97
C GLN A 39 -8.90 4.21 3.67
N GLU A 40 -10.05 4.51 3.08
CA GLU A 40 -10.45 3.88 1.84
C GLU A 40 -9.57 4.32 0.68
N THR A 41 -8.58 3.48 0.35
CA THR A 41 -7.66 3.79 -0.74
C THR A 41 -8.24 3.31 -2.08
N ALA A 42 -9.00 2.22 -2.02
CA ALA A 42 -9.62 1.61 -3.21
C ALA A 42 -9.72 2.62 -4.36
N VAL A 43 -8.73 2.58 -5.25
CA VAL A 43 -8.71 3.48 -6.40
C VAL A 43 -8.15 2.79 -7.64
N THR A 44 -6.87 2.45 -7.60
CA THR A 44 -6.22 1.80 -8.72
C THR A 44 -6.86 0.44 -9.02
N GLN A 45 -7.03 0.15 -10.31
CA GLN A 45 -7.64 -1.11 -10.74
C GLN A 45 -6.61 -2.00 -11.40
N THR A 46 -7.07 -3.00 -12.14
CA THR A 46 -6.17 -3.92 -12.82
C THR A 46 -6.65 -4.23 -14.24
N TYR A 47 -5.73 -4.25 -15.18
CA TYR A 47 -6.05 -4.52 -16.57
C TYR A 47 -4.88 -5.20 -17.28
N GLY A 48 -5.18 -6.27 -18.01
CA GLY A 48 -4.14 -6.99 -18.73
C GLY A 48 -2.92 -7.26 -17.87
N GLY A 49 -1.74 -7.14 -18.47
CA GLY A 49 -0.50 -7.39 -17.73
C GLY A 49 -0.02 -8.82 -17.87
N ASN A 50 -0.02 -9.54 -16.76
CA ASN A 50 0.41 -10.93 -16.75
C ASN A 50 -0.71 -11.86 -16.31
N SER A 51 -1.71 -11.29 -15.63
CA SER A 51 -2.85 -12.07 -15.16
C SER A 51 -4.16 -11.45 -15.59
N ASN A 52 -4.13 -10.74 -16.72
CA ASN A 52 -5.33 -10.08 -17.24
C ASN A 52 -6.07 -9.34 -16.15
N GLY A 53 -5.34 -8.92 -15.12
CA GLY A 53 -5.95 -8.20 -14.01
C GLY A 53 -6.58 -9.13 -12.99
N GLU A 54 -5.75 -9.64 -12.07
CA GLU A 54 -6.22 -10.55 -11.04
C GLU A 54 -6.06 -9.92 -9.65
N PRO A 55 -6.72 -10.50 -8.65
CA PRO A 55 -6.66 -10.01 -7.26
C PRO A 55 -5.21 -9.89 -6.77
N CYS A 56 -4.71 -8.67 -6.74
CA CYS A 56 -3.34 -8.41 -6.29
C CYS A 56 -3.08 -9.09 -4.94
N VAL A 57 -1.91 -8.82 -4.36
CA VAL A 57 -1.54 -9.42 -3.09
C VAL A 57 -0.69 -8.47 -2.24
N LEU A 58 -1.20 -7.26 -2.02
CA LEU A 58 -0.48 -6.27 -1.22
C LEU A 58 -1.08 -6.16 0.17
N PRO A 59 -0.34 -5.55 1.11
CA PRO A 59 0.99 -5.00 0.83
C PRO A 59 2.04 -6.09 0.62
N PHE A 60 2.80 -5.97 -0.46
CA PHE A 60 3.84 -6.94 -0.77
C PHE A 60 5.22 -6.32 -0.61
N THR A 61 6.26 -7.14 -0.74
CA THR A 61 7.63 -6.67 -0.62
C THR A 61 8.38 -6.82 -1.93
N TYR A 62 8.76 -5.69 -2.53
CA TYR A 62 9.48 -5.70 -3.80
C TYR A 62 10.73 -4.82 -3.71
N ASN A 63 11.82 -5.33 -4.24
CA ASN A 63 13.08 -4.60 -4.24
C ASN A 63 13.59 -4.41 -2.82
N GLY A 64 12.98 -5.12 -1.87
CA GLY A 64 13.39 -5.01 -0.48
C GLY A 64 12.45 -4.14 0.34
N ARG A 65 11.65 -3.33 -0.35
CA ARG A 65 10.70 -2.45 0.33
C ARG A 65 9.30 -3.04 0.32
N THR A 66 8.31 -2.21 0.62
CA THR A 66 6.92 -2.65 0.65
C THR A 66 6.02 -1.73 -0.16
N PHE A 67 4.86 -2.23 -0.55
CA PHE A 67 3.90 -1.45 -1.33
C PHE A 67 2.47 -1.90 -1.03
N TYR A 68 1.67 -1.00 -0.48
CA TYR A 68 0.29 -1.31 -0.15
C TYR A 68 -0.62 -1.11 -1.36
N SER A 69 -0.01 -0.99 -2.53
CA SER A 69 -0.77 -0.79 -3.77
C SER A 69 0.13 -0.90 -4.98
N CYS A 70 -0.47 -0.80 -6.17
CA CYS A 70 0.28 -0.88 -7.42
C CYS A 70 1.46 0.09 -7.41
N THR A 71 2.25 0.07 -8.48
CA THR A 71 3.41 0.96 -8.59
C THR A 71 4.21 0.67 -9.85
N THR A 72 5.10 1.60 -10.20
CA THR A 72 5.93 1.46 -11.37
C THR A 72 7.41 1.50 -11.00
N GLU A 73 7.80 0.67 -10.03
CA GLU A 73 9.19 0.61 -9.58
C GLU A 73 9.90 -0.61 -10.17
N GLY A 74 9.23 -1.31 -11.08
CA GLY A 74 9.81 -2.48 -11.70
C GLY A 74 10.05 -2.30 -13.18
N ARG A 75 9.56 -1.19 -13.73
CA ARG A 75 9.72 -0.90 -15.15
C ARG A 75 10.20 0.53 -15.36
N GLN A 76 10.69 0.82 -16.57
CA GLN A 76 11.17 2.14 -16.90
C GLN A 76 10.26 2.81 -17.93
N ASP A 77 9.04 2.28 -18.06
CA ASP A 77 8.07 2.82 -19.00
C ASP A 77 7.13 3.80 -18.31
N GLY A 78 6.33 3.30 -17.38
CA GLY A 78 5.40 4.14 -16.66
C GLY A 78 4.02 3.52 -16.52
N HIS A 79 3.97 2.20 -16.41
CA HIS A 79 2.70 1.50 -16.26
C HIS A 79 2.58 0.88 -14.87
N LEU A 80 1.57 1.31 -14.13
CA LEU A 80 1.36 0.80 -12.78
C LEU A 80 1.07 -0.69 -12.81
N TRP A 81 1.50 -1.40 -11.77
CA TRP A 81 1.30 -2.84 -11.70
C TRP A 81 1.20 -3.31 -10.25
N CYS A 82 0.78 -4.56 -10.07
CA CYS A 82 0.64 -5.13 -8.74
C CYS A 82 0.98 -6.62 -8.77
N SER A 83 1.18 -7.21 -7.60
CA SER A 83 1.53 -8.61 -7.49
C SER A 83 0.30 -9.45 -7.12
N THR A 84 -0.03 -10.42 -7.96
CA THR A 84 -1.18 -11.28 -7.70
C THR A 84 -0.79 -12.46 -6.82
N THR A 85 0.40 -12.40 -6.26
CA THR A 85 0.91 -13.46 -5.39
C THR A 85 2.10 -12.96 -4.58
N SER A 86 2.37 -13.63 -3.46
CA SER A 86 3.49 -13.25 -2.60
C SER A 86 4.78 -13.17 -3.39
N ASN A 87 5.24 -14.31 -3.90
CA ASN A 87 6.48 -14.37 -4.67
C ASN A 87 6.27 -13.76 -6.05
N TYR A 88 6.52 -12.45 -6.16
CA TYR A 88 6.36 -11.75 -7.42
C TYR A 88 7.59 -11.95 -8.31
N GLU A 89 8.75 -12.02 -7.67
CA GLU A 89 10.00 -12.21 -8.39
C GLU A 89 10.27 -13.69 -8.65
N GLN A 90 9.24 -14.51 -8.48
CA GLN A 90 9.38 -15.95 -8.69
C GLN A 90 8.27 -16.47 -9.61
N ASP A 91 7.04 -16.11 -9.28
CA ASP A 91 5.89 -16.55 -10.07
C ASP A 91 5.67 -15.64 -11.28
N GLN A 92 6.02 -14.37 -11.13
CA GLN A 92 5.87 -13.40 -12.22
C GLN A 92 4.41 -13.29 -12.66
N LYS A 93 3.52 -13.12 -11.68
CA LYS A 93 2.09 -13.00 -11.97
C LYS A 93 1.59 -11.61 -11.57
N TYR A 94 2.25 -10.58 -12.08
CA TYR A 94 1.87 -9.21 -11.78
C TYR A 94 0.69 -8.75 -12.63
N SER A 95 0.10 -7.64 -12.24
CA SER A 95 -1.04 -7.08 -12.96
C SER A 95 -0.96 -5.56 -13.01
N PHE A 96 -1.20 -5.00 -14.19
CA PHE A 96 -1.14 -3.55 -14.37
C PHE A 96 -2.25 -2.86 -13.59
N CYS A 97 -2.23 -1.53 -13.60
CA CYS A 97 -3.23 -0.75 -12.90
C CYS A 97 -3.42 0.62 -13.55
N THR A 98 -4.66 1.11 -13.55
CA THR A 98 -4.97 2.40 -14.13
C THR A 98 -4.44 3.55 -13.27
N ASP A 99 -4.66 4.77 -13.75
CA ASP A 99 -4.21 5.95 -13.02
C ASP A 99 -4.18 7.17 -13.94
N HIS A 100 -3.79 6.95 -15.19
CA HIS A 100 -3.74 8.03 -16.17
C HIS A 100 -3.00 9.24 -15.59
N THR A 101 -3.75 10.16 -15.01
CA THR A 101 -3.17 11.37 -14.42
C THR A 101 -2.62 11.09 -13.03
N TYR A 1 -5.74 5.60 26.39
CA TYR A 1 -5.92 4.93 25.08
C TYR A 1 -4.64 4.99 24.25
N GLY A 2 -3.95 3.86 24.16
CA GLY A 2 -2.71 3.80 23.41
C GLY A 2 -2.80 2.87 22.21
N HIS A 3 -2.81 1.57 22.48
CA HIS A 3 -2.89 0.58 21.41
C HIS A 3 -4.06 0.88 20.48
N CYS A 4 -3.95 0.43 19.23
CA CYS A 4 -5.01 0.65 18.24
C CYS A 4 -5.73 -0.67 17.94
N VAL A 5 -7.06 -0.62 17.89
CA VAL A 5 -7.85 -1.81 17.62
C VAL A 5 -8.91 -1.53 16.55
N THR A 6 -8.95 -2.37 15.53
CA THR A 6 -9.91 -2.22 14.44
C THR A 6 -11.34 -2.28 14.98
N ASP A 7 -11.62 -3.26 15.82
CA ASP A 7 -12.95 -3.43 16.39
C ASP A 7 -12.97 -4.58 17.39
N SER A 8 -12.19 -5.62 17.11
CA SER A 8 -12.11 -6.78 17.99
C SER A 8 -11.50 -7.97 17.27
N GLY A 9 -10.25 -7.83 16.86
CA GLY A 9 -9.56 -8.90 16.16
C GLY A 9 -8.07 -8.68 16.06
N VAL A 10 -7.67 -7.42 15.88
CA VAL A 10 -6.26 -7.07 15.77
C VAL A 10 -5.92 -5.87 16.65
N VAL A 11 -5.25 -6.14 17.77
CA VAL A 11 -4.87 -5.08 18.70
C VAL A 11 -3.55 -4.44 18.29
N TYR A 12 -3.62 -3.54 17.32
CA TYR A 12 -2.43 -2.84 16.83
C TYR A 12 -1.81 -1.98 17.93
N SER A 13 -0.84 -1.16 17.55
CA SER A 13 -0.17 -0.27 18.50
C SER A 13 0.19 1.05 17.83
N VAL A 14 0.05 2.14 18.58
CA VAL A 14 0.35 3.47 18.05
C VAL A 14 1.50 3.43 17.05
N GLY A 15 1.15 3.24 15.78
CA GLY A 15 2.16 3.19 14.74
C GLY A 15 2.36 1.79 14.16
N MET A 16 1.25 1.11 13.89
CA MET A 16 1.31 -0.23 13.33
C MET A 16 0.52 -0.33 12.04
N GLN A 17 0.79 0.59 11.11
CA GLN A 17 0.11 0.62 9.81
C GLN A 17 -0.25 -0.79 9.36
N TRP A 18 -1.49 -0.96 8.90
CA TRP A 18 -1.95 -2.27 8.44
C TRP A 18 -2.91 -2.13 7.27
N LEU A 19 -3.47 -3.26 6.85
CA LEU A 19 -4.41 -3.28 5.73
C LEU A 19 -5.70 -4.00 6.12
N LYS A 20 -6.83 -3.30 5.99
CA LYS A 20 -8.12 -3.87 6.33
C LYS A 20 -8.89 -4.28 5.08
N THR A 21 -9.72 -5.31 5.21
CA THR A 21 -10.51 -5.80 4.09
C THR A 21 -11.99 -5.83 4.44
N GLN A 22 -12.84 -5.94 3.42
CA GLN A 22 -14.28 -5.97 3.62
C GLN A 22 -14.89 -7.26 3.06
N GLY A 23 -14.17 -8.36 3.22
CA GLY A 23 -14.64 -9.64 2.72
C GLY A 23 -14.98 -9.59 1.24
N ASN A 24 -14.45 -8.59 0.54
CA ASN A 24 -14.69 -8.44 -0.88
C ASN A 24 -13.83 -7.33 -1.47
N LYS A 25 -13.63 -6.28 -0.69
CA LYS A 25 -12.81 -5.15 -1.13
C LYS A 25 -11.60 -4.97 -0.24
N GLN A 26 -10.86 -3.88 -0.44
CA GLN A 26 -9.67 -3.59 0.35
C GLN A 26 -9.78 -2.24 1.05
N MET A 27 -8.86 -1.98 1.97
CA MET A 27 -8.85 -0.73 2.71
C MET A 27 -7.68 -0.69 3.68
N LEU A 28 -6.75 0.23 3.45
CA LEU A 28 -5.58 0.36 4.31
C LEU A 28 -5.91 1.24 5.51
N CYS A 29 -5.66 0.72 6.72
CA CYS A 29 -5.96 1.47 7.93
C CYS A 29 -4.73 1.59 8.83
N THR A 30 -4.61 2.75 9.47
CA THR A 30 -3.49 3.01 10.36
C THR A 30 -3.92 3.75 11.62
N CYS A 31 -3.13 3.60 12.68
CA CYS A 31 -3.41 4.25 13.95
C CYS A 31 -2.33 5.27 14.28
N LEU A 32 -2.63 6.54 14.05
CA LEU A 32 -1.68 7.61 14.32
C LEU A 32 -1.64 7.96 15.81
N GLY A 33 -2.38 8.99 16.20
CA GLY A 33 -2.40 9.39 17.60
C GLY A 33 -3.79 9.72 18.08
N ASN A 34 -4.55 10.44 17.26
CA ASN A 34 -5.91 10.82 17.60
C ASN A 34 -6.81 9.60 17.62
N GLY A 35 -6.55 8.67 16.72
CA GLY A 35 -7.35 7.46 16.63
C GLY A 35 -6.84 6.51 15.58
N VAL A 36 -7.62 6.32 14.53
CA VAL A 36 -7.25 5.42 13.44
C VAL A 36 -7.84 5.90 12.12
N SER A 37 -6.99 5.96 11.08
CA SER A 37 -7.43 6.40 9.77
C SER A 37 -7.07 5.36 8.71
N CYS A 38 -7.96 5.18 7.74
CA CYS A 38 -7.74 4.21 6.67
C CYS A 38 -8.13 4.79 5.31
N GLN A 39 -7.68 4.14 4.25
CA GLN A 39 -7.98 4.59 2.89
C GLN A 39 -8.80 3.54 2.14
N GLU A 40 -9.99 3.94 1.68
CA GLU A 40 -10.88 3.04 0.95
C GLU A 40 -10.27 2.65 -0.39
N THR A 41 -10.24 1.35 -0.65
CA THR A 41 -9.70 0.85 -1.91
C THR A 41 -8.17 0.79 -1.87
N ALA A 42 -7.56 1.92 -1.54
CA ALA A 42 -6.10 1.99 -1.47
C ALA A 42 -5.48 1.79 -2.84
N VAL A 43 -5.61 0.58 -3.37
CA VAL A 43 -5.06 0.25 -4.68
C VAL A 43 -5.81 0.98 -5.79
N THR A 44 -5.31 0.87 -7.01
CA THR A 44 -5.92 1.53 -8.15
C THR A 44 -5.95 0.62 -9.37
N GLN A 45 -6.77 0.98 -10.35
CA GLN A 45 -6.89 0.20 -11.57
C GLN A 45 -5.52 -0.15 -12.13
N THR A 46 -5.49 -1.12 -13.04
CA THR A 46 -4.24 -1.55 -13.66
C THR A 46 -4.39 -1.66 -15.17
N TYR A 47 -3.48 -1.05 -15.90
CA TYR A 47 -3.50 -1.08 -17.36
C TYR A 47 -2.12 -1.32 -17.93
N GLY A 48 -2.06 -1.98 -19.08
CA GLY A 48 -0.79 -2.26 -19.72
C GLY A 48 0.21 -2.90 -18.77
N GLY A 49 1.46 -2.51 -18.89
CA GLY A 49 2.50 -3.05 -18.04
C GLY A 49 3.00 -4.40 -18.53
N ASN A 50 2.91 -5.41 -17.66
CA ASN A 50 3.36 -6.75 -18.02
C ASN A 50 2.19 -7.72 -18.07
N SER A 51 1.16 -7.43 -17.27
CA SER A 51 -0.02 -8.28 -17.23
C SER A 51 -1.16 -7.67 -18.06
N ASN A 52 -0.91 -6.49 -18.62
CA ASN A 52 -1.91 -5.80 -19.42
C ASN A 52 -3.10 -5.35 -18.58
N GLY A 53 -2.98 -5.50 -17.27
CA GLY A 53 -4.05 -5.09 -16.37
C GLY A 53 -4.58 -6.24 -15.53
N GLU A 54 -3.75 -6.71 -14.60
CA GLU A 54 -4.14 -7.81 -13.72
C GLU A 54 -4.22 -7.33 -12.27
N PRO A 55 -4.84 -8.15 -11.39
CA PRO A 55 -4.99 -7.81 -9.98
C PRO A 55 -3.66 -7.82 -9.24
N CYS A 56 -3.32 -6.70 -8.62
CA CYS A 56 -2.07 -6.57 -7.89
C CYS A 56 -2.00 -7.59 -6.75
N VAL A 57 -1.00 -7.44 -5.89
CA VAL A 57 -0.81 -8.34 -4.76
C VAL A 57 -0.10 -7.65 -3.60
N LEU A 58 -0.67 -6.54 -3.14
CA LEU A 58 -0.09 -5.80 -2.03
C LEU A 58 -0.86 -6.04 -0.74
N PRO A 59 -0.28 -5.64 0.41
CA PRO A 59 1.04 -5.00 0.46
C PRO A 59 2.16 -5.95 0.08
N PHE A 60 3.01 -5.52 -0.86
CA PHE A 60 4.14 -6.33 -1.30
C PHE A 60 5.45 -5.75 -0.81
N THR A 61 6.55 -6.40 -1.17
CA THR A 61 7.88 -5.94 -0.77
C THR A 61 8.74 -5.66 -1.99
N TYR A 62 9.22 -4.43 -2.09
CA TYR A 62 10.05 -4.03 -3.22
C TYR A 62 11.12 -3.02 -2.80
N ASN A 63 12.33 -3.23 -3.28
CA ASN A 63 13.45 -2.34 -2.95
C ASN A 63 13.88 -2.51 -1.50
N GLY A 64 13.25 -3.45 -0.80
CA GLY A 64 13.60 -3.69 0.59
C GLY A 64 12.52 -3.23 1.55
N ARG A 65 11.54 -2.49 1.05
CA ARG A 65 10.45 -2.00 1.88
C ARG A 65 9.13 -2.68 1.51
N THR A 66 8.03 -2.04 1.87
CA THR A 66 6.71 -2.59 1.58
C THR A 66 5.74 -1.49 1.17
N PHE A 67 4.84 -1.82 0.25
CA PHE A 67 3.85 -0.87 -0.24
C PHE A 67 2.48 -1.52 -0.31
N TYR A 68 1.48 -0.88 0.30
CA TYR A 68 0.12 -1.41 0.31
C TYR A 68 -0.67 -0.97 -0.92
N SER A 69 0.01 -0.27 -1.84
CA SER A 69 -0.65 0.19 -3.06
C SER A 69 0.37 0.48 -4.16
N CYS A 70 -0.12 0.69 -5.37
CA CYS A 70 0.74 0.98 -6.51
C CYS A 70 1.73 2.08 -6.18
N THR A 71 2.62 2.38 -7.12
CA THR A 71 3.62 3.42 -6.91
C THR A 71 4.58 3.51 -8.10
N THR A 72 5.65 4.29 -7.92
CA THR A 72 6.65 4.46 -8.96
C THR A 72 8.04 4.57 -8.34
N GLU A 73 8.37 3.60 -7.50
CA GLU A 73 9.65 3.58 -6.80
C GLU A 73 10.76 2.95 -7.65
N GLY A 74 10.39 2.00 -8.49
CA GLY A 74 11.39 1.34 -9.32
C GLY A 74 11.42 1.84 -10.75
N ARG A 75 10.97 3.08 -10.98
CA ARG A 75 10.96 3.66 -12.32
C ARG A 75 11.12 5.17 -12.28
N GLN A 76 11.55 5.73 -13.40
CA GLN A 76 11.73 7.17 -13.53
C GLN A 76 10.80 7.74 -14.60
N ASP A 77 9.86 6.91 -15.06
CA ASP A 77 8.90 7.33 -16.08
C ASP A 77 7.80 8.15 -15.45
N GLY A 78 7.24 7.64 -14.35
CA GLY A 78 6.18 8.35 -13.67
C GLY A 78 4.86 7.62 -13.72
N HIS A 79 4.89 6.34 -14.09
CA HIS A 79 3.66 5.55 -14.17
C HIS A 79 3.57 4.59 -13.00
N LEU A 80 2.54 4.77 -12.18
CA LEU A 80 2.35 3.91 -11.02
C LEU A 80 2.31 2.44 -11.43
N TRP A 81 2.91 1.59 -10.60
CA TRP A 81 2.94 0.16 -10.90
C TRP A 81 2.62 -0.66 -9.65
N CYS A 82 2.43 -1.95 -9.84
CA CYS A 82 2.13 -2.85 -8.74
C CYS A 82 2.50 -4.29 -9.08
N SER A 83 2.48 -5.16 -8.09
CA SER A 83 2.83 -6.56 -8.28
C SER A 83 1.58 -7.42 -8.40
N THR A 84 1.61 -8.40 -9.29
CA THR A 84 0.47 -9.28 -9.50
C THR A 84 0.68 -10.62 -8.79
N THR A 85 1.93 -10.86 -8.38
CA THR A 85 2.28 -12.09 -7.69
C THR A 85 3.15 -11.80 -6.47
N SER A 86 2.71 -12.23 -5.30
CA SER A 86 3.45 -12.02 -4.07
C SER A 86 4.96 -12.12 -4.32
N ASN A 87 5.32 -12.96 -5.28
CA ASN A 87 6.72 -13.16 -5.63
C ASN A 87 7.05 -12.48 -6.96
N TYR A 88 7.03 -11.15 -6.96
CA TYR A 88 7.33 -10.39 -8.16
C TYR A 88 8.82 -10.43 -8.47
N GLU A 89 9.61 -10.80 -7.46
CA GLU A 89 11.06 -10.88 -7.62
C GLU A 89 11.44 -12.03 -8.55
N GLN A 90 10.55 -12.99 -8.69
CA GLN A 90 10.79 -14.14 -9.55
C GLN A 90 9.81 -14.16 -10.72
N ASP A 91 8.56 -13.81 -10.44
CA ASP A 91 7.52 -13.80 -11.47
C ASP A 91 7.72 -12.63 -12.42
N GLN A 92 7.97 -11.45 -11.86
CA GLN A 92 8.18 -10.24 -12.67
C GLN A 92 6.86 -9.75 -13.27
N LYS A 93 5.76 -10.31 -12.77
CA LYS A 93 4.44 -9.93 -13.27
C LYS A 93 3.92 -8.69 -12.53
N TYR A 94 4.03 -7.54 -13.16
CA TYR A 94 3.58 -6.29 -12.57
C TYR A 94 2.47 -5.65 -13.42
N SER A 95 1.91 -4.57 -12.91
CA SER A 95 0.84 -3.86 -13.61
C SER A 95 0.81 -2.40 -13.22
N PHE A 96 0.67 -1.52 -14.20
CA PHE A 96 0.62 -0.08 -13.95
C PHE A 96 -0.65 0.29 -13.18
N CYS A 97 -0.78 1.57 -12.86
CA CYS A 97 -1.95 2.06 -12.13
C CYS A 97 -2.23 3.52 -12.46
N THR A 98 -3.51 3.84 -12.68
CA THR A 98 -3.91 5.20 -13.00
C THR A 98 -3.31 6.22 -12.04
N ASP A 99 -3.94 6.37 -10.88
CA ASP A 99 -3.48 7.31 -9.87
C ASP A 99 -4.58 7.66 -8.89
N HIS A 100 -5.74 8.05 -9.42
CA HIS A 100 -6.89 8.41 -8.61
C HIS A 100 -6.44 9.10 -7.32
N THR A 101 -6.25 8.30 -6.26
CA THR A 101 -5.83 8.84 -4.97
C THR A 101 -6.59 10.12 -4.63
N TYR A 1 -3.63 7.39 21.36
CA TYR A 1 -2.75 7.32 22.55
C TYR A 1 -1.90 6.05 22.54
N GLY A 2 -0.59 6.23 22.52
CA GLY A 2 0.31 5.09 22.50
C GLY A 2 -0.22 3.94 21.66
N HIS A 3 -0.32 2.77 22.27
CA HIS A 3 -0.82 1.59 21.57
C HIS A 3 -2.08 1.92 20.78
N CYS A 4 -2.18 1.36 19.58
CA CYS A 4 -3.36 1.60 18.73
C CYS A 4 -4.24 0.36 18.65
N VAL A 5 -5.50 0.51 19.02
CA VAL A 5 -6.45 -0.59 19.00
C VAL A 5 -7.65 -0.27 18.11
N THR A 6 -7.56 -0.67 16.84
CA THR A 6 -8.63 -0.42 15.89
C THR A 6 -9.96 -0.91 16.44
N ASP A 7 -10.62 -0.06 17.23
CA ASP A 7 -11.91 -0.41 17.81
C ASP A 7 -11.73 -1.40 18.96
N SER A 8 -11.43 -2.65 18.61
CA SER A 8 -11.23 -3.69 19.61
C SER A 8 -10.99 -5.04 18.94
N GLY A 9 -10.30 -5.03 17.81
CA GLY A 9 -10.02 -6.26 17.10
C GLY A 9 -8.53 -6.50 16.88
N VAL A 10 -7.74 -5.44 17.02
CA VAL A 10 -6.30 -5.53 16.84
C VAL A 10 -5.56 -4.60 17.79
N VAL A 11 -4.43 -5.07 18.30
CA VAL A 11 -3.63 -4.27 19.22
C VAL A 11 -2.36 -3.76 18.55
N TYR A 12 -2.49 -2.70 17.77
CA TYR A 12 -1.35 -2.12 17.08
C TYR A 12 -0.54 -1.22 18.00
N SER A 13 0.54 -0.66 17.46
CA SER A 13 1.40 0.22 18.23
C SER A 13 1.70 1.49 17.44
N VAL A 14 1.64 2.64 18.11
CA VAL A 14 1.90 3.93 17.47
C VAL A 14 2.92 3.80 16.35
N GLY A 15 2.43 3.51 15.14
CA GLY A 15 3.31 3.38 14.00
C GLY A 15 3.08 2.09 13.24
N MET A 16 2.03 1.36 13.58
CA MET A 16 1.73 0.10 12.92
C MET A 16 0.79 0.32 11.74
N GLN A 17 1.29 0.05 10.53
CA GLN A 17 0.50 0.22 9.32
C GLN A 17 -0.16 -1.11 8.93
N TRP A 18 -1.49 -1.16 9.05
CA TRP A 18 -2.23 -2.37 8.71
C TRP A 18 -3.29 -2.10 7.65
N LEU A 19 -4.09 -3.11 7.36
CA LEU A 19 -5.15 -2.99 6.36
C LEU A 19 -6.46 -3.52 6.89
N LYS A 20 -7.54 -2.81 6.59
CA LYS A 20 -8.87 -3.23 7.05
C LYS A 20 -9.79 -3.45 5.86
N THR A 21 -10.84 -4.25 6.07
CA THR A 21 -11.79 -4.55 5.01
C THR A 21 -13.21 -4.56 5.56
N GLN A 22 -14.18 -4.27 4.70
CA GLN A 22 -15.58 -4.25 5.08
C GLN A 22 -16.33 -5.46 4.50
N GLY A 23 -15.58 -6.36 3.87
CA GLY A 23 -16.19 -7.54 3.28
C GLY A 23 -16.62 -7.32 1.85
N ASN A 24 -16.71 -6.06 1.44
CA ASN A 24 -17.12 -5.73 0.09
C ASN A 24 -16.02 -4.95 -0.65
N LYS A 25 -15.33 -4.08 0.09
CA LYS A 25 -14.26 -3.29 -0.50
C LYS A 25 -13.01 -3.33 0.39
N GLN A 26 -12.01 -2.52 0.02
CA GLN A 26 -10.76 -2.47 0.77
C GLN A 26 -10.70 -1.21 1.62
N MET A 27 -9.78 -1.19 2.59
CA MET A 27 -9.61 -0.04 3.46
C MET A 27 -8.30 -0.11 4.22
N LEU A 28 -7.40 0.84 3.94
CA LEU A 28 -6.11 0.89 4.60
C LEU A 28 -6.18 1.74 5.86
N CYS A 29 -5.70 1.20 6.98
CA CYS A 29 -5.73 1.93 8.24
C CYS A 29 -4.37 1.93 8.90
N THR A 30 -4.10 3.00 9.64
CA THR A 30 -2.83 3.14 10.35
C THR A 30 -2.98 4.01 11.58
N CYS A 31 -2.13 3.77 12.58
CA CYS A 31 -2.16 4.54 13.81
C CYS A 31 -0.94 5.45 13.88
N LEU A 32 -1.15 6.74 13.66
CA LEU A 32 -0.08 7.72 13.68
C LEU A 32 0.30 8.11 15.10
N GLY A 33 -0.22 9.24 15.58
CA GLY A 33 0.09 9.69 16.92
C GLY A 33 -1.13 10.14 17.69
N ASN A 34 -1.99 10.91 17.05
CA ASN A 34 -3.20 11.41 17.69
C ASN A 34 -4.23 10.31 17.83
N GLY A 35 -4.23 9.37 16.89
CA GLY A 35 -5.17 8.27 16.95
C GLY A 35 -4.91 7.23 15.88
N VAL A 36 -5.92 6.98 15.05
CA VAL A 36 -5.80 5.99 13.97
C VAL A 36 -6.59 6.42 12.75
N SER A 37 -5.92 6.56 11.62
CA SER A 37 -6.56 6.97 10.38
C SER A 37 -6.53 5.84 9.36
N CYS A 38 -7.48 5.85 8.43
CA CYS A 38 -7.56 4.83 7.41
C CYS A 38 -8.18 5.39 6.13
N GLN A 39 -7.74 4.88 4.98
CA GLN A 39 -8.26 5.33 3.70
C GLN A 39 -9.29 4.36 3.16
N GLU A 40 -10.57 4.73 3.29
CA GLU A 40 -11.66 3.88 2.81
C GLU A 40 -11.53 3.67 1.30
N THR A 41 -11.72 2.43 0.87
CA THR A 41 -11.62 2.09 -0.54
C THR A 41 -10.17 1.88 -0.95
N ALA A 42 -9.34 2.89 -0.67
CA ALA A 42 -7.92 2.82 -0.99
C ALA A 42 -7.68 2.96 -2.49
N VAL A 43 -7.92 1.88 -3.23
CA VAL A 43 -7.72 1.88 -4.67
C VAL A 43 -6.42 2.57 -5.04
N THR A 44 -6.20 2.79 -6.33
CA THR A 44 -4.98 3.44 -6.80
C THR A 44 -4.85 3.34 -8.31
N GLN A 45 -4.13 4.30 -8.89
CA GLN A 45 -3.91 4.33 -10.34
C GLN A 45 -2.42 4.36 -10.65
N THR A 46 -2.09 4.31 -11.95
CA THR A 46 -0.70 4.33 -12.38
C THR A 46 -0.56 4.96 -13.75
N TYR A 47 0.65 5.35 -14.10
CA TYR A 47 0.92 5.98 -15.39
C TYR A 47 2.42 6.16 -15.62
N GLY A 48 2.89 5.79 -16.80
CA GLY A 48 4.29 5.92 -17.13
C GLY A 48 5.18 5.06 -16.24
N GLY A 49 6.33 5.59 -15.87
CA GLY A 49 7.25 4.84 -15.02
C GLY A 49 8.01 3.79 -15.79
N ASN A 50 8.57 2.82 -15.06
CA ASN A 50 9.33 1.74 -15.68
C ASN A 50 8.38 0.71 -16.30
N SER A 51 7.11 0.79 -15.96
CA SER A 51 6.12 -0.14 -16.47
C SER A 51 4.84 0.59 -16.88
N ASN A 52 5.01 1.72 -17.59
CA ASN A 52 3.90 2.53 -18.05
C ASN A 52 2.63 2.31 -17.23
N GLY A 53 2.79 2.27 -15.91
CA GLY A 53 1.65 2.06 -15.03
C GLY A 53 0.95 0.73 -15.29
N GLU A 54 1.17 -0.23 -14.40
CA GLU A 54 0.56 -1.55 -14.53
C GLU A 54 0.14 -2.08 -13.17
N PRO A 55 -0.64 -3.17 -13.15
CA PRO A 55 -1.10 -3.80 -11.91
C PRO A 55 0.02 -3.97 -10.89
N CYS A 56 0.06 -3.09 -9.90
CA CYS A 56 1.08 -3.14 -8.86
C CYS A 56 1.10 -4.52 -8.21
N VAL A 57 2.21 -4.85 -7.56
CA VAL A 57 2.36 -6.14 -6.91
C VAL A 57 2.65 -5.99 -5.41
N LEU A 58 1.64 -5.55 -4.67
CA LEU A 58 1.79 -5.36 -3.23
C LEU A 58 0.99 -6.40 -2.46
N PRO A 59 1.25 -6.53 -1.14
CA PRO A 59 2.25 -5.73 -0.43
C PRO A 59 3.67 -6.03 -0.89
N PHE A 60 4.42 -4.98 -1.22
CA PHE A 60 5.81 -5.13 -1.65
C PHE A 60 6.75 -4.63 -0.56
N THR A 61 8.04 -4.89 -0.73
CA THR A 61 9.02 -4.45 0.25
C THR A 61 10.04 -3.50 -0.37
N TYR A 62 10.17 -2.32 0.22
CA TYR A 62 11.11 -1.33 -0.26
C TYR A 62 11.88 -0.69 0.89
N ASN A 63 13.21 -0.79 0.83
CA ASN A 63 14.06 -0.24 1.87
C ASN A 63 13.95 -1.05 3.16
N GLY A 64 13.20 -2.14 3.11
CA GLY A 64 13.03 -2.98 4.28
C GLY A 64 11.60 -2.96 4.81
N ARG A 65 10.84 -1.95 4.43
CA ARG A 65 9.46 -1.82 4.87
C ARG A 65 8.50 -2.43 3.84
N THR A 66 7.21 -2.19 4.02
CA THR A 66 6.20 -2.72 3.10
C THR A 66 5.15 -1.67 2.78
N PHE A 67 4.45 -1.87 1.66
CA PHE A 67 3.40 -0.94 1.23
C PHE A 67 2.26 -1.68 0.55
N TYR A 68 1.03 -1.23 0.82
CA TYR A 68 -0.16 -1.84 0.25
C TYR A 68 -0.61 -1.09 -1.00
N SER A 69 0.34 -0.43 -1.66
CA SER A 69 0.04 0.34 -2.87
C SER A 69 1.12 1.38 -3.12
N CYS A 70 0.85 2.27 -4.06
CA CYS A 70 1.79 3.34 -4.40
C CYS A 70 2.32 4.01 -3.13
N THR A 71 3.24 4.95 -3.31
CA THR A 71 3.83 5.66 -2.18
C THR A 71 4.91 6.63 -2.64
N THR A 72 5.40 7.44 -1.70
CA THR A 72 6.45 8.40 -2.01
C THR A 72 7.56 8.32 -0.97
N GLU A 73 8.03 7.11 -0.70
CA GLU A 73 9.09 6.89 0.28
C GLU A 73 10.44 6.67 -0.39
N GLY A 74 10.50 6.97 -1.68
CA GLY A 74 11.74 6.81 -2.42
C GLY A 74 11.76 7.63 -3.69
N ARG A 75 11.18 8.83 -3.62
CA ARG A 75 11.12 9.72 -4.76
C ARG A 75 12.10 10.87 -4.59
N GLN A 76 12.30 11.61 -5.69
CA GLN A 76 13.21 12.76 -5.67
C GLN A 76 12.41 14.07 -5.72
N ASP A 77 11.09 13.95 -5.64
CA ASP A 77 10.22 15.12 -5.67
C ASP A 77 8.99 14.91 -4.80
N GLY A 78 8.18 13.93 -5.15
CA GLY A 78 6.98 13.63 -4.39
C GLY A 78 5.90 12.98 -5.22
N HIS A 79 6.30 12.07 -6.11
CA HIS A 79 5.37 11.37 -6.98
C HIS A 79 5.08 9.97 -6.44
N LEU A 80 3.80 9.62 -6.35
CA LEU A 80 3.38 8.32 -5.86
C LEU A 80 3.79 7.22 -6.84
N TRP A 81 4.45 6.19 -6.33
CA TRP A 81 4.91 5.08 -7.16
C TRP A 81 4.63 3.74 -6.50
N CYS A 82 4.46 2.71 -7.30
CA CYS A 82 4.20 1.37 -6.81
C CYS A 82 5.09 0.35 -7.51
N SER A 83 5.09 -0.88 -7.02
CA SER A 83 5.90 -1.94 -7.62
C SER A 83 5.04 -2.89 -8.44
N THR A 84 5.62 -3.46 -9.49
CA THR A 84 4.90 -4.38 -10.36
C THR A 84 5.45 -5.80 -10.25
N THR A 85 6.71 -5.91 -9.84
CA THR A 85 7.36 -7.20 -9.69
C THR A 85 7.68 -7.48 -8.21
N SER A 86 7.25 -8.64 -7.73
CA SER A 86 7.49 -9.03 -6.35
C SER A 86 8.90 -8.64 -5.92
N ASN A 87 9.82 -8.66 -6.87
CA ASN A 87 11.21 -8.31 -6.59
C ASN A 87 11.60 -6.99 -7.28
N TYR A 88 11.24 -5.88 -6.66
CA TYR A 88 11.56 -4.57 -7.21
C TYR A 88 13.01 -4.20 -6.95
N GLU A 89 13.59 -4.82 -5.92
CA GLU A 89 14.98 -4.56 -5.57
C GLU A 89 15.93 -5.26 -6.53
N GLN A 90 15.37 -6.09 -7.40
CA GLN A 90 16.17 -6.82 -8.38
C GLN A 90 15.73 -6.52 -9.80
N ASP A 91 14.43 -6.23 -9.96
CA ASP A 91 13.87 -5.91 -11.27
C ASP A 91 13.93 -4.42 -11.54
N GLN A 92 13.45 -3.63 -10.57
CA GLN A 92 13.45 -2.18 -10.70
C GLN A 92 12.22 -1.70 -11.47
N LYS A 93 11.20 -2.57 -11.53
CA LYS A 93 9.97 -2.25 -12.24
C LYS A 93 8.96 -1.59 -11.30
N TYR A 94 8.76 -0.29 -11.49
CA TYR A 94 7.83 0.48 -10.66
C TYR A 94 6.93 1.35 -11.52
N SER A 95 5.83 1.82 -10.92
CA SER A 95 4.88 2.67 -11.63
C SER A 95 4.63 3.96 -10.83
N PHE A 96 3.63 4.72 -11.25
CA PHE A 96 3.29 5.97 -10.58
C PHE A 96 1.88 5.92 -10.01
N CYS A 97 1.43 7.04 -9.46
CA CYS A 97 0.09 7.12 -8.87
C CYS A 97 -0.41 8.56 -8.85
N THR A 98 -1.15 8.94 -9.89
CA THR A 98 -1.69 10.28 -10.00
C THR A 98 -2.41 10.69 -8.72
N ASP A 99 -3.37 9.88 -8.31
CA ASP A 99 -4.14 10.15 -7.10
C ASP A 99 -4.98 11.41 -7.27
N HIS A 100 -4.32 12.53 -7.51
CA HIS A 100 -5.00 13.81 -7.70
C HIS A 100 -4.86 14.31 -9.13
N THR A 101 -5.05 15.60 -9.34
CA THR A 101 -4.93 16.20 -10.66
C THR A 101 -3.83 17.24 -10.70
N TYR A 1 0.03 7.75 25.99
CA TYR A 1 -0.78 8.44 24.95
C TYR A 1 -0.31 8.08 23.55
N GLY A 2 -1.26 7.88 22.64
CA GLY A 2 -0.91 7.53 21.28
C GLY A 2 -1.34 6.12 20.91
N HIS A 3 -2.62 5.84 21.09
CA HIS A 3 -3.16 4.52 20.78
C HIS A 3 -4.31 4.62 19.78
N CYS A 4 -4.25 3.81 18.73
CA CYS A 4 -5.28 3.82 17.70
C CYS A 4 -6.11 2.53 17.74
N VAL A 5 -7.33 2.62 17.22
CA VAL A 5 -8.24 1.47 17.20
C VAL A 5 -9.14 1.54 15.98
N THR A 6 -9.86 0.44 15.74
CA THR A 6 -10.78 0.38 14.60
C THR A 6 -12.23 0.49 15.05
N ASP A 7 -12.69 -0.50 15.80
CA ASP A 7 -14.05 -0.51 16.30
C ASP A 7 -14.10 -1.03 17.74
N SER A 8 -13.30 -2.04 18.03
CA SER A 8 -13.24 -2.62 19.37
C SER A 8 -12.66 -4.04 19.32
N GLY A 9 -11.66 -4.24 18.47
CA GLY A 9 -11.04 -5.54 18.35
C GLY A 9 -9.52 -5.44 18.32
N VAL A 10 -9.01 -4.41 17.67
CA VAL A 10 -7.58 -4.19 17.57
C VAL A 10 -7.15 -2.98 18.39
N VAL A 11 -5.86 -2.92 18.73
CA VAL A 11 -5.34 -1.80 19.51
C VAL A 11 -4.01 -1.31 18.93
N TYR A 12 -4.10 -0.55 17.84
CA TYR A 12 -2.91 -0.02 17.19
C TYR A 12 -2.29 1.10 18.02
N SER A 13 -1.18 1.65 17.53
CA SER A 13 -0.49 2.73 18.22
C SER A 13 -0.14 3.86 17.26
N VAL A 14 -0.24 5.09 17.76
CA VAL A 14 0.06 6.27 16.96
C VAL A 14 1.17 6.01 15.94
N GLY A 15 0.79 5.55 14.76
CA GLY A 15 1.77 5.27 13.72
C GLY A 15 2.15 3.81 13.64
N MET A 16 1.16 2.93 13.63
CA MET A 16 1.40 1.50 13.55
C MET A 16 1.12 0.99 12.13
N GLN A 17 0.20 1.67 11.45
CA GLN A 17 -0.16 1.31 10.08
C GLN A 17 -0.64 -0.13 9.99
N TRP A 18 -1.69 -0.34 9.21
CA TRP A 18 -2.26 -1.68 9.02
C TRP A 18 -3.20 -1.70 7.82
N LEU A 19 -3.85 -2.84 7.60
CA LEU A 19 -4.76 -2.97 6.47
C LEU A 19 -6.01 -3.75 6.85
N LYS A 20 -7.14 -3.35 6.30
CA LYS A 20 -8.41 -4.01 6.58
C LYS A 20 -9.09 -4.47 5.29
N THR A 21 -10.10 -5.34 5.43
CA THR A 21 -10.84 -5.86 4.29
C THR A 21 -12.33 -5.84 4.54
N GLN A 22 -13.11 -5.74 3.47
CA GLN A 22 -14.57 -5.70 3.59
C GLN A 22 -15.18 -6.99 3.02
N GLY A 23 -14.35 -8.00 2.82
CA GLY A 23 -14.84 -9.26 2.29
C GLY A 23 -14.38 -9.51 0.87
N ASN A 24 -14.96 -8.78 -0.08
CA ASN A 24 -14.62 -8.93 -1.48
C ASN A 24 -13.81 -7.73 -1.98
N LYS A 25 -13.44 -6.85 -1.06
CA LYS A 25 -12.67 -5.65 -1.40
C LYS A 25 -11.45 -5.51 -0.49
N GLN A 26 -10.60 -4.53 -0.80
CA GLN A 26 -9.40 -4.29 -0.02
C GLN A 26 -9.31 -2.83 0.42
N MET A 27 -8.67 -2.58 1.55
CA MET A 27 -8.51 -1.23 2.07
C MET A 27 -7.44 -1.18 3.16
N LEU A 28 -6.65 -0.11 3.17
CA LEU A 28 -5.58 0.05 4.15
C LEU A 28 -5.94 1.10 5.20
N CYS A 29 -5.83 0.72 6.47
CA CYS A 29 -6.13 1.63 7.56
C CYS A 29 -4.86 2.05 8.30
N THR A 30 -4.78 3.32 8.68
CA THR A 30 -3.62 3.84 9.39
C THR A 30 -4.02 4.87 10.43
N CYS A 31 -3.22 4.98 11.49
CA CYS A 31 -3.49 5.93 12.55
C CYS A 31 -2.35 6.94 12.64
N LEU A 32 -2.63 8.17 12.23
CA LEU A 32 -1.64 9.24 12.24
C LEU A 32 -1.49 9.82 13.64
N GLY A 33 -2.21 10.90 13.92
CA GLY A 33 -2.13 11.52 15.22
C GLY A 33 -3.48 12.03 15.70
N ASN A 34 -4.19 12.72 14.82
CA ASN A 34 -5.50 13.27 15.15
C ASN A 34 -6.56 12.19 15.02
N GLY A 35 -6.25 11.15 14.26
CA GLY A 35 -7.20 10.06 14.06
C GLY A 35 -6.61 8.94 13.21
N VAL A 36 -7.49 8.15 12.60
CA VAL A 36 -7.06 7.05 11.77
C VAL A 36 -7.65 7.16 10.36
N SER A 37 -6.77 7.26 9.37
CA SER A 37 -7.20 7.38 7.98
C SER A 37 -6.87 6.12 7.19
N CYS A 38 -7.81 5.67 6.38
CA CYS A 38 -7.62 4.48 5.57
C CYS A 38 -7.81 4.77 4.09
N GLN A 39 -7.57 3.77 3.26
CA GLN A 39 -7.72 3.93 1.82
C GLN A 39 -8.60 2.81 1.25
N GLU A 40 -9.88 3.10 1.08
CA GLU A 40 -10.82 2.13 0.54
C GLU A 40 -10.40 1.69 -0.86
N THR A 41 -10.24 0.39 -1.05
CA THR A 41 -9.85 -0.17 -2.34
C THR A 41 -8.34 -0.07 -2.56
N ALA A 42 -7.77 1.10 -2.27
CA ALA A 42 -6.35 1.32 -2.44
C ALA A 42 -5.94 1.21 -3.91
N VAL A 43 -5.57 -0.01 -4.32
CA VAL A 43 -5.16 -0.25 -5.70
C VAL A 43 -4.29 0.88 -6.23
N THR A 44 -4.07 0.88 -7.54
CA THR A 44 -3.25 1.91 -8.17
C THR A 44 -3.59 2.05 -9.65
N GLN A 45 -2.79 2.83 -10.37
CA GLN A 45 -3.01 3.05 -11.80
C GLN A 45 -1.73 2.79 -12.59
N THR A 46 -0.63 3.38 -12.16
CA THR A 46 0.65 3.21 -12.82
C THR A 46 0.65 3.83 -14.21
N TYR A 47 1.85 4.01 -14.76
CA TYR A 47 1.99 4.59 -16.09
C TYR A 47 3.45 4.63 -16.54
N GLY A 48 3.77 3.89 -17.59
CA GLY A 48 5.12 3.86 -18.10
C GLY A 48 6.06 3.03 -17.23
N GLY A 49 6.98 3.70 -16.56
CA GLY A 49 7.93 2.99 -15.71
C GLY A 49 8.88 2.12 -16.51
N ASN A 50 9.56 1.21 -15.83
CA ASN A 50 10.51 0.32 -16.49
C ASN A 50 9.77 -0.83 -17.16
N SER A 51 8.50 -1.00 -16.80
CA SER A 51 7.68 -2.06 -17.35
C SER A 51 6.74 -1.51 -18.43
N ASN A 52 5.61 -0.96 -17.99
CA ASN A 52 4.62 -0.40 -18.91
C ASN A 52 3.38 0.06 -18.14
N GLY A 53 3.05 -0.67 -17.08
CA GLY A 53 1.89 -0.32 -16.27
C GLY A 53 1.22 -1.54 -15.69
N GLU A 54 2.02 -2.50 -15.25
CA GLU A 54 1.50 -3.73 -14.67
C GLU A 54 0.79 -3.45 -13.34
N PRO A 55 -0.15 -4.33 -12.97
CA PRO A 55 -0.91 -4.18 -11.73
C PRO A 55 -0.05 -4.43 -10.51
N CYS A 56 0.30 -3.35 -9.80
CA CYS A 56 1.13 -3.45 -8.61
C CYS A 56 0.80 -4.71 -7.81
N VAL A 57 1.78 -5.22 -7.09
CA VAL A 57 1.59 -6.42 -6.28
C VAL A 57 1.75 -6.11 -4.79
N LEU A 58 0.90 -5.22 -4.30
CA LEU A 58 0.93 -4.83 -2.89
C LEU A 58 -0.16 -5.54 -2.11
N PRO A 59 -0.01 -5.65 -0.78
CA PRO A 59 1.16 -5.11 -0.07
C PRO A 59 2.40 -5.97 -0.26
N PHE A 60 3.52 -5.33 -0.55
CA PHE A 60 4.79 -6.03 -0.75
C PHE A 60 5.78 -5.65 0.34
N THR A 61 7.02 -6.10 0.19
CA THR A 61 8.06 -5.80 1.16
C THR A 61 9.30 -5.23 0.49
N TYR A 62 9.79 -4.12 1.01
CA TYR A 62 10.98 -3.47 0.46
C TYR A 62 11.84 -2.86 1.57
N ASN A 63 13.13 -3.17 1.55
CA ASN A 63 14.06 -2.66 2.55
C ASN A 63 13.73 -3.21 3.92
N GLY A 64 12.84 -4.20 3.98
CA GLY A 64 12.46 -4.79 5.23
C GLY A 64 11.09 -4.33 5.71
N ARG A 65 10.55 -3.32 5.05
CA ARG A 65 9.24 -2.79 5.41
C ARG A 65 8.18 -3.30 4.44
N THR A 66 6.99 -2.72 4.48
CA THR A 66 5.91 -3.13 3.61
C THR A 66 5.04 -1.96 3.18
N PHE A 67 4.55 -2.01 1.95
CA PHE A 67 3.70 -0.97 1.41
C PHE A 67 2.51 -1.56 0.67
N TYR A 68 1.32 -1.06 0.96
CA TYR A 68 0.11 -1.54 0.29
C TYR A 68 -0.16 -0.74 -0.97
N SER A 69 0.92 -0.43 -1.69
CA SER A 69 0.84 0.33 -2.93
C SER A 69 2.23 0.82 -3.35
N CYS A 70 2.26 1.82 -4.21
CA CYS A 70 3.54 2.36 -4.67
C CYS A 70 4.25 3.09 -3.55
N THR A 71 5.39 3.71 -3.86
CA THR A 71 6.17 4.42 -2.88
C THR A 71 7.43 5.02 -3.50
N THR A 72 7.77 6.23 -3.08
CA THR A 72 8.95 6.90 -3.60
C THR A 72 10.11 6.80 -2.60
N GLU A 73 10.34 5.59 -2.09
CA GLU A 73 11.40 5.36 -1.12
C GLU A 73 12.64 4.76 -1.79
N GLY A 74 12.66 4.79 -3.12
CA GLY A 74 13.79 4.25 -3.84
C GLY A 74 14.32 5.18 -4.92
N ARG A 75 13.92 6.45 -4.86
CA ARG A 75 14.37 7.44 -5.83
C ARG A 75 14.32 8.83 -5.25
N GLN A 76 15.18 9.71 -5.77
CA GLN A 76 15.24 11.10 -5.30
C GLN A 76 14.56 12.03 -6.29
N ASP A 77 13.59 11.50 -7.04
CA ASP A 77 12.86 12.29 -8.01
C ASP A 77 11.44 12.58 -7.52
N GLY A 78 10.75 11.53 -7.11
CA GLY A 78 9.39 11.70 -6.62
C GLY A 78 8.38 10.92 -7.46
N HIS A 79 8.74 9.71 -7.84
CA HIS A 79 7.86 8.87 -8.65
C HIS A 79 7.38 7.66 -7.84
N LEU A 80 6.07 7.57 -7.66
CA LEU A 80 5.47 6.45 -6.92
C LEU A 80 5.70 5.14 -7.66
N TRP A 81 6.50 4.26 -7.08
CA TRP A 81 6.78 2.97 -7.71
C TRP A 81 6.29 1.81 -6.83
N CYS A 82 6.01 0.68 -7.47
CA CYS A 82 5.54 -0.51 -6.77
C CYS A 82 6.24 -1.75 -7.31
N SER A 83 5.62 -2.91 -7.12
CA SER A 83 6.20 -4.17 -7.61
C SER A 83 5.18 -4.95 -8.43
N THR A 84 5.61 -5.46 -9.58
CA THR A 84 4.72 -6.20 -10.46
C THR A 84 4.53 -7.64 -9.98
N THR A 85 5.38 -8.09 -9.08
CA THR A 85 5.29 -9.45 -8.56
C THR A 85 5.68 -9.52 -7.09
N SER A 86 5.29 -10.61 -6.43
CA SER A 86 5.60 -10.80 -5.02
C SER A 86 7.09 -10.69 -4.76
N ASN A 87 7.88 -11.45 -5.52
CA ASN A 87 9.32 -11.44 -5.37
C ASN A 87 9.96 -10.28 -6.11
N TYR A 88 9.94 -9.10 -5.49
CA TYR A 88 10.52 -7.91 -6.10
C TYR A 88 12.02 -7.89 -5.88
N GLU A 89 12.46 -8.39 -4.73
CA GLU A 89 13.88 -8.44 -4.41
C GLU A 89 14.61 -9.43 -5.31
N GLN A 90 13.84 -10.19 -6.09
CA GLN A 90 14.42 -11.16 -7.01
C GLN A 90 14.26 -10.71 -8.46
N ASP A 91 13.05 -10.33 -8.83
CA ASP A 91 12.76 -9.87 -10.18
C ASP A 91 13.19 -8.42 -10.36
N GLN A 92 12.78 -7.57 -9.42
CA GLN A 92 13.11 -6.15 -9.47
C GLN A 92 12.12 -5.36 -10.32
N LYS A 93 11.52 -6.03 -11.31
CA LYS A 93 10.56 -5.37 -12.19
C LYS A 93 9.52 -4.62 -11.36
N TYR A 94 9.59 -3.29 -11.42
CA TYR A 94 8.68 -2.44 -10.67
C TYR A 94 7.76 -1.65 -11.59
N SER A 95 6.77 -0.99 -10.98
CA SER A 95 5.82 -0.19 -11.73
C SER A 95 5.60 1.14 -11.02
N PHE A 96 5.06 2.13 -11.74
CA PHE A 96 4.84 3.44 -11.16
C PHE A 96 3.38 3.62 -10.74
N CYS A 97 3.05 4.81 -10.26
CA CYS A 97 1.69 5.13 -9.82
C CYS A 97 1.47 6.64 -9.83
N THR A 98 0.44 7.06 -10.55
CA THR A 98 0.11 8.48 -10.65
C THR A 98 -0.18 9.08 -9.28
N ASP A 99 -0.15 10.40 -9.20
CA ASP A 99 -0.40 11.11 -7.95
C ASP A 99 -1.75 10.70 -7.36
N HIS A 100 -2.68 10.33 -8.24
CA HIS A 100 -4.02 9.93 -7.81
C HIS A 100 -3.97 9.17 -6.49
N THR A 101 -2.89 8.43 -6.27
CA THR A 101 -2.71 7.67 -5.04
C THR A 101 -3.09 8.50 -3.81
N TYR A 1 -0.22 8.75 23.71
CA TYR A 1 0.39 8.04 22.55
C TYR A 1 0.96 6.69 22.96
N GLY A 2 1.10 5.79 21.98
CA GLY A 2 1.64 4.47 22.26
C GLY A 2 1.16 3.44 21.26
N HIS A 3 0.07 2.75 21.60
CA HIS A 3 -0.49 1.74 20.72
C HIS A 3 -1.71 2.27 19.99
N CYS A 4 -1.99 1.73 18.81
CA CYS A 4 -3.13 2.17 18.02
C CYS A 4 -4.26 1.15 18.07
N VAL A 5 -5.44 1.60 18.49
CA VAL A 5 -6.60 0.72 18.58
C VAL A 5 -7.78 1.30 17.82
N THR A 6 -7.86 0.99 16.53
CA THR A 6 -8.96 1.48 15.69
C THR A 6 -10.27 1.50 16.45
N ASP A 7 -10.41 0.59 17.40
CA ASP A 7 -11.64 0.50 18.20
C ASP A 7 -11.40 -0.33 19.47
N SER A 8 -11.64 -1.63 19.36
CA SER A 8 -11.47 -2.53 20.49
C SER A 8 -11.35 -3.98 20.03
N GLY A 9 -10.30 -4.28 19.28
CA GLY A 9 -10.10 -5.63 18.79
C GLY A 9 -8.66 -5.87 18.33
N VAL A 10 -8.09 -4.87 17.68
CA VAL A 10 -6.72 -4.98 17.18
C VAL A 10 -5.84 -3.89 17.77
N VAL A 11 -5.28 -4.16 18.95
CA VAL A 11 -4.41 -3.20 19.62
C VAL A 11 -3.09 -3.03 18.88
N TYR A 12 -3.12 -2.24 17.81
CA TYR A 12 -1.92 -2.00 17.01
C TYR A 12 -0.88 -1.25 17.83
N SER A 13 0.21 -0.88 17.17
CA SER A 13 1.29 -0.15 17.82
C SER A 13 1.66 1.10 17.05
N VAL A 14 2.16 2.11 17.76
CA VAL A 14 2.55 3.37 17.14
C VAL A 14 3.42 3.15 15.90
N GLY A 15 2.77 2.93 14.75
CA GLY A 15 3.49 2.73 13.52
C GLY A 15 3.59 1.27 13.11
N MET A 16 2.52 0.52 13.35
CA MET A 16 2.49 -0.89 12.98
C MET A 16 1.83 -1.08 11.62
N GLN A 17 1.04 -0.08 11.22
CA GLN A 17 0.34 -0.12 9.95
C GLN A 17 -0.53 -1.36 9.83
N TRP A 18 -1.62 -1.25 9.09
CA TRP A 18 -2.53 -2.37 8.89
C TRP A 18 -3.57 -2.05 7.84
N LEU A 19 -4.41 -3.04 7.54
CA LEU A 19 -5.47 -2.88 6.55
C LEU A 19 -6.78 -3.38 7.09
N LYS A 20 -7.86 -2.71 6.71
CA LYS A 20 -9.19 -3.10 7.18
C LYS A 20 -10.20 -3.06 6.04
N THR A 21 -11.20 -3.94 6.12
CA THR A 21 -12.25 -4.03 5.11
C THR A 21 -13.61 -3.76 5.71
N GLN A 22 -14.66 -4.06 4.94
CA GLN A 22 -16.04 -3.86 5.41
C GLN A 22 -16.94 -5.00 4.95
N GLY A 23 -16.75 -5.42 3.70
CA GLY A 23 -17.55 -6.49 3.15
C GLY A 23 -17.28 -6.73 1.68
N ASN A 24 -17.18 -5.64 0.92
CA ASN A 24 -16.92 -5.73 -0.51
C ASN A 24 -15.98 -4.61 -0.97
N LYS A 25 -15.42 -3.89 -0.01
CA LYS A 25 -14.51 -2.80 -0.30
C LYS A 25 -13.13 -3.04 0.32
N GLN A 26 -12.34 -1.97 0.44
CA GLN A 26 -11.02 -2.07 1.01
C GLN A 26 -10.56 -0.72 1.56
N MET A 27 -9.85 -0.75 2.69
CA MET A 27 -9.36 0.48 3.31
C MET A 27 -8.16 0.20 4.20
N LEU A 28 -7.01 0.78 3.83
CA LEU A 28 -5.79 0.59 4.60
C LEU A 28 -5.70 1.63 5.72
N CYS A 29 -5.64 1.15 6.96
CA CYS A 29 -5.56 2.04 8.11
C CYS A 29 -4.15 2.07 8.69
N THR A 30 -3.78 3.22 9.25
CA THR A 30 -2.45 3.39 9.84
C THR A 30 -2.51 4.31 11.06
N CYS A 31 -1.57 4.14 11.98
CA CYS A 31 -1.51 4.97 13.17
C CYS A 31 -0.25 5.81 13.16
N LEU A 32 -0.41 7.11 12.94
CA LEU A 32 0.72 8.03 12.91
C LEU A 32 1.18 8.38 14.33
N GLY A 33 0.61 9.45 14.87
CA GLY A 33 0.98 9.87 16.22
C GLY A 33 -0.18 10.48 16.98
N ASN A 34 -0.93 11.34 16.31
CA ASN A 34 -2.08 12.00 16.93
C ASN A 34 -3.35 11.19 16.72
N GLY A 35 -3.33 10.29 15.74
CA GLY A 35 -4.49 9.48 15.46
C GLY A 35 -4.20 8.38 14.45
N VAL A 36 -5.26 7.78 13.91
CA VAL A 36 -5.13 6.72 12.93
C VAL A 36 -5.74 7.13 11.59
N SER A 37 -4.92 7.19 10.55
CA SER A 37 -5.39 7.55 9.23
C SER A 37 -5.47 6.31 8.33
N CYS A 38 -6.30 6.38 7.30
CA CYS A 38 -6.45 5.26 6.39
C CYS A 38 -6.73 5.73 4.97
N GLN A 39 -6.66 4.81 4.02
CA GLN A 39 -6.90 5.13 2.62
C GLN A 39 -8.12 4.38 2.09
N GLU A 40 -9.12 5.14 1.64
CA GLU A 40 -10.34 4.56 1.11
C GLU A 40 -10.07 3.72 -0.13
N THR A 41 -10.51 2.46 -0.09
CA THR A 41 -10.33 1.56 -1.22
C THR A 41 -8.88 1.08 -1.32
N ALA A 42 -7.95 2.03 -1.35
CA ALA A 42 -6.53 1.70 -1.44
C ALA A 42 -6.21 1.09 -2.81
N VAL A 43 -5.71 1.93 -3.71
CA VAL A 43 -5.36 1.47 -5.05
C VAL A 43 -4.75 2.61 -5.87
N THR A 44 -5.57 3.59 -6.23
CA THR A 44 -5.12 4.73 -7.02
C THR A 44 -4.60 4.29 -8.38
N GLN A 45 -3.94 5.19 -9.08
CA GLN A 45 -3.39 4.91 -10.40
C GLN A 45 -1.87 5.00 -10.39
N THR A 46 -1.26 4.87 -11.56
CA THR A 46 0.18 4.94 -11.69
C THR A 46 0.59 5.53 -13.03
N TYR A 47 1.37 6.62 -12.98
CA TYR A 47 1.82 7.28 -14.20
C TYR A 47 3.31 7.62 -14.11
N GLY A 48 3.91 7.94 -15.25
CA GLY A 48 5.31 8.29 -15.28
C GLY A 48 6.15 7.45 -14.34
N GLY A 49 7.07 8.10 -13.64
CA GLY A 49 7.93 7.40 -12.71
C GLY A 49 9.09 6.71 -13.40
N ASN A 50 9.20 5.41 -13.21
CA ASN A 50 10.27 4.64 -13.83
C ASN A 50 9.70 3.55 -14.74
N SER A 51 8.39 3.32 -14.63
CA SER A 51 7.73 2.31 -15.45
C SER A 51 6.52 2.90 -16.17
N ASN A 52 6.50 4.21 -16.32
CA ASN A 52 5.41 4.89 -16.99
C ASN A 52 4.08 4.61 -16.29
N GLY A 53 4.16 4.16 -15.05
CA GLY A 53 2.96 3.85 -14.29
C GLY A 53 2.38 2.50 -14.64
N GLU A 54 2.95 1.43 -14.08
CA GLU A 54 2.47 0.08 -14.36
C GLU A 54 1.93 -0.56 -13.09
N PRO A 55 1.31 -1.75 -13.22
CA PRO A 55 0.74 -2.47 -12.08
C PRO A 55 1.75 -2.68 -10.95
N CYS A 56 1.56 -1.93 -9.86
CA CYS A 56 2.45 -2.02 -8.71
C CYS A 56 2.61 -3.47 -8.26
N VAL A 57 3.59 -3.71 -7.40
CA VAL A 57 3.85 -5.06 -6.90
C VAL A 57 3.86 -5.09 -5.37
N LEU A 58 2.70 -4.87 -4.77
CA LEU A 58 2.58 -4.89 -3.31
C LEU A 58 1.64 -6.00 -2.87
N PRO A 59 1.57 -6.28 -1.55
CA PRO A 59 2.34 -5.56 -0.55
C PRO A 59 3.85 -5.75 -0.71
N PHE A 60 4.59 -4.65 -0.82
CA PHE A 60 6.03 -4.72 -0.96
C PHE A 60 6.71 -4.27 0.34
N THR A 61 8.04 -4.31 0.37
CA THR A 61 8.78 -3.91 1.56
C THR A 61 9.73 -2.77 1.25
N TYR A 62 9.56 -1.66 1.96
CA TYR A 62 10.41 -0.50 1.77
C TYR A 62 10.69 0.21 3.10
N ASN A 63 11.94 0.55 3.33
CA ASN A 63 12.33 1.24 4.56
C ASN A 63 12.27 0.29 5.75
N GLY A 64 11.97 -0.98 5.49
CA GLY A 64 11.89 -1.96 6.54
C GLY A 64 10.47 -2.36 6.87
N ARG A 65 9.51 -1.63 6.29
CA ARG A 65 8.10 -1.91 6.52
C ARG A 65 7.43 -2.45 5.26
N THR A 66 6.11 -2.40 5.23
CA THR A 66 5.34 -2.88 4.07
C THR A 66 4.25 -1.90 3.70
N PHE A 67 3.82 -1.94 2.44
CA PHE A 67 2.77 -1.06 1.97
C PHE A 67 1.88 -1.75 0.94
N TYR A 68 0.58 -1.49 1.01
CA TYR A 68 -0.38 -2.09 0.10
C TYR A 68 -0.77 -1.12 -1.01
N SER A 69 -0.01 -0.02 -1.13
CA SER A 69 -0.28 0.98 -2.15
C SER A 69 0.86 1.98 -2.25
N CYS A 70 0.71 2.95 -3.14
CA CYS A 70 1.72 3.97 -3.35
C CYS A 70 2.07 4.67 -2.04
N THR A 71 3.20 5.37 -2.04
CA THR A 71 3.65 6.08 -0.85
C THR A 71 4.71 7.13 -1.19
N THR A 72 5.11 7.90 -0.20
CA THR A 72 6.12 8.94 -0.41
C THR A 72 7.23 8.85 0.65
N GLU A 73 7.54 7.62 1.04
CA GLU A 73 8.58 7.39 2.04
C GLU A 73 9.97 7.42 1.42
N GLY A 74 10.03 7.81 0.15
CA GLY A 74 11.31 7.87 -0.54
C GLY A 74 11.58 9.22 -1.16
N ARG A 75 10.76 10.22 -0.81
CA ARG A 75 10.92 11.56 -1.35
C ARG A 75 10.66 12.62 -0.27
N GLN A 76 10.76 13.89 -0.66
CA GLN A 76 10.53 14.98 0.26
C GLN A 76 9.60 16.03 -0.34
N ASP A 77 9.07 15.72 -1.53
CA ASP A 77 8.17 16.63 -2.23
C ASP A 77 6.71 16.28 -1.94
N GLY A 78 6.31 15.09 -2.35
CA GLY A 78 4.95 14.64 -2.12
C GLY A 78 4.39 13.84 -3.29
N HIS A 79 5.25 13.05 -3.92
CA HIS A 79 4.84 12.23 -5.04
C HIS A 79 4.70 10.76 -4.63
N LEU A 80 3.48 10.24 -4.73
CA LEU A 80 3.22 8.85 -4.37
C LEU A 80 3.80 7.90 -5.42
N TRP A 81 4.53 6.90 -4.97
CA TRP A 81 5.14 5.93 -5.87
C TRP A 81 4.95 4.51 -5.36
N CYS A 82 4.92 3.56 -6.28
CA CYS A 82 4.77 2.15 -5.94
C CYS A 82 5.77 1.29 -6.70
N SER A 83 6.06 0.10 -6.17
CA SER A 83 7.00 -0.81 -6.81
C SER A 83 6.36 -1.55 -7.97
N THR A 84 7.11 -1.73 -9.05
CA THR A 84 6.61 -2.42 -10.23
C THR A 84 6.89 -3.92 -10.13
N THR A 85 8.01 -4.27 -9.51
CA THR A 85 8.40 -5.66 -9.35
C THR A 85 8.65 -5.99 -7.88
N SER A 86 8.61 -7.27 -7.55
CA SER A 86 8.83 -7.71 -6.17
C SER A 86 10.12 -7.13 -5.61
N ASN A 87 11.22 -7.35 -6.31
CA ASN A 87 12.52 -6.85 -5.88
C ASN A 87 12.78 -5.44 -6.42
N TYR A 88 12.23 -4.44 -5.75
CA TYR A 88 12.42 -3.06 -6.18
C TYR A 88 13.79 -2.56 -5.76
N GLU A 89 14.28 -3.08 -4.63
CA GLU A 89 15.59 -2.69 -4.12
C GLU A 89 16.71 -3.28 -4.99
N GLN A 90 16.32 -4.18 -5.89
CA GLN A 90 17.29 -4.81 -6.79
C GLN A 90 17.23 -4.18 -8.17
N ASP A 91 16.02 -4.02 -8.69
CA ASP A 91 15.82 -3.42 -10.00
C ASP A 91 15.79 -1.90 -9.90
N GLN A 92 15.01 -1.38 -8.95
CA GLN A 92 14.90 0.05 -8.73
C GLN A 92 13.93 0.70 -9.71
N LYS A 93 12.82 0.03 -9.98
CA LYS A 93 11.81 0.56 -10.89
C LYS A 93 10.47 0.70 -10.18
N TYR A 94 9.95 1.93 -10.12
CA TYR A 94 8.69 2.19 -9.46
C TYR A 94 7.78 3.06 -10.33
N SER A 95 6.54 3.24 -9.87
CA SER A 95 5.57 4.04 -10.59
C SER A 95 4.92 5.05 -9.64
N PHE A 96 4.65 6.25 -10.15
CA PHE A 96 4.03 7.30 -9.35
C PHE A 96 2.57 7.02 -9.08
N CYS A 97 1.90 7.95 -8.40
CA CYS A 97 0.50 7.81 -8.07
C CYS A 97 -0.21 9.17 -8.09
N THR A 98 -1.47 9.16 -8.51
CA THR A 98 -2.26 10.39 -8.58
C THR A 98 -2.57 10.91 -7.18
N ASP A 99 -2.80 10.00 -6.25
CA ASP A 99 -3.11 10.37 -4.87
C ASP A 99 -4.59 10.75 -4.73
N HIS A 100 -5.00 11.80 -5.44
CA HIS A 100 -6.38 12.26 -5.38
C HIS A 100 -7.34 11.08 -5.33
N THR A 101 -7.58 10.47 -6.48
CA THR A 101 -8.49 9.33 -6.57
C THR A 101 -9.77 9.60 -5.79
N TYR A 1 -3.59 12.67 23.31
CA TYR A 1 -4.17 11.43 22.74
C TYR A 1 -3.30 10.89 21.60
N GLY A 2 -3.42 9.59 21.35
CA GLY A 2 -2.64 8.97 20.30
C GLY A 2 -2.84 7.47 20.24
N HIS A 3 -4.06 7.03 20.49
CA HIS A 3 -4.38 5.61 20.49
C HIS A 3 -5.46 5.30 19.45
N CYS A 4 -5.27 4.22 18.71
CA CYS A 4 -6.24 3.82 17.70
C CYS A 4 -6.75 2.41 17.94
N VAL A 5 -7.61 1.94 17.05
CA VAL A 5 -8.18 0.60 17.16
C VAL A 5 -8.73 0.14 15.81
N THR A 6 -9.70 -0.77 15.85
CA THR A 6 -10.31 -1.28 14.62
C THR A 6 -11.83 -1.26 14.70
N ASP A 7 -12.41 -2.38 15.12
CA ASP A 7 -13.86 -2.48 15.23
C ASP A 7 -14.32 -2.23 16.66
N SER A 8 -13.59 -2.81 17.62
CA SER A 8 -13.92 -2.64 19.03
C SER A 8 -13.32 -3.77 19.86
N GLY A 9 -11.99 -3.81 19.94
CA GLY A 9 -11.32 -4.84 20.69
C GLY A 9 -9.84 -4.59 20.82
N VAL A 10 -9.14 -4.50 19.70
CA VAL A 10 -7.71 -4.26 19.69
C VAL A 10 -7.42 -2.78 19.88
N VAL A 11 -6.36 -2.48 20.64
CA VAL A 11 -5.99 -1.10 20.91
C VAL A 11 -4.69 -0.73 20.19
N TYR A 12 -4.82 -0.12 19.02
CA TYR A 12 -3.67 0.30 18.24
C TYR A 12 -3.04 1.56 18.84
N SER A 13 -2.11 2.18 18.12
CA SER A 13 -1.45 3.37 18.59
C SER A 13 -1.21 4.37 17.46
N VAL A 14 -1.16 5.65 17.81
CA VAL A 14 -0.93 6.71 16.83
C VAL A 14 0.26 6.39 15.94
N GLY A 15 0.00 5.65 14.85
CA GLY A 15 1.04 5.29 13.93
C GLY A 15 1.15 3.79 13.73
N MET A 16 0.02 3.10 13.86
CA MET A 16 -0.01 1.66 13.70
C MET A 16 0.05 1.27 12.22
N GLN A 17 -0.60 2.07 11.38
CA GLN A 17 -0.62 1.81 9.95
C GLN A 17 -0.85 0.34 9.66
N TRP A 18 -2.09 -0.02 9.37
CA TRP A 18 -2.44 -1.40 9.08
C TRP A 18 -3.27 -1.50 7.80
N LEU A 19 -3.82 -2.69 7.55
CA LEU A 19 -4.63 -2.91 6.37
C LEU A 19 -5.78 -3.87 6.68
N LYS A 20 -7.00 -3.39 6.48
CA LYS A 20 -8.18 -4.19 6.75
C LYS A 20 -9.06 -4.29 5.51
N THR A 21 -10.32 -4.68 5.71
CA THR A 21 -11.26 -4.82 4.60
C THR A 21 -12.45 -3.89 4.78
N GLN A 22 -13.42 -3.99 3.87
CA GLN A 22 -14.61 -3.16 3.92
C GLN A 22 -15.86 -4.00 3.78
N GLY A 23 -15.71 -5.32 3.84
CA GLY A 23 -16.85 -6.21 3.72
C GLY A 23 -16.75 -7.13 2.52
N ASN A 24 -16.31 -6.59 1.40
CA ASN A 24 -16.18 -7.38 0.17
C ASN A 24 -14.92 -7.00 -0.61
N LYS A 25 -14.08 -6.18 0.00
CA LYS A 25 -12.84 -5.76 -0.65
C LYS A 25 -11.75 -5.48 0.37
N GLN A 26 -10.60 -5.00 -0.12
CA GLN A 26 -9.47 -4.68 0.75
C GLN A 26 -9.33 -3.18 0.94
N MET A 27 -8.86 -2.77 2.12
CA MET A 27 -8.69 -1.36 2.43
C MET A 27 -7.60 -1.16 3.47
N LEU A 28 -6.63 -0.30 3.16
CA LEU A 28 -5.54 -0.03 4.08
C LEU A 28 -5.96 1.02 5.11
N CYS A 29 -5.96 0.63 6.38
CA CYS A 29 -6.36 1.54 7.46
C CYS A 29 -5.15 2.03 8.25
N THR A 30 -5.19 3.30 8.62
CA THR A 30 -4.10 3.89 9.40
C THR A 30 -4.61 4.94 10.38
N CYS A 31 -4.02 4.98 11.56
CA CYS A 31 -4.41 5.94 12.58
C CYS A 31 -3.36 7.04 12.71
N LEU A 32 -3.69 8.22 12.22
CA LEU A 32 -2.78 9.36 12.27
C LEU A 32 -2.79 10.00 13.65
N GLY A 33 -3.61 11.04 13.83
CA GLY A 33 -3.68 11.72 15.11
C GLY A 33 -5.09 12.16 15.47
N ASN A 34 -5.79 12.71 14.49
CA ASN A 34 -7.15 13.17 14.71
C ASN A 34 -8.12 12.00 14.75
N GLY A 35 -7.77 10.93 14.05
CA GLY A 35 -8.62 9.75 14.01
C GLY A 35 -7.95 8.58 13.31
N VAL A 36 -8.68 7.94 12.42
CA VAL A 36 -8.16 6.80 11.67
C VAL A 36 -8.71 6.79 10.24
N SER A 37 -7.80 6.95 9.28
CA SER A 37 -8.18 6.97 7.87
C SER A 37 -7.69 5.70 7.16
N CYS A 38 -8.28 5.40 6.02
CA CYS A 38 -7.91 4.22 5.25
C CYS A 38 -8.02 4.47 3.76
N GLN A 39 -7.74 3.44 2.96
CA GLN A 39 -7.82 3.55 1.51
C GLN A 39 -8.66 2.41 0.92
N GLU A 40 -9.73 2.79 0.22
CA GLU A 40 -10.63 1.82 -0.41
C GLU A 40 -9.88 1.01 -1.47
N THR A 41 -9.20 -0.05 -1.03
CA THR A 41 -8.44 -0.92 -1.93
C THR A 41 -7.17 -0.23 -2.43
N ALA A 42 -6.98 1.03 -2.07
CA ALA A 42 -5.81 1.78 -2.49
C ALA A 42 -5.58 1.62 -3.99
N VAL A 43 -6.21 2.49 -4.76
CA VAL A 43 -6.08 2.45 -6.22
C VAL A 43 -4.63 2.56 -6.64
N THR A 44 -4.39 2.72 -7.94
CA THR A 44 -3.03 2.82 -8.47
C THR A 44 -3.04 3.05 -9.97
N GLN A 45 -2.39 4.12 -10.42
CA GLN A 45 -2.31 4.44 -11.84
C GLN A 45 -0.90 4.19 -12.37
N THR A 46 -0.57 2.93 -12.60
CA THR A 46 0.74 2.55 -13.10
C THR A 46 0.90 2.88 -14.58
N TYR A 47 2.02 3.49 -14.93
CA TYR A 47 2.30 3.86 -16.30
C TYR A 47 3.75 3.54 -16.67
N GLY A 48 3.96 3.07 -17.89
CA GLY A 48 5.30 2.73 -18.34
C GLY A 48 6.09 1.99 -17.27
N GLY A 49 7.36 2.37 -17.12
CA GLY A 49 8.20 1.73 -16.12
C GLY A 49 8.76 0.41 -16.61
N ASN A 50 8.53 -0.66 -15.85
CA ASN A 50 9.02 -1.98 -16.21
C ASN A 50 7.86 -2.92 -16.53
N SER A 51 6.65 -2.50 -16.18
CA SER A 51 5.46 -3.29 -16.43
C SER A 51 4.52 -2.59 -17.40
N ASN A 52 5.00 -1.49 -17.99
CA ASN A 52 4.20 -0.73 -18.94
C ASN A 52 2.85 -0.36 -18.35
N GLY A 53 2.76 -0.36 -17.02
CA GLY A 53 1.52 -0.01 -16.36
C GLY A 53 0.61 -1.23 -16.19
N GLU A 54 1.08 -2.21 -15.44
CA GLU A 54 0.29 -3.43 -15.21
C GLU A 54 -0.18 -3.50 -13.75
N PRO A 55 -1.16 -4.37 -13.47
CA PRO A 55 -1.70 -4.54 -12.13
C PRO A 55 -0.61 -4.80 -11.08
N CYS A 56 -0.64 -4.03 -10.01
CA CYS A 56 0.34 -4.17 -8.93
C CYS A 56 0.06 -5.41 -8.09
N VAL A 57 0.91 -5.65 -7.09
CA VAL A 57 0.75 -6.80 -6.22
C VAL A 57 1.10 -6.46 -4.77
N LEU A 58 0.37 -5.51 -4.20
CA LEU A 58 0.61 -5.09 -2.82
C LEU A 58 -0.49 -5.61 -1.89
N PRO A 59 -0.25 -5.58 -0.58
CA PRO A 59 1.01 -5.08 -0.01
C PRO A 59 2.17 -6.04 -0.24
N PHE A 60 3.29 -5.49 -0.68
CA PHE A 60 4.48 -6.30 -0.93
C PHE A 60 5.59 -5.93 0.05
N THR A 61 6.76 -6.54 -0.13
CA THR A 61 7.89 -6.28 0.75
C THR A 61 9.13 -5.90 -0.07
N TYR A 62 9.70 -4.74 0.26
CA TYR A 62 10.90 -4.26 -0.45
C TYR A 62 11.86 -3.58 0.51
N ASN A 63 13.13 -3.95 0.41
CA ASN A 63 14.16 -3.37 1.27
C ASN A 63 13.97 -3.80 2.73
N GLY A 64 13.03 -4.72 2.95
CA GLY A 64 12.78 -5.20 4.30
C GLY A 64 11.50 -4.65 4.89
N ARG A 65 10.91 -3.66 4.21
CA ARG A 65 9.67 -3.06 4.69
C ARG A 65 8.48 -3.55 3.87
N THR A 66 7.34 -2.89 4.03
CA THR A 66 6.14 -3.27 3.31
C THR A 66 5.35 -2.04 2.87
N PHE A 67 4.67 -2.16 1.73
CA PHE A 67 3.87 -1.07 1.19
C PHE A 67 2.60 -1.60 0.54
N TYR A 68 1.46 -1.05 0.94
CA TYR A 68 0.18 -1.46 0.37
C TYR A 68 -0.15 -0.63 -0.85
N SER A 69 0.85 0.10 -1.35
CA SER A 69 0.66 0.95 -2.54
C SER A 69 2.00 1.36 -3.13
N CYS A 70 1.97 2.26 -4.10
CA CYS A 70 3.18 2.73 -4.75
C CYS A 70 4.16 3.31 -3.73
N THR A 71 5.41 3.48 -4.13
CA THR A 71 6.44 4.01 -3.24
C THR A 71 7.72 4.35 -4.01
N THR A 72 8.55 5.20 -3.41
CA THR A 72 9.80 5.60 -4.02
C THR A 72 10.98 5.31 -3.11
N GLU A 73 11.19 4.04 -2.80
CA GLU A 73 12.28 3.64 -1.92
C GLU A 73 13.32 2.81 -2.66
N GLY A 74 13.22 2.77 -3.98
CA GLY A 74 14.15 2.00 -4.77
C GLY A 74 14.79 2.80 -5.89
N ARG A 75 14.61 4.12 -5.86
CA ARG A 75 15.18 4.99 -6.88
C ARG A 75 15.65 6.30 -6.27
N GLN A 76 16.51 7.01 -7.00
CA GLN A 76 17.05 8.29 -6.53
C GLN A 76 16.33 9.46 -7.20
N ASP A 77 15.31 9.15 -8.00
CA ASP A 77 14.54 10.19 -8.68
C ASP A 77 13.38 10.67 -7.83
N GLY A 78 12.47 9.75 -7.52
CA GLY A 78 11.32 10.09 -6.72
C GLY A 78 10.00 9.74 -7.39
N HIS A 79 10.05 8.81 -8.33
CA HIS A 79 8.85 8.38 -9.05
C HIS A 79 8.23 7.16 -8.38
N LEU A 80 6.99 7.32 -7.91
CA LEU A 80 6.29 6.23 -7.26
C LEU A 80 6.27 4.99 -8.14
N TRP A 81 6.49 3.83 -7.52
CA TRP A 81 6.49 2.57 -8.26
C TRP A 81 5.86 1.45 -7.44
N CYS A 82 5.11 0.59 -8.12
CA CYS A 82 4.44 -0.53 -7.46
C CYS A 82 4.96 -1.85 -8.01
N SER A 83 4.76 -2.93 -7.25
CA SER A 83 5.21 -4.26 -7.66
C SER A 83 4.10 -4.98 -8.42
N THR A 84 4.50 -5.83 -9.37
CA THR A 84 3.55 -6.59 -10.17
C THR A 84 3.54 -8.06 -9.74
N THR A 85 4.69 -8.54 -9.25
CA THR A 85 4.81 -9.92 -8.81
C THR A 85 5.04 -9.99 -7.30
N SER A 86 4.23 -10.78 -6.62
CA SER A 86 4.34 -10.93 -5.18
C SER A 86 5.80 -11.04 -4.76
N ASN A 87 6.61 -11.68 -5.61
CA ASN A 87 8.03 -11.85 -5.34
C ASN A 87 8.86 -10.97 -6.27
N TYR A 88 9.01 -9.70 -5.89
CA TYR A 88 9.78 -8.76 -6.68
C TYR A 88 11.28 -9.00 -6.50
N GLU A 89 11.64 -9.56 -5.35
CA GLU A 89 13.03 -9.84 -5.05
C GLU A 89 13.57 -10.96 -5.95
N GLN A 90 12.65 -11.65 -6.61
CA GLN A 90 13.02 -12.74 -7.51
C GLN A 90 12.77 -12.36 -8.97
N ASP A 91 11.60 -11.80 -9.22
CA ASP A 91 11.24 -11.39 -10.58
C ASP A 91 11.75 -9.98 -10.87
N GLN A 92 11.71 -9.12 -9.85
CA GLN A 92 12.16 -7.74 -9.99
C GLN A 92 11.29 -6.98 -10.97
N LYS A 93 9.98 -7.22 -10.91
CA LYS A 93 9.04 -6.54 -11.80
C LYS A 93 8.29 -5.45 -11.04
N TYR A 94 8.39 -4.21 -11.53
CA TYR A 94 7.72 -3.09 -10.90
C TYR A 94 7.14 -2.12 -11.92
N SER A 95 6.27 -1.24 -11.46
CA SER A 95 5.63 -0.25 -12.31
C SER A 95 5.77 1.14 -11.69
N PHE A 96 5.22 2.15 -12.37
CA PHE A 96 5.29 3.51 -11.86
C PHE A 96 3.95 3.95 -11.27
N CYS A 97 3.86 5.22 -10.89
CA CYS A 97 2.63 5.75 -10.30
C CYS A 97 2.62 7.28 -10.38
N THR A 98 1.54 7.83 -10.91
CA THR A 98 1.40 9.28 -11.04
C THR A 98 0.89 9.91 -9.74
N ASP A 99 0.90 9.13 -8.66
CA ASP A 99 0.44 9.62 -7.36
C ASP A 99 -1.07 9.85 -7.38
N HIS A 100 -1.51 10.77 -8.23
CA HIS A 100 -2.92 11.09 -8.35
C HIS A 100 -3.28 11.47 -9.79
N THR A 101 -2.77 12.60 -10.23
CA THR A 101 -3.02 13.09 -11.57
C THR A 101 -1.74 13.13 -12.40
N TYR A 1 8.83 -2.43 21.93
CA TYR A 1 7.86 -2.91 20.91
C TYR A 1 6.43 -2.49 21.27
N GLY A 2 6.19 -1.19 21.30
CA GLY A 2 4.87 -0.68 21.63
C GLY A 2 3.78 -1.29 20.77
N HIS A 3 2.68 -1.66 21.40
CA HIS A 3 1.55 -2.26 20.67
C HIS A 3 0.59 -1.18 20.20
N CYS A 4 0.00 -1.39 19.02
CA CYS A 4 -0.95 -0.43 18.46
C CYS A 4 -2.36 -1.00 18.46
N VAL A 5 -3.33 -0.17 18.81
CA VAL A 5 -4.73 -0.60 18.85
C VAL A 5 -5.62 0.33 18.04
N THR A 6 -6.20 -0.19 16.98
CA THR A 6 -7.07 0.60 16.11
C THR A 6 -7.93 1.56 16.94
N ASP A 7 -8.86 0.99 17.70
CA ASP A 7 -9.75 1.79 18.55
C ASP A 7 -10.88 0.93 19.12
N SER A 8 -11.23 -0.13 18.40
CA SER A 8 -12.30 -1.02 18.83
C SER A 8 -11.77 -2.04 19.84
N GLY A 9 -10.51 -2.42 19.68
CA GLY A 9 -9.91 -3.40 20.58
C GLY A 9 -8.78 -4.16 19.93
N VAL A 10 -8.77 -4.19 18.61
CA VAL A 10 -7.72 -4.90 17.86
C VAL A 10 -6.36 -4.70 18.52
N VAL A 11 -5.47 -5.67 18.35
CA VAL A 11 -4.14 -5.60 18.93
C VAL A 11 -3.06 -5.66 17.86
N TYR A 12 -2.38 -4.54 17.66
CA TYR A 12 -1.31 -4.46 16.66
C TYR A 12 0.04 -4.27 17.35
N SER A 13 1.07 -4.02 16.57
CA SER A 13 2.40 -3.81 17.11
C SER A 13 3.15 -2.73 16.33
N VAL A 14 3.74 -1.80 17.07
CA VAL A 14 4.49 -0.69 16.46
C VAL A 14 5.15 -1.11 15.15
N GLY A 15 4.40 -0.98 14.05
CA GLY A 15 4.94 -1.34 12.76
C GLY A 15 4.31 -2.59 12.19
N MET A 16 3.03 -2.80 12.49
CA MET A 16 2.30 -3.97 12.00
C MET A 16 1.16 -3.56 11.09
N GLN A 17 1.48 -2.82 10.04
CA GLN A 17 0.48 -2.35 9.08
C GLN A 17 -0.64 -3.38 8.91
N TRP A 18 -1.83 -2.89 8.61
CA TRP A 18 -3.00 -3.76 8.41
C TRP A 18 -3.99 -3.13 7.45
N LEU A 19 -5.18 -3.71 7.37
CA LEU A 19 -6.23 -3.21 6.49
C LEU A 19 -7.52 -2.95 7.26
N LYS A 20 -7.81 -1.68 7.51
CA LYS A 20 -9.02 -1.31 8.23
C LYS A 20 -10.13 -0.92 7.28
N THR A 21 -11.22 -0.38 7.82
CA THR A 21 -12.35 0.05 7.01
C THR A 21 -13.09 1.22 7.65
N GLN A 22 -14.16 1.66 7.01
CA GLN A 22 -14.95 2.77 7.51
C GLN A 22 -16.42 2.38 7.65
N GLY A 23 -16.72 1.12 7.37
CA GLY A 23 -18.09 0.65 7.48
C GLY A 23 -18.79 0.62 6.13
N ASN A 24 -18.22 1.30 5.15
CA ASN A 24 -18.80 1.35 3.81
C ASN A 24 -18.07 0.41 2.87
N LYS A 25 -16.75 0.32 3.03
CA LYS A 25 -15.94 -0.55 2.19
C LYS A 25 -14.69 -1.03 2.93
N GLN A 26 -13.59 -0.29 2.79
CA GLN A 26 -12.35 -0.66 3.46
C GLN A 26 -11.40 0.52 3.54
N MET A 27 -10.21 0.30 4.09
CA MET A 27 -9.21 1.34 4.22
C MET A 27 -7.91 0.77 4.78
N LEU A 28 -6.79 1.33 4.36
CA LEU A 28 -5.48 0.88 4.82
C LEU A 28 -5.05 1.66 6.06
N CYS A 29 -4.59 0.95 7.08
CA CYS A 29 -4.16 1.60 8.31
C CYS A 29 -2.80 1.08 8.77
N THR A 30 -2.11 1.90 9.54
CA THR A 30 -0.79 1.54 10.06
C THR A 30 -0.49 2.26 11.36
N CYS A 31 0.35 1.64 12.19
CA CYS A 31 0.72 2.23 13.47
C CYS A 31 2.22 2.52 13.49
N LEU A 32 2.56 3.80 13.37
CA LEU A 32 3.97 4.23 13.37
C LEU A 32 4.53 4.28 14.79
N GLY A 33 4.52 5.46 15.38
CA GLY A 33 5.03 5.61 16.73
C GLY A 33 4.21 6.58 17.56
N ASN A 34 3.84 7.70 16.97
CA ASN A 34 3.04 8.70 17.67
C ASN A 34 1.58 8.26 17.74
N GLY A 35 1.17 7.42 16.80
CA GLY A 35 -0.19 6.94 16.78
C GLY A 35 -0.43 5.92 15.69
N VAL A 36 -1.57 6.02 15.02
CA VAL A 36 -1.93 5.10 13.94
C VAL A 36 -2.62 5.85 12.81
N SER A 37 -2.04 5.77 11.61
CA SER A 37 -2.60 6.44 10.45
C SER A 37 -3.19 5.43 9.46
N CYS A 38 -4.20 5.86 8.71
CA CYS A 38 -4.85 4.99 7.73
C CYS A 38 -5.41 5.80 6.57
N GLN A 39 -5.34 5.24 5.37
CA GLN A 39 -5.85 5.90 4.18
C GLN A 39 -6.69 4.94 3.34
N GLU A 40 -7.54 5.51 2.49
CA GLU A 40 -8.41 4.71 1.63
C GLU A 40 -7.70 3.44 1.18
N THR A 41 -8.45 2.34 1.13
CA THR A 41 -7.89 1.06 0.70
C THR A 41 -7.05 1.21 -0.56
N ALA A 42 -7.36 2.25 -1.34
CA ALA A 42 -6.63 2.52 -2.58
C ALA A 42 -7.04 1.55 -3.69
N VAL A 43 -6.43 0.37 -3.68
CA VAL A 43 -6.73 -0.65 -4.69
C VAL A 43 -6.88 -0.03 -6.08
N THR A 44 -8.12 0.12 -6.54
CA THR A 44 -8.39 0.70 -7.86
C THR A 44 -7.84 -0.19 -8.98
N GLN A 45 -7.86 0.34 -10.20
CA GLN A 45 -7.37 -0.40 -11.35
C GLN A 45 -5.97 0.05 -11.74
N THR A 46 -5.50 -0.38 -12.91
CA THR A 46 -4.18 -0.01 -13.40
C THR A 46 -4.20 0.28 -14.89
N TYR A 47 -3.50 1.33 -15.29
CA TYR A 47 -3.42 1.72 -16.69
C TYR A 47 -2.11 2.42 -17.01
N GLY A 48 -1.82 2.58 -18.29
CA GLY A 48 -0.58 3.24 -18.69
C GLY A 48 0.60 2.81 -17.85
N GLY A 49 1.49 3.75 -17.56
CA GLY A 49 2.66 3.45 -16.76
C GLY A 49 3.71 2.67 -17.54
N ASN A 50 4.24 1.62 -16.93
CA ASN A 50 5.26 0.80 -17.57
C ASN A 50 4.75 -0.62 -17.78
N SER A 51 3.65 -0.95 -17.11
CA SER A 51 3.06 -2.28 -17.23
C SER A 51 1.90 -2.28 -18.22
N ASN A 52 1.40 -1.10 -18.54
CA ASN A 52 0.30 -0.96 -19.48
C ASN A 52 -0.98 -1.58 -18.92
N GLY A 53 -1.10 -1.58 -17.59
CA GLY A 53 -2.27 -2.14 -16.95
C GLY A 53 -2.13 -3.62 -16.68
N GLU A 54 -1.21 -3.98 -15.78
CA GLU A 54 -0.99 -5.37 -15.43
C GLU A 54 -1.04 -5.57 -13.92
N PRO A 55 -1.14 -6.83 -13.47
CA PRO A 55 -1.18 -7.16 -12.05
C PRO A 55 0.01 -6.57 -11.30
N CYS A 56 -0.22 -6.12 -10.08
CA CYS A 56 0.85 -5.53 -9.28
C CYS A 56 1.52 -6.56 -8.38
N VAL A 57 2.51 -6.11 -7.61
CA VAL A 57 3.25 -7.00 -6.72
C VAL A 57 3.41 -6.42 -5.31
N LEU A 58 2.29 -6.17 -4.64
CA LEU A 58 2.34 -5.64 -3.28
C LEU A 58 2.02 -6.72 -2.26
N PRO A 59 2.33 -6.44 -0.98
CA PRO A 59 2.95 -5.19 -0.55
C PRO A 59 4.38 -5.06 -1.05
N PHE A 60 4.72 -3.88 -1.55
CA PHE A 60 6.06 -3.61 -2.05
C PHE A 60 6.78 -2.63 -1.14
N THR A 61 8.00 -2.26 -1.53
CA THR A 61 8.79 -1.31 -0.75
C THR A 61 9.23 -0.12 -1.59
N TYR A 62 8.94 1.08 -1.11
CA TYR A 62 9.31 2.29 -1.83
C TYR A 62 9.63 3.42 -0.87
N ASN A 63 10.75 4.10 -1.09
CA ASN A 63 11.16 5.19 -0.24
C ASN A 63 11.59 4.69 1.14
N GLY A 64 11.62 3.37 1.30
CA GLY A 64 12.01 2.79 2.57
C GLY A 64 10.84 2.23 3.35
N ARG A 65 9.63 2.42 2.82
CA ARG A 65 8.43 1.92 3.48
C ARG A 65 7.77 0.82 2.67
N THR A 66 6.48 0.60 2.89
CA THR A 66 5.74 -0.43 2.18
C THR A 66 4.31 0.02 1.89
N PHE A 67 3.77 -0.41 0.76
CA PHE A 67 2.42 -0.05 0.36
C PHE A 67 1.63 -1.27 -0.07
N TYR A 68 0.35 -1.31 0.30
CA TYR A 68 -0.52 -2.42 -0.06
C TYR A 68 -1.19 -2.19 -1.41
N SER A 69 -0.91 -1.04 -2.03
CA SER A 69 -1.48 -0.72 -3.32
C SER A 69 -0.79 0.49 -3.95
N CYS A 70 -1.44 1.09 -4.93
CA CYS A 70 -0.90 2.25 -5.63
C CYS A 70 -0.61 3.38 -4.65
N THR A 71 -0.02 4.46 -5.15
CA THR A 71 0.31 5.61 -4.33
C THR A 71 0.90 6.74 -5.17
N THR A 72 1.02 7.92 -4.58
CA THR A 72 1.57 9.07 -5.27
C THR A 72 2.74 9.68 -4.50
N GLU A 73 3.53 8.81 -3.87
CA GLU A 73 4.69 9.25 -3.10
C GLU A 73 5.93 9.35 -3.97
N GLY A 74 5.74 9.21 -5.28
CA GLY A 74 6.86 9.27 -6.20
C GLY A 74 6.73 10.41 -7.21
N ARG A 75 5.61 11.11 -7.19
CA ARG A 75 5.39 12.21 -8.11
C ARG A 75 4.61 13.35 -7.44
N GLN A 76 4.77 14.55 -7.97
CA GLN A 76 4.09 15.73 -7.42
C GLN A 76 2.91 16.13 -8.30
N ASP A 77 2.44 15.18 -9.12
CA ASP A 77 1.30 15.44 -10.00
C ASP A 77 0.00 14.97 -9.35
N GLY A 78 0.00 13.74 -8.89
CA GLY A 78 -1.18 13.19 -8.26
C GLY A 78 -1.69 11.92 -8.93
N HIS A 79 -0.80 11.22 -9.62
CA HIS A 79 -1.17 10.00 -10.31
C HIS A 79 -0.77 8.77 -9.48
N LEU A 80 -1.76 7.99 -9.09
CA LEU A 80 -1.53 6.78 -8.29
C LEU A 80 -0.77 5.75 -9.10
N TRP A 81 0.31 5.22 -8.52
CA TRP A 81 1.12 4.21 -9.19
C TRP A 81 1.46 3.06 -8.24
N CYS A 82 1.81 1.92 -8.81
CA CYS A 82 2.15 0.75 -8.02
C CYS A 82 3.28 -0.03 -8.70
N SER A 83 3.76 -1.11 -8.06
CA SER A 83 4.85 -1.90 -8.62
C SER A 83 4.45 -3.35 -8.89
N THR A 84 4.56 -3.76 -10.14
CA THR A 84 4.21 -5.13 -10.54
C THR A 84 5.38 -6.08 -10.34
N THR A 85 6.58 -5.52 -10.18
CA THR A 85 7.77 -6.32 -9.98
C THR A 85 8.40 -6.04 -8.62
N SER A 86 8.80 -7.09 -7.92
CA SER A 86 9.42 -6.94 -6.60
C SER A 86 10.50 -5.87 -6.64
N ASN A 87 11.36 -5.95 -7.66
CA ASN A 87 12.44 -4.98 -7.82
C ASN A 87 12.07 -3.93 -8.85
N TYR A 88 11.13 -3.06 -8.51
CA TYR A 88 10.70 -2.01 -9.42
C TYR A 88 11.77 -0.93 -9.53
N GLU A 89 12.57 -0.81 -8.48
CA GLU A 89 13.64 0.18 -8.44
C GLU A 89 14.69 -0.14 -9.49
N GLN A 90 14.62 -1.35 -10.05
CA GLN A 90 15.57 -1.78 -11.08
C GLN A 90 14.84 -2.16 -12.36
N ASP A 91 13.71 -2.84 -12.21
CA ASP A 91 12.91 -3.27 -13.36
C ASP A 91 12.22 -2.08 -14.02
N GLN A 92 11.65 -1.21 -13.19
CA GLN A 92 10.96 -0.03 -13.69
C GLN A 92 9.55 -0.39 -14.19
N LYS A 93 9.08 -1.56 -13.81
CA LYS A 93 7.75 -2.02 -14.21
C LYS A 93 6.70 -1.58 -13.20
N TYR A 94 6.01 -0.49 -13.51
CA TYR A 94 4.98 0.04 -12.63
C TYR A 94 3.68 0.32 -13.39
N SER A 95 2.61 0.52 -12.64
CA SER A 95 1.31 0.79 -13.24
C SER A 95 0.59 1.90 -12.47
N PHE A 96 -0.15 2.74 -13.18
CA PHE A 96 -0.89 3.84 -12.57
C PHE A 96 -2.15 3.33 -11.87
N CYS A 97 -2.95 4.25 -11.36
CA CYS A 97 -4.18 3.91 -10.66
C CYS A 97 -5.24 4.99 -10.86
N THR A 98 -6.37 4.61 -11.45
CA THR A 98 -7.46 5.56 -11.69
C THR A 98 -7.89 6.24 -10.40
N ASP A 99 -8.91 5.67 -9.74
CA ASP A 99 -9.42 6.22 -8.50
C ASP A 99 -10.31 7.43 -8.76
N HIS A 100 -9.78 8.41 -9.51
CA HIS A 100 -10.53 9.60 -9.83
C HIS A 100 -11.57 9.33 -10.91
N THR A 101 -12.33 10.36 -11.28
CA THR A 101 -13.36 10.23 -12.29
C THR A 101 -12.84 9.46 -13.51
N TYR A 1 -0.71 15.18 14.90
CA TYR A 1 0.59 14.74 15.48
C TYR A 1 0.37 13.89 16.73
N GLY A 2 1.08 12.76 16.80
CA GLY A 2 0.93 11.88 17.95
C GLY A 2 0.20 10.61 17.61
N HIS A 3 -0.67 10.17 18.52
CA HIS A 3 -1.44 8.95 18.33
C HIS A 3 -2.47 9.15 17.20
N CYS A 4 -2.74 8.08 16.47
CA CYS A 4 -3.71 8.13 15.37
C CYS A 4 -5.01 7.44 15.76
N VAL A 5 -6.11 8.17 15.65
CA VAL A 5 -7.43 7.64 15.98
C VAL A 5 -8.33 7.62 14.76
N THR A 6 -8.81 6.44 14.39
CA THR A 6 -9.68 6.30 13.23
C THR A 6 -11.08 6.83 13.53
N ASP A 7 -11.75 6.21 14.51
CA ASP A 7 -13.08 6.61 14.89
C ASP A 7 -13.17 6.91 16.39
N SER A 8 -13.08 5.86 17.19
CA SER A 8 -13.14 6.00 18.64
C SER A 8 -12.97 4.64 19.32
N GLY A 9 -11.93 3.91 18.93
CA GLY A 9 -11.69 2.61 19.52
C GLY A 9 -10.25 2.16 19.35
N VAL A 10 -9.70 2.40 18.16
CA VAL A 10 -8.32 2.02 17.87
C VAL A 10 -7.41 3.23 17.84
N VAL A 11 -6.80 3.54 18.98
CA VAL A 11 -5.90 4.68 19.07
C VAL A 11 -4.50 4.31 18.61
N TYR A 12 -4.31 4.28 17.30
CA TYR A 12 -3.02 3.94 16.71
C TYR A 12 -1.96 4.94 17.15
N SER A 13 -0.77 4.83 16.55
CA SER A 13 0.33 5.71 16.88
C SER A 13 1.02 6.19 15.61
N VAL A 14 1.27 7.50 15.53
CA VAL A 14 1.92 8.10 14.37
C VAL A 14 2.92 7.15 13.72
N GLY A 15 2.44 6.32 12.80
CA GLY A 15 3.30 5.37 12.13
C GLY A 15 2.91 3.93 12.40
N MET A 16 1.75 3.73 13.02
CA MET A 16 1.27 2.40 13.34
C MET A 16 0.16 1.99 12.37
N GLN A 17 0.43 2.11 11.08
CA GLN A 17 -0.55 1.76 10.06
C GLN A 17 -1.25 0.45 10.39
N TRP A 18 -2.27 0.11 9.60
CA TRP A 18 -3.03 -1.11 9.81
C TRP A 18 -3.69 -1.56 8.50
N LEU A 19 -4.72 -2.40 8.62
CA LEU A 19 -5.42 -2.90 7.44
C LEU A 19 -6.91 -3.05 7.71
N LYS A 20 -7.70 -3.11 6.66
CA LYS A 20 -9.15 -3.26 6.79
C LYS A 20 -9.74 -3.98 5.57
N THR A 21 -10.67 -4.89 5.81
CA THR A 21 -11.31 -5.64 4.74
C THR A 21 -12.82 -5.44 4.76
N GLN A 22 -13.42 -5.37 3.58
CA GLN A 22 -14.86 -5.19 3.46
C GLN A 22 -15.53 -6.45 2.92
N GLY A 23 -14.88 -7.59 3.13
CA GLY A 23 -15.43 -8.85 2.66
C GLY A 23 -14.96 -9.21 1.27
N ASN A 24 -15.44 -8.47 0.27
CA ASN A 24 -15.07 -8.72 -1.11
C ASN A 24 -14.13 -7.63 -1.62
N LYS A 25 -13.72 -6.73 -0.74
CA LYS A 25 -12.83 -5.64 -1.11
C LYS A 25 -11.76 -5.42 -0.04
N GLN A 26 -10.60 -4.95 -0.47
CA GLN A 26 -9.50 -4.70 0.45
C GLN A 26 -9.18 -3.21 0.54
N MET A 27 -8.60 -2.79 1.66
CA MET A 27 -8.25 -1.39 1.87
C MET A 27 -7.27 -1.26 3.03
N LEU A 28 -6.12 -0.67 2.77
CA LEU A 28 -5.10 -0.48 3.80
C LEU A 28 -5.11 0.96 4.31
N CYS A 29 -4.73 1.14 5.58
CA CYS A 29 -4.70 2.46 6.18
C CYS A 29 -3.39 2.70 6.91
N THR A 30 -2.96 3.95 6.92
CA THR A 30 -1.71 4.33 7.59
C THR A 30 -1.79 5.74 8.15
N CYS A 31 -1.37 5.91 9.40
CA CYS A 31 -1.38 7.23 10.02
C CYS A 31 0.02 7.83 10.00
N LEU A 32 0.22 8.79 9.11
CA LEU A 32 1.51 9.45 8.96
C LEU A 32 1.73 10.49 10.05
N GLY A 33 1.47 11.76 9.72
CA GLY A 33 1.66 12.83 10.69
C GLY A 33 0.55 13.85 10.64
N ASN A 34 0.08 14.15 9.44
CA ASN A 34 -1.00 15.12 9.26
C ASN A 34 -2.33 14.54 9.73
N GLY A 35 -2.46 13.23 9.61
CA GLY A 35 -3.69 12.57 10.05
C GLY A 35 -3.65 11.07 9.82
N VAL A 36 -4.51 10.58 8.95
CA VAL A 36 -4.59 9.16 8.64
C VAL A 36 -5.09 8.94 7.22
N SER A 37 -4.28 8.26 6.41
CA SER A 37 -4.64 7.98 5.03
C SER A 37 -4.69 6.48 4.76
N CYS A 38 -5.68 6.05 3.98
CA CYS A 38 -5.84 4.64 3.66
C CYS A 38 -6.19 4.45 2.19
N GLN A 39 -5.70 3.38 1.58
CA GLN A 39 -5.96 3.09 0.19
C GLN A 39 -7.01 2.00 0.04
N GLU A 40 -8.14 2.34 -0.57
CA GLU A 40 -9.23 1.38 -0.77
C GLU A 40 -9.04 0.63 -2.08
N THR A 41 -9.28 -0.68 -2.04
CA THR A 41 -9.15 -1.53 -3.22
C THR A 41 -7.68 -1.82 -3.56
N ALA A 42 -6.77 -1.13 -2.88
CA ALA A 42 -5.34 -1.31 -3.12
C ALA A 42 -4.96 -0.81 -4.50
N VAL A 43 -4.41 0.40 -4.56
CA VAL A 43 -4.00 1.00 -5.82
C VAL A 43 -2.68 1.75 -5.66
N THR A 44 -2.34 2.57 -6.65
CA THR A 44 -1.11 3.35 -6.62
C THR A 44 -1.12 4.42 -7.70
N GLN A 45 -0.57 5.59 -7.38
CA GLN A 45 -0.51 6.70 -8.32
C GLN A 45 0.91 7.21 -8.48
N THR A 46 1.72 6.47 -9.23
CA THR A 46 3.11 6.85 -9.46
C THR A 46 3.25 7.64 -10.76
N TYR A 47 4.28 8.46 -10.83
CA TYR A 47 4.52 9.28 -12.02
C TYR A 47 5.87 8.95 -12.65
N GLY A 48 6.86 8.66 -11.81
CA GLY A 48 8.19 8.33 -12.31
C GLY A 48 9.03 7.58 -11.29
N GLY A 49 9.84 8.32 -10.54
CA GLY A 49 10.69 7.70 -9.55
C GLY A 49 11.79 6.85 -10.16
N ASN A 50 11.87 5.59 -9.74
CA ASN A 50 12.89 4.69 -10.27
C ASN A 50 12.30 3.81 -11.37
N SER A 51 10.97 3.72 -11.40
CA SER A 51 10.29 2.91 -12.40
C SER A 51 9.83 3.77 -13.57
N ASN A 52 9.84 5.09 -13.38
CA ASN A 52 9.44 6.02 -14.41
C ASN A 52 7.93 5.92 -14.68
N GLY A 53 7.16 5.72 -13.61
CA GLY A 53 5.72 5.61 -13.76
C GLY A 53 5.28 4.22 -14.17
N GLU A 54 5.00 3.37 -13.18
CA GLU A 54 4.55 2.01 -13.44
C GLU A 54 3.81 1.45 -12.23
N PRO A 55 2.61 0.90 -12.44
CA PRO A 55 1.80 0.32 -11.38
C PRO A 55 2.62 -0.48 -10.39
N CYS A 56 2.93 0.13 -9.24
CA CYS A 56 3.72 -0.54 -8.21
C CYS A 56 3.12 -1.91 -7.88
N VAL A 57 3.94 -2.78 -7.29
CA VAL A 57 3.50 -4.12 -6.94
C VAL A 57 3.31 -4.30 -5.44
N LEU A 58 2.27 -3.68 -4.88
CA LEU A 58 1.99 -3.81 -3.46
C LEU A 58 0.79 -4.72 -3.21
N PRO A 59 0.64 -5.20 -1.96
CA PRO A 59 1.57 -4.86 -0.88
C PRO A 59 2.92 -5.52 -1.04
N PHE A 60 3.98 -4.77 -0.74
CA PHE A 60 5.34 -5.28 -0.85
C PHE A 60 5.98 -5.34 0.52
N THR A 61 7.19 -5.91 0.60
CA THR A 61 7.91 -6.01 1.86
C THR A 61 9.23 -5.27 1.81
N TYR A 62 9.38 -4.29 2.69
CA TYR A 62 10.61 -3.50 2.74
C TYR A 62 11.03 -3.26 4.19
N ASN A 63 12.31 -3.51 4.47
CA ASN A 63 12.84 -3.32 5.81
C ASN A 63 12.24 -4.33 6.78
N GLY A 64 11.50 -5.29 6.24
CA GLY A 64 10.88 -6.30 7.08
C GLY A 64 9.39 -6.08 7.28
N ARG A 65 8.91 -4.91 6.88
CA ARG A 65 7.51 -4.57 7.01
C ARG A 65 6.78 -4.73 5.68
N THR A 66 5.56 -4.21 5.59
CA THR A 66 4.78 -4.29 4.37
C THR A 66 4.07 -2.97 4.07
N PHE A 67 3.78 -2.75 2.80
CA PHE A 67 3.11 -1.52 2.39
C PHE A 67 2.09 -1.79 1.26
N TYR A 68 0.81 -1.72 1.60
CA TYR A 68 -0.25 -1.95 0.63
C TYR A 68 -0.27 -0.83 -0.42
N SER A 69 0.45 0.24 -0.14
CA SER A 69 0.52 1.38 -1.05
C SER A 69 1.86 2.09 -0.93
N CYS A 70 1.93 3.30 -1.47
CA CYS A 70 3.15 4.08 -1.43
C CYS A 70 3.55 4.39 0.02
N THR A 71 4.75 4.94 0.20
CA THR A 71 5.24 5.27 1.53
C THR A 71 6.51 6.11 1.45
N THR A 72 6.96 6.59 2.61
CA THR A 72 8.16 7.41 2.67
C THR A 72 9.07 6.94 3.81
N GLU A 73 9.61 5.74 3.68
CA GLU A 73 10.48 5.17 4.70
C GLU A 73 11.91 5.05 4.19
N GLY A 74 12.09 4.22 3.17
CA GLY A 74 13.41 4.01 2.60
C GLY A 74 13.76 5.04 1.55
N ARG A 75 13.71 6.30 1.92
CA ARG A 75 14.02 7.39 1.00
C ARG A 75 14.79 8.51 1.71
N GLN A 76 15.37 9.40 0.93
CA GLN A 76 16.14 10.52 1.48
C GLN A 76 15.80 11.81 0.75
N ASP A 77 14.61 11.87 0.17
CA ASP A 77 14.18 13.06 -0.56
C ASP A 77 12.92 13.65 0.06
N GLY A 78 11.80 12.94 -0.07
CA GLY A 78 10.55 13.42 0.48
C GLY A 78 9.36 13.15 -0.43
N HIS A 79 9.47 12.15 -1.30
CA HIS A 79 8.39 11.81 -2.21
C HIS A 79 7.92 10.37 -2.00
N LEU A 80 6.63 10.20 -1.80
CA LEU A 80 6.06 8.87 -1.60
C LEU A 80 6.59 7.91 -2.65
N TRP A 81 6.97 6.71 -2.22
CA TRP A 81 7.51 5.71 -3.14
C TRP A 81 6.97 4.31 -2.81
N CYS A 82 6.99 3.44 -3.82
CA CYS A 82 6.53 2.07 -3.67
C CYS A 82 7.38 1.12 -4.49
N SER A 83 6.97 -0.14 -4.59
CA SER A 83 7.72 -1.13 -5.36
C SER A 83 7.00 -1.46 -6.66
N THR A 84 7.75 -1.95 -7.65
CA THR A 84 7.17 -2.31 -8.94
C THR A 84 7.44 -3.78 -9.26
N THR A 85 8.37 -4.38 -8.53
CA THR A 85 8.73 -5.79 -8.75
C THR A 85 8.59 -6.58 -7.46
N SER A 86 7.81 -7.65 -7.50
CA SER A 86 7.59 -8.49 -6.33
C SER A 86 8.90 -8.70 -5.57
N ASN A 87 10.00 -8.74 -6.30
CA ASN A 87 11.32 -8.93 -5.71
C ASN A 87 12.13 -7.64 -5.74
N TYR A 88 11.68 -6.64 -4.98
CA TYR A 88 12.36 -5.36 -4.91
C TYR A 88 13.67 -5.48 -4.13
N GLU A 89 13.83 -6.61 -3.44
CA GLU A 89 15.03 -6.85 -2.65
C GLU A 89 16.23 -7.10 -3.56
N GLN A 90 15.97 -7.59 -4.77
CA GLN A 90 17.04 -7.87 -5.73
C GLN A 90 16.92 -6.97 -6.95
N ASP A 91 15.68 -6.65 -7.32
CA ASP A 91 15.43 -5.80 -8.47
C ASP A 91 15.74 -4.34 -8.16
N GLN A 92 15.16 -3.84 -7.07
CA GLN A 92 15.38 -2.46 -6.65
C GLN A 92 14.59 -1.49 -7.53
N LYS A 93 13.42 -1.94 -8.00
CA LYS A 93 12.57 -1.11 -8.84
C LYS A 93 11.46 -0.47 -8.03
N TYR A 94 11.59 0.82 -7.77
CA TYR A 94 10.60 1.56 -6.99
C TYR A 94 10.05 2.74 -7.78
N SER A 95 8.87 3.21 -7.38
CA SER A 95 8.24 4.35 -8.04
C SER A 95 7.92 5.44 -7.03
N PHE A 96 7.20 6.48 -7.46
CA PHE A 96 6.84 7.57 -6.59
C PHE A 96 5.33 7.64 -6.39
N CYS A 97 4.87 8.70 -5.74
CA CYS A 97 3.44 8.89 -5.49
C CYS A 97 3.10 10.37 -5.33
N THR A 98 2.10 10.83 -6.07
CA THR A 98 1.67 12.22 -6.01
C THR A 98 0.84 12.48 -4.76
N ASP A 99 0.66 11.45 -3.94
CA ASP A 99 -0.13 11.58 -2.71
C ASP A 99 -1.59 11.87 -3.03
N HIS A 100 -1.83 13.03 -3.64
CA HIS A 100 -3.18 13.43 -4.00
C HIS A 100 -3.17 14.63 -4.92
N THR A 101 -2.69 15.76 -4.41
CA THR A 101 -2.62 16.99 -5.18
C THR A 101 -1.19 17.49 -5.28
N TYR A 1 -3.23 6.49 25.22
CA TYR A 1 -3.50 5.25 24.45
C TYR A 1 -2.20 4.60 23.98
N GLY A 2 -2.05 3.31 24.26
CA GLY A 2 -0.87 2.59 23.86
C GLY A 2 -1.08 1.76 22.61
N HIS A 3 -1.94 0.76 22.70
CA HIS A 3 -2.24 -0.10 21.57
C HIS A 3 -3.41 0.46 20.75
N CYS A 4 -3.54 -0.02 19.52
CA CYS A 4 -4.61 0.43 18.64
C CYS A 4 -5.64 -0.68 18.43
N VAL A 5 -6.90 -0.38 18.73
CA VAL A 5 -7.97 -1.36 18.58
C VAL A 5 -9.05 -0.87 17.62
N THR A 6 -9.53 -1.76 16.76
CA THR A 6 -10.56 -1.42 15.79
C THR A 6 -11.87 -1.09 16.48
N ASP A 7 -12.42 -2.08 17.19
CA ASP A 7 -13.68 -1.90 17.91
C ASP A 7 -13.84 -2.95 19.00
N SER A 8 -13.55 -4.20 18.66
CA SER A 8 -13.66 -5.30 19.61
C SER A 8 -13.32 -6.62 18.95
N GLY A 9 -12.15 -6.68 18.32
CA GLY A 9 -11.73 -7.91 17.65
C GLY A 9 -10.25 -7.94 17.37
N VAL A 10 -9.68 -6.79 17.04
CA VAL A 10 -8.26 -6.69 16.74
C VAL A 10 -7.57 -5.73 17.71
N VAL A 11 -6.42 -6.17 18.26
CA VAL A 11 -5.67 -5.35 19.20
C VAL A 11 -4.30 -4.99 18.63
N TYR A 12 -4.28 -3.97 17.79
CA TYR A 12 -3.03 -3.51 17.17
C TYR A 12 -2.14 -2.83 18.21
N SER A 13 -1.07 -2.20 17.74
CA SER A 13 -0.14 -1.50 18.63
C SER A 13 0.31 -0.18 18.00
N VAL A 14 0.65 0.79 18.84
CA VAL A 14 1.09 2.09 18.38
C VAL A 14 2.14 1.96 17.28
N GLY A 15 1.69 1.84 16.04
CA GLY A 15 2.59 1.74 14.92
C GLY A 15 2.67 0.33 14.34
N MET A 16 1.52 -0.32 14.19
CA MET A 16 1.47 -1.67 13.65
C MET A 16 1.16 -1.64 12.16
N GLN A 17 0.38 -0.63 11.75
CA GLN A 17 0.00 -0.48 10.35
C GLN A 17 -0.61 -1.76 9.80
N TRP A 18 -1.90 -1.70 9.47
CA TRP A 18 -2.61 -2.85 8.92
C TRP A 18 -3.50 -2.44 7.76
N LEU A 19 -4.31 -3.38 7.27
CA LEU A 19 -5.19 -3.10 6.15
C LEU A 19 -6.54 -3.79 6.33
N LYS A 20 -7.61 -3.05 6.10
CA LYS A 20 -8.97 -3.58 6.23
C LYS A 20 -9.74 -3.43 4.92
N THR A 21 -11.01 -3.82 4.94
CA THR A 21 -11.85 -3.72 3.75
C THR A 21 -13.33 -3.76 4.12
N GLN A 22 -14.18 -3.60 3.11
CA GLN A 22 -15.62 -3.63 3.31
C GLN A 22 -16.26 -4.79 2.56
N GLY A 23 -15.51 -5.34 1.61
CA GLY A 23 -16.02 -6.46 0.83
C GLY A 23 -15.98 -6.19 -0.66
N ASN A 24 -15.69 -4.95 -1.03
CA ASN A 24 -15.62 -4.56 -2.44
C ASN A 24 -14.40 -3.68 -2.72
N LYS A 25 -13.55 -3.52 -1.71
CA LYS A 25 -12.36 -2.70 -1.85
C LYS A 25 -11.30 -3.11 -0.83
N GLN A 26 -10.36 -2.21 -0.56
CA GLN A 26 -9.30 -2.46 0.39
C GLN A 26 -8.79 -1.16 1.02
N MET A 27 -9.19 -0.93 2.27
CA MET A 27 -8.78 0.27 2.98
C MET A 27 -7.65 -0.03 3.96
N LEU A 28 -6.55 0.70 3.84
CA LEU A 28 -5.41 0.49 4.72
C LEU A 28 -5.58 1.28 6.01
N CYS A 29 -5.66 0.58 7.14
CA CYS A 29 -5.84 1.22 8.43
C CYS A 29 -4.54 1.22 9.23
N THR A 30 -4.25 2.35 9.87
CA THR A 30 -3.04 2.48 10.67
C THR A 30 -3.30 3.27 11.94
N CYS A 31 -2.49 3.02 12.97
CA CYS A 31 -2.63 3.72 14.24
C CYS A 31 -1.40 4.57 14.51
N LEU A 32 -1.54 5.88 14.33
CA LEU A 32 -0.43 6.80 14.55
C LEU A 32 -0.24 7.10 16.04
N GLY A 33 -0.76 8.24 16.49
CA GLY A 33 -0.62 8.60 17.89
C GLY A 33 -1.88 9.19 18.48
N ASN A 34 -2.52 10.09 17.74
CA ASN A 34 -3.75 10.72 18.20
C ASN A 34 -4.93 9.77 18.05
N GLY A 35 -4.75 8.76 17.19
CA GLY A 35 -5.81 7.79 16.97
C GLY A 35 -5.44 6.76 15.91
N VAL A 36 -6.42 6.39 15.10
CA VAL A 36 -6.21 5.41 14.04
C VAL A 36 -6.77 5.92 12.72
N SER A 37 -5.90 6.11 11.74
CA SER A 37 -6.32 6.61 10.43
C SER A 37 -6.07 5.57 9.34
N CYS A 38 -6.92 5.59 8.32
CA CYS A 38 -6.80 4.65 7.21
C CYS A 38 -6.85 5.38 5.88
N GLN A 39 -6.24 4.79 4.86
CA GLN A 39 -6.21 5.41 3.54
C GLN A 39 -6.53 4.37 2.46
N GLU A 40 -7.60 4.61 1.72
CA GLU A 40 -8.00 3.70 0.65
C GLU A 40 -6.80 3.25 -0.17
N THR A 41 -6.35 2.03 0.09
CA THR A 41 -5.20 1.48 -0.63
C THR A 41 -5.47 1.45 -2.13
N ALA A 42 -6.70 1.12 -2.48
CA ALA A 42 -7.10 1.04 -3.88
C ALA A 42 -6.04 0.35 -4.72
N VAL A 43 -6.12 0.52 -6.04
CA VAL A 43 -5.17 -0.08 -6.95
C VAL A 43 -5.20 0.60 -8.32
N THR A 44 -4.30 0.19 -9.18
CA THR A 44 -4.21 0.75 -10.52
C THR A 44 -3.46 -0.20 -11.45
N GLN A 45 -3.62 0.02 -12.76
CA GLN A 45 -2.97 -0.81 -13.77
C GLN A 45 -1.47 -0.55 -13.80
N THR A 46 -0.78 -1.15 -14.78
CA THR A 46 0.65 -0.98 -14.92
C THR A 46 1.06 -0.93 -16.39
N TYR A 47 2.19 -0.30 -16.66
CA TYR A 47 2.69 -0.18 -18.03
C TYR A 47 4.21 -0.07 -18.06
N GLY A 48 4.80 -0.62 -19.11
CA GLY A 48 6.26 -0.59 -19.25
C GLY A 48 6.97 -0.84 -17.93
N GLY A 49 7.98 -0.02 -17.65
CA GLY A 49 8.75 -0.18 -16.43
C GLY A 49 9.84 -1.22 -16.56
N ASN A 50 9.77 -2.26 -15.75
CA ASN A 50 10.77 -3.32 -15.79
C ASN A 50 10.13 -4.66 -16.15
N SER A 51 8.80 -4.70 -16.08
CA SER A 51 8.07 -5.92 -16.40
C SER A 51 6.97 -5.65 -17.43
N ASN A 52 7.14 -4.56 -18.18
CA ASN A 52 6.17 -4.19 -19.21
C ASN A 52 4.75 -4.22 -18.65
N GLY A 53 4.57 -3.67 -17.46
CA GLY A 53 3.26 -3.64 -16.85
C GLY A 53 2.75 -5.02 -16.48
N GLU A 54 3.08 -5.47 -15.27
CA GLU A 54 2.66 -6.78 -14.80
C GLU A 54 1.88 -6.67 -13.49
N PRO A 55 1.23 -7.76 -13.07
CA PRO A 55 0.44 -7.79 -11.83
C PRO A 55 1.28 -7.46 -10.60
N CYS A 56 0.99 -6.32 -9.99
CA CYS A 56 1.72 -5.88 -8.80
C CYS A 56 1.73 -6.97 -7.74
N VAL A 57 2.50 -6.74 -6.68
CA VAL A 57 2.59 -7.71 -5.59
C VAL A 57 2.66 -7.01 -4.24
N LEU A 58 1.60 -6.30 -3.89
CA LEU A 58 1.54 -5.58 -2.62
C LEU A 58 0.60 -6.29 -1.65
N PRO A 59 0.74 -6.01 -0.35
CA PRO A 59 1.73 -5.06 0.17
C PRO A 59 3.14 -5.64 0.18
N PHE A 60 4.09 -4.88 -0.38
CA PHE A 60 5.48 -5.31 -0.42
C PHE A 60 6.34 -4.42 0.47
N THR A 61 7.66 -4.62 0.40
CA THR A 61 8.59 -3.83 1.19
C THR A 61 9.60 -3.13 0.31
N TYR A 62 9.72 -1.82 0.47
CA TYR A 62 10.65 -1.04 -0.32
C TYR A 62 11.28 0.08 0.50
N ASN A 63 12.60 0.18 0.48
CA ASN A 63 13.32 1.20 1.22
C ASN A 63 13.24 0.93 2.72
N GLY A 64 12.65 -0.20 3.09
CA GLY A 64 12.53 -0.54 4.50
C GLY A 64 11.10 -0.48 4.99
N ARG A 65 10.23 0.19 4.24
CA ARG A 65 8.83 0.31 4.64
C ARG A 65 7.96 -0.66 3.85
N THR A 66 6.66 -0.36 3.80
CA THR A 66 5.72 -1.21 3.08
C THR A 66 4.74 -0.37 2.26
N PHE A 67 4.19 -0.97 1.21
CA PHE A 67 3.24 -0.27 0.35
C PHE A 67 2.17 -1.23 -0.15
N TYR A 68 0.90 -0.94 0.17
CA TYR A 68 -0.22 -1.78 -0.25
C TYR A 68 -0.70 -1.38 -1.64
N SER A 69 0.14 -0.66 -2.37
CA SER A 69 -0.21 -0.22 -3.73
C SER A 69 0.97 0.50 -4.37
N CYS A 70 0.77 0.92 -5.62
CA CYS A 70 1.82 1.62 -6.37
C CYS A 70 2.38 2.77 -5.54
N THR A 71 3.48 3.36 -6.02
CA THR A 71 4.12 4.47 -5.32
C THR A 71 5.22 5.10 -6.16
N THR A 72 5.67 6.28 -5.75
CA THR A 72 6.72 6.98 -6.46
C THR A 72 7.88 7.33 -5.52
N GLU A 73 7.98 6.59 -4.42
CA GLU A 73 9.04 6.82 -3.44
C GLU A 73 10.40 6.47 -4.01
N GLY A 74 10.41 5.90 -5.21
CA GLY A 74 11.66 5.53 -5.84
C GLY A 74 12.11 6.55 -6.88
N ARG A 75 11.23 7.49 -7.20
CA ARG A 75 11.54 8.52 -8.19
C ARG A 75 11.22 9.91 -7.64
N GLN A 76 11.71 10.93 -8.32
CA GLN A 76 11.46 12.31 -7.91
C GLN A 76 10.68 13.06 -8.98
N ASP A 77 10.04 12.31 -9.86
CA ASP A 77 9.24 12.89 -10.93
C ASP A 77 7.75 12.78 -10.63
N GLY A 78 7.23 11.57 -10.75
CA GLY A 78 5.82 11.35 -10.48
C GLY A 78 5.26 10.12 -11.17
N HIS A 79 6.08 9.08 -11.28
CA HIS A 79 5.67 7.85 -11.92
C HIS A 79 5.39 6.76 -10.90
N LEU A 80 4.15 6.26 -10.89
CA LEU A 80 3.75 5.22 -9.96
C LEU A 80 4.31 3.87 -10.41
N TRP A 81 4.77 3.07 -9.45
CA TRP A 81 5.33 1.76 -9.76
C TRP A 81 5.07 0.77 -8.65
N CYS A 82 4.93 -0.51 -9.03
CA CYS A 82 4.68 -1.57 -8.07
C CYS A 82 5.63 -2.75 -8.34
N SER A 83 5.56 -3.77 -7.49
CA SER A 83 6.42 -4.94 -7.65
C SER A 83 5.66 -6.08 -8.31
N THR A 84 6.31 -6.74 -9.27
CA THR A 84 5.69 -7.86 -9.98
C THR A 84 5.72 -9.14 -9.15
N THR A 85 6.48 -9.12 -8.06
CA THR A 85 6.59 -10.28 -7.19
C THR A 85 6.96 -9.88 -5.76
N SER A 86 6.66 -10.75 -4.81
CA SER A 86 6.96 -10.46 -3.41
C SER A 86 8.43 -10.09 -3.23
N ASN A 87 9.30 -11.07 -3.41
CA ASN A 87 10.74 -10.85 -3.27
C ASN A 87 11.25 -9.81 -4.27
N TYR A 88 11.03 -8.54 -3.96
CA TYR A 88 11.48 -7.46 -4.83
C TYR A 88 12.96 -7.17 -4.60
N GLU A 89 13.39 -7.27 -3.35
CA GLU A 89 14.78 -7.02 -3.00
C GLU A 89 15.70 -8.04 -3.66
N GLN A 90 15.11 -9.14 -4.12
CA GLN A 90 15.87 -10.20 -4.78
C GLN A 90 15.70 -10.13 -6.29
N ASP A 91 14.46 -10.05 -6.74
CA ASP A 91 14.15 -9.97 -8.16
C ASP A 91 14.37 -8.57 -8.69
N GLN A 92 14.15 -7.57 -7.84
CA GLN A 92 14.32 -6.18 -8.23
C GLN A 92 13.62 -5.89 -9.54
N LYS A 93 12.35 -6.30 -9.63
CA LYS A 93 11.56 -6.07 -10.83
C LYS A 93 10.23 -5.42 -10.48
N TYR A 94 10.02 -4.21 -10.97
CA TYR A 94 8.81 -3.46 -10.69
C TYR A 94 8.07 -3.10 -11.97
N SER A 95 6.86 -2.55 -11.80
CA SER A 95 6.04 -2.14 -12.93
C SER A 95 5.35 -0.82 -12.62
N PHE A 96 5.40 0.10 -13.57
CA PHE A 96 4.78 1.41 -13.40
C PHE A 96 3.26 1.29 -13.29
N CYS A 97 2.61 2.42 -13.08
CA CYS A 97 1.15 2.45 -12.96
C CYS A 97 0.58 3.74 -13.55
N THR A 98 -0.62 3.65 -14.09
CA THR A 98 -1.27 4.81 -14.69
C THR A 98 -1.53 5.90 -13.66
N ASP A 99 -2.73 5.87 -13.07
CA ASP A 99 -3.10 6.86 -12.07
C ASP A 99 -3.30 8.23 -12.70
N HIS A 100 -2.21 8.79 -13.23
CA HIS A 100 -2.26 10.10 -13.86
C HIS A 100 -2.98 11.11 -12.97
N THR A 101 -3.16 12.33 -13.47
CA THR A 101 -3.83 13.38 -12.73
C THR A 101 -5.10 13.83 -13.43
N TYR A 1 1.05 8.46 22.74
CA TYR A 1 2.08 7.46 23.06
C TYR A 1 2.65 6.82 21.80
N GLY A 2 1.84 5.98 21.15
CA GLY A 2 2.28 5.33 19.94
C GLY A 2 1.51 4.06 19.63
N HIS A 3 1.72 3.04 20.46
CA HIS A 3 1.04 1.75 20.28
C HIS A 3 -0.37 1.95 19.72
N CYS A 4 -0.63 1.31 18.58
CA CYS A 4 -1.94 1.42 17.94
C CYS A 4 -2.73 0.13 18.10
N VAL A 5 -4.05 0.26 18.15
CA VAL A 5 -4.94 -0.90 18.31
C VAL A 5 -6.22 -0.72 17.53
N THR A 6 -6.53 -1.68 16.66
CA THR A 6 -7.73 -1.63 15.85
C THR A 6 -8.99 -1.70 16.71
N ASP A 7 -9.01 -2.68 17.62
CA ASP A 7 -10.16 -2.86 18.51
C ASP A 7 -9.75 -3.59 19.77
N SER A 8 -9.20 -4.80 19.61
CA SER A 8 -8.77 -5.60 20.73
C SER A 8 -8.21 -6.94 20.26
N GLY A 9 -7.58 -6.94 19.10
CA GLY A 9 -7.01 -8.16 18.56
C GLY A 9 -5.59 -7.96 18.07
N VAL A 10 -5.36 -6.86 17.36
CA VAL A 10 -4.04 -6.56 16.84
C VAL A 10 -3.50 -5.24 17.39
N VAL A 11 -2.49 -5.33 18.24
CA VAL A 11 -1.90 -4.14 18.85
C VAL A 11 -0.72 -3.63 18.02
N TYR A 12 -1.04 -2.76 17.05
CA TYR A 12 -0.02 -2.18 16.19
C TYR A 12 0.84 -1.19 16.96
N SER A 13 1.87 -0.67 16.29
CA SER A 13 2.77 0.30 16.91
C SER A 13 2.81 1.60 16.10
N VAL A 14 3.16 2.69 16.76
CA VAL A 14 3.24 3.99 16.12
C VAL A 14 3.99 3.90 14.79
N GLY A 15 3.26 3.60 13.72
CA GLY A 15 3.87 3.50 12.41
C GLY A 15 4.07 2.08 11.95
N MET A 16 3.05 1.25 12.16
CA MET A 16 3.11 -0.15 11.76
C MET A 16 2.39 -0.35 10.43
N GLN A 17 1.34 0.44 10.21
CA GLN A 17 0.57 0.34 8.98
C GLN A 17 0.01 -1.07 8.81
N TRP A 18 -1.18 -1.16 8.22
CA TRP A 18 -1.81 -2.45 8.00
C TRP A 18 -3.00 -2.32 7.05
N LEU A 19 -3.67 -3.44 6.80
CA LEU A 19 -4.83 -3.45 5.91
C LEU A 19 -6.08 -3.84 6.67
N LYS A 20 -6.98 -2.87 6.86
CA LYS A 20 -8.21 -3.10 7.58
C LYS A 20 -9.30 -3.66 6.65
N THR A 21 -10.18 -4.49 7.21
CA THR A 21 -11.26 -5.10 6.44
C THR A 21 -12.55 -5.14 7.25
N GLN A 22 -13.64 -4.70 6.63
CA GLN A 22 -14.95 -4.70 7.29
C GLN A 22 -15.64 -6.05 7.14
N GLY A 23 -15.05 -6.92 6.33
CA GLY A 23 -15.63 -8.24 6.12
C GLY A 23 -16.15 -8.42 4.71
N ASN A 24 -16.32 -7.31 3.99
CA ASN A 24 -16.82 -7.35 2.62
C ASN A 24 -15.96 -6.48 1.70
N LYS A 25 -15.51 -5.34 2.21
CA LYS A 25 -14.68 -4.43 1.43
C LYS A 25 -13.30 -4.31 2.04
N GLN A 26 -12.48 -3.40 1.50
CA GLN A 26 -11.13 -3.19 1.99
C GLN A 26 -10.98 -1.81 2.61
N MET A 27 -9.89 -1.61 3.34
CA MET A 27 -9.62 -0.34 4.00
C MET A 27 -8.19 -0.28 4.50
N LEU A 28 -7.41 0.65 3.96
CA LEU A 28 -6.02 0.81 4.35
C LEU A 28 -5.93 1.60 5.65
N CYS A 29 -5.50 0.93 6.72
CA CYS A 29 -5.37 1.58 8.03
C CYS A 29 -3.92 1.92 8.35
N THR A 30 -3.75 2.94 9.18
CA THR A 30 -2.41 3.38 9.58
C THR A 30 -2.49 4.20 10.87
N CYS A 31 -1.61 3.89 11.81
CA CYS A 31 -1.58 4.62 13.08
C CYS A 31 -0.50 5.69 13.06
N LEU A 32 -0.93 6.93 12.90
CA LEU A 32 0.00 8.07 12.85
C LEU A 32 0.43 8.49 14.26
N GLY A 33 -0.24 9.50 14.81
CA GLY A 33 0.11 9.97 16.14
C GLY A 33 -1.10 10.23 17.01
N ASN A 34 -2.12 10.86 16.42
CA ASN A 34 -3.34 11.17 17.14
C ASN A 34 -4.11 9.89 17.46
N GLY A 35 -4.05 8.94 16.54
CA GLY A 35 -4.74 7.68 16.72
C GLY A 35 -4.50 6.71 15.58
N VAL A 36 -5.54 6.42 14.81
CA VAL A 36 -5.42 5.51 13.69
C VAL A 36 -6.30 5.97 12.53
N SER A 37 -5.66 6.30 11.42
CA SER A 37 -6.37 6.75 10.22
C SER A 37 -6.31 5.68 9.13
N CYS A 38 -7.34 5.62 8.31
CA CYS A 38 -7.38 4.63 7.23
C CYS A 38 -8.06 5.17 5.98
N GLN A 39 -7.87 4.48 4.86
CA GLN A 39 -8.47 4.88 3.59
C GLN A 39 -9.62 3.94 3.22
N GLU A 40 -10.84 4.42 3.40
CA GLU A 40 -12.03 3.63 3.10
C GLU A 40 -12.03 3.15 1.66
N THR A 41 -12.17 1.83 1.49
CA THR A 41 -12.20 1.22 0.16
C THR A 41 -10.79 0.96 -0.35
N ALA A 42 -9.98 2.01 -0.44
CA ALA A 42 -8.62 1.90 -0.93
C ALA A 42 -8.55 0.90 -2.08
N VAL A 43 -8.60 1.41 -3.31
CA VAL A 43 -8.54 0.56 -4.50
C VAL A 43 -7.61 1.15 -5.55
N THR A 44 -7.58 0.54 -6.73
CA THR A 44 -6.74 1.00 -7.82
C THR A 44 -7.40 0.77 -9.17
N GLN A 45 -6.72 1.15 -10.25
CA GLN A 45 -7.26 0.98 -11.59
C GLN A 45 -6.23 0.29 -12.50
N THR A 46 -5.05 0.89 -12.62
CA THR A 46 -3.99 0.34 -13.46
C THR A 46 -4.45 0.23 -14.90
N TYR A 47 -3.49 0.19 -15.82
CA TYR A 47 -3.78 0.09 -17.25
C TYR A 47 -2.53 -0.24 -18.05
N GLY A 48 -2.57 -1.34 -18.78
CA GLY A 48 -1.43 -1.75 -19.58
C GLY A 48 -0.16 -1.92 -18.76
N GLY A 49 0.73 -0.95 -18.82
CA GLY A 49 1.97 -1.02 -18.07
C GLY A 49 2.83 -2.20 -18.51
N ASN A 50 2.96 -3.20 -17.64
CA ASN A 50 3.76 -4.38 -17.94
C ASN A 50 2.93 -5.64 -17.78
N SER A 51 1.70 -5.49 -17.30
CA SER A 51 0.82 -6.64 -17.11
C SER A 51 -0.60 -6.32 -17.60
N ASN A 52 -0.68 -5.68 -18.75
CA ASN A 52 -1.97 -5.33 -19.34
C ASN A 52 -2.92 -4.76 -18.28
N GLY A 53 -2.37 -3.95 -17.38
CA GLY A 53 -3.18 -3.34 -16.34
C GLY A 53 -3.83 -4.37 -15.44
N GLU A 54 -3.17 -5.51 -15.26
CA GLU A 54 -3.69 -6.57 -14.40
C GLU A 54 -3.71 -6.13 -12.95
N PRO A 55 -4.45 -6.86 -12.09
CA PRO A 55 -4.56 -6.54 -10.66
C PRO A 55 -3.21 -6.59 -9.96
N CYS A 56 -3.05 -5.79 -8.92
CA CYS A 56 -1.81 -5.74 -8.16
C CYS A 56 -1.69 -6.93 -7.22
N VAL A 57 -0.74 -6.85 -6.30
CA VAL A 57 -0.52 -7.92 -5.33
C VAL A 57 0.25 -7.41 -4.12
N LEU A 58 -0.28 -6.37 -3.49
CA LEU A 58 0.37 -5.81 -2.31
C LEU A 58 -0.28 -6.32 -1.03
N PRO A 59 0.39 -6.09 0.12
CA PRO A 59 1.67 -5.38 0.17
C PRO A 59 2.80 -6.17 -0.48
N PHE A 60 3.60 -5.50 -1.30
CA PHE A 60 4.73 -6.13 -1.96
C PHE A 60 6.03 -5.53 -1.45
N THR A 61 7.15 -6.00 -1.98
CA THR A 61 8.45 -5.50 -1.56
C THR A 61 9.27 -5.01 -2.76
N TYR A 62 9.80 -3.81 -2.64
CA TYR A 62 10.60 -3.23 -3.71
C TYR A 62 11.72 -2.36 -3.13
N ASN A 63 12.95 -2.65 -3.53
CA ASN A 63 14.10 -1.90 -3.06
C ASN A 63 14.40 -2.20 -1.58
N GLY A 64 13.61 -3.10 -1.00
CA GLY A 64 13.81 -3.46 0.39
C GLY A 64 12.65 -3.06 1.29
N ARG A 65 11.79 -2.17 0.78
CA ARG A 65 10.64 -1.71 1.56
C ARG A 65 9.36 -2.42 1.13
N THR A 66 8.22 -1.87 1.52
CA THR A 66 6.93 -2.46 1.19
C THR A 66 5.90 -1.38 0.85
N PHE A 67 4.93 -1.74 0.00
CA PHE A 67 3.89 -0.80 -0.39
C PHE A 67 2.52 -1.48 -0.42
N TYR A 68 1.54 -0.84 0.20
CA TYR A 68 0.18 -1.38 0.26
C TYR A 68 -0.61 -1.06 -1.02
N SER A 69 0.00 -0.30 -1.92
CA SER A 69 -0.68 0.07 -3.16
C SER A 69 0.30 0.64 -4.18
N CYS A 70 -0.24 1.21 -5.25
CA CYS A 70 0.56 1.79 -6.31
C CYS A 70 1.59 2.78 -5.76
N THR A 71 2.65 3.01 -6.53
CA THR A 71 3.70 3.93 -6.11
C THR A 71 4.52 4.41 -7.31
N THR A 72 5.55 5.19 -7.04
CA THR A 72 6.41 5.72 -8.10
C THR A 72 7.87 5.70 -7.68
N GLU A 73 8.20 4.78 -6.77
CA GLU A 73 9.57 4.65 -6.29
C GLU A 73 10.44 3.89 -7.30
N GLY A 74 9.82 2.97 -8.02
CA GLY A 74 10.54 2.19 -9.01
C GLY A 74 9.99 2.37 -10.41
N ARG A 75 10.12 3.57 -10.95
CA ARG A 75 9.63 3.87 -12.28
C ARG A 75 10.44 4.99 -12.93
N GLN A 76 10.43 5.02 -14.25
CA GLN A 76 11.15 6.04 -15.00
C GLN A 76 10.28 6.60 -16.12
N ASP A 77 8.97 6.56 -15.91
CA ASP A 77 8.02 7.05 -16.91
C ASP A 77 7.21 8.23 -16.36
N GLY A 78 6.61 8.01 -15.20
CA GLY A 78 5.79 9.05 -14.58
C GLY A 78 4.39 8.59 -14.27
N HIS A 79 4.16 7.28 -14.37
CA HIS A 79 2.84 6.72 -14.10
C HIS A 79 2.90 5.72 -12.95
N LEU A 80 2.10 5.97 -11.91
CA LEU A 80 2.07 5.09 -10.75
C LEU A 80 2.05 3.63 -11.20
N TRP A 81 2.77 2.79 -10.48
CA TRP A 81 2.82 1.37 -10.82
C TRP A 81 2.64 0.48 -9.59
N CYS A 82 2.40 -0.80 -9.84
CA CYS A 82 2.22 -1.77 -8.77
C CYS A 82 2.64 -3.16 -9.23
N SER A 83 2.65 -4.11 -8.31
CA SER A 83 3.03 -5.47 -8.65
C SER A 83 1.81 -6.37 -8.79
N THR A 84 1.78 -7.17 -9.84
CA THR A 84 0.66 -8.07 -10.09
C THR A 84 0.96 -9.46 -9.56
N THR A 85 2.25 -9.74 -9.33
CA THR A 85 2.67 -11.03 -8.81
C THR A 85 3.48 -10.86 -7.53
N SER A 86 3.17 -11.68 -6.53
CA SER A 86 3.87 -11.61 -5.25
C SER A 86 5.36 -11.36 -5.46
N ASN A 87 5.89 -11.94 -6.54
CA ASN A 87 7.30 -11.78 -6.87
C ASN A 87 7.48 -10.91 -8.11
N TYR A 88 7.66 -9.60 -7.89
CA TYR A 88 7.83 -8.66 -8.98
C TYR A 88 9.28 -8.65 -9.46
N GLU A 89 10.20 -8.88 -8.54
CA GLU A 89 11.62 -8.90 -8.87
C GLU A 89 11.99 -10.14 -9.68
N GLN A 90 11.01 -11.02 -9.89
CA GLN A 90 11.22 -12.25 -10.64
C GLN A 90 10.31 -12.28 -11.87
N ASP A 91 9.04 -12.00 -11.66
CA ASP A 91 8.06 -12.01 -12.74
C ASP A 91 8.17 -10.73 -13.57
N GLN A 92 8.37 -9.60 -12.87
CA GLN A 92 8.50 -8.31 -13.54
C GLN A 92 7.19 -7.90 -14.20
N LYS A 93 6.08 -8.36 -13.63
CA LYS A 93 4.76 -8.02 -14.15
C LYS A 93 4.11 -6.90 -13.35
N TYR A 94 4.56 -5.68 -13.60
CA TYR A 94 4.03 -4.51 -12.90
C TYR A 94 2.90 -3.85 -13.69
N SER A 95 2.06 -3.10 -12.99
CA SER A 95 0.94 -2.41 -13.62
C SER A 95 1.05 -0.90 -13.42
N PHE A 96 0.00 -0.18 -13.78
CA PHE A 96 0.00 1.28 -13.63
C PHE A 96 -1.03 1.72 -12.61
N CYS A 97 -1.23 3.03 -12.49
CA CYS A 97 -2.20 3.57 -11.55
C CYS A 97 -2.49 5.04 -11.83
N THR A 98 -3.35 5.29 -12.82
CA THR A 98 -3.71 6.65 -13.17
C THR A 98 -4.67 7.25 -12.15
N ASP A 99 -4.95 8.54 -12.30
CA ASP A 99 -5.84 9.24 -11.39
C ASP A 99 -5.06 9.79 -10.19
N HIS A 100 -3.93 9.15 -9.90
CA HIS A 100 -3.09 9.55 -8.78
C HIS A 100 -3.76 9.22 -7.45
N THR A 101 -2.98 9.27 -6.38
CA THR A 101 -3.49 8.98 -5.05
C THR A 101 -4.44 10.06 -4.57
N TYR A 1 -1.98 6.49 25.67
CA TYR A 1 -1.02 7.50 25.16
C TYR A 1 -1.10 7.63 23.63
N GLY A 2 -0.89 6.51 22.95
CA GLY A 2 -0.95 6.51 21.50
C GLY A 2 -1.61 5.26 20.94
N HIS A 3 -2.75 4.90 21.51
CA HIS A 3 -3.49 3.71 21.06
C HIS A 3 -4.75 4.11 20.31
N CYS A 4 -4.76 3.91 19.00
CA CYS A 4 -5.91 4.25 18.18
C CYS A 4 -6.91 3.10 18.13
N VAL A 5 -8.04 3.33 17.47
CA VAL A 5 -9.07 2.30 17.36
C VAL A 5 -9.87 2.46 16.08
N THR A 6 -10.47 1.37 15.62
CA THR A 6 -11.27 1.39 14.40
C THR A 6 -12.75 1.61 14.72
N ASP A 7 -13.23 0.95 15.77
CA ASP A 7 -14.63 1.07 16.18
C ASP A 7 -14.75 1.07 17.69
N SER A 8 -14.37 -0.04 18.31
CA SER A 8 -14.44 -0.17 19.76
C SER A 8 -13.97 -1.55 20.20
N GLY A 9 -12.88 -2.01 19.60
CA GLY A 9 -12.34 -3.32 19.93
C GLY A 9 -10.87 -3.43 19.64
N VAL A 10 -10.50 -3.18 18.39
CA VAL A 10 -9.11 -3.25 17.97
C VAL A 10 -8.37 -1.96 18.31
N VAL A 11 -7.65 -1.98 19.43
CA VAL A 11 -6.90 -0.80 19.88
C VAL A 11 -5.53 -0.75 19.23
N TYR A 12 -5.43 -0.02 18.12
CA TYR A 12 -4.16 0.12 17.40
C TYR A 12 -3.29 1.17 18.07
N SER A 13 -2.13 1.43 17.49
CA SER A 13 -1.20 2.42 18.03
C SER A 13 -0.60 3.27 16.93
N VAL A 14 -0.19 4.49 17.29
CA VAL A 14 0.40 5.41 16.33
C VAL A 14 1.62 4.80 15.65
N GLY A 15 1.38 4.07 14.57
CA GLY A 15 2.45 3.44 13.83
C GLY A 15 2.16 2.00 13.50
N MET A 16 1.31 1.37 14.30
CA MET A 16 0.95 -0.02 14.09
C MET A 16 0.68 -0.30 12.62
N GLN A 17 -0.07 0.61 11.98
CA GLN A 17 -0.40 0.46 10.57
C GLN A 17 -1.09 -0.87 10.31
N TRP A 18 -2.31 -0.81 9.79
CA TRP A 18 -3.07 -2.02 9.52
C TRP A 18 -3.96 -1.84 8.29
N LEU A 19 -4.91 -2.75 8.13
CA LEU A 19 -5.83 -2.70 6.99
C LEU A 19 -7.23 -3.12 7.41
N LYS A 20 -8.18 -2.20 7.32
CA LYS A 20 -9.56 -2.49 7.68
C LYS A 20 -10.37 -2.93 6.46
N THR A 21 -11.33 -3.81 6.69
CA THR A 21 -12.18 -4.32 5.62
C THR A 21 -13.67 -4.12 5.94
N GLN A 22 -13.96 -3.87 7.21
CA GLN A 22 -15.35 -3.67 7.64
C GLN A 22 -15.81 -2.26 7.30
N GLY A 23 -16.22 -2.05 6.05
CA GLY A 23 -16.69 -0.75 5.62
C GLY A 23 -17.27 -0.79 4.21
N ASN A 24 -16.59 -1.50 3.32
CA ASN A 24 -17.04 -1.63 1.94
C ASN A 24 -16.39 -2.82 1.26
N LYS A 25 -15.09 -2.70 0.99
CA LYS A 25 -14.34 -3.77 0.33
C LYS A 25 -12.98 -3.96 0.99
N GLN A 26 -12.13 -2.94 0.88
CA GLN A 26 -10.80 -2.98 1.46
C GLN A 26 -10.26 -1.58 1.70
N MET A 27 -9.79 -1.33 2.92
CA MET A 27 -9.27 -0.01 3.28
C MET A 27 -8.10 -0.14 4.25
N LEU A 28 -7.00 0.54 3.94
CA LEU A 28 -5.83 0.51 4.80
C LEU A 28 -5.88 1.64 5.82
N CYS A 29 -5.85 1.30 7.10
CA CYS A 29 -5.92 2.30 8.16
C CYS A 29 -4.56 2.49 8.84
N THR A 30 -4.38 3.67 9.43
CA THR A 30 -3.14 4.00 10.12
C THR A 30 -3.40 4.96 11.28
N CYS A 31 -2.61 4.80 12.35
CA CYS A 31 -2.73 5.65 13.51
C CYS A 31 -1.64 6.72 13.51
N LEU A 32 -2.04 7.97 13.31
CA LEU A 32 -1.09 9.08 13.27
C LEU A 32 -0.85 9.63 14.66
N GLY A 33 -1.92 9.81 15.42
CA GLY A 33 -1.82 10.34 16.77
C GLY A 33 -3.03 11.14 17.17
N ASN A 34 -3.71 11.72 16.19
CA ASN A 34 -4.90 12.52 16.45
C ASN A 34 -6.17 11.70 16.26
N GLY A 35 -6.09 10.68 15.41
CA GLY A 35 -7.23 9.83 15.16
C GLY A 35 -6.88 8.56 14.40
N VAL A 36 -6.56 8.71 13.12
CA VAL A 36 -6.20 7.59 12.26
C VAL A 36 -6.57 7.89 10.80
N SER A 37 -5.58 7.76 9.92
CA SER A 37 -5.80 8.01 8.50
C SER A 37 -5.77 6.72 7.69
N CYS A 38 -6.81 6.52 6.88
CA CYS A 38 -6.89 5.32 6.05
C CYS A 38 -7.17 5.67 4.60
N GLN A 39 -6.95 4.73 3.70
CA GLN A 39 -7.17 4.96 2.27
C GLN A 39 -8.00 3.84 1.65
N GLU A 40 -9.06 4.23 0.94
CA GLU A 40 -9.94 3.27 0.29
C GLU A 40 -9.18 2.45 -0.75
N THR A 41 -8.62 1.32 -0.32
CA THR A 41 -7.86 0.43 -1.20
C THR A 41 -6.44 0.94 -1.42
N ALA A 42 -6.30 2.24 -1.60
CA ALA A 42 -4.98 2.84 -1.83
C ALA A 42 -4.45 2.47 -3.20
N VAL A 43 -4.60 3.38 -4.15
CA VAL A 43 -4.13 3.15 -5.52
C VAL A 43 -3.44 4.39 -6.07
N THR A 44 -4.21 5.44 -6.30
CA THR A 44 -3.66 6.68 -6.83
C THR A 44 -2.88 6.44 -8.12
N GLN A 45 -2.20 7.48 -8.59
CA GLN A 45 -1.41 7.38 -9.82
C GLN A 45 0.08 7.41 -9.52
N THR A 46 0.86 7.88 -10.48
CA THR A 46 2.31 7.96 -10.33
C THR A 46 2.89 9.10 -11.16
N TYR A 47 4.12 9.47 -10.88
CA TYR A 47 4.77 10.55 -11.62
C TYR A 47 6.21 10.78 -11.15
N GLY A 48 7.15 10.55 -12.06
CA GLY A 48 8.56 10.76 -11.73
C GLY A 48 9.15 9.59 -10.94
N GLY A 49 9.71 9.90 -9.78
CA GLY A 49 10.31 8.87 -8.96
C GLY A 49 11.54 8.25 -9.60
N ASN A 50 11.82 7.00 -9.28
CA ASN A 50 12.98 6.30 -9.84
C ASN A 50 12.62 5.63 -11.15
N SER A 51 11.32 5.40 -11.36
CA SER A 51 10.84 4.77 -12.58
C SER A 51 10.06 5.76 -13.44
N ASN A 52 10.28 7.05 -13.18
CA ASN A 52 9.60 8.10 -13.94
C ASN A 52 8.09 7.88 -13.97
N GLY A 53 7.60 7.08 -13.02
CA GLY A 53 6.18 6.81 -12.96
C GLY A 53 5.81 5.47 -13.58
N GLU A 54 6.22 4.39 -12.94
CA GLU A 54 5.93 3.05 -13.44
C GLU A 54 5.15 2.24 -12.40
N PRO A 55 4.58 1.09 -12.82
CA PRO A 55 3.81 0.22 -11.93
C PRO A 55 4.57 -0.10 -10.65
N CYS A 56 3.83 -0.41 -9.60
CA CYS A 56 4.44 -0.75 -8.31
C CYS A 56 4.57 -2.25 -8.14
N VAL A 57 5.06 -2.67 -6.98
CA VAL A 57 5.24 -4.09 -6.69
C VAL A 57 4.89 -4.41 -5.24
N LEU A 58 3.66 -4.14 -4.86
CA LEU A 58 3.22 -4.41 -3.49
C LEU A 58 2.30 -5.62 -3.44
N PRO A 59 2.04 -6.14 -2.22
CA PRO A 59 2.63 -5.58 -1.00
C PRO A 59 4.12 -5.81 -0.91
N PHE A 60 4.85 -4.77 -0.52
CA PHE A 60 6.30 -4.86 -0.39
C PHE A 60 6.72 -4.61 1.06
N THR A 61 8.01 -4.71 1.33
CA THR A 61 8.53 -4.49 2.67
C THR A 61 9.52 -3.34 2.70
N TYR A 62 9.28 -2.38 3.59
CA TYR A 62 10.15 -1.22 3.72
C TYR A 62 10.34 -0.83 5.18
N ASN A 63 11.58 -0.74 5.62
CA ASN A 63 11.88 -0.36 6.99
C ASN A 63 11.51 -1.49 7.96
N GLY A 64 11.07 -2.61 7.40
CA GLY A 64 10.69 -3.74 8.24
C GLY A 64 9.20 -3.99 8.23
N ARG A 65 8.44 -3.07 7.65
CA ARG A 65 6.99 -3.20 7.59
C ARG A 65 6.53 -3.56 6.18
N THR A 66 5.26 -3.35 5.90
CA THR A 66 4.70 -3.65 4.59
C THR A 66 3.73 -2.57 4.13
N PHE A 67 3.53 -2.48 2.82
CA PHE A 67 2.62 -1.48 2.25
C PHE A 67 1.87 -2.05 1.05
N TYR A 68 0.58 -1.75 0.98
CA TYR A 68 -0.27 -2.24 -0.11
C TYR A 68 -0.38 -1.21 -1.23
N SER A 69 0.53 -0.24 -1.24
CA SER A 69 0.52 0.80 -2.27
C SER A 69 1.52 1.91 -1.93
N CYS A 70 1.52 2.96 -2.74
CA CYS A 70 2.42 4.08 -2.54
C CYS A 70 2.50 4.45 -1.06
N THR A 71 3.62 5.04 -0.67
CA THR A 71 3.83 5.43 0.72
C THR A 71 4.93 6.48 0.84
N THR A 72 4.86 7.27 1.90
CA THR A 72 5.86 8.32 2.14
C THR A 72 6.55 8.10 3.48
N GLU A 73 7.15 6.92 3.65
CA GLU A 73 7.85 6.59 4.89
C GLU A 73 9.35 6.56 4.69
N GLY A 74 9.80 7.01 3.53
CA GLY A 74 11.23 7.02 3.25
C GLY A 74 11.60 7.91 2.08
N ARG A 75 11.45 9.21 2.26
CA ARG A 75 11.78 10.17 1.21
C ARG A 75 12.22 11.51 1.82
N GLN A 76 12.73 12.39 0.98
CA GLN A 76 13.18 13.71 1.44
C GLN A 76 12.41 14.82 0.74
N ASP A 77 11.16 14.55 0.40
CA ASP A 77 10.31 15.54 -0.26
C ASP A 77 8.90 15.52 0.32
N GLY A 78 8.21 14.40 0.13
CA GLY A 78 6.86 14.28 0.64
C GLY A 78 5.88 13.77 -0.40
N HIS A 79 6.38 12.99 -1.35
CA HIS A 79 5.53 12.45 -2.41
C HIS A 79 5.39 10.94 -2.28
N LEU A 80 4.16 10.45 -2.28
CA LEU A 80 3.90 9.02 -2.16
C LEU A 80 4.75 8.24 -3.16
N TRP A 81 5.47 7.24 -2.66
CA TRP A 81 6.33 6.43 -3.51
C TRP A 81 6.11 4.94 -3.26
N CYS A 82 6.28 4.14 -4.32
CA CYS A 82 6.11 2.70 -4.22
C CYS A 82 7.32 1.99 -4.84
N SER A 83 7.40 0.68 -4.63
CA SER A 83 8.50 -0.10 -5.18
C SER A 83 8.09 -0.77 -6.49
N THR A 84 8.91 -0.58 -7.53
CA THR A 84 8.62 -1.16 -8.84
C THR A 84 8.87 -2.66 -8.84
N THR A 85 9.88 -3.09 -8.08
CA THR A 85 10.21 -4.51 -8.00
C THR A 85 10.19 -4.99 -6.55
N SER A 86 10.20 -6.31 -6.38
CA SER A 86 10.18 -6.90 -5.04
C SER A 86 11.44 -6.55 -4.27
N ASN A 87 12.58 -6.59 -4.95
CA ASN A 87 13.85 -6.28 -4.31
C ASN A 87 14.24 -4.83 -4.54
N TYR A 88 13.58 -3.91 -3.84
CA TYR A 88 13.87 -2.50 -3.97
C TYR A 88 15.18 -2.16 -3.26
N GLU A 89 15.51 -2.95 -2.25
CA GLU A 89 16.73 -2.74 -1.48
C GLU A 89 17.96 -3.05 -2.31
N GLN A 90 17.82 -3.96 -3.27
CA GLN A 90 18.94 -4.34 -4.14
C GLN A 90 18.93 -3.53 -5.43
N ASP A 91 17.74 -3.23 -5.93
CA ASP A 91 17.61 -2.46 -7.16
C ASP A 91 17.60 -0.97 -6.86
N GLN A 92 16.74 -0.56 -5.93
CA GLN A 92 16.63 0.84 -5.54
C GLN A 92 15.82 1.62 -6.56
N LYS A 93 14.87 0.94 -7.20
CA LYS A 93 14.02 1.57 -8.20
C LYS A 93 12.58 1.66 -7.69
N TYR A 94 12.19 2.86 -7.27
CA TYR A 94 10.85 3.09 -6.76
C TYR A 94 10.09 4.10 -7.63
N SER A 95 8.78 4.18 -7.42
CA SER A 95 7.94 5.09 -8.18
C SER A 95 7.27 6.08 -7.25
N PHE A 96 6.51 7.02 -7.83
CA PHE A 96 5.82 8.03 -7.04
C PHE A 96 4.31 7.85 -7.10
N CYS A 97 3.59 8.77 -6.48
CA CYS A 97 2.14 8.74 -6.47
C CYS A 97 1.56 10.15 -6.40
N THR A 98 0.60 10.43 -7.27
CA THR A 98 -0.02 11.75 -7.33
C THR A 98 -0.72 12.08 -6.01
N ASP A 99 -2.01 11.77 -5.94
CA ASP A 99 -2.78 12.04 -4.73
C ASP A 99 -3.24 13.50 -4.69
N HIS A 100 -2.28 14.40 -4.70
CA HIS A 100 -2.57 15.84 -4.67
C HIS A 100 -3.20 16.29 -5.98
N THR A 101 -2.37 16.50 -6.99
CA THR A 101 -2.84 16.93 -8.29
C THR A 101 -1.68 17.13 -9.27
N TYR A 1 1.19 5.92 24.81
CA TYR A 1 1.83 4.63 25.14
C TYR A 1 0.80 3.49 25.17
N GLY A 2 0.47 2.97 24.00
CA GLY A 2 -0.50 1.89 23.91
C GLY A 2 -0.43 1.16 22.59
N HIS A 3 -1.28 0.14 22.44
CA HIS A 3 -1.31 -0.64 21.21
C HIS A 3 -2.67 -0.53 20.53
N CYS A 4 -2.74 -0.98 19.29
CA CYS A 4 -3.99 -0.94 18.53
C CYS A 4 -4.52 -2.34 18.28
N VAL A 5 -5.84 -2.46 18.10
CA VAL A 5 -6.47 -3.74 17.86
C VAL A 5 -7.69 -3.59 16.96
N THR A 6 -7.98 -4.63 16.19
CA THR A 6 -9.13 -4.62 15.29
C THR A 6 -10.42 -4.96 16.02
N ASP A 7 -10.37 -6.03 16.82
CA ASP A 7 -11.54 -6.46 17.59
C ASP A 7 -11.15 -7.46 18.65
N SER A 8 -10.34 -8.45 18.27
CA SER A 8 -9.89 -9.48 19.20
C SER A 8 -9.10 -10.55 18.47
N GLY A 9 -8.08 -10.14 17.72
CA GLY A 9 -7.27 -11.09 16.98
C GLY A 9 -5.89 -10.54 16.67
N VAL A 10 -5.86 -9.34 16.10
CA VAL A 10 -4.60 -8.70 15.75
C VAL A 10 -4.33 -7.49 16.65
N VAL A 11 -3.35 -7.64 17.55
CA VAL A 11 -2.99 -6.57 18.47
C VAL A 11 -1.90 -5.68 17.88
N TYR A 12 -2.29 -4.77 17.00
CA TYR A 12 -1.35 -3.86 16.37
C TYR A 12 -0.63 -3.02 17.43
N SER A 13 0.11 -2.01 16.99
CA SER A 13 0.84 -1.14 17.89
C SER A 13 0.72 0.31 17.46
N VAL A 14 0.69 1.21 18.44
CA VAL A 14 0.58 2.64 18.16
C VAL A 14 1.47 3.06 17.01
N GLY A 15 0.94 2.96 15.79
CA GLY A 15 1.71 3.34 14.61
C GLY A 15 2.28 2.15 13.88
N MET A 16 1.51 1.09 13.77
CA MET A 16 1.95 -0.11 13.08
C MET A 16 1.51 -0.10 11.62
N GLN A 17 0.35 0.51 11.37
CA GLN A 17 -0.19 0.59 10.02
C GLN A 17 -0.38 -0.80 9.42
N TRP A 18 -1.51 -1.00 8.75
CA TRP A 18 -1.80 -2.28 8.13
C TRP A 18 -2.87 -2.14 7.05
N LEU A 19 -3.22 -3.26 6.41
CA LEU A 19 -4.22 -3.26 5.35
C LEU A 19 -5.33 -4.25 5.65
N LYS A 20 -6.57 -3.86 5.34
CA LYS A 20 -7.72 -4.73 5.58
C LYS A 20 -8.77 -4.53 4.49
N THR A 21 -9.86 -5.29 4.58
CA THR A 21 -10.93 -5.21 3.61
C THR A 21 -12.28 -5.51 4.26
N GLN A 22 -13.34 -5.38 3.48
CA GLN A 22 -14.69 -5.63 3.98
C GLN A 22 -15.25 -6.93 3.40
N GLY A 23 -14.78 -7.29 2.20
CA GLY A 23 -15.25 -8.51 1.57
C GLY A 23 -15.57 -8.31 0.11
N ASN A 24 -14.76 -7.50 -0.57
CA ASN A 24 -14.96 -7.22 -1.98
C ASN A 24 -13.89 -6.27 -2.51
N LYS A 25 -13.44 -5.36 -1.63
CA LYS A 25 -12.42 -4.39 -2.00
C LYS A 25 -11.29 -4.38 -0.98
N GLN A 26 -10.67 -3.22 -0.79
CA GLN A 26 -9.57 -3.09 0.16
C GLN A 26 -9.72 -1.83 1.00
N MET A 27 -9.09 -1.81 2.17
CA MET A 27 -9.15 -0.66 3.06
C MET A 27 -7.90 -0.58 3.92
N LEU A 28 -7.22 0.56 3.87
CA LEU A 28 -6.01 0.77 4.64
C LEU A 28 -6.32 1.30 6.03
N CYS A 29 -5.99 0.53 7.05
CA CYS A 29 -6.25 0.92 8.44
C CYS A 29 -4.96 1.41 9.11
N THR A 30 -5.12 2.36 10.03
CA THR A 30 -3.99 2.90 10.76
C THR A 30 -4.39 3.31 12.17
N CYS A 31 -3.56 2.95 13.15
CA CYS A 31 -3.83 3.30 14.53
C CYS A 31 -2.97 4.48 14.96
N LEU A 32 -3.60 5.63 15.11
CA LEU A 32 -2.91 6.85 15.50
C LEU A 32 -2.64 6.87 17.00
N GLY A 33 -3.54 7.48 17.75
CA GLY A 33 -3.38 7.55 19.19
C GLY A 33 -4.68 7.32 19.94
N ASN A 34 -5.76 7.90 19.45
CA ASN A 34 -7.07 7.76 20.07
C ASN A 34 -7.70 6.41 19.70
N GLY A 35 -7.58 6.03 18.43
CA GLY A 35 -8.14 4.77 17.99
C GLY A 35 -7.48 4.24 16.74
N VAL A 36 -8.30 3.92 15.73
CA VAL A 36 -7.79 3.39 14.47
C VAL A 36 -8.53 4.01 13.29
N SER A 37 -7.79 4.70 12.43
CA SER A 37 -8.38 5.35 11.26
C SER A 37 -7.89 4.66 9.99
N CYS A 38 -8.82 4.32 9.10
CA CYS A 38 -8.48 3.66 7.85
C CYS A 38 -8.90 4.51 6.66
N GLN A 39 -8.16 4.37 5.56
CA GLN A 39 -8.45 5.12 4.34
C GLN A 39 -8.92 4.19 3.24
N GLU A 40 -10.21 4.26 2.92
CA GLU A 40 -10.80 3.41 1.89
C GLU A 40 -9.88 3.34 0.67
N THR A 41 -9.03 2.33 0.63
CA THR A 41 -8.11 2.14 -0.47
C THR A 41 -8.86 2.07 -1.79
N ALA A 42 -10.07 1.52 -1.74
CA ALA A 42 -10.90 1.39 -2.93
C ALA A 42 -10.22 0.55 -4.00
N VAL A 43 -9.26 -0.27 -3.56
CA VAL A 43 -8.52 -1.13 -4.47
C VAL A 43 -8.00 -0.35 -5.67
N THR A 44 -7.32 -1.05 -6.57
CA THR A 44 -6.77 -0.42 -7.77
C THR A 44 -7.11 -1.21 -9.03
N GLN A 45 -6.81 -0.63 -10.19
CA GLN A 45 -7.09 -1.28 -11.46
C GLN A 45 -5.85 -1.92 -12.04
N THR A 46 -6.04 -2.85 -12.96
CA THR A 46 -4.93 -3.55 -13.60
C THR A 46 -5.18 -3.71 -15.10
N TYR A 47 -4.11 -3.85 -15.87
CA TYR A 47 -4.23 -4.00 -17.31
C TYR A 47 -2.90 -4.41 -17.94
N GLY A 48 -2.91 -5.53 -18.67
CA GLY A 48 -1.71 -6.01 -19.32
C GLY A 48 -0.64 -6.45 -18.34
N GLY A 49 0.53 -5.82 -18.43
CA GLY A 49 1.63 -6.17 -17.55
C GLY A 49 2.12 -7.58 -17.79
N ASN A 50 2.79 -8.16 -16.80
CA ASN A 50 3.31 -9.51 -16.92
C ASN A 50 2.21 -10.54 -16.69
N SER A 51 1.05 -10.07 -16.24
CA SER A 51 -0.08 -10.95 -15.99
C SER A 51 -1.39 -10.29 -16.42
N ASN A 52 -1.45 -9.86 -17.68
CA ASN A 52 -2.62 -9.22 -18.25
C ASN A 52 -3.50 -8.57 -17.18
N GLY A 53 -2.86 -7.89 -16.23
CA GLY A 53 -3.59 -7.24 -15.17
C GLY A 53 -4.35 -8.22 -14.29
N GLU A 54 -3.61 -9.02 -13.52
CA GLU A 54 -4.23 -10.00 -12.64
C GLU A 54 -4.32 -9.47 -11.21
N PRO A 55 -5.07 -10.18 -10.35
CA PRO A 55 -5.23 -9.77 -8.94
C PRO A 55 -3.91 -9.54 -8.25
N CYS A 56 -3.70 -8.30 -7.79
CA CYS A 56 -2.47 -7.94 -7.09
C CYS A 56 -2.30 -8.77 -5.83
N VAL A 57 -1.33 -8.39 -5.00
CA VAL A 57 -1.08 -9.11 -3.75
C VAL A 57 -0.38 -8.21 -2.73
N LEU A 58 -0.80 -6.95 -2.68
CA LEU A 58 -0.22 -6.00 -1.74
C LEU A 58 -0.96 -6.02 -0.41
N PRO A 59 -0.31 -5.55 0.66
CA PRO A 59 1.05 -5.02 0.60
C PRO A 59 2.09 -6.12 0.37
N PHE A 60 3.00 -5.87 -0.57
CA PHE A 60 4.06 -6.82 -0.88
C PHE A 60 5.42 -6.24 -0.53
N THR A 61 6.48 -6.94 -0.92
CA THR A 61 7.84 -6.47 -0.64
C THR A 61 8.67 -6.43 -1.90
N TYR A 62 9.30 -5.28 -2.15
CA TYR A 62 10.14 -5.12 -3.33
C TYR A 62 11.33 -4.23 -3.01
N ASN A 63 12.52 -4.67 -3.39
CA ASN A 63 13.74 -3.92 -3.15
C ASN A 63 14.05 -3.84 -1.66
N GLY A 64 13.29 -4.57 -0.86
CA GLY A 64 13.50 -4.58 0.58
C GLY A 64 12.43 -3.82 1.34
N ARG A 65 11.69 -2.98 0.62
CA ARG A 65 10.62 -2.19 1.23
C ARG A 65 9.27 -2.86 1.04
N THR A 66 8.20 -2.11 1.29
CA THR A 66 6.85 -2.63 1.14
C THR A 66 5.92 -1.62 0.48
N PHE A 67 4.93 -2.12 -0.25
CA PHE A 67 3.98 -1.25 -0.93
C PHE A 67 2.56 -1.80 -0.78
N TYR A 68 1.71 -1.06 -0.07
CA TYR A 68 0.33 -1.46 0.16
C TYR A 68 -0.52 -1.24 -1.08
N SER A 69 0.10 -0.78 -2.16
CA SER A 69 -0.61 -0.52 -3.40
C SER A 69 0.33 -0.54 -4.60
N CYS A 70 -0.13 0.02 -5.72
CA CYS A 70 0.68 0.08 -6.93
C CYS A 70 1.90 0.98 -6.73
N THR A 71 2.89 0.82 -7.58
CA THR A 71 4.11 1.63 -7.47
C THR A 71 4.82 1.76 -8.81
N THR A 72 5.93 2.50 -8.81
CA THR A 72 6.72 2.71 -10.00
C THR A 72 8.21 2.59 -9.71
N GLU A 73 8.53 2.06 -8.55
CA GLU A 73 9.92 1.87 -8.14
C GLU A 73 10.60 0.82 -9.01
N GLY A 74 9.82 -0.16 -9.46
CA GLY A 74 10.37 -1.20 -10.29
C GLY A 74 9.78 -1.20 -11.69
N ARG A 75 9.99 -0.10 -12.40
CA ARG A 75 9.48 0.03 -13.76
C ARG A 75 10.33 1.01 -14.57
N GLN A 76 10.28 0.88 -15.89
CA GLN A 76 11.04 1.74 -16.78
C GLN A 76 10.21 2.14 -17.99
N ASP A 77 8.90 2.21 -17.82
CA ASP A 77 7.99 2.58 -18.90
C ASP A 77 7.16 3.79 -18.52
N GLY A 78 6.52 3.73 -17.37
CA GLY A 78 5.69 4.82 -16.91
C GLY A 78 4.31 4.39 -16.46
N HIS A 79 4.12 3.07 -16.33
CA HIS A 79 2.84 2.52 -15.90
C HIS A 79 2.95 1.84 -14.54
N LEU A 80 2.16 2.33 -13.57
CA LEU A 80 2.17 1.75 -12.24
C LEU A 80 2.07 0.24 -12.32
N TRP A 81 2.68 -0.46 -11.38
CA TRP A 81 2.65 -1.91 -11.37
C TRP A 81 2.54 -2.46 -9.96
N CYS A 82 2.01 -3.68 -9.85
CA CYS A 82 1.86 -4.35 -8.58
C CYS A 82 2.38 -5.78 -8.66
N SER A 83 1.95 -6.62 -7.74
CA SER A 83 2.39 -8.02 -7.71
C SER A 83 1.20 -8.96 -7.55
N THR A 84 1.05 -9.88 -8.50
CA THR A 84 -0.04 -10.85 -8.46
C THR A 84 0.24 -11.97 -7.46
N THR A 85 1.39 -11.90 -6.79
CA THR A 85 1.77 -12.90 -5.81
C THR A 85 2.73 -12.30 -4.78
N SER A 86 2.84 -12.97 -3.64
CA SER A 86 3.72 -12.51 -2.57
C SER A 86 5.15 -12.34 -3.05
N ASN A 87 5.80 -13.46 -3.36
CA ASN A 87 7.18 -13.44 -3.83
C ASN A 87 7.27 -12.89 -5.25
N TYR A 88 7.47 -11.58 -5.35
CA TYR A 88 7.58 -10.93 -6.66
C TYR A 88 9.01 -11.07 -7.20
N GLU A 89 9.96 -11.14 -6.30
CA GLU A 89 11.37 -11.28 -6.69
C GLU A 89 11.71 -12.74 -6.97
N GLN A 90 10.68 -13.59 -7.02
CA GLN A 90 10.88 -15.00 -7.28
C GLN A 90 9.98 -15.48 -8.41
N ASP A 91 8.71 -15.14 -8.33
CA ASP A 91 7.74 -15.52 -9.35
C ASP A 91 7.85 -14.63 -10.58
N GLN A 92 8.28 -13.39 -10.37
CA GLN A 92 8.43 -12.44 -11.46
C GLN A 92 7.12 -12.28 -12.22
N LYS A 93 6.04 -12.03 -11.49
CA LYS A 93 4.73 -11.84 -12.10
C LYS A 93 4.06 -10.57 -11.57
N TYR A 94 4.29 -9.47 -12.27
CA TYR A 94 3.73 -8.19 -11.87
C TYR A 94 2.65 -7.72 -12.85
N SER A 95 1.85 -6.77 -12.40
CA SER A 95 0.78 -6.22 -13.22
C SER A 95 0.89 -4.70 -13.30
N PHE A 96 -0.07 -4.05 -13.94
CA PHE A 96 -0.06 -2.60 -14.07
C PHE A 96 -1.12 -1.96 -13.18
N CYS A 97 -1.19 -0.63 -13.24
CA CYS A 97 -2.15 0.11 -12.43
C CYS A 97 -2.48 1.46 -13.07
N THR A 98 -3.65 1.56 -13.69
CA THR A 98 -4.07 2.80 -14.33
C THR A 98 -4.95 3.63 -13.39
N ASP A 99 -4.69 3.50 -12.09
CA ASP A 99 -5.44 4.24 -11.10
C ASP A 99 -5.76 5.65 -11.58
N HIS A 100 -4.88 6.20 -12.42
CA HIS A 100 -5.07 7.53 -12.96
C HIS A 100 -5.28 8.54 -11.83
N THR A 101 -5.90 9.67 -12.16
CA THR A 101 -6.17 10.70 -11.17
C THR A 101 -7.43 10.40 -10.38
N TYR A 1 -1.92 1.91 27.18
CA TYR A 1 -2.60 3.22 27.03
C TYR A 1 -2.22 3.89 25.71
N GLY A 2 -3.19 4.04 24.83
CA GLY A 2 -2.94 4.67 23.54
C GLY A 2 -2.71 3.66 22.43
N HIS A 3 -3.51 2.60 22.42
CA HIS A 3 -3.38 1.56 21.42
C HIS A 3 -4.58 1.56 20.47
N CYS A 4 -4.35 1.20 19.22
CA CYS A 4 -5.42 1.16 18.22
C CYS A 4 -5.75 -0.28 17.84
N VAL A 5 -7.04 -0.60 17.81
CA VAL A 5 -7.48 -1.94 17.45
C VAL A 5 -8.63 -1.90 16.46
N THR A 6 -8.59 -2.79 15.47
CA THR A 6 -9.61 -2.87 14.45
C THR A 6 -10.93 -3.35 15.05
N ASP A 7 -11.44 -2.61 16.02
CA ASP A 7 -12.69 -2.96 16.68
C ASP A 7 -12.49 -4.09 17.68
N SER A 8 -11.89 -5.18 17.21
CA SER A 8 -11.63 -6.34 18.07
C SER A 8 -11.02 -7.48 17.26
N GLY A 9 -9.80 -7.26 16.77
CA GLY A 9 -9.12 -8.28 15.99
C GLY A 9 -7.61 -8.15 16.05
N VAL A 10 -7.12 -6.92 16.06
CA VAL A 10 -5.68 -6.68 16.10
C VAL A 10 -5.33 -5.62 17.15
N VAL A 11 -4.05 -5.56 17.50
CA VAL A 11 -3.58 -4.59 18.49
C VAL A 11 -2.50 -3.69 17.90
N TYR A 12 -2.86 -2.43 17.69
CA TYR A 12 -1.94 -1.44 17.14
C TYR A 12 -1.59 -0.37 18.16
N SER A 13 -0.90 0.68 17.71
CA SER A 13 -0.52 1.78 18.58
C SER A 13 -0.63 3.10 17.84
N VAL A 14 -1.20 4.10 18.51
CA VAL A 14 -1.38 5.42 17.93
C VAL A 14 -0.28 5.76 16.91
N GLY A 15 -0.52 5.37 15.66
CA GLY A 15 0.44 5.65 14.60
C GLY A 15 0.87 4.41 13.83
N MET A 16 0.23 3.27 14.11
CA MET A 16 0.57 2.03 13.42
C MET A 16 -0.39 1.79 12.27
N GLN A 17 0.14 1.85 11.05
CA GLN A 17 -0.67 1.62 9.85
C GLN A 17 -0.79 0.14 9.54
N TRP A 18 -1.86 -0.23 8.85
CA TRP A 18 -2.09 -1.63 8.49
C TRP A 18 -3.08 -1.72 7.33
N LEU A 19 -3.47 -2.95 6.99
CA LEU A 19 -4.40 -3.17 5.90
C LEU A 19 -5.61 -3.98 6.36
N LYS A 20 -6.72 -3.82 5.65
CA LYS A 20 -7.95 -4.54 5.98
C LYS A 20 -8.71 -4.93 4.71
N THR A 21 -9.63 -5.89 4.85
CA THR A 21 -10.42 -6.35 3.71
C THR A 21 -11.83 -6.75 4.14
N GLN A 22 -12.76 -6.70 3.20
CA GLN A 22 -14.15 -7.06 3.48
C GLN A 22 -14.53 -8.35 2.77
N GLY A 23 -13.54 -9.20 2.52
CA GLY A 23 -13.78 -10.46 1.84
C GLY A 23 -13.89 -10.30 0.34
N ASN A 24 -13.70 -9.08 -0.15
CA ASN A 24 -13.78 -8.80 -1.58
C ASN A 24 -13.14 -7.46 -1.91
N LYS A 25 -13.32 -6.48 -1.04
CA LYS A 25 -12.76 -5.15 -1.25
C LYS A 25 -11.59 -4.89 -0.32
N GLN A 26 -10.58 -4.18 -0.82
CA GLN A 26 -9.40 -3.85 -0.02
C GLN A 26 -9.62 -2.55 0.74
N MET A 27 -8.76 -2.29 1.72
CA MET A 27 -8.87 -1.07 2.51
C MET A 27 -7.70 -0.93 3.48
N LEU A 28 -7.00 0.20 3.41
CA LEU A 28 -5.86 0.45 4.30
C LEU A 28 -6.32 1.24 5.51
N CYS A 29 -6.14 0.67 6.70
CA CYS A 29 -6.55 1.31 7.93
C CYS A 29 -5.35 1.86 8.69
N THR A 30 -5.53 3.04 9.29
CA THR A 30 -4.47 3.69 10.07
C THR A 30 -5.05 4.35 11.31
N CYS A 31 -4.31 4.26 12.40
CA CYS A 31 -4.74 4.86 13.65
C CYS A 31 -3.92 6.09 13.99
N LEU A 32 -4.50 7.26 13.78
CA LEU A 32 -3.83 8.53 14.03
C LEU A 32 -3.84 8.87 15.52
N GLY A 33 -4.78 9.71 15.94
CA GLY A 33 -4.86 10.09 17.34
C GLY A 33 -6.28 10.19 17.83
N ASN A 34 -7.13 10.83 17.05
CA ASN A 34 -8.54 10.99 17.42
C ASN A 34 -9.30 9.70 17.15
N GLY A 35 -8.70 8.82 16.37
CA GLY A 35 -9.34 7.55 16.05
C GLY A 35 -8.54 6.74 15.04
N VAL A 36 -9.23 5.98 14.21
CA VAL A 36 -8.58 5.17 13.20
C VAL A 36 -9.24 5.36 11.83
N SER A 37 -8.48 5.94 10.90
CA SER A 37 -9.00 6.19 9.56
C SER A 37 -8.39 5.21 8.56
N CYS A 38 -9.13 4.93 7.49
CA CYS A 38 -8.66 4.01 6.47
C CYS A 38 -8.94 4.54 5.07
N GLN A 39 -8.20 4.02 4.09
CA GLN A 39 -8.38 4.44 2.71
C GLN A 39 -9.07 3.35 1.89
N GLU A 40 -10.34 3.55 1.58
CA GLU A 40 -11.10 2.58 0.81
C GLU A 40 -10.33 2.11 -0.41
N THR A 41 -10.15 0.80 -0.54
CA THR A 41 -9.43 0.22 -1.65
C THR A 41 -7.92 0.30 -1.43
N ALA A 42 -7.45 1.49 -1.08
CA ALA A 42 -6.02 1.69 -0.85
C ALA A 42 -5.27 1.95 -2.15
N VAL A 43 -5.15 0.92 -2.98
CA VAL A 43 -4.46 1.04 -4.25
C VAL A 43 -5.09 2.12 -5.13
N THR A 44 -4.54 2.30 -6.33
CA THR A 44 -5.05 3.29 -7.27
C THR A 44 -5.60 2.64 -8.53
N GLN A 45 -5.86 3.45 -9.54
CA GLN A 45 -6.39 2.95 -10.80
C GLN A 45 -5.27 2.75 -11.83
N THR A 46 -5.21 1.56 -12.41
CA THR A 46 -4.19 1.25 -13.40
C THR A 46 -4.70 1.51 -14.82
N TYR A 47 -3.78 1.80 -15.73
CA TYR A 47 -4.14 2.08 -17.12
C TYR A 47 -3.38 1.17 -18.07
N GLY A 48 -2.13 0.86 -17.72
CA GLY A 48 -1.32 0.01 -18.56
C GLY A 48 -0.13 -0.59 -17.82
N GLY A 49 1.08 -0.26 -18.28
CA GLY A 49 2.27 -0.78 -17.63
C GLY A 49 2.79 -2.03 -18.31
N ASN A 50 3.00 -3.08 -17.52
CA ASN A 50 3.50 -4.34 -18.05
C ASN A 50 2.39 -5.39 -18.12
N SER A 51 1.24 -5.05 -17.54
CA SER A 51 0.10 -5.97 -17.54
C SER A 51 -1.06 -5.41 -18.36
N ASN A 52 -1.21 -4.07 -18.32
CA ASN A 52 -2.26 -3.35 -19.05
C ASN A 52 -3.26 -2.75 -18.07
N GLY A 53 -3.40 -3.37 -16.90
CA GLY A 53 -4.33 -2.88 -15.90
C GLY A 53 -5.13 -3.99 -15.26
N GLU A 54 -4.59 -4.57 -14.20
CA GLU A 54 -5.26 -5.65 -13.49
C GLU A 54 -5.09 -5.49 -11.98
N PRO A 55 -5.86 -6.24 -11.19
CA PRO A 55 -5.79 -6.20 -9.72
C PRO A 55 -4.38 -6.41 -9.20
N CYS A 56 -3.88 -5.44 -8.45
CA CYS A 56 -2.53 -5.53 -7.88
C CYS A 56 -2.46 -6.63 -6.83
N VAL A 57 -1.25 -6.92 -6.38
CA VAL A 57 -1.03 -7.96 -5.37
C VAL A 57 -0.18 -7.46 -4.22
N LEU A 58 -0.72 -6.52 -3.45
CA LEU A 58 -0.01 -5.98 -2.30
C LEU A 58 -0.77 -6.20 -1.01
N PRO A 59 -0.15 -5.88 0.14
CA PRO A 59 1.20 -5.31 0.18
C PRO A 59 2.26 -6.26 -0.37
N PHE A 60 3.09 -5.76 -1.28
CA PHE A 60 4.14 -6.57 -1.88
C PHE A 60 5.50 -6.11 -1.38
N THR A 61 6.56 -6.78 -1.84
CA THR A 61 7.91 -6.43 -1.44
C THR A 61 8.77 -6.11 -2.66
N TYR A 62 9.41 -4.94 -2.63
CA TYR A 62 10.26 -4.52 -3.73
C TYR A 62 11.48 -3.76 -3.21
N ASN A 63 12.66 -4.19 -3.64
CA ASN A 63 13.90 -3.56 -3.22
C ASN A 63 14.20 -3.86 -1.75
N GLY A 64 13.35 -4.67 -1.13
CA GLY A 64 13.56 -5.03 0.26
C GLY A 64 12.49 -4.47 1.18
N ARG A 65 11.72 -3.50 0.67
CA ARG A 65 10.66 -2.88 1.47
C ARG A 65 9.29 -3.41 1.05
N THR A 66 8.24 -2.78 1.57
CA THR A 66 6.88 -3.19 1.27
C THR A 66 5.99 -1.99 0.97
N PHE A 67 4.93 -2.21 0.20
CA PHE A 67 4.01 -1.13 -0.15
C PHE A 67 2.57 -1.66 -0.23
N TYR A 68 1.66 -0.95 0.45
CA TYR A 68 0.24 -1.33 0.45
C TYR A 68 -0.49 -0.66 -0.71
N SER A 69 0.25 -0.25 -1.73
CA SER A 69 -0.32 0.42 -2.89
C SER A 69 0.75 0.75 -3.92
N CYS A 70 0.33 1.29 -5.06
CA CYS A 70 1.26 1.65 -6.12
C CYS A 70 2.41 2.48 -5.56
N THR A 71 3.44 2.68 -6.37
CA THR A 71 4.61 3.44 -5.95
C THR A 71 5.46 3.87 -7.14
N THR A 72 6.50 4.65 -6.88
CA THR A 72 7.39 5.12 -7.94
C THR A 72 8.85 4.91 -7.56
N GLU A 73 9.12 3.83 -6.84
CA GLU A 73 10.49 3.51 -6.41
C GLU A 73 11.21 2.67 -7.45
N GLY A 74 10.59 2.52 -8.62
CA GLY A 74 11.18 1.74 -9.69
C GLY A 74 11.43 2.54 -10.94
N ARG A 75 11.11 3.83 -10.88
CA ARG A 75 11.30 4.71 -12.03
C ARG A 75 11.92 6.04 -11.59
N GLN A 76 12.17 6.92 -12.57
CA GLN A 76 12.76 8.22 -12.29
C GLN A 76 11.87 9.34 -12.83
N ASP A 77 10.73 8.97 -13.40
CA ASP A 77 9.80 9.95 -13.94
C ASP A 77 8.75 10.33 -12.91
N GLY A 78 8.01 9.34 -12.43
CA GLY A 78 6.98 9.60 -11.43
C GLY A 78 5.67 8.89 -11.73
N HIS A 79 5.76 7.72 -12.37
CA HIS A 79 4.56 6.95 -12.70
C HIS A 79 4.35 5.83 -11.68
N LEU A 80 3.20 5.86 -11.02
CA LEU A 80 2.87 4.84 -10.02
C LEU A 80 2.69 3.48 -10.68
N TRP A 81 3.15 2.44 -10.00
CA TRP A 81 3.03 1.07 -10.52
C TRP A 81 2.80 0.08 -9.39
N CYS A 82 2.00 -0.96 -9.68
CA CYS A 82 1.71 -1.99 -8.70
C CYS A 82 1.90 -3.37 -9.30
N SER A 83 2.20 -4.35 -8.45
CA SER A 83 2.41 -5.72 -8.91
C SER A 83 1.09 -6.45 -9.05
N THR A 84 0.98 -7.30 -10.06
CA THR A 84 -0.24 -8.06 -10.30
C THR A 84 -0.08 -9.50 -9.82
N THR A 85 1.14 -9.86 -9.44
CA THR A 85 1.43 -11.21 -8.94
C THR A 85 2.29 -11.15 -7.68
N SER A 86 1.88 -11.89 -6.66
CA SER A 86 2.62 -11.93 -5.39
C SER A 86 4.11 -12.00 -5.64
N ASN A 87 4.51 -12.89 -6.55
CA ASN A 87 5.92 -13.07 -6.89
C ASN A 87 6.29 -12.19 -8.07
N TYR A 88 6.53 -10.90 -7.81
CA TYR A 88 6.90 -9.97 -8.85
C TYR A 88 8.35 -10.18 -9.27
N GLU A 89 9.13 -10.78 -8.37
CA GLU A 89 10.53 -11.05 -8.65
C GLU A 89 10.68 -12.24 -9.59
N GLN A 90 9.59 -12.97 -9.78
CA GLN A 90 9.58 -14.14 -10.65
C GLN A 90 8.96 -13.80 -12.00
N ASP A 91 7.76 -13.23 -11.95
CA ASP A 91 7.05 -12.85 -13.16
C ASP A 91 7.48 -11.47 -13.63
N GLN A 92 7.56 -10.52 -12.69
CA GLN A 92 7.96 -9.16 -12.99
C GLN A 92 6.87 -8.42 -13.77
N LYS A 93 5.64 -8.92 -13.67
CA LYS A 93 4.52 -8.30 -14.37
C LYS A 93 3.74 -7.39 -13.43
N TYR A 94 3.81 -6.08 -13.68
CA TYR A 94 3.13 -5.10 -12.86
C TYR A 94 2.13 -4.29 -13.66
N SER A 95 1.67 -3.18 -13.08
CA SER A 95 0.71 -2.30 -13.73
C SER A 95 0.81 -0.89 -13.16
N PHE A 96 0.79 0.10 -14.04
CA PHE A 96 0.88 1.50 -13.61
C PHE A 96 -0.40 1.93 -12.89
N CYS A 97 -0.38 3.16 -12.38
CA CYS A 97 -1.53 3.71 -11.66
C CYS A 97 -1.67 5.20 -11.94
N THR A 98 -2.91 5.68 -11.94
CA THR A 98 -3.19 7.09 -12.18
C THR A 98 -2.63 7.97 -11.07
N ASP A 99 -3.45 8.24 -10.06
CA ASP A 99 -3.03 9.07 -8.93
C ASP A 99 -3.19 10.55 -9.26
N HIS A 100 -2.63 10.97 -10.38
CA HIS A 100 -2.71 12.37 -10.80
C HIS A 100 -3.25 12.48 -12.22
N THR A 101 -3.22 13.70 -12.76
CA THR A 101 -3.72 13.93 -14.11
C THR A 101 -2.59 13.79 -15.14
N TYR A 1 -6.62 5.56 22.33
CA TYR A 1 -5.89 5.74 23.61
C TYR A 1 -4.75 4.72 23.75
N GLY A 2 -5.10 3.44 23.64
CA GLY A 2 -4.09 2.40 23.77
C GLY A 2 -4.19 1.37 22.66
N HIS A 3 -4.27 0.10 23.03
CA HIS A 3 -4.37 -0.99 22.07
C HIS A 3 -5.44 -0.68 21.02
N CYS A 4 -5.30 -1.30 19.85
CA CYS A 4 -6.27 -1.10 18.77
C CYS A 4 -7.02 -2.40 18.48
N VAL A 5 -8.34 -2.29 18.37
CA VAL A 5 -9.18 -3.44 18.10
C VAL A 5 -9.93 -3.28 16.78
N THR A 6 -10.06 -4.39 16.05
CA THR A 6 -10.77 -4.38 14.77
C THR A 6 -12.22 -4.80 14.94
N ASP A 7 -13.07 -3.85 15.34
CA ASP A 7 -14.49 -4.13 15.53
C ASP A 7 -14.69 -5.05 16.72
N SER A 8 -14.10 -6.24 16.66
CA SER A 8 -14.23 -7.23 17.73
C SER A 8 -13.73 -8.59 17.27
N GLY A 9 -12.53 -8.62 16.70
CA GLY A 9 -11.97 -9.87 16.23
C GLY A 9 -10.55 -10.09 16.73
N VAL A 10 -9.76 -9.03 16.72
CA VAL A 10 -8.38 -9.10 17.17
C VAL A 10 -8.06 -7.98 18.16
N VAL A 11 -6.84 -8.00 18.70
CA VAL A 11 -6.43 -7.00 19.67
C VAL A 11 -5.09 -6.39 19.28
N TYR A 12 -5.10 -5.49 18.31
CA TYR A 12 -3.89 -4.83 17.85
C TYR A 12 -3.33 -3.93 18.95
N SER A 13 -2.29 -3.18 18.62
CA SER A 13 -1.67 -2.27 19.58
C SER A 13 -1.26 -0.96 18.92
N VAL A 14 -1.16 0.09 19.72
CA VAL A 14 -0.77 1.40 19.22
C VAL A 14 0.47 1.32 18.35
N GLY A 15 0.27 1.06 17.06
CA GLY A 15 1.39 0.96 16.14
C GLY A 15 1.50 -0.41 15.50
N MET A 16 0.40 -0.89 14.95
CA MET A 16 0.37 -2.20 14.30
C MET A 16 -0.17 -2.08 12.88
N GLN A 17 0.25 -1.03 12.17
CA GLN A 17 -0.17 -0.78 10.80
C GLN A 17 -0.68 -2.04 10.11
N TRP A 18 -1.81 -1.92 9.41
CA TRP A 18 -2.40 -3.06 8.71
C TRP A 18 -3.26 -2.59 7.54
N LEU A 19 -3.93 -3.54 6.89
CA LEU A 19 -4.78 -3.22 5.75
C LEU A 19 -6.06 -4.05 5.79
N LYS A 20 -7.20 -3.36 5.72
CA LYS A 20 -8.50 -4.03 5.75
C LYS A 20 -9.14 -4.06 4.36
N THR A 21 -10.31 -4.68 4.27
CA THR A 21 -11.03 -4.77 3.01
C THR A 21 -12.46 -4.26 3.14
N GLN A 22 -13.05 -3.85 2.03
CA GLN A 22 -14.42 -3.34 2.03
C GLN A 22 -15.34 -4.27 1.23
N GLY A 23 -14.87 -5.47 0.94
CA GLY A 23 -15.68 -6.42 0.20
C GLY A 23 -15.26 -6.51 -1.26
N ASN A 24 -15.44 -5.42 -1.99
CA ASN A 24 -15.07 -5.38 -3.40
C ASN A 24 -13.86 -4.49 -3.64
N LYS A 25 -13.28 -3.97 -2.55
CA LYS A 25 -12.12 -3.10 -2.64
C LYS A 25 -11.16 -3.37 -1.49
N GLN A 26 -10.27 -2.42 -1.24
CA GLN A 26 -9.30 -2.54 -0.16
C GLN A 26 -9.04 -1.20 0.51
N MET A 27 -8.74 -1.25 1.80
CA MET A 27 -8.47 -0.04 2.57
C MET A 27 -7.39 -0.30 3.62
N LEU A 28 -6.50 0.68 3.80
CA LEU A 28 -5.42 0.54 4.78
C LEU A 28 -5.80 1.22 6.09
N CYS A 29 -5.72 0.47 7.18
CA CYS A 29 -6.06 1.01 8.48
C CYS A 29 -4.90 0.88 9.46
N THR A 30 -4.67 1.96 10.21
CA THR A 30 -3.59 1.99 11.19
C THR A 30 -4.05 2.60 12.50
N CYS A 31 -3.55 2.07 13.61
CA CYS A 31 -3.91 2.58 14.92
C CYS A 31 -2.76 3.41 15.51
N LEU A 32 -2.96 4.73 15.51
CA LEU A 32 -1.95 5.65 16.03
C LEU A 32 -1.99 5.70 17.56
N GLY A 33 -2.66 6.71 18.11
CA GLY A 33 -2.75 6.84 19.54
C GLY A 33 -4.13 7.26 20.00
N ASN A 34 -4.69 8.25 19.32
CA ASN A 34 -6.02 8.75 19.66
C ASN A 34 -7.09 7.77 19.18
N GLY A 35 -6.71 6.92 18.21
CA GLY A 35 -7.63 5.95 17.68
C GLY A 35 -7.04 5.18 16.51
N VAL A 36 -7.87 4.89 15.52
CA VAL A 36 -7.43 4.16 14.34
C VAL A 36 -7.96 4.82 13.07
N SER A 37 -7.05 5.30 12.23
CA SER A 37 -7.42 5.95 10.98
C SER A 37 -6.92 5.16 9.79
N CYS A 38 -7.84 4.84 8.87
CA CYS A 38 -7.48 4.07 7.68
C CYS A 38 -7.58 4.94 6.43
N GLN A 39 -6.59 4.80 5.56
CA GLN A 39 -6.55 5.57 4.32
C GLN A 39 -6.73 4.66 3.11
N GLU A 40 -7.76 4.94 2.31
CA GLU A 40 -8.03 4.13 1.14
C GLU A 40 -6.75 3.85 0.37
N THR A 41 -6.30 2.59 0.43
CA THR A 41 -5.09 2.20 -0.26
C THR A 41 -5.18 2.59 -1.73
N ALA A 42 -6.41 2.60 -2.24
CA ALA A 42 -6.66 2.96 -3.63
C ALA A 42 -6.30 1.84 -4.57
N VAL A 43 -7.30 1.04 -4.94
CA VAL A 43 -7.09 -0.08 -5.84
C VAL A 43 -6.58 0.39 -7.20
N THR A 44 -6.53 -0.51 -8.16
CA THR A 44 -6.06 -0.19 -9.50
C THR A 44 -6.09 -1.42 -10.41
N GLN A 45 -5.97 -1.19 -11.71
CA GLN A 45 -5.98 -2.27 -12.68
C GLN A 45 -4.54 -2.65 -13.08
N THR A 46 -4.44 -3.63 -13.96
CA THR A 46 -3.13 -4.08 -14.43
C THR A 46 -3.16 -4.42 -15.92
N TYR A 47 -2.10 -4.02 -16.62
CA TYR A 47 -2.00 -4.27 -18.06
C TYR A 47 -0.57 -4.59 -18.45
N GLY A 48 -0.41 -5.52 -19.40
CA GLY A 48 0.91 -5.90 -19.85
C GLY A 48 1.90 -6.02 -18.70
N GLY A 49 2.92 -5.16 -18.72
CA GLY A 49 3.92 -5.19 -17.68
C GLY A 49 4.86 -6.38 -17.81
N ASN A 50 4.97 -7.15 -16.74
CA ASN A 50 5.84 -8.33 -16.74
C ASN A 50 5.02 -9.62 -16.74
N SER A 51 3.76 -9.50 -16.34
CA SER A 51 2.86 -10.65 -16.29
C SER A 51 1.49 -10.30 -16.85
N ASN A 52 1.46 -9.50 -17.90
CA ASN A 52 0.20 -9.09 -18.51
C ASN A 52 -0.80 -8.63 -17.46
N GLY A 53 -0.28 -8.19 -16.32
CA GLY A 53 -1.14 -7.72 -15.25
C GLY A 53 -1.74 -8.87 -14.44
N GLU A 54 -0.89 -9.66 -13.81
CA GLU A 54 -1.34 -10.78 -13.01
C GLU A 54 -1.62 -10.35 -11.57
N PRO A 55 -2.27 -11.23 -10.80
CA PRO A 55 -2.61 -10.94 -9.39
C PRO A 55 -1.40 -10.46 -8.60
N CYS A 56 -1.41 -9.18 -8.24
CA CYS A 56 -0.32 -8.59 -7.47
C CYS A 56 -0.08 -9.37 -6.19
N VAL A 57 0.71 -8.81 -5.28
CA VAL A 57 1.02 -9.46 -4.02
C VAL A 57 1.33 -8.44 -2.93
N LEU A 58 0.55 -7.37 -2.89
CA LEU A 58 0.73 -6.31 -1.91
C LEU A 58 -0.16 -6.54 -0.68
N PRO A 59 0.21 -5.93 0.46
CA PRO A 59 1.39 -5.08 0.58
C PRO A 59 2.69 -5.87 0.49
N PHE A 60 3.61 -5.39 -0.33
CA PHE A 60 4.91 -6.04 -0.51
C PHE A 60 6.03 -5.17 0.01
N THR A 61 7.26 -5.62 -0.16
CA THR A 61 8.43 -4.88 0.29
C THR A 61 9.45 -4.73 -0.83
N TYR A 62 9.83 -3.49 -1.11
CA TYR A 62 10.80 -3.22 -2.17
C TYR A 62 11.67 -2.02 -1.81
N ASN A 63 12.97 -2.17 -2.01
CA ASN A 63 13.93 -1.11 -1.71
C ASN A 63 14.05 -0.88 -0.21
N GLY A 64 13.40 -1.74 0.56
CA GLY A 64 13.45 -1.61 2.01
C GLY A 64 12.16 -1.07 2.60
N ARG A 65 11.26 -0.59 1.74
CA ARG A 65 10.00 -0.03 2.21
C ARG A 65 8.85 -1.00 1.91
N THR A 66 7.62 -0.49 1.98
CA THR A 66 6.44 -1.29 1.74
C THR A 66 5.37 -0.49 0.99
N PHE A 67 4.63 -1.17 0.12
CA PHE A 67 3.58 -0.52 -0.65
C PHE A 67 2.30 -1.35 -0.64
N TYR A 68 1.19 -0.72 -0.27
CA TYR A 68 -0.10 -1.39 -0.21
C TYR A 68 -0.84 -1.24 -1.54
N SER A 69 -0.09 -1.36 -2.64
CA SER A 69 -0.67 -1.24 -3.97
C SER A 69 0.41 -0.88 -4.99
N CYS A 70 0.00 -0.64 -6.23
CA CYS A 70 0.93 -0.28 -7.28
C CYS A 70 1.92 0.78 -6.78
N THR A 71 2.93 1.07 -7.60
CA THR A 71 3.93 2.05 -7.23
C THR A 71 4.97 2.23 -8.33
N THR A 72 5.51 3.42 -8.43
CA THR A 72 6.53 3.72 -9.43
C THR A 72 7.86 4.05 -8.78
N GLU A 73 8.49 3.02 -8.20
CA GLU A 73 9.78 3.19 -7.53
C GLU A 73 10.92 2.64 -8.37
N GLY A 74 10.75 1.40 -8.84
CA GLY A 74 11.77 0.78 -9.66
C GLY A 74 11.23 0.26 -10.96
N ARG A 75 11.01 1.16 -11.91
CA ARG A 75 10.49 0.80 -13.23
C ARG A 75 11.37 1.39 -14.33
N GLN A 76 10.83 1.46 -15.54
CA GLN A 76 11.58 1.98 -16.68
C GLN A 76 11.24 3.45 -16.94
N ASP A 77 10.08 3.68 -17.54
CA ASP A 77 9.65 5.04 -17.86
C ASP A 77 8.98 5.69 -16.65
N GLY A 78 8.28 4.88 -15.87
CA GLY A 78 7.60 5.41 -14.70
C GLY A 78 6.13 5.06 -14.67
N HIS A 79 5.81 3.81 -15.00
CA HIS A 79 4.42 3.35 -15.01
C HIS A 79 4.11 2.58 -13.73
N LEU A 80 3.01 2.94 -13.08
CA LEU A 80 2.60 2.27 -11.86
C LEU A 80 2.74 0.77 -12.01
N TRP A 81 3.55 0.15 -11.15
CA TRP A 81 3.78 -1.28 -11.21
C TRP A 81 3.60 -1.92 -9.84
N CYS A 82 3.29 -3.22 -9.84
CA CYS A 82 3.09 -3.96 -8.60
C CYS A 82 3.91 -5.24 -8.61
N SER A 83 3.78 -6.05 -7.57
CA SER A 83 4.52 -7.30 -7.47
C SER A 83 3.57 -8.49 -7.37
N THR A 84 3.53 -9.31 -8.42
CA THR A 84 2.67 -10.47 -8.45
C THR A 84 3.20 -11.56 -7.52
N THR A 85 4.44 -11.40 -7.08
CA THR A 85 5.08 -12.36 -6.20
C THR A 85 5.97 -11.67 -5.18
N SER A 86 5.77 -11.99 -3.91
CA SER A 86 6.56 -11.39 -2.84
C SER A 86 8.03 -11.32 -3.22
N ASN A 87 8.53 -12.42 -3.80
CA ASN A 87 9.92 -12.50 -4.21
C ASN A 87 10.12 -11.88 -5.59
N TYR A 88 9.59 -10.68 -5.78
CA TYR A 88 9.73 -9.99 -7.05
C TYR A 88 11.19 -9.59 -7.26
N GLU A 89 11.89 -9.40 -6.14
CA GLU A 89 13.29 -9.03 -6.18
C GLU A 89 14.14 -10.16 -6.71
N GLN A 90 13.55 -11.36 -6.78
CA GLN A 90 14.25 -12.54 -7.26
C GLN A 90 13.54 -13.12 -8.48
N ASP A 91 12.22 -13.19 -8.40
CA ASP A 91 11.41 -13.72 -9.50
C ASP A 91 11.25 -12.66 -10.58
N GLN A 92 11.22 -11.40 -10.16
CA GLN A 92 11.06 -10.29 -11.09
C GLN A 92 9.69 -10.31 -11.76
N LYS A 93 8.69 -10.78 -11.04
CA LYS A 93 7.32 -10.86 -11.57
C LYS A 93 6.52 -9.63 -11.15
N TYR A 94 6.49 -8.63 -12.02
CA TYR A 94 5.76 -7.40 -11.74
C TYR A 94 4.72 -7.10 -12.81
N SER A 95 3.78 -6.23 -12.47
CA SER A 95 2.72 -5.83 -13.39
C SER A 95 2.63 -4.31 -13.44
N PHE A 96 1.75 -3.79 -14.30
CA PHE A 96 1.58 -2.35 -14.42
C PHE A 96 0.23 -1.91 -13.90
N CYS A 97 -0.03 -0.60 -13.98
CA CYS A 97 -1.29 -0.03 -13.52
C CYS A 97 -1.53 1.33 -14.17
N THR A 98 -2.73 1.52 -14.70
CA THR A 98 -3.08 2.78 -15.35
C THR A 98 -3.68 3.76 -14.35
N ASP A 99 -3.56 3.43 -13.06
CA ASP A 99 -4.10 4.28 -12.00
C ASP A 99 -5.62 4.27 -12.01
N HIS A 100 -6.21 4.69 -13.13
CA HIS A 100 -7.66 4.74 -13.27
C HIS A 100 -8.26 5.74 -12.30
N THR A 101 -9.54 6.07 -12.52
CA THR A 101 -10.23 7.04 -11.67
C THR A 101 -11.71 7.11 -12.03
N TYR A 1 -1.66 -3.04 27.89
CA TYR A 1 -1.02 -1.82 27.33
C TYR A 1 -1.61 -1.47 25.96
N GLY A 2 -2.22 -0.29 25.87
CA GLY A 2 -2.81 0.14 24.62
C GLY A 2 -3.46 -1.00 23.86
N HIS A 3 -2.77 -1.52 22.86
CA HIS A 3 -3.29 -2.62 22.05
C HIS A 3 -4.56 -2.20 21.32
N CYS A 4 -4.59 -2.43 20.01
CA CYS A 4 -5.73 -2.06 19.20
C CYS A 4 -6.41 -3.30 18.61
N VAL A 5 -7.72 -3.20 18.40
CA VAL A 5 -8.49 -4.30 17.85
C VAL A 5 -9.61 -3.80 16.95
N THR A 6 -9.66 -4.32 15.72
CA THR A 6 -10.67 -3.92 14.77
C THR A 6 -12.07 -4.10 15.33
N ASP A 7 -12.41 -5.35 15.66
CA ASP A 7 -13.72 -5.68 16.23
C ASP A 7 -14.08 -7.13 15.95
N SER A 8 -13.44 -7.70 14.94
CA SER A 8 -13.68 -9.09 14.55
C SER A 8 -12.89 -10.04 15.45
N GLY A 9 -11.86 -9.51 16.09
CA GLY A 9 -11.04 -10.32 16.98
C GLY A 9 -9.56 -10.05 16.78
N VAL A 10 -9.21 -9.40 15.68
CA VAL A 10 -7.81 -9.08 15.39
C VAL A 10 -7.14 -8.42 16.59
N VAL A 11 -5.82 -8.46 16.62
CA VAL A 11 -5.06 -7.87 17.72
C VAL A 11 -3.99 -6.92 17.19
N TYR A 12 -4.37 -5.69 16.92
CA TYR A 12 -3.44 -4.68 16.42
C TYR A 12 -2.73 -3.99 17.59
N SER A 13 -1.61 -3.35 17.29
CA SER A 13 -0.84 -2.65 18.30
C SER A 13 -0.26 -1.36 17.74
N VAL A 14 -0.59 -0.25 18.38
CA VAL A 14 -0.13 1.07 17.96
C VAL A 14 1.21 1.00 17.24
N GLY A 15 1.16 0.77 15.93
CA GLY A 15 2.38 0.70 15.15
C GLY A 15 2.52 -0.63 14.40
N MET A 16 1.40 -1.15 13.92
CA MET A 16 1.41 -2.42 13.20
C MET A 16 0.78 -2.25 11.82
N GLN A 17 1.04 -1.10 11.18
CA GLN A 17 0.51 -0.78 9.86
C GLN A 17 -0.04 -2.02 9.14
N TRP A 18 -1.32 -1.97 8.80
CA TRP A 18 -1.96 -3.10 8.12
C TRP A 18 -2.96 -2.62 7.07
N LEU A 19 -3.72 -3.56 6.52
CA LEU A 19 -4.71 -3.26 5.51
C LEU A 19 -5.98 -4.07 5.76
N LYS A 20 -7.10 -3.37 5.95
CA LYS A 20 -8.37 -4.03 6.21
C LYS A 20 -9.29 -3.92 4.99
N THR A 21 -10.58 -4.13 5.21
CA THR A 21 -11.56 -4.06 4.11
C THR A 21 -12.96 -3.77 4.64
N GLN A 22 -13.80 -3.23 3.78
CA GLN A 22 -15.18 -2.90 4.14
C GLN A 22 -16.14 -3.95 3.60
N GLY A 23 -15.59 -5.07 3.16
CA GLY A 23 -16.41 -6.15 2.62
C GLY A 23 -16.61 -6.02 1.13
N ASN A 24 -16.27 -4.86 0.57
CA ASN A 24 -16.41 -4.63 -0.86
C ASN A 24 -15.20 -3.88 -1.42
N LYS A 25 -14.68 -2.94 -0.64
CA LYS A 25 -13.52 -2.16 -1.06
C LYS A 25 -12.36 -2.35 -0.10
N GLN A 26 -11.15 -2.04 -0.56
CA GLN A 26 -9.95 -2.18 0.25
C GLN A 26 -9.66 -0.86 0.97
N MET A 27 -9.14 -0.97 2.18
CA MET A 27 -8.82 0.21 2.97
C MET A 27 -7.68 -0.08 3.94
N LEU A 28 -6.64 0.74 3.89
CA LEU A 28 -5.49 0.58 4.77
C LEU A 28 -5.76 1.23 6.11
N CYS A 29 -5.52 0.49 7.19
CA CYS A 29 -5.76 1.02 8.52
C CYS A 29 -4.52 0.89 9.40
N THR A 30 -4.27 1.95 10.17
CA THR A 30 -3.12 1.98 11.07
C THR A 30 -3.55 2.32 12.49
N CYS A 31 -2.69 2.02 13.45
CA CYS A 31 -2.97 2.29 14.85
C CYS A 31 -2.01 3.35 15.40
N LEU A 32 -2.45 4.60 15.39
CA LEU A 32 -1.64 5.70 15.88
C LEU A 32 -1.64 5.77 17.39
N GLY A 33 -2.35 6.74 17.96
CA GLY A 33 -2.40 6.87 19.41
C GLY A 33 -3.78 7.20 19.95
N ASN A 34 -4.59 7.88 19.13
CA ASN A 34 -5.94 8.24 19.55
C ASN A 34 -6.91 7.09 19.29
N GLY A 35 -6.47 6.11 18.52
CA GLY A 35 -7.31 4.98 18.20
C GLY A 35 -6.78 4.18 17.03
N VAL A 36 -7.49 4.26 15.91
CA VAL A 36 -7.09 3.54 14.71
C VAL A 36 -7.69 4.19 13.46
N SER A 37 -6.83 4.73 12.62
CA SER A 37 -7.27 5.37 11.38
C SER A 37 -6.97 4.49 10.18
N CYS A 38 -7.57 4.81 9.03
CA CYS A 38 -7.36 4.04 7.83
C CYS A 38 -7.66 4.88 6.58
N GLN A 39 -6.80 4.74 5.57
CA GLN A 39 -6.97 5.48 4.32
C GLN A 39 -7.58 4.59 3.24
N GLU A 40 -8.63 5.09 2.61
CA GLU A 40 -9.30 4.35 1.55
C GLU A 40 -8.37 4.09 0.38
N THR A 41 -8.04 2.82 0.17
CA THR A 41 -7.15 2.43 -0.92
C THR A 41 -7.96 2.02 -2.14
N ALA A 42 -9.12 1.44 -1.88
CA ALA A 42 -10.02 0.97 -2.94
C ALA A 42 -9.69 -0.45 -3.36
N VAL A 43 -8.58 -0.60 -4.07
CA VAL A 43 -8.13 -1.91 -4.54
C VAL A 43 -7.02 -1.78 -5.57
N THR A 44 -7.41 -1.69 -6.84
CA THR A 44 -6.45 -1.55 -7.93
C THR A 44 -7.14 -1.61 -9.29
N GLN A 45 -6.74 -0.72 -10.19
CA GLN A 45 -7.33 -0.66 -11.52
C GLN A 45 -6.30 -1.05 -12.59
N THR A 46 -5.83 -2.29 -12.54
CA THR A 46 -4.86 -2.78 -13.51
C THR A 46 -5.48 -2.92 -14.89
N TYR A 47 -4.73 -2.56 -15.92
CA TYR A 47 -5.22 -2.65 -17.29
C TYR A 47 -4.41 -3.64 -18.12
N GLY A 48 -3.11 -3.71 -17.85
CA GLY A 48 -2.25 -4.62 -18.57
C GLY A 48 -1.01 -5.00 -17.80
N GLY A 49 0.12 -4.43 -18.19
CA GLY A 49 1.37 -4.73 -17.51
C GLY A 49 1.82 -6.16 -17.76
N ASN A 50 2.82 -6.61 -17.00
CA ASN A 50 3.34 -7.96 -17.14
C ASN A 50 2.31 -8.99 -16.66
N SER A 51 1.22 -8.50 -16.09
CA SER A 51 0.16 -9.39 -15.60
C SER A 51 -1.09 -9.25 -16.46
N ASN A 52 -1.13 -8.21 -17.28
CA ASN A 52 -2.27 -7.97 -18.16
C ASN A 52 -3.51 -7.56 -17.36
N GLY A 53 -3.30 -7.24 -16.09
CA GLY A 53 -4.42 -6.82 -15.26
C GLY A 53 -4.68 -7.78 -14.11
N GLU A 54 -4.02 -8.94 -14.13
CA GLU A 54 -4.20 -9.94 -13.08
C GLU A 54 -4.12 -9.29 -11.70
N PRO A 55 -4.60 -10.01 -10.67
CA PRO A 55 -4.59 -9.52 -9.29
C PRO A 55 -3.17 -9.26 -8.77
N CYS A 56 -3.07 -8.34 -7.80
CA CYS A 56 -1.78 -8.00 -7.22
C CYS A 56 -1.53 -8.82 -5.96
N VAL A 57 -0.47 -8.48 -5.24
CA VAL A 57 -0.12 -9.21 -4.02
C VAL A 57 0.50 -8.28 -2.97
N LEU A 58 -0.21 -7.22 -2.63
CA LEU A 58 0.27 -6.27 -1.63
C LEU A 58 -0.39 -6.52 -0.28
N PRO A 59 0.19 -5.94 0.79
CA PRO A 59 1.39 -5.11 0.70
C PRO A 59 2.64 -5.94 0.43
N PHE A 60 3.40 -5.55 -0.60
CA PHE A 60 4.61 -6.25 -0.97
C PHE A 60 5.84 -5.41 -0.60
N THR A 61 7.02 -5.96 -0.82
CA THR A 61 8.26 -5.25 -0.53
C THR A 61 9.08 -5.03 -1.80
N TYR A 62 9.32 -3.77 -2.11
CA TYR A 62 10.10 -3.42 -3.29
C TYR A 62 11.15 -2.36 -2.98
N ASN A 63 12.38 -2.60 -3.42
CA ASN A 63 13.47 -1.67 -3.18
C ASN A 63 13.84 -1.62 -1.69
N GLY A 64 13.23 -2.50 -0.90
CA GLY A 64 13.51 -2.54 0.52
C GLY A 64 12.37 -1.99 1.36
N ARG A 65 11.44 -1.29 0.71
CA ARG A 65 10.31 -0.72 1.41
C ARG A 65 9.06 -1.55 1.19
N THR A 66 7.89 -0.98 1.50
CA THR A 66 6.63 -1.69 1.34
C THR A 66 5.57 -0.81 0.69
N PHE A 67 4.65 -1.43 -0.04
CA PHE A 67 3.58 -0.70 -0.71
C PHE A 67 2.26 -1.47 -0.63
N TYR A 68 1.19 -0.76 -0.27
CA TYR A 68 -0.13 -1.37 -0.16
C TYR A 68 -0.94 -1.14 -1.44
N SER A 69 -0.26 -0.68 -2.48
CA SER A 69 -0.92 -0.41 -3.76
C SER A 69 0.12 -0.17 -4.85
N CYS A 70 -0.37 0.03 -6.08
CA CYS A 70 0.52 0.27 -7.22
C CYS A 70 1.50 1.40 -6.91
N THR A 71 2.53 1.52 -7.74
CA THR A 71 3.54 2.56 -7.55
C THR A 71 4.46 2.67 -8.75
N THR A 72 5.29 3.71 -8.77
CA THR A 72 6.24 3.92 -9.86
C THR A 72 7.65 4.13 -9.33
N GLU A 73 8.15 3.13 -8.61
CA GLU A 73 9.50 3.20 -8.03
C GLU A 73 10.47 2.29 -8.77
N GLY A 74 9.99 1.68 -9.86
CA GLY A 74 10.84 0.79 -10.64
C GLY A 74 11.08 1.29 -12.05
N ARG A 75 10.28 2.26 -12.47
CA ARG A 75 10.41 2.82 -13.82
C ARG A 75 10.75 4.30 -13.76
N GLN A 76 11.18 4.83 -14.89
CA GLN A 76 11.54 6.25 -14.97
C GLN A 76 10.57 7.01 -15.87
N ASP A 77 9.49 6.34 -16.27
CA ASP A 77 8.48 6.94 -17.12
C ASP A 77 7.36 7.56 -16.29
N GLY A 78 6.68 6.71 -15.53
CA GLY A 78 5.59 7.18 -14.69
C GLY A 78 4.37 6.30 -14.75
N HIS A 79 4.60 5.00 -14.88
CA HIS A 79 3.50 4.04 -14.96
C HIS A 79 3.37 3.25 -13.66
N LEU A 80 2.20 3.36 -13.02
CA LEU A 80 1.95 2.64 -11.77
C LEU A 80 1.88 1.14 -12.02
N TRP A 81 2.48 0.37 -11.12
CA TRP A 81 2.48 -1.08 -11.24
C TRP A 81 2.36 -1.78 -9.90
N CYS A 82 2.09 -3.07 -9.93
CA CYS A 82 1.94 -3.87 -8.73
C CYS A 82 2.53 -5.27 -8.94
N SER A 83 2.70 -6.01 -7.85
CA SER A 83 3.25 -7.36 -7.93
C SER A 83 2.17 -8.40 -7.67
N THR A 84 1.97 -9.29 -8.64
CA THR A 84 0.96 -10.34 -8.52
C THR A 84 1.54 -11.56 -7.79
N THR A 85 2.79 -11.44 -7.34
CA THR A 85 3.45 -12.52 -6.62
C THR A 85 4.45 -11.98 -5.61
N SER A 86 4.32 -12.42 -4.36
CA SER A 86 5.21 -11.97 -3.30
C SER A 86 6.65 -11.90 -3.79
N ASN A 87 7.06 -12.91 -4.56
CA ASN A 87 8.41 -12.95 -5.09
C ASN A 87 8.47 -12.39 -6.51
N TYR A 88 8.25 -11.09 -6.64
CA TYR A 88 8.29 -10.44 -7.94
C TYR A 88 9.72 -10.32 -8.44
N GLU A 89 10.67 -10.45 -7.51
CA GLU A 89 12.08 -10.36 -7.85
C GLU A 89 12.52 -11.56 -8.67
N GLN A 90 11.73 -12.63 -8.63
CA GLN A 90 12.03 -13.85 -9.37
C GLN A 90 10.94 -14.15 -10.38
N ASP A 91 9.69 -13.96 -9.97
CA ASP A 91 8.55 -14.21 -10.84
C ASP A 91 8.51 -13.23 -11.99
N GLN A 92 8.45 -11.94 -11.66
CA GLN A 92 8.40 -10.89 -12.67
C GLN A 92 7.00 -10.73 -13.23
N LYS A 93 6.01 -11.18 -12.46
CA LYS A 93 4.61 -11.08 -12.88
C LYS A 93 3.95 -9.86 -12.26
N TYR A 94 4.27 -8.68 -12.79
CA TYR A 94 3.70 -7.44 -12.29
C TYR A 94 2.62 -6.90 -13.22
N SER A 95 1.80 -5.99 -12.71
CA SER A 95 0.72 -5.40 -13.50
C SER A 95 0.72 -3.88 -13.35
N PHE A 96 0.23 -3.19 -14.36
CA PHE A 96 0.17 -1.73 -14.34
C PHE A 96 -1.08 -1.23 -13.63
N CYS A 97 -1.24 0.08 -13.60
CA CYS A 97 -2.40 0.70 -12.95
C CYS A 97 -2.66 2.10 -13.51
N THR A 98 -3.92 2.50 -13.54
CA THR A 98 -4.29 3.80 -14.04
C THR A 98 -4.54 4.79 -12.91
N ASP A 99 -5.34 4.37 -11.94
CA ASP A 99 -5.65 5.21 -10.78
C ASP A 99 -6.44 6.44 -11.21
N HIS A 100 -5.83 7.26 -12.05
CA HIS A 100 -6.47 8.49 -12.53
C HIS A 100 -7.74 8.17 -13.29
N THR A 101 -8.28 9.17 -13.99
CA THR A 101 -9.50 9.00 -14.76
C THR A 101 -9.28 9.37 -16.22
N TYR A 1 -8.29 6.81 25.23
CA TYR A 1 -7.68 8.11 24.85
C TYR A 1 -6.27 7.92 24.31
N GLY A 2 -6.01 8.48 23.13
CA GLY A 2 -4.70 8.36 22.51
C GLY A 2 -4.63 7.22 21.52
N HIS A 3 -5.03 6.03 21.97
CA HIS A 3 -5.02 4.86 21.11
C HIS A 3 -6.07 4.97 20.02
N CYS A 4 -5.93 4.16 18.96
CA CYS A 4 -6.87 4.18 17.86
C CYS A 4 -7.74 2.93 17.85
N VAL A 5 -9.02 3.11 17.53
CA VAL A 5 -9.96 1.99 17.48
C VAL A 5 -10.83 2.06 16.24
N THR A 6 -11.56 0.99 15.97
CA THR A 6 -12.44 0.92 14.82
C THR A 6 -13.89 1.15 15.23
N ASP A 7 -14.39 0.29 16.11
CA ASP A 7 -15.76 0.39 16.60
C ASP A 7 -15.85 -0.12 18.04
N SER A 8 -15.16 -1.21 18.31
CA SER A 8 -15.16 -1.80 19.65
C SER A 8 -14.66 -3.24 19.60
N GLY A 9 -13.66 -3.49 18.76
CA GLY A 9 -13.11 -4.83 18.64
C GLY A 9 -11.60 -4.83 18.70
N VAL A 10 -10.98 -3.79 18.15
CA VAL A 10 -9.53 -3.66 18.15
C VAL A 10 -9.09 -2.46 18.97
N VAL A 11 -7.81 -2.43 19.32
CA VAL A 11 -7.25 -1.34 20.11
C VAL A 11 -5.87 -0.93 19.60
N TYR A 12 -5.86 -0.09 18.58
CA TYR A 12 -4.62 0.37 17.98
C TYR A 12 -4.00 1.49 18.81
N SER A 13 -2.93 2.08 18.29
CA SER A 13 -2.24 3.16 18.97
C SER A 13 -1.80 4.23 17.97
N VAL A 14 -1.76 5.48 18.43
CA VAL A 14 -1.36 6.60 17.59
C VAL A 14 -0.16 6.25 16.72
N GLY A 15 -0.43 5.69 15.54
CA GLY A 15 0.65 5.34 14.63
C GLY A 15 0.84 3.83 14.49
N MET A 16 -0.26 3.10 14.42
CA MET A 16 -0.20 1.66 14.27
C MET A 16 -0.94 1.22 13.01
N GLN A 17 -0.58 1.83 11.89
CA GLN A 17 -1.19 1.53 10.61
C GLN A 17 -1.59 0.06 10.50
N TRP A 18 -2.79 -0.18 9.98
CA TRP A 18 -3.29 -1.54 9.82
C TRP A 18 -4.06 -1.65 8.50
N LEU A 19 -4.72 -2.77 8.29
CA LEU A 19 -5.48 -2.99 7.06
C LEU A 19 -6.93 -3.36 7.35
N LYS A 20 -7.85 -2.49 6.94
CA LYS A 20 -9.27 -2.73 7.14
C LYS A 20 -9.87 -3.44 5.94
N THR A 21 -10.74 -4.40 6.21
CA THR A 21 -11.39 -5.17 5.15
C THR A 21 -12.91 -5.14 5.29
N GLN A 22 -13.40 -4.73 6.45
CA GLN A 22 -14.83 -4.67 6.70
C GLN A 22 -15.45 -3.43 6.07
N GLY A 23 -15.48 -3.42 4.74
CA GLY A 23 -16.05 -2.29 4.03
C GLY A 23 -16.45 -2.64 2.60
N ASN A 24 -15.63 -3.47 1.96
CA ASN A 24 -15.88 -3.89 0.59
C ASN A 24 -14.96 -5.05 0.19
N LYS A 25 -13.70 -4.73 -0.05
CA LYS A 25 -12.72 -5.73 -0.44
C LYS A 25 -11.38 -5.51 0.28
N GLN A 26 -10.91 -4.27 0.24
CA GLN A 26 -9.66 -3.92 0.89
C GLN A 26 -9.61 -2.42 1.20
N MET A 27 -9.12 -2.10 2.39
CA MET A 27 -9.02 -0.70 2.83
C MET A 27 -7.96 -0.55 3.92
N LEU A 28 -6.89 0.18 3.62
CA LEU A 28 -5.83 0.40 4.58
C LEU A 28 -6.23 1.49 5.56
N CYS A 29 -6.31 1.14 6.84
CA CYS A 29 -6.70 2.11 7.88
C CYS A 29 -5.50 2.54 8.71
N THR A 30 -5.38 3.84 8.94
CA THR A 30 -4.29 4.38 9.74
C THR A 30 -4.79 5.43 10.73
N CYS A 31 -4.21 5.43 11.93
CA CYS A 31 -4.60 6.38 12.95
C CYS A 31 -3.49 7.40 13.17
N LEU A 32 -3.74 8.62 12.68
CA LEU A 32 -2.77 9.71 12.81
C LEU A 32 -2.82 10.33 14.20
N GLY A 33 -3.61 11.38 14.36
CA GLY A 33 -3.72 12.04 15.64
C GLY A 33 -5.14 12.45 15.98
N ASN A 34 -5.81 13.08 15.03
CA ASN A 34 -7.18 13.52 15.21
C ASN A 34 -8.14 12.34 15.15
N GLY A 35 -7.78 11.34 14.34
CA GLY A 35 -8.62 10.17 14.20
C GLY A 35 -7.92 9.05 13.46
N VAL A 36 -8.63 8.44 12.51
CA VAL A 36 -8.07 7.35 11.72
C VAL A 36 -8.53 7.44 10.27
N SER A 37 -7.57 7.66 9.37
CA SER A 37 -7.86 7.77 7.95
C SER A 37 -7.40 6.52 7.21
N CYS A 38 -8.26 5.98 6.36
CA CYS A 38 -7.93 4.78 5.61
C CYS A 38 -7.90 5.07 4.12
N GLN A 39 -7.48 4.08 3.34
CA GLN A 39 -7.39 4.22 1.88
C GLN A 39 -8.26 3.18 1.19
N GLU A 40 -9.26 3.65 0.45
CA GLU A 40 -10.17 2.76 -0.27
C GLU A 40 -9.42 1.92 -1.30
N THR A 41 -9.53 0.61 -1.19
CA THR A 41 -8.87 -0.30 -2.10
C THR A 41 -7.37 -0.41 -1.78
N ALA A 42 -6.71 0.73 -1.70
CA ALA A 42 -5.27 0.76 -1.40
C ALA A 42 -4.44 0.67 -2.68
N VAL A 43 -5.08 0.93 -3.81
CA VAL A 43 -4.41 0.88 -5.10
C VAL A 43 -4.23 2.27 -5.69
N THR A 44 -3.83 2.34 -6.95
CA THR A 44 -3.62 3.62 -7.63
C THR A 44 -3.46 3.43 -9.13
N GLN A 45 -3.32 4.53 -9.85
CA GLN A 45 -3.16 4.48 -11.30
C GLN A 45 -1.68 4.55 -11.69
N THR A 46 -1.43 4.41 -12.99
CA THR A 46 -0.06 4.45 -13.51
C THR A 46 -0.05 5.02 -14.93
N TYR A 47 0.94 5.85 -15.22
CA TYR A 47 1.06 6.47 -16.53
C TYR A 47 2.35 6.04 -17.24
N GLY A 48 3.40 5.84 -16.45
CA GLY A 48 4.68 5.44 -17.04
C GLY A 48 5.54 4.67 -16.06
N GLY A 49 6.80 5.06 -15.96
CA GLY A 49 7.72 4.39 -15.05
C GLY A 49 8.48 3.27 -15.73
N ASN A 50 9.04 2.37 -14.92
CA ASN A 50 9.80 1.25 -15.46
C ASN A 50 8.87 0.22 -16.08
N SER A 51 7.57 0.36 -15.83
CA SER A 51 6.58 -0.56 -16.37
C SER A 51 5.74 0.11 -17.44
N ASN A 52 5.68 1.44 -17.41
CA ASN A 52 4.91 2.21 -18.38
C ASN A 52 3.43 2.17 -18.05
N GLY A 53 3.09 1.66 -16.87
CA GLY A 53 1.70 1.57 -16.46
C GLY A 53 1.17 0.16 -16.50
N GLU A 54 0.88 -0.39 -15.31
CA GLU A 54 0.36 -1.74 -15.21
C GLU A 54 -0.10 -2.03 -13.78
N PRO A 55 -0.83 -3.14 -13.57
CA PRO A 55 -1.33 -3.53 -12.24
C PRO A 55 -0.19 -3.77 -11.26
N CYS A 56 -0.12 -2.94 -10.23
CA CYS A 56 0.91 -3.06 -9.21
C CYS A 56 0.91 -4.46 -8.59
N VAL A 57 1.93 -4.75 -7.79
CA VAL A 57 2.03 -6.06 -7.14
C VAL A 57 2.36 -5.91 -5.66
N LEU A 58 1.45 -5.34 -4.90
CA LEU A 58 1.66 -5.16 -3.47
C LEU A 58 0.76 -6.11 -2.67
N PRO A 59 1.04 -6.26 -1.36
CA PRO A 59 2.14 -5.56 -0.70
C PRO A 59 3.51 -6.07 -1.13
N PHE A 60 4.44 -5.15 -1.32
CA PHE A 60 5.80 -5.51 -1.72
C PHE A 60 6.79 -5.03 -0.66
N THR A 61 8.06 -5.38 -0.83
CA THR A 61 9.08 -4.98 0.13
C THR A 61 10.13 -4.11 -0.53
N TYR A 62 10.30 -2.90 0.00
CA TYR A 62 11.27 -1.96 -0.53
C TYR A 62 12.01 -1.24 0.60
N ASN A 63 13.33 -1.26 0.54
CA ASN A 63 14.15 -0.61 1.56
C ASN A 63 14.11 -1.39 2.87
N GLY A 64 13.43 -2.52 2.87
CA GLY A 64 13.33 -3.34 4.06
C GLY A 64 11.93 -3.32 4.67
N ARG A 65 11.09 -2.42 4.18
CA ARG A 65 9.73 -2.30 4.68
C ARG A 65 8.73 -2.84 3.67
N THR A 66 7.45 -2.50 3.85
CA THR A 66 6.41 -2.96 2.95
C THR A 66 5.46 -1.84 2.58
N PHE A 67 4.76 -1.98 1.46
CA PHE A 67 3.81 -0.97 0.99
C PHE A 67 2.63 -1.60 0.27
N TYR A 68 1.42 -1.14 0.59
CA TYR A 68 0.21 -1.67 -0.02
C TYR A 68 -0.20 -0.85 -1.25
N SER A 69 0.66 0.10 -1.64
CA SER A 69 0.38 0.93 -2.80
C SER A 69 1.62 1.72 -3.21
N CYS A 70 1.42 2.72 -4.07
CA CYS A 70 2.51 3.56 -4.54
C CYS A 70 3.33 4.11 -3.37
N THR A 71 4.41 4.82 -3.69
CA THR A 71 5.27 5.40 -2.67
C THR A 71 6.43 6.14 -3.31
N THR A 72 6.99 7.10 -2.57
CA THR A 72 8.11 7.89 -3.05
C THR A 72 9.34 7.69 -2.17
N GLU A 73 9.51 6.47 -1.66
CA GLU A 73 10.63 6.15 -0.80
C GLU A 73 11.86 5.75 -1.62
N GLY A 74 11.77 5.93 -2.93
CA GLY A 74 12.87 5.56 -3.81
C GLY A 74 13.38 6.74 -4.63
N ARG A 75 12.57 7.79 -4.72
CA ARG A 75 12.95 8.98 -5.49
C ARG A 75 12.75 10.24 -4.67
N GLN A 76 13.73 11.14 -4.71
CA GLN A 76 13.66 12.40 -3.98
C GLN A 76 13.07 13.50 -4.85
N ASP A 77 12.44 13.11 -5.95
CA ASP A 77 11.83 14.07 -6.87
C ASP A 77 10.41 14.41 -6.42
N GLY A 78 9.65 13.38 -6.09
CA GLY A 78 8.28 13.58 -5.66
C GLY A 78 7.27 12.90 -6.56
N HIS A 79 7.68 11.79 -7.17
CA HIS A 79 6.80 11.03 -8.05
C HIS A 79 6.46 9.67 -7.45
N LEU A 80 5.17 9.45 -7.20
CA LEU A 80 4.71 8.20 -6.63
C LEU A 80 5.00 7.05 -7.57
N TRP A 81 5.39 5.90 -7.02
CA TRP A 81 5.70 4.73 -7.82
C TRP A 81 5.31 3.44 -7.10
N CYS A 82 4.78 2.49 -7.86
CA CYS A 82 4.36 1.21 -7.31
C CYS A 82 5.11 0.06 -7.98
N SER A 83 5.07 -1.11 -7.36
CA SER A 83 5.75 -2.28 -7.91
C SER A 83 4.80 -3.08 -8.81
N THR A 84 5.33 -3.66 -9.87
CA THR A 84 4.54 -4.43 -10.81
C THR A 84 4.93 -5.91 -10.78
N THR A 85 6.16 -6.18 -10.37
CA THR A 85 6.67 -7.55 -10.29
C THR A 85 7.02 -7.92 -8.85
N SER A 86 6.31 -8.89 -8.30
CA SER A 86 6.56 -9.34 -6.92
C SER A 86 8.05 -9.41 -6.65
N ASN A 87 8.83 -9.68 -7.70
CA ASN A 87 10.28 -9.79 -7.58
C ASN A 87 10.94 -8.46 -7.92
N TYR A 88 10.52 -7.39 -7.26
CA TYR A 88 11.09 -6.08 -7.50
C TYR A 88 12.50 -6.01 -6.95
N GLU A 89 12.80 -6.90 -6.02
CA GLU A 89 14.12 -6.95 -5.40
C GLU A 89 15.15 -7.47 -6.40
N GLN A 90 14.67 -8.14 -7.44
CA GLN A 90 15.55 -8.69 -8.46
C GLN A 90 15.20 -8.13 -9.83
N ASP A 91 13.91 -7.95 -10.08
CA ASP A 91 13.44 -7.41 -11.35
C ASP A 91 13.44 -5.88 -11.32
N GLN A 92 13.18 -5.32 -10.14
CA GLN A 92 13.15 -3.88 -9.97
C GLN A 92 12.12 -3.23 -10.88
N LYS A 93 11.02 -3.95 -11.13
CA LYS A 93 9.95 -3.44 -11.98
C LYS A 93 9.00 -2.56 -11.18
N TYR A 94 8.98 -1.27 -11.51
CA TYR A 94 8.12 -0.33 -10.82
C TYR A 94 7.45 0.64 -11.80
N SER A 95 6.35 1.23 -11.37
CA SER A 95 5.61 2.19 -12.19
C SER A 95 5.42 3.50 -11.44
N PHE A 96 4.73 4.44 -12.06
CA PHE A 96 4.48 5.73 -11.43
C PHE A 96 3.01 5.86 -11.03
N CYS A 97 2.68 6.99 -10.41
CA CYS A 97 1.31 7.24 -9.98
C CYS A 97 1.05 8.74 -9.87
N THR A 98 -0.11 9.17 -10.40
CA THR A 98 -0.48 10.57 -10.37
C THR A 98 -0.81 11.02 -8.95
N ASP A 99 -1.99 10.66 -8.48
CA ASP A 99 -2.44 11.03 -7.14
C ASP A 99 -3.05 12.42 -7.14
N HIS A 100 -2.28 13.40 -7.64
CA HIS A 100 -2.75 14.78 -7.69
C HIS A 100 -3.72 14.97 -8.84
N THR A 101 -4.52 16.04 -8.77
CA THR A 101 -5.50 16.34 -9.80
C THR A 101 -5.82 17.83 -9.84
N TYR A 1 3.61 2.63 26.65
CA TYR A 1 2.61 1.68 26.12
C TYR A 1 1.61 2.37 25.20
N GLY A 2 1.40 1.80 24.01
CA GLY A 2 0.47 2.38 23.07
C GLY A 2 0.07 1.40 21.98
N HIS A 3 -0.11 0.15 22.36
CA HIS A 3 -0.48 -0.90 21.42
C HIS A 3 -1.84 -0.61 20.80
N CYS A 4 -1.92 -0.71 19.48
CA CYS A 4 -3.17 -0.47 18.76
C CYS A 4 -3.79 -1.78 18.28
N VAL A 5 -5.01 -2.06 18.72
CA VAL A 5 -5.70 -3.27 18.33
C VAL A 5 -6.84 -2.97 17.37
N THR A 6 -7.29 -3.99 16.65
CA THR A 6 -8.38 -3.84 15.70
C THR A 6 -9.50 -4.84 15.97
N ASP A 7 -9.31 -6.07 15.51
CA ASP A 7 -10.30 -7.12 15.71
C ASP A 7 -10.06 -7.87 17.01
N SER A 8 -9.26 -8.93 16.95
CA SER A 8 -8.94 -9.72 18.13
C SER A 8 -7.72 -10.60 17.89
N GLY A 9 -6.53 -10.01 18.08
CA GLY A 9 -5.30 -10.75 17.89
C GLY A 9 -4.16 -9.87 17.41
N VAL A 10 -4.44 -9.04 16.42
CA VAL A 10 -3.42 -8.14 15.87
C VAL A 10 -3.26 -6.91 16.74
N VAL A 11 -2.28 -6.96 17.65
CA VAL A 11 -2.02 -5.85 18.55
C VAL A 11 -0.94 -4.93 17.99
N TYR A 12 -1.34 -4.03 17.10
CA TYR A 12 -0.40 -3.08 16.49
C TYR A 12 0.26 -2.22 17.55
N SER A 13 1.03 -1.23 17.10
CA SER A 13 1.72 -0.32 18.00
C SER A 13 1.65 1.11 17.47
N VAL A 14 1.16 2.02 18.30
CA VAL A 14 1.01 3.43 17.94
C VAL A 14 2.00 3.83 16.83
N GLY A 15 1.59 3.61 15.59
CA GLY A 15 2.45 3.96 14.46
C GLY A 15 2.67 2.79 13.51
N MET A 16 1.74 1.84 13.51
CA MET A 16 1.86 0.67 12.64
C MET A 16 0.62 0.51 11.78
N GLN A 17 0.74 0.86 10.50
CA GLN A 17 -0.37 0.76 9.56
C GLN A 17 -0.58 -0.69 9.13
N TRP A 18 -1.65 -0.94 8.39
CA TRP A 18 -1.95 -2.29 7.92
C TRP A 18 -3.08 -2.28 6.88
N LEU A 19 -3.55 -3.47 6.53
CA LEU A 19 -4.61 -3.62 5.55
C LEU A 19 -5.86 -4.21 6.20
N LYS A 20 -6.90 -3.39 6.34
CA LYS A 20 -8.14 -3.84 6.94
C LYS A 20 -9.18 -4.20 5.88
N THR A 21 -10.18 -4.97 6.28
CA THR A 21 -11.24 -5.39 5.35
C THR A 21 -12.62 -5.06 5.92
N GLN A 22 -13.47 -4.48 5.08
CA GLN A 22 -14.83 -4.13 5.49
C GLN A 22 -15.78 -5.32 5.34
N GLY A 23 -15.22 -6.47 4.96
CA GLY A 23 -16.04 -7.65 4.77
C GLY A 23 -16.33 -7.94 3.32
N ASN A 24 -16.43 -6.89 2.52
CA ASN A 24 -16.71 -7.04 1.09
C ASN A 24 -15.61 -6.41 0.25
N LYS A 25 -14.92 -5.42 0.81
CA LYS A 25 -13.84 -4.74 0.11
C LYS A 25 -12.61 -4.60 0.99
N GLN A 26 -11.73 -3.67 0.63
CA GLN A 26 -10.51 -3.45 1.38
C GLN A 26 -10.44 -2.00 1.90
N MET A 27 -9.42 -1.73 2.71
CA MET A 27 -9.25 -0.40 3.28
C MET A 27 -7.95 -0.32 4.07
N LEU A 28 -7.28 0.83 4.00
CA LEU A 28 -6.03 1.02 4.73
C LEU A 28 -6.30 1.59 6.12
N CYS A 29 -5.85 0.89 7.14
CA CYS A 29 -6.07 1.34 8.51
C CYS A 29 -4.76 1.56 9.26
N THR A 30 -4.70 2.68 9.98
CA THR A 30 -3.51 3.04 10.75
C THR A 30 -3.89 3.43 12.17
N CYS A 31 -2.96 3.24 13.11
CA CYS A 31 -3.20 3.59 14.50
C CYS A 31 -2.32 4.76 14.94
N LEU A 32 -2.86 5.96 14.88
CA LEU A 32 -2.13 7.16 15.27
C LEU A 32 -2.14 7.31 16.79
N GLY A 33 -1.87 8.52 17.28
CA GLY A 33 -1.85 8.76 18.71
C GLY A 33 -3.24 8.88 19.31
N ASN A 34 -4.18 9.40 18.54
CA ASN A 34 -5.56 9.56 19.01
C ASN A 34 -6.30 8.22 19.02
N GLY A 35 -5.83 7.29 18.19
CA GLY A 35 -6.47 5.98 18.13
C GLY A 35 -6.15 5.26 16.83
N VAL A 36 -7.19 4.95 16.07
CA VAL A 36 -7.02 4.25 14.80
C VAL A 36 -7.95 4.82 13.73
N SER A 37 -7.36 5.16 12.58
CA SER A 37 -8.13 5.71 11.46
C SER A 37 -7.74 5.00 10.16
N CYS A 38 -8.75 4.53 9.42
CA CYS A 38 -8.50 3.84 8.17
C CYS A 38 -9.16 4.56 7.01
N GLN A 39 -8.47 4.58 5.87
CA GLN A 39 -8.97 5.24 4.68
C GLN A 39 -9.09 4.24 3.53
N GLU A 40 -10.16 4.38 2.74
CA GLU A 40 -10.40 3.50 1.60
C GLU A 40 -9.10 2.97 1.02
N THR A 41 -9.06 1.67 0.75
CA THR A 41 -7.87 1.04 0.20
C THR A 41 -7.42 1.77 -1.07
N ALA A 42 -8.35 2.52 -1.65
CA ALA A 42 -8.09 3.28 -2.87
C ALA A 42 -8.40 2.47 -4.11
N VAL A 43 -9.17 1.40 -3.93
CA VAL A 43 -9.56 0.53 -5.04
C VAL A 43 -8.35 0.21 -5.92
N THR A 44 -8.59 -0.51 -7.00
CA THR A 44 -7.53 -0.89 -7.94
C THR A 44 -8.10 -1.59 -9.16
N GLN A 45 -7.35 -1.57 -10.26
CA GLN A 45 -7.77 -2.20 -11.49
C GLN A 45 -6.60 -2.86 -12.20
N THR A 46 -6.88 -3.53 -13.32
CA THR A 46 -5.84 -4.21 -14.08
C THR A 46 -6.25 -4.39 -15.53
N TYR A 47 -5.26 -4.49 -16.42
CA TYR A 47 -5.51 -4.67 -17.84
C TYR A 47 -4.23 -5.07 -18.57
N GLY A 48 -4.31 -6.18 -19.29
CA GLY A 48 -3.16 -6.67 -20.03
C GLY A 48 -1.97 -6.94 -19.13
N GLY A 49 -0.95 -6.08 -19.22
CA GLY A 49 0.23 -6.26 -18.40
C GLY A 49 0.91 -7.60 -18.63
N ASN A 50 1.18 -8.31 -17.55
CA ASN A 50 1.84 -9.61 -17.64
C ASN A 50 0.88 -10.74 -17.28
N SER A 51 -0.14 -10.40 -16.50
CA SER A 51 -1.13 -11.39 -16.07
C SER A 51 -2.54 -10.96 -16.50
N ASN A 52 -2.61 -10.08 -17.48
CA ASN A 52 -3.89 -9.58 -18.00
C ASN A 52 -4.58 -8.70 -16.97
N GLY A 53 -4.80 -9.24 -15.78
CA GLY A 53 -5.45 -8.49 -14.72
C GLY A 53 -6.08 -9.39 -13.68
N GLU A 54 -5.29 -9.82 -12.71
CA GLU A 54 -5.77 -10.69 -11.65
C GLU A 54 -5.70 -9.98 -10.30
N PRO A 55 -6.35 -10.57 -9.28
CA PRO A 55 -6.38 -10.00 -7.92
C PRO A 55 -4.97 -9.75 -7.38
N CYS A 56 -4.63 -8.48 -7.18
CA CYS A 56 -3.32 -8.11 -6.66
C CYS A 56 -3.02 -8.85 -5.37
N VAL A 57 -1.87 -8.55 -4.76
CA VAL A 57 -1.48 -9.20 -3.52
C VAL A 57 -0.55 -8.31 -2.70
N LEU A 58 -1.01 -7.11 -2.36
CA LEU A 58 -0.20 -6.18 -1.57
C LEU A 58 -0.70 -6.10 -0.14
N PRO A 59 0.12 -5.54 0.75
CA PRO A 59 1.44 -5.00 0.38
C PRO A 59 2.44 -6.09 0.02
N PHE A 60 3.21 -5.85 -1.03
CA PHE A 60 4.21 -6.79 -1.48
C PHE A 60 5.61 -6.22 -1.30
N THR A 61 6.61 -6.92 -1.82
CA THR A 61 7.99 -6.46 -1.71
C THR A 61 8.65 -6.39 -3.07
N TYR A 62 9.17 -5.22 -3.41
CA TYR A 62 9.83 -5.03 -4.70
C TYR A 62 11.01 -4.07 -4.57
N ASN A 63 12.15 -4.47 -5.14
CA ASN A 63 13.35 -3.65 -5.08
C ASN A 63 13.89 -3.56 -3.66
N GLY A 64 13.29 -4.34 -2.76
CA GLY A 64 13.73 -4.34 -1.37
C GLY A 64 12.80 -3.57 -0.44
N ARG A 65 11.78 -2.94 -1.01
CA ARG A 65 10.82 -2.19 -0.21
C ARG A 65 9.45 -2.85 -0.23
N THR A 66 8.42 -2.09 0.13
CA THR A 66 7.06 -2.61 0.18
C THR A 66 6.06 -1.60 -0.36
N PHE A 67 4.97 -2.09 -0.93
CA PHE A 67 3.93 -1.23 -1.48
C PHE A 67 2.54 -1.80 -1.20
N TYR A 68 1.76 -1.09 -0.39
CA TYR A 68 0.42 -1.53 -0.05
C TYR A 68 -0.51 -1.47 -1.26
N SER A 69 -0.03 -0.85 -2.33
CA SER A 69 -0.82 -0.72 -3.55
C SER A 69 0.06 -0.76 -4.80
N CYS A 70 -0.55 -0.50 -5.94
CA CYS A 70 0.17 -0.50 -7.20
C CYS A 70 1.35 0.46 -7.17
N THR A 71 2.14 0.45 -8.23
CA THR A 71 3.31 1.32 -8.32
C THR A 71 3.92 1.28 -9.72
N THR A 72 4.87 2.18 -9.97
CA THR A 72 5.53 2.24 -11.27
C THR A 72 7.05 2.23 -11.12
N GLU A 73 7.52 1.68 -10.00
CA GLU A 73 8.94 1.62 -9.73
C GLU A 73 9.57 0.41 -10.41
N GLY A 74 8.73 -0.44 -11.02
CA GLY A 74 9.23 -1.61 -11.70
C GLY A 74 9.42 -1.39 -13.19
N ARG A 75 9.05 -0.21 -13.67
CA ARG A 75 9.18 0.11 -15.08
C ARG A 75 9.72 1.53 -15.27
N GLN A 76 9.79 1.97 -16.52
CA GLN A 76 10.30 3.31 -16.83
C GLN A 76 9.30 4.08 -17.70
N ASP A 77 8.09 3.55 -17.80
CA ASP A 77 7.05 4.19 -18.60
C ASP A 77 6.16 5.08 -17.74
N GLY A 78 5.51 4.47 -16.76
CA GLY A 78 4.64 5.21 -15.87
C GLY A 78 3.28 4.56 -15.70
N HIS A 79 3.22 3.24 -15.82
CA HIS A 79 1.97 2.52 -15.67
C HIS A 79 1.94 1.77 -14.34
N LEU A 80 0.95 2.07 -13.51
CA LEU A 80 0.80 1.41 -12.22
C LEU A 80 0.60 -0.09 -12.39
N TRP A 81 1.22 -0.87 -11.51
CA TRP A 81 1.11 -2.31 -11.55
C TRP A 81 1.19 -2.91 -10.15
N CYS A 82 0.38 -3.95 -9.91
CA CYS A 82 0.35 -4.60 -8.61
C CYS A 82 0.83 -6.04 -8.73
N SER A 83 1.11 -6.67 -7.59
CA SER A 83 1.58 -8.05 -7.56
C SER A 83 0.41 -9.02 -7.44
N THR A 84 0.56 -10.20 -8.04
CA THR A 84 -0.48 -11.21 -7.99
C THR A 84 -0.05 -12.39 -7.13
N THR A 85 1.24 -12.44 -6.81
CA THR A 85 1.79 -13.51 -5.98
C THR A 85 2.70 -12.94 -4.90
N SER A 86 2.54 -13.44 -3.68
CA SER A 86 3.37 -12.98 -2.56
C SER A 86 4.83 -12.89 -2.98
N ASN A 87 5.30 -13.92 -3.67
CA ASN A 87 6.68 -13.96 -4.14
C ASN A 87 6.78 -13.47 -5.58
N TYR A 88 6.85 -12.15 -5.75
CA TYR A 88 6.94 -11.55 -7.06
C TYR A 88 8.35 -11.66 -7.61
N GLU A 89 9.32 -11.74 -6.70
CA GLU A 89 10.72 -11.86 -7.09
C GLU A 89 11.00 -13.24 -7.69
N GLN A 90 10.05 -14.16 -7.50
CA GLN A 90 10.19 -15.52 -8.02
C GLN A 90 9.21 -15.76 -9.17
N ASP A 91 7.96 -15.37 -8.96
CA ASP A 91 6.93 -15.54 -9.97
C ASP A 91 6.99 -14.42 -11.00
N GLN A 92 7.16 -13.20 -10.52
CA GLN A 92 7.24 -12.03 -11.40
C GLN A 92 5.89 -11.70 -12.02
N LYS A 93 4.83 -12.29 -11.46
CA LYS A 93 3.49 -12.05 -11.97
C LYS A 93 2.92 -10.75 -11.41
N TYR A 94 2.59 -9.83 -12.30
CA TYR A 94 2.03 -8.54 -11.90
C TYR A 94 0.98 -8.05 -12.88
N SER A 95 0.10 -7.17 -12.41
CA SER A 95 -0.95 -6.60 -13.25
C SER A 95 -0.94 -5.08 -13.16
N PHE A 96 -1.39 -4.43 -14.22
CA PHE A 96 -1.41 -2.97 -14.26
C PHE A 96 -2.55 -2.41 -13.42
N CYS A 97 -2.67 -1.08 -13.41
CA CYS A 97 -3.71 -0.41 -12.66
C CYS A 97 -4.00 0.97 -13.25
N THR A 98 -4.63 0.97 -14.43
CA THR A 98 -4.97 2.21 -15.13
C THR A 98 -5.17 3.37 -14.16
N ASP A 99 -5.81 3.09 -13.03
CA ASP A 99 -6.06 4.11 -12.02
C ASP A 99 -7.01 5.18 -12.54
N HIS A 100 -6.55 5.94 -13.53
CA HIS A 100 -7.37 7.00 -14.12
C HIS A 100 -7.35 8.26 -13.24
N THR A 101 -7.74 9.38 -13.82
CA THR A 101 -7.76 10.64 -13.09
C THR A 101 -9.15 10.91 -12.52
N TYR A 1 -5.77 10.05 23.85
CA TYR A 1 -5.97 8.97 22.86
C TYR A 1 -4.64 8.34 22.46
N GLY A 2 -4.60 7.01 22.45
CA GLY A 2 -3.39 6.31 22.08
C GLY A 2 -3.67 4.98 21.40
N HIS A 3 -3.81 3.93 22.20
CA HIS A 3 -4.10 2.60 21.66
C HIS A 3 -5.17 2.66 20.60
N CYS A 4 -5.14 1.69 19.68
CA CYS A 4 -6.12 1.64 18.59
C CYS A 4 -6.64 0.21 18.41
N VAL A 5 -7.76 0.07 17.72
CA VAL A 5 -8.36 -1.23 17.49
C VAL A 5 -9.63 -1.11 16.68
N THR A 6 -9.92 -2.14 15.88
CA THR A 6 -11.11 -2.14 15.04
C THR A 6 -12.38 -2.10 15.88
N ASP A 7 -12.46 -2.99 16.86
CA ASP A 7 -13.64 -3.06 17.73
C ASP A 7 -13.47 -4.16 18.76
N SER A 8 -12.86 -5.27 18.37
CA SER A 8 -12.64 -6.40 19.26
C SER A 8 -11.95 -7.54 18.52
N GLY A 9 -10.80 -7.25 17.93
CA GLY A 9 -10.05 -8.25 17.21
C GLY A 9 -8.57 -7.95 17.12
N VAL A 10 -8.25 -6.76 16.63
CA VAL A 10 -6.86 -6.34 16.48
C VAL A 10 -6.58 -5.08 17.31
N VAL A 11 -6.17 -5.28 18.55
CA VAL A 11 -5.87 -4.17 19.44
C VAL A 11 -4.61 -3.43 18.98
N TYR A 12 -4.77 -2.59 17.96
CA TYR A 12 -3.66 -1.81 17.43
C TYR A 12 -3.13 -0.84 18.48
N SER A 13 -1.99 -0.22 18.18
CA SER A 13 -1.39 0.74 19.09
C SER A 13 -0.99 2.01 18.34
N VAL A 14 -1.24 3.16 18.96
CA VAL A 14 -0.93 4.45 18.37
C VAL A 14 0.30 4.37 17.47
N GLY A 15 0.07 4.05 16.20
CA GLY A 15 1.17 3.94 15.26
C GLY A 15 1.39 2.51 14.77
N MET A 16 0.32 1.72 14.76
CA MET A 16 0.41 0.33 14.31
C MET A 16 -0.26 0.16 12.94
N GLN A 17 0.18 0.94 11.96
CA GLN A 17 -0.38 0.86 10.62
C GLN A 17 -0.76 -0.56 10.24
N TRP A 18 -1.95 -0.71 9.67
CA TRP A 18 -2.44 -2.02 9.25
C TRP A 18 -3.26 -1.89 7.97
N LEU A 19 -3.85 -3.00 7.54
CA LEU A 19 -4.66 -3.01 6.32
C LEU A 19 -5.83 -3.96 6.46
N LYS A 20 -6.99 -3.54 5.96
CA LYS A 20 -8.20 -4.36 6.03
C LYS A 20 -8.58 -4.87 4.64
N THR A 21 -8.98 -6.13 4.57
CA THR A 21 -9.37 -6.75 3.31
C THR A 21 -10.64 -7.58 3.45
N GLN A 22 -10.82 -8.20 4.62
CA GLN A 22 -11.99 -9.02 4.86
C GLN A 22 -13.19 -8.16 5.23
N GLY A 23 -12.93 -6.89 5.53
CA GLY A 23 -13.99 -5.98 5.87
C GLY A 23 -14.97 -5.77 4.73
N ASN A 24 -14.48 -5.94 3.51
CA ASN A 24 -15.31 -5.77 2.32
C ASN A 24 -14.60 -6.31 1.08
N LYS A 25 -13.56 -5.61 0.66
CA LYS A 25 -12.78 -6.02 -0.51
C LYS A 25 -11.30 -5.71 -0.32
N GLN A 26 -10.98 -4.42 -0.17
CA GLN A 26 -9.61 -3.99 0.02
C GLN A 26 -9.57 -2.59 0.64
N MET A 27 -8.68 -2.40 1.61
CA MET A 27 -8.57 -1.10 2.27
C MET A 27 -7.42 -1.08 3.28
N LEU A 28 -6.77 0.08 3.39
CA LEU A 28 -5.66 0.26 4.32
C LEU A 28 -6.07 1.22 5.42
N CYS A 29 -5.86 0.83 6.67
CA CYS A 29 -6.22 1.68 7.80
C CYS A 29 -5.05 1.90 8.75
N THR A 30 -5.13 2.98 9.51
CA THR A 30 -4.09 3.32 10.48
C THR A 30 -4.65 4.17 11.61
N CYS A 31 -4.07 4.02 12.81
CA CYS A 31 -4.51 4.78 13.96
C CYS A 31 -3.57 5.94 14.24
N LEU A 32 -3.96 7.13 13.77
CA LEU A 32 -3.16 8.33 13.97
C LEU A 32 -3.36 8.88 15.38
N GLY A 33 -3.02 10.16 15.58
CA GLY A 33 -3.17 10.77 16.88
C GLY A 33 -4.57 11.30 17.13
N ASN A 34 -5.29 11.60 16.04
CA ASN A 34 -6.65 12.13 16.15
C ASN A 34 -7.68 10.99 16.12
N GLY A 35 -7.22 9.79 15.82
CA GLY A 35 -8.10 8.65 15.76
C GLY A 35 -7.60 7.57 14.82
N VAL A 36 -8.50 7.00 14.03
CA VAL A 36 -8.13 5.97 13.08
C VAL A 36 -8.71 6.26 11.69
N SER A 37 -7.82 6.41 10.72
CA SER A 37 -8.21 6.69 9.35
C SER A 37 -7.82 5.53 8.44
N CYS A 38 -8.47 5.42 7.29
CA CYS A 38 -8.18 4.34 6.35
C CYS A 38 -8.57 4.70 4.93
N GLN A 39 -7.90 4.08 3.96
CA GLN A 39 -8.18 4.34 2.55
C GLN A 39 -8.89 3.13 1.94
N GLU A 40 -10.22 3.20 1.93
CA GLU A 40 -11.04 2.12 1.39
C GLU A 40 -10.82 1.95 -0.12
N THR A 41 -10.73 0.70 -0.55
CA THR A 41 -10.53 0.37 -1.96
C THR A 41 -9.04 0.23 -2.30
N ALA A 42 -8.27 1.26 -1.97
CA ALA A 42 -6.84 1.24 -2.25
C ALA A 42 -6.57 0.70 -3.66
N VAL A 43 -6.42 1.61 -4.61
CA VAL A 43 -6.18 1.23 -6.00
C VAL A 43 -4.70 1.37 -6.36
N THR A 44 -4.39 1.24 -7.65
CA THR A 44 -3.02 1.34 -8.13
C THR A 44 -2.98 1.40 -9.65
N GLN A 45 -2.11 2.26 -10.19
CA GLN A 45 -1.98 2.40 -11.64
C GLN A 45 -0.63 1.87 -12.12
N THR A 46 -0.48 1.78 -13.43
CA THR A 46 0.76 1.28 -14.02
C THR A 46 0.89 1.69 -15.47
N TYR A 47 2.12 2.01 -15.89
CA TYR A 47 2.39 2.42 -17.26
C TYR A 47 3.84 2.15 -17.64
N GLY A 48 4.03 1.29 -18.64
CA GLY A 48 5.38 0.96 -19.08
C GLY A 48 6.23 0.39 -17.96
N GLY A 49 7.06 1.24 -17.36
CA GLY A 49 7.92 0.79 -16.27
C GLY A 49 8.79 -0.38 -16.67
N ASN A 50 8.69 -1.47 -15.92
CA ASN A 50 9.48 -2.67 -16.20
C ASN A 50 8.57 -3.86 -16.52
N SER A 51 7.27 -3.68 -16.33
CA SER A 51 6.30 -4.73 -16.61
C SER A 51 5.36 -4.33 -17.74
N ASN A 52 5.72 -3.27 -18.45
CA ASN A 52 4.91 -2.78 -19.56
C ASN A 52 3.46 -2.56 -19.12
N GLY A 53 3.27 -2.30 -17.84
CA GLY A 53 1.94 -2.07 -17.31
C GLY A 53 1.22 -3.37 -16.97
N GLU A 54 1.12 -3.65 -15.67
CA GLU A 54 0.47 -4.87 -15.21
C GLU A 54 0.08 -4.74 -13.74
N PRO A 55 -0.70 -5.71 -13.21
CA PRO A 55 -1.14 -5.70 -11.82
C PRO A 55 0.03 -5.81 -10.85
N CYS A 56 -0.03 -5.04 -9.77
CA CYS A 56 1.02 -5.05 -8.76
C CYS A 56 0.86 -6.23 -7.81
N VAL A 57 1.85 -6.43 -6.95
CA VAL A 57 1.81 -7.54 -5.99
C VAL A 57 2.02 -7.05 -4.56
N LEU A 58 1.10 -6.24 -4.06
CA LEU A 58 1.19 -5.72 -2.71
C LEU A 58 -0.02 -6.17 -1.88
N PRO A 59 0.03 -5.93 -0.56
CA PRO A 59 1.17 -5.28 0.09
C PRO A 59 2.43 -6.13 0.05
N PHE A 60 3.50 -5.58 -0.52
CA PHE A 60 4.76 -6.28 -0.63
C PHE A 60 5.77 -5.74 0.37
N THR A 61 6.93 -6.36 0.44
CA THR A 61 7.98 -5.93 1.35
C THR A 61 9.26 -5.59 0.61
N TYR A 62 9.74 -4.37 0.78
CA TYR A 62 10.96 -3.92 0.11
C TYR A 62 11.83 -3.11 1.07
N ASN A 63 13.13 -3.43 1.10
CA ASN A 63 14.07 -2.74 1.97
C ASN A 63 13.77 -3.03 3.44
N GLY A 64 12.88 -3.98 3.68
CA GLY A 64 12.54 -4.33 5.05
C GLY A 64 11.18 -3.80 5.46
N ARG A 65 10.70 -2.79 4.75
CA ARG A 65 9.41 -2.19 5.05
C ARG A 65 8.31 -2.81 4.19
N THR A 66 7.13 -2.19 4.21
CA THR A 66 6.00 -2.68 3.43
C THR A 66 5.31 -1.55 2.67
N PHE A 67 4.56 -1.93 1.63
CA PHE A 67 3.84 -0.95 0.82
C PHE A 67 2.55 -1.54 0.28
N TYR A 68 1.44 -0.89 0.58
CA TYR A 68 0.13 -1.35 0.13
C TYR A 68 -0.29 -0.61 -1.14
N SER A 69 0.69 -0.06 -1.85
CA SER A 69 0.43 0.67 -3.08
C SER A 69 1.73 1.13 -3.73
N CYS A 70 1.61 2.03 -4.70
CA CYS A 70 2.79 2.56 -5.40
C CYS A 70 3.78 3.14 -4.40
N THR A 71 5.01 3.39 -4.87
CA THR A 71 6.05 3.95 -4.01
C THR A 71 7.24 4.44 -4.83
N THR A 72 8.12 5.20 -4.18
CA THR A 72 9.30 5.73 -4.84
C THR A 72 10.55 5.42 -4.02
N GLU A 73 10.45 4.43 -3.15
CA GLU A 73 11.58 4.02 -2.32
C GLU A 73 12.56 3.16 -3.10
N GLY A 74 12.03 2.30 -3.95
CA GLY A 74 12.87 1.42 -4.75
C GLY A 74 12.97 1.87 -6.20
N ARG A 75 13.43 3.10 -6.40
CA ARG A 75 13.58 3.66 -7.74
C ARG A 75 14.66 4.73 -7.77
N GLN A 76 15.13 5.05 -8.97
CA GLN A 76 16.16 6.06 -9.13
C GLN A 76 15.88 6.92 -10.36
N ASP A 77 14.60 7.04 -10.70
CA ASP A 77 14.19 7.83 -11.86
C ASP A 77 13.33 9.02 -11.43
N GLY A 78 12.33 8.75 -10.59
CA GLY A 78 11.45 9.81 -10.13
C GLY A 78 10.00 9.55 -10.48
N HIS A 79 9.70 8.30 -10.84
CA HIS A 79 8.35 7.91 -11.22
C HIS A 79 7.82 6.81 -10.30
N LEU A 80 6.68 7.07 -9.65
CA LEU A 80 6.09 6.08 -8.76
C LEU A 80 6.17 4.70 -9.40
N TRP A 81 6.28 3.66 -8.57
CA TRP A 81 6.38 2.30 -9.08
C TRP A 81 5.77 1.28 -8.12
N CYS A 82 5.58 0.08 -8.63
CA CYS A 82 5.04 -1.03 -7.85
C CYS A 82 5.61 -2.35 -8.33
N SER A 83 5.53 -3.38 -7.51
CA SER A 83 6.07 -4.69 -7.86
C SER A 83 4.99 -5.57 -8.48
N THR A 84 5.36 -6.29 -9.54
CA THR A 84 4.42 -7.19 -10.21
C THR A 84 4.67 -8.64 -9.79
N THR A 85 5.60 -8.83 -8.87
CA THR A 85 5.93 -10.15 -8.37
C THR A 85 6.55 -10.05 -6.98
N SER A 86 6.20 -10.99 -6.10
CA SER A 86 6.71 -11.00 -4.73
C SER A 86 8.20 -10.68 -4.71
N ASN A 87 8.98 -11.47 -5.42
CA ASN A 87 10.42 -11.27 -5.48
C ASN A 87 10.78 -10.11 -6.40
N TYR A 88 10.76 -8.91 -5.86
CA TYR A 88 11.09 -7.72 -6.65
C TYR A 88 12.60 -7.54 -6.75
N GLU A 89 13.30 -7.89 -5.67
CA GLU A 89 14.75 -7.76 -5.63
C GLU A 89 15.42 -8.96 -6.29
N GLN A 90 14.62 -9.79 -6.95
CA GLN A 90 15.14 -10.97 -7.63
C GLN A 90 14.76 -10.98 -9.10
N ASP A 91 13.48 -10.79 -9.38
CA ASP A 91 12.98 -10.79 -10.76
C ASP A 91 13.05 -9.39 -11.35
N GLN A 92 13.09 -8.38 -10.48
CA GLN A 92 13.15 -6.99 -10.92
C GLN A 92 12.10 -6.69 -11.99
N LYS A 93 10.84 -7.04 -11.69
CA LYS A 93 9.75 -6.78 -12.62
C LYS A 93 8.78 -5.76 -12.02
N TYR A 94 9.29 -4.55 -11.80
CA TYR A 94 8.49 -3.48 -11.23
C TYR A 94 7.76 -2.68 -12.30
N SER A 95 6.76 -1.94 -11.88
CA SER A 95 5.97 -1.11 -12.79
C SER A 95 5.88 0.31 -12.26
N PHE A 96 5.40 1.23 -13.08
CA PHE A 96 5.28 2.62 -12.67
C PHE A 96 3.90 2.92 -12.10
N CYS A 97 3.67 4.17 -11.73
CA CYS A 97 2.38 4.58 -11.17
C CYS A 97 2.10 6.05 -11.45
N THR A 98 1.08 6.30 -12.26
CA THR A 98 0.70 7.67 -12.61
C THR A 98 0.30 8.46 -11.37
N ASP A 99 -0.23 9.67 -11.59
CA ASP A 99 -0.67 10.54 -10.50
C ASP A 99 0.42 11.55 -10.14
N HIS A 100 1.67 11.13 -10.28
CA HIS A 100 2.81 12.00 -9.96
C HIS A 100 2.63 12.64 -8.59
N THR A 101 3.59 13.47 -8.20
CA THR A 101 3.55 14.16 -6.92
C THR A 101 3.43 13.15 -5.77
N TYR A 1 -0.76 11.76 19.68
CA TYR A 1 -0.14 10.79 20.61
C TYR A 1 0.44 9.59 19.86
N GLY A 2 0.86 8.57 20.61
CA GLY A 2 1.42 7.39 20.00
C GLY A 2 0.36 6.39 19.57
N HIS A 3 0.05 5.46 20.46
CA HIS A 3 -0.95 4.44 20.15
C HIS A 3 -2.17 5.05 19.48
N CYS A 4 -2.59 4.47 18.36
CA CYS A 4 -3.74 4.98 17.62
C CYS A 4 -4.94 4.07 17.79
N VAL A 5 -6.07 4.47 17.21
CA VAL A 5 -7.30 3.69 17.29
C VAL A 5 -8.25 4.07 16.16
N THR A 6 -9.08 3.11 15.76
CA THR A 6 -10.05 3.34 14.69
C THR A 6 -11.28 4.06 15.21
N ASP A 7 -11.67 3.74 16.44
CA ASP A 7 -12.83 4.35 17.07
C ASP A 7 -12.89 4.02 18.56
N SER A 8 -12.93 2.73 18.86
CA SER A 8 -12.99 2.28 20.25
C SER A 8 -13.09 0.76 20.33
N GLY A 9 -12.06 0.08 19.81
CA GLY A 9 -12.05 -1.37 19.84
C GLY A 9 -10.69 -1.95 19.49
N VAL A 10 -10.00 -1.30 18.56
CA VAL A 10 -8.67 -1.75 18.14
C VAL A 10 -7.64 -0.64 18.27
N VAL A 11 -6.98 -0.59 19.43
CA VAL A 11 -5.96 0.42 19.67
C VAL A 11 -4.71 0.15 18.85
N TYR A 12 -4.71 0.61 17.61
CA TYR A 12 -3.58 0.43 16.72
C TYR A 12 -2.40 1.27 17.14
N SER A 13 -1.41 0.65 17.76
CA SER A 13 -0.22 1.35 18.22
C SER A 13 0.31 2.28 17.13
N VAL A 14 1.34 3.06 17.49
CA VAL A 14 1.93 3.99 16.54
C VAL A 14 3.04 3.31 15.75
N GLY A 15 2.64 2.56 14.74
CA GLY A 15 3.60 1.87 13.90
C GLY A 15 3.32 0.39 13.80
N MET A 16 2.10 -0.01 14.16
CA MET A 16 1.71 -1.41 14.11
C MET A 16 1.27 -1.79 12.70
N GLN A 17 0.76 -0.81 11.97
CA GLN A 17 0.30 -1.02 10.60
C GLN A 17 -0.78 -2.09 10.56
N TRP A 18 -1.79 -1.86 9.73
CA TRP A 18 -2.90 -2.81 9.61
C TRP A 18 -3.72 -2.57 8.36
N LEU A 19 -4.86 -3.25 8.28
CA LEU A 19 -5.76 -3.13 7.13
C LEU A 19 -7.19 -2.92 7.58
N LYS A 20 -7.98 -2.28 6.74
CA LYS A 20 -9.38 -2.02 7.05
C LYS A 20 -10.27 -2.31 5.85
N THR A 21 -11.40 -2.96 6.11
CA THR A 21 -12.34 -3.31 5.04
C THR A 21 -13.74 -2.77 5.36
N GLN A 22 -13.94 -2.29 6.58
CA GLN A 22 -15.22 -1.76 7.00
C GLN A 22 -15.42 -0.35 6.47
N GLY A 23 -15.58 -0.23 5.16
CA GLY A 23 -15.78 1.06 4.53
C GLY A 23 -16.51 0.96 3.20
N ASN A 24 -16.19 -0.09 2.44
CA ASN A 24 -16.82 -0.31 1.14
C ASN A 24 -16.34 -1.61 0.52
N LYS A 25 -15.02 -1.76 0.41
CA LYS A 25 -14.43 -2.97 -0.16
C LYS A 25 -13.11 -3.30 0.51
N GLN A 26 -12.07 -2.54 0.18
CA GLN A 26 -10.76 -2.75 0.76
C GLN A 26 -10.08 -1.41 1.06
N MET A 27 -9.35 -1.36 2.18
CA MET A 27 -8.66 -0.14 2.57
C MET A 27 -7.55 -0.44 3.56
N LEU A 28 -6.40 0.20 3.37
CA LEU A 28 -5.26 0.02 4.25
C LEU A 28 -5.10 1.22 5.17
N CYS A 29 -4.72 0.96 6.42
CA CYS A 29 -4.55 2.04 7.39
C CYS A 29 -3.28 1.85 8.22
N THR A 30 -2.80 2.96 8.79
CA THR A 30 -1.59 2.91 9.61
C THR A 30 -1.49 4.14 10.52
N CYS A 31 -0.76 3.97 11.63
CA CYS A 31 -0.56 5.07 12.58
C CYS A 31 0.87 5.56 12.51
N LEU A 32 1.08 6.70 11.85
CA LEU A 32 2.43 7.26 11.72
C LEU A 32 2.86 7.98 12.99
N GLY A 33 2.75 9.31 13.00
CA GLY A 33 3.15 10.07 14.17
C GLY A 33 2.13 11.13 14.54
N ASN A 34 1.64 11.85 13.54
CA ASN A 34 0.66 12.90 13.77
C ASN A 34 -0.71 12.30 14.05
N GLY A 35 -0.88 11.04 13.64
CA GLY A 35 -2.15 10.36 13.86
C GLY A 35 -2.24 9.05 13.11
N VAL A 36 -3.32 8.88 12.34
CA VAL A 36 -3.53 7.67 11.56
C VAL A 36 -3.91 8.02 10.13
N SER A 37 -3.22 7.41 9.17
CA SER A 37 -3.48 7.65 7.76
C SER A 37 -3.75 6.34 7.02
N CYS A 38 -4.91 6.26 6.38
CA CYS A 38 -5.30 5.07 5.63
C CYS A 38 -5.67 5.44 4.20
N GLN A 39 -5.72 4.44 3.32
CA GLN A 39 -6.06 4.67 1.93
C GLN A 39 -7.15 3.71 1.47
N GLU A 40 -8.34 4.25 1.22
CA GLU A 40 -9.47 3.45 0.77
C GLU A 40 -9.28 3.01 -0.69
N THR A 41 -9.66 1.77 -0.97
CA THR A 41 -9.54 1.22 -2.32
C THR A 41 -8.12 0.70 -2.57
N ALA A 42 -7.13 1.52 -2.26
CA ALA A 42 -5.73 1.14 -2.46
C ALA A 42 -5.43 0.90 -3.93
N VAL A 43 -4.80 1.88 -4.56
CA VAL A 43 -4.44 1.77 -5.98
C VAL A 43 -3.09 2.42 -6.25
N THR A 44 -2.78 2.65 -7.52
CA THR A 44 -1.52 3.25 -7.91
C THR A 44 -1.56 3.72 -9.36
N GLN A 45 -0.51 4.43 -9.77
CA GLN A 45 -0.42 4.94 -11.14
C GLN A 45 1.04 4.98 -11.60
N THR A 46 1.87 5.70 -10.86
CA THR A 46 3.28 5.82 -11.19
C THR A 46 3.49 6.43 -12.56
N TYR A 47 4.57 7.21 -12.71
CA TYR A 47 4.87 7.86 -13.97
C TYR A 47 6.34 7.65 -14.35
N GLY A 48 7.21 7.70 -13.35
CA GLY A 48 8.64 7.52 -13.60
C GLY A 48 9.39 7.13 -12.34
N GLY A 49 10.52 7.79 -12.10
CA GLY A 49 11.32 7.50 -10.93
C GLY A 49 12.43 6.51 -11.24
N ASN A 50 12.24 5.26 -10.82
CA ASN A 50 13.23 4.22 -11.05
C ASN A 50 12.64 3.11 -11.93
N SER A 51 11.32 3.14 -12.09
CA SER A 51 10.63 2.15 -12.91
C SER A 51 10.25 2.73 -14.27
N ASN A 52 10.26 4.05 -14.36
CA ASN A 52 9.92 4.74 -15.60
C ASN A 52 8.45 4.55 -15.93
N GLY A 53 7.65 4.24 -14.91
CA GLY A 53 6.23 4.04 -15.12
C GLY A 53 5.87 2.58 -15.32
N GLU A 54 5.85 1.82 -14.23
CA GLU A 54 5.52 0.41 -14.30
C GLU A 54 4.58 0.01 -13.18
N PRO A 55 3.99 -1.20 -13.27
CA PRO A 55 3.05 -1.72 -12.26
C PRO A 55 3.76 -2.05 -10.95
N CYS A 56 3.35 -1.41 -9.87
CA CYS A 56 3.94 -1.65 -8.57
C CYS A 56 3.80 -3.12 -8.18
N VAL A 57 4.42 -3.50 -7.07
CA VAL A 57 4.38 -4.88 -6.60
C VAL A 57 4.15 -4.96 -5.10
N LEU A 58 3.00 -4.45 -4.65
CA LEU A 58 2.66 -4.48 -3.23
C LEU A 58 1.56 -5.50 -2.95
N PRO A 59 1.34 -5.84 -1.67
CA PRO A 59 2.08 -5.28 -0.53
C PRO A 59 3.56 -5.62 -0.55
N PHE A 60 4.40 -4.60 -0.49
CA PHE A 60 5.84 -4.80 -0.46
C PHE A 60 6.36 -4.54 0.95
N THR A 61 7.65 -4.81 1.17
CA THR A 61 8.23 -4.60 2.50
C THR A 61 9.42 -3.67 2.43
N TYR A 62 9.38 -2.62 3.24
CA TYR A 62 10.46 -1.65 3.30
C TYR A 62 10.68 -1.16 4.72
N ASN A 63 11.92 -1.23 5.19
CA ASN A 63 12.26 -0.81 6.54
C ASN A 63 11.71 -1.79 7.57
N GLY A 64 11.11 -2.87 7.10
CA GLY A 64 10.56 -3.87 8.00
C GLY A 64 9.05 -3.87 8.01
N ARG A 65 8.44 -2.85 7.40
CA ARG A 65 7.00 -2.74 7.36
C ARG A 65 6.46 -3.14 5.99
N THR A 66 5.19 -2.85 5.75
CA THR A 66 4.55 -3.20 4.48
C THR A 66 3.63 -2.07 4.01
N PHE A 67 3.43 -1.99 2.70
CA PHE A 67 2.57 -0.97 2.10
C PHE A 67 1.76 -1.55 0.96
N TYR A 68 0.46 -1.29 0.96
CA TYR A 68 -0.44 -1.79 -0.08
C TYR A 68 -0.40 -0.91 -1.32
N SER A 69 0.32 0.20 -1.25
CA SER A 69 0.41 1.11 -2.38
C SER A 69 1.57 2.08 -2.23
N CYS A 70 1.49 3.19 -2.97
CA CYS A 70 2.53 4.22 -2.94
C CYS A 70 2.92 4.55 -1.51
N THR A 71 4.08 5.18 -1.34
CA THR A 71 4.56 5.56 -0.01
C THR A 71 5.72 6.54 -0.11
N THR A 72 5.88 7.35 0.93
CA THR A 72 6.96 8.33 0.98
C THR A 72 7.90 8.06 2.15
N GLU A 73 7.95 6.81 2.59
CA GLU A 73 8.80 6.42 3.70
C GLU A 73 10.24 6.23 3.26
N GLY A 74 10.42 5.49 2.17
CA GLY A 74 11.76 5.25 1.66
C GLY A 74 12.12 6.18 0.52
N ARG A 75 12.10 7.47 0.79
CA ARG A 75 12.43 8.47 -0.21
C ARG A 75 12.85 9.79 0.43
N GLN A 76 13.52 10.63 -0.34
CA GLN A 76 13.98 11.92 0.14
C GLN A 76 13.81 12.98 -0.94
N ASP A 77 12.87 12.73 -1.85
CA ASP A 77 12.61 13.66 -2.96
C ASP A 77 11.32 14.45 -2.73
N GLY A 78 10.22 13.72 -2.59
CA GLY A 78 8.93 14.35 -2.38
C GLY A 78 7.83 13.75 -3.23
N HIS A 79 8.20 12.77 -4.05
CA HIS A 79 7.24 12.11 -4.93
C HIS A 79 6.94 10.70 -4.44
N LEU A 80 5.65 10.39 -4.26
CA LEU A 80 5.25 9.07 -3.80
C LEU A 80 5.90 8.00 -4.67
N TRP A 81 6.35 6.92 -4.05
CA TRP A 81 7.00 5.83 -4.77
C TRP A 81 6.49 4.47 -4.34
N CYS A 82 6.70 3.48 -5.21
CA CYS A 82 6.28 2.11 -4.92
C CYS A 82 7.35 1.13 -5.38
N SER A 83 7.14 -0.14 -5.09
CA SER A 83 8.10 -1.17 -5.48
C SER A 83 7.63 -1.92 -6.73
N THR A 84 8.57 -2.26 -7.60
CA THR A 84 8.24 -2.98 -8.84
C THR A 84 8.70 -4.42 -8.74
N THR A 85 9.57 -4.70 -7.76
CA THR A 85 10.09 -6.05 -7.56
C THR A 85 9.79 -6.53 -6.14
N SER A 86 9.46 -7.81 -6.02
CA SER A 86 9.15 -8.40 -4.72
C SER A 86 10.20 -8.02 -3.69
N ASN A 87 11.46 -8.03 -4.11
CA ASN A 87 12.56 -7.69 -3.22
C ASN A 87 13.17 -6.34 -3.58
N TYR A 88 12.45 -5.27 -3.24
CA TYR A 88 12.92 -3.92 -3.52
C TYR A 88 14.05 -3.54 -2.57
N GLU A 89 14.05 -4.17 -1.39
CA GLU A 89 15.08 -3.91 -0.39
C GLU A 89 16.46 -4.21 -0.94
N GLN A 90 16.51 -5.08 -1.96
CA GLN A 90 17.78 -5.46 -2.57
C GLN A 90 17.85 -4.97 -4.02
N ASP A 91 16.74 -5.08 -4.72
CA ASP A 91 16.67 -4.66 -6.11
C ASP A 91 16.80 -3.14 -6.23
N GLN A 92 15.89 -2.43 -5.59
CA GLN A 92 15.90 -0.96 -5.60
C GLN A 92 15.17 -0.42 -6.82
N LYS A 93 14.35 -1.27 -7.44
CA LYS A 93 13.59 -0.86 -8.62
C LYS A 93 12.21 -0.33 -8.22
N TYR A 94 12.16 0.93 -7.82
CA TYR A 94 10.92 1.55 -7.40
C TYR A 94 10.37 2.50 -8.45
N SER A 95 9.14 2.93 -8.25
CA SER A 95 8.47 3.86 -9.16
C SER A 95 7.93 5.06 -8.39
N PHE A 96 7.18 5.91 -9.07
CA PHE A 96 6.61 7.09 -8.43
C PHE A 96 5.10 6.98 -8.32
N CYS A 97 4.46 8.06 -7.90
CA CYS A 97 3.01 8.08 -7.74
C CYS A 97 2.48 9.51 -7.72
N THR A 98 1.58 9.82 -8.63
CA THR A 98 1.00 11.16 -8.72
C THR A 98 -0.38 11.18 -8.08
N ASP A 99 -0.64 10.21 -7.20
CA ASP A 99 -1.93 10.13 -6.51
C ASP A 99 -2.39 11.52 -6.09
N HIS A 100 -1.42 12.41 -5.86
CA HIS A 100 -1.74 13.77 -5.44
C HIS A 100 -2.08 13.82 -3.96
N THR A 101 -3.17 13.16 -3.60
CA THR A 101 -3.63 13.12 -2.21
C THR A 101 -3.77 14.52 -1.64
N TYR A 1 -4.05 9.33 24.16
CA TYR A 1 -3.86 10.62 23.43
C TYR A 1 -3.73 10.38 21.94
N GLY A 2 -4.82 9.96 21.31
CA GLY A 2 -4.81 9.70 19.88
C GLY A 2 -4.59 8.24 19.56
N HIS A 3 -5.29 7.36 20.27
CA HIS A 3 -5.16 5.93 20.06
C HIS A 3 -6.20 5.45 19.03
N CYS A 4 -5.86 4.38 18.32
CA CYS A 4 -6.76 3.82 17.32
C CYS A 4 -6.89 2.31 17.49
N VAL A 5 -8.09 1.79 17.26
CA VAL A 5 -8.35 0.36 17.39
C VAL A 5 -9.61 -0.05 16.63
N THR A 6 -9.71 -1.32 16.28
CA THR A 6 -10.86 -1.82 15.55
C THR A 6 -11.56 -2.94 16.33
N ASP A 7 -12.37 -3.72 15.62
CA ASP A 7 -13.09 -4.83 16.23
C ASP A 7 -12.19 -6.05 16.38
N SER A 8 -10.98 -5.97 15.84
CA SER A 8 -10.02 -7.05 15.93
C SER A 8 -9.17 -6.95 17.19
N GLY A 9 -9.25 -5.79 17.85
CA GLY A 9 -8.49 -5.57 19.06
C GLY A 9 -7.13 -4.95 18.80
N VAL A 10 -6.81 -4.78 17.52
CA VAL A 10 -5.53 -4.17 17.13
C VAL A 10 -5.40 -2.77 17.71
N VAL A 11 -4.84 -2.69 18.91
CA VAL A 11 -4.66 -1.42 19.60
C VAL A 11 -3.63 -0.55 18.89
N TYR A 12 -4.04 0.10 17.82
CA TYR A 12 -3.17 0.99 17.06
C TYR A 12 -2.93 2.28 17.83
N SER A 13 -2.24 3.22 17.20
CA SER A 13 -1.96 4.51 17.83
C SER A 13 -1.82 5.59 16.76
N VAL A 14 -2.39 6.76 17.04
CA VAL A 14 -2.36 7.89 16.10
C VAL A 14 -1.13 7.85 15.20
N GLY A 15 -1.27 7.17 14.07
CA GLY A 15 -0.18 7.09 13.11
C GLY A 15 0.38 5.68 12.97
N MET A 16 -0.49 4.69 12.99
CA MET A 16 -0.07 3.30 12.85
C MET A 16 -0.74 2.65 11.65
N GLN A 17 -0.67 3.33 10.50
CA GLN A 17 -1.27 2.83 9.27
C GLN A 17 -1.23 1.30 9.21
N TRP A 18 -2.41 0.71 9.07
CA TRP A 18 -2.52 -0.75 8.99
C TRP A 18 -3.35 -1.17 7.79
N LEU A 19 -3.68 -2.46 7.72
CA LEU A 19 -4.47 -2.99 6.62
C LEU A 19 -5.71 -3.71 7.13
N LYS A 20 -6.87 -3.11 6.88
CA LYS A 20 -8.14 -3.69 7.32
C LYS A 20 -8.69 -4.63 6.24
N THR A 21 -9.37 -5.69 6.69
CA THR A 21 -9.94 -6.66 5.78
C THR A 21 -11.33 -7.08 6.24
N GLN A 22 -12.20 -7.41 5.28
CA GLN A 22 -13.56 -7.83 5.60
C GLN A 22 -13.79 -9.28 5.20
N GLY A 23 -12.74 -9.95 4.78
CA GLY A 23 -12.85 -11.35 4.38
C GLY A 23 -13.22 -11.51 2.92
N ASN A 24 -13.80 -10.46 2.35
CA ASN A 24 -14.21 -10.50 0.94
C ASN A 24 -13.30 -9.59 0.09
N LYS A 25 -12.82 -8.52 0.70
CA LYS A 25 -11.95 -7.58 0.00
C LYS A 25 -10.88 -7.02 0.94
N GLN A 26 -10.12 -6.05 0.45
CA GLN A 26 -9.06 -5.43 1.24
C GLN A 26 -9.39 -3.97 1.52
N MET A 27 -8.74 -3.40 2.53
CA MET A 27 -8.98 -2.01 2.91
C MET A 27 -7.82 -1.47 3.75
N LEU A 28 -7.25 -0.36 3.29
CA LEU A 28 -6.15 0.27 4.01
C LEU A 28 -6.67 1.27 5.03
N CYS A 29 -6.39 1.02 6.30
CA CYS A 29 -6.85 1.90 7.37
C CYS A 29 -5.70 2.75 7.92
N THR A 30 -6.04 3.95 8.38
CA THR A 30 -5.06 4.87 8.94
C THR A 30 -5.70 5.81 9.95
N CYS A 31 -5.27 5.70 11.20
CA CYS A 31 -5.79 6.56 12.26
C CYS A 31 -5.02 7.87 12.31
N LEU A 32 -5.67 8.94 11.84
CA LEU A 32 -5.05 10.26 11.82
C LEU A 32 -5.09 10.91 13.20
N GLY A 33 -6.12 11.72 13.44
CA GLY A 33 -6.24 12.40 14.72
C GLY A 33 -7.66 12.45 15.24
N ASN A 34 -8.60 12.79 14.36
CA ASN A 34 -10.01 12.87 14.74
C ASN A 34 -10.60 11.49 14.92
N GLY A 35 -10.13 10.55 14.09
CA GLY A 35 -10.62 9.19 14.17
C GLY A 35 -9.76 8.22 13.39
N VAL A 36 -10.36 7.50 12.47
CA VAL A 36 -9.63 6.54 11.65
C VAL A 36 -10.21 6.46 10.23
N SER A 37 -9.38 6.79 9.25
CA SER A 37 -9.79 6.76 7.86
C SER A 37 -9.15 5.59 7.12
N CYS A 38 -9.85 5.07 6.11
CA CYS A 38 -9.35 3.96 5.34
C CYS A 38 -9.83 4.02 3.89
N GLN A 39 -9.16 3.30 3.01
CA GLN A 39 -9.53 3.27 1.60
C GLN A 39 -9.93 1.87 1.16
N GLU A 40 -11.12 1.74 0.59
CA GLU A 40 -11.63 0.46 0.13
C GLU A 40 -10.70 -0.15 -0.92
N THR A 41 -10.08 -1.27 -0.56
CA THR A 41 -9.17 -1.95 -1.47
C THR A 41 -7.81 -1.28 -1.51
N ALA A 42 -7.81 0.02 -1.83
CA ALA A 42 -6.58 0.79 -1.92
C ALA A 42 -5.99 0.70 -3.32
N VAL A 43 -6.26 1.70 -4.14
CA VAL A 43 -5.76 1.73 -5.51
C VAL A 43 -4.63 2.74 -5.69
N THR A 44 -4.30 3.02 -6.94
CA THR A 44 -3.24 3.97 -7.26
C THR A 44 -2.97 4.01 -8.77
N GLN A 45 -2.01 4.83 -9.18
CA GLN A 45 -1.66 4.96 -10.59
C GLN A 45 -0.22 4.52 -10.84
N THR A 46 0.11 4.36 -12.12
CA THR A 46 1.47 3.94 -12.50
C THR A 46 1.76 4.36 -13.94
N TYR A 47 2.97 4.87 -14.16
CA TYR A 47 3.38 5.30 -15.50
C TYR A 47 4.84 4.98 -15.76
N GLY A 48 5.22 4.94 -17.03
CA GLY A 48 6.59 4.64 -17.41
C GLY A 48 7.24 3.65 -16.47
N GLY A 49 8.33 4.07 -15.83
CA GLY A 49 9.04 3.21 -14.92
C GLY A 49 9.75 2.08 -15.63
N ASN A 50 9.39 0.85 -15.30
CA ASN A 50 10.01 -0.32 -15.93
C ASN A 50 8.96 -1.15 -16.68
N SER A 51 7.71 -1.00 -16.27
CA SER A 51 6.61 -1.74 -16.90
C SER A 51 5.72 -0.80 -17.71
N ASN A 52 6.12 0.47 -17.81
CA ASN A 52 5.36 1.45 -18.56
C ASN A 52 4.02 1.73 -17.89
N GLY A 53 3.82 1.19 -16.69
CA GLY A 53 2.59 1.40 -15.98
C GLY A 53 1.76 0.14 -15.84
N GLU A 54 2.35 -0.90 -15.27
CA GLU A 54 1.65 -2.17 -15.08
C GLU A 54 0.92 -2.19 -13.74
N PRO A 55 0.01 -3.15 -13.55
CA PRO A 55 -0.75 -3.29 -12.31
C PRO A 55 0.12 -3.73 -11.14
N CYS A 56 0.33 -2.84 -10.19
CA CYS A 56 1.15 -3.14 -9.01
C CYS A 56 0.75 -4.48 -8.42
N VAL A 57 1.43 -4.87 -7.35
CA VAL A 57 1.13 -6.14 -6.68
C VAL A 57 1.32 -6.04 -5.18
N LEU A 58 0.75 -5.01 -4.57
CA LEU A 58 0.87 -4.82 -3.13
C LEU A 58 -0.30 -5.46 -2.38
N PRO A 59 -0.12 -5.76 -1.10
CA PRO A 59 1.15 -5.50 -0.39
C PRO A 59 2.27 -6.41 -0.85
N PHE A 60 3.44 -5.84 -1.02
CA PHE A 60 4.61 -6.62 -1.45
C PHE A 60 5.73 -6.49 -0.42
N THR A 61 6.86 -7.14 -0.69
CA THR A 61 7.99 -7.10 0.22
C THR A 61 9.27 -6.67 -0.49
N TYR A 62 9.90 -5.61 0.01
CA TYR A 62 11.14 -5.10 -0.58
C TYR A 62 12.09 -4.63 0.51
N ASN A 63 13.34 -5.09 0.43
CA ASN A 63 14.35 -4.73 1.40
C ASN A 63 14.04 -5.35 2.77
N GLY A 64 13.03 -6.21 2.81
CA GLY A 64 12.66 -6.86 4.05
C GLY A 64 11.39 -6.29 4.66
N ARG A 65 10.90 -5.20 4.09
CA ARG A 65 9.70 -4.56 4.58
C ARG A 65 8.50 -4.86 3.70
N THR A 66 7.41 -4.13 3.90
CA THR A 66 6.20 -4.32 3.12
C THR A 66 5.53 -2.98 2.82
N PHE A 67 4.92 -2.88 1.64
CA PHE A 67 4.25 -1.64 1.25
C PHE A 67 2.87 -1.93 0.68
N TYR A 68 1.89 -1.15 1.12
CA TYR A 68 0.52 -1.30 0.65
C TYR A 68 0.26 -0.51 -0.62
N SER A 69 1.30 0.17 -1.10
CA SER A 69 1.19 0.97 -2.32
C SER A 69 2.56 1.42 -2.81
N CYS A 70 2.58 2.44 -3.66
CA CYS A 70 3.82 2.96 -4.21
C CYS A 70 4.70 3.56 -3.10
N THR A 71 5.98 3.68 -3.38
CA THR A 71 6.92 4.24 -2.41
C THR A 71 8.24 4.59 -3.07
N THR A 72 9.18 5.10 -2.27
CA THR A 72 10.49 5.49 -2.78
C THR A 72 11.60 5.02 -1.85
N GLU A 73 11.94 3.73 -1.94
CA GLU A 73 12.98 3.15 -1.10
C GLU A 73 14.04 2.46 -1.94
N GLY A 74 13.97 2.64 -3.25
CA GLY A 74 14.93 2.01 -4.15
C GLY A 74 15.55 2.98 -5.13
N ARG A 75 15.38 4.28 -4.89
CA ARG A 75 15.93 5.30 -5.78
C ARG A 75 16.75 6.31 -5.01
N GLN A 76 17.35 7.26 -5.73
CA GLN A 76 18.17 8.30 -5.12
C GLN A 76 17.57 9.68 -5.38
N ASP A 77 16.44 9.72 -6.08
CA ASP A 77 15.77 10.97 -6.39
C ASP A 77 14.55 11.17 -5.49
N GLY A 78 13.47 10.45 -5.79
CA GLY A 78 12.27 10.56 -5.00
C GLY A 78 11.02 10.25 -5.81
N HIS A 79 11.11 9.27 -6.69
CA HIS A 79 9.98 8.88 -7.53
C HIS A 79 9.30 7.64 -6.99
N LEU A 80 8.02 7.74 -6.70
CA LEU A 80 7.24 6.62 -6.17
C LEU A 80 7.20 5.47 -7.17
N TRP A 81 7.21 4.25 -6.65
CA TRP A 81 7.17 3.06 -7.51
C TRP A 81 6.49 1.90 -6.81
N CYS A 82 6.23 0.84 -7.56
CA CYS A 82 5.59 -0.36 -7.02
C CYS A 82 6.08 -1.61 -7.75
N SER A 83 5.54 -2.77 -7.37
CA SER A 83 5.94 -4.02 -8.00
C SER A 83 4.77 -4.65 -8.75
N THR A 84 4.94 -4.81 -10.06
CA THR A 84 3.87 -5.39 -10.89
C THR A 84 3.70 -6.88 -10.60
N THR A 85 4.58 -7.42 -9.76
CA THR A 85 4.50 -8.84 -9.39
C THR A 85 5.10 -9.07 -8.00
N SER A 86 4.72 -10.19 -7.39
CA SER A 86 5.22 -10.52 -6.05
C SER A 86 6.73 -10.51 -6.03
N ASN A 87 7.35 -11.33 -6.88
CA ASN A 87 8.80 -11.42 -6.95
C ASN A 87 9.38 -10.22 -7.70
N TYR A 88 9.68 -9.16 -6.98
CA TYR A 88 10.25 -7.96 -7.58
C TYR A 88 11.75 -8.11 -7.76
N GLU A 89 12.38 -8.85 -6.85
CA GLU A 89 13.82 -9.08 -6.91
C GLU A 89 14.16 -10.18 -7.90
N GLN A 90 13.14 -10.66 -8.61
CA GLN A 90 13.33 -11.72 -9.60
C GLN A 90 12.93 -11.27 -10.99
N ASP A 91 11.72 -10.71 -11.09
CA ASP A 91 11.21 -10.23 -12.36
C ASP A 91 11.80 -8.87 -12.72
N GLN A 92 12.18 -8.11 -11.70
CA GLN A 92 12.76 -6.80 -11.91
C GLN A 92 11.82 -5.91 -12.72
N LYS A 93 10.55 -5.89 -12.33
CA LYS A 93 9.55 -5.09 -13.01
C LYS A 93 8.77 -4.24 -12.01
N TYR A 94 9.03 -2.94 -12.03
CA TYR A 94 8.36 -2.02 -11.13
C TYR A 94 7.69 -0.89 -11.90
N SER A 95 6.70 -0.27 -11.27
CA SER A 95 5.96 0.84 -11.89
C SER A 95 6.01 2.08 -11.01
N PHE A 96 6.31 3.22 -11.63
CA PHE A 96 6.39 4.48 -10.90
C PHE A 96 5.02 4.88 -10.36
N CYS A 97 4.96 6.05 -9.73
CA CYS A 97 3.71 6.55 -9.17
C CYS A 97 3.70 8.08 -9.12
N THR A 98 2.61 8.67 -9.60
CA THR A 98 2.46 10.11 -9.61
C THR A 98 2.73 10.71 -8.24
N ASP A 99 1.77 10.55 -7.34
CA ASP A 99 1.88 11.08 -5.98
C ASP A 99 0.61 10.78 -5.20
N HIS A 100 -0.52 10.77 -5.89
CA HIS A 100 -1.81 10.49 -5.25
C HIS A 100 -1.73 9.24 -4.40
N THR A 101 -2.62 9.13 -3.42
CA THR A 101 -2.66 7.97 -2.55
C THR A 101 -3.90 7.12 -2.80
N TYR A 1 -8.47 8.98 25.80
CA TYR A 1 -8.89 9.77 24.61
C TYR A 1 -7.80 9.81 23.55
N GLY A 2 -8.08 9.22 22.40
CA GLY A 2 -7.11 9.20 21.32
C GLY A 2 -6.72 7.80 20.92
N HIS A 3 -7.64 6.86 21.11
CA HIS A 3 -7.38 5.47 20.76
C HIS A 3 -8.38 4.98 19.71
N CYS A 4 -7.86 4.33 18.68
CA CYS A 4 -8.71 3.81 17.61
C CYS A 4 -8.76 2.29 17.62
N VAL A 5 -9.69 1.73 16.87
CA VAL A 5 -9.85 0.28 16.80
C VAL A 5 -10.33 -0.15 15.43
N THR A 6 -10.67 -1.43 15.29
CA THR A 6 -11.15 -1.97 14.03
C THR A 6 -12.07 -3.17 14.25
N ASP A 7 -11.46 -4.33 14.47
CA ASP A 7 -12.22 -5.56 14.70
C ASP A 7 -12.37 -5.83 16.19
N SER A 8 -11.93 -4.89 17.02
CA SER A 8 -12.02 -5.03 18.46
C SER A 8 -10.84 -5.84 19.01
N GLY A 9 -9.77 -5.89 18.23
CA GLY A 9 -8.59 -6.63 18.64
C GLY A 9 -7.34 -5.79 18.63
N VAL A 10 -7.31 -4.80 17.75
CA VAL A 10 -6.15 -3.91 17.64
C VAL A 10 -6.51 -2.49 18.06
N VAL A 11 -6.15 -2.13 19.28
CA VAL A 11 -6.43 -0.80 19.81
C VAL A 11 -5.44 0.22 19.25
N TYR A 12 -5.74 0.74 18.06
CA TYR A 12 -4.88 1.73 17.42
C TYR A 12 -4.91 3.04 18.20
N SER A 13 -4.11 4.00 17.74
CA SER A 13 -4.04 5.30 18.37
C SER A 13 -4.20 6.40 17.32
N VAL A 14 -5.05 7.37 17.61
CA VAL A 14 -5.32 8.49 16.70
C VAL A 14 -4.09 8.82 15.84
N GLY A 15 -3.97 8.14 14.71
CA GLY A 15 -2.84 8.37 13.82
C GLY A 15 -2.11 7.09 13.45
N MET A 16 -2.75 5.95 13.66
CA MET A 16 -2.15 4.66 13.34
C MET A 16 -2.67 4.13 12.00
N GLN A 17 -1.77 3.93 11.06
CA GLN A 17 -2.13 3.42 9.75
C GLN A 17 -1.93 1.91 9.68
N TRP A 18 -2.94 1.20 9.20
CA TRP A 18 -2.86 -0.25 9.10
C TRP A 18 -3.58 -0.77 7.85
N LEU A 19 -3.77 -2.08 7.80
CA LEU A 19 -4.45 -2.71 6.67
C LEU A 19 -5.47 -3.73 7.16
N LYS A 20 -6.68 -3.65 6.62
CA LYS A 20 -7.74 -4.58 7.01
C LYS A 20 -8.16 -5.46 5.84
N THR A 21 -9.04 -6.42 6.12
CA THR A 21 -9.53 -7.33 5.10
C THR A 21 -11.04 -7.47 5.17
N GLN A 22 -11.66 -7.82 4.05
CA GLN A 22 -13.10 -7.99 4.00
C GLN A 22 -13.48 -9.45 3.79
N GLY A 23 -12.62 -10.35 4.27
CA GLY A 23 -12.87 -11.77 4.15
C GLY A 23 -12.47 -12.31 2.78
N ASN A 24 -11.81 -11.48 1.99
CA ASN A 24 -11.37 -11.89 0.65
C ASN A 24 -10.53 -10.79 0.00
N LYS A 25 -10.99 -9.55 0.13
CA LYS A 25 -10.28 -8.41 -0.45
C LYS A 25 -9.36 -7.77 0.57
N GLN A 26 -8.51 -6.87 0.10
CA GLN A 26 -7.56 -6.17 0.98
C GLN A 26 -7.77 -4.66 0.91
N MET A 27 -7.93 -4.04 2.07
CA MET A 27 -8.13 -2.60 2.14
C MET A 27 -7.34 -1.99 3.29
N LEU A 28 -6.90 -0.74 3.12
CA LEU A 28 -6.14 -0.05 4.15
C LEU A 28 -7.05 0.86 4.97
N CYS A 29 -6.91 0.80 6.28
CA CYS A 29 -7.72 1.62 7.16
C CYS A 29 -6.86 2.47 8.09
N THR A 30 -7.28 3.70 8.30
CA THR A 30 -6.56 4.62 9.16
C THR A 30 -7.49 5.34 10.12
N CYS A 31 -6.99 5.61 11.32
CA CYS A 31 -7.78 6.30 12.33
C CYS A 31 -7.29 7.73 12.51
N LEU A 32 -8.04 8.69 11.97
CA LEU A 32 -7.67 10.09 12.05
C LEU A 32 -8.04 10.68 13.42
N GLY A 33 -9.16 11.38 13.50
CA GLY A 33 -9.58 11.97 14.75
C GLY A 33 -11.06 11.77 15.03
N ASN A 34 -11.87 11.88 13.97
CA ASN A 34 -13.31 11.72 14.11
C ASN A 34 -13.66 10.25 14.34
N GLY A 35 -12.99 9.37 13.62
CA GLY A 35 -13.24 7.95 13.75
C GLY A 35 -12.15 7.11 13.11
N VAL A 36 -12.52 6.36 12.07
CA VAL A 36 -11.57 5.52 11.35
C VAL A 36 -12.04 5.26 9.93
N SER A 37 -11.25 5.70 8.96
CA SER A 37 -11.58 5.52 7.55
C SER A 37 -10.66 4.48 6.92
N CYS A 38 -11.03 4.01 5.74
CA CYS A 38 -10.25 3.01 5.03
C CYS A 38 -10.57 3.02 3.55
N GLN A 39 -9.54 2.93 2.71
CA GLN A 39 -9.72 2.93 1.26
C GLN A 39 -9.05 1.73 0.62
N GLU A 40 -9.62 1.26 -0.48
CA GLU A 40 -9.12 0.09 -1.21
C GLU A 40 -7.59 0.09 -1.29
N THR A 41 -6.95 -0.37 -0.23
CA THR A 41 -5.50 -0.44 -0.15
C THR A 41 -4.90 0.95 -0.05
N ALA A 42 -5.20 1.79 -1.04
CA ALA A 42 -4.71 3.16 -1.09
C ALA A 42 -4.54 3.63 -2.53
N VAL A 43 -4.53 2.67 -3.47
CA VAL A 43 -4.38 2.98 -4.88
C VAL A 43 -3.31 4.05 -5.09
N THR A 44 -3.27 4.62 -6.29
CA THR A 44 -2.29 5.64 -6.63
C THR A 44 -2.13 5.78 -8.14
N GLN A 45 -1.35 6.78 -8.56
CA GLN A 45 -1.10 7.01 -9.97
C GLN A 45 0.11 6.21 -10.43
N THR A 46 0.20 5.98 -11.74
CA THR A 46 1.32 5.24 -12.30
C THR A 46 1.72 5.78 -13.67
N TYR A 47 2.97 5.54 -14.04
CA TYR A 47 3.49 6.02 -15.32
C TYR A 47 4.83 5.36 -15.64
N GLY A 48 5.14 5.26 -16.93
CA GLY A 48 6.40 4.66 -17.35
C GLY A 48 6.77 3.44 -16.52
N GLY A 49 7.95 3.48 -15.91
CA GLY A 49 8.39 2.36 -15.09
C GLY A 49 8.77 1.15 -15.92
N ASN A 50 8.23 -0.01 -15.56
CA ASN A 50 8.50 -1.24 -16.28
C ASN A 50 7.24 -1.79 -16.94
N SER A 51 6.11 -1.13 -16.69
CA SER A 51 4.84 -1.55 -17.26
C SER A 51 4.19 -0.41 -18.04
N ASN A 52 4.90 0.70 -18.16
CA ASN A 52 4.37 1.86 -18.88
C ASN A 52 3.14 2.42 -18.19
N GLY A 53 3.00 2.12 -16.90
CA GLY A 53 1.86 2.60 -16.15
C GLY A 53 0.75 1.56 -16.02
N GLU A 54 1.03 0.51 -15.25
CA GLU A 54 0.05 -0.56 -15.05
C GLU A 54 -0.32 -0.67 -13.58
N PRO A 55 -1.40 -1.43 -13.28
CA PRO A 55 -1.88 -1.63 -11.91
C PRO A 55 -0.83 -2.32 -11.03
N CYS A 56 -0.74 -1.88 -9.78
CA CYS A 56 0.22 -2.47 -8.84
C CYS A 56 -0.34 -3.76 -8.24
N VAL A 57 0.45 -4.39 -7.38
CA VAL A 57 0.04 -5.63 -6.74
C VAL A 57 0.49 -5.68 -5.29
N LEU A 58 0.00 -4.74 -4.49
CA LEU A 58 0.36 -4.69 -3.07
C LEU A 58 -0.80 -5.16 -2.20
N PRO A 59 -0.51 -5.47 -0.92
CA PRO A 59 0.84 -5.35 -0.37
C PRO A 59 1.81 -6.37 -0.95
N PHE A 60 3.02 -5.94 -1.22
CA PHE A 60 4.05 -6.81 -1.76
C PHE A 60 5.20 -6.93 -0.77
N THR A 61 6.24 -7.65 -1.15
CA THR A 61 7.40 -7.84 -0.27
C THR A 61 8.69 -7.45 -0.98
N TYR A 62 9.46 -6.57 -0.36
CA TYR A 62 10.73 -6.12 -0.93
C TYR A 62 11.74 -5.83 0.16
N ASN A 63 12.95 -6.38 0.00
CA ASN A 63 14.02 -6.16 0.97
C ASN A 63 13.71 -6.89 2.28
N GLY A 64 12.63 -7.65 2.30
CA GLY A 64 12.26 -8.39 3.49
C GLY A 64 11.05 -7.79 4.20
N ARG A 65 10.58 -6.64 3.71
CA ARG A 65 9.44 -5.98 4.32
C ARG A 65 8.22 -6.04 3.40
N THR A 66 7.25 -5.15 3.63
CA THR A 66 6.04 -5.11 2.82
C THR A 66 5.55 -3.68 2.64
N PHE A 67 4.97 -3.40 1.48
CA PHE A 67 4.47 -2.07 1.17
C PHE A 67 3.07 -2.13 0.57
N TYR A 68 2.17 -1.28 1.08
CA TYR A 68 0.80 -1.24 0.60
C TYR A 68 0.70 -0.45 -0.70
N SER A 69 1.78 0.21 -1.08
CA SER A 69 1.82 1.01 -2.30
C SER A 69 3.25 1.20 -2.79
N CYS A 70 3.43 2.18 -3.66
CA CYS A 70 4.76 2.48 -4.20
C CYS A 70 5.76 2.70 -3.08
N THR A 71 7.03 2.81 -3.45
CA THR A 71 8.10 3.02 -2.48
C THR A 71 9.43 3.23 -3.18
N THR A 72 10.25 4.10 -2.62
CA THR A 72 11.57 4.38 -3.19
C THR A 72 12.68 3.75 -2.35
N GLU A 73 12.67 2.42 -2.28
CA GLU A 73 13.68 1.69 -1.52
C GLU A 73 14.53 0.81 -2.44
N GLY A 74 14.43 1.05 -3.73
CA GLY A 74 15.19 0.28 -4.70
C GLY A 74 14.90 0.71 -6.12
N ARG A 75 15.40 1.89 -6.48
CA ARG A 75 15.19 2.42 -7.83
C ARG A 75 16.46 3.08 -8.34
N GLN A 76 16.33 3.87 -9.41
CA GLN A 76 17.47 4.55 -10.00
C GLN A 76 17.54 6.02 -9.59
N ASP A 77 16.56 6.80 -10.04
CA ASP A 77 16.51 8.22 -9.71
C ASP A 77 15.87 8.44 -8.36
N GLY A 78 14.78 7.73 -8.10
CA GLY A 78 14.09 7.87 -6.84
C GLY A 78 12.60 8.10 -7.01
N HIS A 79 12.03 7.57 -8.08
CA HIS A 79 10.61 7.73 -8.34
C HIS A 79 9.82 6.58 -7.71
N LEU A 80 8.86 6.92 -6.85
CA LEU A 80 8.05 5.91 -6.20
C LEU A 80 7.71 4.78 -7.17
N TRP A 81 8.08 3.56 -6.81
CA TRP A 81 7.82 2.42 -7.67
C TRP A 81 7.02 1.34 -6.95
N CYS A 82 6.11 0.71 -7.69
CA CYS A 82 5.27 -0.36 -7.15
C CYS A 82 5.43 -1.63 -7.96
N SER A 83 4.86 -2.73 -7.47
CA SER A 83 4.94 -4.01 -8.18
C SER A 83 3.67 -4.28 -8.96
N THR A 84 3.81 -4.83 -10.16
CA THR A 84 2.66 -5.15 -11.00
C THR A 84 2.18 -6.57 -10.77
N THR A 85 3.09 -7.44 -10.33
CA THR A 85 2.74 -8.83 -10.05
C THR A 85 3.15 -9.24 -8.64
N SER A 86 2.60 -10.35 -8.17
CA SER A 86 2.91 -10.85 -6.84
C SER A 86 4.41 -11.06 -6.67
N ASN A 87 5.02 -11.72 -7.65
CA ASN A 87 6.45 -11.98 -7.61
C ASN A 87 7.22 -10.95 -8.42
N TYR A 88 7.62 -9.87 -7.77
CA TYR A 88 8.36 -8.80 -8.44
C TYR A 88 9.83 -9.18 -8.58
N GLU A 89 10.31 -10.05 -7.68
CA GLU A 89 11.70 -10.48 -7.71
C GLU A 89 11.89 -11.62 -8.71
N GLN A 90 10.85 -11.89 -9.50
CA GLN A 90 10.90 -12.95 -10.50
C GLN A 90 10.63 -12.40 -11.89
N ASP A 91 9.52 -11.68 -12.01
CA ASP A 91 9.13 -11.09 -13.30
C ASP A 91 9.98 -9.86 -13.60
N GLN A 92 10.07 -8.96 -12.62
CA GLN A 92 10.85 -7.74 -12.78
C GLN A 92 10.06 -6.68 -13.53
N LYS A 93 8.76 -6.61 -13.26
CA LYS A 93 7.89 -5.64 -13.91
C LYS A 93 7.22 -4.75 -12.87
N TYR A 94 7.81 -3.58 -12.64
CA TYR A 94 7.28 -2.64 -11.67
C TYR A 94 6.71 -1.39 -12.35
N SER A 95 6.13 -0.51 -11.55
CA SER A 95 5.55 0.73 -12.06
C SER A 95 6.01 1.91 -11.21
N PHE A 96 5.57 3.11 -11.56
CA PHE A 96 5.94 4.31 -10.82
C PHE A 96 4.73 4.95 -10.16
N CYS A 97 4.96 6.01 -9.40
CA CYS A 97 3.89 6.73 -8.71
C CYS A 97 4.32 8.15 -8.35
N THR A 98 4.18 9.07 -9.30
CA THR A 98 4.55 10.46 -9.07
C THR A 98 4.13 10.91 -7.68
N ASP A 99 2.98 10.40 -7.23
CA ASP A 99 2.45 10.76 -5.92
C ASP A 99 2.02 12.21 -5.87
N HIS A 100 2.98 13.11 -6.07
CA HIS A 100 2.71 14.54 -6.05
C HIS A 100 2.01 14.93 -4.75
N THR A 101 1.84 16.24 -4.55
CA THR A 101 1.19 16.75 -3.34
C THR A 101 0.11 17.77 -3.69
N TYR A 1 -3.22 -0.19 25.41
CA TYR A 1 -1.80 0.21 25.51
C TYR A 1 -1.35 0.97 24.25
N GLY A 2 -0.14 1.52 24.29
CA GLY A 2 0.37 2.25 23.15
C GLY A 2 0.15 1.53 21.84
N HIS A 3 0.14 0.20 21.89
CA HIS A 3 -0.08 -0.61 20.69
C HIS A 3 -1.41 -0.29 20.05
N CYS A 4 -1.61 -0.76 18.83
CA CYS A 4 -2.85 -0.52 18.10
C CYS A 4 -3.61 -1.83 17.86
N VAL A 5 -4.85 -1.87 18.34
CA VAL A 5 -5.69 -3.06 18.19
C VAL A 5 -7.00 -2.69 17.50
N THR A 6 -6.99 -2.69 16.18
CA THR A 6 -8.17 -2.35 15.40
C THR A 6 -9.44 -2.84 16.09
N ASP A 7 -9.74 -4.13 15.94
CA ASP A 7 -10.93 -4.71 16.54
C ASP A 7 -10.56 -5.64 17.68
N SER A 8 -9.85 -6.72 17.34
CA SER A 8 -9.42 -7.69 18.33
C SER A 8 -8.85 -8.94 17.65
N GLY A 9 -8.14 -8.74 16.55
CA GLY A 9 -7.57 -9.85 15.83
C GLY A 9 -6.09 -9.66 15.54
N VAL A 10 -5.65 -8.40 15.49
CA VAL A 10 -4.25 -8.10 15.21
C VAL A 10 -3.74 -6.96 16.09
N VAL A 11 -3.07 -7.32 17.17
CA VAL A 11 -2.52 -6.33 18.10
C VAL A 11 -1.34 -5.59 17.48
N TYR A 12 -1.64 -4.61 16.64
CA TYR A 12 -0.61 -3.83 15.97
C TYR A 12 0.22 -3.03 16.98
N SER A 13 1.09 -2.17 16.47
CA SER A 13 1.94 -1.34 17.32
C SER A 13 2.08 0.05 16.73
N VAL A 14 2.00 1.07 17.58
CA VAL A 14 2.11 2.45 17.15
C VAL A 14 3.08 2.61 15.99
N GLY A 15 2.56 2.46 14.77
CA GLY A 15 3.39 2.59 13.59
C GLY A 15 3.65 1.26 12.91
N MET A 16 2.63 0.42 12.85
CA MET A 16 2.77 -0.90 12.22
C MET A 16 2.09 -0.92 10.85
N GLN A 17 1.05 -0.11 10.69
CA GLN A 17 0.32 -0.04 9.43
C GLN A 17 -0.20 -1.42 9.04
N TRP A 18 -1.31 -1.44 8.29
CA TRP A 18 -1.91 -2.69 7.85
C TRP A 18 -3.06 -2.45 6.89
N LEU A 19 -3.71 -3.52 6.46
CA LEU A 19 -4.84 -3.43 5.54
C LEU A 19 -6.10 -3.98 6.18
N LYS A 20 -7.00 -3.08 6.56
CA LYS A 20 -8.25 -3.48 7.19
C LYS A 20 -9.32 -3.76 6.15
N THR A 21 -10.42 -4.34 6.60
CA THR A 21 -11.54 -4.67 5.71
C THR A 21 -12.88 -4.34 6.37
N GLN A 22 -13.72 -3.61 5.65
CA GLN A 22 -15.02 -3.23 6.16
C GLN A 22 -16.01 -4.39 6.05
N GLY A 23 -15.67 -5.38 5.23
CA GLY A 23 -16.54 -6.52 5.06
C GLY A 23 -16.88 -6.79 3.60
N ASN A 24 -16.89 -5.72 2.79
CA ASN A 24 -17.20 -5.83 1.37
C ASN A 24 -16.04 -5.34 0.52
N LYS A 25 -15.24 -4.44 1.07
CA LYS A 25 -14.10 -3.89 0.34
C LYS A 25 -12.85 -3.92 1.20
N GLN A 26 -11.77 -3.34 0.67
CA GLN A 26 -10.50 -3.29 1.38
C GLN A 26 -10.14 -1.86 1.76
N MET A 27 -9.35 -1.71 2.82
CA MET A 27 -8.94 -0.38 3.28
C MET A 27 -7.66 -0.46 4.10
N LEU A 28 -6.77 0.50 3.88
CA LEU A 28 -5.51 0.55 4.61
C LEU A 28 -5.68 1.32 5.91
N CYS A 29 -5.48 0.65 7.04
CA CYS A 29 -5.62 1.29 8.34
C CYS A 29 -4.28 1.37 9.05
N THR A 30 -4.01 2.54 9.63
CA THR A 30 -2.76 2.76 10.35
C THR A 30 -3.00 3.27 11.75
N CYS A 31 -2.01 3.09 12.62
CA CYS A 31 -2.10 3.55 14.00
C CYS A 31 -1.01 4.56 14.30
N LEU A 32 -1.38 5.83 14.35
CA LEU A 32 -0.43 6.90 14.62
C LEU A 32 -0.12 7.00 16.12
N GLY A 33 -0.79 7.93 16.81
CA GLY A 33 -0.55 8.10 18.23
C GLY A 33 -1.83 8.37 18.99
N ASN A 34 -2.68 9.23 18.44
CA ASN A 34 -3.94 9.57 19.08
C ASN A 34 -4.94 8.42 18.94
N GLY A 35 -4.80 7.66 17.87
CA GLY A 35 -5.69 6.53 17.64
C GLY A 35 -5.31 5.73 16.42
N VAL A 36 -6.31 5.42 15.59
CA VAL A 36 -6.08 4.65 14.37
C VAL A 36 -6.91 5.22 13.22
N SER A 37 -6.23 5.48 12.10
CA SER A 37 -6.90 6.02 10.92
C SER A 37 -6.67 5.10 9.71
N CYS A 38 -7.71 4.96 8.89
CA CYS A 38 -7.64 4.11 7.71
C CYS A 38 -8.24 4.82 6.49
N GLN A 39 -7.66 4.58 5.33
CA GLN A 39 -8.14 5.19 4.10
C GLN A 39 -8.14 4.19 2.96
N GLU A 40 -9.04 4.39 2.00
CA GLU A 40 -9.15 3.50 0.85
C GLU A 40 -7.78 2.99 0.42
N THR A 41 -7.57 1.68 0.52
CA THR A 41 -6.32 1.07 0.14
C THR A 41 -6.04 1.27 -1.34
N ALA A 42 -7.11 1.16 -2.13
CA ALA A 42 -7.02 1.33 -3.57
C ALA A 42 -6.74 0.01 -4.27
N VAL A 43 -7.77 -0.55 -4.91
CA VAL A 43 -7.63 -1.81 -5.62
C VAL A 43 -7.69 -1.61 -7.13
N THR A 44 -8.34 -0.53 -7.56
CA THR A 44 -8.47 -0.21 -8.97
C THR A 44 -8.68 -1.48 -9.80
N GLN A 45 -8.41 -1.37 -11.10
CA GLN A 45 -8.56 -2.49 -12.00
C GLN A 45 -7.23 -2.84 -12.66
N THR A 46 -7.00 -4.14 -12.87
CA THR A 46 -5.77 -4.60 -13.50
C THR A 46 -6.01 -5.04 -14.93
N TYR A 47 -5.08 -4.71 -15.81
CA TYR A 47 -5.20 -5.06 -17.23
C TYR A 47 -3.84 -5.45 -17.81
N GLY A 48 -3.84 -6.48 -18.65
CA GLY A 48 -2.61 -6.94 -19.26
C GLY A 48 -1.46 -7.02 -18.28
N GLY A 49 -0.41 -6.24 -18.52
CA GLY A 49 0.73 -6.24 -17.64
C GLY A 49 1.72 -7.35 -17.98
N ASN A 50 2.04 -8.16 -16.97
CA ASN A 50 2.97 -9.27 -17.16
C ASN A 50 2.22 -10.59 -17.28
N SER A 51 0.98 -10.60 -16.82
CA SER A 51 0.15 -11.80 -16.88
C SER A 51 -1.06 -11.59 -17.79
N ASN A 52 -1.98 -10.74 -17.35
CA ASN A 52 -3.18 -10.44 -18.10
C ASN A 52 -4.11 -9.53 -17.30
N GLY A 53 -4.06 -9.68 -15.98
CA GLY A 53 -4.89 -8.88 -15.12
C GLY A 53 -5.28 -9.60 -13.84
N GLU A 54 -4.27 -10.12 -13.14
CA GLU A 54 -4.50 -10.84 -11.89
C GLU A 54 -4.69 -9.87 -10.73
N PRO A 55 -5.18 -10.38 -9.59
CA PRO A 55 -5.41 -9.56 -8.39
C PRO A 55 -4.10 -9.18 -7.70
N CYS A 56 -3.96 -7.90 -7.37
CA CYS A 56 -2.76 -7.41 -6.70
C CYS A 56 -2.55 -8.11 -5.36
N VAL A 57 -1.30 -8.35 -5.01
CA VAL A 57 -0.97 -9.01 -3.75
C VAL A 57 -0.20 -8.07 -2.84
N LEU A 58 -0.82 -6.95 -2.48
CA LEU A 58 -0.20 -5.97 -1.60
C LEU A 58 -0.70 -6.11 -0.17
N PRO A 59 0.08 -5.58 0.80
CA PRO A 59 1.34 -4.91 0.52
C PRO A 59 2.49 -5.89 0.27
N PHE A 60 3.24 -5.64 -0.80
CA PHE A 60 4.37 -6.48 -1.15
C PHE A 60 5.67 -5.70 -1.00
N THR A 61 6.79 -6.35 -1.30
CA THR A 61 8.10 -5.71 -1.20
C THR A 61 8.77 -5.65 -2.56
N TYR A 62 9.03 -4.44 -3.03
CA TYR A 62 9.68 -4.24 -4.32
C TYR A 62 10.73 -3.13 -4.25
N ASN A 63 11.87 -3.37 -4.88
CA ASN A 63 12.96 -2.40 -4.89
C ASN A 63 13.54 -2.21 -3.49
N GLY A 64 13.11 -3.06 -2.56
CA GLY A 64 13.61 -2.96 -1.19
C GLY A 64 12.60 -2.37 -0.24
N ARG A 65 11.56 -1.73 -0.79
CA ARG A 65 10.53 -1.11 0.02
C ARG A 65 9.25 -1.94 -0.01
N THR A 66 8.13 -1.29 0.30
CA THR A 66 6.85 -1.97 0.31
C THR A 66 5.75 -1.07 -0.24
N PHE A 67 4.75 -1.69 -0.87
CA PHE A 67 3.64 -0.94 -1.45
C PHE A 67 2.31 -1.61 -1.14
N TYR A 68 1.45 -0.91 -0.41
CA TYR A 68 0.15 -1.44 -0.02
C TYR A 68 -0.87 -1.31 -1.15
N SER A 69 -0.39 -0.95 -2.34
CA SER A 69 -1.28 -0.81 -3.49
C SER A 69 -0.48 -0.56 -4.77
N CYS A 70 -1.17 -0.60 -5.90
CA CYS A 70 -0.52 -0.39 -7.19
C CYS A 70 0.52 0.72 -7.08
N THR A 71 1.51 0.69 -7.97
CA THR A 71 2.56 1.70 -7.96
C THR A 71 3.28 1.78 -9.31
N THR A 72 4.19 2.73 -9.41
CA THR A 72 4.96 2.94 -10.64
C THR A 72 6.44 3.12 -10.31
N GLU A 73 7.11 2.02 -9.99
CA GLU A 73 8.53 2.06 -9.63
C GLU A 73 9.32 1.00 -10.40
N GLY A 74 8.69 0.36 -11.37
CA GLY A 74 9.38 -0.67 -12.14
C GLY A 74 8.79 -0.86 -13.53
N ARG A 75 8.27 0.20 -14.12
CA ARG A 75 7.69 0.12 -15.46
C ARG A 75 8.29 1.17 -16.39
N GLN A 76 9.10 2.07 -15.83
CA GLN A 76 9.76 3.11 -16.60
C GLN A 76 8.91 3.53 -17.80
N ASP A 77 7.63 3.77 -17.56
CA ASP A 77 6.71 4.17 -18.62
C ASP A 77 5.65 5.14 -18.09
N GLY A 78 4.96 4.74 -17.03
CA GLY A 78 3.94 5.60 -16.45
C GLY A 78 2.63 4.87 -16.18
N HIS A 79 2.70 3.56 -15.97
CA HIS A 79 1.51 2.78 -15.69
C HIS A 79 1.61 2.08 -14.33
N LEU A 80 0.52 2.13 -13.58
CA LEU A 80 0.48 1.50 -12.26
C LEU A 80 0.51 -0.01 -12.39
N TRP A 81 1.09 -0.68 -11.41
CA TRP A 81 1.16 -2.14 -11.42
C TRP A 81 1.28 -2.72 -10.03
N CYS A 82 0.98 -4.00 -9.91
CA CYS A 82 1.05 -4.70 -8.64
C CYS A 82 1.58 -6.12 -8.82
N SER A 83 1.57 -6.91 -7.77
CA SER A 83 2.04 -8.28 -7.85
C SER A 83 0.87 -9.26 -7.75
N THR A 84 0.91 -10.31 -8.57
CA THR A 84 -0.16 -11.31 -8.57
C THR A 84 0.01 -12.31 -7.43
N THR A 85 1.11 -12.20 -6.69
CA THR A 85 1.36 -13.10 -5.57
C THR A 85 2.45 -12.55 -4.66
N SER A 86 2.60 -13.16 -3.48
CA SER A 86 3.60 -12.72 -2.52
C SER A 86 4.99 -12.71 -3.13
N ASN A 87 5.54 -13.90 -3.38
CA ASN A 87 6.87 -14.03 -3.97
C ASN A 87 6.88 -13.56 -5.41
N TYR A 88 6.96 -12.25 -5.61
CA TYR A 88 6.99 -11.68 -6.95
C TYR A 88 8.40 -11.77 -7.54
N GLU A 89 9.40 -11.62 -6.68
CA GLU A 89 10.79 -11.69 -7.11
C GLU A 89 11.16 -13.11 -7.54
N GLN A 90 10.24 -14.04 -7.30
CA GLN A 90 10.47 -15.44 -7.66
C GLN A 90 9.64 -15.83 -8.88
N ASP A 91 8.34 -15.54 -8.82
CA ASP A 91 7.44 -15.85 -9.91
C ASP A 91 7.59 -14.85 -11.04
N GLN A 92 8.01 -13.64 -10.69
CA GLN A 92 8.20 -12.58 -11.66
C GLN A 92 6.93 -12.33 -12.48
N LYS A 93 5.80 -12.31 -11.79
CA LYS A 93 4.51 -12.09 -12.44
C LYS A 93 3.77 -10.93 -11.79
N TYR A 94 3.60 -9.85 -12.54
CA TYR A 94 2.93 -8.66 -12.03
C TYR A 94 1.74 -8.28 -12.91
N SER A 95 0.95 -7.32 -12.44
CA SER A 95 -0.22 -6.85 -13.18
C SER A 95 -0.30 -5.33 -13.12
N PHE A 96 -0.87 -4.73 -14.15
CA PHE A 96 -1.00 -3.27 -14.20
C PHE A 96 -2.18 -2.79 -13.37
N CYS A 97 -2.38 -1.48 -13.34
CA CYS A 97 -3.47 -0.89 -12.58
C CYS A 97 -4.00 0.36 -13.27
N THR A 98 -5.32 0.46 -13.38
CA THR A 98 -5.94 1.61 -14.02
C THR A 98 -5.71 2.88 -13.22
N ASP A 99 -5.17 3.90 -13.87
CA ASP A 99 -4.90 5.18 -13.22
C ASP A 99 -6.17 5.77 -12.61
N HIS A 100 -7.31 5.47 -13.24
CA HIS A 100 -8.59 5.96 -12.78
C HIS A 100 -8.66 5.96 -11.25
N THR A 101 -8.51 4.76 -10.66
CA THR A 101 -8.55 4.62 -9.21
C THR A 101 -9.52 5.61 -8.58
N TYR A 1 2.65 -0.16 25.76
CA TYR A 1 1.66 0.87 26.15
C TYR A 1 0.91 1.39 24.93
N GLY A 2 1.53 1.29 23.76
CA GLY A 2 0.91 1.76 22.54
C GLY A 2 0.13 0.68 21.85
N HIS A 3 -1.17 0.61 22.12
CA HIS A 3 -2.03 -0.40 21.50
C HIS A 3 -3.11 0.27 20.65
N CYS A 4 -3.19 -0.13 19.38
CA CYS A 4 -4.18 0.44 18.47
C CYS A 4 -5.35 -0.51 18.26
N VAL A 5 -6.56 -0.02 18.52
CA VAL A 5 -7.76 -0.83 18.36
C VAL A 5 -8.70 -0.22 17.33
N THR A 6 -8.70 -0.77 16.13
CA THR A 6 -9.56 -0.29 15.06
C THR A 6 -10.98 -0.04 15.56
N ASP A 7 -11.76 -1.12 15.64
CA ASP A 7 -13.13 -1.02 16.12
C ASP A 7 -13.23 -1.36 17.61
N SER A 8 -13.39 -2.64 17.91
CA SER A 8 -13.50 -3.10 19.29
C SER A 8 -13.23 -4.60 19.39
N GLY A 9 -12.46 -5.11 18.45
CA GLY A 9 -12.13 -6.53 18.46
C GLY A 9 -10.65 -6.80 18.32
N VAL A 10 -10.02 -6.11 17.39
CA VAL A 10 -8.59 -6.26 17.15
C VAL A 10 -7.78 -5.31 18.04
N VAL A 11 -6.64 -5.78 18.52
CA VAL A 11 -5.78 -4.97 19.37
C VAL A 11 -4.39 -4.81 18.78
N TYR A 12 -4.27 -3.91 17.80
CA TYR A 12 -2.99 -3.66 17.15
C TYR A 12 -2.01 -3.03 18.13
N SER A 13 -0.87 -2.59 17.63
CA SER A 13 0.15 -1.98 18.46
C SER A 13 0.69 -0.72 17.79
N VAL A 14 1.17 0.22 18.61
CA VAL A 14 1.72 1.48 18.11
C VAL A 14 2.71 1.24 16.97
N GLY A 15 2.20 1.13 15.76
CA GLY A 15 3.06 0.91 14.61
C GLY A 15 2.97 -0.50 14.06
N MET A 16 1.79 -1.10 14.14
CA MET A 16 1.60 -2.46 13.64
C MET A 16 1.28 -2.44 12.14
N GLN A 17 0.56 -1.41 11.71
CA GLN A 17 0.20 -1.27 10.31
C GLN A 17 -0.63 -2.46 9.83
N TRP A 18 -1.83 -2.17 9.34
CA TRP A 18 -2.73 -3.21 8.85
C TRP A 18 -3.62 -2.68 7.74
N LEU A 19 -4.49 -3.54 7.21
CA LEU A 19 -5.39 -3.15 6.13
C LEU A 19 -6.81 -3.67 6.38
N LYS A 20 -7.79 -2.89 5.95
CA LYS A 20 -9.20 -3.25 6.13
C LYS A 20 -10.05 -2.67 4.99
N THR A 21 -11.37 -2.68 5.19
CA THR A 21 -12.30 -2.14 4.20
C THR A 21 -13.00 -0.89 4.72
N GLN A 22 -12.96 0.17 3.93
CA GLN A 22 -13.60 1.43 4.31
C GLN A 22 -13.86 2.30 3.08
N GLY A 23 -12.90 2.30 2.16
CA GLY A 23 -13.04 3.11 0.95
C GLY A 23 -14.10 2.57 0.01
N ASN A 24 -13.97 1.30 -0.37
CA ASN A 24 -14.92 0.67 -1.26
C ASN A 24 -14.55 -0.78 -1.54
N LYS A 25 -13.24 -1.06 -1.54
CA LYS A 25 -12.76 -2.41 -1.79
C LYS A 25 -11.77 -2.84 -0.72
N GLN A 26 -10.70 -2.08 -0.58
CA GLN A 26 -9.67 -2.38 0.42
C GLN A 26 -8.94 -1.11 0.84
N MET A 27 -9.11 -0.75 2.10
CA MET A 27 -8.46 0.44 2.65
C MET A 27 -7.41 0.04 3.69
N LEU A 28 -6.38 0.86 3.85
CA LEU A 28 -5.31 0.55 4.79
C LEU A 28 -5.37 1.43 6.04
N CYS A 29 -5.44 0.79 7.20
CA CYS A 29 -5.48 1.49 8.48
C CYS A 29 -4.15 1.38 9.20
N THR A 30 -3.68 2.48 9.78
CA THR A 30 -2.41 2.47 10.50
C THR A 30 -2.50 3.25 11.80
N CYS A 31 -1.79 2.79 12.82
CA CYS A 31 -1.77 3.46 14.11
C CYS A 31 -0.42 4.11 14.34
N LEU A 32 -0.41 5.43 14.32
CA LEU A 32 0.83 6.19 14.52
C LEU A 32 1.19 6.27 16.00
N GLY A 33 0.77 7.35 16.65
CA GLY A 33 1.07 7.52 18.07
C GLY A 33 -0.11 8.10 18.84
N ASN A 34 -0.83 9.01 18.20
CA ASN A 34 -1.99 9.63 18.82
C ASN A 34 -3.26 8.86 18.51
N GLY A 35 -3.35 8.34 17.29
CA GLY A 35 -4.52 7.58 16.90
C GLY A 35 -4.24 6.63 15.76
N VAL A 36 -5.25 6.40 14.92
CA VAL A 36 -5.12 5.50 13.78
C VAL A 36 -5.51 6.22 12.48
N SER A 37 -4.55 6.37 11.57
CA SER A 37 -4.79 7.03 10.30
C SER A 37 -4.76 6.02 9.16
N CYS A 38 -5.89 5.90 8.46
CA CYS A 38 -5.99 4.96 7.34
C CYS A 38 -6.02 5.71 6.01
N GLN A 39 -5.62 5.01 4.95
CA GLN A 39 -5.61 5.60 3.61
C GLN A 39 -6.28 4.67 2.61
N GLU A 40 -7.45 5.09 2.11
CA GLU A 40 -8.20 4.30 1.15
C GLU A 40 -7.28 3.82 0.02
N THR A 41 -6.66 2.66 0.24
CA THR A 41 -5.76 2.08 -0.75
C THR A 41 -6.41 2.12 -2.13
N ALA A 42 -7.72 1.95 -2.18
CA ALA A 42 -8.45 1.96 -3.43
C ALA A 42 -7.67 1.24 -4.53
N VAL A 43 -7.94 -0.04 -4.68
CA VAL A 43 -7.27 -0.86 -5.69
C VAL A 43 -7.41 -0.23 -7.07
N THR A 44 -7.05 -0.99 -8.11
CA THR A 44 -7.13 -0.50 -9.48
C THR A 44 -6.51 -1.50 -10.45
N GLN A 45 -6.54 -1.15 -11.73
CA GLN A 45 -5.98 -2.01 -12.77
C GLN A 45 -4.54 -1.63 -13.08
N THR A 46 -4.01 -2.19 -14.17
CA THR A 46 -2.65 -1.91 -14.60
C THR A 46 -2.55 -1.83 -16.11
N TYR A 47 -1.53 -1.13 -16.60
CA TYR A 47 -1.34 -0.96 -18.04
C TYR A 47 0.11 -0.62 -18.36
N GLY A 48 0.72 -1.39 -19.26
CA GLY A 48 2.10 -1.15 -19.64
C GLY A 48 3.07 -1.48 -18.54
N GLY A 49 3.94 -0.53 -18.21
CA GLY A 49 4.93 -0.75 -17.17
C GLY A 49 6.09 -1.61 -17.64
N ASN A 50 6.38 -2.67 -16.89
CA ASN A 50 7.48 -3.56 -17.25
C ASN A 50 6.97 -4.96 -17.53
N SER A 51 5.74 -5.24 -17.09
CA SER A 51 5.13 -6.54 -17.29
C SER A 51 3.89 -6.43 -18.18
N ASN A 52 3.78 -5.32 -18.90
CA ASN A 52 2.64 -5.09 -19.79
C ASN A 52 1.34 -4.93 -18.99
N GLY A 53 1.47 -4.87 -17.68
CA GLY A 53 0.29 -4.71 -16.83
C GLY A 53 -0.08 -5.99 -16.10
N GLU A 54 0.92 -6.76 -15.72
CA GLU A 54 0.69 -8.01 -15.00
C GLU A 54 0.25 -7.75 -13.57
N PRO A 55 -0.37 -8.75 -12.93
CA PRO A 55 -0.83 -8.63 -11.54
C PRO A 55 0.25 -8.10 -10.61
N CYS A 56 -0.16 -7.31 -9.62
CA CYS A 56 0.78 -6.74 -8.67
C CYS A 56 1.12 -7.73 -7.56
N VAL A 57 1.96 -7.29 -6.63
CA VAL A 57 2.36 -8.14 -5.51
C VAL A 57 2.55 -7.32 -4.25
N LEU A 58 1.49 -6.67 -3.80
CA LEU A 58 1.55 -5.84 -2.60
C LEU A 58 0.78 -6.49 -1.44
N PRO A 59 1.02 -6.01 -0.21
CA PRO A 59 1.95 -4.91 0.05
C PRO A 59 3.39 -5.33 -0.17
N PHE A 60 4.18 -4.43 -0.77
CA PHE A 60 5.59 -4.71 -1.02
C PHE A 60 6.48 -3.73 -0.27
N THR A 61 7.78 -3.80 -0.51
CA THR A 61 8.72 -2.91 0.16
C THR A 61 9.60 -2.19 -0.85
N TYR A 62 9.63 -0.87 -0.76
CA TYR A 62 10.42 -0.06 -1.67
C TYR A 62 10.89 1.22 -0.99
N ASN A 63 12.17 1.55 -1.15
CA ASN A 63 12.73 2.75 -0.55
C ASN A 63 12.87 2.60 0.96
N GLY A 64 12.53 1.42 1.47
CA GLY A 64 12.63 1.17 2.89
C GLY A 64 11.28 1.11 3.57
N ARG A 65 10.24 1.52 2.84
CA ARG A 65 8.88 1.50 3.38
C ARG A 65 8.06 0.38 2.75
N THR A 66 6.73 0.49 2.84
CA THR A 66 5.84 -0.51 2.29
C THR A 66 4.60 0.12 1.68
N PHE A 67 4.09 -0.48 0.61
CA PHE A 67 2.90 0.03 -0.07
C PHE A 67 1.92 -1.11 -0.37
N TYR A 68 0.70 -0.97 0.11
CA TYR A 68 -0.32 -1.99 -0.09
C TYR A 68 -0.93 -1.89 -1.49
N SER A 69 -0.53 -0.87 -2.25
CA SER A 69 -1.05 -0.68 -3.60
C SER A 69 -0.08 0.14 -4.45
N CYS A 70 -0.52 0.46 -5.66
CA CYS A 70 0.30 1.24 -6.59
C CYS A 70 0.63 2.61 -6.00
N THR A 71 1.57 3.31 -6.64
CA THR A 71 1.98 4.63 -6.19
C THR A 71 3.01 5.24 -7.13
N THR A 72 3.17 6.55 -7.07
CA THR A 72 4.13 7.24 -7.92
C THR A 72 5.39 7.60 -7.13
N GLU A 73 5.54 7.00 -5.96
CA GLU A 73 6.70 7.24 -5.10
C GLU A 73 7.99 7.09 -5.88
N GLY A 74 7.93 6.36 -6.99
CA GLY A 74 9.10 6.13 -7.80
C GLY A 74 9.16 7.03 -9.01
N ARG A 75 8.25 8.00 -9.08
CA ARG A 75 8.21 8.92 -10.20
C ARG A 75 7.58 10.25 -9.79
N GLN A 76 7.95 11.31 -10.49
CA GLN A 76 7.44 12.64 -10.20
C GLN A 76 6.52 13.12 -11.33
N ASP A 77 6.02 12.16 -12.10
CA ASP A 77 5.12 12.47 -13.21
C ASP A 77 3.67 12.36 -12.78
N GLY A 78 3.32 11.25 -12.16
CA GLY A 78 1.96 11.05 -11.70
C GLY A 78 1.34 9.77 -12.23
N HIS A 79 2.17 8.74 -12.40
CA HIS A 79 1.68 7.46 -12.90
C HIS A 79 1.82 6.38 -11.84
N LEU A 80 0.69 5.82 -11.43
CA LEU A 80 0.67 4.78 -10.41
C LEU A 80 1.26 3.48 -10.93
N TRP A 81 2.10 2.85 -10.12
CA TRP A 81 2.73 1.60 -10.49
C TRP A 81 2.77 0.62 -9.32
N CYS A 82 2.82 -0.66 -9.64
CA CYS A 82 2.85 -1.71 -8.62
C CYS A 82 3.89 -2.76 -8.99
N SER A 83 4.31 -3.54 -7.99
CA SER A 83 5.29 -4.58 -8.20
C SER A 83 4.63 -5.90 -8.60
N THR A 84 5.28 -6.64 -9.48
CA THR A 84 4.75 -7.92 -9.95
C THR A 84 5.39 -9.08 -9.18
N THR A 85 6.54 -8.79 -8.56
CA THR A 85 7.26 -9.80 -7.79
C THR A 85 7.65 -9.25 -6.42
N SER A 86 7.35 -10.01 -5.38
CA SER A 86 7.67 -9.58 -4.02
C SER A 86 9.05 -8.92 -3.96
N ASN A 87 9.98 -9.45 -4.75
CA ASN A 87 11.33 -8.91 -4.78
C ASN A 87 11.54 -8.04 -6.01
N TYR A 88 10.99 -6.82 -5.99
CA TYR A 88 11.12 -5.89 -7.10
C TYR A 88 12.53 -5.29 -7.13
N GLU A 89 13.24 -5.40 -6.01
CA GLU A 89 14.59 -4.87 -5.92
C GLU A 89 15.56 -5.66 -6.79
N GLN A 90 15.18 -6.89 -7.12
CA GLN A 90 16.01 -7.75 -7.96
C GLN A 90 15.33 -8.03 -9.29
N ASP A 91 14.01 -8.19 -9.25
CA ASP A 91 13.24 -8.47 -10.46
C ASP A 91 13.13 -7.23 -11.34
N GLN A 92 12.63 -6.15 -10.75
CA GLN A 92 12.46 -4.89 -11.48
C GLN A 92 11.22 -4.92 -12.35
N LYS A 93 10.36 -5.91 -12.14
CA LYS A 93 9.13 -6.04 -12.92
C LYS A 93 7.99 -5.28 -12.26
N TYR A 94 7.67 -4.11 -12.81
CA TYR A 94 6.60 -3.27 -12.27
C TYR A 94 5.53 -3.00 -13.32
N SER A 95 4.35 -2.62 -12.85
CA SER A 95 3.23 -2.33 -13.74
C SER A 95 2.49 -1.07 -13.27
N PHE A 96 2.07 -0.25 -14.22
CA PHE A 96 1.36 0.98 -13.90
C PHE A 96 -0.05 0.68 -13.42
N CYS A 97 -0.79 1.72 -13.05
CA CYS A 97 -2.16 1.57 -12.56
C CYS A 97 -2.99 2.81 -12.87
N THR A 98 -4.21 2.60 -13.35
CA THR A 98 -5.10 3.70 -13.68
C THR A 98 -5.62 4.39 -12.42
N ASP A 99 -5.95 3.58 -11.41
CA ASP A 99 -6.46 4.11 -10.15
C ASP A 99 -7.95 4.43 -10.26
N HIS A 100 -8.31 5.22 -11.26
CA HIS A 100 -9.69 5.61 -11.48
C HIS A 100 -10.43 4.53 -12.26
N THR A 101 -11.76 4.68 -12.36
CA THR A 101 -12.59 3.72 -13.07
C THR A 101 -13.43 4.41 -14.15
N TYR A 1 4.81 7.01 24.40
CA TYR A 1 5.02 5.80 23.55
C TYR A 1 4.23 5.90 22.25
N GLY A 2 2.91 5.93 22.38
CA GLY A 2 2.05 6.01 21.21
C GLY A 2 1.26 4.74 20.97
N HIS A 3 0.00 4.75 21.35
CA HIS A 3 -0.87 3.58 21.16
C HIS A 3 -2.08 3.93 20.32
N CYS A 4 -2.31 3.14 19.28
CA CYS A 4 -3.45 3.36 18.38
C CYS A 4 -4.54 2.31 18.62
N VAL A 5 -5.75 2.61 18.17
CA VAL A 5 -6.87 1.71 18.33
C VAL A 5 -7.80 1.76 17.12
N THR A 6 -8.51 0.66 16.87
CA THR A 6 -9.43 0.59 15.74
C THR A 6 -10.87 0.72 16.21
N ASP A 7 -11.41 -0.36 16.77
CA ASP A 7 -12.78 -0.37 17.25
C ASP A 7 -12.81 -0.48 18.77
N SER A 8 -11.65 -0.31 19.41
CA SER A 8 -11.55 -0.40 20.86
C SER A 8 -11.28 -1.84 21.30
N GLY A 9 -10.90 -2.68 20.35
CA GLY A 9 -10.62 -4.07 20.65
C GLY A 9 -9.18 -4.45 20.36
N VAL A 10 -8.49 -3.59 19.62
CA VAL A 10 -7.10 -3.83 19.26
C VAL A 10 -6.24 -2.60 19.53
N VAL A 11 -5.59 -2.59 20.69
CA VAL A 11 -4.74 -1.46 21.08
C VAL A 11 -3.42 -1.48 20.31
N TYR A 12 -3.46 -1.00 19.08
CA TYR A 12 -2.27 -0.95 18.23
C TYR A 12 -1.23 -0.01 18.83
N SER A 13 -0.13 0.18 18.11
CA SER A 13 0.95 1.05 18.58
C SER A 13 1.43 1.97 17.46
N VAL A 14 1.92 3.14 17.84
CA VAL A 14 2.41 4.13 16.90
C VAL A 14 3.31 3.48 15.85
N GLY A 15 2.70 3.00 14.77
CA GLY A 15 3.44 2.37 13.70
C GLY A 15 3.10 0.92 13.51
N MET A 16 1.83 0.57 13.71
CA MET A 16 1.38 -0.80 13.54
C MET A 16 0.51 -0.94 12.29
N GLN A 17 0.93 -0.25 11.23
CA GLN A 17 0.22 -0.27 9.95
C GLN A 17 -0.66 -1.50 9.80
N TRP A 18 -1.89 -1.30 9.38
CA TRP A 18 -2.83 -2.40 9.19
C TRP A 18 -3.79 -2.13 8.05
N LEU A 19 -4.80 -2.98 7.91
CA LEU A 19 -5.79 -2.84 6.85
C LEU A 19 -7.17 -3.24 7.35
N LYS A 20 -8.19 -2.50 6.93
CA LYS A 20 -9.55 -2.77 7.34
C LYS A 20 -10.45 -3.06 6.14
N THR A 21 -11.47 -3.88 6.36
CA THR A 21 -12.41 -4.23 5.30
C THR A 21 -13.85 -4.09 5.78
N GLN A 22 -14.75 -3.79 4.85
CA GLN A 22 -16.17 -3.63 5.19
C GLN A 22 -16.98 -4.81 4.68
N GLY A 23 -16.39 -5.60 3.78
CA GLY A 23 -17.09 -6.75 3.23
C GLY A 23 -17.05 -6.78 1.72
N ASN A 24 -17.19 -5.61 1.10
CA ASN A 24 -17.17 -5.50 -0.35
C ASN A 24 -16.14 -4.50 -0.82
N LYS A 25 -15.50 -3.82 0.12
CA LYS A 25 -14.48 -2.82 -0.21
C LYS A 25 -13.20 -3.08 0.56
N GLN A 26 -12.21 -2.22 0.38
CA GLN A 26 -10.92 -2.36 1.06
C GLN A 26 -10.35 -1.00 1.45
N MET A 27 -9.73 -0.95 2.62
CA MET A 27 -9.15 0.29 3.12
C MET A 27 -7.98 -0.01 4.06
N LEU A 28 -6.86 0.67 3.85
CA LEU A 28 -5.68 0.49 4.69
C LEU A 28 -5.56 1.60 5.72
N CYS A 29 -5.47 1.21 6.98
CA CYS A 29 -5.37 2.18 8.07
C CYS A 29 -3.96 2.18 8.67
N THR A 30 -3.56 3.32 9.21
CA THR A 30 -2.24 3.43 9.83
C THR A 30 -2.22 4.49 10.93
N CYS A 31 -1.59 4.15 12.05
CA CYS A 31 -1.49 5.07 13.16
C CYS A 31 -0.09 5.67 13.23
N LEU A 32 0.00 6.96 12.93
CA LEU A 32 1.28 7.67 12.94
C LEU A 32 1.69 8.03 14.36
N GLY A 33 1.34 9.23 14.80
CA GLY A 33 1.69 9.66 16.15
C GLY A 33 0.64 10.55 16.77
N ASN A 34 0.06 11.43 15.96
CA ASN A 34 -0.97 12.34 16.46
C ASN A 34 -2.37 11.78 16.23
N GLY A 35 -2.47 10.80 15.33
CA GLY A 35 -3.76 10.20 15.05
C GLY A 35 -3.63 8.95 14.19
N VAL A 36 -4.67 8.66 13.42
CA VAL A 36 -4.67 7.48 12.57
C VAL A 36 -5.19 7.82 11.16
N SER A 37 -4.37 7.53 10.16
CA SER A 37 -4.74 7.79 8.77
C SER A 37 -4.90 6.48 8.01
N CYS A 38 -5.74 6.51 6.98
CA CYS A 38 -5.98 5.32 6.17
C CYS A 38 -6.13 5.67 4.69
N GLN A 39 -6.29 4.64 3.86
CA GLN A 39 -6.45 4.84 2.43
C GLN A 39 -7.70 4.13 1.93
N GLU A 40 -8.77 4.88 1.74
CA GLU A 40 -10.03 4.32 1.26
C GLU A 40 -9.86 3.70 -0.12
N THR A 41 -9.83 2.37 -0.17
CA THR A 41 -9.67 1.63 -1.42
C THR A 41 -8.21 1.56 -1.87
N ALA A 42 -7.42 2.57 -1.53
CA ALA A 42 -6.02 2.59 -1.91
C ALA A 42 -5.87 2.50 -3.43
N VAL A 43 -5.71 3.65 -4.06
CA VAL A 43 -5.55 3.70 -5.51
C VAL A 43 -4.10 3.88 -5.91
N THR A 44 -3.85 3.96 -7.21
CA THR A 44 -2.50 4.12 -7.73
C THR A 44 -2.52 4.68 -9.14
N GLN A 45 -1.83 5.80 -9.35
CA GLN A 45 -1.78 6.44 -10.66
C GLN A 45 -0.36 6.81 -11.04
N THR A 46 0.53 5.81 -11.03
CA THR A 46 1.92 6.03 -11.39
C THR A 46 2.04 6.72 -12.73
N TYR A 47 2.87 7.76 -12.79
CA TYR A 47 3.07 8.50 -14.04
C TYR A 47 4.50 8.41 -14.52
N GLY A 48 5.45 8.34 -13.59
CA GLY A 48 6.84 8.26 -13.95
C GLY A 48 7.73 7.83 -12.80
N GLY A 49 8.41 8.79 -12.19
CA GLY A 49 9.29 8.49 -11.08
C GLY A 49 10.62 7.92 -11.54
N ASN A 50 11.07 6.86 -10.88
CA ASN A 50 12.33 6.21 -11.23
C ASN A 50 12.10 5.12 -12.27
N SER A 51 10.84 4.88 -12.62
CA SER A 51 10.50 3.86 -13.59
C SER A 51 9.88 4.48 -14.84
N ASN A 52 8.57 4.71 -14.80
CA ASN A 52 7.85 5.29 -15.93
C ASN A 52 6.35 5.32 -15.65
N GLY A 53 5.87 4.34 -14.90
CA GLY A 53 4.46 4.28 -14.57
C GLY A 53 3.88 2.89 -14.80
N GLU A 54 4.41 1.90 -14.09
CA GLU A 54 3.94 0.52 -14.21
C GLU A 54 3.19 0.09 -12.96
N PRO A 55 2.44 -1.02 -13.04
CA PRO A 55 1.67 -1.54 -11.90
C PRO A 55 2.56 -1.91 -10.72
N CYS A 56 2.51 -1.09 -9.68
CA CYS A 56 3.31 -1.33 -8.48
C CYS A 56 3.34 -2.81 -8.13
N VAL A 57 4.25 -3.19 -7.24
CA VAL A 57 4.38 -4.58 -6.83
C VAL A 57 4.22 -4.73 -5.33
N LEU A 58 3.01 -4.49 -4.83
CA LEU A 58 2.74 -4.61 -3.40
C LEU A 58 1.92 -5.85 -3.11
N PRO A 59 1.86 -6.26 -1.82
CA PRO A 59 2.53 -5.57 -0.73
C PRO A 59 4.05 -5.67 -0.80
N PHE A 60 4.72 -4.53 -0.71
CA PHE A 60 6.18 -4.51 -0.75
C PHE A 60 6.73 -4.22 0.63
N THR A 61 8.04 -4.33 0.79
CA THR A 61 8.67 -4.09 2.07
C THR A 61 9.73 -2.99 1.98
N TYR A 62 9.59 -1.97 2.81
CA TYR A 62 10.54 -0.87 2.84
C TYR A 62 10.83 -0.41 4.26
N ASN A 63 12.11 -0.34 4.60
CA ASN A 63 12.52 0.09 5.93
C ASN A 63 12.15 -0.96 6.99
N GLY A 64 11.65 -2.09 6.53
CA GLY A 64 11.27 -3.15 7.44
C GLY A 64 9.77 -3.32 7.56
N ARG A 65 9.01 -2.41 6.98
CA ARG A 65 7.56 -2.48 7.04
C ARG A 65 6.98 -2.93 5.70
N THR A 66 5.68 -2.74 5.51
CA THR A 66 5.01 -3.14 4.28
C THR A 66 3.92 -2.15 3.90
N PHE A 67 3.61 -2.10 2.60
CA PHE A 67 2.59 -1.19 2.09
C PHE A 67 1.77 -1.85 0.98
N TYR A 68 0.48 -1.54 0.94
CA TYR A 68 -0.41 -2.10 -0.08
C TYR A 68 -0.59 -1.14 -1.25
N SER A 69 0.16 -0.05 -1.25
CA SER A 69 0.06 0.93 -2.33
C SER A 69 1.08 2.05 -2.16
N CYS A 70 0.80 3.19 -2.79
CA CYS A 70 1.68 4.35 -2.71
C CYS A 70 2.01 4.68 -1.26
N THR A 71 3.03 5.51 -1.07
CA THR A 71 3.45 5.90 0.27
C THR A 71 4.54 6.96 0.21
N THR A 72 4.57 7.83 1.21
CA THR A 72 5.57 8.89 1.28
C THR A 72 6.47 8.70 2.49
N GLU A 73 7.32 7.68 2.45
CA GLU A 73 8.22 7.39 3.55
C GLU A 73 9.69 7.51 3.10
N GLY A 74 10.06 6.70 2.13
CA GLY A 74 11.43 6.71 1.64
C GLY A 74 11.64 7.72 0.53
N ARG A 75 11.34 8.98 0.81
CA ARG A 75 11.51 10.04 -0.17
C ARG A 75 11.98 11.33 0.49
N GLN A 76 12.36 12.31 -0.32
CA GLN A 76 12.83 13.59 0.18
C GLN A 76 12.23 14.74 -0.64
N ASP A 77 11.19 14.43 -1.39
CA ASP A 77 10.53 15.44 -2.23
C ASP A 77 9.14 15.75 -1.72
N GLY A 78 8.20 14.84 -1.98
CA GLY A 78 6.83 15.02 -1.56
C GLY A 78 5.81 14.43 -2.51
N HIS A 79 6.21 13.37 -3.22
CA HIS A 79 5.32 12.71 -4.17
C HIS A 79 5.13 11.24 -3.79
N LEU A 80 3.87 10.84 -3.64
CA LEU A 80 3.56 9.45 -3.29
C LEU A 80 4.30 8.49 -4.22
N TRP A 81 5.08 7.59 -3.64
CA TRP A 81 5.85 6.62 -4.41
C TRP A 81 5.47 5.19 -4.05
N CYS A 82 5.68 4.29 -5.01
CA CYS A 82 5.37 2.87 -4.80
C CYS A 82 6.50 2.01 -5.38
N SER A 83 6.37 0.69 -5.25
CA SER A 83 7.38 -0.23 -5.76
C SER A 83 6.91 -0.92 -7.02
N THR A 84 7.83 -1.16 -7.94
CA THR A 84 7.50 -1.82 -9.19
C THR A 84 8.07 -3.24 -9.24
N THR A 85 9.16 -3.45 -8.50
CA THR A 85 9.80 -4.75 -8.45
C THR A 85 9.63 -5.40 -7.08
N SER A 86 9.42 -6.71 -7.07
CA SER A 86 9.24 -7.45 -5.82
C SER A 86 10.30 -7.04 -4.80
N ASN A 87 11.54 -6.91 -5.26
CA ASN A 87 12.64 -6.52 -4.40
C ASN A 87 13.08 -5.10 -4.70
N TYR A 88 12.48 -4.14 -4.01
CA TYR A 88 12.80 -2.74 -4.21
C TYR A 88 14.12 -2.40 -3.52
N GLU A 89 14.50 -3.21 -2.54
CA GLU A 89 15.74 -3.00 -1.81
C GLU A 89 16.92 -3.58 -2.57
N GLN A 90 16.67 -4.00 -3.81
CA GLN A 90 17.72 -4.57 -4.65
C GLN A 90 17.73 -3.91 -6.03
N ASP A 91 16.54 -3.78 -6.61
CA ASP A 91 16.41 -3.16 -7.92
C ASP A 91 16.39 -1.65 -7.82
N GLN A 92 15.60 -1.13 -6.89
CA GLN A 92 15.50 0.32 -6.69
C GLN A 92 14.53 0.94 -7.70
N LYS A 93 13.74 0.09 -8.34
CA LYS A 93 12.77 0.56 -9.34
C LYS A 93 11.44 0.89 -8.67
N TYR A 94 11.18 2.17 -8.49
CA TYR A 94 9.94 2.63 -7.86
C TYR A 94 9.18 3.57 -8.79
N SER A 95 7.98 3.95 -8.37
CA SER A 95 7.14 4.84 -9.16
C SER A 95 6.59 5.97 -8.29
N PHE A 96 5.60 6.69 -8.82
CA PHE A 96 4.98 7.79 -8.10
C PHE A 96 3.47 7.61 -8.02
N CYS A 97 2.79 8.64 -7.52
CA CYS A 97 1.34 8.60 -7.40
C CYS A 97 0.77 10.01 -7.27
N THR A 98 -0.04 10.39 -8.25
CA THR A 98 -0.64 11.72 -8.27
C THR A 98 -1.42 11.99 -6.99
N ASP A 99 -2.73 11.74 -7.02
CA ASP A 99 -3.59 11.96 -5.86
C ASP A 99 -3.86 13.45 -5.67
N HIS A 100 -2.80 14.24 -5.58
CA HIS A 100 -2.93 15.69 -5.40
C HIS A 100 -1.68 16.40 -5.88
N THR A 101 -1.48 17.63 -5.40
CA THR A 101 -0.32 18.42 -5.77
C THR A 101 0.98 17.70 -5.41
N TYR A 1 0.20 8.03 23.38
CA TYR A 1 1.49 8.60 22.92
C TYR A 1 2.02 7.87 21.69
N GLY A 2 1.17 7.71 20.69
CA GLY A 2 1.57 7.03 19.47
C GLY A 2 0.77 5.77 19.23
N HIS A 3 0.67 4.93 20.26
CA HIS A 3 -0.06 3.67 20.17
C HIS A 3 -1.30 3.84 19.27
N CYS A 4 -1.74 2.73 18.67
CA CYS A 4 -2.90 2.76 17.79
C CYS A 4 -3.78 1.54 18.02
N VAL A 5 -5.07 1.79 18.25
CA VAL A 5 -6.03 0.70 18.50
C VAL A 5 -7.27 0.86 17.62
N THR A 6 -7.75 -0.26 17.09
CA THR A 6 -8.94 -0.25 16.24
C THR A 6 -10.18 0.13 17.02
N ASP A 7 -10.58 -0.76 17.94
CA ASP A 7 -11.78 -0.52 18.76
C ASP A 7 -11.68 -1.28 20.07
N SER A 8 -11.40 -2.57 19.98
CA SER A 8 -11.28 -3.42 21.16
C SER A 8 -10.88 -4.84 20.78
N GLY A 9 -9.63 -5.00 20.37
CA GLY A 9 -9.14 -6.31 19.98
C GLY A 9 -7.74 -6.25 19.39
N VAL A 10 -7.49 -5.22 18.59
CA VAL A 10 -6.19 -5.05 17.96
C VAL A 10 -5.49 -3.79 18.47
N VAL A 11 -4.49 -3.97 19.32
CA VAL A 11 -3.75 -2.85 19.89
C VAL A 11 -2.49 -2.56 19.09
N TYR A 12 -2.64 -1.92 17.94
CA TYR A 12 -1.50 -1.57 17.11
C TYR A 12 -0.58 -0.65 17.89
N SER A 13 0.51 -0.22 17.25
CA SER A 13 1.45 0.68 17.90
C SER A 13 2.04 1.67 16.90
N VAL A 14 2.30 2.88 17.37
CA VAL A 14 2.87 3.94 16.54
C VAL A 14 3.75 3.39 15.42
N GLY A 15 3.13 3.06 14.29
CA GLY A 15 3.89 2.54 13.15
C GLY A 15 3.55 1.10 12.82
N MET A 16 2.53 0.55 13.47
CA MET A 16 2.13 -0.83 13.20
C MET A 16 0.93 -0.87 12.28
N GLN A 17 1.00 -0.07 11.21
CA GLN A 17 -0.07 0.00 10.23
C GLN A 17 -0.65 -1.38 9.94
N TRP A 18 -1.78 -1.39 9.26
CA TRP A 18 -2.46 -2.64 8.91
C TRP A 18 -3.31 -2.45 7.66
N LEU A 19 -4.30 -3.32 7.45
CA LEU A 19 -5.16 -3.23 6.28
C LEU A 19 -6.60 -3.56 6.65
N LYS A 20 -7.47 -2.56 6.54
CA LYS A 20 -8.89 -2.75 6.86
C LYS A 20 -9.67 -3.17 5.62
N THR A 21 -10.53 -4.17 5.79
CA THR A 21 -11.34 -4.67 4.68
C THR A 21 -12.83 -4.54 4.98
N GLN A 22 -13.17 -4.45 6.27
CA GLN A 22 -14.55 -4.33 6.69
C GLN A 22 -15.05 -2.89 6.52
N GLY A 23 -15.39 -2.53 5.28
CA GLY A 23 -15.87 -1.20 4.99
C GLY A 23 -16.53 -1.10 3.64
N ASN A 24 -15.99 -1.83 2.67
CA ASN A 24 -16.53 -1.83 1.32
C ASN A 24 -15.93 -2.97 0.50
N LYS A 25 -14.62 -2.92 0.28
CA LYS A 25 -13.93 -3.94 -0.48
C LYS A 25 -12.52 -4.15 0.06
N GLN A 26 -11.76 -3.06 0.13
CA GLN A 26 -10.39 -3.10 0.63
C GLN A 26 -9.96 -1.73 1.12
N MET A 27 -9.07 -1.70 2.11
CA MET A 27 -8.59 -0.44 2.65
C MET A 27 -7.36 -0.65 3.53
N LEU A 28 -6.50 0.35 3.59
CA LEU A 28 -5.27 0.28 4.38
C LEU A 28 -5.31 1.30 5.51
N CYS A 29 -5.06 0.83 6.74
CA CYS A 29 -5.06 1.71 7.90
C CYS A 29 -3.67 1.78 8.53
N THR A 30 -3.17 3.00 8.74
CA THR A 30 -1.85 3.20 9.34
C THR A 30 -1.92 4.15 10.52
N CYS A 31 -1.05 3.94 11.49
CA CYS A 31 -1.00 4.81 12.66
C CYS A 31 0.37 5.46 12.78
N LEU A 32 0.44 6.73 12.43
CA LEU A 32 1.69 7.49 12.48
C LEU A 32 2.00 7.93 13.91
N GLY A 33 1.60 9.14 14.26
CA GLY A 33 1.86 9.65 15.59
C GLY A 33 0.70 10.45 16.15
N ASN A 34 0.05 11.22 15.28
CA ASN A 34 -1.09 12.04 15.70
C ASN A 34 -2.32 11.17 15.93
N GLY A 35 -2.54 10.23 15.01
CA GLY A 35 -3.68 9.34 15.13
C GLY A 35 -3.53 8.10 14.28
N VAL A 36 -4.39 7.96 13.28
CA VAL A 36 -4.36 6.82 12.39
C VAL A 36 -5.01 7.15 11.04
N SER A 37 -4.20 7.13 9.98
CA SER A 37 -4.69 7.44 8.65
C SER A 37 -4.82 6.17 7.82
N CYS A 38 -5.87 6.09 7.02
CA CYS A 38 -6.10 4.93 6.18
C CYS A 38 -6.36 5.32 4.73
N GLN A 39 -6.42 4.31 3.86
CA GLN A 39 -6.67 4.55 2.44
C GLN A 39 -7.81 3.67 1.94
N GLU A 40 -9.03 4.19 2.02
CA GLU A 40 -10.21 3.46 1.58
C GLU A 40 -10.02 2.92 0.17
N THR A 41 -10.28 1.63 0.00
CA THR A 41 -10.13 0.98 -1.30
C THR A 41 -8.69 0.56 -1.54
N ALA A 42 -7.79 1.55 -1.50
CA ALA A 42 -6.37 1.30 -1.71
C ALA A 42 -6.10 0.68 -3.08
N VAL A 43 -7.08 0.77 -3.98
CA VAL A 43 -6.92 0.21 -5.32
C VAL A 43 -6.30 1.22 -6.27
N THR A 44 -6.24 0.88 -7.56
CA THR A 44 -5.66 1.77 -8.56
C THR A 44 -5.54 1.06 -9.91
N GLN A 45 -5.00 1.78 -10.89
CA GLN A 45 -4.83 1.22 -12.23
C GLN A 45 -3.40 1.41 -12.73
N THR A 46 -3.14 0.99 -13.96
CA THR A 46 -1.82 1.11 -14.56
C THR A 46 -1.92 1.37 -16.06
N TYR A 47 -0.94 2.08 -16.61
CA TYR A 47 -0.95 2.40 -18.04
C TYR A 47 0.32 1.92 -18.74
N GLY A 48 1.43 1.91 -18.01
CA GLY A 48 2.69 1.49 -18.59
C GLY A 48 3.77 1.24 -17.56
N GLY A 49 4.72 2.15 -17.49
CA GLY A 49 5.81 2.00 -16.54
C GLY A 49 6.94 1.15 -17.08
N ASN A 50 7.07 -0.06 -16.54
CA ASN A 50 8.11 -0.98 -16.99
C ASN A 50 7.54 -2.37 -17.26
N SER A 51 6.23 -2.51 -17.09
CA SER A 51 5.57 -3.78 -17.33
C SER A 51 4.33 -3.64 -18.21
N ASN A 52 4.00 -2.39 -18.57
CA ASN A 52 2.85 -2.13 -19.41
C ASN A 52 1.55 -2.33 -18.63
N GLY A 53 1.66 -2.29 -17.31
CA GLY A 53 0.49 -2.47 -16.46
C GLY A 53 0.54 -3.75 -15.67
N GLU A 54 -0.44 -4.63 -15.88
CA GLU A 54 -0.49 -5.90 -15.17
C GLU A 54 -0.78 -5.68 -13.68
N PRO A 55 -1.16 -6.75 -12.98
CA PRO A 55 -1.47 -6.70 -11.56
C PRO A 55 -0.22 -6.51 -10.70
N CYS A 56 -0.32 -5.63 -9.70
CA CYS A 56 0.80 -5.36 -8.82
C CYS A 56 0.99 -6.51 -7.83
N VAL A 57 2.04 -6.40 -7.01
CA VAL A 57 2.34 -7.45 -6.03
C VAL A 57 2.55 -6.86 -4.64
N LEU A 58 1.50 -6.25 -4.09
CA LEU A 58 1.58 -5.66 -2.77
C LEU A 58 0.55 -6.30 -1.84
N PRO A 59 0.63 -5.99 -0.53
CA PRO A 59 1.64 -5.08 0.02
C PRO A 59 3.06 -5.65 -0.09
N PHE A 60 3.93 -4.91 -0.76
CA PHE A 60 5.31 -5.36 -0.94
C PHE A 60 6.26 -4.52 -0.08
N THR A 61 7.56 -4.71 -0.28
CA THR A 61 8.57 -3.97 0.46
C THR A 61 9.58 -3.34 -0.49
N TYR A 62 9.91 -2.07 -0.24
CA TYR A 62 10.86 -1.35 -1.08
C TYR A 62 11.60 -0.29 -0.27
N ASN A 63 12.92 -0.30 -0.38
CA ASN A 63 13.75 0.67 0.32
C ASN A 63 13.75 0.42 1.83
N GLY A 64 13.10 -0.66 2.24
CA GLY A 64 13.04 -0.98 3.66
C GLY A 64 11.65 -0.78 4.25
N ARG A 65 10.80 -0.06 3.53
CA ARG A 65 9.44 0.20 4.01
C ARG A 65 8.45 -0.72 3.31
N THR A 66 7.16 -0.41 3.44
CA THR A 66 6.12 -1.23 2.82
C THR A 66 5.02 -0.37 2.21
N PHE A 67 4.35 -0.91 1.19
CA PHE A 67 3.26 -0.20 0.52
C PHE A 67 2.16 -1.17 0.09
N TYR A 68 0.92 -0.84 0.45
CA TYR A 68 -0.23 -1.67 0.09
C TYR A 68 -0.85 -1.19 -1.20
N SER A 69 -0.10 -0.38 -1.95
CA SER A 69 -0.57 0.16 -3.22
C SER A 69 0.56 0.89 -3.93
N CYS A 70 0.26 1.43 -5.11
CA CYS A 70 1.26 2.16 -5.89
C CYS A 70 1.99 3.16 -5.00
N THR A 71 3.05 3.74 -5.54
CA THR A 71 3.84 4.73 -4.80
C THR A 71 4.86 5.41 -5.70
N THR A 72 5.30 6.59 -5.28
CA THR A 72 6.29 7.35 -6.04
C THR A 72 7.52 7.64 -5.17
N GLU A 73 8.25 6.58 -4.82
CA GLU A 73 9.44 6.71 -3.99
C GLU A 73 10.68 6.19 -4.71
N GLY A 74 10.57 6.06 -6.02
CA GLY A 74 11.68 5.57 -6.82
C GLY A 74 11.30 5.41 -8.28
N ARG A 75 11.13 6.54 -8.96
CA ARG A 75 10.77 6.53 -10.37
C ARG A 75 11.58 7.57 -11.14
N GLN A 76 11.20 7.80 -12.40
CA GLN A 76 11.90 8.77 -13.23
C GLN A 76 11.36 10.18 -13.02
N ASP A 77 10.12 10.40 -13.47
CA ASP A 77 9.49 11.71 -13.34
C ASP A 77 8.77 11.82 -12.00
N GLY A 78 8.00 10.80 -11.66
CA GLY A 78 7.26 10.80 -10.41
C GLY A 78 5.86 10.27 -10.56
N HIS A 79 5.71 9.22 -11.38
CA HIS A 79 4.42 8.61 -11.61
C HIS A 79 4.21 7.40 -10.70
N LEU A 80 3.06 7.34 -10.04
CA LEU A 80 2.76 6.23 -9.15
C LEU A 80 3.12 4.90 -9.82
N TRP A 81 4.08 4.20 -9.22
CA TRP A 81 4.52 2.93 -9.77
C TRP A 81 4.26 1.79 -8.80
N CYS A 82 4.24 0.57 -9.32
CA CYS A 82 4.00 -0.62 -8.51
C CYS A 82 4.77 -1.81 -9.07
N SER A 83 4.96 -2.83 -8.25
CA SER A 83 5.69 -4.02 -8.68
C SER A 83 4.73 -5.14 -9.06
N THR A 84 4.93 -5.70 -10.25
CA THR A 84 4.08 -6.78 -10.74
C THR A 84 4.55 -8.13 -10.22
N THR A 85 5.56 -8.11 -9.34
CA THR A 85 6.10 -9.33 -8.77
C THR A 85 6.87 -9.04 -7.47
N SER A 86 6.62 -9.86 -6.45
CA SER A 86 7.27 -9.68 -5.16
C SER A 86 8.75 -9.31 -5.34
N ASN A 87 9.45 -10.10 -6.13
CA ASN A 87 10.87 -9.85 -6.39
C ASN A 87 11.07 -8.68 -7.34
N TYR A 88 10.93 -7.46 -6.80
CA TYR A 88 11.11 -6.26 -7.60
C TYR A 88 12.59 -5.92 -7.73
N GLU A 89 13.33 -6.15 -6.66
CA GLU A 89 14.76 -5.88 -6.65
C GLU A 89 15.50 -6.83 -7.57
N GLN A 90 14.80 -7.89 -8.01
CA GLN A 90 15.39 -8.88 -8.90
C GLN A 90 15.04 -8.58 -10.35
N ASP A 91 13.75 -8.43 -10.61
CA ASP A 91 13.26 -8.15 -11.95
C ASP A 91 13.11 -6.64 -12.17
N GLN A 92 12.59 -5.96 -11.16
CA GLN A 92 12.38 -4.52 -11.23
C GLN A 92 11.08 -4.18 -11.98
N LYS A 93 10.49 -5.19 -12.61
CA LYS A 93 9.26 -5.00 -13.36
C LYS A 93 8.22 -4.26 -12.52
N TYR A 94 7.86 -3.07 -12.96
CA TYR A 94 6.89 -2.25 -12.24
C TYR A 94 5.87 -1.65 -13.21
N SER A 95 4.73 -1.24 -12.68
CA SER A 95 3.67 -0.63 -13.48
C SER A 95 3.20 0.68 -12.86
N PHE A 96 3.07 1.70 -13.69
CA PHE A 96 2.64 3.01 -13.22
C PHE A 96 1.18 2.97 -12.78
N CYS A 97 0.67 4.11 -12.33
CA CYS A 97 -0.71 4.20 -11.86
C CYS A 97 -1.23 5.62 -11.97
N THR A 98 -2.46 5.76 -12.45
CA THR A 98 -3.08 7.07 -12.61
C THR A 98 -3.44 7.66 -11.26
N ASP A 99 -4.67 7.39 -10.81
CA ASP A 99 -5.14 7.91 -9.53
C ASP A 99 -5.60 9.35 -9.66
N HIS A 100 -4.67 10.24 -9.99
CA HIS A 100 -4.98 11.66 -10.14
C HIS A 100 -5.18 12.32 -8.79
N THR A 101 -6.10 11.78 -8.00
CA THR A 101 -6.40 12.31 -6.68
C THR A 101 -6.12 11.28 -5.59
N TYR A 1 -1.60 7.83 26.07
CA TYR A 1 -0.90 6.68 25.43
C TYR A 1 -1.50 6.35 24.07
N GLY A 2 -2.82 6.24 24.04
CA GLY A 2 -3.50 5.93 22.79
C GLY A 2 -3.15 4.55 22.26
N HIS A 3 -4.16 3.71 22.05
CA HIS A 3 -3.95 2.37 21.54
C HIS A 3 -5.06 1.97 20.58
N CYS A 4 -4.73 1.13 19.61
CA CYS A 4 -5.71 0.68 18.63
C CYS A 4 -5.81 -0.84 18.61
N VAL A 5 -7.03 -1.35 18.75
CA VAL A 5 -7.26 -2.78 18.76
C VAL A 5 -8.28 -3.18 17.68
N THR A 6 -7.80 -3.84 16.64
CA THR A 6 -8.67 -4.27 15.55
C THR A 6 -9.79 -5.16 16.07
N ASP A 7 -10.35 -5.98 15.18
CA ASP A 7 -11.43 -6.88 15.55
C ASP A 7 -11.19 -7.47 16.93
N SER A 8 -10.23 -8.37 17.03
CA SER A 8 -9.89 -9.01 18.29
C SER A 8 -8.75 -10.01 18.12
N GLY A 9 -7.58 -9.50 17.73
CA GLY A 9 -6.44 -10.36 17.52
C GLY A 9 -5.13 -9.68 17.90
N VAL A 10 -5.03 -8.39 17.62
CA VAL A 10 -3.82 -7.63 17.94
C VAL A 10 -4.15 -6.36 18.70
N VAL A 11 -3.12 -5.73 19.27
CA VAL A 11 -3.29 -4.50 20.02
C VAL A 11 -2.38 -3.40 19.48
N TYR A 12 -2.78 -2.83 18.35
CA TYR A 12 -2.02 -1.77 17.71
C TYR A 12 -1.91 -0.55 18.62
N SER A 13 -1.15 0.45 18.18
CA SER A 13 -0.97 1.67 18.97
C SER A 13 -1.15 2.90 18.09
N VAL A 14 -1.50 4.02 18.73
CA VAL A 14 -1.70 5.28 18.02
C VAL A 14 -0.63 5.48 16.96
N GLY A 15 -0.89 4.99 15.75
CA GLY A 15 0.05 5.14 14.67
C GLY A 15 0.70 3.83 14.27
N MET A 16 -0.09 2.78 14.19
CA MET A 16 0.41 1.46 13.82
C MET A 16 0.41 1.28 12.31
N GLN A 17 -0.70 1.67 11.67
CA GLN A 17 -0.84 1.55 10.23
C GLN A 17 -0.90 0.07 9.82
N TRP A 18 -1.87 -0.26 8.96
CA TRP A 18 -2.05 -1.62 8.50
C TRP A 18 -3.08 -1.70 7.38
N LEU A 19 -3.42 -2.92 6.98
CA LEU A 19 -4.40 -3.14 5.93
C LEU A 19 -5.59 -3.92 6.48
N LYS A 20 -6.70 -3.23 6.68
CA LYS A 20 -7.90 -3.86 7.21
C LYS A 20 -8.65 -4.63 6.12
N THR A 21 -9.27 -5.73 6.51
CA THR A 21 -10.03 -6.56 5.58
C THR A 21 -11.52 -6.52 5.90
N GLN A 22 -12.30 -7.27 5.12
CA GLN A 22 -13.75 -7.31 5.32
C GLN A 22 -14.30 -8.71 5.02
N GLY A 23 -13.77 -9.33 3.97
CA GLY A 23 -14.23 -10.65 3.61
C GLY A 23 -13.33 -11.31 2.57
N ASN A 24 -13.31 -10.73 1.37
CA ASN A 24 -12.49 -11.27 0.29
C ASN A 24 -11.69 -10.16 -0.40
N LYS A 25 -11.70 -8.98 0.18
CA LYS A 25 -10.98 -7.86 -0.38
C LYS A 25 -9.92 -7.33 0.59
N GLN A 26 -9.39 -6.15 0.31
CA GLN A 26 -8.38 -5.55 1.15
C GLN A 26 -8.61 -4.05 1.31
N MET A 27 -8.24 -3.51 2.46
CA MET A 27 -8.41 -2.10 2.74
C MET A 27 -7.30 -1.58 3.65
N LEU A 28 -7.02 -0.28 3.57
CA LEU A 28 -5.98 0.33 4.38
C LEU A 28 -6.59 0.99 5.60
N CYS A 29 -6.20 0.55 6.78
CA CYS A 29 -6.71 1.12 8.02
C CYS A 29 -5.59 1.69 8.88
N THR A 30 -5.90 2.77 9.57
CA THR A 30 -4.92 3.42 10.43
C THR A 30 -5.56 3.91 11.71
N CYS A 31 -4.79 3.86 12.80
CA CYS A 31 -5.29 4.32 14.09
C CYS A 31 -4.58 5.61 14.50
N LEU A 32 -5.32 6.71 14.46
CA LEU A 32 -4.78 8.01 14.81
C LEU A 32 -4.70 8.18 16.33
N GLY A 33 -5.70 8.83 16.91
CA GLY A 33 -5.70 9.03 18.35
C GLY A 33 -7.09 8.95 18.95
N ASN A 34 -8.07 9.47 18.24
CA ASN A 34 -9.45 9.45 18.71
C ASN A 34 -10.15 8.17 18.27
N GLY A 35 -9.60 7.52 17.25
CA GLY A 35 -10.19 6.29 16.76
C GLY A 35 -9.34 5.63 15.68
N VAL A 36 -9.98 4.82 14.84
CA VAL A 36 -9.27 4.13 13.78
C VAL A 36 -10.04 4.24 12.46
N SER A 37 -9.42 4.91 11.49
CA SER A 37 -10.04 5.09 10.18
C SER A 37 -9.37 4.19 9.15
N CYS A 38 -10.09 3.85 8.08
CA CYS A 38 -9.55 2.99 7.03
C CYS A 38 -10.17 3.31 5.69
N GLN A 39 -9.34 3.26 4.65
CA GLN A 39 -9.79 3.53 3.29
C GLN A 39 -9.37 2.41 2.35
N GLU A 40 -10.19 2.16 1.33
CA GLU A 40 -9.92 1.11 0.35
C GLU A 40 -8.42 0.89 0.17
N THR A 41 -8.03 -0.36 0.03
CA THR A 41 -6.63 -0.71 -0.14
C THR A 41 -5.93 0.30 -1.04
N ALA A 42 -6.66 0.80 -2.01
CA ALA A 42 -6.13 1.78 -2.96
C ALA A 42 -5.37 1.07 -4.08
N VAL A 43 -6.04 0.89 -5.20
CA VAL A 43 -5.43 0.22 -6.36
C VAL A 43 -4.90 1.25 -7.36
N THR A 44 -5.64 2.32 -7.54
CA THR A 44 -5.25 3.38 -8.47
C THR A 44 -5.42 2.92 -9.92
N GLN A 45 -4.78 3.64 -10.84
CA GLN A 45 -4.87 3.32 -12.25
C GLN A 45 -3.64 2.53 -12.71
N THR A 46 -3.88 1.47 -13.48
CA THR A 46 -2.80 0.63 -13.98
C THR A 46 -2.85 0.53 -15.50
N TYR A 47 -1.79 1.00 -16.16
CA TYR A 47 -1.72 0.97 -17.61
C TYR A 47 -0.42 0.35 -18.08
N GLY A 48 -0.49 -0.52 -19.08
CA GLY A 48 0.70 -1.17 -19.60
C GLY A 48 1.22 -2.26 -18.69
N GLY A 49 2.47 -2.13 -18.27
CA GLY A 49 3.08 -3.12 -17.40
C GLY A 49 2.92 -4.52 -17.93
N ASN A 50 3.41 -5.50 -17.18
CA ASN A 50 3.32 -6.90 -17.58
C ASN A 50 1.99 -7.51 -17.16
N SER A 51 1.06 -6.65 -16.76
CA SER A 51 -0.26 -7.09 -16.33
C SER A 51 -1.36 -6.50 -17.20
N ASN A 52 -0.97 -5.61 -18.12
CA ASN A 52 -1.92 -4.97 -19.01
C ASN A 52 -2.84 -4.04 -18.23
N GLY A 53 -2.35 -3.53 -17.10
CA GLY A 53 -3.14 -2.63 -16.29
C GLY A 53 -4.20 -3.35 -15.49
N GLU A 54 -3.80 -4.33 -14.69
CA GLU A 54 -4.73 -5.10 -13.89
C GLU A 54 -4.61 -4.72 -12.41
N PRO A 55 -5.52 -5.23 -11.58
CA PRO A 55 -5.53 -4.96 -10.14
C PRO A 55 -4.25 -5.42 -9.45
N CYS A 56 -3.70 -4.56 -8.60
CA CYS A 56 -2.47 -4.90 -7.87
C CYS A 56 -2.74 -5.93 -6.78
N VAL A 57 -1.69 -6.35 -6.10
CA VAL A 57 -1.82 -7.34 -5.03
C VAL A 57 -0.94 -6.98 -3.84
N LEU A 58 -1.22 -5.84 -3.23
CA LEU A 58 -0.44 -5.40 -2.07
C LEU A 58 -1.24 -5.55 -0.78
N PRO A 59 -0.55 -5.45 0.37
CA PRO A 59 0.89 -5.21 0.42
C PRO A 59 1.70 -6.39 -0.13
N PHE A 60 2.69 -6.08 -0.95
CA PHE A 60 3.55 -7.11 -1.53
C PHE A 60 4.98 -6.91 -1.06
N THR A 61 5.85 -7.86 -1.39
CA THR A 61 7.25 -7.77 -1.00
C THR A 61 8.16 -7.77 -2.20
N TYR A 62 8.94 -6.71 -2.35
CA TYR A 62 9.87 -6.57 -3.47
C TYR A 62 11.29 -6.48 -2.96
N ASN A 63 12.12 -7.46 -3.35
CA ASN A 63 13.51 -7.49 -2.93
C ASN A 63 13.65 -7.83 -1.45
N GLY A 64 12.93 -7.09 -0.62
CA GLY A 64 12.97 -7.33 0.81
C GLY A 64 12.02 -6.44 1.61
N ARG A 65 11.49 -5.40 0.98
CA ARG A 65 10.57 -4.50 1.67
C ARG A 65 9.12 -4.79 1.27
N THR A 66 8.22 -3.90 1.65
CA THR A 66 6.81 -4.06 1.34
C THR A 66 6.18 -2.75 0.87
N PHE A 67 5.13 -2.85 0.08
CA PHE A 67 4.44 -1.67 -0.44
C PHE A 67 2.92 -1.89 -0.49
N TYR A 68 2.17 -0.96 0.09
CA TYR A 68 0.72 -1.06 0.12
C TYR A 68 0.12 -0.61 -1.21
N SER A 69 0.95 -0.08 -2.10
CA SER A 69 0.49 0.39 -3.41
C SER A 69 1.65 0.61 -4.36
N CYS A 70 1.35 1.18 -5.52
CA CYS A 70 2.37 1.45 -6.53
C CYS A 70 3.60 2.09 -5.90
N THR A 71 4.70 2.13 -6.66
CA THR A 71 5.94 2.72 -6.17
C THR A 71 6.94 2.92 -7.29
N THR A 72 8.19 3.21 -6.92
CA THR A 72 9.25 3.43 -7.89
C THR A 72 10.60 2.98 -7.33
N GLU A 73 10.70 1.69 -7.03
CA GLU A 73 11.93 1.14 -6.48
C GLU A 73 12.71 0.34 -7.52
N GLY A 74 12.00 -0.51 -8.25
CA GLY A 74 12.65 -1.32 -9.28
C GLY A 74 12.15 -1.00 -10.67
N ARG A 75 12.51 0.18 -11.18
CA ARG A 75 12.10 0.60 -12.50
C ARG A 75 13.22 1.38 -13.20
N GLN A 76 13.38 1.12 -14.49
CA GLN A 76 14.42 1.78 -15.27
C GLN A 76 13.82 2.68 -16.35
N ASP A 77 12.50 2.88 -16.27
CA ASP A 77 11.80 3.71 -17.25
C ASP A 77 11.41 5.05 -16.62
N GLY A 78 10.63 5.00 -15.55
CA GLY A 78 10.20 6.21 -14.88
C GLY A 78 8.71 6.27 -14.65
N HIS A 79 8.07 5.09 -14.64
CA HIS A 79 6.62 5.01 -14.43
C HIS A 79 6.30 4.16 -13.20
N LEU A 80 5.58 4.75 -12.25
CA LEU A 80 5.20 4.03 -11.04
C LEU A 80 4.74 2.62 -11.39
N TRP A 81 5.01 1.67 -10.51
CA TRP A 81 4.63 0.28 -10.77
C TRP A 81 4.06 -0.39 -9.52
N CYS A 82 3.28 -1.44 -9.74
CA CYS A 82 2.67 -2.19 -8.66
C CYS A 82 2.67 -3.68 -8.97
N SER A 83 2.56 -4.51 -7.94
CA SER A 83 2.55 -5.95 -8.13
C SER A 83 1.11 -6.46 -8.26
N THR A 84 0.89 -7.40 -9.18
CA THR A 84 -0.44 -7.96 -9.41
C THR A 84 -0.50 -9.41 -8.95
N THR A 85 0.67 -10.05 -8.85
CA THR A 85 0.75 -11.43 -8.42
C THR A 85 1.64 -11.57 -7.18
N SER A 86 1.06 -12.05 -6.09
CA SER A 86 1.80 -12.22 -4.85
C SER A 86 3.23 -12.66 -5.12
N ASN A 87 3.41 -13.40 -6.21
CA ASN A 87 4.74 -13.88 -6.58
C ASN A 87 5.37 -12.98 -7.64
N TYR A 88 5.60 -11.72 -7.30
CA TYR A 88 6.20 -10.78 -8.24
C TYR A 88 7.68 -11.07 -8.41
N GLU A 89 8.31 -11.56 -7.34
CA GLU A 89 9.72 -11.86 -7.36
C GLU A 89 10.00 -13.09 -8.23
N GLN A 90 8.93 -13.79 -8.62
CA GLN A 90 9.07 -14.98 -9.45
C GLN A 90 8.31 -14.81 -10.77
N ASP A 91 7.15 -14.18 -10.70
CA ASP A 91 6.34 -13.96 -11.89
C ASP A 91 6.66 -12.61 -12.50
N GLN A 92 7.08 -11.66 -11.67
CA GLN A 92 7.42 -10.32 -12.15
C GLN A 92 6.18 -9.60 -12.68
N LYS A 93 5.01 -10.16 -12.39
CA LYS A 93 3.76 -9.57 -12.84
C LYS A 93 3.51 -8.25 -12.14
N TYR A 94 3.79 -7.16 -12.84
CA TYR A 94 3.62 -5.82 -12.30
C TYR A 94 2.86 -4.93 -13.26
N SER A 95 2.37 -3.80 -12.74
CA SER A 95 1.63 -2.84 -13.55
C SER A 95 2.22 -1.44 -13.39
N PHE A 96 1.49 -0.42 -13.79
CA PHE A 96 1.96 0.95 -13.67
C PHE A 96 1.01 1.79 -12.81
N CYS A 97 1.38 3.05 -12.61
CA CYS A 97 0.56 3.96 -11.82
C CYS A 97 0.74 5.39 -12.29
N THR A 98 -0.32 5.93 -12.90
CA THR A 98 -0.30 7.29 -13.41
C THR A 98 0.17 8.28 -12.35
N ASP A 99 -0.76 8.67 -11.48
CA ASP A 99 -0.47 9.61 -10.40
C ASP A 99 -0.22 11.01 -10.95
N HIS A 100 0.71 11.13 -11.89
CA HIS A 100 1.03 12.43 -12.48
C HIS A 100 1.50 13.41 -11.42
N THR A 101 1.87 14.61 -11.85
CA THR A 101 2.33 15.64 -10.93
C THR A 101 1.62 16.97 -11.18
N TYR A 1 2.18 7.46 22.67
CA TYR A 1 2.74 6.33 21.89
C TYR A 1 2.45 5.00 22.55
N GLY A 2 1.98 4.03 21.77
CA GLY A 2 1.68 2.72 22.30
C GLY A 2 1.20 1.76 21.24
N HIS A 3 1.58 0.50 21.37
CA HIS A 3 1.18 -0.53 20.42
C HIS A 3 -0.28 -0.36 20.03
N CYS A 4 -0.59 -0.58 18.76
CA CYS A 4 -1.97 -0.46 18.27
C CYS A 4 -2.60 -1.85 18.12
N VAL A 5 -3.92 -1.90 18.22
CA VAL A 5 -4.62 -3.17 18.10
C VAL A 5 -6.03 -2.97 17.56
N THR A 6 -6.39 -3.77 16.55
CA THR A 6 -7.70 -3.69 15.93
C THR A 6 -8.75 -4.39 16.78
N ASP A 7 -8.32 -4.98 17.90
CA ASP A 7 -9.23 -5.69 18.79
C ASP A 7 -9.54 -7.08 18.26
N SER A 8 -8.87 -7.47 17.18
CA SER A 8 -9.07 -8.77 16.58
C SER A 8 -7.90 -9.71 16.86
N GLY A 9 -6.81 -9.13 17.35
CA GLY A 9 -5.62 -9.92 17.66
C GLY A 9 -4.36 -9.34 17.07
N VAL A 10 -4.52 -8.44 16.09
CA VAL A 10 -3.38 -7.81 15.44
C VAL A 10 -2.80 -6.71 16.33
N VAL A 11 -1.57 -6.93 16.79
CA VAL A 11 -0.90 -5.95 17.66
C VAL A 11 0.07 -5.09 16.85
N TYR A 12 -0.43 -3.96 16.36
CA TYR A 12 0.39 -3.04 15.59
C TYR A 12 1.19 -2.11 16.50
N SER A 13 1.92 -1.18 15.90
CA SER A 13 2.72 -0.23 16.67
C SER A 13 2.46 1.20 16.22
N VAL A 14 2.37 2.11 17.18
CA VAL A 14 2.11 3.52 16.90
C VAL A 14 2.76 3.95 15.58
N GLY A 15 2.02 3.79 14.49
CA GLY A 15 2.53 4.18 13.19
C GLY A 15 3.05 3.00 12.39
N MET A 16 2.24 1.95 12.29
CA MET A 16 2.61 0.76 11.54
C MET A 16 1.80 0.63 10.26
N GLN A 17 0.56 1.11 10.31
CA GLN A 17 -0.33 1.05 9.15
C GLN A 17 -0.49 -0.39 8.67
N TRP A 18 -1.65 -0.71 8.10
CA TRP A 18 -1.91 -2.05 7.60
C TRP A 18 -3.10 -2.07 6.66
N LEU A 19 -3.61 -3.26 6.37
CA LEU A 19 -4.74 -3.42 5.47
C LEU A 19 -5.89 -4.15 6.18
N LYS A 20 -7.04 -3.49 6.29
CA LYS A 20 -8.18 -4.08 6.94
C LYS A 20 -9.37 -4.22 5.98
N THR A 21 -10.29 -5.12 6.34
CA THR A 21 -11.47 -5.36 5.53
C THR A 21 -12.66 -5.77 6.41
N GLN A 22 -13.78 -6.09 5.78
CA GLN A 22 -14.98 -6.49 6.51
C GLN A 22 -15.49 -7.85 6.04
N GLY A 23 -14.72 -8.49 5.16
CA GLY A 23 -15.12 -9.80 4.66
C GLY A 23 -15.55 -9.76 3.21
N ASN A 24 -15.12 -8.72 2.49
CA ASN A 24 -15.47 -8.57 1.08
C ASN A 24 -14.84 -7.31 0.51
N LYS A 25 -14.89 -6.23 1.28
CA LYS A 25 -14.32 -4.96 0.86
C LYS A 25 -12.91 -4.79 1.42
N GLN A 26 -12.48 -3.55 1.61
CA GLN A 26 -11.15 -3.28 2.14
C GLN A 26 -11.06 -1.87 2.72
N MET A 27 -9.97 -1.59 3.42
CA MET A 27 -9.75 -0.27 4.01
C MET A 27 -8.36 -0.20 4.64
N LEU A 28 -7.66 0.90 4.40
CA LEU A 28 -6.33 1.08 4.94
C LEU A 28 -6.38 1.63 6.37
N CYS A 29 -5.74 0.92 7.29
CA CYS A 29 -5.72 1.33 8.69
C CYS A 29 -4.41 2.04 9.05
N THR A 30 -4.50 2.95 10.01
CA THR A 30 -3.33 3.70 10.46
C THR A 30 -3.46 4.09 11.93
N CYS A 31 -2.70 3.43 12.79
CA CYS A 31 -2.75 3.74 14.21
C CYS A 31 -1.86 4.93 14.53
N LEU A 32 -2.50 6.08 14.76
CA LEU A 32 -1.78 7.31 15.06
C LEU A 32 -1.33 7.36 16.52
N GLY A 33 -2.08 8.08 17.36
CA GLY A 33 -1.71 8.19 18.76
C GLY A 33 -2.91 8.15 19.68
N ASN A 34 -4.02 8.72 19.23
CA ASN A 34 -5.25 8.75 20.03
C ASN A 34 -6.07 7.48 19.80
N GLY A 35 -5.64 6.67 18.84
CA GLY A 35 -6.34 5.44 18.55
C GLY A 35 -5.89 4.82 17.24
N VAL A 36 -6.84 4.31 16.47
CA VAL A 36 -6.55 3.70 15.19
C VAL A 36 -7.59 4.09 14.15
N SER A 37 -7.13 4.78 13.10
CA SER A 37 -8.02 5.22 12.04
C SER A 37 -7.65 4.57 10.72
N CYS A 38 -8.65 4.29 9.90
CA CYS A 38 -8.44 3.66 8.60
C CYS A 38 -9.22 4.38 7.52
N GLN A 39 -8.69 4.36 6.30
CA GLN A 39 -9.33 5.01 5.17
C GLN A 39 -9.82 3.99 4.15
N GLU A 40 -10.74 4.41 3.30
CA GLU A 40 -11.29 3.52 2.27
C GLU A 40 -10.23 2.56 1.75
N THR A 41 -10.68 1.41 1.25
CA THR A 41 -9.78 0.40 0.72
C THR A 41 -8.53 1.02 0.10
N ALA A 42 -8.76 2.03 -0.72
CA ALA A 42 -7.66 2.71 -1.40
C ALA A 42 -6.69 1.72 -2.00
N VAL A 43 -6.95 1.31 -3.23
CA VAL A 43 -6.11 0.33 -3.92
C VAL A 43 -5.79 0.78 -5.34
N THR A 44 -6.63 0.36 -6.29
CA THR A 44 -6.44 0.72 -7.69
C THR A 44 -7.52 0.10 -8.57
N GLN A 45 -7.24 0.02 -9.87
CA GLN A 45 -8.20 -0.55 -10.82
C GLN A 45 -7.56 -1.67 -11.63
N THR A 46 -6.30 -1.50 -12.00
CA THR A 46 -5.58 -2.50 -12.78
C THR A 46 -6.31 -2.80 -14.09
N TYR A 47 -5.62 -2.60 -15.20
CA TYR A 47 -6.21 -2.84 -16.51
C TYR A 47 -5.50 -3.99 -17.24
N GLY A 48 -4.22 -4.18 -16.97
CA GLY A 48 -3.46 -5.22 -17.61
C GLY A 48 -2.06 -5.39 -17.05
N GLY A 49 -1.06 -5.01 -17.83
CA GLY A 49 0.30 -5.13 -17.39
C GLY A 49 0.92 -6.46 -17.76
N ASN A 50 1.59 -7.09 -16.79
CA ASN A 50 2.22 -8.39 -17.02
C ASN A 50 1.26 -9.52 -16.68
N SER A 51 0.01 -9.17 -16.39
CA SER A 51 -1.00 -10.17 -16.05
C SER A 51 -2.31 -9.91 -16.81
N ASN A 52 -3.10 -8.96 -16.31
CA ASN A 52 -4.38 -8.62 -16.94
C ASN A 52 -5.14 -7.61 -16.07
N GLY A 53 -4.95 -7.70 -14.77
CA GLY A 53 -5.62 -6.80 -13.86
C GLY A 53 -6.23 -7.51 -12.66
N GLU A 54 -5.57 -8.57 -12.21
CA GLU A 54 -6.06 -9.33 -11.07
C GLU A 54 -5.68 -8.65 -9.76
N PRO A 55 -6.51 -8.82 -8.72
CA PRO A 55 -6.26 -8.20 -7.41
C PRO A 55 -4.83 -8.37 -6.94
N CYS A 56 -3.96 -7.46 -7.38
CA CYS A 56 -2.55 -7.51 -7.00
C CYS A 56 -2.39 -8.02 -5.57
N VAL A 57 -1.26 -8.65 -5.31
CA VAL A 57 -0.98 -9.22 -3.99
C VAL A 57 -0.09 -8.32 -3.13
N LEU A 58 -0.66 -7.23 -2.62
CA LEU A 58 0.10 -6.32 -1.76
C LEU A 58 -0.43 -6.35 -0.33
N PRO A 59 0.34 -5.79 0.61
CA PRO A 59 1.64 -5.17 0.30
C PRO A 59 2.68 -6.20 -0.12
N PHE A 60 3.42 -5.89 -1.17
CA PHE A 60 4.45 -6.77 -1.67
C PHE A 60 5.83 -6.17 -1.41
N THR A 61 6.86 -6.97 -1.61
CA THR A 61 8.23 -6.50 -1.40
C THR A 61 9.00 -6.45 -2.71
N TYR A 62 9.46 -5.26 -3.07
CA TYR A 62 10.21 -5.09 -4.32
C TYR A 62 11.41 -4.18 -4.10
N ASN A 63 12.57 -4.64 -4.55
CA ASN A 63 13.81 -3.88 -4.42
C ASN A 63 14.24 -3.78 -2.96
N GLY A 64 13.53 -4.49 -2.08
CA GLY A 64 13.87 -4.48 -0.68
C GLY A 64 12.87 -3.70 0.15
N ARG A 65 11.96 -2.99 -0.50
CA ARG A 65 10.95 -2.20 0.19
C ARG A 65 9.59 -2.88 0.10
N THR A 66 8.54 -2.12 0.41
CA THR A 66 7.18 -2.65 0.37
C THR A 66 6.20 -1.63 -0.21
N PHE A 67 5.10 -2.13 -0.78
CA PHE A 67 4.07 -1.27 -1.36
C PHE A 67 2.68 -1.84 -1.16
N TYR A 68 1.85 -1.14 -0.39
CA TYR A 68 0.48 -1.57 -0.13
C TYR A 68 -0.36 -1.51 -1.41
N SER A 69 0.18 -0.83 -2.42
CA SER A 69 -0.51 -0.68 -3.70
C SER A 69 0.49 -0.72 -4.85
N CYS A 70 0.06 -0.23 -6.01
CA CYS A 70 0.92 -0.21 -7.18
C CYS A 70 2.23 0.53 -6.90
N THR A 71 3.03 0.72 -7.94
CA THR A 71 4.30 1.42 -7.81
C THR A 71 5.04 1.43 -9.13
N THR A 72 5.63 2.57 -9.46
CA THR A 72 6.38 2.72 -10.70
C THR A 72 7.88 2.81 -10.42
N GLU A 73 8.44 1.76 -9.83
CA GLU A 73 9.85 1.73 -9.49
C GLU A 73 10.59 0.68 -10.31
N GLY A 74 9.90 0.09 -11.29
CA GLY A 74 10.52 -0.93 -12.12
C GLY A 74 9.74 -1.22 -13.39
N ARG A 75 9.72 -0.24 -14.28
CA ARG A 75 9.01 -0.39 -15.55
C ARG A 75 9.76 0.33 -16.67
N GLN A 76 9.29 0.13 -17.91
CA GLN A 76 9.91 0.75 -19.06
C GLN A 76 8.93 1.67 -19.79
N ASP A 77 7.81 1.96 -19.14
CA ASP A 77 6.78 2.82 -19.71
C ASP A 77 6.46 3.99 -18.79
N GLY A 78 5.98 3.67 -17.60
CA GLY A 78 5.63 4.71 -16.64
C GLY A 78 4.23 4.54 -16.08
N HIS A 79 3.76 3.30 -16.02
CA HIS A 79 2.42 3.02 -15.51
C HIS A 79 2.50 2.28 -14.17
N LEU A 80 1.73 2.75 -13.19
CA LEU A 80 1.71 2.12 -11.87
C LEU A 80 1.48 0.62 -12.01
N TRP A 81 2.34 -0.18 -11.39
CA TRP A 81 2.22 -1.63 -11.47
C TRP A 81 2.36 -2.28 -10.10
N CYS A 82 1.60 -3.35 -9.88
CA CYS A 82 1.65 -4.09 -8.62
C CYS A 82 1.80 -5.58 -8.90
N SER A 83 2.22 -6.34 -7.89
CA SER A 83 2.41 -7.77 -8.06
C SER A 83 1.11 -8.52 -7.83
N THR A 84 0.99 -9.69 -8.44
CA THR A 84 -0.22 -10.49 -8.30
C THR A 84 0.08 -11.83 -7.63
N THR A 85 1.36 -12.11 -7.42
CA THR A 85 1.78 -13.35 -6.79
C THR A 85 2.82 -13.06 -5.70
N SER A 86 2.50 -13.43 -4.46
CA SER A 86 3.39 -13.21 -3.34
C SER A 86 4.84 -13.42 -3.77
N ASN A 87 5.05 -14.36 -4.68
CA ASN A 87 6.37 -14.67 -5.18
C ASN A 87 6.60 -13.97 -6.52
N TYR A 88 6.63 -12.65 -6.51
CA TYR A 88 6.83 -11.88 -7.72
C TYR A 88 8.27 -12.04 -8.21
N GLU A 89 9.15 -12.41 -7.29
CA GLU A 89 10.55 -12.61 -7.61
C GLU A 89 10.74 -13.89 -8.42
N GLN A 90 9.72 -14.75 -8.41
CA GLN A 90 9.77 -16.01 -9.15
C GLN A 90 8.85 -15.95 -10.36
N ASP A 91 7.62 -15.50 -10.14
CA ASP A 91 6.64 -15.39 -11.21
C ASP A 91 6.89 -14.13 -12.03
N GLN A 92 7.07 -13.01 -11.33
CA GLN A 92 7.32 -11.73 -11.98
C GLN A 92 6.06 -11.21 -12.68
N LYS A 93 4.94 -11.89 -12.44
CA LYS A 93 3.68 -11.49 -13.05
C LYS A 93 3.02 -10.39 -12.22
N TYR A 94 3.05 -9.16 -12.76
CA TYR A 94 2.49 -8.01 -12.09
C TYR A 94 1.35 -7.40 -12.91
N SER A 95 0.74 -6.35 -12.37
CA SER A 95 -0.36 -5.67 -13.06
C SER A 95 -0.08 -4.18 -13.18
N PHE A 96 -1.09 -3.43 -13.58
CA PHE A 96 -0.94 -1.99 -13.73
C PHE A 96 -1.97 -1.23 -12.89
N CYS A 97 -1.98 0.09 -13.02
CA CYS A 97 -2.90 0.92 -12.27
C CYS A 97 -3.10 2.27 -12.97
N THR A 98 -4.35 2.68 -13.09
CA THR A 98 -4.69 3.95 -13.73
C THR A 98 -4.13 5.12 -12.93
N ASP A 99 -3.82 4.88 -11.65
CA ASP A 99 -3.28 5.90 -10.78
C ASP A 99 -4.40 6.68 -10.10
N HIS A 100 -5.30 7.23 -10.90
CA HIS A 100 -6.43 8.00 -10.37
C HIS A 100 -7.34 8.49 -11.49
N THR A 101 -6.86 9.48 -12.23
CA THR A 101 -7.63 10.04 -13.34
C THR A 101 -8.00 8.97 -14.35
N TYR A 1 -1.33 12.05 21.13
CA TYR A 1 -0.85 10.64 21.15
C TYR A 1 -1.87 9.72 21.82
N GLY A 2 -1.97 8.50 21.32
CA GLY A 2 -2.91 7.56 21.89
C GLY A 2 -2.72 6.15 21.36
N HIS A 3 -3.80 5.37 21.35
CA HIS A 3 -3.74 3.99 20.86
C HIS A 3 -4.88 3.74 19.88
N CYS A 4 -4.58 2.96 18.83
CA CYS A 4 -5.59 2.64 17.82
C CYS A 4 -5.89 1.14 17.83
N VAL A 5 -7.06 0.78 17.32
CA VAL A 5 -7.46 -0.63 17.27
C VAL A 5 -8.82 -0.79 16.60
N THR A 6 -8.98 -1.90 15.89
CA THR A 6 -10.23 -2.19 15.20
C THR A 6 -11.06 -3.21 15.95
N ASP A 7 -12.06 -3.78 15.26
CA ASP A 7 -12.93 -4.78 15.87
C ASP A 7 -12.31 -6.17 15.77
N SER A 8 -11.12 -6.26 15.20
CA SER A 8 -10.43 -7.54 15.05
C SER A 8 -9.59 -7.86 16.28
N GLY A 9 -9.10 -6.81 16.95
CA GLY A 9 -8.29 -6.99 18.13
C GLY A 9 -6.88 -6.45 17.96
N VAL A 10 -6.62 -5.85 16.81
CA VAL A 10 -5.30 -5.29 16.52
C VAL A 10 -5.10 -3.97 17.25
N VAL A 11 -4.33 -4.01 18.34
CA VAL A 11 -4.06 -2.81 19.13
C VAL A 11 -2.98 -1.96 18.50
N TYR A 12 -3.34 -1.17 17.51
CA TYR A 12 -2.40 -0.29 16.83
C TYR A 12 -2.03 0.88 17.73
N SER A 13 -1.10 1.70 17.29
CA SER A 13 -0.65 2.86 18.06
C SER A 13 -0.60 4.11 17.19
N VAL A 14 -0.94 5.25 17.78
CA VAL A 14 -0.94 6.52 17.08
C VAL A 14 0.16 6.58 16.02
N GLY A 15 -0.17 6.14 14.82
CA GLY A 15 0.80 6.15 13.73
C GLY A 15 1.35 4.78 13.42
N MET A 16 0.47 3.81 13.23
CA MET A 16 0.87 2.44 12.92
C MET A 16 0.11 1.92 11.70
N GLN A 17 0.17 2.66 10.61
CA GLN A 17 -0.51 2.28 9.38
C GLN A 17 -0.62 0.77 9.24
N TRP A 18 -1.78 0.31 8.76
CA TRP A 18 -2.01 -1.13 8.57
C TRP A 18 -3.00 -1.37 7.44
N LEU A 19 -3.37 -2.64 7.26
CA LEU A 19 -4.31 -3.01 6.20
C LEU A 19 -5.43 -3.87 6.76
N LYS A 20 -6.53 -3.93 6.02
CA LYS A 20 -7.69 -4.71 6.44
C LYS A 20 -8.51 -5.17 5.24
N THR A 21 -9.18 -6.31 5.40
CA THR A 21 -10.01 -6.86 4.34
C THR A 21 -11.49 -6.72 4.66
N GLN A 22 -12.34 -7.16 3.74
CA GLN A 22 -13.79 -7.08 3.94
C GLN A 22 -14.47 -8.38 3.54
N GLY A 23 -13.68 -9.46 3.50
CA GLY A 23 -14.23 -10.75 3.13
C GLY A 23 -14.44 -10.89 1.64
N ASN A 24 -13.92 -9.94 0.88
CA ASN A 24 -14.04 -9.96 -0.57
C ASN A 24 -13.08 -8.97 -1.23
N LYS A 25 -12.91 -7.81 -0.58
CA LYS A 25 -12.01 -6.78 -1.09
C LYS A 25 -10.98 -6.39 -0.04
N GLN A 26 -10.22 -5.34 -0.33
CA GLN A 26 -9.19 -4.85 0.58
C GLN A 26 -9.58 -3.48 1.14
N MET A 27 -8.85 -3.04 2.15
CA MET A 27 -9.12 -1.75 2.76
C MET A 27 -7.96 -1.32 3.66
N LEU A 28 -7.36 -0.17 3.32
CA LEU A 28 -6.25 0.38 4.08
C LEU A 28 -6.76 1.23 5.22
N CYS A 29 -6.26 0.99 6.44
CA CYS A 29 -6.70 1.76 7.59
C CYS A 29 -5.52 2.31 8.38
N THR A 30 -5.66 3.56 8.82
CA THR A 30 -4.62 4.23 9.59
C THR A 30 -5.19 4.95 10.80
N CYS A 31 -4.36 5.14 11.81
CA CYS A 31 -4.77 5.85 13.02
C CYS A 31 -3.93 7.09 13.20
N LEU A 32 -4.56 8.24 12.99
CA LEU A 32 -3.87 9.52 13.12
C LEU A 32 -3.74 9.93 14.59
N GLY A 33 -4.73 10.66 15.09
CA GLY A 33 -4.70 11.10 16.47
C GLY A 33 -6.07 11.14 17.10
N ASN A 34 -7.03 11.71 16.38
CA ASN A 34 -8.40 11.81 16.87
C ASN A 34 -9.12 10.48 16.74
N GLY A 35 -8.75 9.70 15.72
CA GLY A 35 -9.38 8.42 15.51
C GLY A 35 -8.60 7.54 14.54
N VAL A 36 -9.33 6.89 13.63
CA VAL A 36 -8.71 6.01 12.65
C VAL A 36 -9.45 6.09 11.32
N SER A 37 -8.70 6.36 10.25
CA SER A 37 -9.28 6.46 8.91
C SER A 37 -8.72 5.39 7.99
N CYS A 38 -9.59 4.82 7.16
CA CYS A 38 -9.18 3.78 6.23
C CYS A 38 -9.74 4.03 4.84
N GLN A 39 -8.99 3.62 3.81
CA GLN A 39 -9.43 3.80 2.42
C GLN A 39 -9.96 2.50 1.83
N GLU A 40 -11.24 2.51 1.46
CA GLU A 40 -11.87 1.33 0.89
C GLU A 40 -11.33 1.03 -0.51
N THR A 41 -10.69 -0.12 -0.65
CA THR A 41 -10.11 -0.54 -1.93
C THR A 41 -8.76 0.13 -2.19
N ALA A 42 -8.68 1.42 -1.91
CA ALA A 42 -7.45 2.17 -2.13
C ALA A 42 -7.21 2.40 -3.62
N VAL A 43 -5.95 2.57 -3.99
CA VAL A 43 -5.60 2.78 -5.39
C VAL A 43 -6.54 3.78 -6.05
N THR A 44 -6.48 3.85 -7.38
CA THR A 44 -7.33 4.76 -8.13
C THR A 44 -6.73 5.09 -9.49
N GLN A 45 -7.47 5.84 -10.30
CA GLN A 45 -7.00 6.22 -11.63
C GLN A 45 -6.26 5.07 -12.30
N THR A 46 -4.94 5.03 -12.11
CA THR A 46 -4.11 3.98 -12.71
C THR A 46 -4.24 3.97 -14.22
N TYR A 47 -3.10 4.06 -14.90
CA TYR A 47 -3.08 4.06 -16.37
C TYR A 47 -2.32 2.84 -16.90
N GLY A 48 -1.32 2.40 -16.15
CA GLY A 48 -0.53 1.26 -16.56
C GLY A 48 0.68 1.64 -17.39
N GLY A 49 1.86 1.55 -16.78
CA GLY A 49 3.08 1.87 -17.48
C GLY A 49 3.35 0.92 -18.62
N ASN A 50 3.47 -0.36 -18.30
CA ASN A 50 3.71 -1.39 -19.29
C ASN A 50 2.53 -2.35 -19.37
N SER A 51 1.51 -2.09 -18.56
CA SER A 51 0.31 -2.93 -18.54
C SER A 51 -0.92 -2.13 -18.94
N ASN A 52 -1.68 -1.67 -17.95
CA ASN A 52 -2.89 -0.89 -18.20
C ASN A 52 -3.59 -0.54 -16.90
N GLY A 53 -2.81 -0.44 -15.82
CA GLY A 53 -3.38 -0.12 -14.52
C GLY A 53 -3.82 -1.35 -13.77
N GLU A 54 -5.04 -1.80 -14.03
CA GLU A 54 -5.59 -2.98 -13.36
C GLU A 54 -5.48 -2.84 -11.84
N PRO A 55 -6.19 -3.71 -11.11
CA PRO A 55 -6.17 -3.69 -9.63
C PRO A 55 -4.84 -4.15 -9.07
N CYS A 56 -4.04 -3.20 -8.59
CA CYS A 56 -2.74 -3.50 -8.01
C CYS A 56 -2.81 -4.72 -7.10
N VAL A 57 -1.65 -5.28 -6.78
CA VAL A 57 -1.58 -6.45 -5.92
C VAL A 57 -0.69 -6.21 -4.71
N LEU A 58 -1.15 -5.34 -3.81
CA LEU A 58 -0.39 -5.03 -2.61
C LEU A 58 -1.12 -5.48 -1.35
N PRO A 59 -0.39 -5.56 -0.22
CA PRO A 59 1.03 -5.25 -0.17
C PRO A 59 1.88 -6.26 -0.92
N PHE A 60 2.91 -5.78 -1.61
CA PHE A 60 3.81 -6.64 -2.35
C PHE A 60 5.22 -6.52 -1.80
N THR A 61 6.17 -7.21 -2.41
CA THR A 61 7.55 -7.17 -1.97
C THR A 61 8.49 -6.82 -3.12
N TYR A 62 9.30 -5.79 -2.90
CA TYR A 62 10.25 -5.34 -3.93
C TYR A 62 11.53 -4.82 -3.29
N ASN A 63 12.66 -5.31 -3.77
CA ASN A 63 13.95 -4.88 -3.25
C ASN A 63 14.17 -5.40 -1.83
N GLY A 64 13.24 -6.22 -1.36
CA GLY A 64 13.35 -6.78 -0.02
C GLY A 64 12.38 -6.15 0.97
N ARG A 65 11.68 -5.11 0.52
CA ARG A 65 10.72 -4.42 1.38
C ARG A 65 9.28 -4.74 0.96
N THR A 66 8.34 -3.94 1.44
CA THR A 66 6.94 -4.15 1.12
C THR A 66 6.21 -2.81 0.99
N PHE A 67 5.21 -2.77 0.11
CA PHE A 67 4.44 -1.56 -0.10
C PHE A 67 2.94 -1.86 -0.17
N TYR A 68 2.18 -1.24 0.73
CA TYR A 68 0.74 -1.43 0.76
C TYR A 68 0.07 -0.76 -0.42
N SER A 69 0.82 0.09 -1.11
CA SER A 69 0.30 0.80 -2.27
C SER A 69 1.40 1.10 -3.27
N CYS A 70 1.14 2.05 -4.16
CA CYS A 70 2.10 2.44 -5.18
C CYS A 70 3.40 2.91 -4.53
N THR A 71 4.43 3.08 -5.33
CA THR A 71 5.73 3.52 -4.84
C THR A 71 6.65 3.93 -5.98
N THR A 72 7.47 4.94 -5.75
CA THR A 72 8.41 5.42 -6.76
C THR A 72 9.84 5.05 -6.38
N GLU A 73 10.06 3.76 -6.13
CA GLU A 73 11.39 3.28 -5.75
C GLU A 73 12.06 2.52 -6.90
N GLY A 74 11.34 1.58 -7.49
CA GLY A 74 11.89 0.80 -8.59
C GLY A 74 11.20 1.08 -9.90
N ARG A 75 11.43 2.28 -10.43
CA ARG A 75 10.83 2.68 -11.70
C ARG A 75 11.84 3.46 -12.55
N GLN A 76 11.40 3.85 -13.75
CA GLN A 76 12.26 4.60 -14.66
C GLN A 76 11.50 5.78 -15.27
N ASP A 77 10.33 6.07 -14.73
CA ASP A 77 9.51 7.17 -15.22
C ASP A 77 9.52 8.34 -14.24
N GLY A 78 8.77 8.20 -13.16
CA GLY A 78 8.69 9.25 -12.16
C GLY A 78 7.39 9.24 -11.39
N HIS A 79 6.39 8.53 -11.93
CA HIS A 79 5.09 8.45 -11.28
C HIS A 79 5.00 7.21 -10.40
N LEU A 80 4.01 7.19 -9.51
CA LEU A 80 3.81 6.07 -8.61
C LEU A 80 3.48 4.79 -9.39
N TRP A 81 4.26 3.75 -9.16
CA TRP A 81 4.05 2.49 -9.86
C TRP A 81 3.63 1.38 -8.89
N CYS A 82 2.71 0.54 -9.33
CA CYS A 82 2.22 -0.57 -8.51
C CYS A 82 2.31 -1.88 -9.28
N SER A 83 2.00 -2.98 -8.63
CA SER A 83 2.05 -4.30 -9.28
C SER A 83 0.65 -4.87 -9.48
N THR A 84 0.45 -5.54 -10.60
CA THR A 84 -0.85 -6.13 -10.90
C THR A 84 -0.89 -7.61 -10.52
N THR A 85 0.27 -8.15 -10.17
CA THR A 85 0.36 -9.55 -9.78
C THR A 85 1.34 -9.72 -8.61
N SER A 86 1.18 -10.80 -7.85
CA SER A 86 2.03 -11.06 -6.71
C SER A 86 3.51 -11.00 -7.08
N ASN A 87 3.91 -11.87 -8.00
CA ASN A 87 5.31 -11.93 -8.45
C ASN A 87 5.62 -10.84 -9.45
N TYR A 88 6.08 -9.68 -8.96
CA TYR A 88 6.42 -8.57 -9.83
C TYR A 88 7.80 -8.78 -10.44
N GLU A 89 8.67 -9.48 -9.70
CA GLU A 89 10.02 -9.75 -10.16
C GLU A 89 10.06 -11.00 -11.03
N GLN A 90 8.87 -11.47 -11.44
CA GLN A 90 8.77 -12.65 -12.28
C GLN A 90 7.85 -12.40 -13.47
N ASP A 91 6.77 -11.67 -13.23
CA ASP A 91 5.81 -11.37 -14.28
C ASP A 91 6.15 -10.04 -14.95
N GLN A 92 6.82 -9.16 -14.22
CA GLN A 92 7.21 -7.85 -14.73
C GLN A 92 6.01 -7.15 -15.36
N LYS A 93 4.91 -7.08 -14.60
CA LYS A 93 3.69 -6.43 -15.07
C LYS A 93 3.18 -5.44 -14.01
N TYR A 94 3.73 -4.24 -14.05
CA TYR A 94 3.36 -3.21 -13.09
C TYR A 94 2.44 -2.17 -13.70
N SER A 95 1.97 -1.25 -12.88
CA SER A 95 1.09 -0.17 -13.32
C SER A 95 1.53 1.15 -12.71
N PHE A 96 0.63 2.14 -12.70
CA PHE A 96 0.94 3.43 -12.13
C PHE A 96 -0.25 4.00 -11.36
N CYS A 97 -0.05 5.17 -10.77
CA CYS A 97 -1.09 5.84 -10.00
C CYS A 97 -0.81 7.34 -9.91
N THR A 98 -1.25 8.08 -10.92
CA THR A 98 -1.06 9.52 -10.96
C THR A 98 -1.07 10.13 -9.56
N ASP A 99 -2.14 9.86 -8.82
CA ASP A 99 -2.28 10.39 -7.47
C ASP A 99 -2.76 11.83 -7.49
N HIS A 100 -1.93 12.72 -8.02
CA HIS A 100 -2.28 14.14 -8.10
C HIS A 100 -2.53 14.71 -6.71
N THR A 101 -2.61 16.04 -6.62
CA THR A 101 -2.84 16.71 -5.35
C THR A 101 -4.22 17.37 -5.33
N TYR A 1 5.96 5.38 21.90
CA TYR A 1 4.73 5.44 22.73
C TYR A 1 3.55 6.00 21.93
N GLY A 2 2.34 5.72 22.41
CA GLY A 2 1.15 6.20 21.75
C GLY A 2 0.49 5.13 20.90
N HIS A 3 0.02 4.07 21.54
CA HIS A 3 -0.62 2.96 20.84
C HIS A 3 -1.72 3.47 19.92
N CYS A 4 -2.04 2.70 18.89
CA CYS A 4 -3.07 3.08 17.93
C CYS A 4 -4.28 2.16 18.06
N VAL A 5 -5.45 2.65 17.66
CA VAL A 5 -6.68 1.87 17.72
C VAL A 5 -7.65 2.29 16.62
N THR A 6 -8.53 1.37 16.23
CA THR A 6 -9.51 1.65 15.19
C THR A 6 -10.93 1.52 15.72
N ASP A 7 -11.06 1.35 17.04
CA ASP A 7 -12.37 1.21 17.66
C ASP A 7 -12.95 -0.18 17.40
N SER A 8 -12.17 -1.04 16.76
CA SER A 8 -12.61 -2.39 16.46
C SER A 8 -12.17 -3.37 17.54
N GLY A 9 -11.24 -2.93 18.38
CA GLY A 9 -10.74 -3.77 19.46
C GLY A 9 -9.30 -4.18 19.25
N VAL A 10 -8.74 -3.82 18.10
CA VAL A 10 -7.35 -4.15 17.79
C VAL A 10 -6.41 -3.00 18.15
N VAL A 11 -6.09 -2.90 19.45
CA VAL A 11 -5.20 -1.85 19.93
C VAL A 11 -3.82 -1.97 19.31
N TYR A 12 -3.65 -1.33 18.15
CA TYR A 12 -2.37 -1.35 17.44
C TYR A 12 -1.29 -0.62 18.25
N SER A 13 -0.14 -0.40 17.62
CA SER A 13 0.97 0.29 18.27
C SER A 13 1.60 1.30 17.33
N VAL A 14 2.24 2.32 17.91
CA VAL A 14 2.89 3.36 17.12
C VAL A 14 3.74 2.76 16.00
N GLY A 15 3.11 2.52 14.86
CA GLY A 15 3.81 1.96 13.72
C GLY A 15 3.33 0.56 13.36
N MET A 16 2.23 0.13 13.97
CA MET A 16 1.67 -1.18 13.70
C MET A 16 0.52 -1.08 12.70
N GLN A 17 0.80 -0.42 11.57
CA GLN A 17 -0.21 -0.23 10.53
C GLN A 17 -1.01 -1.51 10.31
N TRP A 18 -2.08 -1.40 9.54
CA TRP A 18 -2.94 -2.53 9.23
C TRP A 18 -3.80 -2.26 8.00
N LEU A 19 -4.81 -3.09 7.80
CA LEU A 19 -5.70 -2.93 6.65
C LEU A 19 -7.14 -3.26 7.02
N LYS A 20 -8.04 -2.32 6.76
CA LYS A 20 -9.46 -2.50 7.07
C LYS A 20 -10.29 -2.54 5.80
N THR A 21 -11.55 -2.94 5.93
CA THR A 21 -12.46 -3.03 4.79
C THR A 21 -13.68 -2.15 4.99
N GLN A 22 -14.41 -1.88 3.90
CA GLN A 22 -15.60 -1.05 3.96
C GLN A 22 -16.75 -1.70 3.21
N GLY A 23 -16.94 -2.99 3.43
CA GLY A 23 -18.01 -3.71 2.77
C GLY A 23 -17.52 -4.54 1.59
N ASN A 24 -17.40 -3.90 0.44
CA ASN A 24 -16.94 -4.58 -0.77
C ASN A 24 -15.63 -3.97 -1.28
N LYS A 25 -15.06 -3.07 -0.49
CA LYS A 25 -13.81 -2.42 -0.86
C LYS A 25 -12.67 -2.84 0.07
N GLN A 26 -11.54 -2.17 -0.05
CA GLN A 26 -10.38 -2.47 0.78
C GLN A 26 -9.62 -1.21 1.15
N MET A 27 -9.55 -0.92 2.43
CA MET A 27 -8.85 0.27 2.92
C MET A 27 -7.68 -0.12 3.81
N LEU A 28 -6.65 0.72 3.81
CA LEU A 28 -5.46 0.46 4.63
C LEU A 28 -5.27 1.55 5.68
N CYS A 29 -5.21 1.13 6.95
CA CYS A 29 -5.03 2.07 8.04
C CYS A 29 -3.65 1.93 8.67
N THR A 30 -3.05 3.07 9.03
CA THR A 30 -1.73 3.08 9.65
C THR A 30 -1.66 4.10 10.77
N CYS A 31 -0.84 3.84 11.77
CA CYS A 31 -0.68 4.75 12.89
C CYS A 31 0.75 5.25 12.97
N LEU A 32 0.92 6.52 12.60
CA LEU A 32 2.22 7.16 12.61
C LEU A 32 2.62 7.58 14.02
N GLY A 33 2.23 8.80 14.40
CA GLY A 33 2.55 9.29 15.72
C GLY A 33 1.60 10.37 16.20
N ASN A 34 1.16 11.21 15.26
CA ASN A 34 0.23 12.29 15.59
C ASN A 34 -1.20 11.90 15.24
N GLY A 35 -1.36 10.82 14.48
CA GLY A 35 -2.69 10.37 14.10
C GLY A 35 -2.65 9.28 13.05
N VAL A 36 -3.62 8.39 13.12
CA VAL A 36 -3.72 7.27 12.19
C VAL A 36 -4.14 7.77 10.79
N SER A 37 -3.40 7.35 9.78
CA SER A 37 -3.69 7.73 8.41
C SER A 37 -4.02 6.50 7.57
N CYS A 38 -5.14 6.55 6.85
CA CYS A 38 -5.56 5.43 6.02
C CYS A 38 -5.92 5.88 4.61
N GLN A 39 -6.16 4.91 3.73
CA GLN A 39 -6.51 5.17 2.35
C GLN A 39 -7.40 4.06 1.80
N GLU A 40 -8.68 4.35 1.66
CA GLU A 40 -9.64 3.36 1.16
C GLU A 40 -9.31 2.96 -0.28
N THR A 41 -9.78 1.79 -0.68
CA THR A 41 -9.55 1.27 -2.02
C THR A 41 -8.30 0.39 -2.08
N ALA A 42 -7.20 0.92 -1.59
CA ALA A 42 -5.94 0.17 -1.58
C ALA A 42 -5.32 0.13 -2.97
N VAL A 43 -5.99 0.76 -3.95
CA VAL A 43 -5.50 0.79 -5.31
C VAL A 43 -5.76 2.16 -5.96
N THR A 44 -5.40 2.27 -7.24
CA THR A 44 -5.59 3.52 -7.96
C THR A 44 -5.00 3.44 -9.37
N GLN A 45 -4.77 4.59 -9.98
CA GLN A 45 -4.21 4.64 -11.33
C GLN A 45 -2.73 5.01 -11.28
N THR A 46 -1.96 4.42 -12.18
CA THR A 46 -0.52 4.69 -12.24
C THR A 46 -0.15 5.44 -13.52
N TYR A 47 0.82 6.33 -13.42
CA TYR A 47 1.25 7.12 -14.57
C TYR A 47 2.66 7.66 -14.36
N GLY A 48 3.10 8.52 -15.28
CA GLY A 48 4.42 9.11 -15.20
C GLY A 48 5.46 8.14 -14.66
N GLY A 49 6.47 8.67 -13.98
CA GLY A 49 7.52 7.84 -13.42
C GLY A 49 8.21 7.01 -14.49
N ASN A 50 9.30 6.35 -14.11
CA ASN A 50 10.04 5.52 -15.05
C ASN A 50 9.16 4.42 -15.62
N SER A 51 8.07 4.13 -14.92
CA SER A 51 7.13 3.10 -15.36
C SER A 51 6.13 3.67 -16.37
N ASN A 52 5.86 4.97 -16.28
CA ASN A 52 4.93 5.63 -17.18
C ASN A 52 3.50 5.20 -16.90
N GLY A 53 3.31 4.38 -15.86
CA GLY A 53 1.98 3.93 -15.51
C GLY A 53 1.93 2.44 -15.21
N GLU A 54 3.03 1.75 -15.44
CA GLU A 54 3.10 0.32 -15.19
C GLU A 54 2.39 -0.04 -13.89
N PRO A 55 2.00 -1.31 -13.73
CA PRO A 55 1.31 -1.80 -12.52
C PRO A 55 2.22 -1.83 -11.32
N CYS A 56 1.62 -1.84 -10.12
CA CYS A 56 2.38 -1.87 -8.88
C CYS A 56 2.72 -3.31 -8.49
N VAL A 57 3.21 -3.48 -7.27
CA VAL A 57 3.59 -4.81 -6.79
C VAL A 57 3.56 -4.88 -5.27
N LEU A 58 2.43 -4.51 -4.68
CA LEU A 58 2.29 -4.54 -3.23
C LEU A 58 1.57 -5.82 -2.77
N PRO A 59 1.71 -6.18 -1.48
CA PRO A 59 2.51 -5.40 -0.53
C PRO A 59 4.00 -5.45 -0.80
N PHE A 60 4.61 -4.27 -0.91
CA PHE A 60 6.04 -4.18 -1.16
C PHE A 60 6.75 -3.64 0.08
N THR A 61 8.07 -3.54 0.04
CA THR A 61 8.82 -3.03 1.17
C THR A 61 9.71 -1.87 0.76
N TYR A 62 9.63 -0.78 1.53
CA TYR A 62 10.42 0.41 1.25
C TYR A 62 10.79 1.13 2.54
N ASN A 63 12.08 1.37 2.73
CA ASN A 63 12.56 2.05 3.93
C ASN A 63 12.47 1.14 5.15
N GLY A 64 12.02 -0.09 4.94
CA GLY A 64 11.90 -1.04 6.04
C GLY A 64 10.46 -1.37 6.38
N ARG A 65 9.53 -0.65 5.77
CA ARG A 65 8.11 -0.89 6.02
C ARG A 65 7.44 -1.59 4.83
N THR A 66 6.11 -1.59 4.82
CA THR A 66 5.36 -2.23 3.74
C THR A 66 4.13 -1.40 3.39
N PHE A 67 3.73 -1.45 2.11
CA PHE A 67 2.57 -0.70 1.65
C PHE A 67 1.70 -1.56 0.74
N TYR A 68 0.38 -1.43 0.90
CA TYR A 68 -0.56 -2.19 0.09
C TYR A 68 -0.96 -1.42 -1.16
N SER A 69 -0.40 -0.23 -1.32
CA SER A 69 -0.69 0.61 -2.48
C SER A 69 0.32 1.75 -2.59
N CYS A 70 0.05 2.69 -3.49
CA CYS A 70 0.92 3.83 -3.69
C CYS A 70 1.32 4.45 -2.36
N THR A 71 2.21 5.43 -2.40
CA THR A 71 2.67 6.09 -1.17
C THR A 71 3.49 7.32 -1.49
N THR A 72 3.90 8.03 -0.44
CA THR A 72 4.70 9.24 -0.59
C THR A 72 5.79 9.30 0.47
N GLU A 73 6.59 8.24 0.55
CA GLU A 73 7.67 8.16 1.53
C GLU A 73 9.03 8.27 0.85
N GLY A 74 9.02 8.65 -0.42
CA GLY A 74 10.26 8.78 -1.15
C GLY A 74 10.06 9.36 -2.54
N ARG A 75 9.73 10.64 -2.60
CA ARG A 75 9.50 11.32 -3.86
C ARG A 75 10.12 12.71 -3.85
N GLN A 76 10.45 13.22 -5.03
CA GLN A 76 11.06 14.54 -5.16
C GLN A 76 10.24 15.44 -6.06
N ASP A 77 8.95 15.58 -5.74
CA ASP A 77 8.06 16.42 -6.53
C ASP A 77 6.72 16.59 -5.81
N GLY A 78 6.09 15.48 -5.47
CA GLY A 78 4.81 15.52 -4.79
C GLY A 78 3.76 14.66 -5.47
N HIS A 79 4.21 13.57 -6.09
CA HIS A 79 3.31 12.65 -6.77
C HIS A 79 3.39 11.24 -6.17
N LEU A 80 2.26 10.73 -5.70
CA LEU A 80 2.23 9.40 -5.12
C LEU A 80 2.98 8.42 -6.01
N TRP A 81 3.39 7.29 -5.44
CA TRP A 81 4.13 6.30 -6.20
C TRP A 81 3.97 4.89 -5.60
N CYS A 82 4.45 3.90 -6.33
CA CYS A 82 4.39 2.52 -5.90
C CYS A 82 5.54 1.72 -6.52
N SER A 83 5.57 0.42 -6.28
CA SER A 83 6.61 -0.44 -6.83
C SER A 83 6.06 -1.35 -7.92
N THR A 84 6.75 -1.40 -9.05
CA THR A 84 6.31 -2.23 -10.16
C THR A 84 6.80 -3.67 -10.03
N THR A 85 7.73 -3.89 -9.11
CA THR A 85 8.27 -5.23 -8.89
C THR A 85 8.60 -5.47 -7.41
N SER A 86 8.83 -6.72 -7.05
CA SER A 86 9.14 -7.08 -5.68
C SER A 86 10.29 -6.25 -5.12
N ASN A 87 11.43 -6.32 -5.79
CA ASN A 87 12.62 -5.58 -5.35
C ASN A 87 12.66 -4.20 -6.00
N TYR A 88 12.11 -3.21 -5.30
CA TYR A 88 12.09 -1.84 -5.80
C TYR A 88 13.41 -1.13 -5.50
N GLU A 89 14.05 -1.53 -4.40
CA GLU A 89 15.32 -0.92 -4.00
C GLU A 89 16.49 -1.59 -4.71
N GLN A 90 16.20 -2.39 -5.72
CA GLN A 90 17.25 -3.08 -6.47
C GLN A 90 17.17 -2.77 -7.96
N ASP A 91 15.95 -2.81 -8.49
CA ASP A 91 15.72 -2.54 -9.90
C ASP A 91 15.48 -1.05 -10.16
N GLN A 92 14.76 -0.41 -9.25
CA GLN A 92 14.47 1.02 -9.37
C GLN A 92 13.43 1.29 -10.46
N LYS A 93 12.37 0.48 -10.46
CA LYS A 93 11.29 0.64 -11.44
C LYS A 93 9.98 0.99 -10.74
N TYR A 94 9.88 2.23 -10.27
CA TYR A 94 8.69 2.71 -9.57
C TYR A 94 7.70 3.36 -10.54
N SER A 95 6.58 3.82 -9.98
CA SER A 95 5.54 4.48 -10.76
C SER A 95 4.82 5.54 -9.92
N PHE A 96 3.98 6.34 -10.56
CA PHE A 96 3.25 7.39 -9.84
C PHE A 96 1.79 7.00 -9.64
N CYS A 97 1.04 7.88 -8.99
CA CYS A 97 -0.37 7.64 -8.72
C CYS A 97 -1.13 8.96 -8.58
N THR A 98 -2.26 9.06 -9.27
CA THR A 98 -3.08 10.27 -9.22
C THR A 98 -3.88 10.34 -7.92
N ASP A 99 -4.29 9.18 -7.43
CA ASP A 99 -5.07 9.10 -6.19
C ASP A 99 -6.44 9.76 -6.37
N HIS A 100 -6.43 11.06 -6.66
CA HIS A 100 -7.67 11.81 -6.84
C HIS A 100 -8.16 11.71 -8.28
N THR A 101 -9.19 12.49 -8.61
CA THR A 101 -9.74 12.48 -9.96
C THR A 101 -9.80 13.89 -10.53
N TYR A 1 -8.19 12.87 20.08
CA TYR A 1 -7.52 12.97 21.40
C TYR A 1 -6.26 12.10 21.43
N GLY A 2 -6.44 10.79 21.32
CA GLY A 2 -5.32 9.88 21.35
C GLY A 2 -5.61 8.58 20.63
N HIS A 3 -5.80 7.51 21.40
CA HIS A 3 -6.10 6.19 20.83
C HIS A 3 -7.26 6.29 19.85
N CYS A 4 -7.26 5.40 18.86
CA CYS A 4 -8.32 5.37 17.86
C CYS A 4 -9.23 4.16 18.05
N VAL A 5 -10.47 4.30 17.61
CA VAL A 5 -11.45 3.22 17.73
C VAL A 5 -12.33 3.12 16.49
N THR A 6 -12.72 1.90 16.14
CA THR A 6 -13.55 1.67 14.97
C THR A 6 -14.43 0.43 15.15
N ASP A 7 -15.74 0.62 15.20
CA ASP A 7 -16.67 -0.48 15.36
C ASP A 7 -16.88 -0.82 16.84
N SER A 8 -16.26 -0.04 17.71
CA SER A 8 -16.39 -0.25 19.14
C SER A 8 -15.86 -1.63 19.53
N GLY A 9 -14.71 -1.99 18.99
CA GLY A 9 -14.11 -3.29 19.28
C GLY A 9 -12.61 -3.28 19.16
N VAL A 10 -12.11 -2.66 18.10
CA VAL A 10 -10.68 -2.58 17.85
C VAL A 10 -10.13 -1.21 18.23
N VAL A 11 -9.43 -1.15 19.35
CA VAL A 11 -8.85 0.10 19.82
C VAL A 11 -7.48 0.35 19.19
N TYR A 12 -7.46 1.12 18.10
CA TYR A 12 -6.22 1.43 17.40
C TYR A 12 -5.45 2.53 18.12
N SER A 13 -4.32 2.91 17.54
CA SER A 13 -3.48 3.96 18.11
C SER A 13 -2.81 4.76 17.00
N VAL A 14 -2.58 6.05 17.27
CA VAL A 14 -1.95 6.93 16.31
C VAL A 14 -0.60 6.38 15.85
N GLY A 15 -0.64 5.50 14.85
CA GLY A 15 0.59 4.92 14.33
C GLY A 15 0.57 3.40 14.33
N MET A 16 -0.60 2.83 14.58
CA MET A 16 -0.76 1.38 14.61
C MET A 16 -0.68 0.81 13.20
N GLN A 17 -0.86 1.68 12.21
CA GLN A 17 -0.81 1.27 10.81
C GLN A 17 -1.38 -0.12 10.61
N TRP A 18 -2.65 -0.19 10.23
CA TRP A 18 -3.31 -1.48 10.02
C TRP A 18 -4.05 -1.49 8.68
N LEU A 19 -4.89 -2.50 8.48
CA LEU A 19 -5.65 -2.64 7.26
C LEU A 19 -7.08 -3.07 7.54
N LYS A 20 -8.03 -2.20 7.23
CA LYS A 20 -9.44 -2.51 7.46
C LYS A 20 -10.02 -3.34 6.32
N THR A 21 -10.88 -4.28 6.68
CA THR A 21 -11.52 -5.16 5.69
C THR A 21 -12.93 -5.54 6.13
N GLN A 22 -13.82 -5.70 5.17
CA GLN A 22 -15.20 -6.07 5.44
C GLN A 22 -15.54 -7.45 4.88
N GLY A 23 -14.69 -7.92 3.96
CA GLY A 23 -14.91 -9.21 3.35
C GLY A 23 -15.26 -9.11 1.88
N ASN A 24 -15.77 -7.95 1.48
CA ASN A 24 -16.15 -7.72 0.09
C ASN A 24 -15.10 -6.89 -0.62
N LYS A 25 -14.44 -6.00 0.11
CA LYS A 25 -13.41 -5.15 -0.45
C LYS A 25 -12.23 -5.03 0.50
N GLN A 26 -11.18 -4.32 0.07
CA GLN A 26 -9.99 -4.14 0.90
C GLN A 26 -9.71 -2.65 1.11
N MET A 27 -9.20 -2.32 2.29
CA MET A 27 -8.87 -0.94 2.62
C MET A 27 -7.81 -0.88 3.71
N LEU A 28 -6.95 0.13 3.64
CA LEU A 28 -5.88 0.31 4.62
C LEU A 28 -6.17 1.49 5.53
N CYS A 29 -6.10 1.27 6.84
CA CYS A 29 -6.35 2.33 7.81
C CYS A 29 -5.07 2.70 8.56
N THR A 30 -4.81 4.01 8.65
CA THR A 30 -3.63 4.49 9.35
C THR A 30 -4.00 5.62 10.32
N CYS A 31 -3.70 5.40 11.59
CA CYS A 31 -4.01 6.39 12.63
C CYS A 31 -2.87 7.40 12.75
N LEU A 32 -3.00 8.52 12.04
CA LEU A 32 -1.99 9.57 12.07
C LEU A 32 -2.15 10.43 13.31
N GLY A 33 -1.52 11.60 13.31
CA GLY A 33 -1.59 12.51 14.44
C GLY A 33 -2.93 13.21 14.55
N ASN A 34 -3.51 13.55 13.40
CA ASN A 34 -4.79 14.26 13.38
C ASN A 34 -5.94 13.31 13.72
N GLY A 35 -5.77 12.03 13.37
CA GLY A 35 -6.80 11.04 13.64
C GLY A 35 -6.53 9.72 12.96
N VAL A 36 -7.35 9.40 11.97
CA VAL A 36 -7.20 8.15 11.23
C VAL A 36 -7.55 8.33 9.76
N SER A 37 -6.59 8.09 8.88
CA SER A 37 -6.80 8.22 7.45
C SER A 37 -6.56 6.89 6.75
N CYS A 38 -7.63 6.33 6.18
CA CYS A 38 -7.53 5.05 5.48
C CYS A 38 -7.65 5.24 3.98
N GLN A 39 -7.56 4.14 3.24
CA GLN A 39 -7.66 4.18 1.78
C GLN A 39 -8.39 2.97 1.25
N GLU A 40 -9.68 3.14 0.95
CA GLU A 40 -10.50 2.06 0.43
C GLU A 40 -9.97 1.59 -0.92
N THR A 41 -9.96 0.27 -1.11
CA THR A 41 -9.47 -0.32 -2.35
C THR A 41 -7.95 -0.48 -2.34
N ALA A 42 -7.27 0.59 -1.92
CA ALA A 42 -5.81 0.58 -1.85
C ALA A 42 -5.19 0.90 -3.20
N VAL A 43 -5.11 2.18 -3.51
CA VAL A 43 -4.54 2.64 -4.78
C VAL A 43 -4.19 4.12 -4.71
N THR A 44 -3.56 4.63 -5.77
CA THR A 44 -3.18 6.03 -5.83
C THR A 44 -2.30 6.31 -7.05
N GLN A 45 -1.99 7.59 -7.26
CA GLN A 45 -1.15 8.00 -8.40
C GLN A 45 0.32 7.75 -8.11
N THR A 46 1.16 7.92 -9.12
CA THR A 46 2.59 7.72 -8.97
C THR A 46 3.37 8.58 -9.95
N TYR A 47 4.44 9.20 -9.46
CA TYR A 47 5.28 10.06 -10.29
C TYR A 47 6.74 9.99 -9.85
N GLY A 48 7.62 10.62 -10.62
CA GLY A 48 9.03 10.62 -10.31
C GLY A 48 9.53 9.27 -9.83
N GLY A 49 10.47 9.28 -8.89
CA GLY A 49 11.02 8.04 -8.38
C GLY A 49 11.94 7.35 -9.37
N ASN A 50 12.26 6.10 -9.11
CA ASN A 50 13.13 5.33 -9.98
C ASN A 50 12.38 4.84 -11.21
N SER A 51 11.06 4.97 -11.18
CA SER A 51 10.22 4.54 -12.30
C SER A 51 9.58 5.74 -12.99
N ASN A 52 9.65 6.91 -12.35
CA ASN A 52 9.08 8.12 -12.91
C ASN A 52 7.56 8.02 -12.97
N GLY A 53 7.00 7.02 -12.29
CA GLY A 53 5.56 6.82 -12.28
C GLY A 53 5.13 5.60 -13.06
N GLU A 54 5.55 4.43 -12.59
CA GLU A 54 5.20 3.17 -13.23
C GLU A 54 4.43 2.26 -12.29
N PRO A 55 3.81 1.20 -12.83
CA PRO A 55 3.04 0.25 -12.05
C PRO A 55 3.83 -0.31 -10.86
N CYS A 56 3.26 -0.20 -9.66
CA CYS A 56 3.92 -0.69 -8.46
C CYS A 56 3.88 -2.21 -8.39
N VAL A 57 4.28 -2.75 -7.24
CA VAL A 57 4.29 -4.20 -7.05
C VAL A 57 4.10 -4.57 -5.58
N LEU A 58 3.02 -4.09 -4.97
CA LEU A 58 2.74 -4.41 -3.57
C LEU A 58 1.76 -5.57 -3.47
N PRO A 59 1.65 -6.17 -2.27
CA PRO A 59 2.39 -5.74 -1.08
C PRO A 59 3.89 -6.03 -1.18
N PHE A 60 4.70 -4.98 -1.01
CA PHE A 60 6.14 -5.14 -1.06
C PHE A 60 6.71 -5.12 0.36
N THR A 61 7.98 -5.44 0.51
CA THR A 61 8.60 -5.45 1.83
C THR A 61 9.75 -4.47 1.93
N TYR A 62 9.73 -3.65 2.98
CA TYR A 62 10.79 -2.67 3.19
C TYR A 62 11.38 -2.81 4.59
N ASN A 63 12.67 -3.11 4.64
CA ASN A 63 13.40 -3.27 5.89
C ASN A 63 12.68 -4.21 6.87
N GLY A 64 11.73 -5.01 6.38
CA GLY A 64 11.04 -5.93 7.25
C GLY A 64 9.53 -5.88 7.19
N ARG A 65 8.97 -4.69 7.03
CA ARG A 65 7.52 -4.55 6.99
C ARG A 65 6.96 -4.67 5.57
N THR A 66 5.69 -4.31 5.41
CA THR A 66 5.03 -4.40 4.11
C THR A 66 4.14 -3.19 3.86
N PHE A 67 3.88 -2.90 2.58
CA PHE A 67 3.04 -1.77 2.21
C PHE A 67 2.17 -2.12 1.00
N TYR A 68 0.92 -1.68 1.06
CA TYR A 68 -0.04 -1.95 -0.02
C TYR A 68 -0.14 -0.76 -0.97
N SER A 69 0.92 0.03 -1.05
CA SER A 69 0.95 1.19 -1.92
C SER A 69 2.05 2.17 -1.47
N CYS A 70 1.97 3.40 -1.98
CA CYS A 70 2.95 4.42 -1.63
C CYS A 70 3.08 4.54 -0.11
N THR A 71 4.23 5.03 0.34
CA THR A 71 4.48 5.20 1.77
C THR A 71 5.73 6.03 2.01
N THR A 72 5.82 6.59 3.21
CA THR A 72 6.97 7.41 3.57
C THR A 72 7.65 6.86 4.83
N GLU A 73 8.31 5.72 4.68
CA GLU A 73 9.00 5.07 5.80
C GLU A 73 10.49 4.93 5.53
N GLY A 74 10.98 5.63 4.52
CA GLY A 74 12.39 5.55 4.20
C GLY A 74 12.77 6.39 3.00
N ARG A 75 12.71 7.70 3.16
CA ARG A 75 13.05 8.63 2.08
C ARG A 75 14.05 9.68 2.56
N GLN A 76 14.39 10.61 1.67
CA GLN A 76 15.34 11.67 2.00
C GLN A 76 14.65 13.03 2.01
N ASP A 77 13.37 13.05 2.34
CA ASP A 77 12.61 14.29 2.39
C ASP A 77 11.28 14.09 3.11
N GLY A 78 10.31 13.50 2.40
CA GLY A 78 9.01 13.26 2.99
C GLY A 78 7.93 13.07 1.94
N HIS A 79 8.29 12.40 0.84
CA HIS A 79 7.36 12.15 -0.25
C HIS A 79 6.93 10.67 -0.27
N LEU A 80 5.63 10.44 -0.47
CA LEU A 80 5.10 9.09 -0.53
C LEU A 80 5.75 8.29 -1.64
N TRP A 81 6.49 7.24 -1.28
CA TRP A 81 7.14 6.40 -2.27
C TRP A 81 6.50 5.02 -2.33
N CYS A 82 6.55 4.41 -3.50
CA CYS A 82 5.96 3.09 -3.70
C CYS A 82 6.96 2.16 -4.40
N SER A 83 6.67 0.87 -4.41
CA SER A 83 7.57 -0.10 -5.04
C SER A 83 7.02 -0.56 -6.39
N THR A 84 7.94 -0.83 -7.32
CA THR A 84 7.57 -1.28 -8.65
C THR A 84 8.21 -2.63 -8.98
N THR A 85 9.29 -2.96 -8.26
CA THR A 85 9.99 -4.21 -8.47
C THR A 85 9.90 -5.10 -7.23
N SER A 86 9.64 -6.38 -7.45
CA SER A 86 9.52 -7.34 -6.35
C SER A 86 10.67 -7.20 -5.36
N ASN A 87 11.87 -6.95 -5.88
CA ASN A 87 13.05 -6.80 -5.04
C ASN A 87 13.58 -5.37 -5.09
N TYR A 88 12.88 -4.46 -4.43
CA TYR A 88 13.29 -3.06 -4.40
C TYR A 88 14.50 -2.88 -3.48
N GLU A 89 14.75 -3.88 -2.64
CA GLU A 89 15.86 -3.83 -1.70
C GLU A 89 17.19 -4.10 -2.41
N GLN A 90 17.11 -4.52 -3.66
CA GLN A 90 18.31 -4.81 -4.44
C GLN A 90 18.31 -4.07 -5.77
N ASP A 91 17.12 -3.86 -6.33
CA ASP A 91 17.00 -3.16 -7.61
C ASP A 91 16.95 -1.66 -7.42
N GLN A 92 16.10 -1.21 -6.50
CA GLN A 92 15.96 0.22 -6.20
C GLN A 92 14.92 0.86 -7.11
N LYS A 93 14.05 0.04 -7.70
CA LYS A 93 13.01 0.55 -8.58
C LYS A 93 11.77 0.93 -7.78
N TYR A 94 11.59 2.24 -7.57
CA TYR A 94 10.45 2.73 -6.80
C TYR A 94 9.82 3.94 -7.47
N SER A 95 8.75 4.46 -6.86
CA SER A 95 8.05 5.62 -7.37
C SER A 95 7.62 6.54 -6.22
N PHE A 96 6.80 7.54 -6.54
CA PHE A 96 6.34 8.48 -5.53
C PHE A 96 4.81 8.56 -5.53
N CYS A 97 4.27 9.44 -4.70
CA CYS A 97 2.82 9.61 -4.59
C CYS A 97 2.45 11.04 -4.24
N THR A 98 1.48 11.59 -4.96
CA THR A 98 1.03 12.95 -4.73
C THR A 98 0.17 13.04 -3.48
N ASP A 99 -1.06 12.56 -3.60
CA ASP A 99 -2.01 12.57 -2.48
C ASP A 99 -2.56 13.97 -2.25
N HIS A 100 -1.66 14.93 -2.07
CA HIS A 100 -2.07 16.31 -1.84
C HIS A 100 -2.94 16.42 -0.59
N THR A 101 -4.24 16.21 -0.76
CA THR A 101 -5.18 16.28 0.36
C THR A 101 -6.40 15.40 0.10
N TYR A 1 -2.83 9.48 24.41
CA TYR A 1 -3.04 8.09 23.91
C TYR A 1 -2.23 7.82 22.65
N GLY A 2 -1.17 7.04 22.80
CA GLY A 2 -0.33 6.70 21.67
C GLY A 2 -0.81 5.49 20.90
N HIS A 3 -1.14 4.44 21.63
CA HIS A 3 -1.62 3.20 21.01
C HIS A 3 -2.83 3.49 20.12
N CYS A 4 -2.99 2.68 19.07
CA CYS A 4 -4.10 2.85 18.14
C CYS A 4 -5.03 1.65 18.20
N VAL A 5 -6.27 1.84 17.74
CA VAL A 5 -7.25 0.77 17.75
C VAL A 5 -8.31 0.99 16.69
N THR A 6 -9.33 0.13 16.69
CA THR A 6 -10.42 0.23 15.73
C THR A 6 -11.77 0.32 16.44
N ASP A 7 -11.84 1.21 17.44
CA ASP A 7 -13.07 1.40 18.20
C ASP A 7 -13.15 0.41 19.35
N SER A 8 -12.91 -0.86 19.05
CA SER A 8 -12.96 -1.92 20.05
C SER A 8 -12.78 -3.29 19.41
N GLY A 9 -11.62 -3.51 18.79
CA GLY A 9 -11.36 -4.79 18.16
C GLY A 9 -9.88 -5.11 18.11
N VAL A 10 -9.08 -4.16 17.64
CA VAL A 10 -7.64 -4.36 17.53
C VAL A 10 -6.89 -3.30 18.33
N VAL A 11 -5.77 -3.71 18.93
CA VAL A 11 -4.95 -2.80 19.73
C VAL A 11 -3.62 -2.53 19.05
N TYR A 12 -3.62 -1.56 18.14
CA TYR A 12 -2.42 -1.18 17.42
C TYR A 12 -1.57 -0.22 18.24
N SER A 13 -0.47 0.24 17.65
CA SER A 13 0.43 1.17 18.33
C SER A 13 0.90 2.24 17.36
N VAL A 14 1.09 3.45 17.89
CA VAL A 14 1.53 4.58 17.09
C VAL A 14 2.53 4.16 16.02
N GLY A 15 2.01 3.79 14.85
CA GLY A 15 2.87 3.38 13.75
C GLY A 15 2.77 1.90 13.44
N MET A 16 1.59 1.32 13.64
CA MET A 16 1.37 -0.09 13.37
C MET A 16 0.60 -0.28 12.06
N GLN A 17 1.03 0.46 11.04
CA GLN A 17 0.40 0.40 9.72
C GLN A 17 -0.22 -0.97 9.45
N TRP A 18 -1.53 -0.99 9.23
CA TRP A 18 -2.24 -2.23 8.96
C TRP A 18 -3.21 -2.05 7.80
N LEU A 19 -3.97 -3.10 7.49
CA LEU A 19 -4.92 -3.05 6.39
C LEU A 19 -6.20 -3.82 6.73
N LYS A 20 -7.30 -3.39 6.13
CA LYS A 20 -8.59 -4.04 6.36
C LYS A 20 -9.29 -4.32 5.04
N THR A 21 -10.40 -5.05 5.10
CA THR A 21 -11.16 -5.40 3.91
C THR A 21 -12.66 -5.26 4.14
N GLN A 22 -13.42 -5.14 3.05
CA GLN A 22 -14.86 -5.00 3.15
C GLN A 22 -15.57 -6.22 2.57
N GLY A 23 -14.83 -7.01 1.78
CA GLY A 23 -15.39 -8.20 1.19
C GLY A 23 -15.11 -8.29 -0.30
N ASN A 24 -15.19 -7.15 -0.98
CA ASN A 24 -14.94 -7.11 -2.42
C ASN A 24 -14.00 -5.96 -2.78
N LYS A 25 -13.51 -5.26 -1.76
CA LYS A 25 -12.61 -4.13 -1.97
C LYS A 25 -11.36 -4.27 -1.09
N GLN A 26 -10.62 -3.18 -0.96
CA GLN A 26 -9.41 -3.18 -0.15
C GLN A 26 -9.14 -1.81 0.45
N MET A 27 -9.07 -1.74 1.78
CA MET A 27 -8.82 -0.49 2.47
C MET A 27 -7.67 -0.64 3.46
N LEU A 28 -6.72 0.29 3.42
CA LEU A 28 -5.57 0.25 4.31
C LEU A 28 -5.73 1.26 5.45
N CYS A 29 -5.60 0.76 6.68
CA CYS A 29 -5.73 1.62 7.86
C CYS A 29 -4.37 1.82 8.54
N THR A 30 -4.16 3.03 9.08
CA THR A 30 -2.92 3.35 9.77
C THR A 30 -3.14 4.37 10.87
N CYS A 31 -2.37 4.25 11.94
CA CYS A 31 -2.47 5.18 13.06
C CYS A 31 -1.25 6.10 13.11
N LEU A 32 -1.45 7.35 12.71
CA LEU A 32 -0.37 8.32 12.69
C LEU A 32 -0.11 8.89 14.08
N GLY A 33 -0.72 10.03 14.39
CA GLY A 33 -0.54 10.64 15.70
C GLY A 33 -1.82 11.24 16.24
N ASN A 34 -2.54 11.94 15.39
CA ASN A 34 -3.81 12.56 15.79
C ASN A 34 -4.90 11.50 15.92
N GLY A 35 -4.76 10.44 15.14
CA GLY A 35 -5.74 9.36 15.18
C GLY A 35 -5.37 8.21 14.26
N VAL A 36 -6.31 7.81 13.42
CA VAL A 36 -6.07 6.71 12.49
C VAL A 36 -6.61 7.06 11.09
N SER A 37 -5.73 7.07 10.11
CA SER A 37 -6.10 7.38 8.74
C SER A 37 -5.96 6.16 7.85
N CYS A 38 -6.97 5.90 7.03
CA CYS A 38 -6.96 4.75 6.14
C CYS A 38 -7.18 5.17 4.69
N GLN A 39 -6.77 4.29 3.77
CA GLN A 39 -6.93 4.57 2.35
C GLN A 39 -8.03 3.70 1.76
N GLU A 40 -9.24 4.25 1.69
CA GLU A 40 -10.38 3.52 1.15
C GLU A 40 -10.16 3.14 -0.31
N THR A 41 -10.35 1.86 -0.61
CA THR A 41 -10.18 1.36 -1.97
C THR A 41 -8.73 0.95 -2.23
N ALA A 42 -7.80 1.85 -1.96
CA ALA A 42 -6.39 1.58 -2.17
C ALA A 42 -6.08 1.47 -3.67
N VAL A 43 -5.22 0.52 -4.04
CA VAL A 43 -4.86 0.32 -5.44
C VAL A 43 -4.50 1.64 -6.11
N THR A 44 -4.24 1.57 -7.42
CA THR A 44 -3.87 2.76 -8.19
C THR A 44 -3.52 2.41 -9.63
N GLN A 45 -3.19 3.42 -10.42
CA GLN A 45 -2.84 3.21 -11.82
C GLN A 45 -1.32 3.13 -11.99
N THR A 46 -0.89 2.75 -13.17
CA THR A 46 0.54 2.63 -13.46
C THR A 46 0.84 3.03 -14.90
N TYR A 47 2.04 3.56 -15.13
CA TYR A 47 2.44 3.99 -16.46
C TYR A 47 3.93 3.74 -16.69
N GLY A 48 4.26 3.10 -17.80
CA GLY A 48 5.65 2.81 -18.11
C GLY A 48 6.40 2.27 -16.91
N GLY A 49 7.38 3.04 -16.43
CA GLY A 49 8.16 2.61 -15.29
C GLY A 49 9.21 1.58 -15.65
N ASN A 50 9.06 0.38 -15.11
CA ASN A 50 10.00 -0.71 -15.38
C ASN A 50 9.28 -1.93 -15.92
N SER A 51 7.95 -1.86 -15.98
CA SER A 51 7.15 -2.97 -16.48
C SER A 51 6.06 -2.48 -17.42
N ASN A 52 6.22 -1.26 -17.93
CA ASN A 52 5.24 -0.68 -18.84
C ASN A 52 3.92 -0.39 -18.12
N GLY A 53 3.92 -0.56 -16.80
CA GLY A 53 2.72 -0.31 -16.02
C GLY A 53 1.94 -1.56 -15.72
N GLU A 54 2.65 -2.63 -15.38
CA GLU A 54 2.00 -3.91 -15.07
C GLU A 54 1.42 -3.90 -13.67
N PRO A 55 0.54 -4.86 -13.36
CA PRO A 55 -0.09 -4.97 -12.03
C PRO A 55 0.92 -5.15 -10.93
N CYS A 56 1.00 -4.16 -10.03
CA CYS A 56 1.94 -4.22 -8.91
C CYS A 56 1.80 -5.53 -8.15
N VAL A 57 2.44 -5.60 -6.98
CA VAL A 57 2.40 -6.81 -6.16
C VAL A 57 2.46 -6.46 -4.67
N LEU A 58 1.55 -5.62 -4.23
CA LEU A 58 1.51 -5.22 -2.82
C LEU A 58 0.35 -5.91 -2.10
N PRO A 59 0.35 -5.84 -0.75
CA PRO A 59 1.39 -5.13 0.00
C PRO A 59 2.73 -5.87 -0.03
N PHE A 60 3.79 -5.16 -0.40
CA PHE A 60 5.12 -5.74 -0.46
C PHE A 60 5.99 -5.20 0.68
N THR A 61 7.24 -5.66 0.73
CA THR A 61 8.17 -5.22 1.77
C THR A 61 9.40 -4.56 1.15
N TYR A 62 9.67 -3.33 1.56
CA TYR A 62 10.82 -2.59 1.05
C TYR A 62 11.51 -1.81 2.16
N ASN A 63 12.82 -1.91 2.22
CA ASN A 63 13.62 -1.21 3.22
C ASN A 63 13.28 -1.67 4.64
N GLY A 64 12.50 -2.74 4.75
CA GLY A 64 12.14 -3.27 6.05
C GLY A 64 10.68 -3.04 6.41
N ARG A 65 10.01 -2.15 5.69
CA ARG A 65 8.61 -1.87 5.96
C ARG A 65 7.70 -2.53 4.93
N THR A 66 6.47 -2.04 4.83
CA THR A 66 5.50 -2.59 3.90
C THR A 66 4.63 -1.49 3.28
N PHE A 67 4.24 -1.68 2.03
CA PHE A 67 3.41 -0.71 1.33
C PHE A 67 2.31 -1.42 0.54
N TYR A 68 1.07 -1.03 0.77
CA TYR A 68 -0.07 -1.63 0.08
C TYR A 68 -0.33 -0.93 -1.24
N SER A 69 0.61 -0.08 -1.66
CA SER A 69 0.47 0.66 -2.91
C SER A 69 1.80 1.25 -3.35
N CYS A 70 1.75 2.13 -4.35
CA CYS A 70 2.96 2.76 -4.87
C CYS A 70 3.71 3.49 -3.75
N THR A 71 4.90 3.97 -4.05
CA THR A 71 5.71 4.69 -3.07
C THR A 71 6.90 5.37 -3.73
N THR A 72 7.52 6.29 -3.00
CA THR A 72 8.67 7.03 -3.51
C THR A 72 9.87 6.84 -2.60
N GLU A 73 9.88 5.77 -1.83
CA GLU A 73 10.97 5.47 -0.91
C GLU A 73 12.16 4.87 -1.65
N GLY A 74 11.87 4.05 -2.65
CA GLY A 74 12.92 3.42 -3.42
C GLY A 74 13.03 3.95 -4.83
N ARG A 75 13.32 5.25 -4.94
CA ARG A 75 13.46 5.89 -6.23
C ARG A 75 14.29 7.16 -6.13
N GLN A 76 14.77 7.65 -7.27
CA GLN A 76 15.59 8.85 -7.31
C GLN A 76 15.13 9.78 -8.43
N ASP A 77 13.88 9.63 -8.86
CA ASP A 77 13.34 10.46 -9.93
C ASP A 77 12.25 11.40 -9.40
N GLY A 78 11.25 10.81 -8.74
CA GLY A 78 10.17 11.62 -8.20
C GLY A 78 8.80 11.13 -8.64
N HIS A 79 8.74 9.89 -9.11
CA HIS A 79 7.49 9.32 -9.57
C HIS A 79 7.14 8.06 -8.76
N LEU A 80 5.92 8.03 -8.22
CA LEU A 80 5.47 6.89 -7.43
C LEU A 80 5.71 5.60 -8.19
N TRP A 81 6.42 4.67 -7.56
CA TRP A 81 6.73 3.39 -8.19
C TRP A 81 6.19 2.22 -7.36
N CYS A 82 6.01 1.08 -8.02
CA CYS A 82 5.51 -0.11 -7.36
C CYS A 82 6.18 -1.37 -7.92
N SER A 83 6.11 -2.47 -7.17
CA SER A 83 6.72 -3.72 -7.61
C SER A 83 5.69 -4.63 -8.27
N THR A 84 6.01 -5.09 -9.48
CA THR A 84 5.10 -5.98 -10.21
C THR A 84 5.33 -7.43 -9.84
N THR A 85 6.17 -7.65 -8.82
CA THR A 85 6.47 -9.00 -8.36
C THR A 85 7.02 -8.97 -6.93
N SER A 86 6.57 -9.92 -6.11
CA SER A 86 7.02 -10.00 -4.72
C SER A 86 8.51 -9.72 -4.60
N ASN A 87 9.30 -10.40 -5.42
CA ASN A 87 10.75 -10.24 -5.41
C ASN A 87 11.17 -9.00 -6.20
N TYR A 88 11.07 -7.83 -5.56
CA TYR A 88 11.44 -6.58 -6.20
C TYR A 88 12.94 -6.36 -6.11
N GLU A 89 13.53 -6.77 -4.99
CA GLU A 89 14.97 -6.63 -4.79
C GLU A 89 15.72 -7.73 -5.52
N GLN A 90 14.99 -8.56 -6.25
CA GLN A 90 15.59 -9.66 -7.00
C GLN A 90 15.29 -9.54 -8.49
N ASP A 91 14.02 -9.26 -8.80
CA ASP A 91 13.59 -9.12 -10.19
C ASP A 91 13.88 -7.72 -10.72
N GLN A 92 13.80 -6.73 -9.82
CA GLN A 92 14.04 -5.35 -10.20
C GLN A 92 13.12 -4.93 -11.34
N LYS A 93 11.82 -5.18 -11.17
CA LYS A 93 10.83 -4.82 -12.18
C LYS A 93 9.68 -4.04 -11.56
N TYR A 94 9.93 -2.77 -11.26
CA TYR A 94 8.92 -1.91 -10.65
C TYR A 94 8.13 -1.14 -11.70
N SER A 95 7.11 -0.42 -11.24
CA SER A 95 6.27 0.37 -12.12
C SER A 95 6.18 1.81 -11.63
N PHE A 96 5.20 2.56 -12.13
CA PHE A 96 5.02 3.94 -11.73
C PHE A 96 3.62 4.20 -11.21
N CYS A 97 3.35 5.45 -10.86
CA CYS A 97 2.04 5.85 -10.35
C CYS A 97 1.76 7.30 -10.67
N THR A 98 0.62 7.56 -11.31
CA THR A 98 0.24 8.92 -11.67
C THR A 98 -0.76 9.50 -10.68
N ASP A 99 -1.02 8.76 -9.61
CA ASP A 99 -1.96 9.21 -8.58
C ASP A 99 -1.76 10.70 -8.30
N HIS A 100 -0.54 11.18 -8.51
CA HIS A 100 -0.22 12.58 -8.29
C HIS A 100 -0.03 12.86 -6.80
N THR A 101 -1.02 12.48 -6.00
CA THR A 101 -0.97 12.69 -4.56
C THR A 101 -1.82 11.66 -3.82
N TYR A 1 -6.98 15.90 17.21
CA TYR A 1 -7.23 14.63 17.94
C TYR A 1 -5.91 13.92 18.25
N GLY A 2 -5.93 13.07 19.27
CA GLY A 2 -4.74 12.33 19.66
C GLY A 2 -4.66 10.99 18.98
N HIS A 3 -4.72 9.92 19.76
CA HIS A 3 -4.66 8.56 19.22
C HIS A 3 -5.88 8.25 18.37
N CYS A 4 -5.77 7.21 17.55
CA CYS A 4 -6.89 6.79 16.69
C CYS A 4 -7.42 5.43 17.11
N VAL A 5 -8.65 5.13 16.73
CA VAL A 5 -9.27 3.86 17.07
C VAL A 5 -10.34 3.47 16.07
N THR A 6 -10.70 2.19 16.05
CA THR A 6 -11.72 1.69 15.13
C THR A 6 -12.48 0.52 15.73
N ASP A 7 -13.75 0.74 16.03
CA ASP A 7 -14.59 -0.30 16.62
C ASP A 7 -14.14 -0.64 18.02
N SER A 8 -13.20 0.14 18.55
CA SER A 8 -12.67 -0.08 19.88
C SER A 8 -11.92 -1.41 19.96
N GLY A 9 -11.16 -1.70 18.91
CA GLY A 9 -10.40 -2.94 18.88
C GLY A 9 -8.94 -2.73 18.57
N VAL A 10 -8.58 -1.51 18.20
CA VAL A 10 -7.19 -1.17 17.88
C VAL A 10 -6.88 0.29 18.18
N VAL A 11 -6.26 0.54 19.33
CA VAL A 11 -5.91 1.88 19.74
C VAL A 11 -4.75 2.43 18.90
N TYR A 12 -5.07 2.88 17.69
CA TYR A 12 -4.06 3.43 16.79
C TYR A 12 -3.57 4.78 17.30
N SER A 13 -2.58 5.35 16.61
CA SER A 13 -2.03 6.64 17.00
C SER A 13 -1.99 7.59 15.81
N VAL A 14 -2.35 8.85 16.06
CA VAL A 14 -2.37 9.88 15.03
C VAL A 14 -1.30 9.62 13.97
N GLY A 15 -1.67 8.85 12.94
CA GLY A 15 -0.73 8.53 11.88
C GLY A 15 0.00 7.23 12.12
N MET A 16 -0.74 6.18 12.43
CA MET A 16 -0.15 4.87 12.69
C MET A 16 -0.33 3.95 11.48
N GLN A 17 -1.36 4.22 10.68
CA GLN A 17 -1.64 3.41 9.51
C GLN A 17 -1.82 1.95 9.88
N TRP A 18 -2.55 1.21 9.06
CA TRP A 18 -2.80 -0.21 9.31
C TRP A 18 -3.56 -0.86 8.16
N LEU A 19 -3.83 -2.16 8.30
CA LEU A 19 -4.53 -2.92 7.29
C LEU A 19 -5.97 -3.20 7.69
N LYS A 20 -6.91 -2.95 6.78
CA LYS A 20 -8.32 -3.20 7.04
C LYS A 20 -8.86 -4.27 6.11
N THR A 21 -9.58 -5.22 6.67
CA THR A 21 -10.17 -6.31 5.91
C THR A 21 -11.66 -6.47 6.21
N GLN A 22 -12.49 -6.45 5.17
CA GLN A 22 -13.93 -6.57 5.34
C GLN A 22 -14.33 -8.04 5.51
N GLY A 23 -13.63 -8.92 4.81
CA GLY A 23 -13.93 -10.34 4.90
C GLY A 23 -14.14 -10.97 3.54
N ASN A 24 -13.25 -10.65 2.62
CA ASN A 24 -13.33 -11.19 1.26
C ASN A 24 -12.18 -10.63 0.42
N LYS A 25 -11.80 -9.40 0.71
CA LYS A 25 -10.71 -8.74 -0.02
C LYS A 25 -9.74 -8.09 0.96
N GLN A 26 -9.06 -7.05 0.51
CA GLN A 26 -8.10 -6.34 1.35
C GLN A 26 -8.32 -4.83 1.29
N MET A 27 -8.42 -4.21 2.47
CA MET A 27 -8.65 -2.77 2.54
C MET A 27 -7.56 -2.10 3.36
N LEU A 28 -7.24 -0.86 3.02
CA LEU A 28 -6.23 -0.10 3.73
C LEU A 28 -6.87 1.05 4.49
N CYS A 29 -6.46 1.25 5.74
CA CYS A 29 -7.01 2.33 6.56
C CYS A 29 -5.92 3.12 7.24
N THR A 30 -6.23 4.37 7.58
CA THR A 30 -5.28 5.25 8.25
C THR A 30 -5.98 6.35 9.03
N CYS A 31 -5.37 6.75 10.14
CA CYS A 31 -5.92 7.81 10.98
C CYS A 31 -5.15 9.10 10.78
N LEU A 32 -5.77 10.04 10.07
CA LEU A 32 -5.14 11.33 9.79
C LEU A 32 -5.22 12.26 11.00
N GLY A 33 -6.20 13.16 10.99
CA GLY A 33 -6.34 14.10 12.09
C GLY A 33 -7.79 14.29 12.48
N ASN A 34 -8.66 14.43 11.49
CA ASN A 34 -10.08 14.62 11.72
C ASN A 34 -10.73 13.31 12.18
N GLY A 35 -10.16 12.19 11.74
CA GLY A 35 -10.69 10.90 12.10
C GLY A 35 -9.88 9.76 11.52
N VAL A 36 -10.56 8.82 10.86
CA VAL A 36 -9.90 7.69 10.25
C VAL A 36 -10.42 7.44 8.84
N SER A 37 -9.50 7.35 7.88
CA SER A 37 -9.87 7.11 6.49
C SER A 37 -9.26 5.82 5.98
N CYS A 38 -9.98 5.13 5.10
CA CYS A 38 -9.52 3.87 4.55
C CYS A 38 -10.03 3.67 3.13
N GLN A 39 -9.27 2.93 2.32
CA GLN A 39 -9.64 2.66 0.94
C GLN A 39 -9.52 1.17 0.62
N GLU A 40 -10.57 0.60 0.04
CA GLU A 40 -10.57 -0.81 -0.32
C GLU A 40 -9.58 -1.09 -1.44
N THR A 41 -8.81 -2.17 -1.27
CA THR A 41 -7.83 -2.57 -2.27
C THR A 41 -6.55 -1.74 -2.16
N ALA A 42 -6.71 -0.41 -2.11
CA ALA A 42 -5.56 0.49 -2.01
C ALA A 42 -4.85 0.58 -3.35
N VAL A 43 -5.17 1.61 -4.11
CA VAL A 43 -4.58 1.80 -5.43
C VAL A 43 -3.69 3.04 -5.47
N THR A 44 -3.25 3.38 -6.68
CA THR A 44 -2.38 4.54 -6.87
C THR A 44 -2.03 4.70 -8.35
N GLN A 45 -1.25 5.73 -8.66
CA GLN A 45 -0.83 6.00 -10.04
C GLN A 45 0.58 5.49 -10.28
N THR A 46 1.02 5.58 -11.54
CA THR A 46 2.35 5.13 -11.91
C THR A 46 2.79 5.75 -13.23
N TYR A 47 3.98 6.36 -13.24
CA TYR A 47 4.51 6.99 -14.44
C TYR A 47 6.01 6.71 -14.59
N GLY A 48 6.42 6.37 -15.81
CA GLY A 48 7.82 6.09 -16.06
C GLY A 48 8.32 4.90 -15.26
N GLY A 49 9.12 5.18 -14.23
CA GLY A 49 9.65 4.11 -13.40
C GLY A 49 10.48 3.13 -14.20
N ASN A 50 10.46 1.86 -13.79
CA ASN A 50 11.22 0.82 -14.48
C ASN A 50 10.29 -0.06 -15.32
N SER A 51 9.03 0.34 -15.41
CA SER A 51 8.05 -0.42 -16.18
C SER A 51 7.12 0.52 -16.94
N ASN A 52 7.49 1.80 -17.00
CA ASN A 52 6.67 2.80 -17.70
C ASN A 52 5.28 2.89 -17.09
N GLY A 53 5.22 2.92 -15.76
CA GLY A 53 3.95 3.00 -15.08
C GLY A 53 3.31 1.64 -14.87
N GLU A 54 2.14 1.43 -15.47
CA GLU A 54 1.43 0.16 -15.34
C GLU A 54 0.89 -0.02 -13.92
N PRO A 55 -0.06 -0.95 -13.76
CA PRO A 55 -0.68 -1.25 -12.46
C PRO A 55 0.28 -1.95 -11.51
N CYS A 56 0.48 -1.36 -10.34
CA CYS A 56 1.38 -1.94 -9.33
C CYS A 56 0.90 -3.33 -8.93
N VAL A 57 1.41 -3.81 -7.79
CA VAL A 57 1.02 -5.14 -7.30
C VAL A 57 1.27 -5.28 -5.80
N LEU A 58 0.77 -4.31 -5.04
CA LEU A 58 0.93 -4.33 -3.59
C LEU A 58 -0.34 -4.84 -2.91
N PRO A 59 -0.23 -5.25 -1.64
CA PRO A 59 1.04 -5.20 -0.90
C PRO A 59 2.02 -6.25 -1.38
N PHE A 60 3.25 -5.82 -1.67
CA PHE A 60 4.29 -6.72 -2.14
C PHE A 60 5.38 -6.88 -1.10
N THR A 61 6.47 -7.54 -1.47
CA THR A 61 7.58 -7.77 -0.55
C THR A 61 8.91 -7.38 -1.20
N TYR A 62 9.68 -6.54 -0.51
CA TYR A 62 10.97 -6.10 -1.02
C TYR A 62 11.99 -5.96 0.12
N ASN A 63 13.15 -6.56 -0.07
CA ASN A 63 14.21 -6.51 0.93
C ASN A 63 13.81 -7.29 2.18
N GLY A 64 12.70 -8.01 2.11
CA GLY A 64 12.24 -8.79 3.23
C GLY A 64 11.03 -8.17 3.91
N ARG A 65 10.77 -6.90 3.62
CA ARG A 65 9.63 -6.20 4.22
C ARG A 65 8.43 -6.22 3.28
N THR A 66 7.43 -5.41 3.58
CA THR A 66 6.23 -5.33 2.77
C THR A 66 5.76 -3.88 2.61
N PHE A 67 5.13 -3.59 1.48
CA PHE A 67 4.65 -2.24 1.21
C PHE A 67 3.25 -2.29 0.60
N TYR A 68 2.29 -1.66 1.29
CA TYR A 68 0.91 -1.62 0.83
C TYR A 68 0.67 -0.44 -0.12
N SER A 69 1.75 0.13 -0.64
CA SER A 69 1.64 1.26 -1.55
C SER A 69 3.01 1.68 -2.09
N CYS A 70 3.07 2.91 -2.57
CA CYS A 70 4.32 3.46 -3.11
C CYS A 70 5.41 3.44 -2.06
N THR A 71 6.67 3.39 -2.52
CA THR A 71 7.81 3.38 -1.62
C THR A 71 9.10 3.70 -2.37
N THR A 72 10.10 4.16 -1.63
CA THR A 72 11.39 4.51 -2.21
C THR A 72 12.53 3.85 -1.43
N GLU A 73 12.67 2.54 -1.60
CA GLU A 73 13.71 1.78 -0.91
C GLU A 73 14.66 1.11 -1.90
N GLY A 74 14.56 1.49 -3.16
CA GLY A 74 15.41 0.90 -4.18
C GLY A 74 15.43 1.70 -5.47
N ARG A 75 15.83 2.96 -5.37
CA ARG A 75 15.90 3.84 -6.54
C ARG A 75 17.21 4.62 -6.55
N GLN A 76 17.45 5.35 -7.64
CA GLN A 76 18.67 6.14 -7.78
C GLN A 76 18.35 7.62 -7.89
N ASP A 77 17.40 8.09 -7.09
CA ASP A 77 17.02 9.51 -7.12
C ASP A 77 16.18 9.87 -5.90
N GLY A 78 15.02 9.23 -5.77
CA GLY A 78 14.15 9.50 -4.64
C GLY A 78 12.69 9.61 -5.04
N HIS A 79 12.31 8.93 -6.12
CA HIS A 79 10.93 8.97 -6.59
C HIS A 79 10.17 7.71 -6.17
N LEU A 80 9.04 7.89 -5.50
CA LEU A 80 8.23 6.77 -5.06
C LEU A 80 8.02 5.78 -6.19
N TRP A 81 7.97 4.50 -5.86
CA TRP A 81 7.77 3.47 -6.88
C TRP A 81 6.97 2.29 -6.33
N CYS A 82 6.50 1.44 -7.24
CA CYS A 82 5.72 0.27 -6.87
C CYS A 82 6.05 -0.91 -7.79
N SER A 83 5.77 -2.12 -7.33
CA SER A 83 6.04 -3.32 -8.12
C SER A 83 4.84 -3.65 -9.00
N THR A 84 5.09 -3.77 -10.31
CA THR A 84 4.03 -4.07 -11.25
C THR A 84 3.86 -5.58 -11.41
N THR A 85 4.45 -6.33 -10.49
CA THR A 85 4.38 -7.78 -10.52
C THR A 85 4.79 -8.38 -9.18
N SER A 86 3.89 -9.16 -8.58
CA SER A 86 4.15 -9.79 -7.30
C SER A 86 5.60 -10.25 -7.22
N ASN A 87 6.03 -10.97 -8.25
CA ASN A 87 7.39 -11.47 -8.31
C ASN A 87 8.35 -10.38 -8.79
N TYR A 88 8.53 -9.36 -7.96
CA TYR A 88 9.42 -8.26 -8.30
C TYR A 88 10.87 -8.68 -8.17
N GLU A 89 11.11 -9.69 -7.34
CA GLU A 89 12.46 -10.19 -7.12
C GLU A 89 12.93 -10.98 -8.35
N GLN A 90 11.98 -11.35 -9.20
CA GLN A 90 12.28 -12.10 -10.41
C GLN A 90 12.34 -11.16 -11.62
N ASP A 91 11.28 -10.38 -11.78
CA ASP A 91 11.21 -9.43 -12.89
C ASP A 91 11.94 -8.15 -12.56
N GLN A 92 11.77 -7.67 -11.33
CA GLN A 92 12.43 -6.45 -10.88
C GLN A 92 11.89 -5.23 -11.64
N LYS A 93 10.70 -5.36 -12.21
CA LYS A 93 10.09 -4.27 -12.95
C LYS A 93 9.11 -3.50 -12.07
N TYR A 94 9.46 -2.25 -11.77
CA TYR A 94 8.64 -1.40 -10.93
C TYR A 94 8.32 -0.07 -11.61
N SER A 95 7.31 0.62 -11.08
CA SER A 95 6.91 1.91 -11.62
C SER A 95 7.05 2.98 -10.54
N PHE A 96 6.90 4.25 -10.91
CA PHE A 96 7.02 5.33 -9.95
C PHE A 96 5.66 5.70 -9.37
N CYS A 97 5.68 6.64 -8.43
CA CYS A 97 4.44 7.09 -7.78
C CYS A 97 4.46 8.60 -7.58
N THR A 98 3.37 9.24 -8.00
CA THR A 98 3.24 10.69 -7.88
C THR A 98 3.32 11.11 -6.41
N ASP A 99 3.33 12.42 -6.18
CA ASP A 99 3.41 12.96 -4.84
C ASP A 99 2.58 12.10 -3.87
N HIS A 100 1.35 11.81 -4.25
CA HIS A 100 0.46 10.99 -3.43
C HIS A 100 -0.72 10.48 -4.23
N THR A 101 -1.76 10.03 -3.54
CA THR A 101 -2.95 9.50 -4.18
C THR A 101 -2.59 8.57 -5.33
N TYR A 1 -1.72 6.87 23.57
CA TYR A 1 -0.82 6.46 24.69
C TYR A 1 -0.80 4.94 24.86
N GLY A 2 0.23 4.30 24.33
CA GLY A 2 0.35 2.86 24.45
C GLY A 2 -0.18 2.14 23.22
N HIS A 3 -1.05 1.16 23.43
CA HIS A 3 -1.62 0.39 22.34
C HIS A 3 -2.52 1.26 21.47
N CYS A 4 -2.84 0.78 20.27
CA CYS A 4 -3.69 1.52 19.35
C CYS A 4 -5.04 0.82 19.18
N VAL A 5 -6.11 1.54 19.48
CA VAL A 5 -7.46 0.99 19.35
C VAL A 5 -8.24 1.71 18.27
N THR A 6 -9.07 0.96 17.55
CA THR A 6 -9.88 1.53 16.48
C THR A 6 -11.08 2.29 17.04
N ASP A 7 -12.10 1.56 17.47
CA ASP A 7 -13.30 2.17 18.02
C ASP A 7 -13.71 1.49 19.33
N SER A 8 -13.77 0.16 19.29
CA SER A 8 -14.15 -0.62 20.46
C SER A 8 -14.24 -2.11 20.12
N GLY A 9 -13.09 -2.70 19.82
CA GLY A 9 -13.06 -4.11 19.48
C GLY A 9 -11.65 -4.64 19.31
N VAL A 10 -10.88 -3.99 18.43
CA VAL A 10 -9.51 -4.39 18.17
C VAL A 10 -8.53 -3.47 18.88
N VAL A 11 -7.58 -4.07 19.59
CA VAL A 11 -6.57 -3.30 20.32
C VAL A 11 -5.17 -3.53 19.76
N TYR A 12 -4.81 -2.75 18.76
CA TYR A 12 -3.50 -2.85 18.13
C TYR A 12 -2.40 -2.37 19.07
N SER A 13 -1.19 -2.24 18.53
CA SER A 13 -0.05 -1.77 19.31
C SER A 13 0.83 -0.85 18.46
N VAL A 14 1.11 0.33 18.98
CA VAL A 14 1.94 1.32 18.29
C VAL A 14 2.87 0.67 17.27
N GLY A 15 2.35 0.47 16.07
CA GLY A 15 3.14 -0.15 15.01
C GLY A 15 2.57 -1.47 14.55
N MET A 16 1.26 -1.62 14.68
CA MET A 16 0.59 -2.85 14.27
C MET A 16 -0.47 -2.57 13.20
N GLN A 17 -0.09 -1.78 12.19
CA GLN A 17 -1.00 -1.44 11.10
C GLN A 17 -1.82 -2.65 10.68
N TRP A 18 -2.83 -2.41 9.85
CA TRP A 18 -3.69 -3.48 9.38
C TRP A 18 -4.35 -3.12 8.04
N LEU A 19 -5.42 -3.82 7.69
CA LEU A 19 -6.13 -3.57 6.45
C LEU A 19 -7.63 -3.45 6.70
N LYS A 20 -8.12 -2.23 6.78
CA LYS A 20 -9.53 -1.98 7.02
C LYS A 20 -10.35 -2.13 5.75
N THR A 21 -11.65 -2.33 5.92
CA THR A 21 -12.56 -2.48 4.78
C THR A 21 -13.80 -1.61 4.94
N GLN A 22 -14.43 -1.29 3.82
CA GLN A 22 -15.63 -0.46 3.84
C GLN A 22 -16.82 -1.19 3.23
N GLY A 23 -16.66 -2.50 3.02
CA GLY A 23 -17.72 -3.30 2.45
C GLY A 23 -17.53 -3.55 0.97
N ASN A 24 -17.44 -2.47 0.21
CA ASN A 24 -17.26 -2.57 -1.24
C ASN A 24 -15.90 -2.02 -1.66
N LYS A 25 -15.08 -1.66 -0.68
CA LYS A 25 -13.75 -1.12 -0.96
C LYS A 25 -12.74 -1.59 0.09
N GLN A 26 -11.56 -0.97 0.08
CA GLN A 26 -10.51 -1.33 1.02
C GLN A 26 -9.82 -0.09 1.56
N MET A 27 -8.91 -0.28 2.51
CA MET A 27 -8.19 0.83 3.12
C MET A 27 -7.07 0.31 4.01
N LEU A 28 -6.02 1.12 4.15
CA LEU A 28 -4.88 0.76 4.97
C LEU A 28 -4.87 1.55 6.26
N CYS A 29 -4.84 0.87 7.40
CA CYS A 29 -4.83 1.56 8.68
C CYS A 29 -3.56 1.25 9.46
N THR A 30 -2.88 2.31 9.90
CA THR A 30 -1.64 2.15 10.66
C THR A 30 -1.64 3.04 11.90
N CYS A 31 -1.29 2.46 13.03
CA CYS A 31 -1.24 3.22 14.27
C CYS A 31 0.19 3.61 14.60
N LEU A 32 0.48 4.89 14.43
CA LEU A 32 1.81 5.42 14.69
C LEU A 32 2.04 5.63 16.19
N GLY A 33 1.86 6.86 16.66
CA GLY A 33 2.05 7.15 18.06
C GLY A 33 1.07 8.19 18.58
N ASN A 34 0.83 9.21 17.77
CA ASN A 34 -0.08 10.29 18.14
C ASN A 34 -1.52 9.87 17.87
N GLY A 35 -1.69 8.77 17.12
CA GLY A 35 -3.02 8.29 16.81
C GLY A 35 -3.00 7.16 15.81
N VAL A 36 -4.06 7.06 15.01
CA VAL A 36 -4.17 6.01 13.99
C VAL A 36 -4.49 6.62 12.63
N SER A 37 -3.58 6.45 11.68
CA SER A 37 -3.76 6.97 10.34
C SER A 37 -4.11 5.84 9.38
N CYS A 38 -4.61 6.17 8.20
CA CYS A 38 -4.97 5.15 7.24
C CYS A 38 -4.96 5.69 5.80
N GLN A 39 -4.83 4.76 4.85
CA GLN A 39 -4.82 5.10 3.43
C GLN A 39 -6.18 4.80 2.80
N GLU A 40 -6.41 5.36 1.62
CA GLU A 40 -7.68 5.15 0.92
C GLU A 40 -7.55 4.11 -0.18
N THR A 41 -8.40 3.09 -0.10
CA THR A 41 -8.41 2.02 -1.10
C THR A 41 -7.35 0.96 -0.78
N ALA A 42 -6.10 1.39 -0.72
CA ALA A 42 -5.00 0.47 -0.42
C ALA A 42 -4.91 -0.64 -1.46
N VAL A 43 -5.60 -0.47 -2.58
CA VAL A 43 -5.60 -1.46 -3.64
C VAL A 43 -5.94 -0.84 -4.99
N THR A 44 -5.90 -1.64 -6.05
CA THR A 44 -6.19 -1.16 -7.39
C THR A 44 -6.04 -2.28 -8.42
N GLN A 45 -5.97 -1.89 -9.69
CA GLN A 45 -5.82 -2.86 -10.78
C GLN A 45 -4.79 -2.38 -11.80
N THR A 46 -4.48 -3.24 -12.77
CA THR A 46 -3.52 -2.91 -13.81
C THR A 46 -4.10 -3.19 -15.20
N TYR A 47 -3.53 -2.55 -16.22
CA TYR A 47 -4.01 -2.74 -17.58
C TYR A 47 -2.86 -3.01 -18.55
N GLY A 48 -1.74 -2.32 -18.35
CA GLY A 48 -0.60 -2.50 -19.22
C GLY A 48 0.72 -2.21 -18.54
N GLY A 49 1.43 -1.21 -19.03
CA GLY A 49 2.71 -0.85 -18.45
C GLY A 49 3.83 -1.79 -18.89
N ASN A 50 4.90 -1.84 -18.11
CA ASN A 50 6.04 -2.70 -18.43
C ASN A 50 5.72 -4.16 -18.10
N SER A 51 4.50 -4.42 -17.63
CA SER A 51 4.09 -5.77 -17.28
C SER A 51 2.84 -6.19 -18.05
N ASN A 52 2.20 -5.23 -18.72
CA ASN A 52 1.00 -5.52 -19.50
C ASN A 52 -0.18 -5.84 -18.59
N GLY A 53 0.04 -5.72 -17.28
CA GLY A 53 -1.02 -5.99 -16.33
C GLY A 53 -0.87 -7.35 -15.67
N GLU A 54 0.27 -7.56 -15.02
CA GLU A 54 0.53 -8.82 -14.33
C GLU A 54 0.35 -8.67 -12.82
N PRO A 55 0.14 -9.80 -12.12
CA PRO A 55 -0.04 -9.78 -10.66
C PRO A 55 1.09 -9.05 -9.95
N CYS A 56 0.74 -7.95 -9.30
CA CYS A 56 1.72 -7.14 -8.58
C CYS A 56 2.32 -7.92 -7.42
N VAL A 57 3.17 -7.25 -6.63
CA VAL A 57 3.81 -7.88 -5.50
C VAL A 57 3.76 -6.99 -4.25
N LEU A 58 2.56 -6.64 -3.82
CA LEU A 58 2.38 -5.79 -2.65
C LEU A 58 1.74 -6.56 -1.51
N PRO A 59 1.77 -5.99 -0.29
CA PRO A 59 2.39 -4.68 -0.05
C PRO A 59 3.91 -4.72 -0.20
N PHE A 60 4.43 -3.80 -0.99
CA PHE A 60 5.88 -3.72 -1.23
C PHE A 60 6.46 -2.46 -0.60
N THR A 61 7.74 -2.21 -0.87
CA THR A 61 8.41 -1.03 -0.33
C THR A 61 9.09 -0.24 -1.45
N TYR A 62 8.85 1.07 -1.47
CA TYR A 62 9.45 1.92 -2.49
C TYR A 62 9.72 3.31 -1.94
N ASN A 63 10.95 3.80 -2.17
CA ASN A 63 11.35 5.11 -1.70
C ASN A 63 11.52 5.14 -0.18
N GLY A 64 11.32 3.99 0.46
CA GLY A 64 11.46 3.92 1.89
C GLY A 64 10.14 3.65 2.60
N ARG A 65 9.04 3.85 1.89
CA ARG A 65 7.71 3.62 2.47
C ARG A 65 7.13 2.31 1.96
N THR A 66 5.82 2.14 2.15
CA THR A 66 5.16 0.91 1.71
C THR A 66 3.76 1.19 1.16
N PHE A 67 3.38 0.41 0.14
CA PHE A 67 2.07 0.55 -0.48
C PHE A 67 1.49 -0.82 -0.81
N TYR A 68 0.25 -1.07 -0.38
CA TYR A 68 -0.40 -2.34 -0.65
C TYR A 68 -0.95 -2.39 -2.07
N SER A 69 -0.69 -1.33 -2.84
CA SER A 69 -1.18 -1.26 -4.21
C SER A 69 -0.27 -0.40 -5.08
N CYS A 70 -0.81 0.08 -6.19
CA CYS A 70 -0.08 0.92 -7.13
C CYS A 70 0.28 2.27 -6.51
N THR A 71 0.93 3.11 -7.30
CA THR A 71 1.34 4.44 -6.84
C THR A 71 2.02 5.21 -7.94
N THR A 72 2.20 6.51 -7.73
CA THR A 72 2.85 7.38 -8.72
C THR A 72 4.03 8.11 -8.11
N GLU A 73 4.63 7.52 -7.08
CA GLU A 73 5.78 8.12 -6.39
C GLU A 73 7.09 7.74 -7.08
N GLY A 74 6.98 7.09 -8.23
CA GLY A 74 8.18 6.69 -8.96
C GLY A 74 8.34 7.43 -10.27
N ARG A 75 7.27 8.08 -10.71
CA ARG A 75 7.30 8.84 -11.97
C ARG A 75 6.93 10.29 -11.75
N GLN A 76 6.73 11.02 -12.84
CA GLN A 76 6.36 12.43 -12.78
C GLN A 76 5.25 12.74 -13.77
N ASP A 77 4.67 11.69 -14.34
CA ASP A 77 3.60 11.85 -15.31
C ASP A 77 2.23 11.83 -14.62
N GLY A 78 1.96 10.75 -13.91
CA GLY A 78 0.69 10.63 -13.20
C GLY A 78 -0.02 9.32 -13.46
N HIS A 79 0.74 8.28 -13.76
CA HIS A 79 0.16 6.96 -14.02
C HIS A 79 0.49 5.99 -12.91
N LEU A 80 -0.54 5.46 -12.26
CA LEU A 80 -0.36 4.50 -11.18
C LEU A 80 0.34 3.25 -11.67
N TRP A 81 1.44 2.90 -11.01
CA TRP A 81 2.21 1.71 -11.38
C TRP A 81 2.43 0.82 -10.16
N CYS A 82 2.42 -0.48 -10.38
CA CYS A 82 2.62 -1.44 -9.29
C CYS A 82 3.85 -2.31 -9.56
N SER A 83 4.45 -2.82 -8.49
CA SER A 83 5.63 -3.66 -8.61
C SER A 83 5.25 -5.14 -8.68
N THR A 84 5.68 -5.80 -9.74
CA THR A 84 5.38 -7.21 -9.93
C THR A 84 6.43 -8.09 -9.24
N THR A 85 7.47 -7.45 -8.72
CA THR A 85 8.55 -8.15 -8.03
C THR A 85 8.99 -7.39 -6.79
N SER A 86 8.89 -8.05 -5.63
CA SER A 86 9.27 -7.42 -4.38
C SER A 86 10.50 -6.54 -4.56
N ASN A 87 11.39 -6.96 -5.47
CA ASN A 87 12.60 -6.21 -5.74
C ASN A 87 12.49 -5.49 -7.08
N TYR A 88 11.66 -4.44 -7.12
CA TYR A 88 11.46 -3.66 -8.33
C TYR A 88 12.69 -2.81 -8.61
N GLU A 89 13.51 -2.62 -7.59
CA GLU A 89 14.73 -1.82 -7.73
C GLU A 89 15.82 -2.62 -8.43
N GLN A 90 15.54 -3.89 -8.71
CA GLN A 90 16.50 -4.76 -9.37
C GLN A 90 15.92 -5.33 -10.66
N ASP A 91 14.69 -5.80 -10.57
CA ASP A 91 14.00 -6.38 -11.73
C ASP A 91 13.51 -5.28 -12.67
N GLN A 92 12.98 -4.21 -12.09
CA GLN A 92 12.46 -3.09 -12.86
C GLN A 92 11.15 -3.44 -13.55
N LYS A 93 10.42 -4.39 -12.95
CA LYS A 93 9.13 -4.81 -13.50
C LYS A 93 7.98 -4.12 -12.79
N TYR A 94 7.24 -3.30 -13.52
CA TYR A 94 6.11 -2.57 -12.96
C TYR A 94 4.89 -2.64 -13.88
N SER A 95 3.71 -2.38 -13.32
CA SER A 95 2.48 -2.42 -14.10
C SER A 95 1.60 -1.22 -13.76
N PHE A 96 1.07 -0.57 -14.79
CA PHE A 96 0.22 0.59 -14.61
C PHE A 96 -1.07 0.20 -13.87
N CYS A 97 -1.93 1.18 -13.64
CA CYS A 97 -3.19 0.94 -12.96
C CYS A 97 -4.23 2.01 -13.30
N THR A 98 -5.50 1.63 -13.24
CA THR A 98 -6.59 2.56 -13.54
C THR A 98 -6.80 3.56 -12.42
N ASP A 99 -7.71 3.23 -11.50
CA ASP A 99 -8.01 4.10 -10.37
C ASP A 99 -8.91 5.25 -10.78
N HIS A 100 -8.45 6.04 -11.75
CA HIS A 100 -9.22 7.18 -12.24
C HIS A 100 -9.32 8.27 -11.17
N THR A 101 -9.35 9.52 -11.62
CA THR A 101 -9.45 10.65 -10.70
C THR A 101 -10.89 11.10 -10.53
N TYR A 1 -0.42 5.52 27.31
CA TYR A 1 -0.09 6.13 26.00
C TYR A 1 -1.33 6.25 25.12
N GLY A 2 -1.17 6.90 23.96
CA GLY A 2 -2.29 7.07 23.06
C GLY A 2 -2.43 5.91 22.09
N HIS A 3 -3.02 4.83 22.56
CA HIS A 3 -3.22 3.65 21.72
C HIS A 3 -4.37 3.86 20.73
N CYS A 4 -4.34 3.09 19.64
CA CYS A 4 -5.38 3.20 18.62
C CYS A 4 -6.09 1.87 18.42
N VAL A 5 -7.42 1.90 18.46
CA VAL A 5 -8.20 0.69 18.28
C VAL A 5 -9.34 0.90 17.29
N THR A 6 -9.70 -0.16 16.58
CA THR A 6 -10.78 -0.10 15.59
C THR A 6 -12.15 -0.19 16.26
N ASP A 7 -13.14 -0.66 15.50
CA ASP A 7 -14.48 -0.80 16.02
C ASP A 7 -14.47 -1.22 17.48
N SER A 8 -13.70 -2.27 17.78
CA SER A 8 -13.58 -2.77 19.14
C SER A 8 -12.98 -4.17 19.16
N GLY A 9 -11.70 -4.26 18.77
CA GLY A 9 -11.03 -5.54 18.75
C GLY A 9 -9.52 -5.39 18.70
N VAL A 10 -9.03 -4.86 17.58
CA VAL A 10 -7.60 -4.67 17.39
C VAL A 10 -7.05 -3.62 18.37
N VAL A 11 -5.78 -3.76 18.71
CA VAL A 11 -5.14 -2.84 19.64
C VAL A 11 -3.89 -2.21 19.03
N TYR A 12 -4.08 -1.15 18.26
CA TYR A 12 -2.97 -0.46 17.61
C TYR A 12 -2.37 0.58 18.54
N SER A 13 -1.25 1.15 18.10
CA SER A 13 -0.57 2.19 18.87
C SER A 13 -0.21 3.37 17.97
N VAL A 14 -0.74 4.54 18.32
CA VAL A 14 -0.50 5.77 17.56
C VAL A 14 0.70 5.66 16.63
N GLY A 15 0.49 5.08 15.45
CA GLY A 15 1.56 4.92 14.49
C GLY A 15 1.54 3.58 13.79
N MET A 16 0.60 2.72 14.17
CA MET A 16 0.49 1.39 13.56
C MET A 16 -0.16 1.48 12.19
N GLN A 17 0.51 0.94 11.18
CA GLN A 17 0.01 0.95 9.81
C GLN A 17 -0.48 -0.44 9.42
N TRP A 18 -1.79 -0.65 9.47
CA TRP A 18 -2.38 -1.92 9.13
C TRP A 18 -3.33 -1.79 7.93
N LEU A 19 -4.00 -2.89 7.60
CA LEU A 19 -4.95 -2.90 6.49
C LEU A 19 -6.23 -3.63 6.89
N LYS A 20 -7.36 -3.06 6.51
CA LYS A 20 -8.66 -3.65 6.84
C LYS A 20 -9.41 -4.05 5.58
N THR A 21 -10.39 -4.93 5.75
CA THR A 21 -11.21 -5.40 4.63
C THR A 21 -12.69 -5.28 4.95
N GLN A 22 -13.45 -4.71 4.00
CA GLN A 22 -14.88 -4.53 4.19
C GLN A 22 -15.68 -5.69 3.58
N GLY A 23 -15.06 -6.86 3.54
CA GLY A 23 -15.72 -8.03 2.98
C GLY A 23 -14.91 -8.69 1.88
N ASN A 24 -15.13 -8.26 0.64
CA ASN A 24 -14.41 -8.83 -0.50
C ASN A 24 -13.51 -7.79 -1.16
N LYS A 25 -13.51 -6.57 -0.61
CA LYS A 25 -12.69 -5.49 -1.15
C LYS A 25 -11.40 -5.34 -0.35
N GLN A 26 -10.85 -4.13 -0.35
CA GLN A 26 -9.62 -3.86 0.39
C GLN A 26 -9.61 -2.43 0.91
N MET A 27 -8.88 -2.22 2.01
CA MET A 27 -8.79 -0.89 2.62
C MET A 27 -7.67 -0.84 3.63
N LEU A 28 -6.70 0.04 3.41
CA LEU A 28 -5.57 0.20 4.31
C LEU A 28 -5.91 1.23 5.39
N CYS A 29 -5.86 0.82 6.65
CA CYS A 29 -6.18 1.72 7.75
C CYS A 29 -4.99 1.94 8.66
N THR A 30 -4.82 3.20 9.07
CA THR A 30 -3.72 3.58 9.95
C THR A 30 -4.21 4.51 11.05
N CYS A 31 -3.56 4.45 12.21
CA CYS A 31 -3.93 5.29 13.34
C CYS A 31 -2.89 6.38 13.56
N LEU A 32 -3.21 7.59 13.12
CA LEU A 32 -2.31 8.72 13.27
C LEU A 32 -2.43 9.31 14.67
N GLY A 33 -2.03 10.56 14.84
CA GLY A 33 -2.09 11.19 16.15
C GLY A 33 -3.47 11.71 16.51
N ASN A 34 -4.19 12.24 15.53
CA ASN A 34 -5.52 12.79 15.78
C ASN A 34 -6.59 11.71 15.76
N GLY A 35 -6.30 10.60 15.08
CA GLY A 35 -7.27 9.51 15.01
C GLY A 35 -6.82 8.39 14.09
N VAL A 36 -7.80 7.68 13.53
CA VAL A 36 -7.50 6.56 12.63
C VAL A 36 -8.15 6.77 11.27
N SER A 37 -7.33 6.75 10.22
CA SER A 37 -7.81 6.94 8.86
C SER A 37 -7.31 5.82 7.95
N CYS A 38 -8.15 5.41 7.02
CA CYS A 38 -7.79 4.34 6.09
C CYS A 38 -7.98 4.79 4.64
N GLN A 39 -7.51 3.97 3.71
CA GLN A 39 -7.62 4.29 2.29
C GLN A 39 -8.46 3.27 1.55
N GLU A 40 -9.60 3.73 1.02
CA GLU A 40 -10.51 2.86 0.30
C GLU A 40 -9.78 2.12 -0.82
N THR A 41 -9.34 0.91 -0.52
CA THR A 41 -8.63 0.09 -1.50
C THR A 41 -7.19 0.53 -1.67
N ALA A 42 -6.99 1.83 -1.89
CA ALA A 42 -5.66 2.38 -2.08
C ALA A 42 -5.08 1.97 -3.43
N VAL A 43 -5.07 2.91 -4.38
CA VAL A 43 -4.54 2.64 -5.71
C VAL A 43 -3.53 3.70 -6.13
N THR A 44 -3.14 3.68 -7.40
CA THR A 44 -2.19 4.65 -7.92
C THR A 44 -1.70 4.25 -9.31
N GLN A 45 -1.06 5.18 -10.00
CA GLN A 45 -0.54 4.92 -11.34
C GLN A 45 0.98 4.78 -11.32
N THR A 46 1.58 4.76 -12.51
CA THR A 46 3.03 4.64 -12.63
C THR A 46 3.55 5.43 -13.83
N TYR A 47 4.84 5.77 -13.79
CA TYR A 47 5.46 6.51 -14.88
C TYR A 47 6.97 6.66 -14.67
N GLY A 48 7.73 6.13 -15.62
CA GLY A 48 9.19 6.20 -15.52
C GLY A 48 9.76 5.14 -14.61
N GLY A 49 10.22 5.55 -13.44
CA GLY A 49 10.80 4.61 -12.50
C GLY A 49 11.90 3.77 -13.11
N ASN A 50 11.79 2.46 -12.98
CA ASN A 50 12.80 1.55 -13.51
C ASN A 50 12.19 0.64 -14.57
N SER A 51 10.92 0.29 -14.38
CA SER A 51 10.21 -0.58 -15.31
C SER A 51 9.09 0.18 -16.02
N ASN A 52 9.39 1.40 -16.44
CA ASN A 52 8.41 2.23 -17.13
C ASN A 52 7.07 2.19 -16.41
N GLY A 53 7.10 1.91 -15.11
CA GLY A 53 5.88 1.84 -14.34
C GLY A 53 5.07 0.60 -14.62
N GLU A 54 5.65 -0.56 -14.31
CA GLU A 54 4.97 -1.84 -14.53
C GLU A 54 4.08 -2.19 -13.34
N PRO A 55 3.17 -3.16 -13.54
CA PRO A 55 2.25 -3.60 -12.48
C PRO A 55 2.96 -3.83 -11.16
N CYS A 56 2.62 -3.01 -10.16
CA CYS A 56 3.22 -3.13 -8.85
C CYS A 56 2.99 -4.51 -8.25
N VAL A 57 3.37 -4.68 -6.99
CA VAL A 57 3.22 -5.97 -6.32
C VAL A 57 3.05 -5.77 -4.81
N LEU A 58 2.04 -5.00 -4.42
CA LEU A 58 1.78 -4.74 -3.01
C LEU A 58 0.61 -5.58 -2.51
N PRO A 59 0.48 -5.72 -1.19
CA PRO A 59 1.41 -5.10 -0.23
C PRO A 59 2.71 -5.86 -0.11
N PHE A 60 3.84 -5.15 -0.26
CA PHE A 60 5.15 -5.78 -0.16
C PHE A 60 5.84 -5.36 1.13
N THR A 61 7.07 -5.85 1.32
CA THR A 61 7.84 -5.52 2.51
C THR A 61 9.14 -4.81 2.12
N TYR A 62 9.44 -3.72 2.84
CA TYR A 62 10.64 -2.95 2.55
C TYR A 62 11.29 -2.45 3.84
N ASN A 63 12.53 -2.88 4.07
CA ASN A 63 13.27 -2.48 5.26
C ASN A 63 12.67 -3.07 6.52
N GLY A 64 11.67 -3.94 6.35
CA GLY A 64 11.03 -4.57 7.48
C GLY A 64 9.57 -4.17 7.65
N ARG A 65 9.17 -3.11 6.96
CA ARG A 65 7.79 -2.65 7.05
C ARG A 65 6.98 -3.17 5.87
N THR A 66 5.81 -2.58 5.64
CA THR A 66 4.96 -3.02 4.54
C THR A 66 4.33 -1.83 3.82
N PHE A 67 3.92 -2.06 2.57
CA PHE A 67 3.29 -1.01 1.77
C PHE A 67 2.27 -1.59 0.80
N TYR A 68 0.99 -1.28 1.02
CA TYR A 68 -0.06 -1.77 0.15
C TYR A 68 -0.14 -0.93 -1.13
N SER A 69 0.80 0.02 -1.26
CA SER A 69 0.86 0.89 -2.42
C SER A 69 2.26 1.48 -2.59
N CYS A 70 2.39 2.44 -3.49
CA CYS A 70 3.68 3.08 -3.73
C CYS A 70 4.15 3.86 -2.51
N THR A 71 5.42 4.24 -2.51
CA THR A 71 5.99 4.98 -1.39
C THR A 71 7.36 5.57 -1.74
N THR A 72 7.76 6.61 -1.04
CA THR A 72 9.04 7.26 -1.27
C THR A 72 9.95 7.09 -0.06
N GLU A 73 10.27 5.85 0.29
CA GLU A 73 11.11 5.55 1.43
C GLU A 73 12.56 5.28 1.02
N GLY A 74 12.72 4.50 -0.05
CA GLY A 74 14.06 4.17 -0.52
C GLY A 74 14.59 5.17 -1.53
N ARG A 75 14.22 6.44 -1.37
CA ARG A 75 14.68 7.48 -2.28
C ARG A 75 14.57 8.86 -1.64
N GLN A 76 15.40 9.78 -2.10
CA GLN A 76 15.40 11.15 -1.57
C GLN A 76 14.88 12.12 -2.63
N ASP A 77 14.27 11.58 -3.68
CA ASP A 77 13.72 12.40 -4.75
C ASP A 77 12.32 12.87 -4.39
N GLY A 78 11.44 11.91 -4.14
CA GLY A 78 10.07 12.24 -3.78
C GLY A 78 9.05 11.59 -4.69
N HIS A 79 9.52 10.84 -5.68
CA HIS A 79 8.62 10.17 -6.62
C HIS A 79 8.22 8.80 -6.08
N LEU A 80 6.93 8.62 -5.86
CA LEU A 80 6.41 7.35 -5.35
C LEU A 80 6.88 6.20 -6.22
N TRP A 81 7.20 5.07 -5.59
CA TRP A 81 7.67 3.90 -6.30
C TRP A 81 7.07 2.63 -5.72
N CYS A 82 6.96 1.60 -6.54
CA CYS A 82 6.41 0.33 -6.11
C CYS A 82 7.25 -0.82 -6.66
N SER A 83 6.93 -2.05 -6.25
CA SER A 83 7.66 -3.22 -6.72
C SER A 83 6.85 -3.98 -7.76
N THR A 84 7.47 -4.21 -8.92
CA THR A 84 6.80 -4.92 -10.01
C THR A 84 6.67 -6.41 -9.72
N THR A 85 7.27 -6.85 -8.62
CA THR A 85 7.20 -8.26 -8.24
C THR A 85 7.54 -8.45 -6.76
N SER A 86 6.94 -9.45 -6.14
CA SER A 86 7.18 -9.74 -4.73
C SER A 86 8.66 -9.77 -4.41
N ASN A 87 9.42 -10.56 -5.17
CA ASN A 87 10.85 -10.70 -4.97
C ASN A 87 11.58 -9.45 -5.47
N TYR A 88 11.31 -8.31 -4.87
CA TYR A 88 11.97 -7.07 -5.26
C TYR A 88 13.40 -7.05 -4.74
N GLU A 89 13.62 -7.75 -3.64
CA GLU A 89 14.94 -7.82 -3.04
C GLU A 89 15.89 -8.65 -3.90
N GLN A 90 15.34 -9.36 -4.87
CA GLN A 90 16.13 -10.19 -5.77
C GLN A 90 16.19 -9.58 -7.17
N ASP A 91 15.03 -9.16 -7.67
CA ASP A 91 14.95 -8.56 -8.99
C ASP A 91 15.32 -7.09 -8.95
N GLN A 92 15.12 -6.46 -7.79
CA GLN A 92 15.42 -5.05 -7.62
C GLN A 92 14.83 -4.21 -8.75
N LYS A 93 13.54 -4.39 -8.98
CA LYS A 93 12.84 -3.65 -10.03
C LYS A 93 11.58 -3.01 -9.47
N TYR A 94 11.54 -1.68 -9.50
CA TYR A 94 10.41 -0.93 -8.98
C TYR A 94 9.74 -0.10 -10.06
N SER A 95 8.61 0.51 -9.71
CA SER A 95 7.86 1.35 -10.64
C SER A 95 7.37 2.60 -9.92
N PHE A 96 7.46 3.74 -10.60
CA PHE A 96 7.04 5.00 -10.01
C PHE A 96 5.52 5.12 -9.93
N CYS A 97 5.06 6.26 -9.41
CA CYS A 97 3.63 6.51 -9.25
C CYS A 97 3.37 8.01 -9.17
N THR A 98 2.42 8.49 -9.95
CA THR A 98 2.08 9.90 -9.97
C THR A 98 1.09 10.24 -8.85
N ASP A 99 0.14 9.35 -8.62
CA ASP A 99 -0.86 9.56 -7.57
C ASP A 99 -1.80 10.70 -7.95
N HIS A 100 -1.23 11.89 -8.12
CA HIS A 100 -2.01 13.07 -8.49
C HIS A 100 -1.20 13.99 -9.39
N THR A 101 -0.34 14.81 -8.77
CA THR A 101 0.49 15.75 -9.51
C THR A 101 1.96 15.40 -9.36
N TYR A 1 5.85 2.11 22.94
CA TYR A 1 5.07 2.43 24.16
C TYR A 1 3.68 2.95 23.81
N GLY A 2 3.60 3.73 22.73
CA GLY A 2 2.33 4.28 22.30
C GLY A 2 1.57 3.34 21.38
N HIS A 3 0.65 2.58 21.95
CA HIS A 3 -0.15 1.63 21.17
C HIS A 3 -1.22 2.36 20.36
N CYS A 4 -1.64 1.75 19.26
CA CYS A 4 -2.66 2.33 18.39
C CYS A 4 -3.95 1.53 18.46
N VAL A 5 -5.04 2.19 18.84
CA VAL A 5 -6.33 1.53 18.95
C VAL A 5 -7.38 2.21 18.05
N THR A 6 -8.19 1.41 17.38
CA THR A 6 -9.22 1.93 16.49
C THR A 6 -10.39 2.49 17.29
N ASP A 7 -11.30 1.59 17.69
CA ASP A 7 -12.47 1.98 18.45
C ASP A 7 -12.45 1.34 19.84
N SER A 8 -12.07 0.08 19.88
CA SER A 8 -11.99 -0.66 21.14
C SER A 8 -12.04 -2.16 20.90
N GLY A 9 -11.23 -2.63 19.95
CA GLY A 9 -11.19 -4.05 19.63
C GLY A 9 -9.82 -4.52 19.21
N VAL A 10 -9.13 -3.70 18.42
CA VAL A 10 -7.80 -4.04 17.95
C VAL A 10 -6.75 -3.06 18.49
N VAL A 11 -6.10 -3.46 19.58
CA VAL A 11 -5.08 -2.62 20.19
C VAL A 11 -3.74 -2.78 19.49
N TYR A 12 -3.56 -2.03 18.40
CA TYR A 12 -2.32 -2.08 17.63
C TYR A 12 -1.16 -1.47 18.41
N SER A 13 -0.04 -1.31 17.73
CA SER A 13 1.16 -0.73 18.32
C SER A 13 1.84 0.22 17.34
N VAL A 14 2.43 1.29 17.87
CA VAL A 14 3.11 2.28 17.04
C VAL A 14 3.93 1.63 15.93
N GLY A 15 3.29 1.37 14.80
CA GLY A 15 3.98 0.77 13.67
C GLY A 15 3.49 -0.63 13.33
N MET A 16 2.21 -0.88 13.56
CA MET A 16 1.63 -2.19 13.26
C MET A 16 0.72 -2.10 12.04
N GLN A 17 1.23 -1.48 10.98
CA GLN A 17 0.48 -1.31 9.74
C GLN A 17 -0.53 -2.43 9.53
N TRP A 18 -1.77 -2.06 9.25
CA TRP A 18 -2.84 -3.01 9.01
C TRP A 18 -3.77 -2.53 7.91
N LEU A 19 -4.83 -3.28 7.67
CA LEU A 19 -5.79 -2.91 6.62
C LEU A 19 -7.21 -3.28 7.02
N LYS A 20 -8.14 -2.35 6.79
CA LYS A 20 -9.53 -2.57 7.11
C LYS A 20 -10.38 -2.69 5.85
N THR A 21 -11.59 -3.19 5.99
CA THR A 21 -12.50 -3.36 4.86
C THR A 21 -13.90 -2.89 5.19
N GLN A 22 -14.49 -2.12 4.30
CA GLN A 22 -15.84 -1.61 4.50
C GLN A 22 -16.89 -2.58 3.97
N GLY A 23 -16.44 -3.76 3.55
CA GLY A 23 -17.34 -4.77 3.02
C GLY A 23 -17.18 -4.96 1.53
N ASN A 24 -17.24 -3.87 0.78
CA ASN A 24 -17.11 -3.93 -0.67
C ASN A 24 -15.99 -3.00 -1.15
N LYS A 25 -15.26 -2.41 -0.21
CA LYS A 25 -14.17 -1.50 -0.55
C LYS A 25 -12.87 -1.95 0.12
N GLN A 26 -11.84 -1.12 0.02
CA GLN A 26 -10.54 -1.44 0.61
C GLN A 26 -9.94 -0.21 1.28
N MET A 27 -9.63 -0.32 2.57
CA MET A 27 -9.05 0.79 3.31
C MET A 27 -7.87 0.31 4.16
N LEU A 28 -6.71 0.92 3.95
CA LEU A 28 -5.51 0.55 4.69
C LEU A 28 -5.29 1.53 5.85
N CYS A 29 -5.21 0.99 7.07
CA CYS A 29 -5.01 1.83 8.24
C CYS A 29 -3.63 1.60 8.86
N THR A 30 -2.97 2.69 9.26
CA THR A 30 -1.66 2.60 9.88
C THR A 30 -1.53 3.60 11.03
N CYS A 31 -0.76 3.21 12.04
CA CYS A 31 -0.55 4.06 13.19
C CYS A 31 0.92 4.47 13.28
N LEU A 32 1.19 5.72 12.95
CA LEU A 32 2.56 6.24 12.97
C LEU A 32 2.99 6.59 14.39
N GLY A 33 2.82 7.84 14.77
CA GLY A 33 3.21 8.27 16.11
C GLY A 33 2.25 9.26 16.72
N ASN A 34 1.82 10.24 15.91
CA ASN A 34 0.88 11.25 16.38
C ASN A 34 -0.53 10.70 16.45
N GLY A 35 -0.82 9.72 15.58
CA GLY A 35 -2.15 9.13 15.57
C GLY A 35 -2.22 7.90 14.67
N VAL A 36 -3.24 7.86 13.82
CA VAL A 36 -3.42 6.74 12.90
C VAL A 36 -3.99 7.22 11.57
N SER A 37 -3.24 7.00 10.50
CA SER A 37 -3.66 7.40 9.16
C SER A 37 -4.00 6.19 8.31
N CYS A 38 -4.96 6.35 7.41
CA CYS A 38 -5.38 5.26 6.54
C CYS A 38 -5.60 5.75 5.10
N GLN A 39 -5.87 4.82 4.20
CA GLN A 39 -6.10 5.15 2.80
C GLN A 39 -7.47 4.63 2.34
N GLU A 40 -8.35 5.55 1.97
CA GLU A 40 -9.69 5.19 1.53
C GLU A 40 -9.65 4.56 0.13
N THR A 41 -10.10 3.32 0.04
CA THR A 41 -10.12 2.59 -1.23
C THR A 41 -8.77 1.95 -1.54
N ALA A 42 -7.72 2.74 -1.42
CA ALA A 42 -6.36 2.24 -1.70
C ALA A 42 -6.16 2.02 -3.19
N VAL A 43 -5.38 1.00 -3.54
CA VAL A 43 -5.12 0.69 -4.94
C VAL A 43 -4.97 1.96 -5.77
N THR A 44 -6.07 2.42 -6.36
CA THR A 44 -6.05 3.63 -7.18
C THR A 44 -5.48 3.33 -8.56
N GLN A 45 -5.95 4.08 -9.56
CA GLN A 45 -5.48 3.91 -10.93
C GLN A 45 -4.05 4.40 -11.09
N THR A 46 -3.40 4.00 -12.18
CA THR A 46 -2.03 4.40 -12.45
C THR A 46 -1.88 4.94 -13.86
N TYR A 47 -0.86 5.78 -14.07
CA TYR A 47 -0.61 6.37 -15.38
C TYR A 47 0.87 6.74 -15.54
N GLY A 48 1.41 6.51 -16.73
CA GLY A 48 2.80 6.82 -16.99
C GLY A 48 3.71 6.31 -15.90
N GLY A 49 4.34 7.22 -15.17
CA GLY A 49 5.24 6.84 -14.11
C GLY A 49 6.52 6.21 -14.64
N ASN A 50 6.79 4.98 -14.23
CA ASN A 50 7.99 4.27 -14.67
C ASN A 50 7.62 2.98 -15.41
N SER A 51 6.34 2.60 -15.33
CA SER A 51 5.87 1.40 -15.99
C SER A 51 4.66 1.70 -16.88
N ASN A 52 4.47 2.98 -17.21
CA ASN A 52 3.36 3.40 -18.04
C ASN A 52 2.03 3.10 -17.37
N GLY A 53 2.08 2.75 -16.09
CA GLY A 53 0.87 2.45 -15.35
C GLY A 53 0.45 1.00 -15.49
N GLU A 54 0.82 0.19 -14.51
CA GLU A 54 0.48 -1.23 -14.53
C GLU A 54 0.10 -1.72 -13.15
N PRO A 55 -0.44 -2.94 -13.05
CA PRO A 55 -0.86 -3.53 -11.77
C PRO A 55 0.29 -3.60 -10.77
N CYS A 56 0.32 -2.65 -9.84
CA CYS A 56 1.37 -2.61 -8.83
C CYS A 56 1.65 -4.00 -8.28
N VAL A 57 2.73 -4.13 -7.51
CA VAL A 57 3.11 -5.40 -6.93
C VAL A 57 3.31 -5.29 -5.42
N LEU A 58 2.21 -5.05 -4.71
CA LEU A 58 2.25 -4.92 -3.26
C LEU A 58 1.60 -6.13 -2.59
N PRO A 59 1.77 -6.27 -1.26
CA PRO A 59 2.55 -5.34 -0.45
C PRO A 59 4.03 -5.35 -0.80
N PHE A 60 4.58 -4.19 -1.14
CA PHE A 60 5.99 -4.09 -1.46
C PHE A 60 6.74 -3.48 -0.29
N THR A 61 8.04 -3.30 -0.44
CA THR A 61 8.85 -2.73 0.64
C THR A 61 9.61 -1.50 0.16
N TYR A 62 9.54 -0.43 0.94
CA TYR A 62 10.22 0.80 0.60
C TYR A 62 10.73 1.50 1.85
N ASN A 63 12.02 1.78 1.89
CA ASN A 63 12.64 2.43 3.03
C ASN A 63 12.65 1.53 4.26
N GLY A 64 12.21 0.28 4.06
CA GLY A 64 12.20 -0.66 5.17
C GLY A 64 10.78 -1.01 5.62
N ARG A 65 9.79 -0.28 5.11
CA ARG A 65 8.41 -0.54 5.47
C ARG A 65 7.68 -1.28 4.36
N THR A 66 6.35 -1.26 4.40
CA THR A 66 5.55 -1.94 3.39
C THR A 66 4.29 -1.14 3.06
N PHE A 67 3.83 -1.27 1.82
CA PHE A 67 2.64 -0.57 1.36
C PHE A 67 1.75 -1.48 0.51
N TYR A 68 0.44 -1.38 0.70
CA TYR A 68 -0.51 -2.21 -0.03
C TYR A 68 -0.92 -1.57 -1.36
N SER A 69 -0.38 -0.39 -1.64
CA SER A 69 -0.71 0.31 -2.88
C SER A 69 0.13 1.56 -3.05
N CYS A 70 -0.27 2.41 -3.99
CA CYS A 70 0.45 3.65 -4.27
C CYS A 70 0.83 4.34 -2.96
N THR A 71 1.62 5.41 -3.08
CA THR A 71 2.05 6.18 -1.91
C THR A 71 3.02 7.26 -2.33
N THR A 72 3.04 8.35 -1.55
CA THR A 72 3.93 9.47 -1.85
C THR A 72 4.97 9.64 -0.74
N GLU A 73 5.73 8.58 -0.49
CA GLU A 73 6.76 8.61 0.54
C GLU A 73 8.14 8.87 -0.06
N GLY A 74 8.43 8.24 -1.18
CA GLY A 74 9.71 8.42 -1.83
C GLY A 74 9.59 8.95 -3.25
N ARG A 75 9.26 10.22 -3.38
CA ARG A 75 9.11 10.84 -4.69
C ARG A 75 9.81 12.20 -4.73
N GLN A 76 10.15 12.65 -5.94
CA GLN A 76 10.83 13.93 -6.12
C GLN A 76 10.01 14.86 -7.03
N ASP A 77 8.70 14.83 -6.87
CA ASP A 77 7.81 15.67 -7.68
C ASP A 77 6.53 15.99 -6.91
N GLY A 78 5.68 15.00 -6.74
CA GLY A 78 4.44 15.19 -6.03
C GLY A 78 3.29 14.37 -6.58
N HIS A 79 3.61 13.21 -7.17
CA HIS A 79 2.59 12.33 -7.73
C HIS A 79 2.62 10.96 -7.07
N LEU A 80 1.44 10.46 -6.70
CA LEU A 80 1.35 9.14 -6.07
C LEU A 80 2.06 8.10 -6.94
N TRP A 81 2.82 7.23 -6.28
CA TRP A 81 3.55 6.18 -7.00
C TRP A 81 3.41 4.82 -6.31
N CYS A 82 3.68 3.77 -7.05
CA CYS A 82 3.60 2.40 -6.53
C CYS A 82 4.66 1.52 -7.18
N SER A 83 4.75 0.27 -6.74
CA SER A 83 5.72 -0.65 -7.30
C SER A 83 5.06 -1.64 -8.26
N THR A 84 5.77 -1.99 -9.32
CA THR A 84 5.26 -2.92 -10.31
C THR A 84 6.09 -4.20 -10.34
N THR A 85 7.30 -4.11 -9.79
CA THR A 85 8.21 -5.25 -9.75
C THR A 85 8.51 -5.64 -8.30
N SER A 86 8.23 -6.90 -7.95
CA SER A 86 8.47 -7.38 -6.60
C SER A 86 9.79 -6.83 -6.05
N ASN A 87 10.77 -6.70 -6.94
CA ASN A 87 12.08 -6.18 -6.55
C ASN A 87 12.27 -4.76 -7.06
N TYR A 88 11.54 -3.82 -6.47
CA TYR A 88 11.64 -2.41 -6.86
C TYR A 88 12.93 -1.80 -6.35
N GLU A 89 13.56 -2.47 -5.40
CA GLU A 89 14.81 -2.00 -4.82
C GLU A 89 15.98 -2.21 -5.79
N GLN A 90 15.74 -3.03 -6.81
CA GLN A 90 16.77 -3.32 -7.80
C GLN A 90 16.28 -2.99 -9.22
N ASP A 91 14.97 -3.07 -9.43
CA ASP A 91 14.39 -2.77 -10.73
C ASP A 91 14.00 -1.30 -10.83
N GLN A 92 13.28 -0.82 -9.82
CA GLN A 92 12.84 0.57 -9.80
C GLN A 92 11.62 0.78 -10.70
N LYS A 93 10.99 -0.32 -11.10
CA LYS A 93 9.81 -0.26 -11.95
C LYS A 93 8.59 0.19 -11.17
N TYR A 94 8.41 1.50 -11.05
CA TYR A 94 7.28 2.06 -10.31
C TYR A 94 6.29 2.72 -11.25
N SER A 95 5.10 2.99 -10.74
CA SER A 95 4.05 3.64 -11.53
C SER A 95 3.34 4.71 -10.71
N PHE A 96 2.78 5.70 -11.38
CA PHE A 96 2.08 6.78 -10.71
C PHE A 96 0.63 6.40 -10.41
N CYS A 97 -0.10 7.31 -9.77
CA CYS A 97 -1.49 7.07 -9.43
C CYS A 97 -2.25 8.40 -9.30
N THR A 98 -3.47 8.43 -9.80
CA THR A 98 -4.29 9.63 -9.75
C THR A 98 -4.72 9.94 -8.32
N ASP A 99 -5.87 9.41 -7.92
CA ASP A 99 -6.40 9.62 -6.58
C ASP A 99 -7.24 10.89 -6.52
N HIS A 100 -6.73 11.97 -7.09
CA HIS A 100 -7.44 13.24 -7.10
C HIS A 100 -7.58 13.77 -8.52
N THR A 101 -6.45 13.96 -9.19
CA THR A 101 -6.45 14.46 -10.56
C THR A 101 -5.32 13.84 -11.37
N TYR A 1 -5.74 7.42 25.60
CA TYR A 1 -6.39 7.19 24.28
C TYR A 1 -5.34 7.00 23.19
N GLY A 2 -4.47 6.02 23.36
CA GLY A 2 -3.44 5.75 22.37
C GLY A 2 -3.72 4.50 21.58
N HIS A 3 -3.66 3.35 22.24
CA HIS A 3 -3.91 2.07 21.58
C HIS A 3 -5.06 2.19 20.58
N CYS A 4 -4.85 1.69 19.38
CA CYS A 4 -5.88 1.75 18.34
C CYS A 4 -6.54 0.37 18.15
N VAL A 5 -7.87 0.35 18.21
CA VAL A 5 -8.61 -0.88 18.05
C VAL A 5 -9.55 -0.82 16.85
N THR A 6 -9.00 -1.14 15.68
CA THR A 6 -9.78 -1.12 14.44
C THR A 6 -11.21 -1.57 14.68
N ASP A 7 -11.39 -2.87 14.96
CA ASP A 7 -12.72 -3.42 15.20
C ASP A 7 -12.86 -3.87 16.65
N SER A 8 -12.59 -5.14 16.91
CA SER A 8 -12.69 -5.69 18.26
C SER A 8 -11.81 -6.92 18.42
N GLY A 9 -10.81 -7.05 17.55
CA GLY A 9 -9.92 -8.19 17.61
C GLY A 9 -8.46 -7.78 17.64
N VAL A 10 -8.13 -6.75 16.87
CA VAL A 10 -6.76 -6.25 16.81
C VAL A 10 -6.57 -5.04 17.72
N VAL A 11 -5.35 -4.87 18.22
CA VAL A 11 -5.06 -3.75 19.12
C VAL A 11 -3.78 -3.03 18.70
N TYR A 12 -3.93 -2.08 17.78
CA TYR A 12 -2.79 -1.30 17.31
C TYR A 12 -2.38 -0.26 18.34
N SER A 13 -1.41 0.58 17.97
CA SER A 13 -0.94 1.62 18.87
C SER A 13 -0.89 2.97 18.17
N VAL A 14 -1.40 3.99 18.86
CA VAL A 14 -1.43 5.35 18.32
C VAL A 14 -0.28 5.63 17.36
N GLY A 15 -0.49 5.31 16.08
CA GLY A 15 0.54 5.54 15.09
C GLY A 15 0.86 4.31 14.25
N MET A 16 0.40 3.15 14.69
CA MET A 16 0.64 1.91 13.97
C MET A 16 -0.38 1.73 12.84
N GLN A 17 0.10 1.80 11.60
CA GLN A 17 -0.77 1.65 10.44
C GLN A 17 -0.88 0.19 10.04
N TRP A 18 -1.96 -0.15 9.34
CA TRP A 18 -2.18 -1.52 8.89
C TRP A 18 -3.01 -1.54 7.62
N LEU A 19 -3.53 -2.72 7.28
CA LEU A 19 -4.33 -2.88 6.08
C LEU A 19 -5.22 -4.11 6.16
N LYS A 20 -6.35 -4.08 5.46
CA LYS A 20 -7.28 -5.18 5.45
C LYS A 20 -8.02 -5.27 4.12
N THR A 21 -8.69 -6.39 3.88
CA THR A 21 -9.42 -6.60 2.64
C THR A 21 -10.91 -6.74 2.91
N GLN A 22 -11.72 -6.31 1.94
CA GLN A 22 -13.17 -6.38 2.07
C GLN A 22 -13.75 -7.36 1.05
N GLY A 23 -13.11 -8.53 0.92
CA GLY A 23 -13.57 -9.53 -0.02
C GLY A 23 -12.62 -9.70 -1.18
N ASN A 24 -12.73 -8.83 -2.18
CA ASN A 24 -11.87 -8.88 -3.35
C ASN A 24 -11.22 -7.53 -3.61
N LYS A 25 -11.48 -6.56 -2.74
CA LYS A 25 -10.91 -5.23 -2.88
C LYS A 25 -9.73 -5.03 -1.93
N GLN A 26 -9.52 -3.79 -1.48
CA GLN A 26 -8.43 -3.49 -0.57
C GLN A 26 -8.79 -2.30 0.32
N MET A 27 -8.61 -2.48 1.62
CA MET A 27 -8.92 -1.43 2.59
C MET A 27 -7.73 -1.15 3.51
N LEU A 28 -7.21 0.07 3.42
CA LEU A 28 -6.07 0.47 4.25
C LEU A 28 -6.55 1.28 5.44
N CYS A 29 -5.99 1.00 6.62
CA CYS A 29 -6.39 1.72 7.83
C CYS A 29 -5.19 2.11 8.68
N THR A 30 -5.33 3.23 9.38
CA THR A 30 -4.27 3.74 10.25
C THR A 30 -4.86 4.41 11.48
N CYS A 31 -4.07 4.49 12.54
CA CYS A 31 -4.51 5.12 13.76
C CYS A 31 -3.59 6.27 14.14
N LEU A 32 -4.09 7.48 13.94
CA LEU A 32 -3.34 8.69 14.23
C LEU A 32 -3.33 8.99 15.73
N GLY A 33 -4.35 9.71 16.18
CA GLY A 33 -4.45 10.05 17.59
C GLY A 33 -5.85 10.48 17.98
N ASN A 34 -6.52 11.17 17.08
CA ASN A 34 -7.88 11.63 17.32
C ASN A 34 -8.90 10.65 16.76
N GLY A 35 -8.42 9.66 16.01
CA GLY A 35 -9.30 8.67 15.43
C GLY A 35 -8.64 7.83 14.37
N VAL A 36 -9.04 6.57 14.30
CA VAL A 36 -8.49 5.64 13.33
C VAL A 36 -9.17 5.80 11.98
N SER A 37 -8.38 6.20 10.98
CA SER A 37 -8.90 6.41 9.63
C SER A 37 -8.42 5.29 8.71
N CYS A 38 -9.19 5.04 7.65
CA CYS A 38 -8.85 4.00 6.68
C CYS A 38 -9.44 4.32 5.31
N GLN A 39 -8.75 3.89 4.26
CA GLN A 39 -9.21 4.13 2.90
C GLN A 39 -9.87 2.88 2.32
N GLU A 40 -11.18 2.94 2.15
CA GLU A 40 -11.93 1.81 1.60
C GLU A 40 -11.70 1.66 0.11
N THR A 41 -11.37 0.45 -0.32
CA THR A 41 -11.13 0.16 -1.73
C THR A 41 -9.66 0.39 -2.09
N ALA A 42 -9.11 1.51 -1.62
CA ALA A 42 -7.72 1.85 -1.89
C ALA A 42 -7.41 1.77 -3.38
N VAL A 43 -6.95 0.62 -3.84
CA VAL A 43 -6.61 0.42 -5.24
C VAL A 43 -5.86 1.63 -5.79
N THR A 44 -5.63 1.62 -7.11
CA THR A 44 -4.90 2.70 -7.76
C THR A 44 -4.79 2.47 -9.27
N GLN A 45 -4.28 3.46 -9.97
CA GLN A 45 -4.13 3.37 -11.42
C GLN A 45 -2.85 2.63 -11.79
N THR A 46 -2.72 2.28 -13.07
CA THR A 46 -1.55 1.57 -13.56
C THR A 46 -1.44 1.68 -15.07
N TYR A 47 -0.33 2.26 -15.54
CA TYR A 47 -0.12 2.43 -16.98
C TYR A 47 1.28 1.96 -17.39
N GLY A 48 1.33 1.04 -18.33
CA GLY A 48 2.61 0.53 -18.81
C GLY A 48 3.61 0.33 -17.68
N GLY A 49 4.82 0.86 -17.87
CA GLY A 49 5.85 0.72 -16.86
C GLY A 49 6.79 -0.41 -17.17
N ASN A 50 6.74 -1.47 -16.37
CA ASN A 50 7.59 -2.63 -16.56
C ASN A 50 6.78 -3.78 -17.14
N SER A 51 5.46 -3.69 -17.05
CA SER A 51 4.58 -4.72 -17.56
C SER A 51 3.68 -4.17 -18.66
N ASN A 52 2.47 -3.75 -18.29
CA ASN A 52 1.53 -3.20 -19.26
C ASN A 52 0.34 -2.56 -18.52
N GLY A 53 0.58 -2.10 -17.30
CA GLY A 53 -0.46 -1.48 -16.53
C GLY A 53 -1.39 -2.50 -15.89
N GLU A 54 -0.86 -3.69 -15.61
CA GLU A 54 -1.65 -4.75 -15.00
C GLU A 54 -1.97 -4.43 -13.55
N PRO A 55 -2.99 -5.10 -12.99
CA PRO A 55 -3.42 -4.88 -11.61
C PRO A 55 -2.28 -5.11 -10.61
N CYS A 56 -2.19 -4.24 -9.62
CA CYS A 56 -1.15 -4.35 -8.60
C CYS A 56 -1.29 -5.63 -7.80
N VAL A 57 -0.50 -5.76 -6.74
CA VAL A 57 -0.53 -6.95 -5.90
C VAL A 57 0.07 -6.67 -4.53
N LEU A 58 -0.42 -5.66 -3.84
CA LEU A 58 0.08 -5.32 -2.51
C LEU A 58 -0.76 -5.95 -1.42
N PRO A 59 -0.20 -6.05 -0.20
CA PRO A 59 1.14 -5.57 0.10
C PRO A 59 2.23 -6.42 -0.55
N PHE A 60 3.22 -5.76 -1.12
CA PHE A 60 4.33 -6.44 -1.77
C PHE A 60 5.64 -6.10 -1.06
N THR A 61 6.72 -6.73 -1.48
CA THR A 61 8.03 -6.48 -0.88
C THR A 61 9.04 -6.02 -1.92
N TYR A 62 9.65 -4.87 -1.67
CA TYR A 62 10.64 -4.31 -2.59
C TYR A 62 11.76 -3.64 -1.83
N ASN A 63 12.99 -3.94 -2.22
CA ASN A 63 14.16 -3.35 -1.57
C ASN A 63 14.30 -3.85 -0.14
N GLY A 64 13.46 -4.81 0.24
CA GLY A 64 13.51 -5.35 1.58
C GLY A 64 12.38 -4.85 2.46
N ARG A 65 11.58 -3.93 1.95
CA ARG A 65 10.46 -3.37 2.71
C ARG A 65 9.13 -3.85 2.14
N THR A 66 8.06 -3.15 2.52
CA THR A 66 6.72 -3.50 2.05
C THR A 66 5.87 -2.26 1.79
N PHE A 67 4.99 -2.35 0.81
CA PHE A 67 4.13 -1.23 0.45
C PHE A 67 2.68 -1.69 0.24
N TYR A 68 1.74 -0.88 0.70
CA TYR A 68 0.32 -1.21 0.58
C TYR A 68 -0.28 -0.56 -0.66
N SER A 69 0.57 -0.07 -1.55
CA SER A 69 0.10 0.59 -2.77
C SER A 69 1.26 1.07 -3.63
N CYS A 70 0.97 2.07 -4.47
CA CYS A 70 1.96 2.64 -5.36
C CYS A 70 3.11 3.26 -4.56
N THR A 71 4.24 3.49 -5.24
CA THR A 71 5.40 4.08 -4.56
C THR A 71 6.52 4.40 -5.56
N THR A 72 7.44 5.26 -5.14
CA THR A 72 8.57 5.65 -5.99
C THR A 72 9.89 5.43 -5.25
N GLU A 73 10.29 4.17 -5.11
CA GLU A 73 11.54 3.83 -4.41
C GLU A 73 12.44 2.97 -5.28
N GLY A 74 12.14 2.92 -6.57
CA GLY A 74 12.93 2.14 -7.49
C GLY A 74 12.31 2.07 -8.86
N ARG A 75 12.29 3.21 -9.55
CA ARG A 75 11.72 3.28 -10.90
C ARG A 75 12.76 3.77 -11.90
N GLN A 76 12.34 3.94 -13.15
CA GLN A 76 13.24 4.40 -14.20
C GLN A 76 13.30 5.92 -14.25
N ASP A 77 12.94 6.57 -13.15
CA ASP A 77 12.96 8.02 -13.08
C ASP A 77 12.36 8.51 -11.75
N GLY A 78 11.05 8.49 -11.67
CA GLY A 78 10.37 8.93 -10.46
C GLY A 78 8.87 8.87 -10.59
N HIS A 79 8.38 7.90 -11.36
CA HIS A 79 6.95 7.73 -11.56
C HIS A 79 6.39 6.63 -10.66
N LEU A 80 5.37 6.97 -9.89
CA LEU A 80 4.74 6.03 -8.98
C LEU A 80 4.63 4.66 -9.64
N TRP A 81 5.03 3.62 -8.92
CA TRP A 81 4.97 2.26 -9.44
C TRP A 81 4.55 1.27 -8.36
N CYS A 82 3.84 0.23 -8.78
CA CYS A 82 3.38 -0.81 -7.87
C CYS A 82 3.84 -2.18 -8.34
N SER A 83 3.41 -3.23 -7.65
CA SER A 83 3.81 -4.58 -8.01
C SER A 83 2.62 -5.39 -8.54
N THR A 84 2.82 -6.06 -9.66
CA THR A 84 1.77 -6.87 -10.26
C THR A 84 1.84 -8.31 -9.75
N THR A 85 3.04 -8.72 -9.35
CA THR A 85 3.25 -10.08 -8.84
C THR A 85 3.79 -10.03 -7.41
N SER A 86 3.21 -10.85 -6.54
CA SER A 86 3.63 -10.89 -5.14
C SER A 86 5.14 -11.06 -5.04
N ASN A 87 5.69 -11.89 -5.92
CA ASN A 87 7.13 -12.15 -5.92
C ASN A 87 7.84 -11.24 -6.93
N TYR A 88 7.98 -9.97 -6.57
CA TYR A 88 8.64 -9.00 -7.44
C TYR A 88 10.14 -9.24 -7.43
N GLU A 89 10.65 -9.76 -6.32
CA GLU A 89 12.07 -10.04 -6.18
C GLU A 89 12.49 -11.13 -7.15
N GLN A 90 11.52 -11.89 -7.64
CA GLN A 90 11.79 -12.96 -8.59
C GLN A 90 11.23 -12.62 -9.97
N ASP A 91 10.01 -12.11 -9.98
CA ASP A 91 9.35 -11.74 -11.23
C ASP A 91 9.84 -10.36 -11.71
N GLN A 92 9.82 -9.39 -10.82
CA GLN A 92 10.28 -8.04 -11.14
C GLN A 92 9.28 -7.36 -12.07
N LYS A 93 8.00 -7.69 -11.93
CA LYS A 93 6.96 -7.10 -12.76
C LYS A 93 6.25 -5.97 -12.02
N TYR A 94 6.55 -4.73 -12.39
CA TYR A 94 5.95 -3.57 -11.76
C TYR A 94 5.23 -2.69 -12.78
N SER A 95 4.35 -1.82 -12.28
CA SER A 95 3.59 -0.91 -13.12
C SER A 95 3.73 0.51 -12.61
N PHE A 96 2.93 1.43 -13.15
CA PHE A 96 2.99 2.82 -12.72
C PHE A 96 1.74 3.20 -11.93
N CYS A 97 1.66 4.46 -11.51
CA CYS A 97 0.53 4.92 -10.72
C CYS A 97 0.35 6.43 -10.77
N THR A 98 -0.42 6.91 -11.73
CA THR A 98 -0.66 8.35 -11.85
C THR A 98 -1.02 8.93 -10.49
N ASP A 99 -1.23 10.25 -10.44
CA ASP A 99 -1.58 10.91 -9.19
C ASP A 99 -2.29 12.24 -9.46
N HIS A 100 -1.78 12.99 -10.43
CA HIS A 100 -2.37 14.28 -10.78
C HIS A 100 -1.75 14.84 -12.05
N THR A 101 -0.71 15.66 -11.90
CA THR A 101 -0.05 16.25 -13.05
C THR A 101 1.12 15.40 -13.52
N TYR A 1 -11.47 14.05 15.40
CA TYR A 1 -12.13 14.27 16.71
C TYR A 1 -12.88 13.03 17.16
N GLY A 2 -12.13 12.02 17.62
CA GLY A 2 -12.74 10.79 18.08
C GLY A 2 -12.03 9.56 17.55
N HIS A 3 -11.97 8.52 18.39
CA HIS A 3 -11.32 7.27 18.00
C HIS A 3 -11.85 6.77 16.66
N CYS A 4 -11.12 5.87 16.04
CA CYS A 4 -11.53 5.31 14.75
C CYS A 4 -11.95 3.85 14.91
N VAL A 5 -13.19 3.55 14.53
CA VAL A 5 -13.71 2.19 14.62
C VAL A 5 -14.09 1.65 13.25
N THR A 6 -13.75 0.39 13.00
CA THR A 6 -14.05 -0.25 11.73
C THR A 6 -15.53 -0.60 11.63
N ASP A 7 -16.08 -1.13 12.71
CA ASP A 7 -17.49 -1.51 12.75
C ASP A 7 -17.91 -1.91 14.17
N SER A 8 -17.16 -2.83 14.75
CA SER A 8 -17.45 -3.31 16.11
C SER A 8 -16.45 -4.39 16.53
N GLY A 9 -15.17 -4.09 16.40
CA GLY A 9 -14.13 -5.04 16.77
C GLY A 9 -12.85 -4.36 17.20
N VAL A 10 -12.31 -3.53 16.33
CA VAL A 10 -11.07 -2.81 16.62
C VAL A 10 -11.32 -1.30 16.71
N VAL A 11 -11.31 -0.78 17.93
CA VAL A 11 -11.53 0.64 18.16
C VAL A 11 -10.23 1.42 18.05
N TYR A 12 -9.80 1.69 16.83
CA TYR A 12 -8.58 2.44 16.58
C TYR A 12 -8.68 3.82 17.21
N SER A 13 -7.59 4.57 17.13
CA SER A 13 -7.55 5.92 17.69
C SER A 13 -7.15 6.94 16.63
N VAL A 14 -7.49 8.20 16.88
CA VAL A 14 -7.17 9.28 15.95
C VAL A 14 -5.74 9.16 15.44
N GLY A 15 -5.57 8.43 14.35
CA GLY A 15 -4.26 8.25 13.76
C GLY A 15 -3.55 7.02 14.27
N MET A 16 -4.18 5.86 14.08
CA MET A 16 -3.61 4.60 14.52
C MET A 16 -3.11 3.80 13.33
N GLN A 17 -3.72 4.05 12.16
CA GLN A 17 -3.34 3.35 10.94
C GLN A 17 -3.47 1.85 11.11
N TRP A 18 -4.09 1.19 10.12
CA TRP A 18 -4.26 -0.25 10.17
C TRP A 18 -4.50 -0.83 8.79
N LEU A 19 -4.71 -2.14 8.73
CA LEU A 19 -4.95 -2.82 7.46
C LEU A 19 -6.27 -3.57 7.47
N LYS A 20 -7.14 -3.24 6.51
CA LYS A 20 -8.44 -3.89 6.41
C LYS A 20 -8.38 -5.06 5.42
N THR A 21 -9.05 -6.15 5.76
CA THR A 21 -9.07 -7.33 4.90
C THR A 21 -10.50 -7.77 4.57
N GLN A 22 -11.42 -7.49 5.48
CA GLN A 22 -12.82 -7.87 5.29
C GLN A 22 -13.52 -6.89 4.36
N GLY A 23 -13.50 -7.20 3.07
CA GLY A 23 -14.14 -6.35 2.09
C GLY A 23 -14.20 -6.99 0.71
N ASN A 24 -13.03 -7.31 0.17
CA ASN A 24 -12.95 -7.94 -1.15
C ASN A 24 -11.68 -8.77 -1.27
N LYS A 25 -10.55 -8.17 -0.93
CA LYS A 25 -9.27 -8.86 -1.00
C LYS A 25 -8.30 -8.33 0.06
N GLN A 26 -7.69 -7.18 -0.23
CA GLN A 26 -6.75 -6.56 0.69
C GLN A 26 -6.81 -5.04 0.57
N MET A 27 -7.08 -4.38 1.69
CA MET A 27 -7.19 -2.92 1.70
C MET A 27 -6.54 -2.33 2.95
N LEU A 28 -5.98 -1.13 2.82
CA LEU A 28 -5.34 -0.46 3.93
C LEU A 28 -6.19 0.71 4.42
N CYS A 29 -6.55 0.67 5.70
CA CYS A 29 -7.39 1.73 6.27
C CYS A 29 -6.60 2.61 7.24
N THR A 30 -7.01 3.87 7.34
CA THR A 30 -6.36 4.82 8.24
C THR A 30 -7.34 5.90 8.69
N CYS A 31 -7.22 6.32 9.95
CA CYS A 31 -8.10 7.34 10.48
C CYS A 31 -7.35 8.66 10.64
N LEU A 32 -7.58 9.56 9.70
CA LEU A 32 -6.91 10.87 9.71
C LEU A 32 -7.59 11.82 10.70
N GLY A 33 -8.50 12.65 10.19
CA GLY A 33 -9.20 13.60 11.03
C GLY A 33 -10.68 13.67 10.72
N ASN A 34 -11.02 13.75 9.45
CA ASN A 34 -12.41 13.82 9.02
C ASN A 34 -13.12 12.51 9.34
N GLY A 35 -12.38 11.42 9.27
CA GLY A 35 -12.94 10.12 9.56
C GLY A 35 -11.94 9.00 9.38
N VAL A 36 -12.14 8.17 8.37
CA VAL A 36 -11.24 7.07 8.09
C VAL A 36 -11.08 6.86 6.58
N SER A 37 -9.85 7.01 6.11
CA SER A 37 -9.55 6.84 4.69
C SER A 37 -8.82 5.52 4.46
N CYS A 38 -9.05 4.91 3.30
CA CYS A 38 -8.41 3.64 2.97
C CYS A 38 -8.20 3.51 1.47
N GLN A 39 -7.79 2.32 1.04
CA GLN A 39 -7.56 2.04 -0.36
C GLN A 39 -7.65 0.55 -0.64
N GLU A 40 -8.67 0.15 -1.40
CA GLU A 40 -8.88 -1.25 -1.73
C GLU A 40 -7.79 -1.75 -2.67
N THR A 41 -6.68 -2.21 -2.09
CA THR A 41 -5.55 -2.73 -2.86
C THR A 41 -4.78 -1.60 -3.55
N ALA A 42 -5.29 -0.39 -3.45
CA ALA A 42 -4.63 0.77 -4.07
C ALA A 42 -4.17 0.41 -5.48
N VAL A 43 -5.07 0.57 -6.44
CA VAL A 43 -4.77 0.27 -7.83
C VAL A 43 -3.36 0.70 -8.20
N THR A 44 -2.98 1.90 -7.80
CA THR A 44 -1.65 2.43 -8.08
C THR A 44 -1.57 2.97 -9.50
N GLN A 45 -0.56 3.79 -9.76
CA GLN A 45 -0.38 4.39 -11.08
C GLN A 45 0.69 3.64 -11.88
N THR A 46 1.95 4.03 -11.69
CA THR A 46 3.05 3.39 -12.40
C THR A 46 3.08 3.82 -13.86
N TYR A 47 4.28 3.94 -14.41
CA TYR A 47 4.44 4.35 -15.80
C TYR A 47 5.48 3.49 -16.51
N GLY A 48 6.52 3.10 -15.80
CA GLY A 48 7.57 2.28 -16.39
C GLY A 48 8.37 1.52 -15.35
N GLY A 49 9.69 1.60 -15.46
CA GLY A 49 10.55 0.90 -14.52
C GLY A 49 11.05 -0.42 -15.06
N ASN A 50 10.77 -1.50 -14.34
CA ASN A 50 11.20 -2.83 -14.74
C ASN A 50 10.03 -3.60 -15.35
N SER A 51 8.83 -3.07 -15.20
CA SER A 51 7.63 -3.72 -15.73
C SER A 51 7.07 -2.95 -16.92
N ASN A 52 7.38 -1.64 -16.97
CA ASN A 52 6.92 -0.77 -18.05
C ASN A 52 5.58 -0.14 -17.72
N GLY A 53 5.10 -0.36 -16.49
CA GLY A 53 3.83 0.20 -16.09
C GLY A 53 2.82 -0.86 -15.69
N GLU A 54 3.20 -2.12 -15.85
CA GLU A 54 2.30 -3.23 -15.50
C GLU A 54 1.72 -3.03 -14.10
N PRO A 55 0.60 -3.71 -13.80
CA PRO A 55 -0.06 -3.62 -12.50
C PRO A 55 0.76 -4.27 -11.39
N CYS A 56 1.26 -3.46 -10.46
CA CYS A 56 2.07 -3.97 -9.36
C CYS A 56 1.27 -4.98 -8.54
N VAL A 57 1.96 -5.64 -7.59
CA VAL A 57 1.33 -6.65 -6.75
C VAL A 57 1.49 -6.33 -5.27
N LEU A 58 0.89 -5.23 -4.83
CA LEU A 58 0.96 -4.83 -3.42
C LEU A 58 -0.31 -5.22 -2.69
N PRO A 59 -0.24 -5.27 -1.35
CA PRO A 59 0.99 -4.97 -0.61
C PRO A 59 2.04 -6.07 -0.76
N PHE A 60 3.26 -5.67 -1.08
CA PHE A 60 4.36 -6.62 -1.25
C PHE A 60 5.34 -6.50 -0.08
N THR A 61 6.35 -7.37 -0.07
CA THR A 61 7.34 -7.36 1.00
C THR A 61 8.74 -7.16 0.42
N TYR A 62 9.39 -6.09 0.85
CA TYR A 62 10.74 -5.78 0.38
C TYR A 62 11.58 -5.19 1.51
N ASN A 63 12.83 -5.64 1.60
CA ASN A 63 13.73 -5.17 2.63
C ASN A 63 13.33 -5.71 4.01
N GLY A 64 12.31 -6.57 4.02
CA GLY A 64 11.86 -7.15 5.28
C GLY A 64 10.55 -6.55 5.76
N ARG A 65 10.12 -5.47 5.11
CA ARG A 65 8.87 -4.81 5.49
C ARG A 65 7.80 -5.01 4.41
N THR A 66 6.73 -4.23 4.51
CA THR A 66 5.63 -4.33 3.56
C THR A 66 5.23 -2.95 3.04
N PHE A 67 4.62 -2.92 1.86
CA PHE A 67 4.18 -1.67 1.25
C PHE A 67 2.89 -1.86 0.48
N TYR A 68 1.82 -1.24 0.96
CA TYR A 68 0.51 -1.34 0.32
C TYR A 68 0.35 -0.29 -0.76
N SER A 69 1.48 0.25 -1.24
CA SER A 69 1.46 1.26 -2.28
C SER A 69 2.87 1.53 -2.80
N CYS A 70 3.04 2.66 -3.48
CA CYS A 70 4.34 3.02 -4.03
C CYS A 70 5.32 3.36 -2.91
N THR A 71 6.61 3.21 -3.18
CA THR A 71 7.64 3.49 -2.18
C THR A 71 8.96 3.84 -2.85
N THR A 72 9.94 4.24 -2.03
CA THR A 72 11.26 4.60 -2.51
C THR A 72 12.33 4.04 -1.59
N GLU A 73 12.03 2.90 -0.97
CA GLU A 73 12.95 2.24 -0.05
C GLU A 73 13.95 1.36 -0.79
N GLY A 74 13.98 1.50 -2.11
CA GLY A 74 14.90 0.70 -2.91
C GLY A 74 15.41 1.48 -4.11
N ARG A 75 15.36 2.80 -3.99
CA ARG A 75 15.81 3.68 -5.05
C ARG A 75 17.18 4.29 -4.74
N GLN A 76 17.75 4.98 -5.71
CA GLN A 76 19.03 5.63 -5.54
C GLN A 76 18.86 7.15 -5.52
N ASP A 77 17.61 7.60 -5.51
CA ASP A 77 17.30 9.02 -5.49
C ASP A 77 16.02 9.29 -4.73
N GLY A 78 14.91 8.79 -5.26
CA GLY A 78 13.62 8.97 -4.61
C GLY A 78 12.45 8.82 -5.57
N HIS A 79 12.48 7.75 -6.34
CA HIS A 79 11.41 7.48 -7.30
C HIS A 79 10.49 6.38 -6.79
N LEU A 80 9.22 6.72 -6.63
CA LEU A 80 8.23 5.75 -6.16
C LEU A 80 8.20 4.54 -7.07
N TRP A 81 8.11 3.35 -6.49
CA TRP A 81 8.09 2.11 -7.25
C TRP A 81 7.47 0.97 -6.46
N CYS A 82 6.98 -0.04 -7.18
CA CYS A 82 6.38 -1.21 -6.55
C CYS A 82 6.77 -2.48 -7.30
N SER A 83 6.18 -3.61 -6.90
CA SER A 83 6.48 -4.88 -7.56
C SER A 83 5.30 -5.33 -8.41
N THR A 84 5.58 -6.22 -9.37
CA THR A 84 4.53 -6.73 -10.25
C THR A 84 4.22 -8.19 -9.97
N THR A 85 5.08 -8.82 -9.17
CA THR A 85 4.91 -10.22 -8.82
C THR A 85 5.10 -10.41 -7.31
N SER A 86 4.60 -11.52 -6.79
CA SER A 86 4.71 -11.83 -5.37
C SER A 86 6.16 -11.76 -4.90
N ASN A 87 7.05 -12.40 -5.64
CA ASN A 87 8.47 -12.42 -5.30
C ASN A 87 9.26 -11.48 -6.20
N TYR A 88 9.72 -10.38 -5.63
CA TYR A 88 10.51 -9.40 -6.38
C TYR A 88 12.00 -9.61 -6.14
N GLU A 89 12.32 -10.31 -5.06
CA GLU A 89 13.72 -10.57 -4.70
C GLU A 89 14.32 -11.63 -5.61
N GLN A 90 13.50 -12.26 -6.43
CA GLN A 90 13.97 -13.30 -7.35
C GLN A 90 13.54 -13.01 -8.78
N ASP A 91 12.37 -12.40 -8.94
CA ASP A 91 11.85 -12.09 -10.27
C ASP A 91 12.48 -10.81 -10.83
N GLN A 92 12.69 -9.84 -9.96
CA GLN A 92 13.28 -8.56 -10.37
C GLN A 92 12.37 -7.86 -11.37
N LYS A 93 11.10 -7.73 -11.02
CA LYS A 93 10.13 -7.06 -11.88
C LYS A 93 9.33 -6.03 -11.10
N TYR A 94 9.93 -4.86 -10.91
CA TYR A 94 9.28 -3.78 -10.18
C TYR A 94 8.81 -2.67 -11.11
N SER A 95 7.77 -1.94 -10.68
CA SER A 95 7.23 -0.85 -11.47
C SER A 95 7.45 0.48 -10.75
N PHE A 96 7.25 1.58 -11.47
CA PHE A 96 7.43 2.91 -10.88
C PHE A 96 6.11 3.47 -10.40
N CYS A 97 6.13 4.72 -9.95
CA CYS A 97 4.94 5.37 -9.44
C CYS A 97 5.09 6.89 -9.49
N THR A 98 4.14 7.55 -10.14
CA THR A 98 4.17 9.00 -10.27
C THR A 98 3.93 9.67 -8.91
N ASP A 99 3.96 11.00 -8.90
CA ASP A 99 3.75 11.75 -7.68
C ASP A 99 2.47 11.31 -6.96
N HIS A 100 1.37 11.31 -7.70
CA HIS A 100 0.08 10.90 -7.15
C HIS A 100 -0.46 11.98 -6.23
N THR A 101 0.31 12.33 -5.21
CA THR A 101 -0.09 13.35 -4.25
C THR A 101 1.10 14.19 -3.80
N TYR A 1 -8.13 10.73 21.66
CA TYR A 1 -6.70 10.31 21.58
C TYR A 1 -6.47 9.04 22.39
N GLY A 2 -7.28 8.01 22.13
CA GLY A 2 -7.14 6.76 22.84
C GLY A 2 -6.92 5.59 21.90
N HIS A 3 -6.91 4.38 22.46
CA HIS A 3 -6.71 3.18 21.67
C HIS A 3 -7.80 3.03 20.61
N CYS A 4 -7.51 2.27 19.57
CA CYS A 4 -8.47 2.04 18.49
C CYS A 4 -8.91 0.59 18.45
N VAL A 5 -10.12 0.35 17.95
CA VAL A 5 -10.65 -1.01 17.88
C VAL A 5 -11.59 -1.16 16.69
N THR A 6 -11.41 -2.24 15.93
CA THR A 6 -12.25 -2.51 14.76
C THR A 6 -13.69 -2.76 15.18
N ASP A 7 -13.87 -3.40 16.33
CA ASP A 7 -15.21 -3.70 16.83
C ASP A 7 -15.13 -4.50 18.14
N SER A 8 -14.33 -5.55 18.13
CA SER A 8 -14.16 -6.40 19.30
C SER A 8 -13.23 -7.58 19.02
N GLY A 9 -11.97 -7.28 18.73
CA GLY A 9 -11.01 -8.32 18.44
C GLY A 9 -9.63 -7.77 18.13
N VAL A 10 -9.59 -6.69 17.35
CA VAL A 10 -8.33 -6.06 16.98
C VAL A 10 -8.14 -4.74 17.71
N VAL A 11 -7.52 -4.79 18.89
CA VAL A 11 -7.29 -3.59 19.68
C VAL A 11 -6.04 -2.85 19.23
N TYR A 12 -6.25 -1.73 18.54
CA TYR A 12 -5.14 -0.92 18.06
C TYR A 12 -4.86 0.23 19.03
N SER A 13 -3.99 1.15 18.60
CA SER A 13 -3.64 2.31 19.43
C SER A 13 -3.67 3.59 18.61
N VAL A 14 -4.02 4.70 19.25
CA VAL A 14 -4.09 5.99 18.57
C VAL A 14 -2.89 6.22 17.68
N GLY A 15 -2.98 5.75 16.45
CA GLY A 15 -1.88 5.91 15.51
C GLY A 15 -1.29 4.59 15.05
N MET A 16 -1.93 3.49 15.44
CA MET A 16 -1.47 2.17 15.06
C MET A 16 -2.21 1.66 13.82
N GLN A 17 -2.31 2.52 12.82
CA GLN A 17 -2.99 2.18 11.58
C GLN A 17 -2.72 0.74 11.17
N TRP A 18 -3.52 0.25 10.24
CA TRP A 18 -3.38 -1.12 9.74
C TRP A 18 -3.96 -1.23 8.33
N LEU A 19 -4.26 -2.46 7.91
CA LEU A 19 -4.83 -2.69 6.59
C LEU A 19 -5.88 -3.78 6.65
N LYS A 20 -7.13 -3.40 6.44
CA LYS A 20 -8.24 -4.36 6.48
C LYS A 20 -8.34 -5.15 5.17
N THR A 21 -8.64 -6.43 5.29
CA THR A 21 -8.77 -7.30 4.13
C THR A 21 -9.22 -8.70 4.53
N GLN A 22 -9.49 -9.52 3.52
CA GLN A 22 -9.94 -10.89 3.75
C GLN A 22 -9.13 -11.88 2.90
N GLY A 23 -8.80 -11.46 1.68
CA GLY A 23 -8.05 -12.31 0.78
C GLY A 23 -6.59 -11.89 0.68
N ASN A 24 -6.35 -10.59 0.65
CA ASN A 24 -4.99 -10.07 0.53
C ASN A 24 -4.98 -8.55 0.52
N LYS A 25 -6.04 -7.96 -0.05
CA LYS A 25 -6.15 -6.51 -0.14
C LYS A 25 -7.61 -6.08 -0.15
N GLN A 26 -7.89 -4.91 0.42
CA GLN A 26 -9.25 -4.39 0.47
C GLN A 26 -9.25 -2.89 0.72
N MET A 27 -8.63 -2.48 1.81
CA MET A 27 -8.56 -1.07 2.18
C MET A 27 -7.67 -0.88 3.40
N LEU A 28 -6.94 0.23 3.44
CA LEU A 28 -6.06 0.50 4.57
C LEU A 28 -6.81 1.26 5.66
N CYS A 29 -6.83 0.69 6.86
CA CYS A 29 -7.51 1.31 8.00
C CYS A 29 -6.53 2.02 8.92
N THR A 30 -6.97 3.14 9.48
CA THR A 30 -6.12 3.91 10.40
C THR A 30 -6.96 4.56 11.50
N CYS A 31 -6.39 4.65 12.69
CA CYS A 31 -7.09 5.26 13.81
C CYS A 31 -6.41 6.56 14.20
N LEU A 32 -7.06 7.68 13.88
CA LEU A 32 -6.51 9.00 14.18
C LEU A 32 -6.75 9.37 15.65
N GLY A 33 -7.83 10.11 15.92
CA GLY A 33 -8.13 10.52 17.28
C GLY A 33 -9.60 10.53 17.58
N ASN A 34 -10.42 10.87 16.58
CA ASN A 34 -11.87 10.91 16.76
C ASN A 34 -12.46 9.51 16.62
N GLY A 35 -11.84 8.70 15.78
CA GLY A 35 -12.31 7.34 15.57
C GLY A 35 -11.33 6.49 14.80
N VAL A 36 -11.81 5.89 13.71
CA VAL A 36 -10.96 5.05 12.87
C VAL A 36 -11.41 5.12 11.42
N SER A 37 -10.52 5.61 10.56
CA SER A 37 -10.81 5.75 9.14
C SER A 37 -9.85 4.91 8.29
N CYS A 38 -10.33 4.46 7.14
CA CYS A 38 -9.52 3.66 6.23
C CYS A 38 -9.52 4.26 4.84
N GLN A 39 -8.85 3.59 3.90
CA GLN A 39 -8.77 4.08 2.53
C GLN A 39 -9.03 2.95 1.54
N GLU A 40 -9.25 3.32 0.28
CA GLU A 40 -9.50 2.36 -0.78
C GLU A 40 -8.22 1.61 -1.17
N THR A 41 -7.52 1.08 -0.18
CA THR A 41 -6.27 0.37 -0.43
C THR A 41 -5.13 1.34 -0.67
N ALA A 42 -5.35 2.25 -1.63
CA ALA A 42 -4.37 3.27 -2.01
C ALA A 42 -3.88 3.01 -3.43
N VAL A 43 -4.62 2.18 -4.15
CA VAL A 43 -4.29 1.83 -5.52
C VAL A 43 -3.74 3.04 -6.27
N THR A 44 -4.64 3.89 -6.75
CA THR A 44 -4.28 5.10 -7.50
C THR A 44 -4.35 4.86 -9.01
N GLN A 45 -4.42 5.95 -9.77
CA GLN A 45 -4.50 5.86 -11.22
C GLN A 45 -3.26 5.18 -11.80
N THR A 46 -2.10 5.59 -11.32
CA THR A 46 -0.83 5.03 -11.80
C THR A 46 -0.61 5.38 -13.26
N TYR A 47 0.64 5.67 -13.61
CA TYR A 47 0.99 6.03 -14.97
C TYR A 47 2.51 6.01 -15.18
N GLY A 48 2.93 6.31 -16.40
CA GLY A 48 4.36 6.33 -16.71
C GLY A 48 5.13 5.28 -15.94
N GLY A 49 6.24 5.70 -15.34
CA GLY A 49 7.05 4.78 -14.57
C GLY A 49 7.81 3.80 -15.46
N ASN A 50 7.69 2.52 -15.15
CA ASN A 50 8.35 1.48 -15.93
C ASN A 50 7.32 0.55 -16.57
N SER A 51 6.07 0.67 -16.15
CA SER A 51 5.00 -0.16 -16.68
C SER A 51 3.84 0.69 -17.17
N ASN A 52 4.09 1.99 -17.32
CA ASN A 52 3.07 2.92 -17.78
C ASN A 52 1.91 3.00 -16.79
N GLY A 53 2.15 2.54 -15.57
CA GLY A 53 1.12 2.56 -14.55
C GLY A 53 0.26 1.31 -14.55
N GLU A 54 0.92 0.15 -14.54
CA GLU A 54 0.21 -1.13 -14.54
C GLU A 54 -0.31 -1.46 -13.15
N PRO A 55 -1.18 -2.47 -13.06
CA PRO A 55 -1.76 -2.91 -11.78
C PRO A 55 -0.69 -3.25 -10.75
N CYS A 56 -0.51 -2.36 -9.78
CA CYS A 56 0.48 -2.58 -8.73
C CYS A 56 0.38 -3.99 -8.17
N VAL A 57 1.38 -4.40 -7.40
CA VAL A 57 1.40 -5.73 -6.81
C VAL A 57 1.75 -5.69 -5.32
N LEU A 58 0.88 -5.09 -4.52
CA LEU A 58 1.11 -5.01 -3.08
C LEU A 58 0.19 -5.96 -2.34
N PRO A 59 0.53 -6.27 -1.08
CA PRO A 59 1.74 -5.74 -0.43
C PRO A 59 3.02 -6.34 -0.99
N PHE A 60 3.94 -5.47 -1.40
CA PHE A 60 5.23 -5.92 -1.93
C PHE A 60 6.33 -5.59 -0.93
N THR A 61 7.54 -6.05 -1.22
CA THR A 61 8.67 -5.81 -0.33
C THR A 61 9.78 -5.05 -1.03
N TYR A 62 10.17 -3.92 -0.47
CA TYR A 62 11.23 -3.10 -1.04
C TYR A 62 12.12 -2.51 0.04
N ASN A 63 13.43 -2.70 -0.10
CA ASN A 63 14.38 -2.19 0.87
C ASN A 63 14.30 -2.95 2.20
N GLY A 64 13.45 -3.99 2.22
CA GLY A 64 13.30 -4.79 3.42
C GLY A 64 11.97 -4.55 4.10
N ARG A 65 11.21 -3.57 3.62
CA ARG A 65 9.90 -3.26 4.20
C ARG A 65 8.79 -3.73 3.28
N THR A 66 7.58 -3.21 3.51
CA THR A 66 6.42 -3.56 2.71
C THR A 66 5.55 -2.34 2.43
N PHE A 67 4.83 -2.36 1.32
CA PHE A 67 3.96 -1.25 0.95
C PHE A 67 2.63 -1.76 0.39
N TYR A 68 1.54 -1.12 0.79
CA TYR A 68 0.20 -1.50 0.34
C TYR A 68 -0.22 -0.69 -0.88
N SER A 69 0.74 -0.06 -1.54
CA SER A 69 0.44 0.74 -2.72
C SER A 69 1.60 1.66 -3.08
N CYS A 70 1.31 2.67 -3.90
CA CYS A 70 2.32 3.63 -4.32
C CYS A 70 3.18 4.08 -3.15
N THR A 71 4.39 4.54 -3.46
CA THR A 71 5.32 5.00 -2.46
C THR A 71 6.53 5.66 -3.10
N THR A 72 7.14 6.60 -2.38
CA THR A 72 8.31 7.30 -2.88
C THR A 72 9.54 7.00 -2.02
N GLU A 73 10.03 5.77 -2.14
CA GLU A 73 11.19 5.34 -1.36
C GLU A 73 12.34 4.92 -2.27
N GLY A 74 12.21 5.22 -3.57
CA GLY A 74 13.25 4.86 -4.52
C GLY A 74 12.97 5.37 -5.92
N ARG A 75 13.06 6.69 -6.08
CA ARG A 75 12.83 7.32 -7.38
C ARG A 75 13.96 8.28 -7.72
N GLN A 76 13.85 8.96 -8.86
CA GLN A 76 14.87 9.90 -9.30
C GLN A 76 14.46 11.33 -8.99
N ASP A 77 13.16 11.56 -8.80
CA ASP A 77 12.66 12.89 -8.50
C ASP A 77 11.81 12.88 -7.23
N GLY A 78 10.58 12.39 -7.34
CA GLY A 78 9.69 12.33 -6.20
C GLY A 78 8.27 11.96 -6.60
N HIS A 79 8.15 11.06 -7.58
CA HIS A 79 6.85 10.62 -8.06
C HIS A 79 6.48 9.26 -7.46
N LEU A 80 5.30 9.20 -6.86
CA LEU A 80 4.81 7.96 -6.26
C LEU A 80 4.95 6.80 -7.25
N TRP A 81 5.28 5.62 -6.73
CA TRP A 81 5.43 4.45 -7.59
C TRP A 81 5.05 3.16 -6.87
N CYS A 82 4.82 2.10 -7.64
CA CYS A 82 4.45 0.80 -7.09
C CYS A 82 5.05 -0.33 -7.94
N SER A 83 4.90 -1.57 -7.48
CA SER A 83 5.44 -2.72 -8.21
C SER A 83 4.38 -3.37 -9.07
N THR A 84 4.79 -3.83 -10.26
CA THR A 84 3.85 -4.49 -11.18
C THR A 84 3.77 -5.99 -10.91
N THR A 85 4.78 -6.54 -10.24
CA THR A 85 4.79 -7.96 -9.92
C THR A 85 5.33 -8.20 -8.52
N SER A 86 5.02 -9.38 -7.97
CA SER A 86 5.46 -9.73 -6.62
C SER A 86 6.97 -9.55 -6.47
N ASN A 87 7.72 -10.33 -7.23
CA ASN A 87 9.18 -10.25 -7.18
C ASN A 87 9.71 -9.05 -7.94
N TYR A 88 9.76 -7.90 -7.28
CA TYR A 88 10.26 -6.68 -7.90
C TYR A 88 11.78 -6.66 -7.91
N GLU A 89 12.39 -7.35 -6.94
CA GLU A 89 13.83 -7.41 -6.84
C GLU A 89 14.42 -8.27 -7.96
N GLN A 90 13.57 -9.09 -8.58
CA GLN A 90 14.00 -9.96 -9.65
C GLN A 90 13.70 -9.32 -11.01
N ASP A 91 12.47 -8.87 -11.18
CA ASP A 91 12.04 -8.25 -12.42
C ASP A 91 12.53 -6.80 -12.49
N GLN A 92 12.29 -6.06 -11.42
CA GLN A 92 12.70 -4.67 -11.34
C GLN A 92 11.85 -3.79 -12.25
N LYS A 93 10.53 -3.98 -12.20
CA LYS A 93 9.61 -3.20 -13.01
C LYS A 93 8.53 -2.58 -12.12
N TYR A 94 8.48 -1.26 -12.13
CA TYR A 94 7.52 -0.53 -11.31
C TYR A 94 6.72 0.47 -12.14
N SER A 95 5.80 1.16 -11.47
CA SER A 95 4.97 2.17 -12.13
C SER A 95 4.87 3.41 -11.23
N PHE A 96 4.42 4.52 -11.81
CA PHE A 96 4.29 5.76 -11.06
C PHE A 96 2.85 5.96 -10.61
N CYS A 97 2.59 7.10 -9.97
CA CYS A 97 1.25 7.43 -9.48
C CYS A 97 1.06 8.94 -9.43
N THR A 98 -0.19 9.38 -9.58
CA THR A 98 -0.51 10.79 -9.54
C THR A 98 0.01 11.46 -8.28
N ASP A 99 -0.70 11.26 -7.17
CA ASP A 99 -0.31 11.85 -5.89
C ASP A 99 -1.49 11.92 -4.94
N HIS A 100 -2.66 12.24 -5.48
CA HIS A 100 -3.87 12.35 -4.68
C HIS A 100 -4.01 13.74 -4.08
N THR A 101 -5.16 14.02 -3.49
CA THR A 101 -5.42 15.32 -2.88
C THR A 101 -6.33 15.19 -1.67
N TYR A 1 -5.86 7.81 25.43
CA TYR A 1 -5.43 7.15 24.16
C TYR A 1 -6.58 7.09 23.16
N GLY A 2 -6.27 7.31 21.88
CA GLY A 2 -7.28 7.28 20.85
C GLY A 2 -7.55 5.87 20.35
N HIS A 3 -7.62 4.91 21.28
CA HIS A 3 -7.87 3.52 20.93
C HIS A 3 -9.07 3.40 20.00
N CYS A 4 -8.80 3.33 18.70
CA CYS A 4 -9.87 3.20 17.72
C CYS A 4 -10.29 1.74 17.55
N VAL A 5 -11.30 1.51 16.71
CA VAL A 5 -11.79 0.17 16.47
C VAL A 5 -12.44 0.07 15.09
N THR A 6 -12.24 -1.08 14.43
CA THR A 6 -12.80 -1.30 13.11
C THR A 6 -13.85 -2.40 13.14
N ASP A 7 -13.41 -3.64 13.38
CA ASP A 7 -14.32 -4.77 13.44
C ASP A 7 -15.09 -4.79 14.75
N SER A 8 -14.84 -3.80 15.60
CA SER A 8 -15.50 -3.70 16.89
C SER A 8 -14.80 -4.57 17.93
N GLY A 9 -13.67 -5.15 17.55
CA GLY A 9 -12.92 -5.98 18.47
C GLY A 9 -11.45 -5.63 18.51
N VAL A 10 -10.90 -5.27 17.35
CA VAL A 10 -9.50 -4.91 17.25
C VAL A 10 -9.29 -3.44 17.59
N VAL A 11 -8.94 -3.18 18.85
CA VAL A 11 -8.72 -1.82 19.31
C VAL A 11 -7.46 -1.22 18.69
N TYR A 12 -7.63 -0.54 17.56
CA TYR A 12 -6.51 0.09 16.87
C TYR A 12 -6.27 1.50 17.43
N SER A 13 -5.12 1.69 18.07
CA SER A 13 -4.79 2.98 18.65
C SER A 13 -4.40 3.99 17.57
N VAL A 14 -4.59 5.26 17.88
CA VAL A 14 -4.26 6.33 16.95
C VAL A 14 -2.80 6.28 16.54
N GLY A 15 -2.51 5.49 15.51
CA GLY A 15 -1.15 5.37 15.02
C GLY A 15 -0.77 3.95 14.67
N MET A 16 -1.67 3.01 14.92
CA MET A 16 -1.41 1.61 14.62
C MET A 16 -1.27 1.40 13.12
N GLN A 17 -1.86 2.30 12.33
CA GLN A 17 -1.79 2.21 10.88
C GLN A 17 -1.80 0.76 10.43
N TRP A 18 -2.99 0.24 10.17
CA TRP A 18 -3.12 -1.15 9.74
C TRP A 18 -3.76 -1.24 8.35
N LEU A 19 -4.17 -2.45 7.98
CA LEU A 19 -4.78 -2.68 6.69
C LEU A 19 -5.84 -3.77 6.78
N LYS A 20 -7.04 -3.45 6.34
CA LYS A 20 -8.15 -4.41 6.38
C LYS A 20 -8.44 -4.98 4.99
N THR A 21 -9.53 -5.72 4.89
CA THR A 21 -9.93 -6.34 3.62
C THR A 21 -11.44 -6.57 3.59
N GLN A 22 -12.04 -6.33 2.43
CA GLN A 22 -13.47 -6.51 2.26
C GLN A 22 -13.80 -7.82 1.55
N GLY A 23 -12.80 -8.71 1.49
CA GLY A 23 -12.99 -9.99 0.84
C GLY A 23 -12.27 -10.09 -0.48
N ASN A 24 -12.76 -9.37 -1.48
CA ASN A 24 -12.16 -9.38 -2.81
C ASN A 24 -11.40 -8.08 -3.08
N LYS A 25 -11.32 -7.21 -2.07
CA LYS A 25 -10.62 -5.94 -2.22
C LYS A 25 -9.63 -5.72 -1.07
N GLN A 26 -8.69 -4.81 -1.29
CA GLN A 26 -7.68 -4.48 -0.28
C GLN A 26 -7.89 -3.07 0.22
N MET A 27 -8.13 -2.92 1.51
CA MET A 27 -8.34 -1.61 2.10
C MET A 27 -7.39 -1.35 3.27
N LEU A 28 -6.87 -0.13 3.36
CA LEU A 28 -5.95 0.24 4.42
C LEU A 28 -6.64 1.17 5.41
N CYS A 29 -6.59 0.83 6.70
CA CYS A 29 -7.23 1.65 7.73
C CYS A 29 -6.21 2.33 8.63
N THR A 30 -6.65 3.39 9.31
CA THR A 30 -5.79 4.13 10.22
C THR A 30 -6.61 4.94 11.22
N CYS A 31 -6.08 5.10 12.42
CA CYS A 31 -6.76 5.87 13.47
C CYS A 31 -6.08 7.22 13.67
N LEU A 32 -6.72 8.27 13.17
CA LEU A 32 -6.17 9.61 13.29
C LEU A 32 -6.43 10.21 14.67
N GLY A 33 -7.69 10.51 14.96
CA GLY A 33 -8.04 11.08 16.23
C GLY A 33 -9.55 11.09 16.47
N ASN A 34 -10.27 11.72 15.55
CA ASN A 34 -11.72 11.80 15.66
C ASN A 34 -12.35 10.48 15.22
N GLY A 35 -11.56 9.67 14.52
CA GLY A 35 -12.04 8.39 14.04
C GLY A 35 -10.94 7.59 13.38
N VAL A 36 -11.31 6.74 12.43
CA VAL A 36 -10.34 5.92 11.72
C VAL A 36 -10.47 6.11 10.20
N SER A 37 -9.41 6.65 9.60
CA SER A 37 -9.41 6.89 8.16
C SER A 37 -8.82 5.69 7.43
N CYS A 38 -9.44 5.33 6.31
CA CYS A 38 -8.96 4.21 5.51
C CYS A 38 -9.09 4.49 4.02
N GLN A 39 -8.52 3.61 3.20
CA GLN A 39 -8.57 3.78 1.75
C GLN A 39 -8.84 2.45 1.07
N GLU A 40 -10.09 2.26 0.65
CA GLU A 40 -10.48 1.02 -0.04
C GLU A 40 -9.79 0.91 -1.39
N THR A 41 -9.16 -0.24 -1.62
CA THR A 41 -8.44 -0.50 -2.88
C THR A 41 -7.06 0.16 -2.89
N ALA A 42 -6.98 1.39 -2.43
CA ALA A 42 -5.71 2.11 -2.40
C ALA A 42 -4.88 1.79 -3.64
N VAL A 43 -4.99 2.63 -4.66
CA VAL A 43 -4.25 2.42 -5.91
C VAL A 43 -3.97 3.74 -6.60
N THR A 44 -3.24 3.68 -7.69
CA THR A 44 -2.88 4.86 -8.46
C THR A 44 -2.60 4.50 -9.92
N GLN A 45 -2.04 5.46 -10.67
CA GLN A 45 -1.72 5.24 -12.07
C GLN A 45 -0.24 4.96 -12.25
N THR A 46 0.08 3.90 -12.99
CA THR A 46 1.48 3.53 -13.24
C THR A 46 1.78 3.50 -14.73
N TYR A 47 3.06 3.68 -15.08
CA TYR A 47 3.49 3.67 -16.46
C TYR A 47 4.45 2.50 -16.72
N GLY A 48 5.24 2.15 -15.71
CA GLY A 48 6.16 1.04 -15.85
C GLY A 48 7.60 1.48 -16.04
N GLY A 49 8.30 1.71 -14.93
CA GLY A 49 9.69 2.12 -15.02
C GLY A 49 10.50 1.17 -15.87
N ASN A 50 10.39 -0.13 -15.58
CA ASN A 50 11.11 -1.14 -16.33
C ASN A 50 10.12 -2.11 -16.99
N SER A 51 8.90 -2.15 -16.47
CA SER A 51 7.87 -3.02 -17.01
C SER A 51 7.01 -2.27 -18.02
N ASN A 52 5.82 -1.86 -17.61
CA ASN A 52 4.92 -1.12 -18.48
C ASN A 52 3.67 -0.66 -17.74
N GLY A 53 3.78 -0.51 -16.43
CA GLY A 53 2.65 -0.07 -15.63
C GLY A 53 1.72 -1.20 -15.28
N GLU A 54 2.22 -2.43 -15.34
CA GLU A 54 1.42 -3.61 -15.03
C GLU A 54 0.90 -3.55 -13.60
N PRO A 55 -0.09 -4.39 -13.27
CA PRO A 55 -0.67 -4.44 -11.93
C PRO A 55 0.34 -4.92 -10.89
N CYS A 56 0.80 -3.99 -10.06
CA CYS A 56 1.78 -4.31 -9.02
C CYS A 56 1.41 -5.59 -8.30
N VAL A 57 2.29 -6.02 -7.40
CA VAL A 57 2.06 -7.25 -6.64
C VAL A 57 2.15 -7.00 -5.13
N LEU A 58 1.41 -6.01 -4.65
CA LEU A 58 1.43 -5.69 -3.23
C LEU A 58 0.29 -6.40 -2.50
N PRO A 59 0.33 -6.38 -1.16
CA PRO A 59 1.40 -5.73 -0.42
C PRO A 59 2.73 -6.45 -0.58
N PHE A 60 3.80 -5.68 -0.74
CA PHE A 60 5.12 -6.26 -0.90
C PHE A 60 5.99 -5.95 0.31
N THR A 61 7.11 -6.63 0.41
CA THR A 61 8.05 -6.43 1.51
C THR A 61 9.40 -5.96 1.01
N TYR A 62 9.79 -4.75 1.42
CA TYR A 62 11.07 -4.18 1.01
C TYR A 62 11.80 -3.56 2.19
N ASN A 63 13.09 -3.82 2.28
CA ASN A 63 13.90 -3.28 3.36
C ASN A 63 13.48 -3.87 4.70
N GLY A 64 12.64 -4.90 4.64
CA GLY A 64 12.17 -5.54 5.86
C GLY A 64 10.78 -5.08 6.25
N ARG A 65 10.29 -4.04 5.59
CA ARG A 65 8.96 -3.52 5.88
C ARG A 65 7.96 -3.95 4.82
N THR A 66 6.79 -3.31 4.80
CA THR A 66 5.75 -3.63 3.84
C THR A 66 5.20 -2.37 3.19
N PHE A 67 4.45 -2.54 2.11
CA PHE A 67 3.87 -1.40 1.40
C PHE A 67 2.57 -1.79 0.69
N TYR A 68 1.55 -0.96 0.84
CA TYR A 68 0.25 -1.20 0.22
C TYR A 68 0.04 -0.24 -0.95
N SER A 69 1.10 0.00 -1.72
CA SER A 69 1.03 0.90 -2.86
C SER A 69 2.42 1.35 -3.28
N CYS A 70 2.48 2.25 -4.26
CA CYS A 70 3.75 2.76 -4.75
C CYS A 70 4.48 3.55 -3.66
N THR A 71 5.75 3.84 -3.90
CA THR A 71 6.55 4.58 -2.94
C THR A 71 7.88 5.01 -3.53
N THR A 72 8.61 5.85 -2.80
CA THR A 72 9.91 6.34 -3.25
C THR A 72 10.99 6.06 -2.22
N GLU A 73 10.88 4.90 -1.57
CA GLU A 73 11.85 4.51 -0.54
C GLU A 73 13.07 3.84 -1.17
N GLY A 74 13.16 3.90 -2.49
CA GLY A 74 14.29 3.30 -3.18
C GLY A 74 15.02 4.27 -4.07
N ARG A 75 14.51 5.50 -4.18
CA ARG A 75 15.13 6.52 -5.01
C ARG A 75 15.10 7.88 -4.32
N GLN A 76 15.91 8.80 -4.81
CA GLN A 76 15.97 10.15 -4.25
C GLN A 76 15.45 11.19 -5.25
N ASP A 77 14.84 10.70 -6.33
CA ASP A 77 14.30 11.59 -7.35
C ASP A 77 12.88 12.02 -7.00
N GLY A 78 12.06 11.06 -6.60
CA GLY A 78 10.68 11.35 -6.24
C GLY A 78 9.69 10.61 -7.10
N HIS A 79 10.06 9.41 -7.55
CA HIS A 79 9.19 8.60 -8.38
C HIS A 79 8.59 7.45 -7.59
N LEU A 80 7.27 7.44 -7.47
CA LEU A 80 6.57 6.40 -6.74
C LEU A 80 6.63 5.08 -7.50
N TRP A 81 7.43 4.14 -6.99
CA TRP A 81 7.57 2.84 -7.62
C TRP A 81 6.91 1.74 -6.78
N CYS A 82 6.34 0.77 -7.47
CA CYS A 82 5.68 -0.35 -6.80
C CYS A 82 6.33 -1.67 -7.19
N SER A 83 5.79 -2.76 -6.67
CA SER A 83 6.32 -4.10 -6.97
C SER A 83 5.47 -4.81 -8.00
N THR A 84 6.13 -5.53 -8.90
CA THR A 84 5.44 -6.27 -9.96
C THR A 84 5.63 -7.77 -9.78
N THR A 85 6.63 -8.14 -8.98
CA THR A 85 6.93 -9.54 -8.72
C THR A 85 7.09 -9.78 -7.22
N SER A 86 6.46 -10.84 -6.72
CA SER A 86 6.52 -11.18 -5.31
C SER A 86 7.95 -11.02 -4.78
N ASN A 87 8.92 -11.33 -5.63
CA ASN A 87 10.32 -11.22 -5.26
C ASN A 87 11.03 -10.12 -6.06
N TYR A 88 10.74 -8.87 -5.71
CA TYR A 88 11.35 -7.73 -6.40
C TYR A 88 12.80 -7.55 -5.96
N GLU A 89 13.15 -8.19 -4.84
CA GLU A 89 14.50 -8.10 -4.30
C GLU A 89 15.47 -8.96 -5.11
N GLN A 90 14.93 -9.77 -6.00
CA GLN A 90 15.76 -10.64 -6.82
C GLN A 90 15.50 -10.42 -8.31
N ASP A 91 14.25 -10.10 -8.65
CA ASP A 91 13.87 -9.86 -10.04
C ASP A 91 14.09 -8.41 -10.42
N GLN A 92 13.78 -7.50 -9.50
CA GLN A 92 13.94 -6.07 -9.74
C GLN A 92 12.75 -5.53 -10.54
N LYS A 93 11.77 -6.38 -10.80
CA LYS A 93 10.59 -5.97 -11.54
C LYS A 93 9.74 -5.01 -10.73
N TYR A 94 9.59 -3.79 -11.21
CA TYR A 94 8.82 -2.77 -10.51
C TYR A 94 8.06 -1.88 -11.48
N SER A 95 7.30 -0.95 -10.91
CA SER A 95 6.52 0.01 -11.69
C SER A 95 6.65 1.41 -11.10
N PHE A 96 5.79 2.32 -11.53
CA PHE A 96 5.82 3.69 -11.01
C PHE A 96 4.43 4.16 -10.61
N CYS A 97 4.34 5.43 -10.23
CA CYS A 97 3.06 6.02 -9.83
C CYS A 97 3.07 7.53 -10.00
N THR A 98 2.28 8.01 -10.95
CA THR A 98 2.19 9.44 -11.20
C THR A 98 1.72 10.19 -9.97
N ASP A 99 0.56 9.81 -9.47
CA ASP A 99 0.00 10.44 -8.29
C ASP A 99 -0.45 11.88 -8.58
N HIS A 100 0.48 12.69 -9.06
CA HIS A 100 0.19 14.08 -9.39
C HIS A 100 -0.73 14.70 -8.33
N THR A 101 -2.04 14.61 -8.57
CA THR A 101 -3.01 15.16 -7.64
C THR A 101 -3.15 14.29 -6.40
N TYR A 1 -11.66 11.12 18.03
CA TYR A 1 -11.90 11.18 19.49
C TYR A 1 -12.53 9.89 20.00
N GLY A 2 -11.71 8.87 20.20
CA GLY A 2 -12.22 7.60 20.68
C GLY A 2 -11.65 6.42 19.90
N HIS A 3 -11.36 5.34 20.60
CA HIS A 3 -10.82 4.14 19.96
C HIS A 3 -11.79 3.57 18.95
N CYS A 4 -11.32 3.36 17.72
CA CYS A 4 -12.17 2.82 16.66
C CYS A 4 -12.10 1.29 16.62
N VAL A 5 -12.83 0.70 15.68
CA VAL A 5 -12.85 -0.75 15.53
C VAL A 5 -13.02 -1.14 14.06
N THR A 6 -12.98 -2.44 13.80
CA THR A 6 -13.12 -2.95 12.43
C THR A 6 -14.37 -3.82 12.31
N ASP A 7 -14.83 -4.36 13.43
CA ASP A 7 -16.02 -5.21 13.44
C ASP A 7 -16.45 -5.54 14.86
N SER A 8 -15.55 -6.17 15.61
CA SER A 8 -15.83 -6.55 16.98
C SER A 8 -14.67 -7.34 17.57
N GLY A 9 -13.45 -6.83 17.41
CA GLY A 9 -12.29 -7.50 17.93
C GLY A 9 -11.07 -6.60 17.98
N VAL A 10 -10.75 -5.99 16.84
CA VAL A 10 -9.61 -5.09 16.75
C VAL A 10 -10.03 -3.64 16.97
N VAL A 11 -9.58 -3.06 18.07
CA VAL A 11 -9.92 -1.68 18.39
C VAL A 11 -8.78 -0.73 18.05
N TYR A 12 -8.89 -0.10 16.88
CA TYR A 12 -7.87 0.84 16.42
C TYR A 12 -8.17 2.24 16.92
N SER A 13 -7.23 2.83 17.63
CA SER A 13 -7.40 4.17 18.16
C SER A 13 -7.85 5.13 17.06
N VAL A 14 -7.84 6.42 17.38
CA VAL A 14 -8.25 7.44 16.43
C VAL A 14 -7.04 8.05 15.73
N GLY A 15 -6.44 7.29 14.82
CA GLY A 15 -5.29 7.77 14.08
C GLY A 15 -4.15 6.76 14.03
N MET A 16 -4.50 5.47 14.08
CA MET A 16 -3.49 4.42 14.03
C MET A 16 -3.35 3.89 12.60
N GLN A 17 -4.26 4.28 11.73
CA GLN A 17 -4.25 3.84 10.34
C GLN A 17 -3.69 2.44 10.22
N TRP A 18 -4.59 1.46 10.14
CA TRP A 18 -4.19 0.06 10.03
C TRP A 18 -4.49 -0.48 8.63
N LEU A 19 -4.51 -1.80 8.50
CA LEU A 19 -4.76 -2.44 7.21
C LEU A 19 -5.99 -3.34 7.27
N LYS A 20 -6.54 -3.65 6.09
CA LYS A 20 -7.71 -4.50 6.01
C LYS A 20 -7.83 -5.12 4.61
N THR A 21 -8.44 -6.28 4.53
CA THR A 21 -8.62 -6.98 3.26
C THR A 21 -10.10 -7.20 2.95
N GLN A 22 -10.43 -7.27 1.67
CA GLN A 22 -11.81 -7.48 1.24
C GLN A 22 -12.03 -8.92 0.81
N GLY A 23 -10.98 -9.73 0.87
CA GLY A 23 -11.10 -11.12 0.48
C GLY A 23 -10.51 -11.39 -0.89
N ASN A 24 -9.89 -10.38 -1.47
CA ASN A 24 -9.26 -10.51 -2.79
C ASN A 24 -8.23 -9.42 -3.03
N LYS A 25 -8.52 -8.22 -2.55
CA LYS A 25 -7.62 -7.08 -2.71
C LYS A 25 -7.24 -6.50 -1.36
N GLN A 26 -6.61 -5.33 -1.37
CA GLN A 26 -6.21 -4.67 -0.13
C GLN A 26 -7.18 -3.57 0.25
N MET A 27 -7.11 -3.13 1.50
CA MET A 27 -7.98 -2.07 2.00
C MET A 27 -7.50 -1.59 3.37
N LEU A 28 -7.03 -0.35 3.42
CA LEU A 28 -6.55 0.21 4.68
C LEU A 28 -7.61 1.04 5.34
N CYS A 29 -7.64 0.98 6.66
CA CYS A 29 -8.63 1.73 7.45
C CYS A 29 -7.98 2.89 8.19
N THR A 30 -8.73 3.99 8.31
CA THR A 30 -8.23 5.18 9.01
C THR A 30 -9.32 5.78 9.89
N CYS A 31 -9.09 5.78 11.20
CA CYS A 31 -10.04 6.35 12.14
C CYS A 31 -9.78 7.83 12.33
N LEU A 32 -10.64 8.66 11.75
CA LEU A 32 -10.50 10.12 11.84
C LEU A 32 -11.01 10.64 13.18
N GLY A 33 -12.32 10.73 13.30
CA GLY A 33 -12.92 11.22 14.53
C GLY A 33 -14.36 10.76 14.72
N ASN A 34 -15.19 11.04 13.73
CA ASN A 34 -16.59 10.66 13.78
C ASN A 34 -16.76 9.19 13.42
N GLY A 35 -15.76 8.64 12.74
CA GLY A 35 -15.82 7.25 12.34
C GLY A 35 -14.50 6.76 11.77
N VAL A 36 -14.58 5.76 10.90
CA VAL A 36 -13.38 5.21 10.29
C VAL A 36 -13.55 5.11 8.77
N SER A 37 -12.59 5.69 8.04
CA SER A 37 -12.62 5.67 6.58
C SER A 37 -11.45 4.87 6.02
N CYS A 38 -11.77 3.73 5.43
CA CYS A 38 -10.75 2.86 4.85
C CYS A 38 -10.68 3.04 3.34
N GLN A 39 -9.50 2.82 2.78
CA GLN A 39 -9.30 2.96 1.34
C GLN A 39 -9.25 1.59 0.66
N GLU A 40 -10.26 1.31 -0.15
CA GLU A 40 -10.34 0.03 -0.85
C GLU A 40 -9.27 -0.08 -1.93
N THR A 41 -8.25 -0.88 -1.67
CA THR A 41 -7.15 -1.08 -2.62
C THR A 41 -6.04 -0.06 -2.38
N ALA A 42 -6.42 1.16 -2.01
CA ALA A 42 -5.46 2.22 -1.75
C ALA A 42 -5.11 2.98 -3.03
N VAL A 43 -5.16 2.28 -4.16
CA VAL A 43 -4.86 2.90 -5.45
C VAL A 43 -3.54 3.65 -5.40
N THR A 44 -3.18 4.29 -6.51
CA THR A 44 -1.94 5.05 -6.59
C THR A 44 -1.92 5.94 -7.82
N GLN A 45 -1.07 6.97 -7.80
CA GLN A 45 -0.96 7.90 -8.92
C GLN A 45 0.06 7.41 -9.94
N THR A 46 1.32 7.29 -9.51
CA THR A 46 2.39 6.84 -10.40
C THR A 46 2.50 7.73 -11.63
N TYR A 47 3.69 8.28 -11.85
CA TYR A 47 3.92 9.18 -12.99
C TYR A 47 5.03 8.66 -13.89
N GLY A 48 6.08 8.10 -13.30
CA GLY A 48 7.18 7.60 -14.08
C GLY A 48 7.94 6.48 -13.38
N GLY A 49 9.25 6.67 -13.23
CA GLY A 49 10.07 5.67 -12.58
C GLY A 49 10.63 4.66 -13.56
N ASN A 50 10.96 3.48 -13.06
CA ASN A 50 11.51 2.42 -13.91
C ASN A 50 10.39 1.69 -14.65
N SER A 51 9.16 2.18 -14.50
CA SER A 51 8.01 1.57 -15.16
C SER A 51 7.26 2.58 -16.03
N ASN A 52 7.41 3.87 -15.71
CA ASN A 52 6.77 4.93 -16.46
C ASN A 52 5.26 4.95 -16.18
N GLY A 53 4.88 4.59 -14.97
CA GLY A 53 3.48 4.58 -14.60
C GLY A 53 2.77 3.31 -15.01
N GLU A 54 2.30 2.54 -14.03
CA GLU A 54 1.59 1.30 -14.30
C GLU A 54 1.10 0.67 -13.01
N PRO A 55 0.15 -0.28 -13.11
CA PRO A 55 -0.42 -0.98 -11.95
C PRO A 55 0.64 -1.72 -11.14
N CYS A 56 1.09 -1.11 -10.05
CA CYS A 56 2.09 -1.72 -9.19
C CYS A 56 1.68 -3.14 -8.79
N VAL A 57 2.50 -3.77 -7.97
CA VAL A 57 2.23 -5.13 -7.52
C VAL A 57 2.37 -5.26 -6.01
N LEU A 58 1.56 -4.50 -5.27
CA LEU A 58 1.61 -4.54 -3.82
C LEU A 58 0.34 -5.13 -3.23
N PRO A 59 0.38 -5.49 -1.93
CA PRO A 59 1.59 -5.33 -1.10
C PRO A 59 2.70 -6.28 -1.52
N PHE A 60 3.92 -5.75 -1.57
CA PHE A 60 5.09 -6.55 -1.94
C PHE A 60 6.04 -6.68 -0.76
N THR A 61 7.18 -7.32 -0.99
CA THR A 61 8.17 -7.50 0.05
C THR A 61 9.54 -7.03 -0.41
N TYR A 62 10.11 -6.06 0.32
CA TYR A 62 11.42 -5.52 -0.02
C TYR A 62 12.26 -5.34 1.24
N ASN A 63 13.50 -5.83 1.20
CA ASN A 63 14.39 -5.73 2.34
C ASN A 63 13.88 -6.55 3.52
N GLY A 64 12.85 -7.36 3.27
CA GLY A 64 12.30 -8.19 4.32
C GLY A 64 10.97 -7.67 4.83
N ARG A 65 10.65 -6.43 4.52
CA ARG A 65 9.40 -5.82 4.97
C ARG A 65 8.34 -5.90 3.88
N THR A 66 7.25 -5.18 4.06
CA THR A 66 6.16 -5.17 3.08
C THR A 66 5.56 -3.78 2.92
N PHE A 67 5.11 -3.47 1.71
CA PHE A 67 4.51 -2.16 1.43
C PHE A 67 3.26 -2.32 0.57
N TYR A 68 2.12 -1.89 1.11
CA TYR A 68 0.86 -1.96 0.39
C TYR A 68 0.83 -0.98 -0.77
N SER A 69 1.79 -0.05 -0.76
CA SER A 69 1.87 0.96 -1.81
C SER A 69 3.32 1.39 -2.04
N CYS A 70 3.49 2.48 -2.77
CA CYS A 70 4.82 3.01 -3.06
C CYS A 70 5.65 3.16 -1.80
N THR A 71 6.92 3.51 -1.97
CA THR A 71 7.82 3.68 -0.83
C THR A 71 9.20 4.11 -1.28
N THR A 72 10.01 4.57 -0.34
CA THR A 72 11.37 5.00 -0.63
C THR A 72 12.36 4.37 0.33
N GLU A 73 12.67 3.10 0.10
CA GLU A 73 13.60 2.38 0.95
C GLU A 73 14.66 1.64 0.13
N GLY A 74 14.67 1.88 -1.18
CA GLY A 74 15.63 1.22 -2.05
C GLY A 74 16.33 2.17 -2.99
N ARG A 75 16.02 3.46 -2.88
CA ARG A 75 16.64 4.47 -3.74
C ARG A 75 17.56 5.37 -2.94
N GLN A 76 18.17 6.33 -3.62
CA GLN A 76 19.09 7.27 -2.98
C GLN A 76 18.65 8.71 -3.23
N ASP A 77 17.49 8.88 -3.84
CA ASP A 77 16.96 10.20 -4.15
C ASP A 77 15.92 10.62 -3.13
N GLY A 78 14.84 9.85 -3.06
CA GLY A 78 13.77 10.15 -2.12
C GLY A 78 12.40 10.09 -2.76
N HIS A 79 12.38 9.83 -4.07
CA HIS A 79 11.13 9.74 -4.81
C HIS A 79 10.45 8.40 -4.58
N LEU A 80 9.25 8.44 -4.02
CA LEU A 80 8.50 7.22 -3.76
C LEU A 80 8.46 6.34 -5.00
N TRP A 81 8.48 5.02 -4.81
CA TRP A 81 8.46 4.09 -5.92
C TRP A 81 7.63 2.85 -5.59
N CYS A 82 7.16 2.17 -6.63
CA CYS A 82 6.37 0.96 -6.45
C CYS A 82 6.79 -0.12 -7.45
N SER A 83 6.72 -1.38 -7.01
CA SER A 83 7.11 -2.50 -7.86
C SER A 83 5.97 -2.90 -8.79
N THR A 84 6.30 -3.17 -10.05
CA THR A 84 5.30 -3.57 -11.03
C THR A 84 5.31 -5.08 -11.23
N THR A 85 6.12 -5.78 -10.44
CA THR A 85 6.23 -7.23 -10.52
C THR A 85 6.47 -7.84 -9.14
N SER A 86 5.75 -8.91 -8.85
CA SER A 86 5.88 -9.57 -7.55
C SER A 86 7.35 -9.72 -7.18
N ASN A 87 8.13 -10.33 -8.07
CA ASN A 87 9.54 -10.53 -7.84
C ASN A 87 10.33 -9.28 -8.23
N TYR A 88 10.33 -8.29 -7.36
CA TYR A 88 11.05 -7.04 -7.61
C TYR A 88 12.55 -7.25 -7.44
N GLU A 89 12.91 -8.28 -6.69
CA GLU A 89 14.32 -8.59 -6.46
C GLU A 89 14.93 -9.29 -7.67
N GLN A 90 14.09 -9.59 -8.66
CA GLN A 90 14.55 -10.27 -9.87
C GLN A 90 14.43 -9.33 -11.08
N ASP A 91 13.26 -8.73 -11.23
CA ASP A 91 13.02 -7.82 -12.34
C ASP A 91 13.62 -6.45 -12.07
N GLN A 92 13.41 -5.96 -10.84
CA GLN A 92 13.94 -4.66 -10.43
C GLN A 92 13.21 -3.53 -11.16
N LYS A 93 12.14 -3.86 -11.87
CA LYS A 93 11.37 -2.86 -12.59
C LYS A 93 10.25 -2.32 -11.72
N TYR A 94 10.37 -1.05 -11.34
CA TYR A 94 9.39 -0.40 -10.49
C TYR A 94 8.86 0.87 -11.14
N SER A 95 8.14 1.66 -10.35
CA SER A 95 7.56 2.92 -10.83
C SER A 95 7.62 3.96 -9.72
N PHE A 96 7.48 5.24 -10.08
CA PHE A 96 7.52 6.32 -9.10
C PHE A 96 6.12 6.69 -8.62
N CYS A 97 6.07 7.64 -7.68
CA CYS A 97 4.80 8.09 -7.13
C CYS A 97 4.94 9.50 -6.54
N THR A 98 3.84 10.22 -6.46
CA THR A 98 3.83 11.58 -5.93
C THR A 98 4.18 11.58 -4.43
N ASP A 99 3.23 11.97 -3.58
CA ASP A 99 3.47 12.02 -2.14
C ASP A 99 4.25 13.27 -1.75
N HIS A 100 5.39 13.48 -2.40
CA HIS A 100 6.22 14.64 -2.12
C HIS A 100 6.35 14.87 -0.61
N THR A 101 6.69 16.09 -0.24
CA THR A 101 6.85 16.44 1.17
C THR A 101 5.67 17.27 1.66
N TYR A 1 -2.93 9.49 23.91
CA TYR A 1 -3.25 8.25 23.15
C TYR A 1 -2.17 7.92 22.15
N GLY A 2 -1.86 6.64 22.02
CA GLY A 2 -0.83 6.21 21.08
C GLY A 2 -1.11 4.84 20.49
N HIS A 3 -0.78 3.79 21.26
CA HIS A 3 -1.00 2.43 20.81
C HIS A 3 -2.27 2.32 19.98
N CYS A 4 -2.15 1.71 18.81
CA CYS A 4 -3.30 1.53 17.93
C CYS A 4 -3.70 0.07 17.83
N VAL A 5 -4.94 -0.23 18.20
CA VAL A 5 -5.43 -1.59 18.16
C VAL A 5 -6.88 -1.63 17.66
N THR A 6 -7.24 -2.74 17.03
CA THR A 6 -8.60 -2.90 16.51
C THR A 6 -9.32 -4.05 17.19
N ASP A 7 -10.40 -4.51 16.58
CA ASP A 7 -11.18 -5.61 17.14
C ASP A 7 -10.52 -6.96 16.82
N SER A 8 -9.43 -6.92 16.05
CA SER A 8 -8.72 -8.14 15.68
C SER A 8 -7.68 -8.50 16.73
N GLY A 9 -7.30 -7.52 17.54
CA GLY A 9 -6.31 -7.74 18.57
C GLY A 9 -4.98 -7.11 18.24
N VAL A 10 -4.72 -6.93 16.95
CA VAL A 10 -3.47 -6.33 16.49
C VAL A 10 -3.14 -5.07 17.29
N VAL A 11 -2.18 -5.17 18.19
CA VAL A 11 -1.78 -4.03 19.01
C VAL A 11 -0.70 -3.21 18.32
N TYR A 12 -1.12 -2.39 17.37
CA TYR A 12 -0.21 -1.52 16.63
C TYR A 12 0.26 -0.37 17.52
N SER A 13 1.08 0.51 16.94
CA SER A 13 1.58 1.67 17.65
C SER A 13 1.50 2.92 16.79
N VAL A 14 1.53 4.07 17.44
CA VAL A 14 1.44 5.35 16.75
C VAL A 14 2.33 5.39 15.50
N GLY A 15 1.78 4.97 14.37
CA GLY A 15 2.53 4.99 13.13
C GLY A 15 2.56 3.64 12.42
N MET A 16 2.13 2.59 13.12
CA MET A 16 2.12 1.25 12.52
C MET A 16 0.83 1.02 11.77
N GLN A 17 0.83 1.35 10.48
CA GLN A 17 -0.36 1.18 9.65
C GLN A 17 -0.57 -0.30 9.31
N TRP A 18 -1.47 -0.56 8.37
CA TRP A 18 -1.77 -1.92 7.95
C TRP A 18 -2.82 -1.96 6.86
N LEU A 19 -3.35 -3.14 6.59
CA LEU A 19 -4.39 -3.32 5.57
C LEU A 19 -5.54 -4.13 6.12
N LYS A 20 -6.76 -3.69 5.84
CA LYS A 20 -7.95 -4.39 6.30
C LYS A 20 -8.76 -4.91 5.12
N THR A 21 -9.28 -6.13 5.27
CA THR A 21 -10.07 -6.76 4.22
C THR A 21 -11.50 -7.02 4.70
N GLN A 22 -12.38 -7.32 3.75
CA GLN A 22 -13.78 -7.59 4.08
C GLN A 22 -14.26 -8.87 3.40
N GLY A 23 -13.33 -9.78 3.15
CA GLY A 23 -13.69 -11.04 2.51
C GLY A 23 -13.59 -10.96 0.99
N ASN A 24 -13.23 -9.79 0.48
CA ASN A 24 -13.12 -9.59 -0.95
C ASN A 24 -12.50 -8.23 -1.27
N LYS A 25 -12.96 -7.19 -0.57
CA LYS A 25 -12.46 -5.84 -0.77
C LYS A 25 -11.24 -5.57 0.12
N GLN A 26 -10.87 -4.30 0.25
CA GLN A 26 -9.73 -3.92 1.08
C GLN A 26 -10.02 -2.65 1.86
N MET A 27 -9.03 -2.21 2.61
CA MET A 27 -9.14 -1.00 3.42
C MET A 27 -7.84 -0.74 4.16
N LEU A 28 -7.11 0.28 3.74
CA LEU A 28 -5.84 0.61 4.37
C LEU A 28 -6.04 1.41 5.64
N CYS A 29 -5.68 0.83 6.77
CA CYS A 29 -5.81 1.48 8.07
C CYS A 29 -4.47 1.97 8.58
N THR A 30 -4.44 3.21 9.07
CA THR A 30 -3.21 3.79 9.61
C THR A 30 -3.48 4.49 10.93
N CYS A 31 -2.60 4.29 11.89
CA CYS A 31 -2.75 4.93 13.20
C CYS A 31 -1.72 6.04 13.36
N LEU A 32 -2.20 7.27 13.34
CA LEU A 32 -1.34 8.43 13.48
C LEU A 32 -0.96 8.66 14.94
N GLY A 33 -1.74 9.50 15.62
CA GLY A 33 -1.47 9.80 17.02
C GLY A 33 -2.72 10.08 17.81
N ASN A 34 -3.67 10.76 17.18
CA ASN A 34 -4.93 11.11 17.82
C ASN A 34 -6.00 10.06 17.52
N GLY A 35 -5.74 9.24 16.50
CA GLY A 35 -6.69 8.21 16.13
C GLY A 35 -6.17 7.33 15.01
N VAL A 36 -7.05 6.53 14.43
CA VAL A 36 -6.69 5.64 13.34
C VAL A 36 -7.55 5.92 12.09
N SER A 37 -6.89 6.39 11.04
CA SER A 37 -7.59 6.70 9.80
C SER A 37 -7.26 5.65 8.73
N CYS A 38 -8.26 5.27 7.95
CA CYS A 38 -8.06 4.27 6.91
C CYS A 38 -8.68 4.71 5.58
N GLN A 39 -8.30 4.03 4.51
CA GLN A 39 -8.80 4.34 3.18
C GLN A 39 -9.72 3.23 2.68
N GLU A 40 -11.01 3.54 2.58
CA GLU A 40 -12.00 2.56 2.12
C GLU A 40 -11.55 1.90 0.82
N THR A 41 -10.98 0.70 0.95
CA THR A 41 -10.50 -0.04 -0.21
C THR A 41 -9.22 0.55 -0.76
N ALA A 42 -9.26 1.84 -1.08
CA ALA A 42 -8.11 2.54 -1.63
C ALA A 42 -8.07 2.39 -3.15
N VAL A 43 -8.16 1.15 -3.61
CA VAL A 43 -8.15 0.84 -5.03
C VAL A 43 -7.08 1.64 -5.77
N THR A 44 -7.09 1.51 -7.09
CA THR A 44 -6.13 2.20 -7.95
C THR A 44 -6.30 1.79 -9.40
N GLN A 45 -5.27 2.07 -10.21
CA GLN A 45 -5.31 1.73 -11.63
C GLN A 45 -4.06 0.94 -12.04
N THR A 46 -4.00 0.56 -13.31
CA THR A 46 -2.87 -0.20 -13.83
C THR A 46 -2.84 -0.15 -15.36
N TYR A 47 -1.63 -0.21 -15.93
CA TYR A 47 -1.47 -0.17 -17.38
C TYR A 47 -0.02 -0.42 -17.76
N GLY A 48 0.18 -1.20 -18.82
CA GLY A 48 1.52 -1.50 -19.29
C GLY A 48 2.36 -2.23 -18.26
N GLY A 49 3.22 -1.49 -17.57
CA GLY A 49 4.06 -2.09 -16.56
C GLY A 49 4.84 -3.29 -17.08
N ASN A 50 4.78 -4.40 -16.35
CA ASN A 50 5.49 -5.61 -16.75
C ASN A 50 4.56 -6.82 -16.71
N SER A 51 3.27 -6.56 -16.49
CA SER A 51 2.29 -7.64 -16.43
C SER A 51 1.03 -7.27 -17.22
N ASN A 52 1.11 -6.20 -18.00
CA ASN A 52 -0.01 -5.75 -18.80
C ASN A 52 -1.19 -5.35 -17.91
N GLY A 53 -0.88 -4.78 -16.75
CA GLY A 53 -1.92 -4.36 -15.83
C GLY A 53 -2.19 -5.39 -14.76
N GLU A 54 -3.42 -5.91 -14.73
CA GLU A 54 -3.80 -6.92 -13.74
C GLU A 54 -3.78 -6.32 -12.33
N PRO A 55 -4.48 -6.99 -11.40
CA PRO A 55 -4.54 -6.54 -10.01
C PRO A 55 -3.25 -6.79 -9.25
N CYS A 56 -2.64 -5.73 -8.73
CA CYS A 56 -1.39 -5.84 -7.99
C CYS A 56 -1.58 -6.67 -6.72
N VAL A 57 -0.49 -7.19 -6.19
CA VAL A 57 -0.53 -8.02 -4.99
C VAL A 57 0.13 -7.34 -3.80
N LEU A 58 -0.52 -6.31 -3.27
CA LEU A 58 0.01 -5.59 -2.12
C LEU A 58 -0.82 -5.86 -0.87
N PRO A 59 -0.25 -5.57 0.31
CA PRO A 59 1.10 -5.00 0.41
C PRO A 59 2.19 -6.01 0.08
N PHE A 60 3.09 -5.64 -0.82
CA PHE A 60 4.19 -6.51 -1.22
C PHE A 60 5.50 -6.01 -0.60
N THR A 61 6.58 -6.72 -0.86
CA THR A 61 7.88 -6.34 -0.32
C THR A 61 8.92 -6.21 -1.44
N TYR A 62 9.53 -5.04 -1.52
CA TYR A 62 10.54 -4.78 -2.54
C TYR A 62 11.65 -3.88 -2.00
N ASN A 63 12.90 -4.27 -2.23
CA ASN A 63 14.04 -3.50 -1.77
C ASN A 63 14.19 -3.59 -0.25
N GLY A 64 13.34 -4.41 0.36
CA GLY A 64 13.40 -4.57 1.81
C GLY A 64 12.26 -3.85 2.52
N ARG A 65 11.50 -3.06 1.78
CA ARG A 65 10.38 -2.33 2.34
C ARG A 65 9.06 -2.96 1.92
N THR A 66 7.96 -2.24 2.16
CA THR A 66 6.64 -2.74 1.80
C THR A 66 5.75 -1.63 1.27
N PHE A 67 4.85 -1.98 0.36
CA PHE A 67 3.93 -1.02 -0.23
C PHE A 67 2.53 -1.63 -0.36
N TYR A 68 1.57 -1.05 0.36
CA TYR A 68 0.21 -1.55 0.33
C TYR A 68 -0.51 -1.12 -0.95
N SER A 69 0.17 -0.32 -1.77
CA SER A 69 -0.42 0.15 -3.02
C SER A 69 0.67 0.51 -4.03
N CYS A 70 0.28 1.27 -5.05
CA CYS A 70 1.21 1.70 -6.09
C CYS A 70 2.43 2.36 -5.48
N THR A 71 3.50 2.45 -6.27
CA THR A 71 4.74 3.06 -5.81
C THR A 71 5.76 3.19 -6.94
N THR A 72 6.65 4.16 -6.81
CA THR A 72 7.68 4.39 -7.82
C THR A 72 9.07 4.20 -7.22
N GLU A 73 9.43 2.95 -6.95
CA GLU A 73 10.72 2.63 -6.37
C GLU A 73 11.70 2.08 -7.40
N GLY A 74 11.29 1.03 -8.10
CA GLY A 74 12.15 0.43 -9.11
C GLY A 74 11.59 0.54 -10.51
N ARG A 75 11.58 1.75 -11.05
CA ARG A 75 11.09 1.99 -12.40
C ARG A 75 12.05 2.87 -13.18
N GLN A 76 12.06 2.71 -14.49
CA GLN A 76 12.94 3.49 -15.35
C GLN A 76 12.19 4.60 -16.07
N ASP A 77 11.32 5.28 -15.33
CA ASP A 77 10.52 6.37 -15.89
C ASP A 77 9.99 7.29 -14.81
N GLY A 78 9.01 6.81 -14.07
CA GLY A 78 8.42 7.59 -13.00
C GLY A 78 6.91 7.43 -12.92
N HIS A 79 6.44 6.22 -13.17
CA HIS A 79 5.01 5.92 -13.14
C HIS A 79 4.69 4.96 -12.00
N LEU A 80 3.82 5.38 -11.08
CA LEU A 80 3.43 4.55 -9.96
C LEU A 80 3.26 3.10 -10.41
N TRP A 81 3.82 2.18 -9.63
CA TRP A 81 3.73 0.76 -9.98
C TRP A 81 3.63 -0.11 -8.73
N CYS A 82 3.02 -1.27 -8.89
CA CYS A 82 2.86 -2.22 -7.79
C CYS A 82 3.12 -3.65 -8.29
N SER A 83 3.31 -4.58 -7.37
CA SER A 83 3.56 -5.96 -7.73
C SER A 83 2.26 -6.64 -8.12
N THR A 84 2.36 -7.67 -8.98
CA THR A 84 1.19 -8.40 -9.42
C THR A 84 1.06 -9.74 -8.69
N THR A 85 2.21 -10.36 -8.40
CA THR A 85 2.24 -11.63 -7.70
C THR A 85 2.99 -11.51 -6.39
N SER A 86 2.84 -12.50 -5.52
CA SER A 86 3.51 -12.50 -4.23
C SER A 86 5.03 -12.53 -4.39
N ASN A 87 5.51 -13.46 -5.21
CA ASN A 87 6.94 -13.59 -5.45
C ASN A 87 7.37 -12.78 -6.67
N TYR A 88 7.29 -11.46 -6.56
CA TYR A 88 7.68 -10.58 -7.65
C TYR A 88 9.20 -10.58 -7.79
N GLU A 89 9.89 -11.01 -6.74
CA GLU A 89 11.34 -11.06 -6.74
C GLU A 89 11.84 -12.07 -7.76
N GLN A 90 11.09 -13.16 -7.91
CA GLN A 90 11.44 -14.21 -8.86
C GLN A 90 10.68 -14.04 -10.17
N ASP A 91 9.40 -13.72 -10.07
CA ASP A 91 8.56 -13.51 -11.23
C ASP A 91 9.01 -12.26 -12.00
N GLN A 92 8.98 -11.13 -11.32
CA GLN A 92 9.40 -9.86 -11.93
C GLN A 92 8.28 -9.27 -12.76
N LYS A 93 7.05 -9.38 -12.27
CA LYS A 93 5.90 -8.83 -12.98
C LYS A 93 5.20 -7.78 -12.12
N TYR A 94 5.09 -6.58 -12.66
CA TYR A 94 4.45 -5.47 -11.94
C TYR A 94 3.56 -4.65 -12.86
N SER A 95 2.77 -3.76 -12.27
CA SER A 95 1.87 -2.90 -13.03
C SER A 95 2.10 -1.44 -12.68
N PHE A 96 1.49 -0.54 -13.44
CA PHE A 96 1.64 0.89 -13.20
C PHE A 96 0.42 1.46 -12.48
N CYS A 97 0.38 2.78 -12.36
CA CYS A 97 -0.73 3.46 -11.68
C CYS A 97 -0.83 4.91 -12.11
N THR A 98 -1.38 5.14 -13.29
CA THR A 98 -1.53 6.49 -13.82
C THR A 98 -2.17 7.42 -12.79
N ASP A 99 -3.09 6.87 -12.01
CA ASP A 99 -3.77 7.64 -10.98
C ASP A 99 -4.62 8.74 -11.59
N HIS A 100 -3.98 9.65 -12.32
CA HIS A 100 -4.68 10.75 -12.96
C HIS A 100 -5.60 11.47 -11.97
N THR A 101 -6.38 12.41 -12.49
CA THR A 101 -7.31 13.17 -11.65
C THR A 101 -8.55 13.57 -12.42
N TYR A 1 2.65 10.33 19.40
CA TYR A 1 2.31 10.25 20.84
C TYR A 1 0.92 9.65 21.05
N GLY A 2 0.89 8.42 21.55
CA GLY A 2 -0.38 7.76 21.79
C GLY A 2 -0.43 6.37 21.17
N HIS A 3 -1.60 5.75 21.20
CA HIS A 3 -1.78 4.41 20.65
C HIS A 3 -3.04 4.36 19.79
N CYS A 4 -2.99 3.55 18.73
CA CYS A 4 -4.12 3.40 17.82
C CYS A 4 -4.66 1.97 17.85
N VAL A 5 -5.92 1.81 18.20
CA VAL A 5 -6.54 0.50 18.27
C VAL A 5 -7.95 0.52 17.67
N THR A 6 -8.27 -0.52 16.91
CA THR A 6 -9.58 -0.63 16.28
C THR A 6 -10.62 -1.20 17.25
N ASP A 7 -10.16 -1.62 18.42
CA ASP A 7 -11.06 -2.19 19.43
C ASP A 7 -11.29 -3.68 19.17
N SER A 8 -10.75 -4.18 18.07
CA SER A 8 -10.90 -5.58 17.71
C SER A 8 -9.79 -6.43 18.33
N GLY A 9 -8.66 -5.80 18.61
CA GLY A 9 -7.54 -6.50 19.20
C GLY A 9 -6.20 -6.00 18.68
N VAL A 10 -6.24 -5.23 17.60
CA VAL A 10 -5.03 -4.68 17.01
C VAL A 10 -4.63 -3.37 17.68
N VAL A 11 -3.69 -3.44 18.60
CA VAL A 11 -3.21 -2.26 19.32
C VAL A 11 -2.05 -1.60 18.59
N TYR A 12 -2.38 -0.81 17.57
CA TYR A 12 -1.37 -0.12 16.79
C TYR A 12 -0.74 1.00 17.62
N SER A 13 0.12 1.78 16.98
CA SER A 13 0.79 2.90 17.65
C SER A 13 0.95 4.08 16.70
N VAL A 14 0.83 5.29 17.23
CA VAL A 14 0.96 6.50 16.45
C VAL A 14 1.94 6.33 15.29
N GLY A 15 1.43 5.88 14.15
CA GLY A 15 2.27 5.68 12.98
C GLY A 15 2.53 4.22 12.68
N MET A 16 1.50 3.40 12.77
CA MET A 16 1.63 1.96 12.50
C MET A 16 0.64 1.54 11.43
N GLN A 17 0.61 2.28 10.33
CA GLN A 17 -0.29 1.99 9.22
C GLN A 17 -0.52 0.49 9.06
N TRP A 18 -1.74 0.11 8.72
CA TRP A 18 -2.08 -1.30 8.52
C TRP A 18 -3.07 -1.47 7.37
N LEU A 19 -3.54 -2.70 7.19
CA LEU A 19 -4.48 -3.01 6.11
C LEU A 19 -5.83 -3.41 6.67
N LYS A 20 -6.88 -3.02 5.95
CA LYS A 20 -8.24 -3.35 6.37
C LYS A 20 -8.99 -4.10 5.27
N THR A 21 -9.93 -4.95 5.67
CA THR A 21 -10.70 -5.73 4.71
C THR A 21 -12.13 -6.00 5.21
N GLN A 22 -12.27 -6.16 6.52
CA GLN A 22 -13.58 -6.41 7.10
C GLN A 22 -14.38 -5.11 7.21
N GLY A 23 -15.29 -4.90 6.26
CA GLY A 23 -16.11 -3.71 6.26
C GLY A 23 -16.99 -3.63 5.04
N ASN A 24 -16.41 -3.89 3.87
CA ASN A 24 -17.14 -3.85 2.62
C ASN A 24 -16.44 -4.66 1.54
N LYS A 25 -15.17 -4.36 1.31
CA LYS A 25 -14.37 -5.06 0.31
C LYS A 25 -12.88 -4.92 0.61
N GLN A 26 -12.38 -3.70 0.48
CA GLN A 26 -10.97 -3.43 0.74
C GLN A 26 -10.79 -2.03 1.31
N MET A 27 -10.03 -1.93 2.40
CA MET A 27 -9.79 -0.64 3.04
C MET A 27 -8.46 -0.66 3.80
N LEU A 28 -7.87 0.52 3.94
CA LEU A 28 -6.61 0.65 4.66
C LEU A 28 -6.81 1.58 5.83
N CYS A 29 -5.92 1.56 6.81
CA CYS A 29 -6.09 2.42 7.97
C CYS A 29 -4.76 2.93 8.49
N THR A 30 -4.73 4.21 8.84
CA THR A 30 -3.52 4.82 9.37
C THR A 30 -3.84 5.65 10.62
N CYS A 31 -2.96 5.55 11.61
CA CYS A 31 -3.15 6.30 12.84
C CYS A 31 -2.06 7.36 12.97
N LEU A 32 -2.46 8.61 12.75
CA LEU A 32 -1.53 9.72 12.82
C LEU A 32 -1.26 10.13 14.27
N GLY A 33 -2.03 11.10 14.76
CA GLY A 33 -1.86 11.56 16.12
C GLY A 33 -3.18 11.87 16.81
N ASN A 34 -4.11 12.43 16.04
CA ASN A 34 -5.42 12.78 16.57
C ASN A 34 -6.36 11.58 16.52
N GLY A 35 -6.22 10.77 15.47
CA GLY A 35 -7.07 9.61 15.33
C GLY A 35 -6.51 8.59 14.34
N VAL A 36 -7.37 8.08 13.48
CA VAL A 36 -6.97 7.11 12.47
C VAL A 36 -7.61 7.42 11.12
N SER A 37 -6.77 7.68 10.12
CA SER A 37 -7.25 8.00 8.78
C SER A 37 -7.17 6.77 7.88
N CYS A 38 -8.33 6.27 7.47
CA CYS A 38 -8.39 5.09 6.61
C CYS A 38 -8.74 5.48 5.18
N GLN A 39 -8.54 4.55 4.25
CA GLN A 39 -8.84 4.80 2.85
C GLN A 39 -9.62 3.64 2.24
N GLU A 40 -10.85 3.92 1.82
CA GLU A 40 -11.71 2.90 1.22
C GLU A 40 -11.14 2.43 -0.10
N THR A 41 -10.91 1.12 -0.21
CA THR A 41 -10.35 0.54 -1.43
C THR A 41 -8.84 0.74 -1.50
N ALA A 42 -8.41 1.98 -1.31
CA ALA A 42 -6.99 2.31 -1.35
C ALA A 42 -6.42 2.08 -2.74
N VAL A 43 -6.26 3.15 -3.50
CA VAL A 43 -5.71 3.07 -4.85
C VAL A 43 -5.03 4.38 -5.24
N THR A 44 -4.37 4.37 -6.39
CA THR A 44 -3.68 5.56 -6.87
C THR A 44 -3.22 5.38 -8.32
N GLN A 45 -3.29 6.46 -9.09
CA GLN A 45 -2.88 6.43 -10.48
C GLN A 45 -1.39 6.15 -10.61
N THR A 46 -0.94 5.84 -11.82
CA THR A 46 0.47 5.57 -12.07
C THR A 46 0.86 5.94 -13.50
N TYR A 47 1.96 6.69 -13.63
CA TYR A 47 2.43 7.09 -14.95
C TYR A 47 3.20 5.96 -15.61
N GLY A 48 4.41 5.72 -15.14
CA GLY A 48 5.21 4.65 -15.69
C GLY A 48 6.71 4.93 -15.63
N GLY A 49 7.24 5.02 -14.42
CA GLY A 49 8.66 5.27 -14.27
C GLY A 49 9.50 4.36 -15.13
N ASN A 50 9.35 3.05 -14.92
CA ASN A 50 10.07 2.05 -15.68
C ASN A 50 9.16 0.89 -16.05
N SER A 51 7.86 1.06 -15.81
CA SER A 51 6.88 0.03 -16.11
C SER A 51 5.74 0.58 -16.96
N ASN A 52 5.83 1.87 -17.28
CA ASN A 52 4.80 2.53 -18.08
C ASN A 52 3.49 2.65 -17.33
N GLY A 53 3.53 2.33 -16.03
CA GLY A 53 2.33 2.42 -15.21
C GLY A 53 1.51 1.15 -15.27
N GLU A 54 1.18 0.60 -14.11
CA GLU A 54 0.39 -0.62 -14.03
C GLU A 54 0.02 -0.95 -12.58
N PRO A 55 -1.02 -1.78 -12.40
CA PRO A 55 -1.48 -2.18 -11.07
C PRO A 55 -0.35 -2.76 -10.22
N CYS A 56 0.17 -1.94 -9.30
CA CYS A 56 1.26 -2.38 -8.43
C CYS A 56 1.02 -3.80 -7.93
N VAL A 57 2.07 -4.40 -7.36
CA VAL A 57 1.98 -5.76 -6.84
C VAL A 57 2.26 -5.81 -5.34
N LEU A 58 1.35 -5.26 -4.55
CA LEU A 58 1.51 -5.25 -3.10
C LEU A 58 0.45 -6.11 -2.43
N PRO A 59 0.59 -6.34 -1.11
CA PRO A 59 1.71 -5.79 -0.34
C PRO A 59 3.04 -6.42 -0.71
N PHE A 60 4.04 -5.59 -0.97
CA PHE A 60 5.37 -6.06 -1.32
C PHE A 60 6.34 -5.79 -0.18
N THR A 61 7.59 -6.18 -0.36
CA THR A 61 8.60 -5.97 0.67
C THR A 61 9.77 -5.17 0.12
N TYR A 62 10.03 -4.02 0.74
CA TYR A 62 11.12 -3.16 0.32
C TYR A 62 11.82 -2.56 1.53
N ASN A 63 13.15 -2.63 1.54
CA ASN A 63 13.94 -2.10 2.64
C ASN A 63 13.79 -2.97 3.88
N GLY A 64 13.05 -4.05 3.76
CA GLY A 64 12.84 -4.95 4.87
C GLY A 64 11.44 -4.87 5.44
N ARG A 65 10.68 -3.87 5.02
CA ARG A 65 9.31 -3.68 5.48
C ARG A 65 8.31 -4.06 4.40
N THR A 66 7.07 -3.63 4.56
CA THR A 66 6.02 -3.92 3.60
C THR A 66 5.14 -2.71 3.34
N PHE A 67 4.65 -2.58 2.11
CA PHE A 67 3.80 -1.47 1.74
C PHE A 67 2.61 -1.95 0.91
N TYR A 68 1.48 -1.27 1.02
CA TYR A 68 0.28 -1.65 0.29
C TYR A 68 0.07 -0.78 -0.95
N SER A 69 1.13 -0.13 -1.41
CA SER A 69 1.04 0.73 -2.58
C SER A 69 2.29 1.58 -2.74
N CYS A 70 2.21 2.57 -3.63
CA CYS A 70 3.32 3.46 -3.89
C CYS A 70 3.87 4.05 -2.60
N THR A 71 5.10 4.56 -2.65
CA THR A 71 5.73 5.15 -1.49
C THR A 71 7.05 5.82 -1.86
N THR A 72 7.51 6.72 -1.01
CA THR A 72 8.75 7.43 -1.24
C THR A 72 9.82 7.03 -0.23
N GLU A 73 10.24 5.77 -0.29
CA GLU A 73 11.25 5.25 0.63
C GLU A 73 12.50 4.80 -0.12
N GLY A 74 12.58 5.17 -1.39
CA GLY A 74 13.72 4.78 -2.20
C GLY A 74 14.33 5.94 -2.96
N ARG A 75 13.87 7.15 -2.66
CA ARG A 75 14.38 8.35 -3.33
C ARG A 75 14.40 9.54 -2.37
N GLN A 76 15.21 10.54 -2.70
CA GLN A 76 15.33 11.74 -1.88
C GLN A 76 14.59 12.91 -2.52
N ASP A 77 13.77 12.61 -3.52
CA ASP A 77 13.00 13.64 -4.22
C ASP A 77 11.62 13.80 -3.60
N GLY A 78 10.83 12.74 -3.66
CA GLY A 78 9.49 12.77 -3.10
C GLY A 78 8.44 12.28 -4.08
N HIS A 79 8.81 11.31 -4.90
CA HIS A 79 7.88 10.74 -5.88
C HIS A 79 7.42 9.36 -5.46
N LEU A 80 6.11 9.21 -5.25
CA LEU A 80 5.54 7.94 -4.85
C LEU A 80 5.79 6.87 -5.91
N TRP A 81 6.37 5.75 -5.50
CA TRP A 81 6.65 4.66 -6.42
C TRP A 81 6.20 3.32 -5.84
N CYS A 82 5.87 2.39 -6.73
CA CYS A 82 5.42 1.06 -6.33
C CYS A 82 6.02 0.00 -7.25
N SER A 83 5.82 -1.26 -6.91
CA SER A 83 6.34 -2.36 -7.71
C SER A 83 5.22 -3.08 -8.43
N THR A 84 5.55 -3.68 -9.57
CA THR A 84 4.58 -4.42 -10.36
C THR A 84 4.89 -5.91 -10.36
N THR A 85 6.11 -6.26 -9.96
CA THR A 85 6.54 -7.64 -9.89
C THR A 85 6.92 -8.03 -8.46
N SER A 86 6.49 -9.21 -8.03
CA SER A 86 6.80 -9.68 -6.69
C SER A 86 8.29 -9.50 -6.38
N ASN A 87 9.13 -9.87 -7.33
CA ASN A 87 10.58 -9.74 -7.17
C ASN A 87 11.10 -8.51 -7.91
N TYR A 88 10.78 -7.34 -7.38
CA TYR A 88 11.23 -6.08 -7.99
C TYR A 88 12.72 -5.89 -7.76
N GLU A 89 13.24 -6.54 -6.72
CA GLU A 89 14.66 -6.43 -6.39
C GLU A 89 15.52 -6.98 -7.54
N GLN A 90 14.92 -7.84 -8.35
CA GLN A 90 15.63 -8.44 -9.48
C GLN A 90 15.03 -7.96 -10.80
N ASP A 91 13.71 -7.90 -10.86
CA ASP A 91 13.01 -7.47 -12.06
C ASP A 91 13.12 -5.96 -12.23
N GLN A 92 13.06 -5.24 -11.12
CA GLN A 92 13.15 -3.78 -11.14
C GLN A 92 11.88 -3.16 -11.69
N LYS A 93 10.84 -3.98 -11.87
CA LYS A 93 9.58 -3.49 -12.40
C LYS A 93 8.87 -2.62 -11.37
N TYR A 94 9.03 -1.31 -11.51
CA TYR A 94 8.41 -0.37 -10.58
C TYR A 94 7.62 0.72 -11.33
N SER A 95 6.72 1.36 -10.61
CA SER A 95 5.91 2.43 -11.18
C SER A 95 5.93 3.66 -10.27
N PHE A 96 5.08 4.63 -10.57
CA PHE A 96 5.00 5.85 -9.77
C PHE A 96 3.58 6.10 -9.28
N CYS A 97 3.37 7.26 -8.67
CA CYS A 97 2.04 7.62 -8.18
C CYS A 97 1.89 9.13 -8.06
N THR A 98 0.76 9.64 -8.53
CA THR A 98 0.49 11.08 -8.47
C THR A 98 -0.09 11.47 -7.10
N ASP A 99 -0.62 10.48 -6.38
CA ASP A 99 -1.19 10.73 -5.06
C ASP A 99 -2.38 11.67 -5.16
N HIS A 100 -2.11 12.94 -5.42
CA HIS A 100 -3.16 13.94 -5.53
C HIS A 100 -4.40 13.35 -6.21
N THR A 101 -4.26 13.00 -7.48
CA THR A 101 -5.36 12.42 -8.24
C THR A 101 -5.36 10.90 -8.14
N TYR A 1 -5.89 7.50 25.28
CA TYR A 1 -5.63 8.90 24.85
C TYR A 1 -4.60 8.96 23.74
N GLY A 2 -5.04 8.64 22.52
CA GLY A 2 -4.15 8.67 21.38
C GLY A 2 -4.14 7.36 20.62
N HIS A 3 -3.89 6.27 21.33
CA HIS A 3 -3.86 4.95 20.71
C HIS A 3 -5.08 4.75 19.80
N CYS A 4 -4.91 3.91 18.78
CA CYS A 4 -5.99 3.63 17.84
C CYS A 4 -6.47 2.18 17.97
N VAL A 5 -7.70 1.93 17.55
CA VAL A 5 -8.27 0.59 17.61
C VAL A 5 -9.26 0.34 16.48
N THR A 6 -9.99 -0.77 16.56
CA THR A 6 -10.96 -1.12 15.54
C THR A 6 -11.78 -2.34 15.95
N ASP A 7 -13.03 -2.10 16.37
CA ASP A 7 -13.91 -3.18 16.78
C ASP A 7 -13.52 -3.70 18.16
N SER A 8 -12.57 -3.04 18.80
CA SER A 8 -12.12 -3.44 20.13
C SER A 8 -11.35 -4.77 20.07
N GLY A 9 -10.75 -5.05 18.92
CA GLY A 9 -10.01 -6.28 18.75
C GLY A 9 -8.53 -6.03 18.52
N VAL A 10 -8.18 -4.79 18.19
CA VAL A 10 -6.79 -4.42 17.95
C VAL A 10 -6.44 -3.11 18.64
N VAL A 11 -5.23 -3.02 19.16
CA VAL A 11 -4.78 -1.82 19.85
C VAL A 11 -3.62 -1.16 19.12
N TYR A 12 -3.93 -0.27 18.18
CA TYR A 12 -2.91 0.43 17.42
C TYR A 12 -2.40 1.64 18.19
N SER A 13 -1.62 2.48 17.52
CA SER A 13 -1.07 3.68 18.15
C SER A 13 -1.14 4.87 17.20
N VAL A 14 -1.37 6.06 17.77
CA VAL A 14 -1.46 7.28 16.97
C VAL A 14 -0.38 7.33 15.89
N GLY A 15 -0.70 6.76 14.73
CA GLY A 15 0.24 6.76 13.63
C GLY A 15 0.67 5.36 13.24
N MET A 16 -0.09 4.36 13.68
CA MET A 16 0.23 2.97 13.37
C MET A 16 -0.82 2.37 12.44
N GLN A 17 -1.04 3.03 11.31
CA GLN A 17 -2.01 2.57 10.34
C GLN A 17 -1.83 1.08 10.06
N TRP A 18 -2.66 0.52 9.18
CA TRP A 18 -2.57 -0.89 8.85
C TRP A 18 -3.28 -1.19 7.52
N LEU A 19 -3.59 -2.46 7.29
CA LEU A 19 -4.25 -2.88 6.07
C LEU A 19 -5.37 -3.88 6.35
N LYS A 20 -6.38 -3.88 5.50
CA LYS A 20 -7.51 -4.80 5.66
C LYS A 20 -8.11 -5.16 4.31
N THR A 21 -8.63 -6.38 4.21
CA THR A 21 -9.24 -6.85 2.98
C THR A 21 -10.76 -6.93 3.12
N GLN A 22 -11.45 -6.78 2.00
CA GLN A 22 -12.91 -6.84 2.00
C GLN A 22 -13.41 -7.91 1.05
N GLY A 23 -12.61 -8.98 0.88
CA GLY A 23 -12.99 -10.07 0.00
C GLY A 23 -12.25 -10.02 -1.31
N ASN A 24 -12.53 -9.02 -2.13
CA ASN A 24 -11.88 -8.88 -3.42
C ASN A 24 -11.25 -7.50 -3.57
N LYS A 25 -11.25 -6.73 -2.48
CA LYS A 25 -10.66 -5.39 -2.48
C LYS A 25 -9.63 -5.25 -1.37
N GLN A 26 -8.94 -4.11 -1.34
CA GLN A 26 -7.93 -3.85 -0.33
C GLN A 26 -8.17 -2.51 0.35
N MET A 27 -8.56 -2.56 1.62
CA MET A 27 -8.81 -1.34 2.38
C MET A 27 -7.72 -1.10 3.41
N LEU A 28 -7.27 0.15 3.49
CA LEU A 28 -6.22 0.53 4.44
C LEU A 28 -6.78 1.42 5.52
N CYS A 29 -6.38 1.15 6.75
CA CYS A 29 -6.85 1.92 7.89
C CYS A 29 -5.71 2.59 8.61
N THR A 30 -5.76 3.93 8.66
CA THR A 30 -4.72 4.70 9.34
C THR A 30 -5.30 5.51 10.49
N CYS A 31 -4.55 5.58 11.58
CA CYS A 31 -4.98 6.33 12.74
C CYS A 31 -4.10 7.55 12.94
N LEU A 32 -4.64 8.71 12.59
CA LEU A 32 -3.91 9.96 12.72
C LEU A 32 -3.91 10.47 14.16
N GLY A 33 -4.85 11.36 14.47
CA GLY A 33 -4.94 11.91 15.81
C GLY A 33 -6.36 12.04 16.30
N ASN A 34 -7.26 12.45 15.41
CA ASN A 34 -8.67 12.61 15.75
C ASN A 34 -9.34 11.25 15.91
N GLY A 35 -8.92 10.30 15.09
CA GLY A 35 -9.49 8.96 15.15
C GLY A 35 -8.77 7.98 14.26
N VAL A 36 -9.48 7.48 13.24
CA VAL A 36 -8.89 6.53 12.30
C VAL A 36 -9.47 6.72 10.90
N SER A 37 -8.59 6.99 9.94
CA SER A 37 -9.02 7.19 8.55
C SER A 37 -8.50 6.05 7.67
N CYS A 38 -9.42 5.40 6.98
CA CYS A 38 -9.06 4.29 6.11
C CYS A 38 -9.25 4.65 4.64
N GLN A 39 -8.87 3.73 3.75
CA GLN A 39 -9.00 3.94 2.32
C GLN A 39 -9.47 2.66 1.62
N GLU A 40 -10.71 2.68 1.15
CA GLU A 40 -11.29 1.53 0.46
C GLU A 40 -10.68 1.35 -0.92
N THR A 41 -10.12 0.16 -1.17
CA THR A 41 -9.51 -0.15 -2.46
C THR A 41 -8.10 0.41 -2.57
N ALA A 42 -7.92 1.66 -2.16
CA ALA A 42 -6.61 2.31 -2.24
C ALA A 42 -6.17 2.48 -3.69
N VAL A 43 -5.47 1.48 -4.22
CA VAL A 43 -4.99 1.52 -5.59
C VAL A 43 -4.43 2.89 -5.94
N THR A 44 -4.11 3.08 -7.23
CA THR A 44 -3.56 4.35 -7.71
C THR A 44 -3.69 4.47 -9.22
N GLN A 45 -3.11 5.54 -9.77
CA GLN A 45 -3.17 5.77 -11.22
C GLN A 45 -2.02 5.07 -11.93
N THR A 46 -0.82 5.18 -11.37
CA THR A 46 0.36 4.56 -11.96
C THR A 46 0.59 5.06 -13.38
N TYR A 47 1.86 5.21 -13.75
CA TYR A 47 2.21 5.69 -15.08
C TYR A 47 3.59 5.21 -15.50
N GLY A 48 3.73 4.84 -16.77
CA GLY A 48 5.01 4.36 -17.27
C GLY A 48 5.74 3.50 -16.28
N GLY A 49 6.87 3.99 -15.79
CA GLY A 49 7.66 3.25 -14.83
C GLY A 49 8.40 2.09 -15.48
N ASN A 50 8.02 0.87 -15.12
CA ASN A 50 8.65 -0.32 -15.66
C ASN A 50 7.63 -1.21 -16.37
N SER A 51 6.36 -1.05 -16.00
CA SER A 51 5.30 -1.86 -16.60
C SER A 51 4.15 -0.97 -17.08
N ASN A 52 4.48 0.25 -17.51
CA ASN A 52 3.47 1.18 -18.00
C ASN A 52 2.32 1.33 -17.00
N GLY A 53 2.63 1.19 -15.72
CA GLY A 53 1.62 1.31 -14.70
C GLY A 53 0.69 0.12 -14.65
N GLU A 54 1.27 -1.08 -14.74
CA GLU A 54 0.48 -2.31 -14.71
C GLU A 54 -0.06 -2.57 -13.30
N PRO A 55 -1.00 -3.53 -13.19
CA PRO A 55 -1.60 -3.89 -11.90
C PRO A 55 -0.55 -4.35 -10.90
N CYS A 56 -0.32 -3.53 -9.88
CA CYS A 56 0.67 -3.85 -8.86
C CYS A 56 0.40 -5.21 -8.22
N VAL A 57 1.20 -5.56 -7.22
CA VAL A 57 1.06 -6.83 -6.51
C VAL A 57 1.38 -6.67 -5.03
N LEU A 58 0.68 -5.76 -4.38
CA LEU A 58 0.91 -5.50 -2.95
C LEU A 58 -0.11 -6.25 -2.09
N PRO A 59 0.15 -6.33 -0.78
CA PRO A 59 1.35 -5.75 -0.18
C PRO A 59 2.62 -6.45 -0.62
N PHE A 60 3.64 -5.66 -0.93
CA PHE A 60 4.93 -6.20 -1.36
C PHE A 60 5.99 -5.96 -0.30
N THR A 61 7.20 -6.43 -0.56
CA THR A 61 8.29 -6.25 0.38
C THR A 61 9.50 -5.62 -0.30
N TYR A 62 9.96 -4.50 0.26
CA TYR A 62 11.11 -3.80 -0.28
C TYR A 62 11.98 -3.22 0.83
N ASN A 63 13.28 -3.48 0.76
CA ASN A 63 14.20 -2.98 1.77
C ASN A 63 14.02 -3.72 3.09
N GLY A 64 13.11 -4.69 3.10
CA GLY A 64 12.87 -5.46 4.32
C GLY A 64 11.50 -5.18 4.92
N ARG A 65 10.85 -4.11 4.45
CA ARG A 65 9.52 -3.75 4.96
C ARG A 65 8.43 -4.16 3.97
N THR A 66 7.24 -3.63 4.18
CA THR A 66 6.10 -3.93 3.31
C THR A 66 5.24 -2.70 3.09
N PHE A 67 4.63 -2.60 1.91
CA PHE A 67 3.79 -1.46 1.58
C PHE A 67 2.51 -1.88 0.88
N TYR A 68 1.43 -1.12 1.11
CA TYR A 68 0.14 -1.41 0.50
C TYR A 68 -0.19 -0.39 -0.60
N SER A 69 0.84 0.06 -1.31
CA SER A 69 0.64 1.04 -2.38
C SER A 69 1.97 1.60 -2.87
N CYS A 70 1.89 2.67 -3.65
CA CYS A 70 3.07 3.31 -4.19
C CYS A 70 3.86 4.03 -3.10
N THR A 71 5.16 4.21 -3.32
CA THR A 71 6.01 4.88 -2.35
C THR A 71 7.35 5.29 -2.98
N THR A 72 8.20 5.89 -2.17
CA THR A 72 9.51 6.33 -2.64
C THR A 72 10.59 5.95 -1.63
N GLU A 73 10.98 4.68 -1.65
CA GLU A 73 12.00 4.17 -0.73
C GLU A 73 13.17 3.55 -1.50
N GLY A 74 12.99 3.34 -2.79
CA GLY A 74 14.04 2.75 -3.59
C GLY A 74 14.78 3.77 -4.44
N ARG A 75 14.24 4.99 -4.50
CA ARG A 75 14.86 6.06 -5.29
C ARG A 75 15.41 7.15 -4.38
N GLN A 76 16.22 8.03 -4.96
CA GLN A 76 16.81 9.14 -4.21
C GLN A 76 16.20 10.47 -4.62
N ASP A 77 15.18 10.41 -5.49
CA ASP A 77 14.50 11.62 -5.96
C ASP A 77 13.20 11.82 -5.21
N GLY A 78 12.21 11.00 -5.55
CA GLY A 78 10.91 11.11 -4.91
C GLY A 78 9.77 10.67 -5.80
N HIS A 79 10.01 9.64 -6.61
CA HIS A 79 8.99 9.13 -7.51
C HIS A 79 8.30 7.92 -6.91
N LEU A 80 6.98 8.02 -6.75
CA LEU A 80 6.20 6.92 -6.19
C LEU A 80 6.17 5.74 -7.15
N TRP A 81 6.35 4.53 -6.61
CA TRP A 81 6.34 3.33 -7.43
C TRP A 81 5.71 2.17 -6.67
N CYS A 82 5.23 1.17 -7.42
CA CYS A 82 4.62 -0.01 -6.82
C CYS A 82 5.21 -1.28 -7.42
N SER A 83 4.84 -2.42 -6.85
CA SER A 83 5.34 -3.70 -7.34
C SER A 83 4.31 -4.36 -8.24
N THR A 84 4.76 -4.97 -9.31
CA THR A 84 3.85 -5.64 -10.26
C THR A 84 4.07 -7.15 -10.24
N THR A 85 5.13 -7.59 -9.56
CA THR A 85 5.44 -9.00 -9.47
C THR A 85 5.70 -9.41 -8.02
N SER A 86 5.00 -10.43 -7.55
CA SER A 86 5.16 -10.91 -6.18
C SER A 86 6.62 -10.91 -5.79
N ASN A 87 7.50 -11.08 -6.76
CA ASN A 87 8.93 -11.11 -6.51
C ASN A 87 9.63 -9.99 -7.30
N TYR A 88 9.49 -8.77 -6.82
CA TYR A 88 10.11 -7.62 -7.46
C TYR A 88 11.61 -7.60 -7.18
N GLU A 89 12.00 -8.25 -6.09
CA GLU A 89 13.40 -8.31 -5.70
C GLU A 89 14.21 -9.14 -6.71
N GLN A 90 13.51 -9.91 -7.53
CA GLN A 90 14.16 -10.75 -8.53
C GLN A 90 13.78 -10.32 -9.94
N ASP A 91 12.52 -9.97 -10.13
CA ASP A 91 12.03 -9.53 -11.45
C ASP A 91 12.30 -8.05 -11.65
N GLN A 92 12.17 -7.28 -10.59
CA GLN A 92 12.39 -5.84 -10.64
C GLN A 92 11.28 -5.14 -11.43
N LYS A 93 10.14 -5.80 -11.55
CA LYS A 93 9.02 -5.23 -12.29
C LYS A 93 8.17 -4.34 -11.37
N TYR A 94 8.20 -3.05 -11.66
CA TYR A 94 7.45 -2.09 -10.85
C TYR A 94 6.65 -1.12 -11.72
N SER A 95 6.08 -0.11 -11.08
CA SER A 95 5.28 0.90 -11.77
C SER A 95 5.24 2.19 -10.94
N PHE A 96 5.43 3.32 -11.60
CA PHE A 96 5.42 4.61 -10.92
C PHE A 96 4.03 4.96 -10.42
N CYS A 97 3.91 6.13 -9.79
CA CYS A 97 2.63 6.59 -9.26
C CYS A 97 2.54 8.11 -9.31
N THR A 98 1.33 8.62 -9.51
CA THR A 98 1.11 10.07 -9.57
C THR A 98 1.42 10.73 -8.23
N ASP A 99 1.98 11.93 -8.30
CA ASP A 99 2.33 12.68 -7.10
C ASP A 99 1.29 12.46 -6.00
N HIS A 100 0.03 12.67 -6.33
CA HIS A 100 -1.05 12.50 -5.37
C HIS A 100 -0.80 13.34 -4.13
N THR A 101 0.00 12.81 -3.21
CA THR A 101 0.33 13.51 -1.98
C THR A 101 1.84 13.67 -1.81
N TYR A 1 -10.78 16.27 16.81
CA TYR A 1 -9.76 15.77 17.78
C TYR A 1 -8.66 15.01 17.06
N GLY A 2 -8.06 14.06 17.76
CA GLY A 2 -6.98 13.26 17.18
C GLY A 2 -7.11 11.79 17.50
N HIS A 3 -8.22 11.19 17.12
CA HIS A 3 -8.46 9.77 17.38
C HIS A 3 -9.19 9.12 16.20
N CYS A 4 -8.89 7.85 15.95
CA CYS A 4 -9.51 7.12 14.86
C CYS A 4 -9.93 5.72 15.32
N VAL A 5 -11.22 5.44 15.21
CA VAL A 5 -11.75 4.14 15.61
C VAL A 5 -12.57 3.49 14.51
N THR A 6 -12.44 2.18 14.37
CA THR A 6 -13.18 1.45 13.34
C THR A 6 -14.67 1.42 13.63
N ASP A 7 -15.02 0.92 14.82
CA ASP A 7 -16.42 0.84 15.23
C ASP A 7 -16.55 0.28 16.63
N SER A 8 -15.75 -0.74 16.93
CA SER A 8 -15.77 -1.37 18.24
C SER A 8 -14.75 -2.52 18.31
N GLY A 9 -13.63 -2.35 17.60
CA GLY A 9 -12.61 -3.37 17.60
C GLY A 9 -11.22 -2.81 17.85
N VAL A 10 -10.98 -1.59 17.37
CA VAL A 10 -9.70 -0.94 17.54
C VAL A 10 -9.85 0.57 17.71
N VAL A 11 -9.03 1.15 18.58
CA VAL A 11 -9.07 2.58 18.83
C VAL A 11 -7.79 3.26 18.36
N TYR A 12 -7.69 3.46 17.05
CA TYR A 12 -6.52 4.09 16.45
C TYR A 12 -6.49 5.57 16.83
N SER A 13 -5.35 6.20 16.60
CA SER A 13 -5.18 7.61 16.89
C SER A 13 -4.59 8.34 15.68
N VAL A 14 -5.15 9.51 15.38
CA VAL A 14 -4.70 10.32 14.24
C VAL A 14 -3.28 9.99 13.80
N GLY A 15 -3.14 8.97 12.96
CA GLY A 15 -1.83 8.58 12.47
C GLY A 15 -1.49 7.13 12.75
N MET A 16 -2.42 6.41 13.36
CA MET A 16 -2.19 5.00 13.68
C MET A 16 -2.88 4.10 12.66
N GLN A 17 -2.52 4.28 11.39
CA GLN A 17 -3.11 3.50 10.30
C GLN A 17 -3.16 2.02 10.66
N TRP A 18 -3.71 1.22 9.75
CA TRP A 18 -3.83 -0.22 9.94
C TRP A 18 -4.09 -0.92 8.62
N LEU A 19 -4.56 -2.16 8.67
CA LEU A 19 -4.83 -2.93 7.47
C LEU A 19 -6.23 -3.53 7.49
N LYS A 20 -6.98 -3.32 6.41
CA LYS A 20 -8.33 -3.85 6.30
C LYS A 20 -8.39 -4.94 5.23
N THR A 21 -9.00 -6.07 5.58
CA THR A 21 -9.13 -7.19 4.65
C THR A 21 -10.57 -7.62 4.48
N GLN A 22 -11.42 -7.29 5.45
CA GLN A 22 -12.83 -7.65 5.40
C GLN A 22 -13.60 -6.71 4.49
N GLY A 23 -13.59 -7.04 3.19
CA GLY A 23 -14.29 -6.22 2.22
C GLY A 23 -14.35 -6.87 0.85
N ASN A 24 -13.21 -6.93 0.18
CA ASN A 24 -13.13 -7.54 -1.14
C ASN A 24 -11.93 -8.48 -1.23
N LYS A 25 -10.75 -7.96 -0.91
CA LYS A 25 -9.53 -8.75 -0.97
C LYS A 25 -8.47 -8.18 -0.03
N GLN A 26 -8.03 -6.96 -0.32
CA GLN A 26 -7.02 -6.29 0.49
C GLN A 26 -7.23 -4.79 0.49
N MET A 27 -7.39 -4.22 1.68
CA MET A 27 -7.61 -2.78 1.82
C MET A 27 -6.77 -2.20 2.94
N LEU A 28 -6.04 -1.12 2.65
CA LEU A 28 -5.20 -0.49 3.65
C LEU A 28 -5.88 0.76 4.20
N CYS A 29 -6.00 0.82 5.53
CA CYS A 29 -6.65 1.95 6.18
C CYS A 29 -5.65 2.83 6.92
N THR A 30 -5.89 4.13 6.91
CA THR A 30 -5.03 5.09 7.59
C THR A 30 -5.83 6.30 8.05
N CYS A 31 -5.67 6.67 9.32
CA CYS A 31 -6.39 7.80 9.87
C CYS A 31 -5.48 9.02 9.98
N LEU A 32 -5.52 9.86 8.95
CA LEU A 32 -4.72 11.07 8.91
C LEU A 32 -5.38 12.18 9.75
N GLY A 33 -5.09 13.44 9.44
CA GLY A 33 -5.65 14.54 10.19
C GLY A 33 -7.11 14.81 9.86
N ASN A 34 -7.48 14.54 8.61
CA ASN A 34 -8.86 14.78 8.17
C ASN A 34 -9.82 13.79 8.83
N GLY A 35 -9.38 12.55 8.97
CA GLY A 35 -10.22 11.54 9.60
C GLY A 35 -9.68 10.14 9.40
N VAL A 36 -10.27 9.40 8.47
CA VAL A 36 -9.85 8.03 8.19
C VAL A 36 -10.07 7.69 6.71
N SER A 37 -8.98 7.49 5.99
CA SER A 37 -9.05 7.16 4.57
C SER A 37 -8.30 5.86 4.28
N CYS A 38 -8.88 5.03 3.41
CA CYS A 38 -8.26 3.77 3.05
C CYS A 38 -8.27 3.58 1.53
N GLN A 39 -7.48 2.62 1.05
CA GLN A 39 -7.40 2.35 -0.38
C GLN A 39 -7.70 0.89 -0.69
N GLU A 40 -8.71 0.66 -1.52
CA GLU A 40 -9.11 -0.69 -1.90
C GLU A 40 -8.19 -1.21 -3.01
N THR A 41 -7.45 -2.27 -2.71
CA THR A 41 -6.51 -2.88 -3.66
C THR A 41 -5.16 -2.19 -3.62
N ALA A 42 -5.16 -0.88 -3.41
CA ALA A 42 -3.93 -0.11 -3.36
C ALA A 42 -3.32 0.05 -4.75
N VAL A 43 -4.13 -0.17 -5.77
CA VAL A 43 -3.69 -0.05 -7.15
C VAL A 43 -2.74 1.13 -7.33
N THR A 44 -3.26 2.34 -7.16
CA THR A 44 -2.46 3.55 -7.30
C THR A 44 -2.12 3.82 -8.76
N GLN A 45 -1.13 4.66 -8.99
CA GLN A 45 -0.70 5.00 -10.35
C GLN A 45 0.81 4.81 -10.52
N THR A 46 1.24 4.73 -11.78
CA THR A 46 2.64 4.55 -12.10
C THR A 46 2.97 5.13 -13.47
N TYR A 47 3.93 6.05 -13.51
CA TYR A 47 4.31 6.70 -14.77
C TYR A 47 5.61 6.11 -15.33
N GLY A 48 6.55 5.81 -14.46
CA GLY A 48 7.82 5.26 -14.92
C GLY A 48 8.54 4.45 -13.86
N GLY A 49 9.65 4.98 -13.38
CA GLY A 49 10.43 4.29 -12.37
C GLY A 49 11.36 3.27 -12.98
N ASN A 50 10.88 2.02 -13.08
CA ASN A 50 11.66 0.95 -13.66
C ASN A 50 10.80 0.07 -14.55
N SER A 51 9.56 0.52 -14.80
CA SER A 51 8.64 -0.23 -15.64
C SER A 51 7.93 0.68 -16.65
N ASN A 52 8.25 1.97 -16.60
CA ASN A 52 7.65 2.94 -17.52
C ASN A 52 6.17 3.13 -17.21
N GLY A 53 5.77 2.78 -15.99
CA GLY A 53 4.38 2.92 -15.60
C GLY A 53 3.59 1.64 -15.75
N GLU A 54 3.85 0.67 -14.88
CA GLU A 54 3.16 -0.61 -14.92
C GLU A 54 2.48 -0.92 -13.60
N PRO A 55 1.65 -1.96 -13.58
CA PRO A 55 0.91 -2.38 -12.38
C PRO A 55 1.84 -2.94 -11.30
N CYS A 56 1.83 -2.30 -10.13
CA CYS A 56 2.67 -2.73 -9.01
C CYS A 56 2.26 -4.13 -8.55
N VAL A 57 2.68 -4.51 -7.36
CA VAL A 57 2.35 -5.83 -6.83
C VAL A 57 2.23 -5.83 -5.30
N LEU A 58 1.65 -4.76 -4.74
CA LEU A 58 1.47 -4.68 -3.29
C LEU A 58 0.11 -5.22 -2.89
N PRO A 59 -0.10 -5.45 -1.58
CA PRO A 59 0.92 -5.21 -0.56
C PRO A 59 2.11 -6.15 -0.70
N PHE A 60 3.28 -5.59 -0.95
CA PHE A 60 4.48 -6.41 -1.11
C PHE A 60 5.40 -6.27 0.09
N THR A 61 6.54 -6.96 0.06
CA THR A 61 7.49 -6.92 1.15
C THR A 61 8.87 -6.51 0.65
N TYR A 62 9.44 -5.50 1.29
CA TYR A 62 10.77 -5.01 0.91
C TYR A 62 11.56 -4.57 2.14
N ASN A 63 12.82 -5.00 2.21
CA ASN A 63 13.68 -4.65 3.33
C ASN A 63 13.21 -5.33 4.61
N GLY A 64 12.23 -6.20 4.49
CA GLY A 64 11.71 -6.91 5.66
C GLY A 64 10.36 -6.39 6.09
N ARG A 65 9.98 -5.22 5.59
CA ARG A 65 8.70 -4.62 5.93
C ARG A 65 7.68 -4.83 4.81
N THR A 66 6.55 -4.14 4.92
CA THR A 66 5.50 -4.25 3.90
C THR A 66 4.96 -2.88 3.51
N PHE A 67 4.38 -2.80 2.31
CA PHE A 67 3.82 -1.56 1.81
C PHE A 67 2.58 -1.82 0.97
N TYR A 68 1.52 -1.06 1.25
CA TYR A 68 0.27 -1.20 0.52
C TYR A 68 0.07 -0.04 -0.44
N SER A 69 1.18 0.52 -0.91
CA SER A 69 1.15 1.64 -1.86
C SER A 69 2.55 2.03 -2.28
N CYS A 70 2.69 3.25 -2.79
CA CYS A 70 3.99 3.75 -3.23
C CYS A 70 4.87 4.06 -2.03
N THR A 71 6.18 3.98 -2.22
CA THR A 71 7.11 4.26 -1.14
C THR A 71 8.52 4.55 -1.66
N THR A 72 9.25 5.36 -0.92
CA THR A 72 10.61 5.72 -1.30
C THR A 72 11.61 5.20 -0.27
N GLU A 73 11.71 3.87 -0.19
CA GLU A 73 12.63 3.24 0.76
C GLU A 73 13.98 2.93 0.11
N GLY A 74 13.94 2.17 -0.97
CA GLY A 74 15.15 1.80 -1.67
C GLY A 74 15.10 2.14 -3.15
N ARG A 75 15.22 3.43 -3.47
CA ARG A 75 15.19 3.87 -4.86
C ARG A 75 16.56 4.41 -5.27
N GLN A 76 16.63 5.04 -6.44
CA GLN A 76 17.88 5.59 -6.94
C GLN A 76 18.02 7.07 -6.62
N ASP A 77 16.88 7.74 -6.47
CA ASP A 77 16.87 9.17 -6.17
C ASP A 77 16.00 9.48 -4.96
N GLY A 78 14.68 9.41 -5.15
CA GLY A 78 13.76 9.68 -4.07
C GLY A 78 12.34 9.86 -4.55
N HIS A 79 11.92 8.98 -5.45
CA HIS A 79 10.58 9.03 -6.01
C HIS A 79 9.76 7.82 -5.59
N LEU A 80 8.52 8.05 -5.16
CA LEU A 80 7.64 6.97 -4.75
C LEU A 80 7.69 5.83 -5.75
N TRP A 81 8.34 4.73 -5.37
CA TRP A 81 8.46 3.58 -6.25
C TRP A 81 7.65 2.39 -5.74
N CYS A 82 7.21 1.55 -6.67
CA CYS A 82 6.41 0.37 -6.33
C CYS A 82 6.90 -0.85 -7.11
N SER A 83 6.74 -2.02 -6.51
CA SER A 83 7.17 -3.27 -7.16
C SER A 83 6.13 -3.75 -8.16
N THR A 84 6.59 -4.07 -9.37
CA THR A 84 5.68 -4.56 -10.41
C THR A 84 5.43 -6.06 -10.26
N THR A 85 6.16 -6.70 -9.36
CA THR A 85 6.01 -8.13 -9.13
C THR A 85 6.43 -8.51 -7.71
N SER A 86 6.00 -9.68 -7.26
CA SER A 86 6.32 -10.15 -5.92
C SER A 86 7.83 -10.12 -5.68
N ASN A 87 8.57 -10.96 -6.41
CA ASN A 87 10.02 -11.02 -6.27
C ASN A 87 10.67 -9.75 -6.79
N TYR A 88 10.63 -8.70 -5.99
CA TYR A 88 11.23 -7.42 -6.37
C TYR A 88 12.74 -7.46 -6.15
N GLU A 89 13.15 -8.13 -5.08
CA GLU A 89 14.56 -8.24 -4.75
C GLU A 89 15.27 -9.19 -5.71
N GLN A 90 14.51 -9.79 -6.61
CA GLN A 90 15.07 -10.72 -7.59
C GLN A 90 15.12 -10.09 -8.98
N ASP A 91 14.01 -9.46 -9.37
CA ASP A 91 13.91 -8.81 -10.68
C ASP A 91 14.36 -7.37 -10.60
N GLN A 92 14.22 -6.76 -9.42
CA GLN A 92 14.61 -5.38 -9.21
C GLN A 92 13.90 -4.46 -10.20
N LYS A 93 12.59 -4.65 -10.35
CA LYS A 93 11.79 -3.85 -11.25
C LYS A 93 10.63 -3.19 -10.50
N TYR A 94 10.65 -1.87 -10.46
CA TYR A 94 9.62 -1.11 -9.78
C TYR A 94 9.10 0.03 -10.64
N SER A 95 8.07 0.71 -10.15
CA SER A 95 7.48 1.84 -10.87
C SER A 95 7.28 3.02 -9.94
N PHE A 96 7.55 4.22 -10.43
CA PHE A 96 7.42 5.43 -9.63
C PHE A 96 5.95 5.73 -9.34
N CYS A 97 5.71 6.81 -8.59
CA CYS A 97 4.36 7.20 -8.23
C CYS A 97 4.24 8.72 -8.19
N THR A 98 3.05 9.22 -8.51
CA THR A 98 2.80 10.66 -8.52
C THR A 98 2.78 11.22 -7.11
N ASP A 99 1.58 11.32 -6.53
CA ASP A 99 1.43 11.84 -5.17
C ASP A 99 1.80 13.32 -5.13
N HIS A 100 3.07 13.61 -5.43
CA HIS A 100 3.55 14.99 -5.42
C HIS A 100 4.45 15.26 -6.63
N THR A 101 5.27 14.29 -6.98
CA THR A 101 6.18 14.43 -8.11
C THR A 101 5.92 13.34 -9.16
N TYR A 1 -5.11 7.52 25.26
CA TYR A 1 -5.15 6.03 25.21
C TYR A 1 -5.22 5.53 23.77
N GLY A 2 -4.36 6.06 22.92
CA GLY A 2 -4.34 5.65 21.52
C GLY A 2 -4.33 4.15 21.35
N HIS A 3 -5.51 3.56 21.16
CA HIS A 3 -5.64 2.13 20.98
C HIS A 3 -6.95 1.78 20.28
N CYS A 4 -6.87 1.51 18.97
CA CYS A 4 -8.05 1.17 18.19
C CYS A 4 -8.18 -0.34 18.03
N VAL A 5 -9.28 -0.77 17.41
CA VAL A 5 -9.53 -2.19 17.18
C VAL A 5 -10.47 -2.39 16.00
N THR A 6 -10.38 -3.58 15.39
CA THR A 6 -11.23 -3.90 14.24
C THR A 6 -12.49 -4.63 14.67
N ASP A 7 -12.68 -4.78 15.97
CA ASP A 7 -13.84 -5.48 16.51
C ASP A 7 -13.72 -6.98 16.33
N SER A 8 -12.61 -7.42 15.73
CA SER A 8 -12.37 -8.85 15.50
C SER A 8 -11.46 -9.43 16.58
N GLY A 9 -10.64 -8.58 17.18
CA GLY A 9 -9.73 -9.03 18.22
C GLY A 9 -8.41 -8.29 18.20
N VAL A 10 -8.07 -7.72 17.05
CA VAL A 10 -6.82 -6.98 16.90
C VAL A 10 -6.97 -5.54 17.36
N VAL A 11 -6.12 -5.12 18.29
CA VAL A 11 -6.17 -3.76 18.81
C VAL A 11 -5.08 -2.89 18.18
N TYR A 12 -5.43 -2.22 17.08
CA TYR A 12 -4.48 -1.36 16.38
C TYR A 12 -4.39 0.01 17.07
N SER A 13 -3.18 0.40 17.42
CA SER A 13 -2.97 1.69 18.08
C SER A 13 -3.23 2.84 17.12
N VAL A 14 -3.17 4.06 17.64
CA VAL A 14 -3.39 5.25 16.84
C VAL A 14 -2.16 5.60 16.02
N GLY A 15 -2.01 4.92 14.88
CA GLY A 15 -0.87 5.18 14.02
C GLY A 15 -0.22 3.92 13.51
N MET A 16 -0.83 2.77 13.79
CA MET A 16 -0.28 1.50 13.34
C MET A 16 -0.84 1.11 11.98
N GLN A 17 -0.87 2.09 11.07
CA GLN A 17 -1.39 1.89 9.72
C GLN A 17 -1.29 0.42 9.30
N TRP A 18 -2.44 -0.24 9.21
CA TRP A 18 -2.48 -1.65 8.82
C TRP A 18 -3.28 -1.84 7.54
N LEU A 19 -3.53 -3.10 7.20
CA LEU A 19 -4.28 -3.46 6.00
C LEU A 19 -5.45 -4.36 6.34
N LYS A 20 -6.65 -3.92 6.01
CA LYS A 20 -7.85 -4.72 6.29
C LYS A 20 -8.53 -5.15 4.99
N THR A 21 -8.80 -6.44 4.88
CA THR A 21 -9.45 -6.99 3.69
C THR A 21 -10.88 -7.42 3.99
N GLN A 22 -11.22 -7.50 5.27
CA GLN A 22 -12.56 -7.89 5.68
C GLN A 22 -13.53 -6.73 5.54
N GLY A 23 -14.14 -6.62 4.36
CA GLY A 23 -15.09 -5.55 4.11
C GLY A 23 -15.36 -5.36 2.63
N ASN A 24 -14.43 -5.79 1.79
CA ASN A 24 -14.58 -5.67 0.35
C ASN A 24 -13.46 -6.41 -0.39
N LYS A 25 -12.24 -5.89 -0.26
CA LYS A 25 -11.08 -6.50 -0.91
C LYS A 25 -9.80 -6.09 -0.21
N GLN A 26 -9.48 -4.81 -0.26
CA GLN A 26 -8.28 -4.27 0.39
C GLN A 26 -8.52 -2.84 0.86
N MET A 27 -8.52 -2.65 2.18
CA MET A 27 -8.75 -1.34 2.75
C MET A 27 -7.67 -0.95 3.75
N LEU A 28 -6.96 0.12 3.45
CA LEU A 28 -5.90 0.62 4.32
C LEU A 28 -6.49 1.35 5.51
N CYS A 29 -6.33 0.80 6.70
CA CYS A 29 -6.88 1.43 7.90
C CYS A 29 -5.85 2.27 8.65
N THR A 30 -6.33 3.35 9.25
CA THR A 30 -5.48 4.27 10.00
C THR A 30 -6.23 4.81 11.23
N CYS A 31 -5.78 4.41 12.42
CA CYS A 31 -6.41 4.88 13.65
C CYS A 31 -5.91 6.27 14.03
N LEU A 32 -6.71 7.27 13.71
CA LEU A 32 -6.36 8.66 14.02
C LEU A 32 -6.88 9.06 15.40
N GLY A 33 -7.00 10.36 15.64
CA GLY A 33 -7.48 10.84 16.92
C GLY A 33 -8.98 10.67 17.09
N ASN A 34 -9.73 10.96 16.04
CA ASN A 34 -11.18 10.85 16.08
C ASN A 34 -11.60 9.37 16.11
N GLY A 35 -10.74 8.51 15.58
CA GLY A 35 -11.03 7.09 15.55
C GLY A 35 -10.18 6.34 14.54
N VAL A 36 -10.84 5.65 13.62
CA VAL A 36 -10.13 4.90 12.60
C VAL A 36 -10.75 5.12 11.22
N SER A 37 -9.93 5.61 10.29
CA SER A 37 -10.37 5.86 8.92
C SER A 37 -9.47 5.11 7.95
N CYS A 38 -10.07 4.25 7.12
CA CYS A 38 -9.30 3.46 6.18
C CYS A 38 -9.54 3.91 4.74
N GLN A 39 -8.69 3.43 3.83
CA GLN A 39 -8.82 3.76 2.41
C GLN A 39 -9.26 2.56 1.60
N GLU A 40 -10.41 2.66 0.94
CA GLU A 40 -10.93 1.57 0.13
C GLU A 40 -9.98 1.20 -1.00
N THR A 41 -8.96 0.41 -0.67
CA THR A 41 -7.97 -0.04 -1.65
C THR A 41 -6.98 1.06 -2.05
N ALA A 42 -7.40 2.32 -1.97
CA ALA A 42 -6.55 3.43 -2.33
C ALA A 42 -6.62 3.68 -3.83
N VAL A 43 -6.43 2.62 -4.60
CA VAL A 43 -6.50 2.70 -6.06
C VAL A 43 -5.18 3.15 -6.66
N THR A 44 -5.22 3.44 -7.97
CA THR A 44 -4.04 3.89 -8.69
C THR A 44 -4.19 3.63 -10.19
N GLN A 45 -3.11 3.86 -10.94
CA GLN A 45 -3.11 3.64 -12.38
C GLN A 45 -2.16 2.52 -12.77
N THR A 46 -2.24 2.10 -14.03
CA THR A 46 -1.39 1.02 -14.54
C THR A 46 -1.32 1.05 -16.06
N TYR A 47 -0.13 0.84 -16.60
CA TYR A 47 0.07 0.84 -18.04
C TYR A 47 1.45 0.32 -18.41
N GLY A 48 1.51 -0.51 -19.45
CA GLY A 48 2.77 -1.07 -19.90
C GLY A 48 3.41 -1.95 -18.84
N GLY A 49 4.56 -1.54 -18.34
CA GLY A 49 5.25 -2.31 -17.33
C GLY A 49 5.55 -3.73 -17.78
N ASN A 50 5.25 -4.70 -16.93
CA ASN A 50 5.49 -6.10 -17.26
C ASN A 50 4.19 -6.88 -17.29
N SER A 51 3.17 -6.36 -16.62
CA SER A 51 1.87 -7.01 -16.57
C SER A 51 0.91 -6.39 -17.59
N ASN A 52 1.40 -5.42 -18.35
CA ASN A 52 0.58 -4.75 -19.35
C ASN A 52 -0.58 -4.00 -18.70
N GLY A 53 -0.51 -3.85 -17.38
CA GLY A 53 -1.55 -3.16 -16.65
C GLY A 53 -2.54 -4.10 -16.02
N GLU A 54 -2.14 -4.76 -14.95
CA GLU A 54 -3.01 -5.70 -14.25
C GLU A 54 -3.12 -5.35 -12.77
N PRO A 55 -4.07 -5.99 -12.06
CA PRO A 55 -4.29 -5.76 -10.63
C PRO A 55 -3.03 -6.03 -9.81
N CYS A 56 -2.72 -5.13 -8.89
CA CYS A 56 -1.55 -5.27 -8.04
C CYS A 56 -1.83 -6.21 -6.87
N VAL A 57 -0.79 -6.83 -6.35
CA VAL A 57 -0.93 -7.76 -5.23
C VAL A 57 -0.20 -7.25 -3.99
N LEU A 58 -0.77 -6.24 -3.35
CA LEU A 58 -0.17 -5.66 -2.16
C LEU A 58 -1.05 -5.89 -0.93
N PRO A 59 -0.48 -5.68 0.27
CA PRO A 59 0.91 -5.25 0.43
C PRO A 59 1.90 -6.33 0.02
N PHE A 60 2.97 -5.93 -0.64
CA PHE A 60 4.00 -6.85 -1.07
C PHE A 60 5.31 -6.53 -0.37
N THR A 61 6.35 -7.31 -0.65
CA THR A 61 7.64 -7.09 -0.03
C THR A 61 8.75 -6.98 -1.08
N TYR A 62 9.50 -5.88 -1.02
CA TYR A 62 10.59 -5.65 -1.96
C TYR A 62 11.80 -5.05 -1.25
N ASN A 63 12.95 -5.70 -1.41
CA ASN A 63 14.18 -5.23 -0.78
C ASN A 63 14.13 -5.42 0.73
N GLY A 64 13.06 -6.05 1.21
CA GLY A 64 12.92 -6.27 2.65
C GLY A 64 11.81 -5.43 3.26
N ARG A 65 11.32 -4.46 2.51
CA ARG A 65 10.25 -3.59 3.01
C ARG A 65 8.90 -4.02 2.47
N THR A 66 7.90 -3.16 2.63
CA THR A 66 6.55 -3.47 2.16
C THR A 66 5.88 -2.22 1.57
N PHE A 67 4.96 -2.45 0.63
CA PHE A 67 4.25 -1.35 -0.02
C PHE A 67 2.77 -1.70 -0.21
N TYR A 68 1.90 -0.79 0.23
CA TYR A 68 0.45 -0.99 0.13
C TYR A 68 -0.05 -0.73 -1.29
N SER A 69 0.83 -0.21 -2.14
CA SER A 69 0.47 0.09 -3.52
C SER A 69 1.69 0.44 -4.36
N CYS A 70 1.46 1.07 -5.50
CA CYS A 70 2.53 1.47 -6.40
C CYS A 70 3.63 2.18 -5.63
N THR A 71 4.80 2.29 -6.24
CA THR A 71 5.94 2.95 -5.62
C THR A 71 7.09 3.09 -6.60
N THR A 72 8.23 3.57 -6.10
CA THR A 72 9.42 3.74 -6.93
C THR A 72 10.68 3.45 -6.14
N GLU A 73 10.99 2.17 -5.98
CA GLU A 73 12.18 1.74 -5.23
C GLU A 73 13.02 0.77 -6.06
N GLY A 74 12.36 -0.09 -6.81
CA GLY A 74 13.07 -1.05 -7.62
C GLY A 74 12.93 -0.78 -9.11
N ARG A 75 13.30 0.43 -9.52
CA ARG A 75 13.22 0.81 -10.92
C ARG A 75 14.54 1.40 -11.39
N GLN A 76 14.75 1.42 -12.71
CA GLN A 76 15.98 1.95 -13.28
C GLN A 76 15.70 3.11 -14.23
N ASP A 77 14.50 3.69 -14.12
CA ASP A 77 14.12 4.81 -14.96
C ASP A 77 13.51 5.94 -14.13
N GLY A 78 12.23 5.79 -13.79
CA GLY A 78 11.58 6.81 -12.99
C GLY A 78 10.06 6.73 -13.08
N HIS A 79 9.54 5.52 -13.17
CA HIS A 79 8.10 5.31 -13.26
C HIS A 79 7.58 4.47 -12.08
N LEU A 80 6.43 4.86 -11.55
CA LEU A 80 5.83 4.13 -10.43
C LEU A 80 5.48 2.71 -10.87
N TRP A 81 5.65 1.75 -9.96
CA TRP A 81 5.35 0.36 -10.26
C TRP A 81 4.78 -0.37 -9.05
N CYS A 82 4.04 -1.44 -9.32
CA CYS A 82 3.45 -2.24 -8.26
C CYS A 82 3.71 -3.72 -8.51
N SER A 83 3.29 -4.56 -7.56
CA SER A 83 3.49 -6.00 -7.70
C SER A 83 2.21 -6.69 -8.16
N THR A 84 2.35 -7.78 -8.89
CA THR A 84 1.21 -8.52 -9.38
C THR A 84 1.22 -9.96 -8.86
N THR A 85 2.41 -10.45 -8.53
CA THR A 85 2.56 -11.80 -8.01
C THR A 85 3.06 -11.77 -6.56
N SER A 86 2.35 -12.45 -5.68
CA SER A 86 2.73 -12.50 -4.27
C SER A 86 4.25 -12.61 -4.12
N ASN A 87 4.88 -13.23 -5.11
CA ASN A 87 6.32 -13.42 -5.10
C ASN A 87 6.97 -12.73 -6.29
N TYR A 88 7.09 -11.41 -6.22
CA TYR A 88 7.70 -10.64 -7.29
C TYR A 88 9.21 -10.80 -7.28
N GLU A 89 9.76 -11.23 -6.16
CA GLU A 89 11.20 -11.42 -6.02
C GLU A 89 11.66 -12.59 -6.89
N GLN A 90 10.73 -13.45 -7.26
CA GLN A 90 11.04 -14.61 -8.09
C GLN A 90 10.30 -14.54 -9.42
N ASP A 91 9.06 -14.09 -9.38
CA ASP A 91 8.24 -13.98 -10.58
C ASP A 91 8.69 -12.80 -11.44
N GLN A 92 8.82 -11.64 -10.80
CA GLN A 92 9.24 -10.43 -11.51
C GLN A 92 8.08 -9.78 -12.23
N LYS A 93 6.87 -10.25 -11.94
CA LYS A 93 5.67 -9.71 -12.57
C LYS A 93 5.19 -8.45 -11.83
N TYR A 94 5.43 -7.30 -12.45
CA TYR A 94 5.03 -6.02 -11.86
C TYR A 94 4.18 -5.21 -12.82
N SER A 95 3.60 -4.12 -12.32
CA SER A 95 2.77 -3.24 -13.12
C SER A 95 3.07 -1.78 -12.81
N PHE A 96 3.10 -0.95 -13.85
CA PHE A 96 3.38 0.47 -13.68
C PHE A 96 2.23 1.20 -13.01
N CYS A 97 2.38 2.50 -12.85
CA CYS A 97 1.35 3.33 -12.22
C CYS A 97 1.56 4.80 -12.58
N THR A 98 1.49 5.11 -13.87
CA THR A 98 1.68 6.48 -14.35
C THR A 98 1.15 7.50 -13.34
N ASP A 99 0.10 7.13 -12.63
CA ASP A 99 -0.50 8.01 -11.63
C ASP A 99 -1.08 9.26 -12.29
N HIS A 100 -0.20 10.07 -12.88
CA HIS A 100 -0.61 11.29 -13.54
C HIS A 100 -1.52 12.13 -12.64
N THR A 101 -2.02 13.23 -13.19
CA THR A 101 -2.90 14.12 -12.42
C THR A 101 -4.31 13.54 -12.32
#